data_6SKL
#
_entry.id   6SKL
#
_cell.length_a   1.00
_cell.length_b   1.00
_cell.length_c   1.00
_cell.angle_alpha   90.00
_cell.angle_beta   90.00
_cell.angle_gamma   90.00
#
_symmetry.space_group_name_H-M   'P 1'
#
loop_
_entity.id
_entity.type
_entity.pdbx_description
1 polymer 'DNA replication licensing factor MCM2'
2 polymer 'DNA replication licensing factor MCM3'
3 polymer 'DNA replication licensing factor MCM4'
4 polymer 'Minichromosome maintenance protein 5'
5 polymer 'DNA replication licensing factor MCM6'
6 polymer 'DNA replication licensing factor MCM7'
7 polymer 'DNA replication complex GINS protein PSF1'
8 polymer 'DNA replication complex GINS protein PSF2'
9 polymer 'DNA replication complex GINS protein PSF3'
10 polymer 'DNA replication complex GINS protein SLD5'
11 polymer 'Cell division control protein 45'
12 polymer 'DNA polymerase alpha-binding protein'
13 polymer 'DNA fork, leading-strand template'
14 polymer 'DNA fork, lagging-strand template'
15 polymer 'Topoisomerase 1-associated factor 1'
16 polymer 'Chromosome segregation in meiosis protein 3'
17 non-polymer 'ZINC ION'
18 non-polymer 'PHOSPHOAMINOPHOSPHONIC ACID-ADENYLATE ESTER'
19 non-polymer 'MAGNESIUM ION'
#
loop_
_entity_poly.entity_id
_entity_poly.type
_entity_poly.pdbx_seq_one_letter_code
_entity_poly.pdbx_strand_id
1 'polypeptide(L)'
;MSDNRRRRREEDDSDSENELPPSSPQQHFRGGMNPVSSPIGSPDMINPEGDDNEVDDVPDIDEVEEQMNEVDLMDDNMYE
DYAADHNRDRYDPDQVDDREQQELSLSERRRIDAQLNERDRLLRNVAYIDDEDEEQEGAAQLDEMGLPVQRRRRRRQYED
LENSDDDLLSDMDIDPLREELTLESLSNVKANSYSEWITQPNVSRTIARELKSFLLEYTDETGRSVYGARIRTLGEMNSE
SLEVNYRHLAESKAILALFLAKCPEEMLKIFDLVAMEATELHYPDYARIHSEIHVRISDFPTIYSLRELRESNLSSLVRV
TGVVTRRTGVFPQLKYVKFNCLKCGSILGPFFQDSNEEIRISFCTNCKSKGPFRVNGEKTVYRNYQRVTLQEAPGTVPPG
RLPRHREVILLADLVDVSKPGEEVEVTGIYKNNYDGNLNAKNGFPVFATIIEANSIKRREGNTANEGEEGLDVFSWTEEE
EREFRKISRDRGIIDKIISSMAPSIYGHRDIKTAVACSLFGGVPKNVNGKHSIRGDINVLLLGDPGTAKSQILKYVEKTA
HRAVFATGQGASAVGLTASVRKDPITKEWTLEGGALVLADKGVCLIDEFDKMNDQDRTSIHEAMEQQSISISKAGIVTTL
QARCSIIAAANPNGGRYNSTLPLAQNVSLTEPILSRFDILCVVRDLVDEEADERLATFVVDSHVRSHPENDEDREGEELK
NNGESAIEQGEDEINEQLNARQRRLQRQRKKEEEISPIPQELLMKYIHYARTKIYPKLHQMDMDKVSRVYADLRRESIST
GSFPITVRHLESILRIAESFAKMRLSEFVSSYDLDRAIKVVVDSFVDAQKVSVRRQLRRSFAIYTLGH
;
2
2 'polypeptide(L)'
;MEGSTGFDGDATTFFAPDAVFGDRVRRFQEFLDTFTSYRDSVRSIQVYNSNNAANYNDDQDDADERDLLGDDDGDDLEKE
KKAASSTSLNILPHRIIISLDDLREFDRSFWSGILVEPAYFIPPAEKALTDLADSMDDVPHPNASAVSSRHPWKLSFKGS
FGAHALSPRTLTAQHLNKLVSVEGIVTKTSLVRPKLIRSVHYAAKTGRFHYRDYTDATTTLTTRIPTPAIYPTEDTEGNK
LTTEYGYSTFIDHQRITVQEMPEMAPAGQLPRSIDVILDDDLVDKTKPGDRVNVVGVFKSLGAGGMNQSNSNTLIGFKTL
ILGNTVYPLHARSTGVAARQMLTDFDIRNINKLSKKKDIFDILSQSLAPSIYGHDHIKKAILLMLMGGVEKNLENGSHLR
GDINILMVGDPSTAKSQLLRFVLNTASLAIATTGRGSSGVGLTAAVTTDRETGERRLEAGAMVLADRGVVCIDEFDKMTD
VDRVAIHEVMEQQTVTIAKAGIHTTLNARCSVIAAANPVFGQYDVNRDPHQNIALPDSLLSRFDLLFVVTDDINEIRDRS
ISEHVLRTHRYLPPGYLEGEPVRERLNLSLAVGEDADINPEEHSNSGAGVENEGEDDEDHVFEKFNPLLQAGAKLAKNKG
NYNGTEIPKLVTIPFLRKYVQYAKERVIPQLTQEAINVIVKNYTDLRNDDNTKKSPITARTLETLIRLATAHAKVRLSKT
VNKVDAKVAANLLRFALLGEDIGNDIDEEESEYEEALSKRSPQKSPKKRQRVRQPASNSGSPIKSTPRRSTASSVNATPS
SARRILRFQDDEQNAGEDDNDIMSPLPADEEAELQRRLQLGLRVSPRRREHLHAPEEGSSGPLTEVGTPRLPNVSSAGQD
DEQQQSVISFDNVEPGTISTGRLSLISGIIARLMQTEIFEEESYPVASLFERINEELPEEEKFSAQEYLAGLKIMSDRNN
LMVADDKVWRV
;
3
3 'polypeptide(L)'
;MSQQSSSPTKEDNNSSSPVVPNPDSVPPQLSSPALFYSSSSSQGDIYGRNNSQNLSQGEGNIRAAIGSSPLNFPSSSQRQ
NSDVFQSQGRQGRIRSSASASGRSRYHSDLRSDRALPTSSSSLGRNGQNRVHMRRNDIHTSDLSSPRRIVDFDTRSGVNT
LDTSSSSAPPSEASEPLRIIWGTNVSIQECTTNFRNFLMSFKYKFRKILDEREEFINNTTDEELYYIKQLNEMRELGTSN
LNLDARNLLAYKQTEDLYHQLLNYPQEVISIMDQTIKDCMVSLIVDNNLDYDLDEIETKFYKVRPYNVGSCKGMRELNPN
DIDKLINLKGLVLRSTPVIPDMKVAFFKCNVCDHTMAVEIDRGVIQEPARCERIDCNEPNSMSLIHNRCSFADKQVIKLQ
ETPDFVPDGQTPHSISLCVYDELVDSCRAGDRIEVTGTFRSIPIRANSRQRVLKSLYKTYVDVVHVKKVSDKRLDVDTST
IEQELMQNKVDHNEVEEVRQITDQDLAKIREVAAREDLYSLLARSIAPSIYELEDVKKGILLQLFGGTNKTFTKGGRYRG
DINILLCGDPSTSKSQILQYVHKITPRGVYTSGKGSSAVGLTAYITRDVDTKQLVLESGALVLSDGGVCCIDEFDKMSDS
TRSVLHEVMEQQTISIAKAGIITTLNARSSILASANPIGSRYNPNLPVTENIDLPPPLLSRFDLVYLVLDKVDEKNDREL
AKHLTNLYLEDKPEHISQDDVLPVEFLTMYISYAKEHIHPIITEAAKTELVRAYVGMRKMGDDSRSDEKRITATTRQLES
MIRLAEAHAKMKLKNVVELEDVQEAVRLIRSAIKDYATDPKTGKIDMNLVQTGKSVIQRKLQEDLSREIMNVLKDQASDS
MSFNELIKQINEHSQDRVESSDIQEALSRLQQEDKVIVLGEGVRRSVRLNNRV
;
4
4 'polypeptide(L)'
;MSFDRPEIYSAPVLQGESPNDDDNTEIIKSFKNFILEFRLDSQFIYRDQLRNNILVKNYSLTVNMEHLIGYNEDIYKKLS
DEPSDIIPLFETAITQVAKRISILSRAQSANNNDKDPENTSMDTDSLLLNSLPTFQLILNSNANQIPLRDLDSEHVSKIV
RLSGIIISTSVLSSRATYLSIMCRNCRHTTSITINNFNSITGNTVSLPRSCLSTIESESSMANESNIGDESTKKNCGPDP
YIIIHESSKFIDQQFLKLQEIPELVPVGEMPRNLTMTCDRYLTNKVIPGTRVTIVGIYSIYNSKNGAGSGRSGGGNGGSG
VAIRTPYIKILGIQSDVETSSIWNSVTMFTEEEEEEFLQLSRNPKLYEILTNSIAPSIFGNEDIKKAIVCLLMGGSKKIL
PDGMRLRGDINVLLLGDPGTAKSQLLKFVEKVSPIAVYTSGKGSSAAGLTASVQRDPMTREFYLEGGAMVLADGGVVCID
EFDKMRDEDRVAIHEAMEQQTISIAKAGITTVLNSRTSVLAAANPIYGRYDDLKSPGDNIDFQTTILSRFDMIFIVKDDH
NEERDISIANHVINIHTGNANAMQNQQEENGSEISIEKMKRYITYCRLKCAPRLSPQAAEKLSSNFVTIRKQLLINELES
TERSSIPITIRQLEAIIRITESLAKLELSPIAQERHVDEAIRLFQASTMDAASQDPIGGLNQASGTSLSEIRRFEQELKR
RLPIGWSTSYQTLRREFVDTHRFSQLALDKALYALEKHETIQLRHQGQNIYRSGV
;
5
5 'polypeptide(L)'
;MSSPFPADTPSSNRPSNSSPPPSSIGAGFGSSSGLDSQIGSRLHFPSSSQPHVSNSQTGPFVNDSTQFSSQRLQTDGSAT
NDMEGNEPARSFKSRALNHVKKVDDVTGEKVREAFEQFLEDFSVQSTDTGEVEKVYRAQIEFMKIYDLNTIYIDYQHLSM
RENGALAMAISEQYYRFLPFLQKGLRRVVRKYAPELLNTSDSLKRSEGDEGQADEDEQQDDDMNGSSLPRDSGSSAAPGN
GTSAMATRSITTSTSPEQTERVFQISFFNLPTVHRIRDIRSEKIGSLLSISGTVTRTSEVRPELYKASFTCDMCRAIVDN
VEQSFKYTEPTFCPNPSCENRAFWTLNVTRSRFLDWQKVRIQENANEIPTGSMPRTLDVILRGDSVERAKPGDRCKFTGV
EIVVPDVTQLGLPGVKPSSTLDTRGISKTTEGLNSGVTGLRSLGVRDLTYKISFLACHVISIGSNIGASSPDANSNNRET
ELQMAANLQANNVYQDNERDQEVFLNSLSSDEINELKEMVKDEHIYDKLVRSIAPAVFGHEAVKKGILLQMLGGVHKSTV
EGIKLRGDINICVVGDPSTSKSQFLKYVVGFAPRSVYTSGKASSAAGLTAAVVRDEEGGDYTIEAGALMLADNGICCIDE
FDKMDISDQVAIHEAMEQQTISIAKAGIHATLNARTSILAAANPVGGRYNRKLSLRGNLNMTAPIMSRFDLFFVILDDCN
EKIDTELASHIVDLHMKRDEAIEPPFSAEQLRRYIKYARTFKPILTKEARSYLVEKYKELRKDDAQGFSRSSYRITVRQL
ESMIRLSEAIARANCVDEITPSFIAEAYDLLRQSIIRVDVDDVEMDEEFDNIESQSHAASGNNDDNDDGTGSGVITSEPP
ADIEEGQSEATARPGTSEKKKTTVTYDKYVSMMNMIVRKIAEVDREGAEELTAVDIVDWYLLQKENDLGSLAEYWEERRL
AFKVIKRLVKDRILMEIHGTRHNLRDLENEENENNKTVYVIHPNCEVLDQLEPQDSS
;
6
6 'polypeptide(L)'
;MSAALPSIQLPVDYNNLFNEITDFLVTFKQDTLSSDATRNENEDENLDAENIEQHLLEKGPKYMAMLQKVANRELNSVII
DLDDILQYQNEKFLQGTQADDLVSAIQQNANHFTELFCRAIDNNMPLPTKEIDYKDDVLDVILNQRRLRNERMLSDRTNE
IRSENLMDTTMDPPSSMNDALREVVEDETELFPPNLTRRYFLYFKPLSQNCARRYRKKAISSKPLSVRQIKGDFLGQLIT
VRGIITRVSDVKPAVEVIAYTCDQCGYEVFQEVNSRTFTPLSECTSEECSQNQTKGQLFMSTRASKFSAFQECKIQELSQ
QVPVGHIPRSLNIHVNGTLVRSLSPGDIVDVTGIFLPAPYTGFKALKAGLLTETYLEAQFVRQHKKKFASFSLTSDVEER
VMELITSGDVYNRLAKSIAPEIYGNLDVKKALLLLLVGGVDKRVGDGMKIRGDINVCLMGDPGVAKSQLLKAICKISPRG
VYTTGKGSSGVGLTAAVMKDPVTDEMILEGGALVLADNGICCIDEFDKMDESDRTAIHEVMEQQTISISKAGINTTLNAR
TSILAAANPLYGRYNPRLSPLDNINLPAALLSRFDILFLMLDIPSRDDDEKLAEHVTYVHMHNKQPDLDFTPVEPSKMRE
YIAYAKTKRPVMSEAVNDYVVQAYIRLRQDSKREMDSKFSFGQATPRTLLGIIRLSQALAKLRLADMVDIDDVEEALRLV
RVSKESLYQETNKSKEDESPTTKIFTIIKKMLQETGKNTLSYENIVKTVRLRGFTMLQLSNCIQEYSYLNVWHLINEGNT
LKFVDDGTMDTDQEDSLVSTPKLAPQTTASANVSAQDSDIDLQDA
;
7
7 'polypeptide(L)'
;MYGDLGNKLVLEAKRTKQLYARSNQDVNLPMYHEDIIRNILKEVSNLRKNTEYLKEQQQLGMLDDKVAKCQYFVTLLCME
RNKRCLLAYQRLRTDILDSMAWNNNGLDLMSSITFSQQDTNNLSHQEQEYLKEYCDLITDLKSGDLVDIDLSGSLVPPSD
VFIDVRVLKDAGEIQTEYGVFNLIKDSQFFVRQSDVERLIQQGYLQKI
;
A
8 'polypeptide(L)'
;MSLPAHLQQTFSPEEIQFIVENEPIKIFPRITTRQKIRGDDRGTGNHTRWQLITTDDKALNNMVAMRSTEVVLWIALLLK
QQSKCSIVAPQWLTTKELDRKIQYEKTHPDRFSELPWNWLVLARILFNKAKDDFHDPIHELRGKIQDLREIRQIKVLKGL
KYLNESHLQLDNLSLLEINELRPFITEIMDKLREIHTASLTAGTENDEEEFNI
;
B
9 'polypeptide(L)'
;MGSSHHHHHHSSGLVPRGSHMASMGYYDIDDVLADGTEFPCKFQYDIPGLGYLENNPGRPITKNTKLSLPLWLARILAIV
GGDEALVDEEPVPFVELLPPDMFSTKVMNAIKTDPVALDLHSINSHFFSLAIKWIMLFSEKELANVVSELLLQRAQELNH
HASSLSIDLNADSTGKNSANTNIATSTFLLKLEEMEKEIYKKSHESYKDTKRWMFKK
;
C
10 'polypeptide(L)'
;MDINIDDILAELDKETTAVDSTKITQGSSSTTHRDANTIVGSSLDLNDKTQIYVSPQQDFSDLMKSWKNERCSPELLPYP
HQLMKRLLNRISMQSQLIENISMGFLDMQNASNANPPMPNESKLPLLCMETELERLKFVIRSYIRCRLSKIDKFSLYLRQ
LNEDENSLISLTDLLSKDEIKYHDTHSLIWLKLVNDSILKYMPEELQAINDTEGSVNMIDEPDWNKFVFIHVNGPPDGKW
NEDPLLQENEFGKPCYTVTIPDLKEEVELTIGSIYVMRYEVIRDLLRDDKVALI
;
D
11 'polypeptide(L)'
;MYYGISQFSEAYNKILRNSSSHSSCQLVIFVSCLNIDALCATKMLSLLFKKQLVQSQIVPIFGYSELRRHYSQLDDNINS
LLLVGFGGVIDLEAFLEIDPQEYVIDTDEKSGEQSFRRDIYVLDAHRPWNLDNIFGSQIIQCFDDGTVDDTLGEQKEAYY
KLLELDEESGDDELSGDENDNNGGDDEATDADEVTDEDEEDEDETISNKRGNSSIGPNDLSKRKQRKKQIHEYEGVLEEY
YSQGTTVVNSISAQIYSLLSAIGETNLSNLWLNILGTTSLDIAYAQVYNRLYPLLQDEVKRLTPSSRNSVKTPDTLTLNI
QPDYYLFLLRHSSLYDSFYYSNYVNAKLSLWNENGKKRLHKMFARMGIPLSTAQETWLYMDHSIKRELGIIFDKNLDRYG
LQDIIRDGFVRTLGYRGSISASEFVEALTALLEVGNSTDKDSVKINNDNNDDTDGEEEEDNSAQKLTNLRKRWVSNFWLS
WDALDDRKVELLNRGIQLAQDLQRAIFNTGVAILEKKLIKHLRIYRLCVLQDGPDLDLYRNPLTLLRLGNWLIECCAESE
DKQLLPMVLASIDENTDTYLVAGLTPRYPRGLDTIHTKKPILNNFSMAFQQITAETDAKVRIDNFESSIIEIRREDLSPF
LEKLTLSGLL
;
E
12 'polypeptide(L)'
;MVSVIDKLVFDFGGKTLVSLAPDNNTLCVANKNGLTKILKTNNPEEEPETLDSSKLVSSIKCYSNSHFLMTTMQGDALRY
NIDSSQEELLARFALPLRDCCVIHSGKMAVFGGDDLELILLELDDETHKKHAIKIDEQVSQISYNSQMNILAVSMINGKV
QIFSLTSTIPNKVHELNDYIVANSYDDTHRDKILSNMMDDIDKDNDNDLSETADPDENNVADPEFCAANRICTRVAWHPK
GLHFALPCADDTVKIFSIKGYSLQKTLSTNLSSTKAHFIDLQFDPLRGTYIAAVDLNNKLTVWNWETSEIHYTREFKRKI
TNIAWKIQADSKTLDLVLGTWSGSIAIVQNLAESVVSNIPDQSVAESSTKHGLFVDSESDLENLEGNDDINKSDKLFSDI
TQEANAEDVFTQTHDGPSGLSEKRKYNFEDEEDFIDDDDGAGYISGKKPHNEHSYSRVHKTHSFPISLANTGKFRYMPFS
PAGTPFGFTDRRYLTMNEVGYVSTVKNSEQYSITVSFFDVGRFREYHFEDLFGYDLCFLNEKGTLFGQSKTGQIQYRPHD
SIHSNWTKIIPLQAGERITSVAATPVRVIVGTSLGYFRSFNQFGVPFAVEKTSPIVALTAQNYRVFSVHYSQFHGLSYSL
SELGTSSKRYYKRECPLPMSLPNINSDMKKDANLDYYNFNPMGIKSLFFSSYGDPCIFGSDNTLLLLSKWRSPEESKWLP
ILDSNMEIWKMSGGKETTDIHVWPLALAYDTLNCILVKGKHIWPEFPLPLPSEMEIRMPVFVKSKLLEENKAILNKKNEI
GADTEAEEGEEDKEIQIPVSMAAEEEYLRSKVLSELLTDTLENDGEMYGNENEVLAALNGAYDKALLRLFASACSDQNVE
KALSLAHELKQDRALTAAVKISERAELPSLVKKINNIREARYEQQLK
;
F,G,H
13 'polydeoxyribonucleotide'
;(DT)(DA)(DG)(DA)(DG)(DT)(DA)(DG)(DG)(DA)(DA)(DG)(DT)(DG)(DA)(DT)(DG)(DG)(DT)(DA)
(DA)(DG)(DT)(DG)(DA)(DT)(DT)(DA)(DG)(DA)(DG)(DA)(DA)(DT)(DT)(DG)(DG)(DA)(DG)(DA)
(DG)(DT)(DG)(DT)(DG)(DT)(DT)(DT)(DT)(DT)(DT)(DT)(DT)(DT)(DT)(DT)(DT)(DT)(DT)(DT)
(DT)(DT)(DT)(DT)(DT)(DT)(DT)(DT)(DT)(DT)(DT)(DT)(DT)(DT)(DT)(DT)(DT)(DT)(DT)(DT)
(DT)(DT)(DT)(DT)(DT)
;
I
14 'polydeoxyribonucleotide'
;(DG)(DG)(DC)(DA)(DG)(DG)(DC)(DA)(DG)(DG)(DC)(DA)(DG)(DG)(DC)(DA)(DC)(DA)(DC)(DA)
(DC)(DT)(DC)(DT)(DC)(DC)(DA)(DA)(DT)(DT)(DC)(DT)(DC)(DT)(DA)(DA)(DT)(DC)(DA)(DC)
(DT)(DT)(DA)(DC)(DC)(DA)(DT)(DC)(DA)(DC)(DT)(DT)(DC)(DC)(DT)(DA)(DC)(DT)(DC)(DT)
(DA)
;
J
15 'polypeptide(L)'
;MSADLQQGTTNAADFSLTVLRARIALLATAIGGPDYTSQIDPPPYKLGDDCLACLKDLKRWFKLVDDQQKRWDVAMAVAE
YRILTDDLLPILIDWENKCSLAAKLAKNNPDHEEFRNKAYYDKIALNCLQLLVLMTWPLIVTEQSSSNQITLYGELKKHQ
LVYKKTILSMESGKVLRAAIRLALDVIKIDRLSRTPRDNMVLKLVLNFFRNVIAIEPGEFTINTKKSMPKKGITSIDTLP
PNVSMDDISLNTVISSFHKNKVFGFLLTLTSSLSKEFDQDFINIPLLEIMFYFTKDVNQELLFPRQFETGTHSKVVNKNE
SSSANNIVTSAGFELSKLLQKEHQMRKNVIKHTSARHSRFGGLLSIQTPDKTRLTVSGSQALVDEKIALQKLDDSKKWNK
RIIKKHQSVAAEGLPNSLLNSQTGKAIFFTESNGKHFKEFINNFIDSGFNILLHSVTNYFTTEQDRMVTLEQVEYLLFFA
WFVKYQLLRSKIDNSADIKQVSEALKEVTFILVSSLLRSAYDLKNWTVTHAGMIAFNELLNLVSRTKAAQEEDSTDIEFI
VSRLFSDERIQLLSNLPKIGSKYSLQFMKSCIELTHSVLKVLEQYSDDKTLVIEGKSRRQKKFNISEGDITKLIEEENVD
RDEALDILTSSLRSIEVNFQKVQANYMTEPVIETYINFLERFRELEDDSIKKVFSFFHRVFVQAKEQALLFRFDLIILLR
EMLSPDGLDRMSRSRKYVSQFSDYFLARLKKRLKKSPAWFVGLLFPPLHNSEVGFYQRYGEYNVLNNESMYAAPASQFKP
IPDEEALPPSILLDMKYGVLVSTLLDDGKTELLDQLLKHITHTLDIFKSWLTVNVNAGKETVNPPNEYFTLTGVLNNDPI
FKDKDYRALLLLIGYSIPRKINEPCFLPGTVEVSDLTVSCELVKKYLSTPFETPNGLPSSSYLLRVRSEKDSFSHNEQDG
WEGDDDYDYNDPYIVPDDQILSKSDAAYFKDLDNNASDKLKGTKFSKGIARSKKKDKRKRRKGEAKTNLPMFGDQDDERP
QTVRERHGVFSKEFISDSEDDEDLMNPIFFENETYMRWLLDKNNGQLTEDRYIQFAKFAAERMNNGGVVTGDYTSLFGGS
IPSIESIRATESSSFAPDKSLISLASHVASEMSIFDVNNNNNNQLSDDDVNSESRNSLGSSQPSNSQNMFQSEVYSRKES
TKRSLEASAADESDEDEEAIRLFGKKSRVVLSQGDSDD
;
X
16 'polypeptide(L)'
;MDQDFDSLLLGFNDSDSVQKDPTVPNGLDGSVVDPTIADPTAITARKRRPQVKLTAEKLLSDKGLPYVLKNAHKRIRISS
KKNSYDNLSNIIQFYQLWAHELFPKAKFKDFMKICQTVGKTDPVLREYRVSLFRDEMGMSFDVGTRETGQDLERQSPMVE
EHVTSAEERPIVADSFAQDKRNVNNVDYDNDEDDDIYHLSYRNRRGRVLDERGNNETVLNNVVPPKEDLDALLKTFRVQG
PVGLEENEKKLLLGWLDAHRKMEKGSMTEEDVQLIQSLEEWEMNDIEGQHTHYDLLPGGDEFGVDQDELDAMKEMGF
;
Y
#
# COMPACT_ATOMS: atom_id res chain seq x y z
N ASP A 173 -17.69 2.40 54.96
CA ASP A 173 -18.53 2.01 53.83
C ASP A 173 -17.90 2.31 52.47
N ILE A 174 -16.87 3.16 52.44
CA ILE A 174 -16.04 3.42 51.26
C ILE A 174 -15.18 2.19 50.95
N ASP A 175 -14.97 1.89 49.68
CA ASP A 175 -14.02 0.87 49.22
C ASP A 175 -12.59 1.27 49.62
N PRO A 176 -11.87 0.48 50.44
CA PRO A 176 -10.53 0.83 50.90
C PRO A 176 -9.50 1.09 49.79
N LEU A 177 -9.67 0.47 48.63
CA LEU A 177 -8.77 0.68 47.50
C LEU A 177 -9.11 1.95 46.71
N ARG A 178 -10.29 2.54 46.92
CA ARG A 178 -10.77 3.75 46.23
C ARG A 178 -10.51 5.05 47.00
N GLU A 179 -10.37 5.01 48.31
CA GLU A 179 -10.35 6.22 49.16
C GLU A 179 -9.20 7.21 48.85
N GLU A 180 -9.43 8.52 49.05
CA GLU A 180 -8.60 9.61 48.50
C GLU A 180 -7.96 10.54 49.56
N LEU A 181 -7.06 11.42 49.12
CA LEU A 181 -6.29 12.39 49.91
C LEU A 181 -6.70 13.86 49.63
N THR A 182 -5.88 14.81 50.04
CA THR A 182 -6.06 16.26 49.87
C THR A 182 -4.76 16.87 49.34
N LEU A 183 -4.82 18.08 48.80
CA LEU A 183 -3.66 18.81 48.28
C LEU A 183 -2.57 19.01 49.35
N GLU A 184 -2.97 19.15 50.62
CA GLU A 184 -2.08 19.19 51.79
C GLU A 184 -1.23 17.92 51.89
N SER A 185 -1.82 16.79 51.51
CA SER A 185 -1.33 15.44 51.75
C SER A 185 -0.36 14.98 50.67
N LEU A 186 -0.48 15.52 49.46
CA LEU A 186 0.37 15.13 48.33
C LEU A 186 1.86 15.44 48.59
N SER A 187 2.16 16.54 49.27
CA SER A 187 3.52 17.01 49.54
C SER A 187 4.32 16.10 50.49
N ASN A 188 3.64 15.34 51.33
CA ASN A 188 4.24 14.48 52.34
C ASN A 188 4.60 13.11 51.72
N VAL A 189 5.63 13.09 50.86
CA VAL A 189 5.86 12.07 49.82
C VAL A 189 5.78 10.62 50.29
N LYS A 190 6.42 10.20 51.38
CA LYS A 190 6.22 8.85 51.98
C LYS A 190 6.27 7.67 50.99
N ALA A 191 7.20 7.72 50.04
CA ALA A 191 7.55 6.63 49.15
C ALA A 191 9.01 6.81 48.71
N ASN A 192 9.66 5.75 48.25
CA ASN A 192 11.09 5.81 47.95
C ASN A 192 11.47 6.67 46.72
N SER A 193 10.51 7.08 45.90
CA SER A 193 10.69 7.90 44.69
C SER A 193 9.37 8.56 44.28
N TYR A 194 9.41 9.62 43.47
CA TYR A 194 8.18 10.17 42.89
C TYR A 194 7.47 9.14 42.01
N SER A 195 8.21 8.36 41.21
CA SER A 195 7.68 7.26 40.42
C SER A 195 6.76 6.34 41.23
N GLU A 196 7.19 5.95 42.44
CA GLU A 196 6.41 5.08 43.31
C GLU A 196 5.26 5.81 44.03
N TRP A 197 5.36 7.11 44.26
CA TRP A 197 4.32 7.90 44.91
C TRP A 197 3.15 8.15 43.96
N ILE A 198 3.44 8.71 42.78
CA ILE A 198 2.47 9.09 41.76
C ILE A 198 1.63 7.91 41.28
N THR A 199 2.17 6.68 41.33
CA THR A 199 1.46 5.48 40.89
C THR A 199 0.57 4.81 41.94
N GLN A 200 0.64 5.18 43.23
CA GLN A 200 -0.24 4.61 44.25
C GLN A 200 -1.69 5.05 44.05
N PRO A 201 -2.69 4.16 44.15
CA PRO A 201 -4.02 4.44 43.61
C PRO A 201 -4.73 5.63 44.26
N ASN A 202 -4.69 5.75 45.58
CA ASN A 202 -5.26 6.91 46.26
C ASN A 202 -4.59 8.24 45.87
N VAL A 203 -3.29 8.20 45.61
CA VAL A 203 -2.50 9.37 45.20
C VAL A 203 -2.88 9.77 43.79
N SER A 204 -2.98 8.80 42.89
CA SER A 204 -3.39 8.97 41.51
C SER A 204 -4.76 9.62 41.40
N ARG A 205 -5.75 9.14 42.17
CA ARG A 205 -7.08 9.74 42.23
C ARG A 205 -7.05 11.20 42.70
N THR A 206 -6.20 11.50 43.67
CA THR A 206 -6.09 12.85 44.22
C THR A 206 -5.50 13.82 43.20
N ILE A 207 -4.46 13.37 42.50
CA ILE A 207 -3.79 14.09 41.41
C ILE A 207 -4.76 14.37 40.26
N ALA A 208 -5.53 13.37 39.86
CA ALA A 208 -6.51 13.54 38.79
C ALA A 208 -7.50 14.65 39.12
N ARG A 209 -8.13 14.60 40.30
CA ARG A 209 -9.09 15.61 40.76
C ARG A 209 -8.51 17.03 40.83
N GLU A 210 -7.27 17.16 41.26
CA GLU A 210 -6.56 18.43 41.31
C GLU A 210 -6.30 19.02 39.92
N LEU A 211 -5.80 18.20 38.99
CA LEU A 211 -5.58 18.57 37.60
C LEU A 211 -6.87 18.92 36.87
N LYS A 212 -7.94 18.18 37.16
CA LYS A 212 -9.30 18.47 36.68
C LYS A 212 -9.73 19.84 37.17
N SER A 213 -9.56 20.08 38.47
CA SER A 213 -9.97 21.34 39.09
C SER A 213 -9.13 22.52 38.60
N PHE A 214 -7.86 22.32 38.23
CA PHE A 214 -7.05 23.32 37.57
C PHE A 214 -7.66 23.76 36.23
N LEU A 215 -7.97 22.82 35.35
CA LEU A 215 -8.58 23.12 34.05
C LEU A 215 -9.98 23.74 34.18
N LEU A 216 -10.81 23.24 35.09
CA LEU A 216 -12.17 23.78 35.28
C LEU A 216 -12.23 25.16 35.95
N GLU A 217 -11.36 25.45 36.92
CA GLU A 217 -11.52 26.60 37.83
C GLU A 217 -10.52 27.74 37.60
N TYR A 218 -9.38 27.49 36.95
CA TYR A 218 -8.42 28.54 36.60
C TYR A 218 -9.04 29.55 35.62
N THR A 219 -8.82 30.85 35.83
CA THR A 219 -9.22 31.90 34.88
C THR A 219 -8.09 32.90 34.63
N ASP A 220 -8.10 33.52 33.46
CA ASP A 220 -7.13 34.52 33.00
C ASP A 220 -7.06 35.77 33.90
N GLU A 221 -6.01 36.57 33.72
CA GLU A 221 -5.89 37.93 34.26
C GLU A 221 -7.09 38.81 33.88
N THR A 222 -7.69 38.61 32.70
CA THR A 222 -8.93 39.30 32.29
C THR A 222 -10.21 38.71 32.92
N GLY A 223 -10.16 37.48 33.44
CA GLY A 223 -11.28 36.75 34.07
C GLY A 223 -11.97 35.70 33.20
N ARG A 224 -11.59 35.51 31.91
CA ARG A 224 -12.07 34.42 31.04
C ARG A 224 -11.46 33.06 31.41
N SER A 225 -12.20 31.98 31.28
CA SER A 225 -11.72 30.60 31.48
C SER A 225 -10.84 30.16 30.32
N VAL A 226 -9.54 30.43 30.36
CA VAL A 226 -8.63 30.17 29.23
C VAL A 226 -8.63 28.72 28.77
N TYR A 227 -8.75 27.75 29.67
CA TYR A 227 -8.79 26.34 29.29
C TYR A 227 -10.15 25.88 28.77
N GLY A 228 -11.24 26.61 29.07
CA GLY A 228 -12.48 26.50 28.32
C GLY A 228 -12.30 26.96 26.87
N ALA A 229 -11.66 28.11 26.63
CA ALA A 229 -11.37 28.60 25.28
C ALA A 229 -10.45 27.66 24.48
N ARG A 230 -9.47 27.03 25.15
CA ARG A 230 -8.66 25.98 24.55
C ARG A 230 -9.47 24.73 24.27
N ILE A 231 -10.34 24.26 25.17
CA ILE A 231 -11.17 23.08 24.92
C ILE A 231 -12.20 23.30 23.79
N ARG A 232 -12.83 24.48 23.69
CA ARG A 232 -13.68 24.83 22.54
C ARG A 232 -12.92 24.56 21.24
N THR A 233 -11.76 25.19 21.11
CA THR A 233 -10.88 25.07 19.92
C THR A 233 -10.39 23.64 19.68
N LEU A 234 -10.12 22.88 20.74
CA LEU A 234 -9.73 21.48 20.64
C LEU A 234 -10.83 20.66 19.94
N GLY A 235 -12.07 20.72 20.41
CA GLY A 235 -13.14 19.88 19.89
C GLY A 235 -13.69 20.33 18.54
N GLU A 236 -13.75 21.63 18.29
CA GLU A 236 -14.11 22.17 16.99
C GLU A 236 -13.10 21.77 15.94
N MET A 237 -11.79 21.96 16.17
CA MET A 237 -10.77 21.55 15.22
C MET A 237 -10.67 20.03 15.03
N ASN A 238 -11.45 19.24 15.78
CA ASN A 238 -11.20 17.83 16.04
C ASN A 238 -9.73 17.56 16.38
N SER A 239 -9.03 18.49 17.03
CA SER A 239 -7.66 18.29 17.45
C SER A 239 -7.58 17.30 18.60
N GLU A 240 -6.53 16.52 18.60
CA GLU A 240 -6.26 15.47 19.58
C GLU A 240 -5.37 15.99 20.72
N SER A 241 -4.83 17.22 20.59
CA SER A 241 -3.81 17.80 21.47
C SER A 241 -4.27 19.08 22.14
N LEU A 242 -4.14 19.14 23.46
CA LEU A 242 -4.48 20.28 24.31
C LEU A 242 -3.21 21.02 24.78
N GLU A 243 -3.04 22.28 24.42
CA GLU A 243 -1.92 23.04 24.94
C GLU A 243 -2.20 23.44 26.38
N VAL A 244 -1.26 23.23 27.29
CA VAL A 244 -1.31 23.73 28.68
C VAL A 244 -0.04 24.49 28.97
N ASN A 245 -0.12 25.60 29.68
CA ASN A 245 1.02 26.46 29.94
C ASN A 245 1.54 26.14 31.34
N TYR A 246 2.83 25.82 31.46
CA TYR A 246 3.41 25.37 32.73
C TYR A 246 3.31 26.44 33.82
N ARG A 247 3.40 27.72 33.43
CA ARG A 247 3.24 28.84 34.35
C ARG A 247 1.89 28.82 35.06
N HIS A 248 0.83 28.35 34.39
CA HIS A 248 -0.49 28.26 34.98
C HIS A 248 -0.55 27.20 36.07
N LEU A 249 0.34 26.20 36.07
CA LEU A 249 0.50 25.26 37.18
C LEU A 249 1.41 25.85 38.27
N ALA A 250 2.49 26.52 37.91
CA ALA A 250 3.34 27.17 38.91
C ALA A 250 2.60 28.29 39.67
N GLU A 251 1.64 28.97 39.04
CA GLU A 251 0.77 29.99 39.62
C GLU A 251 -0.43 29.41 40.40
N SER A 252 -0.74 28.11 40.28
CA SER A 252 -1.85 27.45 40.98
C SER A 252 -1.68 25.92 41.10
N LYS A 253 -1.78 25.38 42.32
CA LYS A 253 -1.53 23.96 42.68
C LYS A 253 -0.10 23.48 42.39
N ALA A 254 0.90 24.26 42.77
CA ALA A 254 2.27 24.14 42.25
C ALA A 254 2.98 22.80 42.47
N ILE A 255 2.57 21.98 43.44
CA ILE A 255 3.06 20.60 43.56
C ILE A 255 2.87 19.77 42.29
N LEU A 256 1.81 20.03 41.53
CA LEU A 256 1.58 19.36 40.25
C LEU A 256 2.63 19.80 39.22
N ALA A 257 3.00 21.08 39.20
CA ALA A 257 4.10 21.55 38.36
C ALA A 257 5.40 20.85 38.73
N LEU A 258 5.62 20.60 40.03
CA LEU A 258 6.81 19.93 40.52
C LEU A 258 6.85 18.47 40.10
N PHE A 259 5.79 17.69 40.36
CA PHE A 259 5.72 16.30 39.94
C PHE A 259 5.84 16.14 38.43
N LEU A 260 5.20 17.03 37.66
CA LEU A 260 5.31 17.06 36.20
C LEU A 260 6.75 17.25 35.71
N ALA A 261 7.55 18.10 36.34
CA ALA A 261 8.95 18.22 35.97
C ALA A 261 9.76 16.99 36.40
N LYS A 262 9.50 16.44 37.59
CA LYS A 262 10.27 15.34 38.20
C LYS A 262 10.03 13.96 37.56
N CYS A 263 8.80 13.65 37.13
CA CYS A 263 8.44 12.34 36.54
C CYS A 263 7.29 12.39 35.52
N PRO A 264 7.44 13.13 34.41
CA PRO A 264 6.40 13.36 33.44
C PRO A 264 5.81 12.08 32.86
N GLU A 265 6.57 11.03 32.67
CA GLU A 265 6.10 9.78 32.09
C GLU A 265 4.98 9.09 32.87
N GLU A 266 4.84 9.38 34.17
CA GLU A 266 3.67 8.96 34.96
C GLU A 266 2.67 10.08 35.09
N MET A 267 3.11 11.34 35.17
CA MET A 267 2.20 12.45 35.41
C MET A 267 1.33 12.76 34.18
N LEU A 268 1.92 12.84 33.01
CA LEU A 268 1.20 13.05 31.75
C LEU A 268 0.27 11.88 31.47
N LYS A 269 0.67 10.66 31.82
CA LYS A 269 -0.21 9.51 31.72
C LYS A 269 -1.52 9.65 32.50
N ILE A 270 -1.58 10.47 33.56
CA ILE A 270 -2.81 10.87 34.25
C ILE A 270 -3.43 12.11 33.60
N PHE A 271 -2.64 13.13 33.35
CA PHE A 271 -3.14 14.40 32.81
C PHE A 271 -3.71 14.31 31.39
N ASP A 272 -3.33 13.29 30.60
CA ASP A 272 -4.00 12.89 29.34
C ASP A 272 -5.42 12.37 29.57
N LEU A 273 -5.67 11.60 30.64
CA LEU A 273 -7.01 11.11 31.01
C LEU A 273 -7.87 12.25 31.55
N VAL A 274 -7.32 13.08 32.42
CA VAL A 274 -7.99 14.30 32.90
C VAL A 274 -8.35 15.22 31.76
N ALA A 275 -7.47 15.46 30.79
CA ALA A 275 -7.80 16.26 29.61
C ALA A 275 -8.89 15.61 28.75
N MET A 276 -8.92 14.28 28.63
CA MET A 276 -10.00 13.57 27.94
C MET A 276 -11.35 13.81 28.64
N GLU A 277 -11.40 13.69 29.96
CA GLU A 277 -12.61 13.97 30.76
C GLU A 277 -13.00 15.45 30.77
N ALA A 278 -12.05 16.37 30.76
CA ALA A 278 -12.31 17.80 30.66
C ALA A 278 -12.94 18.18 29.32
N THR A 279 -12.50 17.58 28.21
CA THR A 279 -13.13 17.80 26.92
C THR A 279 -14.44 17.03 26.78
N GLU A 280 -14.61 15.87 27.42
CA GLU A 280 -15.85 15.07 27.32
C GLU A 280 -17.02 15.64 28.13
N LEU A 281 -16.74 16.41 29.18
CA LEU A 281 -17.70 17.30 29.84
C LEU A 281 -18.33 18.29 28.84
N HIS A 282 -17.56 18.76 27.87
CA HIS A 282 -17.95 19.75 26.88
C HIS A 282 -18.58 19.12 25.63
N TYR A 283 -17.95 18.07 25.08
CA TYR A 283 -18.35 17.31 23.90
C TYR A 283 -18.57 15.83 24.24
N PRO A 284 -19.74 15.45 24.77
CA PRO A 284 -20.08 14.05 25.02
C PRO A 284 -19.82 13.18 23.79
N ASP A 285 -19.37 11.94 24.00
CA ASP A 285 -18.98 11.03 22.92
C ASP A 285 -17.82 11.49 22.02
N TYR A 286 -17.02 12.51 22.37
CA TYR A 286 -15.79 12.83 21.62
C TYR A 286 -14.84 11.66 21.54
N ALA A 287 -14.99 10.68 22.41
CA ALA A 287 -14.41 9.35 22.28
C ALA A 287 -14.59 8.70 20.89
N ARG A 288 -15.70 8.92 20.18
CA ARG A 288 -15.92 8.42 18.81
C ARG A 288 -15.10 9.16 17.74
N ILE A 289 -14.45 10.26 18.11
CA ILE A 289 -13.67 11.14 17.25
C ILE A 289 -12.20 10.96 17.56
N HIS A 290 -11.77 10.98 18.82
CA HIS A 290 -10.48 10.42 19.21
C HIS A 290 -10.62 9.66 20.52
N SER A 291 -9.93 8.54 20.67
CA SER A 291 -9.97 7.78 21.92
C SER A 291 -9.15 8.44 23.05
N GLU A 292 -8.28 9.38 22.73
CA GLU A 292 -7.30 9.91 23.68
C GLU A 292 -6.97 11.38 23.40
N ILE A 293 -6.58 12.15 24.43
CA ILE A 293 -6.07 13.52 24.26
C ILE A 293 -4.63 13.53 24.75
N HIS A 294 -3.74 14.29 24.10
CA HIS A 294 -2.36 14.50 24.54
C HIS A 294 -2.17 15.94 25.04
N VAL A 295 -1.49 16.16 26.17
CA VAL A 295 -1.21 17.50 26.69
C VAL A 295 0.14 18.01 26.20
N ARG A 296 0.14 19.07 25.41
CA ARG A 296 1.32 19.74 24.88
C ARG A 296 1.72 20.84 25.85
N ILE A 297 2.50 20.49 26.86
CA ILE A 297 3.02 21.45 27.83
C ILE A 297 3.85 22.51 27.11
N SER A 298 3.64 23.79 27.41
CA SER A 298 4.31 24.94 26.80
C SER A 298 4.88 25.90 27.83
N ASP A 299 5.89 26.66 27.43
CA ASP A 299 6.55 27.69 28.25
C ASP A 299 7.13 27.14 29.56
N PHE A 300 7.72 25.95 29.47
CA PHE A 300 8.44 25.33 30.58
C PHE A 300 9.61 26.24 31.01
N PRO A 301 9.84 26.48 32.31
CA PRO A 301 10.50 27.69 32.78
C PRO A 301 12.02 27.71 32.61
N THR A 302 12.65 26.59 32.27
CA THR A 302 14.11 26.47 32.14
C THR A 302 14.51 25.76 30.86
N ILE A 303 15.62 26.16 30.24
CA ILE A 303 16.04 25.71 28.91
C ILE A 303 17.50 25.26 28.95
N TYR A 304 17.83 24.17 28.24
CA TYR A 304 19.19 23.66 28.07
C TYR A 304 19.59 23.63 26.61
N SER A 305 20.82 23.98 26.26
CA SER A 305 21.36 23.48 24.99
C SER A 305 21.65 21.99 25.10
N LEU A 306 21.81 21.32 23.98
CA LEU A 306 22.17 19.91 23.93
C LEU A 306 23.52 19.63 24.58
N ARG A 307 24.45 20.58 24.65
CA ARG A 307 25.68 20.45 25.43
C ARG A 307 25.46 20.46 26.93
N GLU A 308 24.41 21.08 27.44
CA GLU A 308 24.22 21.28 28.88
C GLU A 308 23.47 20.14 29.57
N LEU A 309 22.98 19.15 28.83
CA LEU A 309 22.28 17.99 29.42
C LEU A 309 23.24 17.05 30.16
N ARG A 310 22.77 16.41 31.22
CA ARG A 310 23.55 15.56 32.11
C ARG A 310 22.71 14.42 32.65
N GLU A 311 23.31 13.40 33.22
CA GLU A 311 22.58 12.25 33.77
C GLU A 311 21.47 12.62 34.77
N SER A 312 21.62 13.72 35.51
CA SER A 312 20.62 14.17 36.48
C SER A 312 19.29 14.58 35.85
N ASN A 313 19.25 14.76 34.55
CA ASN A 313 18.02 15.01 33.82
C ASN A 313 17.22 13.76 33.48
N LEU A 314 17.78 12.55 33.59
CA LEU A 314 17.11 11.36 33.12
C LEU A 314 15.75 11.16 33.82
N SER A 315 14.78 10.72 33.03
CA SER A 315 13.35 10.64 33.29
C SER A 315 12.63 11.94 33.64
N SER A 316 13.30 13.09 33.64
CA SER A 316 12.70 14.40 33.90
C SER A 316 12.27 15.11 32.64
N LEU A 317 11.38 16.10 32.74
CA LEU A 317 11.00 16.96 31.62
C LEU A 317 12.11 18.00 31.33
N VAL A 318 12.45 18.22 30.06
CA VAL A 318 13.40 19.23 29.60
C VAL A 318 12.76 20.15 28.57
N ARG A 319 13.28 21.36 28.41
CA ARG A 319 13.04 22.21 27.24
C ARG A 319 14.38 22.54 26.61
N VAL A 320 14.46 22.46 25.29
CA VAL A 320 15.73 22.34 24.57
C VAL A 320 15.64 23.05 23.22
N THR A 321 16.72 23.60 22.68
CA THR A 321 16.70 24.35 21.43
C THR A 321 17.68 23.77 20.44
N GLY A 322 17.36 23.68 19.16
CA GLY A 322 18.28 23.16 18.17
C GLY A 322 17.82 23.37 16.76
N VAL A 323 18.53 22.81 15.78
CA VAL A 323 18.16 22.79 14.37
C VAL A 323 17.81 21.38 13.96
N VAL A 324 16.57 21.13 13.54
CA VAL A 324 16.15 19.79 13.09
C VAL A 324 16.90 19.44 11.82
N THR A 325 17.83 18.50 11.88
CA THR A 325 18.88 18.32 10.87
C THR A 325 18.62 17.12 9.96
N ARG A 326 17.89 16.12 10.45
CA ARG A 326 17.31 15.03 9.67
C ARG A 326 15.93 14.74 10.24
N ARG A 327 14.97 14.32 9.43
CA ARG A 327 13.58 14.13 9.80
C ARG A 327 13.04 13.04 8.91
N THR A 328 13.10 11.82 9.41
CA THR A 328 12.71 10.59 8.69
C THR A 328 11.25 10.63 8.22
N GLY A 329 10.83 9.63 7.45
CA GLY A 329 9.44 9.48 7.05
C GLY A 329 8.49 9.30 8.23
N VAL A 330 7.19 9.27 7.97
CA VAL A 330 6.19 9.03 9.02
C VAL A 330 5.64 7.63 8.86
N PHE A 331 5.84 6.78 9.86
CA PHE A 331 5.52 5.36 9.81
C PHE A 331 4.42 5.01 10.81
N PRO A 332 3.53 4.06 10.56
CA PRO A 332 2.74 3.46 11.61
C PRO A 332 3.63 2.64 12.53
N GLN A 333 3.64 2.94 13.81
CA GLN A 333 4.27 2.14 14.84
C GLN A 333 3.18 1.43 15.63
N LEU A 334 3.43 0.19 16.02
CA LEU A 334 2.56 -0.59 16.88
C LEU A 334 2.43 0.06 18.25
N LYS A 335 1.21 0.16 18.77
CA LYS A 335 0.93 0.76 20.09
C LYS A 335 0.45 -0.25 21.13
N TYR A 336 -0.71 -0.87 20.92
CA TYR A 336 -1.16 -2.02 21.74
C TYR A 336 -0.89 -3.30 20.96
N VAL A 337 -0.22 -4.28 21.56
CA VAL A 337 0.04 -5.58 20.93
C VAL A 337 -0.26 -6.78 21.83
N LYS A 338 -1.13 -7.67 21.35
CA LYS A 338 -1.18 -9.06 21.82
C LYS A 338 -0.13 -9.88 21.06
N PHE A 339 0.19 -11.08 21.51
CA PHE A 339 1.06 -12.02 20.78
C PHE A 339 0.40 -13.38 20.66
N ASN A 340 0.69 -14.09 19.57
CA ASN A 340 0.50 -15.51 19.46
C ASN A 340 1.72 -16.20 20.07
N CYS A 341 1.51 -17.17 20.97
CA CYS A 341 2.50 -18.21 21.21
C CYS A 341 2.47 -19.23 20.06
N LEU A 342 3.64 -19.74 19.67
CA LEU A 342 3.73 -20.88 18.74
C LEU A 342 3.13 -22.16 19.33
N LYS A 343 3.31 -22.38 20.64
CA LYS A 343 2.88 -23.61 21.34
C LYS A 343 1.39 -23.65 21.64
N CYS A 344 0.72 -22.54 21.90
CA CYS A 344 -0.59 -22.59 22.55
C CYS A 344 -1.54 -21.43 22.19
N GLY A 345 -1.57 -20.38 23.00
CA GLY A 345 -2.58 -19.32 22.91
C GLY A 345 -2.27 -18.24 21.88
N SER A 346 -3.27 -17.84 21.10
CA SER A 346 -3.23 -16.65 20.23
C SER A 346 -3.38 -15.32 20.99
N ILE A 347 -3.38 -15.40 22.32
CA ILE A 347 -3.72 -14.33 23.25
C ILE A 347 -2.70 -14.32 24.39
N LEU A 348 -1.56 -13.68 24.14
CA LEU A 348 -0.72 -13.09 25.18
C LEU A 348 -1.15 -11.63 25.39
N GLY A 349 -1.06 -11.15 26.63
CA GLY A 349 -1.69 -9.91 27.08
C GLY A 349 -1.30 -8.66 26.28
N PRO A 350 -2.19 -7.65 26.18
CA PRO A 350 -1.97 -6.48 25.35
C PRO A 350 -0.94 -5.54 26.00
N PHE A 351 0.32 -5.65 25.58
CA PHE A 351 1.37 -4.74 26.01
C PHE A 351 1.18 -3.37 25.34
N PHE A 352 1.11 -2.30 26.12
CA PHE A 352 1.41 -0.97 25.59
C PHE A 352 2.92 -0.85 25.30
N GLN A 353 3.25 -0.44 24.08
CA GLN A 353 4.61 -0.47 23.52
C GLN A 353 5.35 0.85 23.74
N ASP A 354 6.58 0.81 24.23
CA ASP A 354 7.29 1.95 24.83
C ASP A 354 8.03 2.90 23.87
N SER A 355 8.04 2.69 22.56
CA SER A 355 8.77 3.51 21.57
C SER A 355 10.30 3.56 21.71
N ASN A 356 10.93 2.71 22.51
CA ASN A 356 12.39 2.73 22.74
C ASN A 356 13.04 1.35 22.58
N GLU A 357 12.40 0.27 22.98
CA GLU A 357 13.00 -1.07 23.01
C GLU A 357 11.99 -2.20 22.74
N GLU A 358 12.48 -3.39 22.37
CA GLU A 358 11.68 -4.57 22.06
C GLU A 358 10.93 -5.13 23.29
N ILE A 359 10.03 -6.09 23.05
CA ILE A 359 9.08 -6.63 24.04
C ILE A 359 9.69 -7.65 25.04
N ARG A 360 10.72 -8.45 24.66
CA ARG A 360 11.68 -9.16 25.54
C ARG A 360 11.18 -10.18 26.58
N ILE A 361 9.93 -10.64 26.43
CA ILE A 361 9.03 -11.18 27.46
C ILE A 361 9.51 -12.44 28.22
N SER A 362 10.27 -13.35 27.60
CA SER A 362 10.87 -14.52 28.27
C SER A 362 9.91 -15.54 28.92
N PHE A 363 8.60 -15.46 28.67
CA PHE A 363 7.58 -16.23 29.37
C PHE A 363 6.35 -16.45 28.49
N CYS A 364 5.53 -17.48 28.78
CA CYS A 364 4.16 -17.55 28.29
C CYS A 364 3.18 -17.99 29.40
N THR A 365 2.02 -17.31 29.53
CA THR A 365 0.98 -17.67 30.50
C THR A 365 0.24 -18.96 30.13
N ASN A 366 0.00 -19.17 28.83
CA ASN A 366 -0.65 -20.37 28.29
C ASN A 366 0.28 -21.61 28.29
N CYS A 367 1.61 -21.44 28.40
CA CYS A 367 2.59 -22.52 28.62
C CYS A 367 3.81 -21.99 29.40
N LYS A 368 3.91 -22.33 30.69
CA LYS A 368 4.83 -21.73 31.66
C LYS A 368 6.30 -22.21 31.49
N SER A 369 6.89 -21.83 30.36
CA SER A 369 8.22 -22.16 29.86
C SER A 369 8.61 -21.19 28.73
N LYS A 370 9.90 -21.13 28.36
CA LYS A 370 10.40 -20.38 27.19
C LYS A 370 9.86 -20.96 25.86
N GLY A 371 9.60 -20.11 24.87
CA GLY A 371 9.19 -20.52 23.54
C GLY A 371 9.06 -19.38 22.52
N PRO A 372 8.93 -19.69 21.21
CA PRO A 372 8.72 -18.68 20.17
C PRO A 372 7.32 -18.05 20.15
N PHE A 373 7.23 -16.88 19.51
CA PHE A 373 6.02 -16.05 19.39
C PHE A 373 5.89 -15.42 17.98
N ARG A 374 4.68 -14.95 17.64
CA ARG A 374 4.41 -14.01 16.52
C ARG A 374 3.52 -12.88 17.00
N VAL A 375 3.72 -11.65 16.53
CA VAL A 375 2.86 -10.54 16.96
C VAL A 375 1.41 -10.76 16.50
N ASN A 376 0.43 -10.83 17.41
CA ASN A 376 -0.94 -11.23 17.04
C ASN A 376 -1.62 -10.27 16.03
N GLY A 377 -2.42 -10.84 15.11
CA GLY A 377 -3.18 -10.09 14.10
C GLY A 377 -4.69 -10.02 14.33
N GLU A 378 -5.24 -10.56 15.43
CA GLU A 378 -6.65 -10.37 15.75
C GLU A 378 -6.93 -8.89 16.04
N LYS A 379 -6.15 -8.26 16.94
CA LYS A 379 -6.29 -6.82 17.18
C LYS A 379 -4.91 -6.20 17.37
N THR A 380 -4.78 -4.97 16.88
CA THR A 380 -3.70 -4.04 17.21
C THR A 380 -4.16 -2.62 16.83
N VAL A 381 -3.58 -1.60 17.45
CA VAL A 381 -3.79 -0.21 17.12
C VAL A 381 -2.44 0.42 16.84
N TYR A 382 -2.38 1.30 15.85
CA TYR A 382 -1.17 1.97 15.39
C TYR A 382 -1.17 3.45 15.78
N ARG A 383 0.02 4.02 15.95
CA ARG A 383 0.26 5.45 16.13
C ARG A 383 1.33 5.90 15.16
N ASN A 384 1.35 7.15 14.77
CA ASN A 384 2.36 7.65 13.86
C ASN A 384 3.66 7.84 14.60
N TYR A 385 4.79 7.57 13.96
CA TYR A 385 6.10 7.69 14.54
C TYR A 385 7.06 8.35 13.56
N GLN A 386 7.91 9.23 14.06
CA GLN A 386 8.94 9.90 13.29
C GLN A 386 10.11 10.31 14.19
N ARG A 387 11.34 9.89 13.88
CA ARG A 387 12.54 10.43 14.53
C ARG A 387 12.95 11.75 13.90
N VAL A 388 13.57 12.61 14.70
CA VAL A 388 14.19 13.84 14.21
C VAL A 388 15.54 13.99 14.87
N THR A 389 16.62 14.06 14.11
CA THR A 389 17.94 14.39 14.67
C THR A 389 17.98 15.89 14.89
N LEU A 390 18.13 16.32 16.12
CA LEU A 390 18.15 17.73 16.50
C LEU A 390 19.56 18.13 16.92
N GLN A 391 20.13 19.17 16.30
CA GLN A 391 21.51 19.60 16.49
C GLN A 391 21.60 20.98 17.16
N GLU A 392 22.70 21.39 17.76
CA GLU A 392 22.81 22.71 18.39
C GLU A 392 22.71 23.87 17.40
N ALA A 393 22.12 25.00 17.83
CA ALA A 393 21.93 26.17 16.99
C ALA A 393 23.26 26.92 16.75
N PRO A 394 23.75 27.09 15.51
CA PRO A 394 25.07 27.68 15.24
C PRO A 394 25.37 29.05 15.85
N GLY A 395 24.38 29.82 16.31
CA GLY A 395 24.59 31.07 17.06
C GLY A 395 24.77 30.91 18.58
N THR A 396 24.51 29.72 19.12
CA THR A 396 24.84 29.34 20.51
C THR A 396 26.05 28.42 20.59
N VAL A 397 26.31 27.57 19.58
CA VAL A 397 27.55 26.77 19.45
C VAL A 397 28.77 27.69 19.50
N PRO A 398 29.68 27.61 20.48
CA PRO A 398 30.90 28.41 20.49
C PRO A 398 31.74 28.13 19.24
N PRO A 399 32.34 29.16 18.60
CA PRO A 399 33.00 29.02 17.32
C PRO A 399 34.26 28.15 17.36
N GLY A 400 34.45 27.36 16.31
CA GLY A 400 35.53 26.38 16.17
C GLY A 400 35.37 25.09 16.99
N ARG A 401 34.30 24.96 17.79
CA ARG A 401 33.96 23.75 18.57
C ARG A 401 32.74 23.08 17.92
N LEU A 402 32.66 21.75 17.92
CA LEU A 402 31.61 21.00 17.21
C LEU A 402 30.20 21.20 17.81
N PRO A 403 29.13 21.29 16.98
CA PRO A 403 27.76 21.24 17.43
C PRO A 403 27.39 19.84 17.94
N ARG A 404 26.68 19.72 19.07
CA ARG A 404 26.13 18.43 19.52
C ARG A 404 24.74 18.18 18.97
N HIS A 405 24.30 16.94 18.97
CA HIS A 405 22.93 16.57 18.62
C HIS A 405 22.32 15.57 19.59
N ARG A 406 20.99 15.38 19.52
CA ARG A 406 20.24 14.27 20.11
C ARG A 406 19.18 13.78 19.16
N GLU A 407 18.90 12.50 19.20
CA GLU A 407 17.69 11.92 18.65
C GLU A 407 16.47 12.40 19.43
N VAL A 408 15.48 12.90 18.71
CA VAL A 408 14.15 13.29 19.21
C VAL A 408 13.10 12.37 18.58
N ILE A 409 12.07 11.96 19.32
CA ILE A 409 10.99 11.13 18.80
C ILE A 409 9.67 11.88 18.87
N LEU A 410 9.00 12.00 17.74
CA LEU A 410 7.68 12.61 17.58
C LEU A 410 6.66 11.50 17.39
N LEU A 411 5.61 11.50 18.19
CA LEU A 411 4.53 10.51 18.12
C LEU A 411 3.25 11.12 17.53
N ALA A 412 2.12 10.43 17.66
CA ALA A 412 0.85 10.81 17.06
C ALA A 412 0.54 12.28 17.22
N ASP A 413 0.10 12.95 16.16
CA ASP A 413 -0.18 14.39 16.13
C ASP A 413 1.02 15.35 16.23
N LEU A 414 2.23 14.89 16.57
CA LEU A 414 3.46 15.68 16.49
C LEU A 414 4.28 15.41 15.24
N VAL A 415 4.05 14.33 14.52
CA VAL A 415 4.75 14.05 13.27
C VAL A 415 4.51 15.13 12.24
N ASP A 416 5.47 15.38 11.36
CA ASP A 416 5.35 16.35 10.26
C ASP A 416 5.16 17.82 10.75
N VAL A 417 5.51 18.14 12.00
CA VAL A 417 5.39 19.49 12.61
C VAL A 417 6.56 20.43 12.29
N SER A 418 7.74 19.93 11.94
CA SER A 418 8.94 20.74 11.70
C SER A 418 9.69 20.30 10.45
N LYS A 419 10.27 21.23 9.68
CA LYS A 419 10.97 20.93 8.42
C LYS A 419 12.48 21.04 8.59
N PRO A 420 13.30 20.14 8.01
CA PRO A 420 14.76 20.21 8.10
C PRO A 420 15.33 21.63 7.90
N GLY A 421 16.13 22.10 8.85
CA GLY A 421 16.77 23.42 8.85
C GLY A 421 16.10 24.52 9.68
N GLU A 422 14.92 24.30 10.25
CA GLU A 422 14.33 25.25 11.21
C GLU A 422 15.08 25.30 12.55
N GLU A 423 15.19 26.47 13.21
CA GLU A 423 15.48 26.50 14.64
C GLU A 423 14.20 26.20 15.43
N VAL A 424 14.23 25.10 16.17
CA VAL A 424 13.12 24.49 16.86
C VAL A 424 13.40 24.46 18.34
N GLU A 425 12.38 24.60 19.14
CA GLU A 425 12.44 24.38 20.56
C GLU A 425 11.48 23.29 20.99
N VAL A 426 12.01 22.27 21.65
CA VAL A 426 11.32 21.04 22.04
C VAL A 426 11.09 21.05 23.52
N THR A 427 9.92 20.64 24.01
CA THR A 427 9.82 20.12 25.36
C THR A 427 9.57 18.64 25.29
N GLY A 428 10.13 17.86 26.20
CA GLY A 428 10.02 16.42 26.16
C GLY A 428 10.64 15.74 27.35
N ILE A 429 10.63 14.42 27.36
CA ILE A 429 11.13 13.60 28.46
C ILE A 429 12.51 13.10 28.07
N TYR A 430 13.54 13.44 28.81
CA TYR A 430 14.84 12.89 28.51
C TYR A 430 14.93 11.48 29.05
N LYS A 431 15.18 10.48 28.19
CA LYS A 431 15.21 9.04 28.52
C LYS A 431 16.46 8.36 28.00
N ASN A 432 16.77 7.19 28.52
CA ASN A 432 17.88 6.37 28.08
C ASN A 432 17.56 4.87 28.11
N ASN A 433 18.26 4.10 27.27
CA ASN A 433 18.10 2.65 27.23
C ASN A 433 19.42 1.95 26.91
N TYR A 434 19.55 0.69 27.31
CA TYR A 434 20.66 -0.15 26.89
C TYR A 434 20.60 -0.35 25.39
N ASP A 435 21.73 -0.29 24.72
CA ASP A 435 21.92 -0.99 23.47
C ASP A 435 23.37 -1.42 23.30
N GLY A 436 23.55 -2.61 22.77
CA GLY A 436 24.84 -3.26 22.75
C GLY A 436 25.86 -2.55 21.89
N ASN A 437 25.49 -1.78 20.87
CA ASN A 437 26.49 -1.21 19.97
C ASN A 437 27.36 -0.14 20.66
N LEU A 438 26.77 0.67 21.54
CA LEU A 438 27.47 1.63 22.39
C LEU A 438 28.45 0.89 23.29
N ASN A 439 27.94 -0.06 24.05
CA ASN A 439 28.68 -0.86 25.01
C ASN A 439 29.81 -1.65 24.34
N ALA A 440 29.62 -2.04 23.08
CA ALA A 440 30.61 -2.70 22.27
C ALA A 440 31.70 -1.72 21.82
N LYS A 441 31.35 -0.60 21.17
CA LYS A 441 32.38 0.25 20.56
C LYS A 441 33.07 1.17 21.57
N ASN A 442 32.35 1.66 22.58
CA ASN A 442 32.87 2.54 23.62
C ASN A 442 33.60 1.80 24.74
N GLY A 443 33.34 0.50 24.95
CA GLY A 443 34.02 -0.30 25.95
C GLY A 443 33.67 0.02 27.40
N PHE A 444 32.54 0.67 27.67
CA PHE A 444 32.02 1.01 29.00
C PHE A 444 30.51 0.77 29.04
N PRO A 445 29.89 0.60 30.23
CA PRO A 445 28.48 0.26 30.38
C PRO A 445 27.54 1.44 30.09
N VAL A 446 27.69 2.11 28.96
CA VAL A 446 27.14 3.43 28.64
C VAL A 446 25.83 3.36 27.85
N PHE A 447 24.85 4.22 28.13
CA PHE A 447 23.51 4.11 27.57
C PHE A 447 23.18 5.23 26.57
N ALA A 448 22.62 4.90 25.42
CA ALA A 448 22.13 5.89 24.45
C ALA A 448 20.98 6.70 25.04
N THR A 449 20.82 7.95 24.61
CA THR A 449 19.79 8.86 25.16
C THR A 449 18.94 9.49 24.08
N ILE A 450 17.66 9.69 24.38
CA ILE A 450 16.59 10.02 23.46
C ILE A 450 15.66 11.00 24.15
N ILE A 451 15.22 12.03 23.45
CA ILE A 451 14.17 12.92 23.93
C ILE A 451 12.85 12.50 23.32
N GLU A 452 11.95 11.92 24.10
CA GLU A 452 10.58 11.71 23.64
C GLU A 452 9.86 13.04 23.68
N ALA A 453 9.53 13.63 22.54
CA ALA A 453 9.00 14.98 22.48
C ALA A 453 7.56 15.00 22.98
N ASN A 454 7.22 15.99 23.79
CA ASN A 454 5.87 16.24 24.24
C ASN A 454 5.27 17.52 23.67
N SER A 455 6.05 18.47 23.21
CA SER A 455 5.58 19.61 22.40
C SER A 455 6.71 20.18 21.57
N ILE A 456 6.38 20.98 20.55
CA ILE A 456 7.35 21.67 19.70
C ILE A 456 6.91 23.11 19.40
N LYS A 457 7.87 24.03 19.42
CA LYS A 457 7.73 25.44 19.10
C LYS A 457 8.79 25.80 18.07
N ARG A 458 8.56 26.76 17.20
CA ARG A 458 9.50 27.16 16.14
C ARG A 458 10.04 28.55 16.51
N ARG A 459 11.36 28.72 16.70
CA ARG A 459 11.95 29.95 17.26
C ARG A 459 12.05 31.10 16.27
N GLU A 460 10.88 31.52 15.79
CA GLU A 460 10.59 32.76 15.05
C GLU A 460 10.23 33.92 16.00
N GLY A 461 10.05 35.14 15.47
CA GLY A 461 10.04 36.38 16.25
C GLY A 461 11.43 36.86 16.67
N ASN A 462 11.54 37.77 17.63
CA ASN A 462 12.84 38.34 18.06
C ASN A 462 13.58 37.54 19.16
N THR A 463 12.90 36.61 19.84
CA THR A 463 13.43 35.61 20.79
C THR A 463 14.00 36.12 22.12
N ALA A 464 14.66 37.28 22.14
CA ALA A 464 14.97 38.06 23.34
C ALA A 464 13.73 38.86 23.82
N ASN A 465 12.64 38.16 24.10
CA ASN A 465 11.32 38.75 24.37
C ASN A 465 10.50 37.87 25.33
N GLU A 466 10.10 38.42 26.46
CA GLU A 466 9.27 37.74 27.47
C GLU A 466 7.76 37.73 27.16
N GLY A 467 7.29 38.60 26.27
CA GLY A 467 5.88 38.88 26.02
C GLY A 467 5.15 37.95 25.03
N GLU A 468 5.75 36.82 24.63
CA GLU A 468 5.33 36.01 23.48
C GLU A 468 5.27 34.49 23.78
N GLU A 469 4.32 34.09 24.62
CA GLU A 469 4.09 32.70 25.05
C GLU A 469 3.41 31.82 23.98
N GLY A 470 3.32 30.50 24.22
CA GLY A 470 2.64 29.54 23.34
C GLY A 470 3.55 28.91 22.28
N LEU A 471 3.11 27.81 21.70
CA LEU A 471 3.85 27.07 20.67
C LEU A 471 3.86 27.75 19.28
N ASP A 472 3.04 28.79 19.07
CA ASP A 472 2.92 29.55 17.82
C ASP A 472 2.74 31.06 18.07
N VAL A 473 3.83 31.82 17.97
CA VAL A 473 3.90 33.27 18.16
C VAL A 473 3.04 34.07 17.16
N PHE A 474 2.65 33.51 16.02
CA PHE A 474 1.78 34.16 15.04
C PHE A 474 0.30 33.69 15.13
N SER A 475 -0.07 32.90 16.13
CA SER A 475 -1.48 32.66 16.47
C SER A 475 -2.12 33.89 17.13
N TRP A 476 -3.42 34.06 16.96
CA TRP A 476 -4.20 35.11 17.61
C TRP A 476 -5.30 34.47 18.47
N THR A 477 -5.68 35.17 19.55
CA THR A 477 -6.88 34.86 20.34
C THR A 477 -8.09 35.64 19.83
N GLU A 478 -9.30 35.25 20.21
CA GLU A 478 -10.54 35.90 19.77
C GLU A 478 -10.58 37.40 20.13
N GLU A 479 -10.09 37.76 21.33
CA GLU A 479 -9.93 39.15 21.79
C GLU A 479 -8.83 39.92 21.03
N GLU A 480 -7.99 39.23 20.27
CA GLU A 480 -7.00 39.79 19.36
C GLU A 480 -7.57 39.97 17.95
N GLU A 481 -8.28 38.98 17.40
CA GLU A 481 -8.97 39.15 16.10
C GLU A 481 -9.94 40.34 16.10
N ARG A 482 -10.72 40.45 17.17
CA ARG A 482 -11.64 41.57 17.42
C ARG A 482 -10.91 42.93 17.50
N GLU A 483 -9.68 42.94 18.00
CA GLU A 483 -8.83 44.13 18.00
C GLU A 483 -8.28 44.44 16.60
N PHE A 484 -7.94 43.45 15.77
CA PHE A 484 -7.58 43.69 14.37
C PHE A 484 -8.73 44.32 13.62
N ARG A 485 -9.95 43.77 13.76
CA ARG A 485 -11.14 44.30 13.09
C ARG A 485 -11.40 45.75 13.48
N LYS A 486 -11.18 46.12 14.74
CA LYS A 486 -11.34 47.50 15.22
C LYS A 486 -10.36 48.45 14.53
N ILE A 487 -9.06 48.14 14.56
CA ILE A 487 -8.04 49.04 14.01
C ILE A 487 -8.08 49.09 12.49
N SER A 488 -8.54 48.02 11.82
CA SER A 488 -8.60 47.96 10.35
C SER A 488 -9.51 49.00 9.72
N ARG A 489 -10.47 49.52 10.50
CA ARG A 489 -11.37 50.62 10.17
C ARG A 489 -10.99 51.96 10.82
N ASP A 490 -9.79 52.10 11.37
CA ASP A 490 -9.22 53.41 11.65
C ASP A 490 -9.00 54.18 10.33
N ARG A 491 -9.56 55.39 10.21
CA ARG A 491 -9.25 56.31 9.10
C ARG A 491 -7.74 56.56 9.06
N GLY A 492 -7.08 56.20 7.97
CA GLY A 492 -5.62 56.29 7.85
C GLY A 492 -4.82 55.10 8.38
N ILE A 493 -5.44 53.92 8.57
CA ILE A 493 -4.75 52.69 9.00
C ILE A 493 -3.52 52.36 8.14
N ILE A 494 -3.55 52.57 6.82
CA ILE A 494 -2.39 52.32 5.96
C ILE A 494 -1.20 53.18 6.40
N ASP A 495 -1.41 54.47 6.60
CA ASP A 495 -0.31 55.37 6.98
C ASP A 495 0.16 55.19 8.43
N LYS A 496 -0.68 54.63 9.32
CA LYS A 496 -0.24 54.15 10.63
C LYS A 496 0.64 52.91 10.51
N ILE A 497 0.22 51.92 9.73
CA ILE A 497 0.99 50.69 9.50
C ILE A 497 2.32 51.01 8.83
N ILE A 498 2.35 51.86 7.80
CA ILE A 498 3.58 52.26 7.11
C ILE A 498 4.54 52.96 8.08
N SER A 499 4.05 53.85 8.94
CA SER A 499 4.89 54.53 9.94
C SER A 499 5.48 53.56 10.96
N SER A 500 4.80 52.43 11.19
CA SER A 500 5.23 51.35 12.06
C SER A 500 6.18 50.33 11.42
N MET A 501 6.43 50.39 10.12
CA MET A 501 7.51 49.59 9.52
C MET A 501 8.86 50.16 9.95
N ALA A 502 9.70 49.33 10.58
CA ALA A 502 10.98 49.72 11.16
C ALA A 502 10.89 51.07 11.89
N PRO A 503 10.15 51.15 12.99
CA PRO A 503 9.75 52.43 13.54
C PRO A 503 10.96 53.24 14.04
N SER A 504 12.06 52.60 14.41
CA SER A 504 13.33 53.23 14.80
C SER A 504 14.27 53.63 13.65
N ILE A 505 13.86 53.47 12.38
CA ILE A 505 14.55 54.02 11.21
C ILE A 505 13.82 55.29 10.78
N TYR A 506 14.52 56.43 10.75
CA TYR A 506 13.92 57.71 10.39
C TYR A 506 13.76 57.88 8.89
N GLY A 507 12.72 58.60 8.46
CA GLY A 507 12.48 58.94 7.06
C GLY A 507 12.20 57.73 6.19
N HIS A 508 12.68 57.76 4.94
CA HIS A 508 12.57 56.65 3.98
C HIS A 508 11.14 56.10 3.83
N ARG A 509 10.13 56.96 3.81
CA ARG A 509 8.74 56.52 3.76
C ARG A 509 8.39 55.77 2.49
N ASP A 510 9.06 56.03 1.38
CA ASP A 510 8.95 55.23 0.16
C ASP A 510 9.47 53.80 0.34
N ILE A 511 10.57 53.60 1.08
CA ILE A 511 11.02 52.24 1.39
C ILE A 511 10.07 51.58 2.37
N LYS A 512 9.66 52.26 3.45
CA LYS A 512 8.68 51.70 4.37
C LYS A 512 7.37 51.34 3.66
N THR A 513 6.94 52.14 2.69
CA THR A 513 5.77 51.84 1.86
C THR A 513 5.99 50.59 1.03
N ALA A 514 7.14 50.46 0.37
CA ALA A 514 7.47 49.30 -0.44
C ALA A 514 7.60 48.02 0.38
N VAL A 515 8.23 48.11 1.56
CA VAL A 515 8.32 47.03 2.54
C VAL A 515 6.94 46.63 3.04
N ALA A 516 6.06 47.56 3.39
CA ALA A 516 4.69 47.20 3.80
C ALA A 516 3.96 46.42 2.72
N CYS A 517 3.95 46.89 1.47
CA CYS A 517 3.32 46.18 0.36
C CYS A 517 3.90 44.78 0.14
N SER A 518 5.22 44.61 0.14
CA SER A 518 5.84 43.31 -0.03
C SER A 518 5.55 42.35 1.13
N LEU A 519 5.46 42.90 2.33
CA LEU A 519 5.23 42.14 3.55
C LEU A 519 3.78 41.64 3.67
N PHE A 520 2.77 42.34 3.15
CA PHE A 520 1.38 41.84 3.03
C PHE A 520 1.12 41.05 1.74
N GLY A 521 1.75 41.39 0.61
CA GLY A 521 1.57 40.73 -0.69
C GLY A 521 0.25 41.02 -1.40
N GLY A 522 0.16 40.74 -2.70
CA GLY A 522 -1.07 40.79 -3.49
C GLY A 522 -1.87 39.50 -3.41
N VAL A 523 -2.69 39.21 -4.43
CA VAL A 523 -3.45 37.95 -4.53
C VAL A 523 -2.96 37.12 -5.71
N PRO A 524 -2.56 35.85 -5.50
CA PRO A 524 -2.20 34.96 -6.59
C PRO A 524 -3.43 34.45 -7.34
N LYS A 525 -3.31 34.27 -8.66
CA LYS A 525 -4.47 34.01 -9.53
C LYS A 525 -4.22 32.84 -10.46
N ASN A 526 -5.24 32.04 -10.66
CA ASN A 526 -5.28 30.98 -11.64
C ASN A 526 -6.56 31.10 -12.49
N VAL A 527 -6.45 30.97 -13.80
CA VAL A 527 -7.48 31.37 -14.77
C VAL A 527 -7.94 30.14 -15.53
N ASN A 528 -9.18 29.69 -15.28
CA ASN A 528 -9.74 28.44 -15.82
C ASN A 528 -8.86 27.19 -15.62
N GLY A 529 -7.87 27.23 -14.74
CA GLY A 529 -6.84 26.17 -14.62
C GLY A 529 -5.69 26.27 -15.64
N LYS A 530 -5.80 27.11 -16.67
CA LYS A 530 -4.88 27.15 -17.82
C LYS A 530 -3.65 28.00 -17.56
N HIS A 531 -3.77 29.04 -16.76
CA HIS A 531 -2.80 30.13 -16.69
C HIS A 531 -2.71 30.66 -15.27
N SER A 532 -1.57 31.19 -14.85
CA SER A 532 -1.41 31.73 -13.50
C SER A 532 -0.58 33.00 -13.44
N ILE A 533 -0.92 33.85 -12.48
CA ILE A 533 -0.32 35.15 -12.24
C ILE A 533 0.25 35.20 -10.82
N ARG A 534 1.45 35.76 -10.70
CA ARG A 534 2.21 35.95 -9.48
C ARG A 534 1.55 36.99 -8.58
N GLY A 535 1.32 36.66 -7.32
CA GLY A 535 0.77 37.56 -6.30
C GLY A 535 1.82 38.21 -5.40
N ASP A 536 3.03 37.70 -5.30
CA ASP A 536 4.04 38.30 -4.45
C ASP A 536 4.68 39.54 -5.05
N ILE A 537 5.03 40.52 -4.22
CA ILE A 537 5.62 41.79 -4.62
C ILE A 537 7.11 41.76 -4.29
N ASN A 538 7.96 41.93 -5.29
CA ASN A 538 9.40 41.95 -5.14
C ASN A 538 9.90 43.39 -5.06
N VAL A 539 10.92 43.66 -4.25
CA VAL A 539 11.38 45.02 -3.95
C VAL A 539 12.89 45.12 -4.06
N LEU A 540 13.42 46.11 -4.77
CA LEU A 540 14.87 46.39 -4.81
C LEU A 540 15.19 47.72 -4.13
N LEU A 541 15.89 47.66 -3.01
CA LEU A 541 16.48 48.78 -2.30
C LEU A 541 17.86 49.04 -2.90
N LEU A 542 17.95 49.98 -3.82
CA LEU A 542 19.20 50.36 -4.46
C LEU A 542 19.66 51.69 -3.85
N GLY A 543 20.90 51.80 -3.39
CA GLY A 543 21.36 53.12 -2.97
C GLY A 543 22.70 53.20 -2.27
N ASP A 544 23.02 54.42 -1.83
CA ASP A 544 24.25 54.80 -1.14
C ASP A 544 24.50 54.04 0.18
N PRO A 545 25.73 54.04 0.73
CA PRO A 545 26.07 53.41 2.01
C PRO A 545 25.53 54.11 3.25
N GLY A 546 25.24 53.32 4.27
CA GLY A 546 24.84 53.72 5.61
C GLY A 546 23.49 54.42 5.60
N THR A 547 22.47 53.71 5.13
CA THR A 547 21.12 54.23 4.88
C THR A 547 20.01 53.26 5.28
N ALA A 548 20.30 52.32 6.19
CA ALA A 548 19.35 51.37 6.71
C ALA A 548 18.74 50.45 5.66
N LYS A 549 19.42 50.15 4.55
CA LYS A 549 18.96 49.12 3.60
C LYS A 549 19.05 47.76 4.28
N SER A 550 20.17 47.45 4.92
CA SER A 550 20.37 46.21 5.67
C SER A 550 19.56 46.16 6.97
N GLN A 551 19.34 47.27 7.69
CA GLN A 551 18.47 47.28 8.86
C GLN A 551 16.99 47.09 8.50
N ILE A 552 16.49 47.67 7.42
CA ILE A 552 15.16 47.37 6.91
C ILE A 552 15.02 45.89 6.60
N LEU A 553 15.96 45.25 5.91
CA LEU A 553 15.90 43.81 5.66
C LEU A 553 15.97 42.99 6.96
N LYS A 554 16.82 43.32 7.93
CA LYS A 554 16.87 42.59 9.21
C LYS A 554 15.64 42.79 10.07
N TYR A 555 14.92 43.89 9.95
CA TYR A 555 13.58 44.07 10.52
C TYR A 555 12.53 43.17 9.87
N VAL A 556 12.50 43.06 8.55
CA VAL A 556 11.56 42.18 7.87
C VAL A 556 11.81 40.72 8.24
N GLU A 557 13.04 40.27 8.48
CA GLU A 557 13.30 38.92 8.99
C GLU A 557 12.67 38.67 10.37
N LYS A 558 12.67 39.66 11.27
CA LYS A 558 11.95 39.52 12.54
C LYS A 558 10.42 39.54 12.35
N THR A 559 9.91 40.28 11.37
CA THR A 559 8.47 40.62 11.28
C THR A 559 7.64 39.66 10.44
N ALA A 560 8.19 39.13 9.35
CA ALA A 560 7.49 38.20 8.45
C ALA A 560 7.30 36.80 9.05
N HIS A 561 6.24 36.09 8.64
CA HIS A 561 5.88 34.78 9.17
C HIS A 561 6.99 33.74 8.95
N ARG A 562 7.18 33.31 7.70
CA ARG A 562 8.32 32.51 7.24
C ARG A 562 9.24 33.43 6.46
N ALA A 563 10.50 33.50 6.84
CA ALA A 563 11.50 34.33 6.18
C ALA A 563 12.88 33.67 6.18
N VAL A 564 13.69 33.94 5.16
CA VAL A 564 15.08 33.49 5.08
C VAL A 564 15.97 34.64 4.60
N PHE A 565 17.14 34.79 5.20
CA PHE A 565 18.12 35.83 4.90
C PHE A 565 19.38 35.23 4.25
N ALA A 566 19.89 35.85 3.19
CA ALA A 566 21.09 35.44 2.46
C ALA A 566 21.89 36.68 1.98
N THR A 567 23.20 36.55 1.72
CA THR A 567 24.08 37.70 1.48
C THR A 567 25.17 37.44 0.45
N GLY A 568 25.11 38.09 -0.71
CA GLY A 568 26.22 38.19 -1.66
C GLY A 568 26.96 36.88 -1.95
N GLN A 569 28.29 36.89 -1.78
CA GLN A 569 29.17 35.72 -1.95
C GLN A 569 28.85 34.52 -1.04
N GLY A 570 28.03 34.71 0.00
CA GLY A 570 27.53 33.68 0.89
C GLY A 570 26.35 32.86 0.35
N ALA A 571 25.74 33.27 -0.76
CA ALA A 571 24.58 32.59 -1.35
C ALA A 571 24.89 31.98 -2.73
N SER A 572 24.67 30.69 -2.91
CA SER A 572 24.90 29.99 -4.19
C SER A 572 23.63 29.78 -5.00
N ALA A 573 23.78 29.47 -6.28
CA ALA A 573 22.68 29.17 -7.20
C ALA A 573 21.71 28.11 -6.68
N VAL A 574 22.19 27.15 -5.89
CA VAL A 574 21.45 25.98 -5.41
C VAL A 574 21.36 25.89 -3.87
N GLY A 575 21.92 26.87 -3.17
CA GLY A 575 21.53 27.21 -1.81
C GLY A 575 20.32 28.13 -1.75
N LEU A 576 20.18 29.03 -2.72
CA LEU A 576 18.86 29.51 -3.13
C LEU A 576 18.18 28.31 -3.84
N THR A 577 17.01 28.45 -4.47
CA THR A 577 16.54 27.38 -5.39
C THR A 577 16.40 26.02 -4.66
N ALA A 578 17.02 24.95 -5.14
CA ALA A 578 17.16 23.65 -4.49
C ALA A 578 18.33 22.87 -5.10
N SER A 579 18.81 21.82 -4.44
CA SER A 579 19.93 20.97 -4.88
C SER A 579 19.64 19.49 -4.69
N VAL A 580 20.42 18.59 -5.29
CA VAL A 580 20.29 17.15 -5.05
C VAL A 580 21.42 16.62 -4.18
N ARG A 581 21.08 15.94 -3.09
CA ARG A 581 21.98 15.29 -2.13
C ARG A 581 22.16 13.83 -2.51
N LYS A 582 23.34 13.25 -2.30
CA LYS A 582 23.51 11.79 -2.30
C LYS A 582 23.74 11.31 -0.87
N ASP A 583 22.90 10.41 -0.40
CA ASP A 583 23.03 9.81 0.92
C ASP A 583 24.33 8.96 1.06
N PRO A 584 25.03 8.91 2.19
CA PRO A 584 26.22 8.08 2.31
C PRO A 584 25.93 6.57 2.44
N ILE A 585 24.72 6.19 2.82
CA ILE A 585 24.31 4.81 3.16
C ILE A 585 23.52 4.17 2.01
N THR A 586 22.29 4.62 1.78
CA THR A 586 21.40 4.12 0.70
C THR A 586 21.86 4.57 -0.68
N LYS A 587 22.52 5.73 -0.72
CA LYS A 587 23.48 6.15 -1.72
C LYS A 587 22.89 6.18 -3.12
N GLU A 588 21.71 6.78 -3.16
CA GLU A 588 20.93 7.29 -4.29
C GLU A 588 20.35 8.68 -3.96
N TRP A 589 19.85 9.40 -4.96
CA TRP A 589 19.64 10.85 -4.94
C TRP A 589 18.33 11.31 -4.32
N THR A 590 18.35 12.49 -3.70
CA THR A 590 17.18 13.12 -3.08
C THR A 590 17.27 14.65 -3.17
N LEU A 591 16.19 15.39 -2.96
CA LEU A 591 16.20 16.85 -2.97
C LEU A 591 16.40 17.44 -1.58
N GLU A 592 17.28 18.43 -1.47
CA GLU A 592 17.35 19.36 -0.36
C GLU A 592 16.85 20.73 -0.82
N GLY A 593 15.91 21.34 -0.09
CA GLY A 593 15.33 22.62 -0.44
C GLY A 593 16.19 23.83 -0.07
N GLY A 594 16.30 24.81 -0.94
CA GLY A 594 17.05 26.03 -0.67
C GLY A 594 16.22 27.13 -0.02
N ALA A 595 16.80 28.32 0.08
CA ALA A 595 16.17 29.48 0.72
C ALA A 595 14.81 29.87 0.12
N LEU A 596 14.58 29.67 -1.18
CA LEU A 596 13.30 29.97 -1.83
C LEU A 596 12.25 28.86 -1.67
N VAL A 597 12.62 27.69 -1.15
CA VAL A 597 11.66 26.72 -0.62
C VAL A 597 11.42 26.96 0.87
N LEU A 598 12.46 27.20 1.65
CA LEU A 598 12.28 27.38 3.09
C LEU A 598 11.59 28.71 3.47
N ALA A 599 11.48 29.65 2.53
CA ALA A 599 10.68 30.88 2.59
C ALA A 599 9.38 30.82 1.78
N ASP A 600 8.95 29.65 1.29
CA ASP A 600 7.71 29.48 0.52
C ASP A 600 6.47 29.91 1.31
N LYS A 601 5.56 30.72 0.72
CA LYS A 601 4.55 31.56 1.40
C LYS A 601 5.16 32.47 2.45
N GLY A 602 6.10 33.29 2.04
CA GLY A 602 6.96 34.08 2.91
C GLY A 602 7.88 34.99 2.11
N VAL A 603 8.99 35.39 2.70
CA VAL A 603 9.93 36.35 2.11
C VAL A 603 11.35 35.82 2.08
N CYS A 604 12.07 36.08 1.01
CA CYS A 604 13.51 35.88 0.96
C CYS A 604 14.21 37.21 0.83
N LEU A 605 15.17 37.46 1.71
CA LEU A 605 15.86 38.73 1.88
C LEU A 605 17.29 38.56 1.40
N ILE A 606 17.67 39.31 0.37
CA ILE A 606 18.95 39.15 -0.33
C ILE A 606 19.77 40.42 -0.20
N ASP A 607 20.63 40.46 0.82
CA ASP A 607 21.49 41.60 1.11
C ASP A 607 22.73 41.57 0.21
N GLU A 608 23.15 42.74 -0.25
CA GLU A 608 24.20 42.89 -1.24
C GLU A 608 24.02 42.06 -2.50
N PHE A 609 22.84 42.15 -3.09
CA PHE A 609 22.44 41.49 -4.33
C PHE A 609 23.33 41.80 -5.55
N ASP A 610 23.94 42.99 -5.61
CA ASP A 610 24.87 43.36 -6.68
C ASP A 610 26.19 42.58 -6.64
N LYS A 611 26.54 42.03 -5.48
CA LYS A 611 27.82 41.39 -5.18
C LYS A 611 27.75 39.86 -5.19
N MET A 612 26.58 39.29 -5.44
CA MET A 612 26.42 37.91 -5.86
C MET A 612 27.17 37.64 -7.17
N ASN A 613 27.59 36.40 -7.41
CA ASN A 613 28.12 36.00 -8.72
C ASN A 613 26.98 35.95 -9.75
N ASP A 614 27.16 36.35 -11.00
CA ASP A 614 26.05 36.33 -11.97
C ASP A 614 25.49 34.90 -12.17
N GLN A 615 26.34 33.89 -12.07
CA GLN A 615 25.93 32.50 -12.08
C GLN A 615 25.02 32.12 -10.90
N ASP A 616 25.15 32.77 -9.75
CA ASP A 616 24.30 32.52 -8.58
C ASP A 616 23.04 33.38 -8.63
N ARG A 617 23.18 34.64 -9.03
CA ARG A 617 22.09 35.61 -9.11
C ARG A 617 21.03 35.22 -10.13
N THR A 618 21.42 34.61 -11.24
CA THR A 618 20.49 34.18 -12.30
C THR A 618 19.72 32.90 -11.97
N SER A 619 19.92 32.30 -10.80
CA SER A 619 19.08 31.18 -10.35
C SER A 619 17.67 31.59 -9.93
N ILE A 620 17.49 32.88 -9.61
CA ILE A 620 16.26 33.48 -9.11
C ILE A 620 15.19 33.65 -10.20
N HIS A 621 15.54 33.72 -11.49
CA HIS A 621 14.62 34.08 -12.57
C HIS A 621 13.32 33.28 -12.67
N GLU A 622 13.33 31.99 -12.36
CA GLU A 622 12.11 31.16 -12.33
C GLU A 622 11.25 31.47 -11.10
N ALA A 623 11.88 31.56 -9.92
CA ALA A 623 11.16 31.78 -8.67
C ALA A 623 10.57 33.19 -8.53
N MET A 624 11.04 34.19 -9.26
CA MET A 624 10.41 35.51 -9.32
C MET A 624 9.01 35.48 -9.93
N GLU A 625 8.83 34.89 -11.12
CA GLU A 625 7.57 34.94 -11.87
C GLU A 625 6.75 33.65 -11.81
N GLN A 626 7.33 32.52 -12.18
CA GLN A 626 6.62 31.24 -12.19
C GLN A 626 6.46 30.66 -10.78
N GLN A 627 7.16 31.20 -9.78
CA GLN A 627 7.09 30.80 -8.37
C GLN A 627 7.21 29.29 -8.19
N SER A 628 8.20 28.73 -8.87
CA SER A 628 8.57 27.33 -8.88
C SER A 628 10.08 27.17 -9.01
N ILE A 629 10.57 25.96 -8.80
CA ILE A 629 11.96 25.58 -8.98
C ILE A 629 11.97 24.25 -9.73
N SER A 630 12.25 24.26 -11.02
CA SER A 630 12.20 23.07 -11.87
C SER A 630 13.58 22.43 -12.02
N ILE A 631 13.89 21.48 -11.15
CA ILE A 631 15.14 20.69 -11.17
C ILE A 631 15.04 19.54 -12.18
N SER A 632 16.09 19.28 -12.94
CA SER A 632 16.32 18.01 -13.61
C SER A 632 17.79 17.64 -13.52
N LYS A 633 18.15 16.90 -12.48
CA LYS A 633 19.51 16.52 -12.10
C LYS A 633 19.53 15.07 -11.60
N ALA A 634 20.58 14.32 -11.89
CA ALA A 634 20.81 12.97 -11.40
C ALA A 634 19.60 12.02 -11.55
N GLY A 635 18.81 12.15 -12.61
CA GLY A 635 17.59 11.36 -12.82
C GLY A 635 16.39 11.77 -11.96
N ILE A 636 16.52 12.73 -11.05
CA ILE A 636 15.43 13.47 -10.39
C ILE A 636 14.95 14.55 -11.33
N VAL A 637 13.75 14.44 -11.91
CA VAL A 637 13.19 15.50 -12.75
C VAL A 637 11.80 15.90 -12.25
N THR A 638 11.68 17.12 -11.72
CA THR A 638 10.51 17.54 -10.94
C THR A 638 10.43 19.06 -10.82
N THR A 639 9.35 19.58 -10.24
CA THR A 639 9.17 21.02 -9.96
C THR A 639 8.73 21.22 -8.52
N LEU A 640 9.49 21.98 -7.73
CA LEU A 640 9.06 22.45 -6.42
C LEU A 640 8.30 23.77 -6.56
N GLN A 641 7.43 24.10 -5.61
CA GLN A 641 6.81 25.42 -5.49
C GLN A 641 7.74 26.36 -4.71
N ALA A 642 7.69 27.65 -5.03
CA ALA A 642 8.59 28.66 -4.47
C ALA A 642 7.93 30.04 -4.49
N ARG A 643 6.75 30.16 -3.89
CA ARG A 643 6.00 31.41 -3.84
C ARG A 643 6.51 32.30 -2.71
N CYS A 644 7.69 32.86 -2.89
CA CYS A 644 8.25 33.94 -2.08
C CYS A 644 7.99 35.31 -2.69
N SER A 645 7.88 36.33 -1.84
CA SER A 645 8.25 37.70 -2.21
C SER A 645 9.76 37.82 -2.00
N ILE A 646 10.51 38.44 -2.91
CA ILE A 646 11.95 38.67 -2.72
C ILE A 646 12.21 40.15 -2.48
N ILE A 647 12.85 40.49 -1.38
CA ILE A 647 13.34 41.85 -1.12
C ILE A 647 14.86 41.79 -1.25
N ALA A 648 15.44 42.66 -2.05
CA ALA A 648 16.86 42.72 -2.32
C ALA A 648 17.43 44.10 -1.98
N ALA A 649 18.66 44.15 -1.50
CA ALA A 649 19.39 45.38 -1.25
C ALA A 649 20.71 45.39 -2.03
N ALA A 650 21.02 46.50 -2.70
CA ALA A 650 22.19 46.64 -3.55
C ALA A 650 22.81 48.03 -3.46
N ASN A 651 24.08 48.17 -3.84
CA ASN A 651 24.70 49.48 -4.09
C ASN A 651 24.91 49.67 -5.61
N PRO A 652 24.89 50.90 -6.12
CA PRO A 652 25.25 51.22 -7.51
C PRO A 652 26.70 50.89 -7.87
N ASN A 653 27.04 50.93 -9.16
CA ASN A 653 28.41 50.87 -9.64
C ASN A 653 29.29 51.96 -8.99
N GLY A 654 30.52 51.62 -8.60
CA GLY A 654 31.44 52.54 -7.91
C GLY A 654 31.10 52.77 -6.43
N GLY A 655 30.03 52.17 -5.91
CA GLY A 655 29.61 52.23 -4.49
C GLY A 655 28.70 53.41 -4.13
N ARG A 656 28.43 54.32 -5.06
CA ARG A 656 27.64 55.56 -4.84
C ARG A 656 26.70 55.79 -6.02
N TYR A 657 25.50 56.30 -5.78
CA TYR A 657 24.57 56.67 -6.86
C TYR A 657 25.05 57.93 -7.56
N ASN A 658 24.95 57.96 -8.88
CA ASN A 658 25.38 59.10 -9.70
C ASN A 658 24.19 59.60 -10.52
N SER A 659 23.54 60.64 -10.03
CA SER A 659 22.20 61.08 -10.44
C SER A 659 22.10 61.61 -11.87
N THR A 660 23.22 61.88 -12.54
CA THR A 660 23.21 62.31 -13.95
C THR A 660 23.11 61.16 -14.96
N LEU A 661 23.37 59.92 -14.54
CA LEU A 661 23.28 58.72 -15.37
C LEU A 661 21.88 58.07 -15.35
N PRO A 662 21.45 57.39 -16.43
CA PRO A 662 20.32 56.49 -16.41
C PRO A 662 20.53 55.29 -15.48
N LEU A 663 19.45 54.72 -14.95
CA LEU A 663 19.50 53.55 -14.07
C LEU A 663 20.31 52.37 -14.63
N ALA A 664 20.15 52.05 -15.91
CA ALA A 664 20.86 50.92 -16.52
C ALA A 664 22.39 51.08 -16.56
N GLN A 665 22.90 52.27 -16.24
CA GLN A 665 24.33 52.58 -16.13
C GLN A 665 24.79 52.74 -14.68
N ASN A 666 23.89 53.13 -13.76
CA ASN A 666 24.14 53.11 -12.33
C ASN A 666 24.26 51.69 -11.74
N VAL A 667 23.78 50.65 -12.42
CA VAL A 667 23.71 49.29 -11.88
C VAL A 667 24.24 48.26 -12.87
N SER A 668 24.88 47.21 -12.36
CA SER A 668 25.48 46.12 -13.15
C SER A 668 24.51 45.02 -13.60
N LEU A 669 23.27 45.06 -13.10
CA LEU A 669 22.14 44.21 -13.48
C LEU A 669 21.68 44.47 -14.92
N THR A 670 20.67 43.73 -15.38
CA THR A 670 20.12 43.78 -16.73
C THR A 670 18.60 43.72 -16.73
N GLU A 671 17.97 44.07 -17.83
CA GLU A 671 16.52 44.16 -17.97
C GLU A 671 15.70 42.92 -17.53
N PRO A 672 16.10 41.65 -17.74
CA PRO A 672 15.31 40.52 -17.29
C PRO A 672 15.21 40.38 -15.78
N ILE A 673 16.27 40.71 -15.04
CA ILE A 673 16.23 40.71 -13.57
C ILE A 673 15.71 42.03 -13.01
N LEU A 674 16.05 43.19 -13.56
CA LEU A 674 15.48 44.47 -13.14
C LEU A 674 13.96 44.49 -13.34
N SER A 675 13.40 43.90 -14.40
CA SER A 675 11.94 43.86 -14.59
C SER A 675 11.20 42.90 -13.65
N ARG A 676 11.89 41.92 -13.06
CA ARG A 676 11.31 40.96 -12.10
C ARG A 676 11.03 41.59 -10.75
N PHE A 677 11.85 42.57 -10.36
CA PHE A 677 11.55 43.47 -9.25
C PHE A 677 10.44 44.43 -9.64
N ASP A 678 9.39 44.54 -8.83
CA ASP A 678 8.21 45.31 -9.18
C ASP A 678 7.92 46.52 -8.28
N ILE A 679 8.79 46.78 -7.31
CA ILE A 679 9.05 48.12 -6.75
C ILE A 679 10.55 48.35 -6.71
N LEU A 680 11.03 49.49 -7.22
CA LEU A 680 12.42 49.94 -7.09
C LEU A 680 12.49 51.20 -6.23
N CYS A 681 13.33 51.20 -5.21
CA CYS A 681 13.59 52.33 -4.33
C CYS A 681 15.02 52.79 -4.57
N VAL A 682 15.24 54.04 -4.98
CA VAL A 682 16.57 54.62 -5.08
C VAL A 682 16.83 55.48 -3.85
N VAL A 683 17.92 55.21 -3.11
CA VAL A 683 18.31 55.99 -1.93
C VAL A 683 19.57 56.79 -2.21
N ARG A 684 19.43 58.12 -2.17
CA ARG A 684 20.54 59.07 -2.30
C ARG A 684 20.79 59.72 -0.94
N ASP A 685 22.00 59.60 -0.44
CA ASP A 685 22.41 60.19 0.83
C ASP A 685 23.03 61.58 0.58
N LEU A 686 22.17 62.54 0.25
CA LEU A 686 22.56 63.93 0.03
C LEU A 686 22.67 64.69 1.35
N VAL A 687 23.63 65.61 1.43
CA VAL A 687 23.79 66.52 2.58
C VAL A 687 22.69 67.58 2.59
N ASP A 688 22.04 67.77 3.73
CA ASP A 688 21.17 68.92 3.97
C ASP A 688 21.17 69.33 5.45
N GLU A 689 21.36 70.61 5.73
CA GLU A 689 21.60 71.13 7.08
C GLU A 689 20.40 71.01 8.05
N GLU A 690 19.20 70.64 7.60
CA GLU A 690 18.01 70.56 8.44
C GLU A 690 17.42 69.15 8.47
N ALA A 691 17.43 68.43 7.35
CA ALA A 691 17.13 67.01 7.34
C ALA A 691 18.20 66.20 8.11
N ASP A 692 19.47 66.60 8.06
CA ASP A 692 20.51 65.98 8.88
C ASP A 692 20.44 66.39 10.36
N GLU A 693 19.78 67.49 10.73
CA GLU A 693 19.44 67.73 12.13
C GLU A 693 18.31 66.82 12.59
N ARG A 694 17.25 66.69 11.80
CA ARG A 694 16.10 65.85 12.13
C ARG A 694 16.49 64.37 12.20
N LEU A 695 17.30 63.89 11.27
CA LEU A 695 17.85 62.54 11.25
C LEU A 695 18.80 62.31 12.41
N ALA A 696 19.79 63.19 12.63
CA ALA A 696 20.71 63.02 13.75
C ALA A 696 20.01 63.08 15.10
N THR A 697 19.00 63.93 15.29
CA THR A 697 18.21 63.97 16.52
C THR A 697 17.51 62.65 16.76
N PHE A 698 16.87 62.08 15.73
CA PHE A 698 16.18 60.80 15.85
C PHE A 698 17.14 59.66 16.18
N VAL A 699 18.31 59.61 15.54
CA VAL A 699 19.34 58.59 15.81
C VAL A 699 19.91 58.71 17.22
N VAL A 700 20.17 59.92 17.73
CA VAL A 700 20.63 60.12 19.11
C VAL A 700 19.56 59.68 20.11
N ASP A 701 18.32 60.11 19.93
CA ASP A 701 17.23 59.66 20.80
C ASP A 701 16.99 58.16 20.71
N SER A 702 17.18 57.54 19.55
CA SER A 702 17.05 56.09 19.39
C SER A 702 18.15 55.30 20.08
N HIS A 703 19.35 55.85 20.29
CA HIS A 703 20.39 55.21 21.10
C HIS A 703 20.09 55.32 22.58
N VAL A 704 19.62 56.47 23.05
CA VAL A 704 19.28 56.66 24.47
C VAL A 704 18.11 55.79 24.88
N ARG A 705 17.04 55.73 24.09
CA ARG A 705 15.86 54.89 24.32
C ARG A 705 16.17 53.39 24.30
N SER A 706 17.11 52.97 23.46
CA SER A 706 17.51 51.57 23.31
C SER A 706 18.62 51.15 24.26
N HIS A 707 19.06 52.02 25.15
CA HIS A 707 20.16 51.73 26.05
C HIS A 707 19.79 50.61 27.04
N PRO A 708 20.64 49.58 27.25
CA PRO A 708 20.34 48.45 28.12
C PRO A 708 20.26 48.77 29.62
N GLU A 709 20.55 50.00 30.06
CA GLU A 709 20.25 50.51 31.40
C GLU A 709 19.33 51.74 31.38
N ASN A 710 18.29 51.72 30.56
CA ASN A 710 17.23 52.72 30.49
C ASN A 710 15.85 52.05 30.36
N LEU A 738 2.06 43.30 39.09
CA LEU A 738 3.13 44.21 39.45
C LEU A 738 4.46 43.50 39.74
N ASN A 739 4.51 42.18 39.61
CA ASN A 739 5.72 41.38 39.66
C ASN A 739 6.55 41.52 38.37
N ALA A 740 7.87 41.38 38.47
CA ALA A 740 8.84 41.73 37.43
C ALA A 740 8.52 41.22 36.02
N ARG A 741 8.00 39.99 35.88
CA ARG A 741 7.67 39.40 34.56
C ARG A 741 6.51 40.11 33.85
N GLN A 742 5.61 40.75 34.61
CA GLN A 742 4.61 41.70 34.11
C GLN A 742 5.14 43.14 34.10
N ARG A 743 5.89 43.55 35.13
CA ARG A 743 6.32 44.95 35.31
C ARG A 743 7.32 45.40 34.24
N ARG A 744 8.15 44.51 33.72
CA ARG A 744 8.99 44.82 32.54
C ARG A 744 8.16 45.13 31.29
N LEU A 745 6.97 44.54 31.16
CA LEU A 745 6.13 44.80 30.00
C LEU A 745 5.50 46.20 30.02
N GLN A 746 5.21 46.83 31.16
CA GLN A 746 4.77 48.23 31.10
C GLN A 746 5.89 49.16 30.60
N ARG A 747 7.17 48.92 30.93
CA ARG A 747 8.27 49.74 30.36
C ARG A 747 8.60 49.41 28.92
N GLN A 748 8.50 48.15 28.50
CA GLN A 748 8.65 47.78 27.09
C GLN A 748 7.54 48.41 26.23
N ARG A 749 6.28 48.40 26.72
CA ARG A 749 5.14 49.09 26.10
C ARG A 749 5.33 50.61 26.06
N LYS A 750 5.79 51.25 27.14
CA LYS A 750 6.08 52.69 27.18
C LYS A 750 7.06 53.09 26.07
N LYS A 751 8.23 52.44 26.01
CA LYS A 751 9.31 52.75 25.05
C LYS A 751 8.89 52.51 23.61
N GLU A 752 8.22 51.41 23.31
CA GLU A 752 7.75 51.08 21.96
C GLU A 752 6.73 52.08 21.40
N GLU A 753 5.75 52.47 22.22
CA GLU A 753 4.66 53.36 21.81
C GLU A 753 5.08 54.83 21.67
N GLU A 754 6.28 55.24 22.12
CA GLU A 754 6.87 56.55 21.77
C GLU A 754 7.17 56.67 20.26
N ILE A 755 7.49 55.55 19.64
CA ILE A 755 8.04 55.49 18.28
C ILE A 755 6.92 55.08 17.30
N SER A 756 6.18 54.02 17.62
CA SER A 756 5.25 53.35 16.71
C SER A 756 3.78 53.66 17.00
N PRO A 757 2.94 53.96 15.97
CA PRO A 757 1.50 54.04 16.11
C PRO A 757 0.78 52.77 16.57
N ILE A 758 1.38 51.59 16.42
CA ILE A 758 0.78 50.27 16.67
C ILE A 758 1.80 49.34 17.35
N PRO A 759 1.44 48.59 18.40
CA PRO A 759 2.35 47.62 19.01
C PRO A 759 2.92 46.59 18.03
N GLN A 760 4.20 46.27 18.11
CA GLN A 760 4.87 45.33 17.21
C GLN A 760 4.33 43.91 17.30
N GLU A 761 3.95 43.44 18.50
CA GLU A 761 3.31 42.15 18.71
C GLU A 761 1.96 42.05 18.03
N LEU A 762 1.23 43.17 17.98
CA LEU A 762 -0.06 43.23 17.32
C LEU A 762 0.15 43.28 15.80
N LEU A 763 1.10 44.07 15.30
CA LEU A 763 1.41 44.15 13.87
C LEU A 763 1.92 42.85 13.28
N MET A 764 2.77 42.07 13.97
CA MET A 764 3.15 40.74 13.51
C MET A 764 1.95 39.82 13.33
N LYS A 765 1.03 39.79 14.29
CA LYS A 765 -0.17 38.95 14.19
C LYS A 765 -1.18 39.50 13.17
N TYR A 766 -1.29 40.82 13.04
CA TYR A 766 -2.14 41.49 12.06
C TYR A 766 -1.72 41.20 10.62
N ILE A 767 -0.41 41.21 10.34
CA ILE A 767 0.13 40.83 9.04
C ILE A 767 -0.17 39.36 8.74
N HIS A 768 0.13 38.43 9.64
CA HIS A 768 -0.14 37.01 9.37
C HIS A 768 -1.63 36.75 9.15
N TYR A 769 -2.49 37.37 9.96
CA TYR A 769 -3.94 37.34 9.79
C TYR A 769 -4.39 37.86 8.42
N ALA A 770 -3.91 39.04 8.00
CA ALA A 770 -4.27 39.59 6.70
C ALA A 770 -3.75 38.72 5.54
N ARG A 771 -2.56 38.11 5.66
CA ARG A 771 -2.05 37.19 4.65
C ARG A 771 -2.86 35.91 4.54
N THR A 772 -3.28 35.32 5.66
CA THR A 772 -3.94 34.00 5.67
C THR A 772 -5.45 34.09 5.44
N LYS A 773 -6.16 35.14 5.91
CA LYS A 773 -7.64 35.28 5.77
C LYS A 773 -8.12 36.12 4.57
N ILE A 774 -7.41 37.17 4.16
CA ILE A 774 -7.96 38.22 3.27
C ILE A 774 -7.37 38.11 1.86
N TYR A 775 -8.23 38.14 0.83
CA TYR A 775 -7.86 37.94 -0.57
C TYR A 775 -8.65 38.86 -1.52
N PRO A 776 -8.34 40.17 -1.58
CA PRO A 776 -9.22 41.17 -2.17
C PRO A 776 -9.46 41.04 -3.68
N LYS A 777 -10.70 41.31 -4.09
CA LYS A 777 -11.18 41.32 -5.49
C LYS A 777 -11.22 42.73 -6.09
N LEU A 778 -11.38 42.87 -7.41
CA LEU A 778 -11.39 44.17 -8.10
C LEU A 778 -12.77 44.51 -8.71
N HIS A 779 -13.18 45.78 -8.63
CA HIS A 779 -14.47 46.26 -9.16
C HIS A 779 -14.49 46.68 -10.65
N GLN A 780 -13.34 46.69 -11.33
CA GLN A 780 -13.19 47.04 -12.76
C GLN A 780 -13.53 48.49 -13.19
N MET A 781 -13.67 49.44 -12.25
CA MET A 781 -13.79 50.88 -12.54
C MET A 781 -12.46 51.58 -12.87
N ASP A 782 -11.35 50.84 -12.85
CA ASP A 782 -9.97 51.29 -12.97
C ASP A 782 -9.47 51.48 -14.42
N MET A 783 -10.24 51.01 -15.41
CA MET A 783 -9.75 50.69 -16.75
C MET A 783 -9.04 51.85 -17.44
N ASP A 784 -9.61 53.05 -17.42
CA ASP A 784 -9.00 54.23 -18.05
C ASP A 784 -7.74 54.72 -17.32
N LYS A 785 -7.73 54.76 -15.99
CA LYS A 785 -6.56 55.18 -15.21
C LYS A 785 -5.38 54.27 -15.48
N VAL A 786 -5.54 52.96 -15.23
CA VAL A 786 -4.43 52.00 -15.31
C VAL A 786 -3.92 51.91 -16.75
N SER A 787 -4.80 51.94 -17.75
CA SER A 787 -4.40 51.91 -19.17
C SER A 787 -3.63 53.16 -19.58
N ARG A 788 -4.04 54.37 -19.17
CA ARG A 788 -3.28 55.59 -19.46
C ARG A 788 -1.96 55.65 -18.71
N VAL A 789 -1.90 55.18 -17.48
CA VAL A 789 -0.66 55.05 -16.71
C VAL A 789 0.32 54.14 -17.44
N TYR A 790 -0.11 52.95 -17.87
CA TYR A 790 0.75 52.03 -18.59
C TYR A 790 1.22 52.60 -19.94
N ALA A 791 0.32 53.19 -20.72
CA ALA A 791 0.66 53.84 -21.97
C ALA A 791 1.67 54.98 -21.80
N ASP A 792 1.50 55.86 -20.79
CA ASP A 792 2.44 56.93 -20.48
C ASP A 792 3.80 56.37 -20.05
N LEU A 793 3.80 55.42 -19.10
CA LEU A 793 5.04 54.80 -18.60
C LEU A 793 5.84 54.10 -19.72
N ARG A 794 5.17 53.46 -20.67
CA ARG A 794 5.80 52.82 -21.84
C ARG A 794 6.35 53.86 -22.81
N ARG A 795 5.58 54.90 -23.13
CA ARG A 795 5.96 55.97 -24.06
C ARG A 795 7.16 56.77 -23.57
N GLU A 796 7.20 57.10 -22.28
CA GLU A 796 8.36 57.78 -21.69
C GLU A 796 9.56 56.85 -21.45
N SER A 797 9.39 55.51 -21.47
CA SER A 797 10.47 54.51 -21.42
C SER A 797 11.17 54.22 -22.77
N ILE A 798 10.98 55.06 -23.79
CA ILE A 798 11.78 55.01 -25.01
C ILE A 798 13.25 55.42 -24.74
N SER A 799 13.50 56.22 -23.68
CA SER A 799 14.85 56.61 -23.23
C SER A 799 15.76 55.39 -22.99
N THR A 800 17.01 55.46 -23.44
CA THR A 800 17.87 54.30 -23.70
C THR A 800 18.14 53.44 -22.47
N GLY A 801 18.70 54.03 -21.41
CA GLY A 801 19.03 53.37 -20.14
C GLY A 801 17.91 53.40 -19.09
N SER A 802 16.69 53.72 -19.47
CA SER A 802 15.54 53.82 -18.56
C SER A 802 15.11 52.46 -17.99
N PHE A 803 14.38 52.45 -16.86
CA PHE A 803 13.86 51.23 -16.23
C PHE A 803 13.04 50.38 -17.22
N PRO A 804 13.13 49.04 -17.19
CA PRO A 804 12.44 48.15 -18.13
C PRO A 804 10.94 47.98 -17.84
N ILE A 805 10.13 49.03 -18.04
CA ILE A 805 8.67 48.91 -17.92
C ILE A 805 8.09 48.04 -19.04
N THR A 806 7.34 47.06 -18.60
CA THR A 806 6.97 45.81 -19.26
C THR A 806 5.56 45.43 -18.80
N VAL A 807 4.86 44.49 -19.43
CA VAL A 807 3.53 44.06 -18.95
C VAL A 807 3.55 43.57 -17.49
N ARG A 808 4.66 42.99 -17.03
CA ARG A 808 4.87 42.62 -15.61
C ARG A 808 4.93 43.81 -14.64
N HIS A 809 4.93 45.05 -15.14
CA HIS A 809 4.84 46.30 -14.40
C HIS A 809 3.49 47.01 -14.52
N LEU A 810 2.61 46.63 -15.46
CA LEU A 810 1.17 46.91 -15.33
C LEU A 810 0.62 46.05 -14.22
N GLU A 811 0.86 44.75 -14.33
CA GLU A 811 0.44 43.70 -13.40
C GLU A 811 0.86 43.99 -11.95
N SER A 812 1.95 44.73 -11.76
CA SER A 812 2.41 45.20 -10.46
C SER A 812 1.48 46.20 -9.82
N ILE A 813 0.93 47.16 -10.58
CA ILE A 813 -0.03 48.14 -10.05
C ILE A 813 -1.23 47.41 -9.46
N LEU A 814 -1.66 46.31 -10.10
CA LEU A 814 -2.77 45.47 -9.66
C LEU A 814 -2.42 44.67 -8.39
N ARG A 815 -1.21 44.11 -8.27
CA ARG A 815 -0.71 43.48 -7.03
C ARG A 815 -0.63 44.46 -5.87
N ILE A 816 -0.07 45.65 -6.07
CA ILE A 816 0.10 46.66 -5.03
C ILE A 816 -1.26 47.17 -4.57
N ALA A 817 -2.23 47.38 -5.47
CA ALA A 817 -3.59 47.74 -5.08
C ALA A 817 -4.26 46.67 -4.20
N GLU A 818 -4.06 45.39 -4.48
CA GLU A 818 -4.52 44.30 -3.62
C GLU A 818 -3.80 44.27 -2.26
N SER A 819 -2.52 44.62 -2.19
CA SER A 819 -1.81 44.68 -0.92
C SER A 819 -2.31 45.80 0.00
N PHE A 820 -2.66 46.97 -0.55
CA PHE A 820 -3.28 48.05 0.21
C PHE A 820 -4.68 47.67 0.71
N ALA A 821 -5.50 47.01 -0.10
CA ALA A 821 -6.79 46.50 0.39
C ALA A 821 -6.63 45.47 1.52
N LYS A 822 -5.59 44.62 1.50
CA LYS A 822 -5.21 43.74 2.62
C LYS A 822 -4.81 44.51 3.88
N MET A 823 -4.13 45.65 3.75
CA MET A 823 -3.75 46.48 4.90
C MET A 823 -4.98 47.09 5.59
N ARG A 824 -5.97 47.54 4.82
CA ARG A 824 -7.32 47.92 5.30
C ARG A 824 -8.21 46.73 5.66
N LEU A 825 -7.68 45.51 5.51
CA LEU A 825 -8.28 44.22 5.83
C LEU A 825 -9.63 44.01 5.09
N SER A 826 -9.75 44.65 3.93
CA SER A 826 -10.89 44.63 3.01
C SER A 826 -10.83 43.46 2.04
N GLU A 827 -11.99 42.89 1.68
CA GLU A 827 -12.09 41.91 0.57
C GLU A 827 -12.26 42.56 -0.82
N PHE A 828 -12.22 43.88 -0.91
CA PHE A 828 -12.41 44.60 -2.16
C PHE A 828 -11.42 45.76 -2.30
N VAL A 829 -10.77 45.86 -3.45
CA VAL A 829 -9.92 47.00 -3.83
C VAL A 829 -10.78 48.21 -4.16
N SER A 830 -10.54 49.33 -3.48
CA SER A 830 -11.19 50.62 -3.77
C SER A 830 -10.42 51.45 -4.79
N SER A 831 -10.99 52.54 -5.30
CA SER A 831 -10.23 53.48 -6.14
C SER A 831 -9.14 54.25 -5.38
N TYR A 832 -9.18 54.32 -4.05
CA TYR A 832 -8.12 54.93 -3.24
C TYR A 832 -6.90 54.02 -3.13
N ASP A 833 -7.12 52.71 -3.15
CA ASP A 833 -6.03 51.72 -3.22
C ASP A 833 -5.39 51.70 -4.62
N LEU A 834 -6.20 51.82 -5.67
CA LEU A 834 -5.73 51.99 -7.04
C LEU A 834 -4.97 53.31 -7.24
N ASP A 835 -5.37 54.40 -6.61
CA ASP A 835 -4.60 55.64 -6.58
C ASP A 835 -3.28 55.53 -5.80
N ARG A 836 -3.28 54.98 -4.58
CA ARG A 836 -2.05 54.74 -3.81
C ARG A 836 -1.09 53.84 -4.60
N ALA A 837 -1.58 52.79 -5.26
CA ALA A 837 -0.72 51.91 -6.03
C ALA A 837 -0.12 52.60 -7.28
N ILE A 838 -0.92 53.33 -8.05
CA ILE A 838 -0.42 54.13 -9.16
C ILE A 838 0.60 55.16 -8.67
N LYS A 839 0.39 55.83 -7.53
CA LYS A 839 1.36 56.75 -6.94
C LYS A 839 2.67 56.04 -6.62
N VAL A 840 2.64 54.89 -5.95
CA VAL A 840 3.86 54.10 -5.66
C VAL A 840 4.60 53.70 -6.93
N VAL A 841 3.90 53.23 -7.96
CA VAL A 841 4.58 52.75 -9.17
C VAL A 841 5.11 53.90 -10.04
N VAL A 842 4.38 55.00 -10.14
CA VAL A 842 4.83 56.19 -10.87
C VAL A 842 5.98 56.89 -10.14
N ASP A 843 5.88 57.12 -8.82
CA ASP A 843 6.98 57.70 -8.05
C ASP A 843 8.26 56.87 -8.15
N SER A 844 8.15 55.53 -8.07
CA SER A 844 9.34 54.69 -8.18
C SER A 844 9.94 54.67 -9.60
N PHE A 845 9.14 54.87 -10.65
CA PHE A 845 9.65 55.03 -12.02
C PHE A 845 10.32 56.40 -12.22
N VAL A 846 9.69 57.48 -11.79
CA VAL A 846 10.19 58.84 -11.94
C VAL A 846 11.48 59.03 -11.14
N ASP A 847 11.59 58.48 -9.92
CA ASP A 847 12.80 58.64 -9.11
C ASP A 847 14.04 57.91 -9.68
N ALA A 848 13.84 56.96 -10.59
CA ALA A 848 14.91 56.24 -11.27
C ALA A 848 15.48 56.97 -12.49
N GLN A 849 14.92 58.11 -12.92
CA GLN A 849 15.39 58.87 -14.08
C GLN A 849 16.56 59.80 -13.74
N LYS A 850 17.31 60.23 -14.77
CA LYS A 850 18.41 61.19 -14.63
C LYS A 850 17.91 62.61 -14.35
N VAL A 851 18.64 63.43 -13.58
CA VAL A 851 18.20 64.80 -13.23
C VAL A 851 17.82 65.66 -14.45
N SER A 852 18.44 65.44 -15.60
CA SER A 852 18.14 66.11 -16.87
C SER A 852 16.71 65.94 -17.38
N VAL A 853 16.01 64.89 -16.95
CA VAL A 853 14.63 64.58 -17.36
C VAL A 853 13.68 64.40 -16.18
N ARG A 854 14.16 64.27 -14.93
CA ARG A 854 13.30 64.19 -13.72
C ARG A 854 12.31 65.35 -13.60
N ARG A 855 12.68 66.58 -13.98
CA ARG A 855 11.73 67.72 -13.99
C ARG A 855 10.61 67.53 -15.00
N GLN A 856 10.95 67.14 -16.22
CA GLN A 856 10.00 66.88 -17.30
C GLN A 856 9.03 65.75 -16.93
N LEU A 857 9.54 64.70 -16.28
CA LEU A 857 8.75 63.56 -15.84
C LEU A 857 7.85 63.89 -14.65
N ARG A 858 8.33 64.62 -13.63
CA ARG A 858 7.46 65.08 -12.52
C ARG A 858 6.32 65.95 -13.06
N ARG A 859 6.62 66.89 -13.97
CA ARG A 859 5.67 67.76 -14.67
C ARG A 859 4.68 66.98 -15.54
N SER A 860 5.13 65.98 -16.28
CA SER A 860 4.29 65.14 -17.14
C SER A 860 3.33 64.24 -16.36
N PHE A 861 3.77 63.64 -15.26
CA PHE A 861 3.02 62.63 -14.48
C PHE A 861 2.22 63.21 -13.29
N ALA A 862 2.13 64.53 -13.11
CA ALA A 862 1.58 65.16 -11.90
C ALA A 862 0.19 64.66 -11.47
N ILE A 863 -0.71 64.36 -12.41
CA ILE A 863 -2.05 63.83 -12.11
C ILE A 863 -2.01 62.47 -11.38
N TYR A 864 -0.91 61.72 -11.50
CA TYR A 864 -0.71 60.42 -10.86
C TYR A 864 0.19 60.48 -9.63
N THR A 865 1.21 61.35 -9.59
CA THR A 865 2.08 61.51 -8.42
C THR A 865 1.38 62.27 -7.29
N LEU A 866 0.55 63.25 -7.62
CA LEU A 866 -0.20 64.07 -6.65
C LEU A 866 -1.62 63.52 -6.38
N GLY A 867 -1.94 62.33 -6.87
CA GLY A 867 -3.24 61.68 -6.71
C GLY A 867 -3.59 61.26 -5.27
N HIS A 868 -2.58 61.07 -4.40
CA HIS A 868 -2.77 60.83 -2.96
C HIS A 868 -1.83 61.68 -2.12
N ASP B 18 8.49 -42.71 -13.51
CA ASP B 18 8.60 -44.08 -14.04
C ASP B 18 7.71 -44.28 -15.26
N ALA B 19 6.39 -44.44 -15.10
CA ALA B 19 5.50 -44.92 -16.16
C ALA B 19 5.41 -44.01 -17.40
N VAL B 20 5.04 -42.73 -17.29
CA VAL B 20 4.92 -41.82 -18.44
C VAL B 20 6.26 -41.44 -19.06
N PHE B 21 7.33 -41.38 -18.27
CA PHE B 21 8.68 -41.12 -18.76
C PHE B 21 9.09 -42.23 -19.72
N GLY B 22 8.96 -43.49 -19.32
CA GLY B 22 9.33 -44.63 -20.16
C GLY B 22 8.52 -44.77 -21.45
N ASP B 23 7.29 -44.27 -21.49
CA ASP B 23 6.53 -44.18 -22.74
C ASP B 23 7.03 -43.05 -23.63
N ARG B 24 7.26 -41.86 -23.06
CA ARG B 24 7.74 -40.71 -23.83
C ARG B 24 9.12 -40.99 -24.41
N VAL B 25 9.94 -41.80 -23.75
CA VAL B 25 11.20 -42.29 -24.31
C VAL B 25 10.95 -43.10 -25.59
N ARG B 26 10.07 -44.11 -25.59
CA ARG B 26 9.85 -44.88 -26.83
C ARG B 26 9.15 -44.05 -27.90
N ARG B 27 8.24 -43.14 -27.51
CA ARG B 27 7.61 -42.17 -28.42
C ARG B 27 8.61 -41.27 -29.11
N PHE B 28 9.66 -40.81 -28.45
CA PHE B 28 10.73 -40.04 -29.09
C PHE B 28 11.71 -40.93 -29.86
N GLN B 29 11.99 -42.14 -29.39
CA GLN B 29 12.80 -43.11 -30.12
C GLN B 29 12.22 -43.39 -31.52
N GLU B 30 10.89 -43.53 -31.62
CA GLU B 30 10.19 -43.71 -32.90
C GLU B 30 10.28 -42.49 -33.83
N PHE B 31 10.41 -41.28 -33.30
CA PHE B 31 10.66 -40.06 -34.08
C PHE B 31 12.05 -40.11 -34.70
N LEU B 32 13.08 -40.45 -33.93
CA LEU B 32 14.47 -40.55 -34.38
C LEU B 32 14.66 -41.67 -35.42
N ASP B 33 13.93 -42.78 -35.29
CA ASP B 33 13.86 -43.82 -36.31
C ASP B 33 13.20 -43.35 -37.61
N THR B 34 12.20 -42.48 -37.52
CA THR B 34 11.42 -42.00 -38.67
C THR B 34 12.18 -40.94 -39.47
N PHE B 35 12.59 -39.86 -38.81
CA PHE B 35 13.39 -38.79 -39.41
C PHE B 35 14.87 -39.17 -39.34
N THR B 36 15.31 -40.00 -40.29
CA THR B 36 16.63 -40.64 -40.20
C THR B 36 17.81 -39.68 -40.22
N SER B 37 17.62 -38.44 -40.65
CA SER B 37 18.65 -37.39 -40.62
C SER B 37 19.16 -37.08 -39.22
N TYR B 38 18.41 -37.40 -38.17
CA TYR B 38 18.91 -37.32 -36.80
C TYR B 38 19.84 -38.47 -36.46
N ARG B 39 19.61 -39.70 -36.93
CA ARG B 39 20.60 -40.79 -36.80
C ARG B 39 21.87 -40.46 -37.56
N ASP B 40 21.74 -39.89 -38.75
CA ASP B 40 22.87 -39.48 -39.58
C ASP B 40 23.69 -38.37 -38.93
N SER B 41 23.05 -37.39 -38.32
CA SER B 41 23.72 -36.34 -37.56
C SER B 41 24.45 -36.90 -36.34
N VAL B 42 23.80 -37.80 -35.57
CA VAL B 42 24.47 -38.50 -34.46
C VAL B 42 25.66 -39.29 -34.97
N ARG B 43 25.53 -40.01 -36.09
CA ARG B 43 26.64 -40.80 -36.65
C ARG B 43 27.82 -39.92 -37.03
N SER B 44 27.55 -38.79 -37.68
CA SER B 44 28.58 -37.85 -38.14
C SER B 44 29.42 -37.31 -36.97
N ILE B 45 28.77 -36.92 -35.87
CA ILE B 45 29.45 -36.49 -34.65
C ILE B 45 30.30 -37.63 -34.06
N GLN B 46 29.76 -38.83 -33.95
CA GLN B 46 30.45 -39.97 -33.34
C GLN B 46 31.70 -40.41 -34.09
N VAL B 47 31.67 -40.48 -35.43
CA VAL B 47 32.87 -40.85 -36.19
C VAL B 47 33.91 -39.75 -36.17
N TYR B 48 33.52 -38.49 -36.30
CA TYR B 48 34.46 -37.37 -36.25
C TYR B 48 35.22 -37.31 -34.93
N ASN B 49 34.53 -37.52 -33.81
CA ASN B 49 35.19 -37.58 -32.51
C ASN B 49 36.08 -38.81 -32.38
N SER B 50 35.66 -39.98 -32.88
CA SER B 50 36.49 -41.19 -32.90
C SER B 50 37.75 -41.03 -33.75
N ASN B 51 37.68 -40.30 -34.86
CA ASN B 51 38.84 -39.97 -35.68
C ASN B 51 39.81 -39.05 -34.94
N ASN B 52 39.37 -37.86 -34.58
CA ASN B 52 40.22 -36.80 -34.06
C ASN B 52 40.76 -37.07 -32.64
N ALA B 53 39.99 -37.72 -31.78
CA ALA B 53 40.46 -38.07 -30.43
C ALA B 53 41.30 -39.35 -30.42
N ALA B 54 40.77 -40.45 -30.96
CA ALA B 54 41.34 -41.79 -30.74
C ALA B 54 42.28 -42.26 -31.85
N ASN B 55 41.99 -41.96 -33.12
CA ASN B 55 42.77 -42.44 -34.26
C ASN B 55 43.96 -41.54 -34.62
N TYR B 56 43.76 -40.21 -34.61
CA TYR B 56 44.79 -39.22 -34.92
C TYR B 56 45.92 -39.19 -33.88
N ASN B 90 38.51 -28.96 -32.27
CA ASN B 90 38.94 -30.27 -32.79
C ASN B 90 38.02 -31.44 -32.42
N ILE B 91 37.01 -31.22 -31.57
CA ILE B 91 36.00 -32.20 -31.11
C ILE B 91 34.61 -31.57 -31.16
N LEU B 92 33.59 -32.33 -31.53
CA LEU B 92 32.20 -31.89 -31.65
C LEU B 92 31.40 -32.23 -30.40
N PRO B 93 30.45 -31.38 -29.98
CA PRO B 93 29.63 -31.64 -28.80
C PRO B 93 28.62 -32.75 -29.07
N HIS B 94 28.24 -33.49 -28.03
CA HIS B 94 27.14 -34.45 -28.07
C HIS B 94 25.79 -33.73 -28.02
N ARG B 95 25.47 -32.97 -29.07
CA ARG B 95 24.26 -32.15 -29.19
C ARG B 95 23.67 -32.26 -30.59
N ILE B 96 22.34 -32.32 -30.68
CA ILE B 96 21.58 -32.40 -31.93
C ILE B 96 20.55 -31.28 -31.95
N ILE B 97 20.52 -30.49 -33.03
CA ILE B 97 19.46 -29.52 -33.24
C ILE B 97 18.33 -30.22 -33.98
N ILE B 98 17.20 -30.50 -33.33
CA ILE B 98 16.02 -31.04 -33.99
C ILE B 98 15.18 -29.92 -34.59
N SER B 99 14.58 -30.16 -35.74
CA SER B 99 13.55 -29.30 -36.28
C SER B 99 12.27 -29.51 -35.52
N LEU B 100 11.73 -28.46 -34.94
CA LEU B 100 10.50 -28.54 -34.19
C LEU B 100 9.30 -28.71 -35.12
N ASP B 101 9.48 -28.45 -36.42
CA ASP B 101 8.53 -28.70 -37.49
C ASP B 101 8.45 -30.17 -37.92
N ASP B 102 9.57 -30.90 -38.01
CA ASP B 102 9.52 -32.35 -38.14
C ASP B 102 8.74 -32.97 -36.98
N LEU B 103 8.95 -32.47 -35.76
CA LEU B 103 8.33 -33.03 -34.57
C LEU B 103 6.84 -32.74 -34.50
N ARG B 104 6.38 -31.55 -34.92
CA ARG B 104 4.96 -31.21 -35.05
C ARG B 104 4.23 -32.18 -35.94
N GLU B 105 4.85 -32.59 -37.03
CA GLU B 105 4.19 -33.41 -38.03
C GLU B 105 4.23 -34.89 -37.69
N PHE B 106 5.15 -35.31 -36.83
CA PHE B 106 5.23 -36.68 -36.34
C PHE B 106 4.26 -36.96 -35.19
N ASP B 107 4.21 -36.10 -34.18
CA ASP B 107 3.29 -36.23 -33.06
C ASP B 107 3.00 -34.86 -32.43
N ARG B 108 1.88 -34.24 -32.83
CA ARG B 108 1.45 -32.95 -32.31
C ARG B 108 1.33 -32.97 -30.79
N SER B 109 1.05 -34.11 -30.18
CA SER B 109 0.94 -34.22 -28.73
C SER B 109 2.29 -34.31 -28.02
N PHE B 110 3.36 -34.75 -28.69
CA PHE B 110 4.72 -34.65 -28.17
C PHE B 110 5.25 -33.24 -28.38
N TRP B 111 5.06 -32.66 -29.55
CA TRP B 111 5.46 -31.30 -29.88
C TRP B 111 4.87 -30.26 -28.94
N SER B 112 3.58 -30.32 -28.66
CA SER B 112 2.95 -29.42 -27.69
C SER B 112 3.37 -29.71 -26.25
N GLY B 113 3.79 -30.93 -25.94
CA GLY B 113 4.44 -31.26 -24.67
C GLY B 113 5.81 -30.61 -24.53
N ILE B 114 6.67 -30.69 -25.55
CA ILE B 114 7.97 -29.99 -25.61
C ILE B 114 7.82 -28.49 -25.44
N LEU B 115 6.78 -27.86 -25.99
CA LEU B 115 6.63 -26.42 -25.89
C LEU B 115 5.99 -25.95 -24.58
N VAL B 116 5.00 -26.66 -24.04
CA VAL B 116 4.18 -26.19 -22.91
C VAL B 116 4.48 -26.91 -21.58
N GLU B 117 5.07 -28.10 -21.60
CA GLU B 117 5.48 -28.87 -20.43
C GLU B 117 6.90 -29.47 -20.59
N PRO B 118 7.92 -28.69 -20.97
CA PRO B 118 9.23 -29.20 -21.34
C PRO B 118 9.94 -29.97 -20.25
N ALA B 119 9.72 -29.67 -18.97
CA ALA B 119 10.33 -30.41 -17.88
C ALA B 119 9.86 -31.87 -17.77
N TYR B 120 8.81 -32.25 -18.49
CA TYR B 120 8.27 -33.60 -18.58
C TYR B 120 8.50 -34.27 -19.94
N PHE B 121 8.89 -33.53 -20.97
CA PHE B 121 9.08 -34.02 -22.34
C PHE B 121 10.50 -33.89 -22.88
N ILE B 122 11.29 -32.90 -22.47
CA ILE B 122 12.70 -32.84 -22.89
C ILE B 122 13.54 -33.92 -22.22
N PRO B 123 13.43 -34.22 -20.92
CA PRO B 123 14.17 -35.30 -20.28
C PRO B 123 14.00 -36.68 -20.93
N PRO B 124 12.79 -37.20 -21.21
CA PRO B 124 12.66 -38.47 -21.91
C PRO B 124 13.11 -38.40 -23.38
N ALA B 125 13.03 -37.24 -24.03
CA ALA B 125 13.56 -37.06 -25.38
C ALA B 125 15.09 -37.08 -25.41
N GLU B 126 15.77 -36.49 -24.43
CA GLU B 126 17.22 -36.57 -24.31
C GLU B 126 17.69 -37.97 -23.90
N LYS B 127 16.92 -38.68 -23.07
CA LYS B 127 17.17 -40.08 -22.76
C LYS B 127 17.03 -40.97 -23.99
N ALA B 128 16.00 -40.78 -24.81
CA ALA B 128 15.83 -41.51 -26.05
C ALA B 128 16.99 -41.28 -27.03
N LEU B 129 17.45 -40.04 -27.17
CA LEU B 129 18.59 -39.70 -28.03
C LEU B 129 19.91 -40.29 -27.50
N THR B 130 20.11 -40.30 -26.19
CA THR B 130 21.28 -40.89 -25.53
C THR B 130 21.31 -42.42 -25.68
N ASP B 131 20.17 -43.09 -25.48
CA ASP B 131 20.03 -44.53 -25.70
C ASP B 131 20.19 -44.92 -27.18
N LEU B 132 19.84 -44.03 -28.12
CA LEU B 132 20.17 -44.20 -29.54
C LEU B 132 21.68 -44.18 -29.74
N ALA B 133 22.36 -43.13 -29.29
CA ALA B 133 23.79 -42.97 -29.51
C ALA B 133 24.60 -44.12 -28.90
N ASP B 134 24.21 -44.67 -27.75
CA ASP B 134 24.83 -45.85 -27.16
C ASP B 134 24.61 -47.13 -27.96
N SER B 135 23.52 -47.26 -28.72
CA SER B 135 23.30 -48.38 -29.63
C SER B 135 24.24 -48.30 -30.84
N MET B 136 24.53 -47.10 -31.31
CA MET B 136 25.44 -46.85 -32.43
C MET B 136 26.91 -46.91 -32.04
N ASP B 137 27.25 -46.49 -30.82
CA ASP B 137 28.63 -46.39 -30.34
C ASP B 137 29.34 -47.74 -30.33
N ASP B 138 30.54 -47.79 -30.89
CA ASP B 138 31.46 -48.92 -30.77
C ASP B 138 32.89 -48.40 -30.68
N VAL B 139 33.66 -48.88 -29.74
CA VAL B 139 35.07 -48.54 -29.54
C VAL B 139 35.76 -49.63 -28.72
N PRO B 140 36.92 -50.17 -29.16
CA PRO B 140 37.69 -51.11 -28.37
C PRO B 140 38.39 -50.41 -27.21
N HIS B 141 38.46 -51.06 -26.05
CA HIS B 141 39.18 -50.60 -24.85
C HIS B 141 38.92 -49.11 -24.51
N PRO B 142 37.68 -48.70 -24.17
CA PRO B 142 37.42 -47.34 -23.72
C PRO B 142 38.11 -47.07 -22.38
N ASN B 143 38.56 -45.82 -22.21
CA ASN B 143 39.25 -45.34 -21.02
C ASN B 143 38.29 -45.05 -19.85
N ALA B 144 38.81 -45.00 -18.62
CA ALA B 144 38.00 -44.83 -17.42
C ALA B 144 37.17 -43.54 -17.41
N SER B 145 37.71 -42.41 -17.83
CA SER B 145 36.95 -41.15 -17.92
C SER B 145 35.80 -41.20 -18.90
N ALA B 146 35.89 -42.00 -19.97
CA ALA B 146 34.79 -42.17 -20.91
C ALA B 146 33.65 -42.97 -20.30
N VAL B 147 33.99 -44.11 -19.67
CA VAL B 147 33.09 -45.04 -18.96
C VAL B 147 32.40 -44.35 -17.78
N SER B 148 33.10 -43.43 -17.12
CA SER B 148 32.64 -42.65 -15.98
C SER B 148 31.95 -41.32 -16.34
N SER B 149 31.88 -40.96 -17.63
CA SER B 149 31.76 -39.57 -18.09
C SER B 149 30.54 -38.78 -17.63
N ARG B 150 29.38 -39.40 -17.35
CA ARG B 150 28.07 -38.72 -17.14
C ARG B 150 27.82 -37.64 -18.22
N HIS B 151 27.98 -38.04 -19.48
CA HIS B 151 27.95 -37.14 -20.64
C HIS B 151 26.88 -37.59 -21.66
N PRO B 152 25.59 -37.39 -21.34
CA PRO B 152 24.47 -37.74 -22.22
C PRO B 152 24.36 -36.73 -23.37
N TRP B 153 23.45 -36.99 -24.29
CA TRP B 153 23.19 -36.14 -25.46
C TRP B 153 22.15 -35.07 -25.14
N LYS B 154 22.39 -33.86 -25.65
CA LYS B 154 21.55 -32.69 -25.38
C LYS B 154 20.78 -32.27 -26.61
N LEU B 155 19.54 -31.85 -26.42
CA LEU B 155 18.70 -31.33 -27.50
C LEU B 155 18.80 -29.81 -27.63
N SER B 156 18.57 -29.38 -28.86
CA SER B 156 18.46 -28.00 -29.32
C SER B 156 17.37 -27.94 -30.41
N PHE B 157 16.81 -26.77 -30.72
CA PHE B 157 15.55 -26.67 -31.47
C PHE B 157 15.57 -25.62 -32.58
N LYS B 158 14.88 -25.89 -33.71
CA LYS B 158 14.66 -24.92 -34.80
C LYS B 158 13.19 -24.61 -35.01
N GLY B 159 12.95 -23.35 -35.38
CA GLY B 159 11.83 -22.86 -36.15
C GLY B 159 10.50 -22.71 -35.45
N SER B 160 9.73 -21.72 -35.87
CA SER B 160 8.27 -21.70 -35.73
C SER B 160 7.70 -21.65 -34.33
N PHE B 161 8.36 -21.02 -33.36
CA PHE B 161 7.88 -20.97 -31.99
C PHE B 161 6.49 -20.35 -31.80
N GLY B 162 5.98 -19.54 -32.71
CA GLY B 162 4.65 -18.97 -32.59
C GLY B 162 4.57 -18.00 -31.44
N ALA B 163 3.57 -18.08 -30.59
CA ALA B 163 3.46 -17.23 -29.43
C ALA B 163 4.60 -17.39 -28.43
N HIS B 164 5.42 -18.44 -28.51
CA HIS B 164 6.58 -18.62 -27.65
C HIS B 164 7.82 -17.87 -28.13
N ALA B 165 7.79 -17.22 -29.28
CA ALA B 165 8.77 -16.22 -29.67
C ALA B 165 8.50 -14.90 -28.93
N LEU B 166 9.48 -14.43 -28.18
CA LEU B 166 9.36 -13.35 -27.20
C LEU B 166 10.59 -12.46 -27.18
N SER B 167 10.59 -11.47 -26.30
CA SER B 167 11.72 -10.60 -25.97
C SER B 167 11.74 -10.38 -24.46
N PRO B 168 12.84 -9.90 -23.87
CA PRO B 168 12.93 -9.58 -22.44
C PRO B 168 11.79 -8.75 -21.85
N ARG B 169 11.05 -7.95 -22.63
CA ARG B 169 9.90 -7.19 -22.14
C ARG B 169 8.60 -7.97 -22.14
N THR B 170 8.34 -8.74 -23.18
CA THR B 170 7.07 -9.49 -23.32
C THR B 170 7.09 -10.83 -22.58
N LEU B 171 8.25 -11.33 -22.17
CA LEU B 171 8.39 -12.49 -21.30
C LEU B 171 7.81 -12.22 -19.89
N THR B 172 6.84 -13.01 -19.49
CA THR B 172 5.85 -12.71 -18.43
C THR B 172 5.65 -13.95 -17.55
N ALA B 173 5.11 -13.86 -16.34
CA ALA B 173 4.97 -15.04 -15.47
C ALA B 173 4.06 -16.13 -16.05
N GLN B 174 3.14 -15.79 -16.95
CA GLN B 174 2.36 -16.74 -17.74
C GLN B 174 3.18 -17.67 -18.65
N HIS B 175 4.45 -17.34 -18.90
CA HIS B 175 5.40 -18.12 -19.69
C HIS B 175 6.26 -19.05 -18.85
N LEU B 176 6.24 -18.96 -17.51
CA LEU B 176 7.08 -19.81 -16.68
C LEU B 176 6.79 -21.28 -16.92
N ASN B 177 7.87 -22.05 -16.91
CA ASN B 177 7.93 -23.47 -17.22
C ASN B 177 7.62 -23.83 -18.68
N LYS B 178 7.76 -22.92 -19.65
CA LYS B 178 7.56 -23.16 -21.08
C LYS B 178 8.84 -22.98 -21.86
N LEU B 179 8.98 -23.65 -23.00
CA LEU B 179 10.11 -23.48 -23.91
C LEU B 179 9.90 -22.20 -24.68
N VAL B 180 10.78 -21.21 -24.54
CA VAL B 180 10.67 -19.89 -25.17
C VAL B 180 11.91 -19.54 -25.99
N SER B 181 11.72 -18.80 -27.08
CA SER B 181 12.78 -18.12 -27.81
C SER B 181 12.77 -16.67 -27.40
N VAL B 182 13.92 -16.13 -26.97
CA VAL B 182 14.06 -14.71 -26.65
C VAL B 182 15.13 -14.07 -27.51
N GLU B 183 14.86 -12.86 -27.96
CA GLU B 183 15.76 -12.10 -28.83
C GLU B 183 16.21 -10.83 -28.13
N GLY B 184 17.50 -10.54 -28.16
CA GLY B 184 18.04 -9.39 -27.45
C GLY B 184 19.49 -9.11 -27.76
N ILE B 185 20.08 -8.21 -27.01
CA ILE B 185 21.51 -7.85 -27.01
C ILE B 185 22.16 -8.35 -25.73
N VAL B 186 23.26 -9.08 -25.83
CA VAL B 186 23.99 -9.61 -24.69
C VAL B 186 24.75 -8.52 -23.95
N THR B 187 24.71 -8.57 -22.63
CA THR B 187 25.46 -7.74 -21.69
C THR B 187 25.94 -8.64 -20.54
N LYS B 188 26.90 -8.18 -19.75
CA LYS B 188 27.29 -8.80 -18.50
C LYS B 188 27.51 -10.31 -18.52
N THR B 189 28.18 -10.87 -19.51
CA THR B 189 28.57 -12.29 -19.48
C THR B 189 29.48 -12.58 -18.29
N SER B 190 29.08 -13.45 -17.38
CA SER B 190 29.90 -13.78 -16.24
C SER B 190 31.04 -14.73 -16.61
N LEU B 191 32.00 -14.89 -15.72
CA LEU B 191 33.13 -15.77 -15.93
C LEU B 191 32.71 -17.23 -15.93
N VAL B 192 33.44 -18.07 -16.63
CA VAL B 192 33.15 -19.50 -16.69
C VAL B 192 33.61 -20.15 -15.39
N ARG B 193 32.80 -20.97 -14.78
CA ARG B 193 33.19 -21.79 -13.64
C ARG B 193 32.79 -23.23 -13.88
N PRO B 194 33.58 -24.23 -13.51
CA PRO B 194 33.18 -25.62 -13.56
C PRO B 194 32.20 -25.93 -12.44
N LYS B 195 31.08 -26.55 -12.78
CA LYS B 195 30.06 -27.01 -11.84
C LYS B 195 30.19 -28.52 -11.69
N LEU B 196 30.30 -28.99 -10.45
CA LEU B 196 30.37 -30.41 -10.11
C LEU B 196 29.04 -31.09 -10.40
N ILE B 197 29.02 -32.20 -11.14
CA ILE B 197 27.78 -32.97 -11.34
C ILE B 197 27.91 -34.45 -11.05
N ARG B 198 29.11 -35.02 -11.04
CA ARG B 198 29.39 -36.33 -10.46
C ARG B 198 30.77 -36.35 -9.83
N SER B 199 30.90 -36.87 -8.62
CA SER B 199 32.18 -37.16 -8.00
C SER B 199 32.37 -38.67 -7.99
N VAL B 200 33.53 -39.14 -8.40
CA VAL B 200 33.92 -40.54 -8.27
C VAL B 200 34.87 -40.67 -7.11
N HIS B 201 34.73 -41.73 -6.33
CA HIS B 201 35.55 -42.03 -5.18
C HIS B 201 36.17 -43.40 -5.30
N TYR B 202 37.35 -43.61 -4.75
CA TYR B 202 37.96 -44.93 -4.67
C TYR B 202 38.04 -45.39 -3.22
N ALA B 203 37.47 -46.55 -2.96
CA ALA B 203 37.49 -47.27 -1.70
C ALA B 203 38.72 -48.18 -1.61
N ALA B 204 39.83 -47.61 -1.15
CA ALA B 204 40.97 -48.38 -0.69
C ALA B 204 40.56 -49.41 0.38
N LYS B 205 41.31 -50.51 0.50
CA LYS B 205 40.93 -51.71 1.28
C LYS B 205 39.74 -52.47 0.69
N THR B 206 39.23 -52.11 -0.49
CA THR B 206 38.20 -52.87 -1.23
C THR B 206 38.37 -52.90 -2.75
N GLY B 207 38.96 -51.85 -3.35
CA GLY B 207 39.12 -51.75 -4.80
C GLY B 207 37.87 -51.33 -5.58
N ARG B 208 36.79 -50.92 -4.91
CA ARG B 208 35.57 -50.41 -5.56
C ARG B 208 35.62 -48.91 -5.79
N PHE B 209 35.37 -48.49 -7.02
CA PHE B 209 35.07 -47.10 -7.31
C PHE B 209 33.60 -46.84 -6.99
N HIS B 210 33.33 -45.96 -6.05
CA HIS B 210 32.02 -45.42 -5.79
C HIS B 210 31.79 -44.17 -6.62
N TYR B 211 30.54 -43.73 -6.75
CA TYR B 211 30.24 -42.40 -7.25
C TYR B 211 29.08 -41.77 -6.51
N ARG B 212 28.96 -40.46 -6.63
CA ARG B 212 27.81 -39.66 -6.24
C ARG B 212 27.48 -38.67 -7.35
N ASP B 213 26.20 -38.50 -7.62
CA ASP B 213 25.65 -37.46 -8.49
C ASP B 213 25.14 -36.28 -7.68
N TYR B 214 25.14 -35.10 -8.29
CA TYR B 214 24.79 -33.85 -7.63
C TYR B 214 23.73 -33.08 -8.37
N THR B 215 22.90 -32.38 -7.60
CA THR B 215 21.68 -31.72 -8.04
C THR B 215 21.66 -30.26 -7.62
N ASP B 216 21.35 -29.38 -8.55
CA ASP B 216 21.18 -27.94 -8.35
C ASP B 216 20.03 -27.43 -9.22
N ALA B 217 19.30 -26.42 -8.76
CA ALA B 217 18.10 -25.92 -9.42
C ALA B 217 18.32 -25.34 -10.83
N THR B 218 19.57 -25.15 -11.27
CA THR B 218 19.93 -24.77 -12.64
C THR B 218 20.54 -25.91 -13.49
N THR B 219 20.81 -27.08 -12.92
CA THR B 219 21.33 -28.24 -13.68
C THR B 219 20.24 -29.06 -14.35
N THR B 220 19.05 -29.14 -13.76
CA THR B 220 17.95 -30.03 -14.17
C THR B 220 16.69 -29.26 -14.52
N LEU B 221 15.90 -29.79 -15.46
CA LEU B 221 14.60 -29.21 -15.80
C LEU B 221 13.53 -29.50 -14.74
N THR B 222 13.55 -30.71 -14.17
CA THR B 222 12.73 -31.07 -13.01
C THR B 222 13.42 -30.76 -11.68
N THR B 223 12.65 -30.50 -10.63
CA THR B 223 13.11 -30.32 -9.27
C THR B 223 13.55 -31.65 -8.67
N ARG B 224 14.67 -31.64 -7.97
CA ARG B 224 15.18 -32.73 -7.13
C ARG B 224 15.62 -32.15 -5.80
N ILE B 225 15.70 -32.98 -4.77
CA ILE B 225 16.22 -32.54 -3.47
C ILE B 225 17.67 -32.08 -3.67
N PRO B 226 18.08 -30.85 -3.28
CA PRO B 226 19.37 -30.30 -3.65
C PRO B 226 20.51 -30.94 -2.85
N THR B 227 21.43 -31.61 -3.53
CA THR B 227 22.55 -32.36 -2.94
C THR B 227 23.61 -31.36 -2.45
N PRO B 228 24.17 -31.45 -1.24
CA PRO B 228 24.74 -30.29 -0.56
C PRO B 228 26.13 -29.83 -0.99
N ALA B 229 26.68 -30.30 -2.10
CA ALA B 229 28.03 -29.97 -2.59
C ALA B 229 29.21 -30.46 -1.72
N ILE B 230 28.97 -31.39 -0.79
CA ILE B 230 30.01 -31.96 0.07
C ILE B 230 30.38 -33.36 -0.43
N TYR B 231 31.67 -33.63 -0.62
CA TYR B 231 32.13 -34.96 -1.01
C TYR B 231 31.94 -35.99 0.10
N PRO B 232 31.56 -37.24 -0.23
CA PRO B 232 31.84 -38.41 0.58
C PRO B 232 33.30 -38.46 1.04
N THR B 233 33.52 -38.57 2.35
CA THR B 233 34.84 -38.74 2.99
C THR B 233 35.05 -40.17 3.45
N GLU B 234 33.97 -40.88 3.76
CA GLU B 234 33.96 -42.23 4.30
C GLU B 234 32.81 -43.06 3.69
N ASP B 235 33.10 -44.31 3.35
CA ASP B 235 32.20 -45.28 2.74
C ASP B 235 31.05 -45.69 3.68
N THR B 236 30.00 -46.29 3.14
CA THR B 236 28.90 -46.98 3.83
C THR B 236 29.39 -47.97 4.90
N GLU B 237 30.39 -48.77 4.57
CA GLU B 237 31.05 -49.74 5.46
C GLU B 237 31.97 -49.09 6.50
N GLY B 238 32.49 -47.89 6.21
CA GLY B 238 33.44 -47.16 7.04
C GLY B 238 34.86 -47.04 6.48
N ASN B 239 35.13 -47.57 5.28
CA ASN B 239 36.43 -47.40 4.60
C ASN B 239 36.69 -45.92 4.26
N LYS B 240 37.94 -45.47 4.28
CA LYS B 240 38.31 -44.12 3.84
C LYS B 240 38.14 -44.00 2.32
N LEU B 241 37.51 -42.92 1.83
CA LEU B 241 37.33 -42.65 0.41
C LEU B 241 38.27 -41.55 -0.10
N THR B 242 38.91 -41.79 -1.24
CA THR B 242 39.76 -40.81 -1.94
C THR B 242 39.06 -40.32 -3.19
N THR B 243 39.04 -39.02 -3.46
CA THR B 243 38.27 -38.46 -4.57
C THR B 243 39.04 -38.57 -5.88
N GLU B 244 38.47 -39.21 -6.89
CA GLU B 244 39.07 -39.39 -8.21
C GLU B 244 38.65 -38.27 -9.14
N TYR B 245 39.36 -37.15 -9.08
CA TYR B 245 39.28 -36.15 -10.13
C TYR B 245 39.70 -36.77 -11.47
N GLY B 246 39.19 -36.28 -12.59
CA GLY B 246 39.44 -36.88 -13.89
C GLY B 246 38.54 -38.07 -14.21
N TYR B 247 38.16 -38.89 -13.23
CA TYR B 247 36.99 -39.76 -13.39
C TYR B 247 35.70 -39.05 -12.98
N SER B 248 35.78 -38.11 -12.03
CA SER B 248 34.70 -37.18 -11.70
C SER B 248 34.30 -36.33 -12.90
N THR B 249 33.08 -35.81 -12.92
CA THR B 249 32.51 -35.01 -14.00
C THR B 249 32.14 -33.62 -13.57
N PHE B 250 32.64 -32.63 -14.30
CA PHE B 250 32.29 -31.23 -14.17
C PHE B 250 31.82 -30.70 -15.52
N ILE B 251 30.87 -29.78 -15.50
CA ILE B 251 30.37 -29.09 -16.69
C ILE B 251 30.63 -27.60 -16.54
N ASP B 252 31.07 -26.97 -17.62
CA ASP B 252 31.22 -25.52 -17.64
C ASP B 252 29.87 -24.83 -17.44
N HIS B 253 29.85 -23.68 -16.80
CA HIS B 253 28.65 -22.94 -16.51
C HIS B 253 28.88 -21.44 -16.58
N GLN B 254 27.97 -20.68 -17.16
CA GLN B 254 28.07 -19.26 -17.38
C GLN B 254 26.72 -18.62 -17.35
N ARG B 255 26.59 -17.40 -16.88
CA ARG B 255 25.35 -16.67 -16.77
C ARG B 255 25.47 -15.43 -17.62
N ILE B 256 24.52 -15.17 -18.49
CA ILE B 256 24.56 -14.02 -19.40
C ILE B 256 23.30 -13.20 -19.21
N THR B 257 23.38 -11.87 -19.35
CA THR B 257 22.19 -11.02 -19.31
C THR B 257 21.81 -10.65 -20.73
N VAL B 258 20.59 -10.93 -21.14
CA VAL B 258 20.08 -10.58 -22.47
C VAL B 258 19.10 -9.44 -22.32
N GLN B 259 19.42 -8.31 -22.92
CA GLN B 259 18.65 -7.08 -22.83
C GLN B 259 17.80 -6.86 -24.08
N GLU B 260 16.64 -6.26 -23.91
CA GLU B 260 15.78 -5.83 -25.00
C GLU B 260 16.53 -4.91 -25.96
N MET B 261 16.32 -5.09 -27.27
CA MET B 261 16.98 -4.25 -28.26
C MET B 261 16.45 -2.81 -28.17
N PRO B 262 17.28 -1.79 -27.93
CA PRO B 262 16.79 -0.43 -27.65
C PRO B 262 15.87 0.15 -28.72
N GLU B 263 16.04 -0.32 -29.95
CA GLU B 263 15.23 -0.04 -31.12
C GLU B 263 13.74 -0.39 -30.93
N MET B 264 13.45 -1.42 -30.13
CA MET B 264 12.11 -1.94 -29.89
C MET B 264 11.44 -1.43 -28.62
N ALA B 265 12.20 -0.82 -27.71
CA ALA B 265 11.69 -0.35 -26.42
C ALA B 265 10.58 0.69 -26.63
N PRO B 266 9.44 0.58 -25.91
CA PRO B 266 8.32 1.48 -26.05
C PRO B 266 8.62 2.87 -25.48
N ALA B 267 7.78 3.84 -25.80
CA ALA B 267 8.09 5.25 -25.58
C ALA B 267 8.38 5.58 -24.12
N GLY B 268 9.54 6.16 -23.86
CA GLY B 268 10.00 6.63 -22.56
C GLY B 268 10.33 5.55 -21.55
N GLN B 269 10.12 4.27 -21.88
CA GLN B 269 10.57 3.12 -21.11
C GLN B 269 12.02 2.74 -21.47
N LEU B 270 12.80 2.34 -20.47
CA LEU B 270 14.16 1.83 -20.62
C LEU B 270 14.19 0.30 -20.85
N PRO B 271 15.19 -0.25 -21.58
CA PRO B 271 15.28 -1.68 -21.89
C PRO B 271 15.20 -2.63 -20.68
N ARG B 272 14.35 -3.66 -20.78
CA ARG B 272 14.28 -4.78 -19.82
C ARG B 272 15.34 -5.84 -20.13
N SER B 273 15.60 -6.74 -19.20
CA SER B 273 16.54 -7.84 -19.39
C SER B 273 16.14 -9.10 -18.64
N ILE B 274 16.70 -10.23 -19.08
CA ILE B 274 16.55 -11.57 -18.48
C ILE B 274 17.94 -12.13 -18.24
N ASP B 275 18.14 -12.91 -17.19
CA ASP B 275 19.36 -13.70 -17.04
C ASP B 275 19.17 -15.12 -17.58
N VAL B 276 20.11 -15.54 -18.42
CA VAL B 276 20.14 -16.81 -19.14
C VAL B 276 21.29 -17.65 -18.60
N ILE B 277 21.07 -18.93 -18.35
CA ILE B 277 22.09 -19.89 -17.94
C ILE B 277 22.51 -20.73 -19.12
N LEU B 278 23.82 -20.82 -19.33
CA LEU B 278 24.45 -21.55 -20.41
C LEU B 278 25.46 -22.54 -19.81
N ASP B 279 25.58 -23.72 -20.38
CA ASP B 279 26.34 -24.82 -19.80
C ASP B 279 26.80 -25.84 -20.85
N ASP B 280 27.77 -26.69 -20.50
CA ASP B 280 28.51 -27.55 -21.43
C ASP B 280 29.14 -26.76 -22.59
N ASP B 281 28.57 -26.86 -23.77
CA ASP B 281 29.11 -26.40 -25.04
C ASP B 281 28.47 -25.11 -25.54
N LEU B 282 27.48 -24.57 -24.82
CA LEU B 282 26.91 -23.25 -25.07
C LEU B 282 27.73 -22.11 -24.44
N VAL B 283 28.69 -22.45 -23.58
CA VAL B 283 29.55 -21.48 -22.90
C VAL B 283 30.47 -20.78 -23.88
N ASP B 284 30.59 -19.47 -23.74
CA ASP B 284 31.39 -18.58 -24.62
C ASP B 284 31.02 -18.61 -26.12
N LYS B 285 29.85 -19.12 -26.47
CA LYS B 285 29.24 -18.91 -27.80
C LYS B 285 28.69 -17.49 -28.00
N THR B 286 28.89 -16.60 -27.03
CA THR B 286 28.44 -15.20 -27.02
C THR B 286 29.47 -14.31 -26.32
N LYS B 287 29.54 -13.04 -26.67
CA LYS B 287 30.27 -11.99 -25.95
C LYS B 287 29.40 -10.74 -25.81
N PRO B 288 29.67 -9.83 -24.86
CA PRO B 288 28.86 -8.64 -24.70
C PRO B 288 28.76 -7.83 -25.99
N GLY B 289 27.59 -7.27 -26.28
CA GLY B 289 27.28 -6.56 -27.51
C GLY B 289 26.80 -7.43 -28.67
N ASP B 290 26.91 -8.76 -28.60
CA ASP B 290 26.27 -9.67 -29.54
C ASP B 290 24.75 -9.50 -29.50
N ARG B 291 24.13 -9.28 -30.64
CA ARG B 291 22.69 -9.46 -30.83
C ARG B 291 22.42 -10.93 -31.06
N VAL B 292 21.46 -11.52 -30.35
CA VAL B 292 21.33 -12.97 -30.19
C VAL B 292 19.88 -13.41 -30.09
N ASN B 293 19.57 -14.62 -30.53
CA ASN B 293 18.33 -15.33 -30.27
C ASN B 293 18.67 -16.58 -29.43
N VAL B 294 18.11 -16.69 -28.24
CA VAL B 294 18.34 -17.79 -27.30
C VAL B 294 17.05 -18.58 -27.13
N VAL B 295 17.11 -19.89 -27.26
CA VAL B 295 15.98 -20.77 -26.95
C VAL B 295 16.26 -21.48 -25.64
N GLY B 296 15.31 -21.53 -24.73
CA GLY B 296 15.47 -22.26 -23.48
C GLY B 296 14.20 -22.33 -22.67
N VAL B 297 14.18 -23.16 -21.64
CA VAL B 297 13.02 -23.24 -20.75
C VAL B 297 13.07 -22.07 -19.80
N PHE B 298 12.07 -21.20 -19.81
CA PHE B 298 11.94 -20.14 -18.81
C PHE B 298 11.51 -20.78 -17.50
N LYS B 299 12.18 -20.50 -16.40
CA LYS B 299 12.04 -21.26 -15.17
C LYS B 299 12.15 -20.38 -13.93
N SER B 300 11.50 -20.78 -12.85
CA SER B 300 11.59 -20.13 -11.54
C SER B 300 12.59 -20.84 -10.65
N LEU B 301 13.06 -20.12 -9.63
CA LEU B 301 14.06 -20.52 -8.67
C LEU B 301 13.73 -20.05 -7.27
N GLY B 302 14.28 -20.77 -6.29
CA GLY B 302 14.28 -20.37 -4.89
C GLY B 302 12.97 -20.61 -4.17
N ALA B 303 12.90 -20.14 -2.93
CA ALA B 303 11.69 -20.10 -2.12
C ALA B 303 10.91 -18.79 -2.27
N GLY B 304 11.47 -17.73 -2.85
CA GLY B 304 10.74 -16.50 -3.16
C GLY B 304 10.11 -15.82 -1.96
N GLY B 305 10.78 -15.87 -0.80
CA GLY B 305 10.27 -15.36 0.46
C GLY B 305 9.22 -16.22 1.17
N MET B 306 8.86 -17.41 0.67
CA MET B 306 7.96 -18.35 1.35
C MET B 306 8.60 -19.05 2.57
N ASN B 307 9.82 -18.70 2.91
CA ASN B 307 10.62 -19.26 4.00
C ASN B 307 10.60 -18.29 5.19
N GLN B 308 10.33 -18.79 6.40
CA GLN B 308 10.23 -17.95 7.59
C GLN B 308 11.56 -17.30 8.03
N SER B 309 12.66 -17.51 7.29
CA SER B 309 13.90 -16.72 7.40
C SER B 309 13.76 -15.25 6.95
N ASN B 310 12.68 -14.90 6.24
CA ASN B 310 12.36 -13.57 5.69
C ASN B 310 10.93 -13.13 6.06
N SER B 311 10.72 -11.83 6.22
CA SER B 311 9.45 -11.22 6.70
C SER B 311 8.84 -10.23 5.74
N ASN B 312 9.46 -9.99 4.58
CA ASN B 312 9.11 -8.92 3.65
C ASN B 312 7.71 -9.10 3.04
N THR B 313 7.38 -10.27 2.50
CA THR B 313 6.09 -10.61 1.86
C THR B 313 5.72 -9.84 0.59
N LEU B 314 6.55 -8.92 0.08
CA LEU B 314 6.37 -8.24 -1.20
C LEU B 314 7.31 -8.74 -2.31
N ILE B 315 8.52 -9.19 -2.00
CA ILE B 315 9.43 -9.79 -2.99
C ILE B 315 8.88 -11.06 -3.66
N GLY B 316 9.31 -11.32 -4.89
CA GLY B 316 8.91 -12.46 -5.71
C GLY B 316 10.04 -13.47 -5.95
N PHE B 317 9.71 -14.57 -6.63
CA PHE B 317 10.67 -15.62 -6.99
C PHE B 317 11.71 -15.09 -7.99
N LYS B 318 12.91 -15.66 -7.98
CA LYS B 318 13.93 -15.43 -9.01
C LYS B 318 13.53 -16.19 -10.27
N THR B 319 13.80 -15.68 -11.46
CA THR B 319 13.49 -16.37 -12.72
C THR B 319 14.64 -16.28 -13.73
N LEU B 320 14.86 -17.36 -14.48
CA LEU B 320 15.98 -17.53 -15.40
C LEU B 320 15.53 -18.27 -16.64
N ILE B 321 16.29 -18.21 -17.74
CA ILE B 321 16.13 -19.14 -18.86
C ILE B 321 17.25 -20.17 -18.83
N LEU B 322 16.96 -21.46 -18.74
CA LEU B 322 17.95 -22.51 -18.99
C LEU B 322 18.12 -22.69 -20.50
N GLY B 323 19.23 -22.23 -21.06
CA GLY B 323 19.47 -22.22 -22.49
C GLY B 323 19.68 -23.61 -23.08
N ASN B 324 18.96 -23.90 -24.16
CA ASN B 324 19.11 -25.09 -24.99
C ASN B 324 19.86 -24.80 -26.27
N THR B 325 19.81 -23.59 -26.81
CA THR B 325 20.56 -23.23 -28.01
C THR B 325 20.67 -21.72 -28.15
N VAL B 326 21.63 -21.28 -28.96
CA VAL B 326 21.96 -19.88 -29.19
C VAL B 326 22.25 -19.65 -30.66
N TYR B 327 21.62 -18.66 -31.26
CA TYR B 327 21.84 -18.24 -32.65
C TYR B 327 22.25 -16.77 -32.68
N PRO B 328 23.41 -16.41 -33.22
CA PRO B 328 23.86 -15.04 -33.26
C PRO B 328 23.28 -14.30 -34.46
N LEU B 329 23.13 -12.98 -34.34
CA LEU B 329 22.56 -12.09 -35.36
C LEU B 329 23.47 -10.86 -35.57
N HIS B 330 23.31 -10.14 -36.68
CA HIS B 330 23.86 -8.78 -36.84
C HIS B 330 22.98 -7.83 -37.66
N ALA B 331 22.22 -8.36 -38.63
CA ALA B 331 21.18 -7.62 -39.33
C ALA B 331 20.05 -7.20 -38.34
N ARG B 332 19.47 -6.03 -38.59
CA ARG B 332 18.52 -5.34 -37.70
C ARG B 332 17.06 -5.74 -37.95
N ALA B 337 22.27 -15.26 -38.42
CA ALA B 337 22.29 -14.03 -39.18
C ALA B 337 23.45 -13.08 -38.82
N ALA B 338 24.48 -13.57 -38.12
CA ALA B 338 25.66 -12.80 -37.73
C ALA B 338 26.66 -12.56 -38.87
N ARG B 339 26.61 -13.41 -39.91
CA ARG B 339 27.35 -13.34 -41.17
C ARG B 339 26.39 -13.76 -42.29
N GLN B 340 26.64 -13.35 -43.52
CA GLN B 340 25.96 -13.94 -44.67
C GLN B 340 26.74 -15.18 -45.12
N MET B 341 26.10 -16.34 -45.04
CA MET B 341 26.54 -17.53 -45.78
C MET B 341 26.39 -17.25 -47.27
N LEU B 342 27.46 -17.52 -48.05
CA LEU B 342 27.52 -17.20 -49.48
C LEU B 342 27.32 -18.47 -50.33
N THR B 343 26.32 -18.46 -51.20
CA THR B 343 26.08 -19.53 -52.17
C THR B 343 26.94 -19.38 -53.40
N ASP B 344 27.04 -20.44 -54.21
CA ASP B 344 27.73 -20.41 -55.50
C ASP B 344 27.20 -19.31 -56.44
N PHE B 345 25.94 -18.88 -56.28
CA PHE B 345 25.37 -17.75 -57.01
C PHE B 345 25.86 -16.40 -56.48
N ASP B 346 25.88 -16.20 -55.16
CA ASP B 346 26.47 -14.98 -54.56
C ASP B 346 27.91 -14.80 -54.99
N ILE B 347 28.71 -15.86 -54.89
CA ILE B 347 30.10 -15.88 -55.32
C ILE B 347 30.23 -15.53 -56.81
N ARG B 348 29.36 -16.08 -57.68
CA ARG B 348 29.40 -15.77 -59.12
C ARG B 348 29.14 -14.29 -59.37
N ASN B 349 28.13 -13.73 -58.72
CA ASN B 349 27.79 -12.31 -58.84
C ASN B 349 28.90 -11.40 -58.32
N ILE B 350 29.47 -11.67 -57.13
CA ILE B 350 30.55 -10.86 -56.57
C ILE B 350 31.76 -10.87 -57.50
N ASN B 351 32.18 -12.05 -57.98
CA ASN B 351 33.31 -12.16 -58.87
C ASN B 351 33.05 -11.46 -60.20
N LYS B 352 31.91 -11.69 -60.86
CA LYS B 352 31.60 -11.09 -62.14
C LYS B 352 31.53 -9.57 -62.04
N LEU B 353 30.88 -9.03 -61.01
CA LEU B 353 30.77 -7.60 -60.80
C LEU B 353 32.14 -6.95 -60.59
N SER B 354 33.09 -7.60 -59.92
CA SER B 354 34.44 -7.05 -59.68
C SER B 354 35.26 -6.73 -60.94
N LYS B 355 34.87 -7.28 -62.10
CA LYS B 355 35.56 -7.10 -63.39
C LYS B 355 35.23 -5.77 -64.07
N LYS B 356 34.12 -5.13 -63.70
CA LYS B 356 33.64 -3.88 -64.32
C LYS B 356 34.48 -2.70 -63.84
N LYS B 357 35.12 -1.95 -64.75
CA LYS B 357 36.11 -0.92 -64.37
C LYS B 357 35.52 0.20 -63.48
N ASP B 358 34.22 0.46 -63.61
CA ASP B 358 33.50 1.42 -62.79
C ASP B 358 33.23 1.00 -61.33
N ILE B 359 33.60 -0.20 -60.84
CA ILE B 359 33.15 -0.70 -59.52
C ILE B 359 33.41 0.22 -58.34
N PHE B 360 34.53 0.94 -58.30
CA PHE B 360 34.79 1.81 -57.17
C PHE B 360 33.76 2.94 -57.08
N ASP B 361 33.21 3.39 -58.22
CA ASP B 361 32.03 4.26 -58.26
C ASP B 361 30.75 3.50 -57.93
N ILE B 362 30.48 2.33 -58.50
CA ILE B 362 29.22 1.60 -58.27
C ILE B 362 29.01 1.33 -56.78
N LEU B 363 30.02 0.77 -56.12
CA LEU B 363 29.94 0.41 -54.70
C LEU B 363 29.89 1.64 -53.79
N SER B 364 30.69 2.67 -54.04
CA SER B 364 30.73 3.87 -53.19
C SER B 364 29.49 4.75 -53.35
N GLN B 365 28.87 4.81 -54.53
CA GLN B 365 27.57 5.47 -54.70
C GLN B 365 26.44 4.69 -54.02
N SER B 366 26.57 3.37 -53.89
CA SER B 366 25.61 2.51 -53.21
C SER B 366 25.73 2.56 -51.68
N LEU B 367 26.79 3.16 -51.14
CA LEU B 367 26.82 3.65 -49.74
C LEU B 367 25.91 4.88 -49.62
N ALA B 368 25.03 4.90 -48.63
CA ALA B 368 24.21 6.06 -48.27
C ALA B 368 23.56 6.76 -49.49
N PRO B 369 22.78 6.06 -50.34
CA PRO B 369 22.24 6.64 -51.56
C PRO B 369 21.27 7.80 -51.32
N SER B 370 20.71 7.93 -50.11
CA SER B 370 19.90 9.08 -49.72
C SER B 370 20.71 10.35 -49.47
N ILE B 371 22.00 10.27 -49.18
CA ILE B 371 22.89 11.44 -49.04
C ILE B 371 23.46 11.84 -50.40
N TYR B 372 23.20 13.09 -50.82
CA TYR B 372 23.68 13.66 -52.06
C TYR B 372 25.10 14.20 -51.92
N GLY B 373 25.91 14.10 -52.98
CA GLY B 373 27.29 14.55 -52.98
C GLY B 373 28.19 13.72 -52.07
N HIS B 374 29.32 14.29 -51.67
CA HIS B 374 30.34 13.67 -50.81
C HIS B 374 30.96 12.40 -51.37
N ASP B 375 31.05 12.25 -52.70
CA ASP B 375 31.53 11.04 -53.36
C ASP B 375 32.93 10.62 -52.85
N HIS B 376 33.83 11.60 -52.67
CA HIS B 376 35.17 11.36 -52.12
C HIS B 376 35.18 10.92 -50.66
N ILE B 377 34.23 11.33 -49.82
CA ILE B 377 34.14 10.79 -48.45
C ILE B 377 33.55 9.40 -48.47
N LYS B 378 32.53 9.17 -49.29
CA LYS B 378 31.93 7.83 -49.42
C LYS B 378 32.93 6.83 -50.00
N LYS B 379 33.81 7.23 -50.91
CA LYS B 379 34.96 6.41 -51.35
C LYS B 379 35.88 6.04 -50.19
N ALA B 380 36.27 7.00 -49.36
CA ALA B 380 37.06 6.71 -48.18
C ALA B 380 36.35 5.77 -47.20
N ILE B 381 35.04 5.90 -47.01
CA ILE B 381 34.25 4.97 -46.19
C ILE B 381 34.29 3.55 -46.77
N LEU B 382 34.17 3.36 -48.09
CA LEU B 382 34.25 2.02 -48.67
C LEU B 382 35.61 1.35 -48.39
N LEU B 383 36.71 2.11 -48.49
CA LEU B 383 38.04 1.62 -48.17
C LEU B 383 38.24 1.38 -46.66
N MET B 384 37.54 2.09 -45.78
CA MET B 384 37.57 1.81 -44.35
C MET B 384 36.88 0.49 -44.00
N LEU B 385 35.76 0.20 -44.67
CA LEU B 385 35.02 -1.05 -44.52
C LEU B 385 35.84 -2.24 -45.06
N MET B 386 36.31 -2.19 -46.31
CA MET B 386 37.31 -3.14 -46.83
C MET B 386 38.72 -2.74 -46.39
N GLY B 387 38.95 -2.69 -45.08
CA GLY B 387 40.19 -2.19 -44.49
C GLY B 387 41.46 -2.87 -45.02
N GLY B 388 42.59 -2.17 -44.99
CA GLY B 388 43.89 -2.72 -45.40
C GLY B 388 44.39 -3.90 -44.56
N VAL B 389 45.55 -4.44 -44.93
CA VAL B 389 46.15 -5.63 -44.32
C VAL B 389 47.07 -5.25 -43.18
N GLU B 390 46.96 -5.98 -42.07
CA GLU B 390 47.82 -5.84 -40.89
C GLU B 390 49.11 -6.65 -41.05
N LYS B 391 50.27 -6.10 -40.66
CA LYS B 391 51.56 -6.80 -40.70
C LYS B 391 52.09 -7.02 -39.28
N ASN B 392 52.09 -8.26 -38.82
CA ASN B 392 52.60 -8.68 -37.51
C ASN B 392 54.10 -8.95 -37.57
N LEU B 393 54.87 -7.91 -37.88
CA LEU B 393 56.32 -7.96 -38.02
C LEU B 393 57.01 -8.19 -36.68
N GLU B 394 58.16 -8.85 -36.73
CA GLU B 394 59.04 -9.19 -35.60
C GLU B 394 59.57 -7.98 -34.82
N ASN B 395 60.24 -8.21 -33.69
CA ASN B 395 60.74 -7.17 -32.79
C ASN B 395 59.61 -6.20 -32.32
N GLY B 396 58.39 -6.74 -32.18
CA GLY B 396 57.18 -6.00 -31.80
C GLY B 396 56.67 -4.99 -32.83
N SER B 397 57.16 -5.02 -34.07
CA SER B 397 56.97 -4.00 -35.10
C SER B 397 55.58 -4.01 -35.78
N HIS B 398 54.49 -4.33 -35.06
CA HIS B 398 53.12 -4.45 -35.60
C HIS B 398 52.64 -3.20 -36.33
N LEU B 399 52.24 -3.37 -37.59
CA LEU B 399 51.74 -2.29 -38.45
C LEU B 399 50.24 -2.46 -38.72
N ARG B 400 49.49 -1.41 -38.38
CA ARG B 400 48.03 -1.30 -38.46
C ARG B 400 47.54 -1.48 -39.89
N GLY B 401 46.41 -2.16 -40.09
CA GLY B 401 45.74 -2.26 -41.39
C GLY B 401 44.53 -1.33 -41.55
N ASP B 402 44.19 -0.61 -40.48
CA ASP B 402 42.88 -0.02 -40.21
C ASP B 402 42.85 1.49 -40.54
N ILE B 403 41.99 1.90 -41.47
CA ILE B 403 41.87 3.30 -41.90
C ILE B 403 40.99 4.10 -40.92
N ASN B 404 41.48 5.23 -40.46
CA ASN B 404 40.76 6.14 -39.57
C ASN B 404 40.35 7.41 -40.31
N ILE B 405 39.10 7.84 -40.19
CA ILE B 405 38.55 8.99 -40.92
C ILE B 405 38.01 10.00 -39.92
N LEU B 406 38.39 11.27 -40.06
CA LEU B 406 37.81 12.37 -39.31
C LEU B 406 37.14 13.33 -40.29
N MET B 407 35.85 13.55 -40.11
CA MET B 407 35.11 14.57 -40.83
C MET B 407 34.95 15.75 -39.89
N VAL B 408 35.59 16.88 -40.16
CA VAL B 408 35.35 18.12 -39.41
C VAL B 408 34.67 19.11 -40.32
N GLY B 409 33.58 19.77 -39.90
CA GLY B 409 32.91 20.67 -40.83
C GLY B 409 31.75 21.48 -40.31
N ASP B 410 31.18 22.27 -41.22
CA ASP B 410 29.99 23.06 -40.96
C ASP B 410 28.82 22.19 -40.46
N PRO B 411 27.84 22.75 -39.73
CA PRO B 411 26.63 22.03 -39.32
C PRO B 411 25.76 21.67 -40.52
N SER B 412 24.96 20.61 -40.42
CA SER B 412 24.05 20.11 -41.44
C SER B 412 24.72 19.84 -42.77
N THR B 413 25.60 18.84 -42.78
CA THR B 413 26.32 18.35 -43.95
C THR B 413 26.34 16.82 -44.03
N ALA B 414 25.48 16.13 -43.29
CA ALA B 414 25.44 14.68 -43.23
C ALA B 414 26.71 14.07 -42.62
N LYS B 415 27.37 14.71 -41.64
CA LYS B 415 28.46 14.05 -40.91
C LYS B 415 27.87 12.96 -40.03
N SER B 416 26.86 13.28 -39.24
CA SER B 416 26.13 12.35 -38.39
C SER B 416 25.31 11.36 -39.20
N GLN B 417 24.72 11.76 -40.32
CA GLN B 417 24.00 10.84 -41.20
C GLN B 417 24.90 9.96 -42.09
N LEU B 418 26.21 10.22 -42.20
CA LEU B 418 27.19 9.23 -42.69
C LEU B 418 27.79 8.34 -41.59
N LEU B 419 27.94 8.80 -40.35
CA LEU B 419 28.24 7.90 -39.23
C LEU B 419 27.13 6.88 -39.02
N ARG B 420 25.86 7.28 -39.00
CA ARG B 420 24.73 6.35 -38.85
C ARG B 420 24.56 5.42 -40.05
N PHE B 421 25.18 5.69 -41.20
CA PHE B 421 25.25 4.73 -42.31
C PHE B 421 26.31 3.65 -42.08
N VAL B 422 27.53 4.07 -41.72
CA VAL B 422 28.62 3.15 -41.36
C VAL B 422 28.17 2.20 -40.26
N LEU B 423 27.51 2.72 -39.24
CA LEU B 423 26.95 1.96 -38.12
C LEU B 423 25.98 0.86 -38.54
N ASN B 424 25.24 1.04 -39.63
CA ASN B 424 24.28 0.09 -40.17
C ASN B 424 24.97 -0.97 -41.05
N THR B 425 25.83 -0.55 -41.98
CA THR B 425 26.35 -1.44 -43.04
C THR B 425 27.56 -2.30 -42.63
N ALA B 426 28.26 -1.97 -41.55
CA ALA B 426 29.44 -2.71 -41.11
C ALA B 426 29.12 -3.95 -40.27
N SER B 427 29.94 -4.99 -40.37
CA SER B 427 29.71 -6.27 -39.70
C SER B 427 29.81 -6.17 -38.17
N LEU B 428 30.72 -5.35 -37.64
CA LEU B 428 30.70 -4.86 -36.26
C LEU B 428 30.87 -3.34 -36.25
N ALA B 429 29.95 -2.65 -35.60
CA ALA B 429 30.01 -1.21 -35.39
C ALA B 429 29.47 -0.83 -34.02
N ILE B 430 30.15 0.06 -33.30
CA ILE B 430 29.70 0.61 -32.01
C ILE B 430 29.54 2.12 -32.12
N ALA B 431 28.35 2.64 -31.87
CA ALA B 431 28.11 4.07 -31.76
C ALA B 431 28.55 4.62 -30.40
N THR B 432 29.10 5.82 -30.40
CA THR B 432 29.40 6.65 -29.23
C THR B 432 29.17 8.13 -29.56
N THR B 433 29.02 8.97 -28.54
CA THR B 433 29.01 10.43 -28.72
C THR B 433 29.90 11.10 -27.68
N GLY B 434 30.46 12.25 -27.97
CA GLY B 434 31.48 12.87 -27.12
C GLY B 434 31.05 13.16 -25.69
N ARG B 435 29.83 13.67 -25.47
CA ARG B 435 29.31 13.90 -24.10
C ARG B 435 28.83 12.63 -23.40
N GLY B 436 28.37 11.64 -24.15
CA GLY B 436 27.82 10.40 -23.61
C GLY B 436 28.89 9.39 -23.19
N SER B 437 30.15 9.65 -23.53
CA SER B 437 31.26 8.73 -23.31
C SER B 437 32.16 9.20 -22.17
N SER B 438 32.39 8.33 -21.19
CA SER B 438 33.50 8.46 -20.25
C SER B 438 34.76 7.81 -20.82
N GLY B 439 35.94 8.22 -20.38
CA GLY B 439 37.18 7.51 -20.69
C GLY B 439 37.22 6.07 -20.16
N VAL B 440 36.45 5.80 -19.11
CA VAL B 440 36.29 4.47 -18.54
C VAL B 440 35.45 3.60 -19.45
N GLY B 441 34.23 4.04 -19.77
CA GLY B 441 33.33 3.34 -20.68
C GLY B 441 33.81 3.21 -22.13
N LEU B 442 34.81 3.98 -22.56
CA LEU B 442 35.51 3.75 -23.83
C LEU B 442 36.54 2.61 -23.73
N THR B 443 37.27 2.52 -22.62
CA THR B 443 38.35 1.57 -22.38
C THR B 443 37.83 0.28 -21.77
N ALA B 444 37.82 0.16 -20.45
CA ALA B 444 37.25 -0.94 -19.69
C ALA B 444 36.97 -0.51 -18.25
N ALA B 445 35.88 -0.99 -17.66
CA ALA B 445 35.41 -0.58 -16.33
C ALA B 445 35.57 -1.70 -15.31
N VAL B 446 36.06 -1.43 -14.11
CA VAL B 446 36.17 -2.45 -13.07
C VAL B 446 34.78 -2.77 -12.50
N THR B 447 34.52 -4.02 -12.18
CA THR B 447 33.24 -4.50 -11.63
C THR B 447 33.45 -5.66 -10.67
N THR B 448 32.41 -6.06 -9.97
CA THR B 448 32.36 -7.35 -9.29
C THR B 448 31.39 -8.24 -10.03
N ASP B 449 31.83 -9.45 -10.37
CA ASP B 449 31.00 -10.48 -10.97
C ASP B 449 30.06 -11.09 -9.93
N ARG B 450 28.75 -10.81 -9.96
CA ARG B 450 27.91 -11.06 -8.78
C ARG B 450 27.69 -12.58 -8.56
N GLU B 451 27.90 -13.40 -9.58
CA GLU B 451 27.90 -14.87 -9.48
C GLU B 451 29.03 -15.40 -8.60
N THR B 452 30.22 -14.81 -8.69
CA THR B 452 31.45 -15.35 -8.12
C THR B 452 32.08 -14.45 -7.08
N GLY B 453 31.62 -13.20 -6.94
CA GLY B 453 32.11 -12.24 -5.95
C GLY B 453 33.48 -11.66 -6.27
N GLU B 454 33.86 -11.60 -7.54
CA GLU B 454 35.24 -11.38 -7.96
C GLU B 454 35.44 -10.13 -8.82
N ARG B 455 36.58 -9.43 -8.64
CA ARG B 455 37.05 -8.34 -9.50
C ARG B 455 37.12 -8.75 -10.96
N ARG B 456 36.53 -7.97 -11.84
CA ARG B 456 36.47 -8.24 -13.26
C ARG B 456 36.51 -6.95 -14.04
N LEU B 457 36.86 -7.03 -15.31
CA LEU B 457 36.68 -5.94 -16.27
C LEU B 457 35.46 -6.20 -17.13
N GLU B 458 34.67 -5.17 -17.31
CA GLU B 458 33.74 -5.00 -18.42
C GLU B 458 34.41 -4.25 -19.57
N ALA B 459 34.17 -4.69 -20.80
CA ALA B 459 34.69 -4.06 -22.00
C ALA B 459 34.02 -2.70 -22.28
N GLY B 460 34.80 -1.72 -22.71
CA GLY B 460 34.31 -0.46 -23.22
C GLY B 460 34.10 -0.46 -24.73
N ALA B 461 33.52 0.60 -25.27
CA ALA B 461 33.21 0.71 -26.68
C ALA B 461 34.40 0.48 -27.64
N MET B 462 35.64 0.81 -27.27
CA MET B 462 36.81 0.58 -28.12
C MET B 462 37.24 -0.90 -28.14
N VAL B 463 36.92 -1.66 -27.09
CA VAL B 463 37.21 -3.09 -26.97
C VAL B 463 36.10 -3.93 -27.59
N LEU B 464 34.82 -3.54 -27.43
CA LEU B 464 33.70 -4.21 -28.08
C LEU B 464 33.78 -4.12 -29.61
N ALA B 465 34.29 -3.02 -30.13
CA ALA B 465 34.51 -2.77 -31.55
C ALA B 465 35.77 -3.43 -32.14
N ASP B 466 36.46 -4.32 -31.43
CA ASP B 466 37.66 -5.02 -31.92
C ASP B 466 37.39 -5.73 -33.25
N ARG B 467 38.24 -5.50 -34.27
CA ARG B 467 38.05 -5.87 -35.70
C ARG B 467 36.81 -5.27 -36.40
N GLY B 468 36.19 -4.26 -35.81
CA GLY B 468 35.09 -3.47 -36.35
C GLY B 468 35.38 -1.97 -36.38
N VAL B 469 34.32 -1.16 -36.49
CA VAL B 469 34.36 0.31 -36.52
C VAL B 469 33.78 0.94 -35.27
N VAL B 470 34.39 2.02 -34.79
CA VAL B 470 33.81 2.88 -33.75
C VAL B 470 33.31 4.14 -34.44
N CYS B 471 32.02 4.48 -34.28
CA CYS B 471 31.45 5.71 -34.79
C CYS B 471 31.38 6.73 -33.66
N ILE B 472 32.39 7.60 -33.53
CA ILE B 472 32.43 8.66 -32.52
C ILE B 472 31.85 9.95 -33.10
N ASP B 473 30.61 10.27 -32.76
CA ASP B 473 30.01 11.56 -33.08
C ASP B 473 30.31 12.59 -31.99
N GLU B 474 30.20 13.88 -32.30
CA GLU B 474 30.51 14.99 -31.39
C GLU B 474 31.95 14.95 -30.85
N PHE B 475 32.92 14.48 -31.64
CA PHE B 475 34.24 14.10 -31.20
C PHE B 475 35.01 15.23 -30.51
N ASP B 476 34.80 16.48 -30.93
CA ASP B 476 35.40 17.67 -30.32
C ASP B 476 34.77 18.08 -28.99
N LYS B 477 33.61 17.53 -28.62
CA LYS B 477 32.93 17.74 -27.32
C LYS B 477 33.43 16.81 -26.22
N MET B 478 34.26 15.81 -26.54
CA MET B 478 34.91 14.96 -25.54
C MET B 478 35.77 15.80 -24.60
N THR B 479 35.72 15.47 -23.32
CA THR B 479 36.60 16.03 -22.30
C THR B 479 38.05 15.58 -22.52
N ASP B 480 39.02 16.41 -22.14
CA ASP B 480 40.46 16.18 -22.33
C ASP B 480 40.92 14.84 -21.73
N VAL B 481 40.41 14.47 -20.55
CA VAL B 481 40.69 13.19 -19.88
C VAL B 481 40.13 11.99 -20.62
N ASP B 482 38.99 12.14 -21.32
CA ASP B 482 38.43 11.08 -22.14
C ASP B 482 39.16 10.95 -23.48
N ARG B 483 39.67 12.04 -24.05
CA ARG B 483 40.46 11.96 -25.29
C ARG B 483 41.79 11.25 -25.10
N VAL B 484 42.37 11.23 -23.89
CA VAL B 484 43.58 10.43 -23.57
C VAL B 484 43.41 8.96 -23.99
N ALA B 485 42.23 8.40 -23.74
CA ALA B 485 41.89 7.02 -24.06
C ALA B 485 41.91 6.69 -25.55
N ILE B 486 41.64 7.67 -26.41
CA ILE B 486 41.57 7.48 -27.86
C ILE B 486 42.97 7.34 -28.48
N HIS B 487 43.98 8.04 -27.95
CA HIS B 487 45.37 7.92 -28.43
C HIS B 487 45.89 6.48 -28.42
N GLU B 488 45.72 5.78 -27.29
CA GLU B 488 46.20 4.41 -27.07
C GLU B 488 45.62 3.44 -28.10
N VAL B 489 44.32 3.54 -28.36
CA VAL B 489 43.66 2.70 -29.35
C VAL B 489 44.15 3.00 -30.75
N MET B 490 44.29 4.27 -31.11
CA MET B 490 44.70 4.65 -32.44
C MET B 490 46.17 4.35 -32.74
N GLU B 491 47.08 4.58 -31.79
CA GLU B 491 48.49 4.21 -31.89
C GLU B 491 48.72 2.69 -31.81
N GLN B 492 48.30 2.06 -30.71
CA GLN B 492 48.76 0.75 -30.29
C GLN B 492 47.69 -0.33 -30.43
N GLN B 493 46.49 0.03 -30.91
CA GLN B 493 45.37 -0.87 -31.18
C GLN B 493 45.02 -1.74 -29.96
N THR B 494 45.28 -1.21 -28.77
CA THR B 494 45.21 -1.88 -27.46
C THR B 494 44.93 -0.85 -26.39
N VAL B 495 44.37 -1.26 -25.24
CA VAL B 495 44.28 -0.39 -24.05
C VAL B 495 44.93 -1.07 -22.86
N THR B 496 45.61 -0.30 -22.02
CA THR B 496 46.36 -0.81 -20.87
C THR B 496 45.63 -0.44 -19.59
N ILE B 497 45.34 -1.41 -18.75
CA ILE B 497 44.61 -1.23 -17.51
C ILE B 497 45.58 -1.39 -16.35
N ALA B 498 45.53 -0.47 -15.39
CA ALA B 498 46.34 -0.51 -14.18
C ALA B 498 45.55 0.11 -13.02
N LYS B 499 44.50 -0.57 -12.57
CA LYS B 499 43.63 -0.10 -11.49
C LYS B 499 43.08 -1.28 -10.71
N ALA B 500 42.63 -1.10 -9.47
CA ALA B 500 42.01 -2.17 -8.65
C ALA B 500 42.83 -3.44 -8.43
N GLY B 501 44.14 -3.43 -8.71
CA GLY B 501 44.96 -4.64 -8.74
C GLY B 501 44.73 -5.55 -9.94
N ILE B 502 44.19 -4.99 -11.02
CA ILE B 502 44.18 -5.59 -12.35
C ILE B 502 45.21 -4.84 -13.18
N HIS B 503 46.17 -5.56 -13.75
CA HIS B 503 47.23 -5.03 -14.60
C HIS B 503 47.27 -5.82 -15.90
N THR B 504 46.77 -5.26 -17.00
CA THR B 504 46.52 -6.01 -18.24
C THR B 504 46.64 -5.15 -19.49
N THR B 505 46.72 -5.79 -20.66
CA THR B 505 46.60 -5.16 -21.97
C THR B 505 45.49 -5.83 -22.76
N LEU B 506 44.48 -5.06 -23.18
CA LEU B 506 43.34 -5.54 -23.95
C LEU B 506 43.56 -5.24 -25.43
N ASN B 507 43.18 -6.11 -26.35
CA ASN B 507 43.12 -5.77 -27.78
C ASN B 507 41.95 -4.83 -28.09
N ALA B 508 42.18 -3.84 -28.95
CA ALA B 508 41.23 -2.84 -29.39
C ALA B 508 41.50 -2.49 -30.87
N ARG B 509 41.60 -3.51 -31.72
CA ARG B 509 42.06 -3.43 -33.11
C ARG B 509 40.93 -2.95 -34.02
N CYS B 510 40.50 -1.73 -33.81
CA CYS B 510 39.34 -1.12 -34.44
C CYS B 510 39.72 0.13 -35.23
N SER B 511 38.97 0.43 -36.29
CA SER B 511 39.09 1.66 -37.09
C SER B 511 38.11 2.71 -36.59
N VAL B 512 38.60 3.87 -36.18
CA VAL B 512 37.79 4.99 -35.72
C VAL B 512 37.32 5.80 -36.92
N ILE B 513 36.01 5.95 -37.09
CA ILE B 513 35.46 7.07 -37.84
C ILE B 513 34.89 8.07 -36.86
N ALA B 514 35.14 9.35 -37.07
CA ALA B 514 34.77 10.41 -36.15
C ALA B 514 34.22 11.62 -36.88
N ALA B 515 33.34 12.36 -36.23
CA ALA B 515 32.82 13.62 -36.71
C ALA B 515 32.93 14.73 -35.66
N ALA B 516 33.22 15.93 -36.11
CA ALA B 516 33.43 17.13 -35.31
C ALA B 516 32.92 18.39 -36.03
N ASN B 517 32.82 19.49 -35.30
CA ASN B 517 32.69 20.84 -35.88
C ASN B 517 33.92 21.66 -35.47
N PRO B 518 34.32 22.68 -36.26
CA PRO B 518 35.32 23.63 -35.82
C PRO B 518 34.87 24.45 -34.60
N VAL B 519 35.80 25.14 -33.93
CA VAL B 519 35.57 25.77 -32.61
C VAL B 519 34.58 26.93 -32.65
N PHE B 520 34.67 27.75 -33.69
CA PHE B 520 33.59 28.63 -34.17
C PHE B 520 32.63 27.75 -34.94
N GLY B 521 31.31 27.86 -34.72
CA GLY B 521 30.38 26.79 -35.14
C GLY B 521 30.38 26.43 -36.63
N GLN B 522 30.89 27.33 -37.50
CA GLN B 522 31.16 27.11 -38.91
C GLN B 522 32.65 27.39 -39.23
N TYR B 523 33.21 26.67 -40.21
CA TYR B 523 34.63 26.72 -40.58
C TYR B 523 35.01 28.12 -41.09
N ASP B 524 35.88 28.81 -40.35
CA ASP B 524 36.35 30.15 -40.69
C ASP B 524 37.55 30.06 -41.64
N VAL B 525 37.30 30.27 -42.94
CA VAL B 525 38.33 30.23 -44.00
C VAL B 525 39.42 31.31 -43.86
N ASN B 526 39.23 32.31 -43.00
CA ASN B 526 40.24 33.33 -42.69
C ASN B 526 41.22 32.90 -41.57
N ARG B 527 41.18 31.64 -41.12
CA ARG B 527 42.01 31.08 -40.03
C ARG B 527 42.62 29.73 -40.40
N ASP B 528 43.72 29.40 -39.73
CA ASP B 528 44.50 28.19 -39.98
C ASP B 528 43.73 26.92 -39.59
N PRO B 529 44.07 25.73 -40.12
CA PRO B 529 43.45 24.48 -39.68
C PRO B 529 43.62 24.24 -38.17
N HIS B 530 44.80 24.51 -37.62
CA HIS B 530 45.07 24.42 -36.17
C HIS B 530 44.41 25.52 -35.32
N GLN B 531 43.85 26.56 -35.90
CA GLN B 531 42.91 27.46 -35.21
C GLN B 531 41.47 26.94 -35.29
N ASN B 532 41.02 26.53 -36.47
CA ASN B 532 39.66 26.02 -36.70
C ASN B 532 39.34 24.73 -35.95
N ILE B 533 40.29 23.80 -35.87
CA ILE B 533 40.07 22.43 -35.39
C ILE B 533 40.56 22.33 -33.94
N ALA B 534 39.71 21.89 -33.01
CA ALA B 534 39.98 21.97 -31.57
C ALA B 534 41.12 21.07 -31.06
N LEU B 535 41.48 20.02 -31.78
CA LEU B 535 42.24 18.86 -31.30
C LEU B 535 43.77 19.11 -31.28
N PRO B 536 44.52 18.42 -30.39
CA PRO B 536 45.97 18.34 -30.47
C PRO B 536 46.44 17.79 -31.82
N ASP B 537 47.46 18.40 -32.42
CA ASP B 537 47.97 17.96 -33.73
C ASP B 537 48.60 16.56 -33.69
N SER B 538 49.01 16.11 -32.50
CA SER B 538 49.39 14.73 -32.22
C SER B 538 48.22 13.79 -32.50
N LEU B 539 47.03 14.02 -31.94
CA LEU B 539 45.85 13.19 -32.21
C LEU B 539 45.37 13.27 -33.67
N LEU B 540 45.45 14.44 -34.30
CA LEU B 540 45.14 14.58 -35.72
C LEU B 540 46.10 13.81 -36.63
N SER B 541 47.36 13.61 -36.23
CA SER B 541 48.29 12.75 -36.97
C SER B 541 47.96 11.25 -36.89
N ARG B 542 47.14 10.81 -35.92
CA ARG B 542 46.70 9.41 -35.81
C ARG B 542 45.54 9.07 -36.75
N PHE B 543 44.81 10.06 -37.26
CA PHE B 543 43.85 9.90 -38.36
C PHE B 543 44.55 9.85 -39.72
N ASP B 544 44.07 8.99 -40.62
CA ASP B 544 44.54 8.91 -42.00
C ASP B 544 43.97 10.06 -42.84
N LEU B 545 42.65 10.21 -42.87
CA LEU B 545 41.96 11.16 -43.74
C LEU B 545 41.14 12.14 -42.90
N LEU B 546 41.70 13.34 -42.71
CA LEU B 546 41.05 14.49 -42.12
C LEU B 546 40.32 15.27 -43.23
N PHE B 547 39.08 14.91 -43.52
CA PHE B 547 38.23 15.68 -44.43
C PHE B 547 37.70 16.95 -43.76
N VAL B 548 37.83 18.10 -44.42
CA VAL B 548 37.20 19.35 -43.98
C VAL B 548 36.04 19.68 -44.92
N VAL B 549 34.82 19.79 -44.40
CA VAL B 549 33.60 20.02 -45.21
C VAL B 549 32.88 21.31 -44.85
N THR B 550 32.41 22.03 -45.87
CA THR B 550 31.68 23.28 -45.71
C THR B 550 30.31 23.23 -46.39
N ASP B 551 29.35 23.94 -45.82
CA ASP B 551 28.05 24.21 -46.42
C ASP B 551 28.12 25.60 -47.06
N ASP B 552 28.61 25.68 -48.29
CA ASP B 552 28.79 26.92 -49.05
C ASP B 552 27.73 27.11 -50.13
N ILE B 553 27.17 28.32 -50.16
CA ILE B 553 26.03 28.69 -50.98
C ILE B 553 26.44 28.75 -52.45
N ASN B 554 25.67 28.09 -53.31
CA ASN B 554 25.85 28.05 -54.75
C ASN B 554 24.52 27.65 -55.39
N GLU B 555 23.96 28.51 -56.22
CA GLU B 555 22.59 28.39 -56.73
C GLU B 555 22.27 27.03 -57.38
N ILE B 556 23.21 26.48 -58.16
CA ILE B 556 23.02 25.20 -58.84
C ILE B 556 23.13 24.03 -57.86
N ARG B 557 24.10 24.02 -56.95
CA ARG B 557 24.23 22.98 -55.93
C ARG B 557 23.08 23.01 -54.95
N ASP B 558 22.66 24.17 -54.48
CA ASP B 558 21.55 24.28 -53.55
C ASP B 558 20.24 23.81 -54.17
N ARG B 559 19.98 24.15 -55.44
CA ARG B 559 18.87 23.53 -56.20
C ARG B 559 19.04 22.02 -56.30
N SER B 560 20.23 21.52 -56.62
CA SER B 560 20.47 20.08 -56.81
C SER B 560 20.25 19.27 -55.54
N ILE B 561 20.72 19.74 -54.39
CA ILE B 561 20.51 19.03 -53.12
C ILE B 561 19.05 19.22 -52.65
N SER B 562 18.46 20.40 -52.90
CA SER B 562 17.06 20.68 -52.58
C SER B 562 16.08 19.76 -53.29
N GLU B 563 16.23 19.52 -54.58
CA GLU B 563 15.43 18.52 -55.28
C GLU B 563 15.63 17.12 -54.72
N HIS B 564 16.85 16.78 -54.31
CA HIS B 564 17.15 15.44 -53.83
C HIS B 564 16.51 15.14 -52.49
N VAL B 565 16.54 16.06 -51.52
CA VAL B 565 15.83 15.84 -50.24
C VAL B 565 14.33 15.88 -50.38
N LEU B 566 13.78 16.64 -51.32
CA LEU B 566 12.34 16.63 -51.61
C LEU B 566 11.89 15.32 -52.26
N ARG B 567 12.71 14.68 -53.11
CA ARG B 567 12.47 13.29 -53.52
C ARG B 567 12.62 12.32 -52.35
N THR B 568 13.59 12.52 -51.47
CA THR B 568 13.85 11.65 -50.32
C THR B 568 12.71 11.67 -49.31
N HIS B 569 12.10 12.82 -49.04
CA HIS B 569 10.92 12.93 -48.17
C HIS B 569 9.63 12.38 -48.79
N ARG B 570 9.55 12.28 -50.12
CA ARG B 570 8.41 11.71 -50.83
C ARG B 570 8.35 10.18 -50.85
N TYR B 571 9.34 9.47 -50.31
CA TYR B 571 9.37 8.01 -50.28
C TYR B 571 8.13 7.40 -49.58
N LEU B 572 7.53 6.39 -50.19
CA LEU B 572 6.42 5.60 -49.65
C LEU B 572 6.85 4.13 -49.55
N PRO B 573 7.03 3.55 -48.35
CA PRO B 573 7.47 2.17 -48.21
C PRO B 573 6.41 1.18 -48.74
N PRO B 574 6.77 0.17 -49.55
CA PRO B 574 5.80 -0.73 -50.16
C PRO B 574 4.79 -1.34 -49.19
N GLY B 575 3.52 -1.37 -49.59
CA GLY B 575 2.41 -1.92 -48.82
C GLY B 575 1.68 -0.95 -47.88
N TYR B 576 2.26 0.22 -47.62
CA TYR B 576 1.59 1.31 -46.91
C TYR B 576 0.66 2.11 -47.83
N LEU B 577 -0.32 2.78 -47.24
CA LEU B 577 -1.27 3.66 -47.93
C LEU B 577 -0.78 5.12 -47.91
N GLU B 578 -1.34 5.96 -48.78
CA GLU B 578 -1.08 7.39 -48.81
C GLU B 578 -1.38 8.02 -47.43
N GLY B 579 -0.40 8.66 -46.79
CA GLY B 579 -0.66 9.28 -45.49
C GLY B 579 -0.71 8.33 -44.27
N GLU B 580 -0.44 7.04 -44.43
CA GLU B 580 -0.36 6.07 -43.33
C GLU B 580 0.93 6.21 -42.51
N PRO B 581 0.88 6.28 -41.16
CA PRO B 581 2.07 6.39 -40.31
C PRO B 581 2.89 5.10 -40.23
N VAL B 582 4.22 5.23 -40.23
CA VAL B 582 5.18 4.13 -40.19
C VAL B 582 5.21 3.43 -38.82
N ARG B 583 5.22 2.09 -38.87
CA ARG B 583 5.25 1.15 -37.75
C ARG B 583 6.46 0.23 -37.84
N PRO B 648 23.17 4.84 -63.86
CA PRO B 648 22.49 3.71 -64.48
C PRO B 648 22.60 2.40 -63.69
N LYS B 649 23.55 2.30 -62.75
CA LYS B 649 23.83 1.13 -61.90
C LYS B 649 24.03 1.55 -60.42
N LEU B 650 23.38 0.85 -59.48
CA LEU B 650 23.66 0.80 -58.04
C LEU B 650 23.37 -0.62 -57.54
N VAL B 651 23.92 -1.01 -56.39
CA VAL B 651 23.68 -2.32 -55.74
C VAL B 651 22.83 -2.15 -54.49
N THR B 652 22.04 -3.17 -54.14
CA THR B 652 21.30 -3.17 -52.87
C THR B 652 22.23 -3.39 -51.68
N ILE B 653 21.94 -2.80 -50.53
CA ILE B 653 22.84 -2.84 -49.38
C ILE B 653 23.11 -4.27 -48.89
N PRO B 654 22.12 -5.18 -48.76
CA PRO B 654 22.40 -6.58 -48.48
C PRO B 654 23.39 -7.27 -49.43
N PHE B 655 23.50 -6.85 -50.70
CA PHE B 655 24.56 -7.32 -51.59
C PHE B 655 25.88 -6.63 -51.31
N LEU B 656 25.88 -5.33 -51.04
CA LEU B 656 27.10 -4.61 -50.64
C LEU B 656 27.70 -5.19 -49.36
N ARG B 657 26.89 -5.64 -48.40
CA ARG B 657 27.36 -6.31 -47.18
C ARG B 657 28.01 -7.66 -47.46
N LYS B 658 27.44 -8.45 -48.37
CA LYS B 658 28.08 -9.67 -48.89
C LYS B 658 29.39 -9.36 -49.63
N TYR B 659 29.42 -8.35 -50.50
CA TYR B 659 30.65 -8.01 -51.23
C TYR B 659 31.77 -7.63 -50.27
N VAL B 660 31.49 -6.81 -49.26
CA VAL B 660 32.47 -6.43 -48.23
C VAL B 660 32.94 -7.64 -47.43
N GLN B 661 32.06 -8.55 -47.04
CA GLN B 661 32.43 -9.74 -46.28
C GLN B 661 33.34 -10.66 -47.10
N TYR B 662 33.01 -10.92 -48.37
CA TYR B 662 33.84 -11.68 -49.29
C TYR B 662 35.22 -11.05 -49.43
N ALA B 663 35.28 -9.74 -49.67
CA ALA B 663 36.53 -9.01 -49.85
C ALA B 663 37.41 -8.95 -48.59
N LYS B 664 36.97 -9.46 -47.46
CA LYS B 664 37.74 -9.57 -46.22
C LYS B 664 38.10 -11.01 -45.87
N GLU B 665 37.21 -11.97 -46.15
CA GLU B 665 37.46 -13.39 -45.89
C GLU B 665 38.25 -14.10 -47.02
N ARG B 666 38.32 -13.54 -48.24
CA ARG B 666 38.94 -14.18 -49.42
C ARG B 666 40.23 -13.55 -49.94
N VAL B 667 40.51 -12.26 -49.70
CA VAL B 667 41.63 -11.57 -50.37
C VAL B 667 42.53 -10.81 -49.40
N ILE B 668 43.85 -10.99 -49.53
CA ILE B 668 44.89 -10.38 -48.70
C ILE B 668 45.99 -9.91 -49.66
N PRO B 669 45.85 -8.70 -50.27
CA PRO B 669 46.76 -8.23 -51.31
C PRO B 669 48.21 -8.10 -50.85
N GLN B 670 49.14 -8.41 -51.75
CA GLN B 670 50.57 -8.16 -51.55
C GLN B 670 51.02 -6.90 -52.28
N LEU B 671 51.76 -6.06 -51.58
CA LEU B 671 52.32 -4.83 -52.12
C LEU B 671 53.38 -5.16 -53.19
N THR B 672 53.38 -4.42 -54.29
CA THR B 672 54.06 -4.82 -55.55
C THR B 672 54.76 -3.64 -56.21
N GLN B 673 55.86 -3.87 -56.93
CA GLN B 673 56.77 -2.82 -57.40
C GLN B 673 56.11 -1.75 -58.29
N GLU B 674 55.12 -2.12 -59.10
CA GLU B 674 54.33 -1.20 -59.93
C GLU B 674 53.67 -0.11 -59.07
N ALA B 675 53.04 -0.50 -57.96
CA ALA B 675 52.50 0.41 -56.98
C ALA B 675 53.58 1.12 -56.15
N ILE B 676 54.73 0.50 -55.86
CA ILE B 676 55.83 1.20 -55.18
C ILE B 676 56.35 2.36 -56.02
N ASN B 677 56.58 2.15 -57.32
CA ASN B 677 57.03 3.21 -58.22
C ASN B 677 56.09 4.43 -58.22
N VAL B 678 54.80 4.23 -57.98
CA VAL B 678 53.79 5.28 -57.84
C VAL B 678 53.77 5.88 -56.44
N ILE B 679 53.69 5.06 -55.39
CA ILE B 679 53.56 5.50 -53.98
C ILE B 679 54.74 6.40 -53.59
N VAL B 680 55.99 6.03 -53.87
CA VAL B 680 57.15 6.86 -53.51
C VAL B 680 57.26 8.12 -54.38
N LYS B 681 56.84 8.07 -55.65
CA LYS B 681 56.75 9.25 -56.53
C LYS B 681 55.79 10.29 -55.95
N ASN B 682 54.58 9.86 -55.59
CA ASN B 682 53.55 10.72 -55.03
C ASN B 682 53.84 11.16 -53.58
N TYR B 683 54.40 10.29 -52.72
CA TYR B 683 54.81 10.70 -51.38
C TYR B 683 55.88 11.79 -51.41
N THR B 684 56.93 11.60 -52.22
CA THR B 684 58.02 12.57 -52.30
C THR B 684 57.57 13.90 -52.92
N ASP B 685 56.63 13.90 -53.87
CA ASP B 685 55.97 15.13 -54.36
C ASP B 685 55.16 15.85 -53.29
N LEU B 686 54.31 15.14 -52.53
CA LEU B 686 53.52 15.75 -51.46
C LEU B 686 54.43 16.40 -50.40
N ARG B 687 55.48 15.71 -49.97
CA ARG B 687 56.37 16.16 -48.89
C ARG B 687 57.34 17.28 -49.28
N ASN B 688 57.75 17.36 -50.54
CA ASN B 688 58.66 18.42 -51.01
C ASN B 688 57.97 19.72 -51.48
N ASP B 689 56.65 19.84 -51.32
CA ASP B 689 55.93 21.12 -51.45
C ASP B 689 54.69 21.16 -50.55
N PRO B 696 50.94 19.49 -43.69
CA PRO B 696 51.20 18.78 -42.45
C PRO B 696 51.89 17.41 -42.64
N ILE B 697 52.16 17.01 -43.88
CA ILE B 697 52.64 15.67 -44.24
C ILE B 697 53.91 15.23 -43.48
N THR B 698 53.91 13.97 -43.01
CA THR B 698 54.89 13.40 -42.07
C THR B 698 55.19 11.93 -42.43
N ALA B 699 56.11 11.25 -41.75
CA ALA B 699 56.41 9.83 -42.00
C ALA B 699 55.18 8.90 -41.94
N ARG B 700 54.22 9.17 -41.05
CA ARG B 700 52.96 8.41 -40.94
C ARG B 700 52.14 8.39 -42.23
N THR B 701 52.20 9.46 -43.03
CA THR B 701 51.40 9.64 -44.26
C THR B 701 51.82 8.68 -45.38
N LEU B 702 53.06 8.21 -45.38
CA LEU B 702 53.47 7.17 -46.33
C LEU B 702 52.71 5.88 -46.07
N GLU B 703 52.44 5.57 -44.80
CA GLU B 703 51.75 4.35 -44.42
C GLU B 703 50.25 4.44 -44.73
N THR B 704 49.65 5.63 -44.65
CA THR B 704 48.30 5.89 -45.18
C THR B 704 48.21 5.58 -46.67
N LEU B 705 49.15 6.01 -47.51
CA LEU B 705 49.14 5.68 -48.94
C LEU B 705 49.16 4.16 -49.19
N ILE B 706 49.95 3.42 -48.41
CA ILE B 706 50.02 1.97 -48.52
C ILE B 706 48.70 1.31 -48.06
N ARG B 707 48.04 1.83 -47.01
CA ARG B 707 46.74 1.32 -46.54
C ARG B 707 45.65 1.55 -47.57
N LEU B 708 45.52 2.74 -48.14
CA LEU B 708 44.50 3.04 -49.16
C LEU B 708 44.70 2.19 -50.42
N ALA B 709 45.94 2.01 -50.86
CA ALA B 709 46.25 1.17 -52.01
C ALA B 709 45.94 -0.31 -51.72
N THR B 710 46.28 -0.81 -50.53
CA THR B 710 45.97 -2.18 -50.13
C THR B 710 44.47 -2.41 -49.99
N ALA B 711 43.73 -1.45 -49.44
CA ALA B 711 42.28 -1.48 -49.35
C ALA B 711 41.61 -1.46 -50.73
N HIS B 712 42.05 -0.64 -51.69
CA HIS B 712 41.43 -0.58 -53.01
C HIS B 712 41.66 -1.88 -53.80
N ALA B 713 42.83 -2.50 -53.68
CA ALA B 713 43.13 -3.80 -54.25
C ALA B 713 42.16 -4.91 -53.80
N LYS B 714 41.62 -4.81 -52.57
CA LYS B 714 40.57 -5.70 -52.06
C LYS B 714 39.24 -5.43 -52.75
N VAL B 715 38.88 -4.17 -53.03
CA VAL B 715 37.65 -3.82 -53.76
C VAL B 715 37.66 -4.45 -55.16
N ARG B 716 38.82 -4.52 -55.80
CA ARG B 716 39.04 -5.22 -57.10
C ARG B 716 39.16 -6.74 -57.02
N LEU B 717 39.02 -7.34 -55.84
CA LEU B 717 39.16 -8.76 -55.57
C LEU B 717 40.48 -9.35 -56.09
N SER B 718 41.60 -8.70 -55.77
CA SER B 718 42.93 -9.04 -56.34
C SER B 718 44.01 -9.26 -55.29
N LYS B 719 44.93 -10.19 -55.55
CA LYS B 719 46.01 -10.60 -54.63
C LYS B 719 47.24 -9.70 -54.68
N THR B 720 47.29 -8.68 -55.55
CA THR B 720 48.47 -7.80 -55.74
C THR B 720 48.07 -6.33 -55.92
N VAL B 721 48.74 -5.42 -55.22
CA VAL B 721 48.49 -3.97 -55.29
C VAL B 721 49.15 -3.41 -56.55
N ASN B 722 48.37 -3.04 -57.56
CA ASN B 722 48.85 -2.61 -58.89
C ASN B 722 49.01 -1.09 -59.01
N LYS B 723 49.58 -0.57 -60.12
CA LYS B 723 49.69 0.88 -60.32
C LYS B 723 48.36 1.64 -60.26
N VAL B 724 47.25 1.05 -60.69
CA VAL B 724 45.92 1.68 -60.58
C VAL B 724 45.53 1.95 -59.13
N ASP B 725 45.79 1.02 -58.21
CA ASP B 725 45.42 1.16 -56.80
C ASP B 725 46.21 2.28 -56.13
N ALA B 726 47.48 2.39 -56.47
CA ALA B 726 48.35 3.43 -55.94
C ALA B 726 47.96 4.84 -56.43
N LYS B 727 47.51 4.96 -57.69
CA LYS B 727 46.98 6.21 -58.25
C LYS B 727 45.66 6.62 -57.58
N VAL B 728 44.73 5.70 -57.37
CA VAL B 728 43.47 6.02 -56.70
C VAL B 728 43.70 6.38 -55.23
N ALA B 729 44.62 5.71 -54.54
CA ALA B 729 45.03 6.07 -53.19
C ALA B 729 45.63 7.47 -53.10
N ALA B 730 46.48 7.85 -54.06
CA ALA B 730 47.11 9.16 -54.07
C ALA B 730 46.12 10.28 -54.41
N ASN B 731 45.20 10.07 -55.35
CA ASN B 731 44.14 11.04 -55.65
C ASN B 731 43.20 11.23 -54.46
N LEU B 732 42.78 10.14 -53.82
CA LEU B 732 41.89 10.22 -52.66
C LEU B 732 42.55 10.87 -51.44
N LEU B 733 43.85 10.65 -51.21
CA LEU B 733 44.59 11.37 -50.18
C LEU B 733 44.81 12.83 -50.57
N ARG B 734 45.21 13.12 -51.81
CA ARG B 734 45.41 14.50 -52.30
C ARG B 734 44.12 15.31 -52.24
N PHE B 735 42.96 14.69 -52.45
CA PHE B 735 41.66 15.33 -52.23
C PHE B 735 41.49 15.71 -50.76
N ALA B 736 41.79 14.81 -49.82
CA ALA B 736 41.62 15.10 -48.41
C ALA B 736 42.60 16.17 -47.91
N LEU B 737 43.83 16.20 -48.41
CA LEU B 737 44.83 17.24 -48.11
C LEU B 737 44.47 18.59 -48.75
N LEU B 738 44.29 18.65 -50.08
CA LEU B 738 44.18 19.90 -50.84
C LEU B 738 42.74 20.40 -51.02
N GLY B 739 41.73 19.57 -50.82
CA GLY B 739 40.34 19.90 -51.16
C GLY B 739 40.12 20.07 -52.66
N GLU B 740 40.73 19.20 -53.47
CA GLU B 740 40.77 19.31 -54.93
C GLU B 740 39.39 19.55 -55.58
N SER C 174 69.59 -41.82 37.85
CA SER C 174 69.32 -41.24 39.18
C SER C 174 68.75 -39.82 39.08
N GLU C 175 69.54 -38.82 38.69
CA GLU C 175 69.00 -37.47 38.45
C GLU C 175 68.02 -37.49 37.25
N PRO C 176 66.80 -36.94 37.38
CA PRO C 176 65.86 -36.85 36.26
C PRO C 176 66.36 -35.79 35.27
N LEU C 177 67.14 -36.18 34.26
CA LEU C 177 67.81 -35.24 33.36
C LEU C 177 66.81 -34.33 32.64
N ARG C 178 67.18 -33.07 32.48
CA ARG C 178 66.40 -32.06 31.76
C ARG C 178 66.96 -31.89 30.36
N ILE C 179 66.12 -32.08 29.35
CA ILE C 179 66.49 -32.16 27.95
C ILE C 179 65.64 -31.20 27.12
N ILE C 180 66.24 -30.48 26.18
CA ILE C 180 65.46 -29.60 25.32
C ILE C 180 64.57 -30.46 24.42
N TRP C 181 63.27 -30.21 24.33
CA TRP C 181 62.40 -31.19 23.70
C TRP C 181 62.70 -31.37 22.21
N GLY C 182 62.89 -32.64 21.88
CA GLY C 182 63.26 -33.09 20.57
C GLY C 182 64.74 -33.12 20.28
N THR C 183 65.64 -32.99 21.24
CA THR C 183 67.04 -32.66 20.88
C THR C 183 68.14 -33.57 21.36
N ASN C 184 67.97 -34.30 22.45
CA ASN C 184 69.08 -34.90 23.18
C ASN C 184 70.18 -33.92 23.64
N VAL C 185 69.80 -32.69 23.98
CA VAL C 185 70.68 -31.68 24.57
C VAL C 185 70.38 -31.52 26.04
N SER C 186 71.38 -31.62 26.90
CA SER C 186 71.23 -31.49 28.36
C SER C 186 71.32 -30.05 28.83
N ILE C 187 70.32 -29.59 29.54
CA ILE C 187 70.27 -28.21 30.03
C ILE C 187 71.31 -27.94 31.11
N GLN C 188 71.70 -28.94 31.90
CA GLN C 188 72.78 -28.76 32.88
C GLN C 188 74.12 -28.50 32.20
N GLU C 189 74.44 -29.25 31.16
CA GLU C 189 75.67 -29.04 30.42
C GLU C 189 75.66 -27.70 29.70
N CYS C 190 74.53 -27.32 29.11
CA CYS C 190 74.37 -26.00 28.52
C CYS C 190 74.66 -24.89 29.54
N THR C 191 74.04 -24.94 30.72
CA THR C 191 74.23 -23.95 31.78
C THR C 191 75.67 -23.92 32.27
N THR C 192 76.20 -25.07 32.69
CA THR C 192 77.52 -25.13 33.31
C THR C 192 78.67 -24.90 32.32
N ASN C 193 78.44 -24.98 31.02
CA ASN C 193 79.34 -24.38 30.04
C ASN C 193 79.18 -22.87 30.01
N PHE C 194 77.97 -22.34 29.82
CA PHE C 194 77.78 -20.92 29.61
C PHE C 194 78.26 -20.09 30.78
N ARG C 195 78.08 -20.54 32.02
CA ARG C 195 78.64 -19.90 33.21
C ARG C 195 80.16 -19.75 33.11
N ASN C 196 80.85 -20.81 32.73
CA ASN C 196 82.30 -20.83 32.57
C ASN C 196 82.82 -20.18 31.28
N PHE C 197 81.95 -19.63 30.45
CA PHE C 197 82.29 -18.65 29.44
C PHE C 197 82.05 -17.23 29.95
N LEU C 198 80.88 -17.01 30.57
CA LEU C 198 80.42 -15.71 31.04
C LEU C 198 81.32 -15.09 32.10
N MET C 199 82.23 -15.89 32.66
CA MET C 199 83.46 -15.47 33.30
C MET C 199 84.59 -16.36 32.82
N SER C 200 85.83 -15.91 32.97
CA SER C 200 87.04 -16.45 32.32
C SER C 200 87.22 -16.16 30.82
N PHE C 201 86.21 -15.66 30.09
CA PHE C 201 86.45 -15.17 28.73
C PHE C 201 87.22 -13.84 28.71
N LYS C 202 88.52 -13.92 28.43
CA LYS C 202 89.37 -12.79 28.03
C LYS C 202 89.11 -12.41 26.58
N TYR C 203 89.02 -11.12 26.25
CA TYR C 203 88.77 -10.71 24.86
C TYR C 203 89.91 -11.09 23.90
N LYS C 204 91.09 -11.38 24.44
CA LYS C 204 92.22 -12.04 23.76
C LYS C 204 91.75 -13.16 22.84
N PHE C 205 90.88 -14.04 23.32
CA PHE C 205 90.40 -15.20 22.56
C PHE C 205 89.66 -14.83 21.27
N ARG C 206 88.91 -13.72 21.21
CA ARG C 206 88.32 -13.23 19.96
C ARG C 206 89.40 -12.82 18.96
N LYS C 207 90.44 -12.14 19.42
CA LYS C 207 91.63 -11.79 18.63
C LYS C 207 92.58 -12.96 18.38
N ILE C 208 92.27 -14.16 18.84
CA ILE C 208 92.84 -15.39 18.33
C ILE C 208 91.90 -15.98 17.27
N LEU C 209 90.58 -15.96 17.50
CA LEU C 209 89.59 -16.54 16.58
C LEU C 209 89.69 -15.94 15.17
N ASP C 210 89.67 -14.61 15.04
CA ASP C 210 89.79 -13.93 13.75
C ASP C 210 91.25 -13.70 13.33
N GLU C 211 92.17 -14.19 14.14
CA GLU C 211 93.52 -13.66 14.26
C GLU C 211 93.52 -12.12 14.37
N ARG C 212 94.20 -11.39 13.48
CA ARG C 212 94.73 -10.06 13.82
C ARG C 212 95.67 -10.13 15.04
N GLU C 213 96.27 -11.29 15.31
CA GLU C 213 96.92 -11.59 16.59
C GLU C 213 98.20 -10.77 16.85
N GLU C 214 98.64 -9.98 15.87
CA GLU C 214 99.65 -8.94 16.07
C GLU C 214 99.12 -7.81 16.96
N PHE C 215 97.82 -7.54 16.92
CA PHE C 215 97.15 -6.39 17.51
C PHE C 215 96.93 -6.50 19.02
N ILE C 216 97.14 -7.66 19.66
CA ILE C 216 96.75 -7.89 21.06
C ILE C 216 97.36 -6.87 22.05
N ASN C 217 96.48 -6.21 22.78
CA ASN C 217 96.73 -5.09 23.70
C ASN C 217 96.41 -5.52 25.13
N ASN C 218 97.36 -5.36 26.06
CA ASN C 218 97.19 -5.90 27.40
C ASN C 218 95.93 -5.37 28.10
N THR C 219 95.64 -4.08 28.01
CA THR C 219 94.65 -3.46 28.88
C THR C 219 93.23 -3.94 28.61
N THR C 220 92.79 -3.93 27.36
CA THR C 220 91.50 -4.53 27.01
C THR C 220 91.55 -6.04 27.00
N ASP C 221 92.53 -6.60 26.31
CA ASP C 221 92.48 -7.98 25.88
C ASP C 221 92.72 -8.98 27.01
N GLU C 222 93.52 -8.63 28.00
CA GLU C 222 93.67 -9.41 29.25
C GLU C 222 92.49 -9.32 30.20
N GLU C 223 91.73 -8.22 30.22
CA GLU C 223 90.55 -8.13 31.09
C GLU C 223 89.50 -9.18 30.82
N LEU C 224 88.88 -9.66 31.90
CA LEU C 224 87.76 -10.59 31.82
C LEU C 224 86.53 -9.87 31.29
N TYR C 225 86.23 -10.02 30.01
CA TYR C 225 85.35 -9.11 29.30
C TYR C 225 83.95 -9.08 29.91
N TYR C 226 83.34 -10.23 30.11
CA TYR C 226 82.00 -10.27 30.69
C TYR C 226 81.95 -9.96 32.19
N ILE C 227 83.06 -10.12 32.92
CA ILE C 227 83.13 -9.63 34.31
C ILE C 227 82.97 -8.12 34.34
N LYS C 228 83.74 -7.41 33.52
CA LYS C 228 83.65 -5.95 33.43
C LYS C 228 82.25 -5.51 32.96
N GLN C 229 81.69 -6.17 31.97
CA GLN C 229 80.32 -5.91 31.52
C GLN C 229 79.29 -6.04 32.64
N LEU C 230 79.37 -7.10 33.44
CA LEU C 230 78.42 -7.35 34.53
C LEU C 230 78.60 -6.39 35.71
N ASN C 231 79.82 -6.06 36.09
CA ASN C 231 80.04 -5.08 37.13
C ASN C 231 79.49 -3.70 36.73
N GLU C 232 79.62 -3.33 35.45
CA GLU C 232 78.93 -2.17 34.92
C GLU C 232 77.41 -2.30 35.01
N MET C 233 76.82 -3.45 34.61
CA MET C 233 75.37 -3.65 34.68
C MET C 233 74.82 -3.41 36.08
N ARG C 234 75.51 -3.94 37.10
CA ARG C 234 75.11 -3.83 38.51
C ARG C 234 75.09 -2.38 38.98
N GLU C 235 76.15 -1.65 38.69
CA GLU C 235 76.31 -0.27 39.14
C GLU C 235 75.42 0.71 38.38
N LEU C 236 75.16 0.48 37.10
CA LEU C 236 74.19 1.25 36.33
C LEU C 236 72.76 0.87 36.69
N GLY C 237 72.54 -0.33 37.24
CA GLY C 237 71.21 -0.86 37.58
C GLY C 237 70.43 -1.24 36.32
N THR C 238 71.10 -1.91 35.38
CA THR C 238 70.59 -2.22 34.02
C THR C 238 70.65 -3.71 33.72
N SER C 239 69.66 -4.23 32.98
CA SER C 239 69.27 -5.64 33.04
C SER C 239 69.61 -6.46 31.80
N ASN C 240 70.18 -5.85 30.76
CA ASN C 240 70.31 -6.45 29.44
C ASN C 240 71.77 -6.54 29.05
N LEU C 241 72.24 -7.74 28.76
CA LEU C 241 73.59 -7.98 28.27
C LEU C 241 73.58 -8.27 26.76
N ASN C 242 74.23 -7.43 25.96
CA ASN C 242 74.47 -7.75 24.55
C ASN C 242 75.55 -8.83 24.43
N LEU C 243 75.42 -9.72 23.46
CA LEU C 243 76.36 -10.84 23.28
C LEU C 243 76.60 -11.11 21.79
N ASP C 244 77.79 -10.81 21.29
CA ASP C 244 78.19 -11.17 19.94
C ASP C 244 78.45 -12.67 19.91
N ALA C 245 77.58 -13.40 19.22
CA ALA C 245 77.54 -14.84 19.28
C ALA C 245 78.89 -15.49 18.91
N ARG C 246 79.71 -14.85 18.06
CA ARG C 246 81.03 -15.35 17.71
C ARG C 246 81.93 -15.57 18.91
N ASN C 247 81.72 -14.89 20.03
CA ASN C 247 82.51 -15.19 21.22
C ASN C 247 82.34 -16.65 21.67
N LEU C 248 81.18 -17.26 21.44
CA LEU C 248 80.94 -18.64 21.85
C LEU C 248 81.81 -19.61 21.06
N LEU C 249 82.14 -19.27 19.81
CA LEU C 249 83.06 -20.02 18.97
C LEU C 249 84.52 -19.76 19.35
N ALA C 250 84.82 -18.57 19.88
CA ALA C 250 86.17 -18.20 20.26
C ALA C 250 86.70 -19.01 21.45
N TYR C 251 85.82 -19.54 22.28
CA TYR C 251 86.19 -20.22 23.50
C TYR C 251 85.98 -21.73 23.43
N LYS C 252 87.04 -22.52 23.62
CA LYS C 252 87.09 -23.97 23.34
C LYS C 252 85.91 -24.77 23.88
N GLN C 253 85.51 -24.53 25.12
CA GLN C 253 84.44 -25.29 25.77
C GLN C 253 83.06 -25.07 25.14
N THR C 254 82.88 -24.03 24.33
CA THR C 254 81.57 -23.44 24.06
C THR C 254 81.19 -23.43 22.59
N GLU C 255 82.06 -23.93 21.72
CA GLU C 255 81.78 -24.02 20.28
C GLU C 255 80.46 -24.71 19.95
N ASP C 256 80.12 -25.82 20.61
CA ASP C 256 78.85 -26.50 20.36
C ASP C 256 77.65 -25.69 20.86
N LEU C 257 77.81 -24.79 21.84
CA LEU C 257 76.72 -23.94 22.32
C LEU C 257 76.31 -22.92 21.28
N TYR C 258 77.24 -22.42 20.47
CA TYR C 258 76.87 -21.54 19.37
C TYR C 258 75.89 -22.26 18.43
N HIS C 259 76.19 -23.51 18.07
CA HIS C 259 75.28 -24.30 17.25
C HIS C 259 73.96 -24.57 17.97
N GLN C 260 73.95 -24.83 19.27
CA GLN C 260 72.69 -24.94 20.01
C GLN C 260 71.91 -23.61 20.01
N LEU C 261 72.56 -22.46 20.13
CA LEU C 261 71.89 -21.15 20.14
C LEU C 261 71.20 -20.86 18.82
N LEU C 262 71.82 -21.20 17.69
CA LEU C 262 71.19 -21.03 16.39
C LEU C 262 70.01 -21.98 16.18
N ASN C 263 70.11 -23.22 16.63
CA ASN C 263 69.14 -24.27 16.38
C ASN C 263 67.97 -24.33 17.37
N TYR C 264 68.16 -23.93 18.62
CA TYR C 264 67.18 -24.04 19.69
C TYR C 264 67.07 -22.74 20.50
N PRO C 265 66.73 -21.61 19.86
CA PRO C 265 66.93 -20.30 20.44
C PRO C 265 66.15 -20.04 21.71
N GLN C 266 64.88 -20.44 21.74
CA GLN C 266 63.94 -20.09 22.80
C GLN C 266 64.36 -20.69 24.14
N GLU C 267 64.84 -21.92 24.13
CA GLU C 267 65.38 -22.59 25.30
C GLU C 267 66.79 -22.13 25.64
N VAL C 268 67.69 -22.06 24.67
CA VAL C 268 69.07 -21.63 24.93
C VAL C 268 69.13 -20.20 25.45
N ILE C 269 68.33 -19.28 24.93
CA ILE C 269 68.21 -17.93 25.47
C ILE C 269 67.62 -17.96 26.87
N SER C 270 66.63 -18.80 27.14
CA SER C 270 66.07 -18.89 28.50
C SER C 270 67.07 -19.45 29.52
N ILE C 271 68.03 -20.27 29.10
CA ILE C 271 69.12 -20.73 29.96
C ILE C 271 70.12 -19.61 30.20
N MET C 272 70.48 -18.88 29.15
CA MET C 272 71.39 -17.76 29.25
C MET C 272 70.82 -16.64 30.12
N ASP C 273 69.54 -16.32 30.00
CA ASP C 273 68.89 -15.30 30.81
C ASP C 273 69.05 -15.57 32.30
N GLN C 274 68.79 -16.79 32.70
CA GLN C 274 68.87 -17.18 34.10
C GLN C 274 70.33 -17.28 34.58
N THR C 275 71.23 -17.78 33.74
CA THR C 275 72.66 -17.84 34.08
C THR C 275 73.23 -16.47 34.38
N ILE C 276 72.82 -15.44 33.63
CA ILE C 276 73.18 -14.07 33.96
C ILE C 276 72.73 -13.74 35.38
N LYS C 277 71.47 -13.98 35.72
CA LYS C 277 70.94 -13.69 37.05
C LYS C 277 71.68 -14.46 38.15
N ASP C 278 71.97 -15.74 37.97
CA ASP C 278 72.84 -16.48 38.88
C ASP C 278 74.23 -15.84 39.00
N CYS C 279 74.82 -15.39 37.89
CA CYS C 279 76.14 -14.80 37.91
C CYS C 279 76.13 -13.49 38.67
N MET C 280 75.16 -12.62 38.41
CA MET C 280 75.03 -11.33 39.09
C MET C 280 75.00 -11.50 40.60
N VAL C 281 74.28 -12.51 41.10
CA VAL C 281 74.25 -12.84 42.51
C VAL C 281 75.60 -13.39 42.98
N SER C 282 76.19 -14.37 42.29
CA SER C 282 77.50 -14.92 42.67
C SER C 282 78.60 -13.86 42.74
N LEU C 283 78.57 -12.89 41.83
CA LEU C 283 79.52 -11.79 41.76
C LEU C 283 79.47 -10.85 42.95
N ILE C 284 78.41 -10.85 43.75
CA ILE C 284 78.37 -10.11 45.02
C ILE C 284 78.39 -11.01 46.24
N VAL C 285 77.69 -12.14 46.27
CA VAL C 285 77.63 -12.95 47.50
C VAL C 285 78.89 -13.80 47.69
N ASP C 286 79.41 -14.43 46.64
CA ASP C 286 80.65 -15.22 46.77
C ASP C 286 81.86 -14.30 46.90
N ASN C 287 81.86 -13.24 46.10
CA ASN C 287 82.81 -12.14 46.20
C ASN C 287 82.64 -11.31 47.49
N ASN C 288 81.61 -11.62 48.30
CA ASN C 288 81.22 -11.00 49.56
C ASN C 288 81.29 -9.46 49.57
N LEU C 289 80.93 -8.86 48.44
CA LEU C 289 80.88 -7.42 48.22
C LEU C 289 79.60 -6.82 48.80
N ASP C 290 79.66 -5.57 49.26
CA ASP C 290 78.57 -4.89 49.98
C ASP C 290 77.64 -4.11 49.03
N TYR C 291 76.47 -4.69 48.78
CA TYR C 291 75.47 -4.23 47.84
C TYR C 291 74.10 -4.83 48.22
N ASP C 292 73.02 -4.26 47.68
CA ASP C 292 71.64 -4.67 47.96
C ASP C 292 71.26 -5.92 47.15
N LEU C 293 70.87 -7.02 47.82
CA LEU C 293 70.58 -8.26 47.11
C LEU C 293 69.22 -8.25 46.41
N ASP C 294 68.18 -7.78 47.08
CA ASP C 294 66.82 -7.69 46.53
C ASP C 294 66.74 -6.84 45.24
N GLU C 295 67.58 -5.82 45.15
CA GLU C 295 67.79 -4.97 43.98
C GLU C 295 68.22 -5.77 42.73
N ILE C 296 68.80 -6.95 42.93
CA ILE C 296 69.19 -7.88 41.86
C ILE C 296 68.18 -9.01 41.74
N GLU C 297 67.70 -9.56 42.86
CA GLU C 297 66.73 -10.66 42.87
C GLU C 297 65.41 -10.29 42.21
N THR C 298 65.00 -9.03 42.28
CA THR C 298 63.75 -8.54 41.68
C THR C 298 63.83 -8.32 40.17
N LYS C 299 65.03 -8.21 39.58
CA LYS C 299 65.19 -7.91 38.14
C LYS C 299 64.91 -9.12 37.25
N PHE C 300 64.27 -8.88 36.12
CA PHE C 300 64.26 -9.80 34.99
C PHE C 300 65.46 -9.49 34.09
N TYR C 301 66.56 -10.21 34.26
CA TYR C 301 67.74 -10.10 33.38
C TYR C 301 67.50 -10.76 32.04
N LYS C 302 68.19 -10.27 31.00
CA LYS C 302 68.11 -10.80 29.63
C LYS C 302 69.47 -10.84 28.94
N VAL C 303 69.74 -11.87 28.15
CA VAL C 303 70.71 -11.78 27.06
C VAL C 303 70.02 -11.24 25.81
N ARG C 304 70.75 -10.49 25.01
CA ARG C 304 70.40 -10.01 23.67
C ARG C 304 71.49 -10.46 22.70
N PRO C 305 71.44 -11.67 22.12
CA PRO C 305 72.50 -12.13 21.25
C PRO C 305 72.42 -11.43 19.90
N TYR C 306 73.56 -11.13 19.30
CA TYR C 306 73.68 -10.47 18.01
C TYR C 306 74.90 -10.99 17.24
N ASN C 307 75.12 -10.53 16.01
CA ASN C 307 76.18 -11.02 15.13
C ASN C 307 76.11 -12.54 14.92
N VAL C 308 74.89 -13.08 14.92
CA VAL C 308 74.58 -14.51 15.09
C VAL C 308 75.05 -15.41 13.96
N GLY C 309 75.06 -14.93 12.73
CA GLY C 309 75.42 -15.67 11.54
C GLY C 309 75.42 -14.78 10.33
N SER C 310 75.57 -15.32 9.13
CA SER C 310 75.40 -14.53 7.91
C SER C 310 73.99 -13.95 7.86
N CYS C 311 73.86 -12.68 7.52
CA CYS C 311 72.57 -12.12 7.16
C CYS C 311 72.01 -12.83 5.92
N LYS C 312 70.70 -12.83 5.78
CA LYS C 312 70.03 -13.38 4.60
C LYS C 312 68.90 -12.50 4.13
N GLY C 313 68.53 -12.64 2.87
CA GLY C 313 67.41 -11.96 2.30
C GLY C 313 66.12 -12.42 2.94
N MET C 314 65.27 -11.46 3.28
CA MET C 314 63.90 -11.71 3.70
C MET C 314 63.16 -12.61 2.71
N ARG C 315 63.44 -12.44 1.42
CA ARG C 315 62.92 -13.25 0.31
C ARG C 315 63.46 -14.68 0.27
N GLU C 316 64.60 -14.93 0.93
CA GLU C 316 65.26 -16.22 1.02
C GLU C 316 64.78 -17.05 2.23
N LEU C 317 63.86 -16.55 3.03
CA LEU C 317 63.25 -17.32 4.11
C LEU C 317 62.37 -18.45 3.57
N ASN C 318 62.33 -19.58 4.25
CA ASN C 318 61.51 -20.75 3.90
C ASN C 318 61.31 -21.66 5.14
N PRO C 319 60.36 -22.61 5.13
CA PRO C 319 59.96 -23.32 6.34
C PRO C 319 61.05 -24.15 7.04
N ASN C 320 62.17 -24.45 6.39
CA ASN C 320 63.33 -25.02 7.06
C ASN C 320 63.83 -24.14 8.24
N ASP C 321 63.57 -22.83 8.19
CA ASP C 321 64.02 -21.85 9.18
C ASP C 321 63.10 -21.63 10.38
N ILE C 322 61.92 -22.25 10.47
CA ILE C 322 61.04 -22.04 11.62
C ILE C 322 61.75 -22.41 12.93
N ASP C 323 61.60 -21.57 13.95
CA ASP C 323 62.23 -21.71 15.26
C ASP C 323 63.78 -21.74 15.20
N LYS C 324 64.37 -20.85 14.41
CA LYS C 324 65.83 -20.62 14.38
C LYS C 324 66.15 -19.14 14.49
N LEU C 325 67.32 -18.77 15.03
CA LEU C 325 67.78 -17.38 14.98
C LEU C 325 68.15 -17.02 13.55
N ILE C 326 67.66 -15.87 13.11
CA ILE C 326 68.00 -15.29 11.82
C ILE C 326 68.38 -13.82 11.99
N ASN C 327 69.12 -13.31 11.02
CA ASN C 327 69.68 -11.97 11.00
C ASN C 327 69.21 -11.22 9.75
N LEU C 328 68.41 -10.17 9.89
CA LEU C 328 67.78 -9.46 8.78
C LEU C 328 68.19 -7.99 8.76
N LYS C 329 68.25 -7.38 7.57
CA LYS C 329 68.44 -5.94 7.38
C LYS C 329 67.24 -5.37 6.64
N GLY C 330 66.76 -4.20 7.01
CA GLY C 330 65.58 -3.61 6.37
C GLY C 330 65.33 -2.15 6.69
N LEU C 331 64.24 -1.61 6.16
CA LEU C 331 63.71 -0.28 6.43
C LEU C 331 62.39 -0.39 7.18
N VAL C 332 62.28 0.26 8.33
CA VAL C 332 61.02 0.29 9.07
C VAL C 332 59.98 1.10 8.30
N LEU C 333 58.85 0.52 7.94
CA LEU C 333 57.73 1.25 7.36
C LEU C 333 56.96 2.00 8.44
N ARG C 334 56.60 1.31 9.53
CA ARG C 334 55.82 1.85 10.63
C ARG C 334 55.82 0.91 11.84
N SER C 335 55.39 1.47 12.95
CA SER C 335 55.17 0.79 14.22
C SER C 335 53.70 0.92 14.59
N THR C 336 53.06 -0.14 15.07
CA THR C 336 51.84 0.04 15.86
C THR C 336 52.16 0.83 17.14
N PRO C 337 51.21 1.61 17.69
CA PRO C 337 51.21 1.95 19.11
C PRO C 337 51.36 0.72 19.99
N VAL C 338 51.87 0.86 21.19
CA VAL C 338 52.24 -0.29 22.03
C VAL C 338 51.03 -1.14 22.43
N ILE C 339 51.18 -2.46 22.42
CA ILE C 339 50.13 -3.43 22.72
C ILE C 339 50.44 -4.09 24.08
N PRO C 340 49.52 -4.09 25.04
CA PRO C 340 49.69 -4.79 26.29
C PRO C 340 49.49 -6.30 26.10
N ASP C 341 50.50 -7.09 26.39
CA ASP C 341 50.44 -8.55 26.33
C ASP C 341 50.42 -9.10 27.76
N MET C 342 49.39 -9.84 28.16
CA MET C 342 49.25 -10.27 29.55
C MET C 342 50.29 -11.33 29.93
N LYS C 343 50.92 -11.16 31.10
CA LYS C 343 51.96 -12.02 31.64
C LYS C 343 51.53 -12.72 32.94
N VAL C 344 50.65 -12.12 33.72
CA VAL C 344 50.04 -12.71 34.92
C VAL C 344 48.59 -12.29 34.98
N ALA C 345 47.66 -13.23 34.97
CA ALA C 345 46.25 -12.94 35.21
C ALA C 345 45.99 -12.78 36.70
N PHE C 346 45.06 -11.92 37.09
CA PHE C 346 44.68 -11.72 38.48
C PHE C 346 43.21 -12.00 38.72
N PHE C 347 42.90 -12.97 39.57
CA PHE C 347 41.55 -13.48 39.79
C PHE C 347 41.03 -13.19 41.20
N LYS C 348 39.73 -12.97 41.36
CA LYS C 348 39.04 -12.70 42.62
C LYS C 348 37.81 -13.57 42.77
N CYS C 349 37.62 -14.15 43.95
CA CYS C 349 36.42 -14.90 44.29
C CYS C 349 35.24 -13.96 44.51
N ASN C 350 34.14 -14.11 43.76
CA ASN C 350 32.97 -13.26 43.96
C ASN C 350 32.34 -13.47 45.34
N VAL C 351 32.32 -14.71 45.83
CA VAL C 351 31.76 -14.99 47.15
C VAL C 351 32.65 -14.53 48.28
N CYS C 352 33.94 -14.86 48.30
CA CYS C 352 34.78 -14.67 49.47
C CYS C 352 35.89 -13.59 49.37
N ASP C 353 36.01 -12.81 48.30
CA ASP C 353 37.04 -11.78 48.14
C ASP C 353 38.51 -12.26 48.15
N HIS C 354 38.79 -13.56 48.20
CA HIS C 354 40.14 -14.10 48.04
C HIS C 354 40.67 -13.85 46.63
N THR C 355 41.99 -13.80 46.42
CA THR C 355 42.56 -13.48 45.11
C THR C 355 43.81 -14.27 44.78
N MET C 356 44.07 -14.46 43.49
CA MET C 356 45.19 -15.26 42.98
C MET C 356 45.89 -14.65 41.79
N ALA C 357 47.20 -14.73 41.77
CA ALA C 357 48.01 -14.52 40.59
C ALA C 357 48.12 -15.84 39.83
N VAL C 358 47.62 -15.89 38.60
CA VAL C 358 47.59 -17.07 37.74
C VAL C 358 48.53 -16.85 36.55
N GLU C 359 49.44 -17.79 36.35
CA GLU C 359 50.50 -17.70 35.36
C GLU C 359 49.96 -17.92 33.93
N ILE C 360 50.21 -16.99 33.01
CA ILE C 360 49.88 -17.20 31.59
C ILE C 360 50.92 -18.13 30.96
N ASP C 361 50.48 -19.04 30.11
CA ASP C 361 51.31 -20.10 29.54
C ASP C 361 50.94 -20.32 28.07
N ARG C 362 51.85 -20.08 27.13
CA ARG C 362 51.58 -20.15 25.68
C ARG C 362 50.35 -19.33 25.25
N GLY C 363 50.07 -18.24 25.94
CA GLY C 363 48.92 -17.38 25.67
C GLY C 363 47.57 -17.88 26.21
N VAL C 364 47.53 -19.03 26.88
CA VAL C 364 46.31 -19.53 27.54
C VAL C 364 46.37 -19.24 29.04
N ILE C 365 45.29 -18.66 29.58
CA ILE C 365 45.07 -18.47 31.01
C ILE C 365 44.78 -19.84 31.61
N GLN C 366 45.60 -20.33 32.53
CA GLN C 366 45.33 -21.60 33.20
C GLN C 366 44.41 -21.36 34.41
N GLU C 367 43.16 -20.98 34.09
CA GLU C 367 42.09 -20.64 35.00
C GLU C 367 41.86 -21.70 36.09
N PRO C 368 41.59 -21.30 37.35
CA PRO C 368 41.21 -22.24 38.40
C PRO C 368 39.74 -22.65 38.31
N ALA C 369 39.43 -23.91 38.65
CA ALA C 369 38.05 -24.40 38.66
C ALA C 369 37.23 -23.88 39.85
N ARG C 370 37.88 -23.69 41.00
CA ARG C 370 37.30 -23.42 42.34
C ARG C 370 38.12 -22.42 43.13
N CYS C 371 37.52 -21.77 44.13
CA CYS C 371 38.22 -20.95 45.10
C CYS C 371 39.36 -21.72 45.79
N GLU C 372 40.58 -21.16 45.85
CA GLU C 372 41.73 -21.82 46.46
C GLU C 372 41.59 -21.96 47.98
N ARG C 373 40.81 -21.10 48.65
CA ARG C 373 40.55 -21.26 50.08
C ARG C 373 39.71 -22.50 50.31
N ILE C 374 40.26 -23.51 50.97
CA ILE C 374 39.52 -24.73 51.36
C ILE C 374 38.32 -24.45 52.27
N ASP C 375 38.33 -23.34 53.02
CA ASP C 375 37.19 -22.87 53.82
C ASP C 375 36.06 -22.26 52.95
N CYS C 376 36.25 -22.13 51.64
CA CYS C 376 35.31 -21.60 50.65
C CYS C 376 35.05 -22.60 49.51
N ASN C 377 36.07 -22.97 48.75
CA ASN C 377 36.03 -24.03 47.72
C ASN C 377 34.88 -23.96 46.70
N GLU C 378 34.33 -22.79 46.44
CA GLU C 378 33.21 -22.60 45.52
C GLU C 378 33.64 -22.75 44.06
N PRO C 379 32.95 -23.55 43.23
CA PRO C 379 33.26 -23.69 41.82
C PRO C 379 32.68 -22.54 40.99
N ASN C 380 33.33 -22.21 39.88
CA ASN C 380 32.93 -21.17 38.93
C ASN C 380 32.82 -19.72 39.47
N SER C 381 32.93 -19.46 40.76
CA SER C 381 32.76 -18.12 41.35
C SER C 381 34.01 -17.23 41.25
N MET C 382 35.15 -17.84 40.93
CA MET C 382 36.40 -17.15 40.67
C MET C 382 36.34 -16.38 39.35
N SER C 383 36.80 -15.13 39.32
CA SER C 383 36.63 -14.22 38.17
C SER C 383 37.84 -13.32 37.92
N LEU C 384 38.06 -12.90 36.68
CA LEU C 384 39.23 -12.13 36.25
C LEU C 384 39.07 -10.62 36.49
N ILE C 385 40.12 -9.94 36.95
CA ILE C 385 40.15 -8.48 37.09
C ILE C 385 41.24 -7.89 36.23
N HIS C 386 40.83 -7.28 35.12
CA HIS C 386 41.76 -6.93 34.05
C HIS C 386 42.83 -5.94 34.50
N ASN C 387 42.47 -4.90 35.26
CA ASN C 387 43.41 -3.86 35.67
C ASN C 387 44.32 -4.21 36.85
N ARG C 388 44.19 -5.43 37.39
CA ARG C 388 45.09 -5.99 38.41
C ARG C 388 45.96 -7.11 37.85
N CYS C 389 45.75 -7.53 36.62
CA CYS C 389 46.68 -8.36 35.87
C CYS C 389 48.00 -7.62 35.64
N SER C 390 49.04 -8.34 35.23
CA SER C 390 50.34 -7.76 34.87
C SER C 390 50.69 -8.02 33.42
N PHE C 391 51.35 -7.08 32.76
CA PHE C 391 51.51 -7.05 31.32
C PHE C 391 52.95 -6.81 30.90
N ALA C 392 53.30 -7.38 29.76
CA ALA C 392 54.46 -7.06 28.95
C ALA C 392 54.08 -6.08 27.84
N ASP C 393 55.07 -5.44 27.23
CA ASP C 393 54.88 -4.55 26.09
C ASP C 393 55.23 -5.28 24.79
N LYS C 394 54.28 -5.40 23.87
CA LYS C 394 54.47 -5.91 22.50
C LYS C 394 54.35 -4.76 21.51
N GLN C 395 55.16 -4.70 20.47
CA GLN C 395 54.96 -3.79 19.36
C GLN C 395 55.24 -4.49 18.02
N VAL C 396 54.34 -4.36 17.07
CA VAL C 396 54.58 -4.77 15.68
C VAL C 396 55.33 -3.66 14.93
N ILE C 397 56.47 -3.99 14.36
CA ILE C 397 57.10 -3.19 13.33
C ILE C 397 56.88 -3.88 11.98
N LYS C 398 56.38 -3.17 10.97
CA LYS C 398 56.45 -3.61 9.59
C LYS C 398 57.79 -3.24 9.01
N LEU C 399 58.55 -4.20 8.52
CA LEU C 399 59.89 -4.00 8.00
C LEU C 399 59.96 -4.33 6.51
N GLN C 400 60.36 -3.39 5.66
CA GLN C 400 60.58 -3.62 4.24
C GLN C 400 62.00 -4.13 3.94
N GLU C 401 62.11 -5.02 2.95
CA GLU C 401 63.36 -5.48 2.35
C GLU C 401 64.23 -4.30 1.85
N THR C 402 65.54 -4.30 2.15
CA THR C 402 66.43 -3.23 1.70
C THR C 402 66.63 -3.25 0.17
N PRO C 403 66.54 -2.09 -0.53
CA PRO C 403 66.68 -2.03 -1.99
C PRO C 403 67.95 -2.64 -2.59
N ASP C 404 69.06 -2.76 -1.86
CA ASP C 404 70.25 -3.47 -2.34
C ASP C 404 70.02 -4.96 -2.63
N PHE C 405 69.14 -5.61 -1.85
CA PHE C 405 68.89 -7.05 -1.92
C PHE C 405 67.84 -7.44 -2.98
N VAL C 406 66.95 -6.54 -3.43
CA VAL C 406 65.82 -6.95 -4.28
C VAL C 406 66.29 -7.57 -5.62
N PRO C 407 65.62 -8.60 -6.14
CA PRO C 407 65.74 -8.97 -7.54
C PRO C 407 65.11 -7.85 -8.38
N ASP C 408 65.79 -7.36 -9.42
CA ASP C 408 65.37 -6.10 -10.02
C ASP C 408 64.10 -6.19 -10.88
N GLY C 409 63.59 -7.40 -11.15
CA GLY C 409 62.34 -7.60 -11.87
C GLY C 409 61.09 -7.14 -11.13
N GLN C 410 61.11 -6.92 -9.81
CA GLN C 410 59.89 -6.66 -9.03
C GLN C 410 60.10 -5.82 -7.76
N THR C 411 58.98 -5.47 -7.10
CA THR C 411 58.88 -4.77 -5.80
C THR C 411 59.70 -5.42 -4.68
N PRO C 412 60.19 -4.68 -3.68
CA PRO C 412 60.62 -5.25 -2.41
C PRO C 412 59.45 -5.97 -1.72
N HIS C 413 59.78 -6.99 -0.93
CA HIS C 413 58.90 -7.59 0.09
C HIS C 413 58.98 -6.85 1.42
N SER C 414 58.15 -7.25 2.37
CA SER C 414 58.19 -6.80 3.77
C SER C 414 57.75 -7.93 4.70
N ILE C 415 58.21 -7.90 5.95
CA ILE C 415 57.87 -8.85 7.00
C ILE C 415 57.49 -8.11 8.28
N SER C 416 56.44 -8.53 8.96
CA SER C 416 56.12 -8.01 10.28
C SER C 416 57.05 -8.61 11.31
N LEU C 417 57.47 -7.84 12.30
CA LEU C 417 58.25 -8.34 13.42
C LEU C 417 57.71 -7.81 14.74
N CYS C 418 57.66 -8.68 15.74
CA CYS C 418 57.22 -8.34 17.08
C CYS C 418 58.44 -8.00 17.93
N VAL C 419 58.50 -6.78 18.44
CA VAL C 419 59.53 -6.32 19.35
C VAL C 419 58.95 -6.17 20.74
N TYR C 420 59.71 -6.57 21.75
CA TYR C 420 59.20 -6.88 23.08
C TYR C 420 59.95 -6.17 24.20
N ASP C 421 59.23 -5.87 25.28
CA ASP C 421 59.77 -5.33 26.53
C ASP C 421 60.66 -4.09 26.28
N GLU C 422 61.93 -4.14 26.69
CA GLU C 422 62.82 -3.00 26.65
C GLU C 422 63.17 -2.55 25.23
N LEU C 423 62.98 -3.40 24.22
CA LEU C 423 63.22 -3.05 22.82
C LEU C 423 62.07 -2.26 22.17
N VAL C 424 60.91 -2.13 22.80
CA VAL C 424 59.80 -1.31 22.29
C VAL C 424 60.23 0.14 22.14
N ASP C 425 59.87 0.77 21.04
CA ASP C 425 60.35 2.10 20.59
C ASP C 425 61.89 2.22 20.52
N SER C 426 62.59 1.15 20.17
CA SER C 426 63.98 1.27 19.70
C SER C 426 64.09 2.05 18.40
N CYS C 427 63.11 1.90 17.51
CA CYS C 427 63.16 2.35 16.13
C CYS C 427 62.16 3.46 15.86
N ARG C 428 62.55 4.48 15.11
CA ARG C 428 61.64 5.41 14.44
C ARG C 428 61.23 4.83 13.09
N ALA C 429 60.08 5.26 12.57
CA ALA C 429 59.72 5.00 11.19
C ALA C 429 60.82 5.50 10.25
N GLY C 430 61.10 4.75 9.20
CA GLY C 430 62.18 5.06 8.25
C GLY C 430 63.60 4.79 8.76
N ASP C 431 63.82 4.26 9.97
CA ASP C 431 65.14 3.72 10.33
C ASP C 431 65.53 2.57 9.41
N ARG C 432 66.80 2.53 8.99
CA ARG C 432 67.46 1.27 8.62
C ARG C 432 67.91 0.57 9.89
N ILE C 433 67.67 -0.74 9.99
CA ILE C 433 68.08 -1.53 11.15
C ILE C 433 68.57 -2.91 10.74
N GLU C 434 69.41 -3.49 11.59
CA GLU C 434 69.70 -4.91 11.59
C GLU C 434 69.09 -5.55 12.82
N VAL C 435 68.38 -6.66 12.66
CA VAL C 435 67.68 -7.32 13.75
C VAL C 435 68.12 -8.76 13.86
N THR C 436 68.21 -9.25 15.08
CA THR C 436 68.34 -10.68 15.36
C THR C 436 67.07 -11.13 16.07
N GLY C 437 66.45 -12.19 15.60
CA GLY C 437 65.19 -12.69 16.13
C GLY C 437 64.97 -14.15 15.81
N THR C 438 64.08 -14.83 16.52
CA THR C 438 63.68 -16.18 16.15
C THR C 438 62.59 -16.11 15.11
N PHE C 439 62.71 -16.81 14.00
CA PHE C 439 61.69 -16.80 12.97
C PHE C 439 60.52 -17.71 13.37
N ARG C 440 59.31 -17.18 13.42
CA ARG C 440 58.12 -17.84 13.96
C ARG C 440 57.04 -18.00 12.90
N SER C 441 56.19 -19.00 13.10
CA SER C 441 54.96 -19.16 12.34
C SER C 441 53.85 -19.50 13.30
N ILE C 442 52.66 -18.96 13.08
CA ILE C 442 51.48 -19.29 13.86
C ILE C 442 50.28 -19.55 12.95
N PRO C 443 49.41 -20.49 13.31
CA PRO C 443 48.14 -20.63 12.67
C PRO C 443 47.26 -19.44 13.05
N ILE C 444 46.36 -19.11 12.15
CA ILE C 444 45.39 -18.03 12.34
C ILE C 444 43.97 -18.54 12.08
N ARG C 445 42.99 -18.03 12.83
CA ARG C 445 41.61 -18.53 12.80
C ARG C 445 40.96 -18.28 11.44
N ALA C 446 40.21 -19.24 10.95
CA ALA C 446 39.33 -19.02 9.81
C ALA C 446 38.21 -18.02 10.12
N ASN C 447 37.54 -18.19 11.27
CA ASN C 447 36.46 -17.35 11.75
C ASN C 447 36.59 -17.13 13.25
N SER C 448 36.44 -15.92 13.75
CA SER C 448 36.76 -15.54 15.14
C SER C 448 35.92 -16.20 16.23
N ARG C 449 34.87 -16.92 15.89
CA ARG C 449 34.04 -17.67 16.84
C ARG C 449 34.41 -19.13 16.95
N GLN C 450 35.28 -19.66 16.08
CA GLN C 450 35.69 -21.07 16.10
C GLN C 450 37.21 -21.20 16.18
N ARG C 451 37.67 -22.41 16.48
CA ARG C 451 39.07 -22.85 16.50
C ARG C 451 39.49 -23.44 15.17
N VAL C 452 38.67 -23.39 14.13
CA VAL C 452 39.06 -23.79 12.78
C VAL C 452 40.14 -22.85 12.28
N LEU C 453 41.26 -23.38 11.80
CA LEU C 453 42.48 -22.65 11.46
C LEU C 453 42.77 -22.73 9.97
N LYS C 454 43.36 -21.69 9.39
CA LYS C 454 43.85 -21.73 8.01
C LYS C 454 45.08 -22.61 7.88
N SER C 455 45.18 -23.36 6.80
CA SER C 455 46.24 -24.34 6.55
C SER C 455 47.60 -23.73 6.19
N LEU C 456 47.71 -22.43 6.00
CA LEU C 456 48.98 -21.75 5.81
C LEU C 456 49.13 -20.62 6.79
N TYR C 457 50.29 -20.54 7.40
CA TYR C 457 50.50 -19.88 8.67
C TYR C 457 51.05 -18.48 8.46
N LYS C 458 50.62 -17.55 9.30
CA LYS C 458 51.18 -16.21 9.40
C LYS C 458 52.58 -16.29 9.98
N THR C 459 53.54 -15.57 9.43
CA THR C 459 54.93 -15.62 9.89
C THR C 459 55.45 -14.26 10.28
N TYR C 460 56.34 -14.22 11.27
CA TYR C 460 56.93 -13.01 11.79
C TYR C 460 58.27 -13.34 12.45
N VAL C 461 59.09 -12.34 12.76
CA VAL C 461 60.26 -12.55 13.61
C VAL C 461 60.05 -11.97 14.99
N ASP C 462 60.43 -12.73 15.99
CA ASP C 462 60.39 -12.37 17.40
C ASP C 462 61.77 -11.87 17.80
N VAL C 463 62.00 -10.56 17.86
CA VAL C 463 63.36 -10.01 17.97
C VAL C 463 63.92 -10.06 19.37
N VAL C 464 65.23 -10.29 19.45
CA VAL C 464 66.00 -10.36 20.69
C VAL C 464 67.13 -9.34 20.73
N HIS C 465 67.48 -8.74 19.58
CA HIS C 465 68.39 -7.60 19.49
C HIS C 465 68.03 -6.74 18.27
N VAL C 466 68.24 -5.43 18.37
CA VAL C 466 68.18 -4.47 17.26
C VAL C 466 69.41 -3.57 17.29
N LYS C 467 70.00 -3.33 16.12
CA LYS C 467 71.14 -2.43 15.88
C LYS C 467 70.77 -1.45 14.78
N LYS C 468 71.15 -0.18 14.88
CA LYS C 468 70.85 0.80 13.82
C LYS C 468 71.79 0.66 12.62
N VAL C 469 71.31 1.03 11.44
CA VAL C 469 72.06 1.10 10.17
C VAL C 469 73.02 -0.06 9.95
N ASP C 505 86.28 16.85 22.55
CA ASP C 505 86.65 17.63 23.72
C ASP C 505 86.69 19.16 23.45
N LEU C 506 86.57 19.96 24.52
CA LEU C 506 86.58 21.43 24.48
C LEU C 506 87.87 22.00 23.88
N ALA C 507 89.01 21.36 24.14
CA ALA C 507 90.31 21.80 23.63
C ALA C 507 90.32 21.93 22.10
N LYS C 508 89.57 21.11 21.36
CA LYS C 508 89.47 21.20 19.90
C LYS C 508 88.74 22.48 19.45
N ILE C 509 87.82 23.01 20.27
CA ILE C 509 87.18 24.31 20.02
C ILE C 509 88.22 25.42 20.15
N ARG C 510 89.07 25.34 21.17
CA ARG C 510 90.14 26.31 21.44
C ARG C 510 91.19 26.36 20.33
N GLU C 511 91.46 25.24 19.65
CA GLU C 511 92.34 25.23 18.46
C GLU C 511 91.86 26.19 17.37
N VAL C 512 90.55 26.30 17.22
CA VAL C 512 89.90 27.15 16.23
C VAL C 512 89.67 28.55 16.80
N ALA C 513 89.09 28.65 17.99
CA ALA C 513 88.59 29.89 18.60
C ALA C 513 89.67 30.94 18.92
N ALA C 514 90.94 30.55 19.04
CA ALA C 514 92.06 31.47 19.24
C ALA C 514 92.54 32.17 17.96
N ARG C 515 92.12 31.72 16.77
CA ARG C 515 92.82 32.00 15.51
C ARG C 515 92.64 33.43 14.99
N GLU C 516 93.71 33.93 14.36
CA GLU C 516 93.74 35.22 13.68
C GLU C 516 92.83 35.24 12.44
N ASP C 517 92.93 34.20 11.61
CA ASP C 517 92.25 34.10 10.31
C ASP C 517 90.80 33.61 10.41
N LEU C 518 90.30 33.39 11.62
CA LEU C 518 89.18 32.51 11.94
C LEU C 518 87.94 32.62 11.03
N TYR C 519 87.44 33.83 10.82
CA TYR C 519 86.24 34.04 10.01
C TYR C 519 86.46 33.58 8.57
N SER C 520 87.62 33.89 8.00
CA SER C 520 87.98 33.43 6.64
C SER C 520 88.24 31.93 6.60
N LEU C 521 88.81 31.32 7.64
CA LEU C 521 89.02 29.87 7.72
C LEU C 521 87.69 29.15 7.63
N LEU C 522 86.74 29.52 8.50
CA LEU C 522 85.44 28.90 8.55
C LEU C 522 84.72 29.07 7.19
N ALA C 523 84.78 30.26 6.59
CA ALA C 523 84.19 30.51 5.27
C ALA C 523 84.76 29.61 4.18
N ARG C 524 86.10 29.49 4.11
CA ARG C 524 86.79 28.63 3.13
C ARG C 524 86.73 27.12 3.43
N SER C 525 86.02 26.69 4.47
CA SER C 525 85.94 25.28 4.85
C SER C 525 84.52 24.74 5.06
N ILE C 526 83.46 25.58 5.08
CA ILE C 526 82.06 25.10 4.98
C ILE C 526 81.70 24.49 3.62
N ALA C 527 82.42 24.83 2.55
CA ALA C 527 82.07 24.48 1.17
C ALA C 527 83.33 24.45 0.26
N PRO C 528 84.29 23.54 0.50
CA PRO C 528 85.65 23.66 0.00
C PRO C 528 85.82 23.37 -1.50
N SER C 529 84.87 22.70 -2.15
CA SER C 529 84.87 22.54 -3.61
C SER C 529 84.52 23.85 -4.33
N ILE C 530 83.64 24.66 -3.74
CA ILE C 530 83.02 25.83 -4.38
C ILE C 530 84.07 26.91 -4.67
N TYR C 531 84.21 27.33 -5.92
CA TYR C 531 85.23 28.32 -6.30
C TYR C 531 84.81 29.76 -5.97
N GLU C 532 85.67 30.46 -5.22
CA GLU C 532 85.45 31.82 -4.73
C GLU C 532 84.05 32.03 -4.11
N LEU C 533 83.29 33.04 -4.54
CA LEU C 533 82.03 33.48 -3.92
C LEU C 533 82.18 33.78 -2.40
N GLU C 534 83.29 34.40 -2.03
CA GLU C 534 83.75 34.47 -0.66
C GLU C 534 82.77 35.16 0.29
N ASP C 535 82.17 36.28 -0.12
CA ASP C 535 81.15 36.96 0.70
C ASP C 535 79.88 36.14 0.86
N VAL C 536 79.53 35.24 -0.08
CA VAL C 536 78.38 34.36 0.09
C VAL C 536 78.66 33.36 1.21
N LYS C 537 79.85 32.75 1.17
CA LYS C 537 80.29 31.84 2.24
C LYS C 537 80.32 32.57 3.58
N LYS C 538 80.88 33.78 3.63
CA LYS C 538 81.00 34.55 4.88
C LYS C 538 79.67 34.87 5.55
N GLY C 539 78.60 35.10 4.80
CA GLY C 539 77.29 35.38 5.37
C GLY C 539 76.53 34.13 5.78
N ILE C 540 76.59 33.09 4.94
CA ILE C 540 75.96 31.79 5.24
C ILE C 540 76.48 31.23 6.56
N LEU C 541 77.78 31.36 6.81
CA LEU C 541 78.41 31.01 8.07
C LEU C 541 77.71 31.64 9.29
N LEU C 542 77.37 32.93 9.23
CA LEU C 542 76.64 33.60 10.31
C LEU C 542 75.23 33.05 10.46
N GLN C 543 74.62 32.60 9.36
CA GLN C 543 73.30 31.96 9.42
C GLN C 543 73.33 30.62 10.18
N LEU C 544 74.43 29.88 10.11
CA LEU C 544 74.60 28.61 10.82
C LEU C 544 74.57 28.82 12.34
N PHE C 545 75.31 29.80 12.85
CA PHE C 545 75.31 30.12 14.28
C PHE C 545 74.01 30.80 14.72
N GLY C 546 73.56 31.80 13.94
CA GLY C 546 72.42 32.65 14.27
C GLY C 546 72.70 33.68 15.37
N GLY C 547 71.79 34.63 15.57
CA GLY C 547 71.84 35.64 16.63
C GLY C 547 71.36 35.12 17.99
N THR C 548 70.72 35.96 18.79
CA THR C 548 70.21 35.59 20.14
C THR C 548 68.69 35.66 20.28
N ASN C 549 68.18 34.98 21.31
CA ASN C 549 66.75 34.76 21.58
C ASN C 549 66.37 35.22 22.99
N LYS C 550 65.12 35.62 23.23
CA LYS C 550 64.60 35.95 24.57
C LYS C 550 63.10 35.69 24.74
N THR C 551 62.68 35.38 25.96
CA THR C 551 61.28 35.26 26.42
C THR C 551 61.01 36.22 27.58
N PHE C 552 59.71 36.49 27.82
CA PHE C 552 59.21 37.53 28.74
C PHE C 552 58.12 36.95 29.65
N ARG C 557 58.64 41.46 19.68
CA ARG C 557 59.79 40.61 19.92
C ARG C 557 60.59 40.31 18.64
N TYR C 558 61.79 39.74 18.81
CA TYR C 558 62.68 39.28 17.74
C TYR C 558 63.45 38.03 18.17
N ARG C 559 64.05 37.31 17.21
CA ARG C 559 64.74 36.04 17.43
C ARG C 559 65.98 35.91 16.56
N GLY C 560 66.91 35.05 16.96
CA GLY C 560 68.20 34.81 16.33
C GLY C 560 68.19 34.05 15.00
N ASP C 561 67.04 33.66 14.46
CA ASP C 561 66.95 33.23 13.06
C ASP C 561 67.40 34.33 12.09
N ILE C 562 68.00 33.91 10.97
CA ILE C 562 68.58 34.73 9.89
C ILE C 562 68.08 34.19 8.55
N ASN C 563 67.85 35.04 7.55
CA ASN C 563 67.28 34.64 6.27
C ASN C 563 68.09 35.19 5.09
N ILE C 564 68.40 34.36 4.11
CA ILE C 564 69.32 34.68 3.02
C ILE C 564 68.72 34.24 1.69
N LEU C 565 68.76 35.10 0.67
CA LEU C 565 68.38 34.78 -0.70
C LEU C 565 69.60 34.85 -1.63
N LEU C 566 69.78 33.84 -2.48
CA LEU C 566 70.70 33.86 -3.60
C LEU C 566 69.94 34.13 -4.90
N CYS C 567 70.43 35.02 -5.75
CA CYS C 567 69.83 35.34 -7.05
C CYS C 567 70.89 35.39 -8.15
N GLY C 568 70.64 34.79 -9.29
CA GLY C 568 71.56 34.83 -10.43
C GLY C 568 71.29 33.72 -11.43
N ASP C 569 71.98 33.75 -12.56
CA ASP C 569 71.78 32.82 -13.67
C ASP C 569 71.71 31.35 -13.21
N PRO C 570 70.93 30.47 -13.86
CA PRO C 570 70.87 29.05 -13.49
C PRO C 570 72.18 28.29 -13.77
N SER C 571 73.05 28.89 -14.58
CA SER C 571 74.33 28.38 -15.07
C SER C 571 75.47 28.33 -14.05
N THR C 572 75.23 28.50 -12.75
CA THR C 572 76.32 28.58 -11.75
C THR C 572 76.10 27.74 -10.47
N SER C 573 77.16 27.51 -9.69
CA SER C 573 77.25 26.60 -8.55
C SER C 573 76.41 26.98 -7.32
N LYS C 574 75.55 27.99 -7.38
CA LYS C 574 74.80 28.48 -6.22
C LYS C 574 73.89 27.42 -5.59
N SER C 575 73.36 26.51 -6.41
CA SER C 575 72.56 25.36 -5.94
C SER C 575 73.41 24.34 -5.18
N GLN C 576 74.66 24.18 -5.61
CA GLN C 576 75.63 23.36 -4.89
C GLN C 576 75.97 23.95 -3.51
N ILE C 577 75.99 25.27 -3.36
CA ILE C 577 76.08 25.89 -2.03
C ILE C 577 74.87 25.50 -1.19
N LEU C 578 73.67 25.59 -1.74
CA LEU C 578 72.44 25.21 -1.05
C LEU C 578 72.51 23.74 -0.57
N GLN C 579 73.19 22.89 -1.34
CA GLN C 579 73.50 21.53 -0.96
C GLN C 579 74.50 21.45 0.20
N TYR C 580 75.64 22.12 0.12
CA TYR C 580 76.61 22.10 1.21
C TYR C 580 75.96 22.55 2.52
N VAL C 581 75.10 23.56 2.49
CA VAL C 581 74.45 24.04 3.71
C VAL C 581 73.53 22.99 4.31
N HIS C 582 72.78 22.28 3.48
CA HIS C 582 72.00 21.13 3.92
C HIS C 582 72.89 20.00 4.48
N LYS C 583 74.14 19.89 4.01
CA LYS C 583 75.10 18.89 4.50
C LYS C 583 75.73 19.29 5.85
N ILE C 584 75.97 20.58 6.06
CA ILE C 584 76.60 21.12 7.27
C ILE C 584 75.59 21.30 8.40
N THR C 585 74.38 21.77 8.09
CA THR C 585 73.42 22.27 9.10
C THR C 585 72.92 21.19 10.07
N PRO C 586 72.84 21.45 11.39
CA PRO C 586 71.91 20.76 12.27
C PRO C 586 70.46 20.89 11.78
N ARG C 587 69.61 19.89 12.04
CA ARG C 587 68.22 19.81 11.55
C ARG C 587 68.11 20.10 10.04
N GLY C 588 67.08 20.82 9.61
CA GLY C 588 66.97 21.39 8.27
C GLY C 588 66.42 20.45 7.21
N VAL C 589 65.99 21.03 6.08
CA VAL C 589 65.34 20.36 4.93
C VAL C 589 65.78 21.03 3.64
N TYR C 590 65.90 20.26 2.57
CA TYR C 590 66.09 20.78 1.21
C TYR C 590 64.85 20.53 0.37
N THR C 591 64.33 21.57 -0.29
CA THR C 591 63.21 21.48 -1.25
C THR C 591 63.36 22.57 -2.34
N SER C 592 62.35 22.75 -3.20
CA SER C 592 62.32 23.83 -4.20
C SER C 592 60.92 24.41 -4.43
N GLY C 593 60.86 25.58 -5.08
CA GLY C 593 59.67 26.43 -5.23
C GLY C 593 58.45 25.72 -5.82
N LYS C 594 58.58 25.10 -6.99
CA LYS C 594 57.52 24.24 -7.58
C LYS C 594 57.32 22.91 -6.84
N GLY C 595 58.08 22.62 -5.78
CA GLY C 595 58.29 21.26 -5.29
C GLY C 595 57.15 20.58 -4.53
N SER C 596 56.11 21.32 -4.17
CA SER C 596 54.90 20.83 -3.50
C SER C 596 53.78 21.89 -3.59
N SER C 597 52.55 21.49 -3.29
CA SER C 597 51.49 22.44 -2.92
C SER C 597 51.87 23.27 -1.69
N ALA C 598 51.18 24.39 -1.49
CA ALA C 598 51.38 25.27 -0.33
C ALA C 598 51.26 24.52 1.00
N VAL C 599 50.16 23.79 1.18
CA VAL C 599 49.91 23.00 2.40
C VAL C 599 50.90 21.84 2.59
N GLY C 600 51.53 21.35 1.50
CA GLY C 600 52.65 20.42 1.54
C GLY C 600 53.97 21.04 2.02
N LEU C 601 54.15 22.37 1.88
CA LEU C 601 55.28 23.11 2.46
C LEU C 601 55.01 23.59 3.88
N THR C 602 53.80 24.05 4.18
CA THR C 602 53.38 24.42 5.55
C THR C 602 52.84 23.22 6.33
N ALA C 603 51.53 23.08 6.50
CA ALA C 603 50.88 22.02 7.24
C ALA C 603 49.44 21.79 6.74
N TYR C 604 48.87 20.63 7.06
CA TYR C 604 47.49 20.27 6.69
C TYR C 604 46.87 19.32 7.71
N ILE C 605 45.57 18.99 7.56
CA ILE C 605 44.81 18.07 8.41
C ILE C 605 44.21 16.95 7.55
N THR C 606 44.24 15.71 8.04
CA THR C 606 43.90 14.49 7.29
C THR C 606 43.13 13.45 8.14
N ARG C 607 42.79 12.29 7.57
CA ARG C 607 42.32 11.07 8.28
C ARG C 607 43.42 10.51 9.19
N VAL C 615 44.88 15.54 13.06
CA VAL C 615 45.96 14.73 12.50
C VAL C 615 46.86 15.59 11.61
N LEU C 616 48.03 15.96 12.10
CA LEU C 616 48.95 16.90 11.46
C LEU C 616 49.74 16.30 10.28
N GLU C 617 49.50 16.77 9.05
CA GLU C 617 50.51 16.80 7.99
C GLU C 617 51.48 17.97 8.24
N SER C 618 52.79 17.74 8.15
CA SER C 618 53.80 18.79 8.33
C SER C 618 54.81 18.82 7.18
N GLY C 619 55.17 20.03 6.75
CA GLY C 619 55.96 20.30 5.54
C GLY C 619 57.35 20.87 5.81
N ALA C 620 58.02 21.32 4.75
CA ALA C 620 59.40 21.79 4.83
C ALA C 620 59.61 23.08 5.64
N LEU C 621 58.58 23.91 5.82
CA LEU C 621 58.64 25.19 6.52
C LEU C 621 58.47 25.05 8.05
N VAL C 622 58.33 23.82 8.55
CA VAL C 622 58.06 23.44 9.93
C VAL C 622 58.92 22.25 10.34
N LEU C 623 58.96 21.94 11.65
CA LEU C 623 59.83 20.90 12.26
C LEU C 623 61.33 21.14 11.97
N SER C 624 61.76 22.41 11.97
CA SER C 624 63.18 22.81 11.86
C SER C 624 63.45 24.11 12.64
N ASP C 625 63.03 24.15 13.91
CA ASP C 625 63.36 25.22 14.86
C ASP C 625 64.90 25.41 14.95
N GLY C 626 65.36 26.62 14.65
CA GLY C 626 66.77 26.99 14.60
C GLY C 626 67.57 26.35 13.45
N GLY C 627 66.91 25.60 12.56
CA GLY C 627 67.53 24.85 11.46
C GLY C 627 67.27 25.46 10.08
N VAL C 628 68.27 25.36 9.20
CA VAL C 628 68.20 26.01 7.89
C VAL C 628 67.22 25.28 6.98
N CYS C 629 66.09 25.94 6.70
CA CYS C 629 65.16 25.54 5.65
C CYS C 629 65.73 25.93 4.27
N CYS C 630 66.45 25.05 3.60
CA CYS C 630 66.91 25.27 2.23
C CYS C 630 65.75 25.14 1.23
N ILE C 631 65.59 26.14 0.36
CA ILE C 631 64.63 26.16 -0.76
C ILE C 631 65.33 26.66 -2.04
N ASP C 632 65.26 25.91 -3.14
CA ASP C 632 65.67 26.34 -4.50
C ASP C 632 64.49 26.77 -5.40
N GLU C 633 64.73 27.26 -6.61
CA GLU C 633 63.70 27.66 -7.60
C GLU C 633 62.72 28.73 -7.06
N PHE C 634 63.14 29.55 -6.09
CA PHE C 634 62.27 30.39 -5.25
C PHE C 634 61.51 31.47 -6.05
N ASP C 635 62.08 31.88 -7.19
CA ASP C 635 61.48 32.78 -8.18
C ASP C 635 60.25 32.17 -8.87
N LYS C 636 60.23 30.85 -9.07
CA LYS C 636 59.15 30.11 -9.74
C LYS C 636 58.26 29.32 -8.78
N MET C 637 58.43 29.50 -7.46
CA MET C 637 57.37 29.20 -6.51
C MET C 637 56.07 29.91 -6.90
N SER C 638 54.95 29.19 -6.90
CA SER C 638 53.61 29.75 -7.14
C SER C 638 53.23 30.80 -6.09
N ASP C 639 52.55 31.87 -6.49
CA ASP C 639 52.28 33.01 -5.61
C ASP C 639 51.39 32.66 -4.40
N SER C 640 50.45 31.72 -4.57
CA SER C 640 49.69 31.13 -3.44
C SER C 640 50.62 30.47 -2.41
N THR C 641 51.73 29.91 -2.87
CA THR C 641 52.77 29.30 -2.02
C THR C 641 53.77 30.33 -1.48
N ARG C 642 54.07 31.40 -2.22
CA ARG C 642 54.81 32.57 -1.68
C ARG C 642 54.04 33.19 -0.51
N SER C 643 52.73 33.33 -0.65
CA SER C 643 51.84 33.86 0.38
C SER C 643 51.70 32.98 1.63
N VAL C 644 52.42 31.85 1.72
CA VAL C 644 52.57 31.07 2.96
C VAL C 644 53.51 31.74 3.96
N LEU C 645 54.51 32.49 3.48
CA LEU C 645 55.71 32.73 4.27
C LEU C 645 55.64 33.92 5.22
N HIS C 646 54.79 34.92 5.00
CA HIS C 646 54.81 36.13 5.81
C HIS C 646 54.63 35.88 7.31
N GLU C 647 53.70 35.04 7.72
CA GLU C 647 53.55 34.71 9.15
C GLU C 647 54.79 34.01 9.73
N VAL C 648 55.48 33.20 8.93
CA VAL C 648 56.70 32.52 9.36
C VAL C 648 57.86 33.51 9.45
N MET C 649 58.12 34.26 8.39
CA MET C 649 59.25 35.16 8.31
C MET C 649 59.11 36.40 9.20
N GLU C 650 57.88 36.84 9.51
CA GLU C 650 57.63 38.02 10.36
C GLU C 650 57.27 37.71 11.82
N GLN C 651 56.71 36.54 12.12
CA GLN C 651 56.27 36.16 13.46
C GLN C 651 56.70 34.75 13.90
N GLN C 652 57.56 34.07 13.14
CA GLN C 652 58.10 32.74 13.46
C GLN C 652 57.03 31.66 13.67
N THR C 653 55.78 31.87 13.24
CA THR C 653 54.59 31.10 13.66
C THR C 653 53.58 30.90 12.52
N ILE C 654 52.68 29.94 12.68
CA ILE C 654 51.59 29.57 11.76
C ILE C 654 50.29 29.45 12.58
N SER C 655 49.15 29.81 11.97
CA SER C 655 47.80 29.61 12.54
C SER C 655 46.89 28.82 11.61
N ILE C 656 46.08 27.93 12.18
CA ILE C 656 45.11 27.05 11.49
C ILE C 656 43.86 26.87 12.38
N ALA C 657 42.68 26.69 11.78
CA ALA C 657 41.50 26.16 12.47
C ALA C 657 40.63 25.35 11.50
N LYS C 658 40.42 24.05 11.75
CA LYS C 658 39.58 23.12 10.95
C LYS C 658 39.08 21.96 11.82
N ALA C 659 37.90 21.41 11.52
CA ALA C 659 37.40 20.13 12.05
C ALA C 659 37.52 19.98 13.58
N GLY C 660 37.08 21.02 14.31
CA GLY C 660 37.20 21.15 15.76
C GLY C 660 38.56 21.64 16.28
N ILE C 661 39.64 21.40 15.55
CA ILE C 661 40.98 21.89 15.90
C ILE C 661 41.01 23.42 15.73
N ILE C 662 41.36 24.17 16.79
CA ILE C 662 41.85 25.55 16.69
C ILE C 662 43.30 25.56 17.19
N THR C 663 44.26 26.03 16.40
CA THR C 663 45.69 25.83 16.71
C THR C 663 46.66 26.85 16.10
N THR C 664 47.80 27.04 16.75
CA THR C 664 49.00 27.70 16.23
C THR C 664 50.21 26.78 16.36
N LEU C 665 51.13 26.86 15.40
CA LEU C 665 52.34 26.04 15.29
C LEU C 665 53.58 26.96 15.16
N ASN C 666 54.67 26.66 15.87
CA ASN C 666 55.88 27.46 15.78
C ASN C 666 56.74 26.97 14.59
N ALA C 667 57.01 27.86 13.65
CA ALA C 667 57.75 27.56 12.43
C ALA C 667 59.26 27.70 12.63
N ARG C 668 59.72 28.86 13.16
CA ARG C 668 61.07 29.09 13.71
C ARG C 668 62.26 28.64 12.82
N SER C 669 62.15 28.68 11.50
CA SER C 669 63.25 28.31 10.59
C SER C 669 63.94 29.51 9.95
N SER C 670 65.27 29.48 9.97
CA SER C 670 66.15 30.30 9.14
C SER C 670 66.06 29.82 7.69
N ILE C 671 65.51 30.65 6.81
CA ILE C 671 65.34 30.29 5.40
C ILE C 671 66.60 30.62 4.61
N LEU C 672 67.10 29.63 3.88
CA LEU C 672 68.06 29.87 2.80
C LEU C 672 67.36 29.61 1.46
N ALA C 673 67.10 30.67 0.72
CA ALA C 673 66.43 30.65 -0.56
C ALA C 673 67.41 30.78 -1.72
N SER C 674 67.07 30.22 -2.87
CA SER C 674 67.79 30.40 -4.13
C SER C 674 66.84 30.64 -5.31
N ALA C 675 67.19 31.58 -6.18
CA ALA C 675 66.37 32.05 -7.28
C ALA C 675 67.15 32.25 -8.58
N ASN C 676 66.51 32.01 -9.72
CA ASN C 676 67.03 32.32 -11.06
C ASN C 676 66.49 33.67 -11.60
N PRO C 677 67.13 34.31 -12.60
CA PRO C 677 66.45 35.28 -13.43
C PRO C 677 65.31 34.60 -14.19
N ILE C 678 64.20 35.31 -14.41
CA ILE C 678 63.15 34.83 -15.33
C ILE C 678 63.72 34.87 -16.77
N GLY C 679 63.70 33.74 -17.46
CA GLY C 679 64.22 33.64 -18.83
C GLY C 679 65.75 33.74 -18.92
N SER C 680 66.24 34.68 -19.72
CA SER C 680 67.63 34.84 -20.12
C SER C 680 68.54 35.38 -19.00
N ARG C 681 69.78 35.73 -19.34
CA ARG C 681 70.81 36.17 -18.39
C ARG C 681 70.35 37.40 -17.60
N TYR C 682 70.67 37.48 -16.31
CA TYR C 682 70.32 38.61 -15.47
C TYR C 682 71.00 39.89 -15.99
N ASN C 683 70.22 40.87 -16.44
CA ASN C 683 70.79 42.15 -16.84
C ASN C 683 71.20 43.00 -15.61
N PRO C 684 72.41 43.59 -15.57
CA PRO C 684 72.87 44.38 -14.42
C PRO C 684 72.29 45.80 -14.31
N ASN C 685 71.83 46.43 -15.40
CA ASN C 685 71.24 47.78 -15.34
C ASN C 685 69.91 47.79 -14.56
N LEU C 686 69.02 46.86 -14.91
CA LEU C 686 67.66 46.73 -14.41
C LEU C 686 67.64 46.18 -12.95
N PRO C 687 66.58 46.45 -12.16
CA PRO C 687 66.58 46.23 -10.71
C PRO C 687 66.31 44.78 -10.30
N VAL C 688 66.76 44.41 -9.11
CA VAL C 688 66.60 43.06 -8.56
C VAL C 688 65.13 42.66 -8.34
N THR C 689 64.26 43.61 -8.02
CA THR C 689 62.82 43.35 -7.80
C THR C 689 62.14 42.87 -9.07
N GLU C 690 62.32 43.60 -10.17
CA GLU C 690 61.88 43.17 -11.51
C GLU C 690 62.46 41.80 -11.90
N ASN C 691 63.79 41.65 -11.83
CA ASN C 691 64.49 40.58 -12.55
C ASN C 691 64.26 39.18 -11.96
N ILE C 692 63.75 39.09 -10.72
CA ILE C 692 63.28 37.85 -10.08
C ILE C 692 61.74 37.66 -10.24
N ASP C 693 60.99 38.72 -10.56
CA ASP C 693 59.51 38.79 -10.56
C ASP C 693 58.89 38.34 -9.22
N LEU C 694 59.30 39.00 -8.14
CA LEU C 694 59.08 38.59 -6.74
C LEU C 694 58.71 39.82 -5.86
N PRO C 695 57.71 39.74 -4.97
CA PRO C 695 57.14 40.90 -4.29
C PRO C 695 58.04 41.53 -3.19
N PRO C 696 58.28 42.85 -3.26
CA PRO C 696 59.10 43.55 -2.30
C PRO C 696 58.81 43.31 -0.81
N PRO C 697 57.56 43.18 -0.30
CA PRO C 697 57.36 42.92 1.13
C PRO C 697 57.79 41.51 1.58
N LEU C 698 57.94 40.56 0.67
CA LEU C 698 58.57 39.27 0.90
C LEU C 698 60.08 39.38 0.70
N LEU C 699 60.54 40.14 -0.29
CA LEU C 699 61.95 40.38 -0.52
C LEU C 699 62.62 41.15 0.63
N SER C 700 62.03 42.25 1.08
CA SER C 700 62.37 43.06 2.24
C SER C 700 62.41 42.24 3.54
N ARG C 701 61.74 41.08 3.56
CA ARG C 701 61.74 40.12 4.66
C ARG C 701 63.01 39.27 4.77
N PHE C 702 63.80 39.15 3.71
CA PHE C 702 65.14 38.55 3.79
C PHE C 702 66.18 39.48 4.44
N ASP C 703 67.00 38.95 5.35
CA ASP C 703 68.05 39.70 6.07
C ASP C 703 69.23 40.04 5.17
N LEU C 704 69.57 39.16 4.22
CA LEU C 704 70.56 39.39 3.17
C LEU C 704 70.07 38.88 1.80
N VAL C 705 70.36 39.61 0.72
CA VAL C 705 70.13 39.17 -0.66
C VAL C 705 71.41 39.29 -1.48
N TYR C 706 71.96 38.17 -1.97
CA TYR C 706 73.18 38.14 -2.78
C TYR C 706 72.87 37.98 -4.26
N LEU C 707 73.33 38.91 -5.10
CA LEU C 707 73.46 38.65 -6.54
C LEU C 707 74.67 37.76 -6.76
N VAL C 708 74.44 36.46 -6.87
CA VAL C 708 75.45 35.44 -7.16
C VAL C 708 75.68 35.39 -8.68
N LEU C 709 76.38 36.39 -9.19
CA LEU C 709 76.60 36.57 -10.62
C LEU C 709 78.05 36.90 -10.96
N ASP C 710 78.54 36.35 -12.07
CA ASP C 710 79.77 36.82 -12.70
C ASP C 710 79.66 36.76 -14.23
N LYS C 711 80.38 37.64 -14.92
CA LYS C 711 80.49 37.66 -16.38
C LYS C 711 81.41 36.53 -16.87
N VAL C 712 81.40 36.23 -18.16
CA VAL C 712 82.54 35.56 -18.81
C VAL C 712 83.78 36.45 -18.60
N ASP C 713 84.81 35.92 -17.96
CA ASP C 713 85.97 36.68 -17.51
C ASP C 713 87.21 35.78 -17.44
N GLU C 714 88.08 35.82 -18.45
CA GLU C 714 89.24 34.93 -18.52
C GLU C 714 90.10 34.94 -17.26
N LYS C 715 90.36 36.12 -16.71
CA LYS C 715 91.30 36.28 -15.60
C LYS C 715 90.74 35.67 -14.29
N ASN C 716 89.45 35.33 -14.26
CA ASN C 716 88.85 34.41 -13.30
C ASN C 716 88.79 32.97 -13.84
N ASP C 717 88.23 32.78 -15.03
CA ASP C 717 87.81 31.48 -15.54
C ASP C 717 88.99 30.57 -15.86
N ARG C 718 90.13 31.13 -16.28
CA ARG C 718 91.42 30.43 -16.40
C ARG C 718 91.78 29.75 -15.08
N GLU C 719 91.45 30.38 -13.95
CA GLU C 719 91.65 29.80 -12.63
C GLU C 719 90.56 28.78 -12.30
N LEU C 720 89.29 29.13 -12.53
CA LEU C 720 88.15 28.30 -12.12
C LEU C 720 88.15 26.96 -12.84
N ALA C 721 88.34 26.96 -14.16
CA ALA C 721 88.40 25.73 -14.94
C ALA C 721 89.59 24.84 -14.53
N LYS C 722 90.74 25.47 -14.28
CA LYS C 722 91.96 24.83 -13.77
C LYS C 722 91.83 24.35 -12.32
N HIS C 723 90.94 24.96 -11.54
CA HIS C 723 90.52 24.51 -10.20
C HIS C 723 89.53 23.36 -10.26
N LEU C 724 88.52 23.43 -11.14
CA LEU C 724 87.47 22.43 -11.21
C LEU C 724 88.01 21.07 -11.68
N THR C 725 88.86 21.11 -12.70
CA THR C 725 89.55 19.90 -13.17
C THR C 725 90.69 19.45 -12.25
N ASN C 726 91.09 20.24 -11.26
CA ASN C 726 92.14 19.90 -10.30
C ASN C 726 91.76 18.71 -9.38
N LEU C 727 90.45 18.44 -9.27
CA LEU C 727 89.86 17.40 -8.43
C LEU C 727 90.20 15.97 -8.90
N TYR C 728 90.44 15.79 -10.20
CA TYR C 728 90.60 14.48 -10.83
C TYR C 728 92.04 13.94 -10.88
N LEU C 729 92.99 14.60 -10.21
CA LEU C 729 94.42 14.37 -10.43
C LEU C 729 95.09 13.28 -9.56
N GLU C 730 94.44 12.73 -8.54
CA GLU C 730 95.06 11.82 -7.55
C GLU C 730 94.15 10.65 -7.13
N ASP C 731 94.75 9.59 -6.58
CA ASP C 731 94.06 8.40 -6.05
C ASP C 731 93.00 8.77 -4.99
N VAL C 741 93.43 24.30 5.05
CA VAL C 741 93.01 23.70 6.32
C VAL C 741 91.51 23.44 6.29
N LEU C 742 91.09 22.23 6.68
CA LEU C 742 89.72 21.72 6.47
C LEU C 742 89.25 20.86 7.66
N PRO C 743 88.50 21.43 8.62
CA PRO C 743 87.82 20.69 9.70
C PRO C 743 86.55 19.93 9.20
N VAL C 744 86.73 18.96 8.29
CA VAL C 744 85.66 18.35 7.45
C VAL C 744 84.44 17.76 8.18
N GLU C 745 84.59 17.31 9.42
CA GLU C 745 83.47 17.05 10.34
C GLU C 745 83.47 18.02 11.52
N PHE C 746 84.65 18.36 12.05
CA PHE C 746 84.75 19.19 13.24
C PHE C 746 84.07 20.56 13.10
N LEU C 747 83.89 21.06 11.88
CA LEU C 747 83.13 22.27 11.58
C LEU C 747 81.66 22.19 11.98
N THR C 748 80.95 21.12 11.59
CA THR C 748 79.53 20.95 11.99
C THR C 748 79.40 20.69 13.50
N MET C 749 80.41 20.05 14.12
CA MET C 749 80.45 19.93 15.58
C MET C 749 80.79 21.25 16.28
N TYR C 750 81.66 22.08 15.70
CA TYR C 750 82.03 23.42 16.18
C TYR C 750 80.82 24.35 16.15
N ILE C 751 80.07 24.34 15.03
CA ILE C 751 78.76 24.98 14.86
C ILE C 751 77.78 24.51 15.94
N SER C 752 77.62 23.21 16.14
CA SER C 752 76.72 22.65 17.14
C SER C 752 77.06 23.12 18.56
N TYR C 753 78.33 23.07 18.96
CA TYR C 753 78.77 23.53 20.27
C TYR C 753 78.62 25.05 20.40
N ALA C 754 78.92 25.84 19.38
CA ALA C 754 78.67 27.27 19.39
C ALA C 754 77.18 27.61 19.60
N LYS C 755 76.29 26.89 18.90
CA LYS C 755 74.83 27.02 19.05
C LYS C 755 74.34 26.56 20.42
N GLU C 756 74.97 25.55 21.01
CA GLU C 756 74.67 25.13 22.38
C GLU C 756 75.10 26.18 23.42
N HIS C 757 76.29 26.74 23.30
CA HIS C 757 76.96 27.40 24.43
C HIS C 757 76.95 28.93 24.40
N ILE C 758 76.96 29.57 23.23
CA ILE C 758 77.32 30.98 23.11
C ILE C 758 76.07 31.84 22.87
N HIS C 759 75.88 32.89 23.68
CA HIS C 759 74.70 33.76 23.65
C HIS C 759 75.08 35.25 23.83
N PRO C 760 75.48 35.95 22.76
CA PRO C 760 75.92 37.36 22.80
C PRO C 760 74.97 38.39 23.43
N ILE C 761 75.49 39.59 23.69
CA ILE C 761 74.72 40.76 24.14
C ILE C 761 75.27 42.07 23.57
N ILE C 762 74.42 43.05 23.29
CA ILE C 762 74.86 44.39 22.85
C ILE C 762 75.62 45.11 23.97
N THR C 763 76.83 45.60 23.65
CA THR C 763 77.60 46.52 24.50
C THR C 763 77.24 47.97 24.19
N GLU C 764 77.37 48.89 25.15
CA GLU C 764 77.13 50.33 24.90
C GLU C 764 78.03 50.90 23.78
N ALA C 765 79.27 50.42 23.68
CA ALA C 765 80.18 50.76 22.57
C ALA C 765 79.78 50.16 21.20
N ALA C 766 78.88 49.17 21.15
CA ALA C 766 78.25 48.72 19.90
C ALA C 766 77.07 49.62 19.52
N LYS C 767 76.25 50.03 20.49
CA LYS C 767 75.02 50.83 20.28
C LYS C 767 75.29 52.12 19.51
N THR C 768 76.32 52.86 19.90
CA THR C 768 76.63 54.15 19.28
C THR C 768 76.94 54.00 17.79
N GLU C 769 77.62 52.93 17.38
CA GLU C 769 77.89 52.61 15.98
C GLU C 769 76.65 52.09 15.24
N LEU C 770 75.86 51.20 15.83
CA LEU C 770 74.64 50.69 15.18
C LEU C 770 73.70 51.83 14.78
N VAL C 771 73.53 52.81 15.67
CA VAL C 771 72.77 54.02 15.39
C VAL C 771 73.48 54.86 14.34
N ARG C 772 74.77 55.16 14.51
CA ARG C 772 75.51 56.03 13.60
C ARG C 772 75.53 55.50 12.15
N ALA C 773 75.74 54.21 11.97
CA ALA C 773 75.72 53.56 10.67
C ALA C 773 74.32 53.56 10.04
N TYR C 774 73.27 53.33 10.83
CA TYR C 774 71.89 53.42 10.33
C TYR C 774 71.55 54.85 9.92
N VAL C 775 71.95 55.86 10.69
CA VAL C 775 71.84 57.27 10.30
C VAL C 775 72.60 57.55 9.00
N GLY C 776 73.82 57.05 8.85
CA GLY C 776 74.60 57.21 7.61
C GLY C 776 73.90 56.62 6.40
N MET C 777 73.32 55.42 6.55
CA MET C 777 72.55 54.78 5.49
C MET C 777 71.20 55.48 5.24
N ARG C 778 70.57 56.06 6.25
CA ARG C 778 69.35 56.87 6.07
C ARG C 778 69.64 58.20 5.37
N LYS C 779 70.77 58.84 5.67
CA LYS C 779 71.27 60.04 4.97
C LYS C 779 71.62 59.75 3.50
N MET C 780 72.21 58.58 3.25
CA MET C 780 72.69 58.16 1.93
C MET C 780 71.57 58.06 0.90
N THR C 792 66.52 55.42 1.92
CA THR C 792 67.57 54.52 1.46
C THR C 792 67.95 53.45 2.49
N ALA C 793 67.29 53.44 3.64
CA ALA C 793 67.38 52.39 4.66
C ALA C 793 66.12 52.30 5.53
N THR C 794 65.27 51.30 5.32
CA THR C 794 64.16 50.98 6.24
C THR C 794 64.66 50.42 7.58
N THR C 795 63.85 50.48 8.64
CA THR C 795 64.26 49.96 9.96
C THR C 795 64.54 48.46 9.99
N ARG C 796 64.05 47.72 9.00
CA ARG C 796 64.42 46.30 8.77
C ARG C 796 65.93 46.13 8.56
N GLN C 797 66.61 47.15 8.01
CA GLN C 797 68.08 47.14 7.92
C GLN C 797 68.72 47.19 9.30
N LEU C 798 68.23 48.02 10.22
CA LEU C 798 68.73 48.05 11.59
C LEU C 798 68.46 46.73 12.33
N GLU C 799 67.29 46.14 12.16
CA GLU C 799 67.01 44.82 12.73
C GLU C 799 67.94 43.73 12.17
N SER C 800 68.25 43.79 10.87
CA SER C 800 69.23 42.90 10.25
C SER C 800 70.63 43.11 10.83
N MET C 801 71.06 44.36 11.00
CA MET C 801 72.37 44.68 11.58
C MET C 801 72.51 44.16 13.01
N ILE C 802 71.49 44.33 13.84
CA ILE C 802 71.52 43.87 15.22
C ILE C 802 71.70 42.35 15.27
N ARG C 803 70.91 41.59 14.52
CA ARG C 803 70.97 40.12 14.55
C ARG C 803 72.23 39.55 13.88
N LEU C 804 72.74 40.17 12.83
CA LEU C 804 74.02 39.79 12.23
C LEU C 804 75.22 40.07 13.13
N ALA C 805 75.27 41.24 13.76
CA ALA C 805 76.31 41.60 14.71
C ALA C 805 76.29 40.67 15.94
N GLU C 806 75.14 40.13 16.34
CA GLU C 806 75.08 39.04 17.31
C GLU C 806 75.70 37.76 16.76
N ALA C 807 75.33 37.34 15.56
CA ALA C 807 75.90 36.13 14.95
C ALA C 807 77.42 36.24 14.74
N HIS C 808 77.93 37.41 14.36
CA HIS C 808 79.36 37.71 14.21
C HIS C 808 80.12 37.86 15.55
N ALA C 809 79.41 37.89 16.68
CA ALA C 809 79.95 37.71 18.04
C ALA C 809 79.80 36.28 18.57
N LYS C 810 78.85 35.52 18.05
CA LYS C 810 78.64 34.09 18.34
C LYS C 810 79.69 33.25 17.60
N MET C 811 79.94 33.57 16.35
CA MET C 811 81.20 33.31 15.67
C MET C 811 82.32 34.09 16.41
N LYS C 812 83.53 33.51 16.50
CA LYS C 812 84.56 33.81 17.53
C LYS C 812 84.17 33.43 18.96
N LEU C 813 82.99 32.86 19.18
CA LEU C 813 82.49 32.37 20.48
C LEU C 813 82.47 33.48 21.57
N LYS C 814 82.38 34.74 21.16
CA LYS C 814 82.75 35.90 21.98
C LYS C 814 81.74 36.24 23.07
N ASN C 815 80.48 35.83 22.93
CA ASN C 815 79.43 36.05 23.94
C ASN C 815 79.13 37.54 24.26
N VAL C 816 79.71 38.50 23.51
CA VAL C 816 79.61 39.96 23.73
C VAL C 816 79.81 40.70 22.39
N VAL C 817 78.88 41.59 22.01
CA VAL C 817 78.87 42.32 20.72
C VAL C 817 79.56 43.66 20.83
N GLU C 818 80.44 43.99 19.88
CA GLU C 818 81.44 45.07 19.95
C GLU C 818 81.62 45.79 18.58
N LEU C 819 82.13 47.03 18.55
CA LEU C 819 82.41 47.82 17.34
C LEU C 819 83.04 47.02 16.19
N GLU C 820 84.01 46.16 16.51
CA GLU C 820 84.72 45.36 15.52
C GLU C 820 83.85 44.27 14.86
N ASP C 821 82.77 43.86 15.51
CA ASP C 821 81.77 42.94 14.97
C ASP C 821 80.72 43.69 14.14
N VAL C 822 80.25 44.85 14.63
CA VAL C 822 79.24 45.68 13.97
C VAL C 822 79.68 46.14 12.58
N GLN C 823 80.95 46.50 12.45
CA GLN C 823 81.50 46.98 11.18
C GLN C 823 81.50 45.93 10.08
N GLU C 824 81.61 44.63 10.42
CA GLU C 824 81.41 43.57 9.44
C GLU C 824 79.93 43.38 9.09
N ALA C 825 79.01 43.49 10.06
CA ALA C 825 77.58 43.39 9.80
C ALA C 825 77.13 44.43 8.76
N VAL C 826 77.61 45.68 8.87
CA VAL C 826 77.38 46.71 7.85
C VAL C 826 77.99 46.30 6.51
N ARG C 827 79.31 46.06 6.52
CA ARG C 827 80.11 45.83 5.31
C ARG C 827 79.53 44.67 4.50
N LEU C 828 79.00 43.65 5.15
CA LEU C 828 78.26 42.57 4.50
C LEU C 828 76.93 43.03 3.87
N ILE C 829 76.16 43.87 4.55
CA ILE C 829 74.92 44.47 4.04
C ILE C 829 75.20 45.41 2.86
N ARG C 830 76.19 46.28 2.95
CA ARG C 830 76.63 47.14 1.84
C ARG C 830 77.06 46.28 0.65
N SER C 831 77.86 45.25 0.89
CA SER C 831 78.22 44.25 -0.15
C SER C 831 77.00 43.51 -0.74
N ALA C 832 75.88 43.42 -0.02
CA ALA C 832 74.64 42.82 -0.49
C ALA C 832 73.77 43.81 -1.30
N ILE C 833 73.44 44.97 -0.73
CA ILE C 833 72.49 45.92 -1.32
C ILE C 833 73.14 46.91 -2.29
N LYS C 834 74.25 47.56 -1.91
CA LYS C 834 74.97 48.52 -2.75
C LYS C 834 75.74 47.79 -3.85
N ASP C 835 76.31 46.62 -3.53
CA ASP C 835 77.04 45.68 -4.41
C ASP C 835 77.60 46.26 -5.72
N LYS C 844 63.09 53.68 -3.18
CA LYS C 844 64.49 53.44 -3.49
C LYS C 844 64.91 51.99 -3.23
N ILE C 845 64.19 51.31 -2.33
CA ILE C 845 64.27 49.87 -2.04
C ILE C 845 63.24 49.07 -2.90
N ASP C 846 62.60 49.75 -3.85
CA ASP C 846 61.77 49.18 -4.90
C ASP C 846 60.47 48.52 -4.45
N MET C 847 59.88 49.01 -3.36
CA MET C 847 58.59 48.56 -2.85
C MET C 847 57.46 48.75 -3.88
N ASN C 848 56.41 47.93 -3.86
CA ASN C 848 55.36 47.91 -4.90
C ASN C 848 55.88 47.72 -6.35
N LEU C 849 57.13 47.26 -6.54
CA LEU C 849 57.85 47.22 -7.82
C LEU C 849 58.05 48.62 -8.42
N VAL C 850 57.91 49.68 -7.61
CA VAL C 850 58.03 51.08 -8.00
C VAL C 850 59.50 51.51 -8.08
N GLN C 851 59.79 52.49 -8.93
CA GLN C 851 61.07 53.16 -9.07
C GLN C 851 60.80 54.66 -9.20
N THR C 852 61.72 55.53 -8.75
CA THR C 852 61.54 56.98 -8.90
C THR C 852 61.34 57.34 -10.38
N GLY C 853 62.16 56.77 -11.27
CA GLY C 853 62.06 56.99 -12.71
C GLY C 853 60.92 56.26 -13.43
N LYS C 854 59.91 55.81 -12.68
CA LYS C 854 58.68 55.16 -13.16
C LYS C 854 57.44 55.70 -12.45
N SER C 855 57.54 56.09 -11.19
CA SER C 855 56.45 56.78 -10.50
C SER C 855 56.20 58.20 -11.04
N VAL C 856 57.24 58.92 -11.45
CA VAL C 856 57.09 60.18 -12.20
C VAL C 856 56.36 59.96 -13.52
N ILE C 857 56.55 58.79 -14.14
CA ILE C 857 55.91 58.41 -15.40
C ILE C 857 54.42 58.14 -15.19
N GLN C 858 54.05 57.46 -14.09
CA GLN C 858 52.65 57.24 -13.69
C GLN C 858 51.91 58.58 -13.45
N ARG C 859 52.55 59.55 -12.80
CA ARG C 859 52.00 60.91 -12.61
C ARG C 859 51.87 61.67 -13.94
N LYS C 860 52.82 61.50 -14.87
CA LYS C 860 52.70 62.07 -16.22
C LYS C 860 51.57 61.39 -17.02
N LEU C 861 51.32 60.10 -16.79
CA LEU C 861 50.21 59.37 -17.41
C LEU C 861 48.84 59.80 -16.87
N GLN C 862 48.76 60.12 -15.57
CA GLN C 862 47.57 60.72 -14.94
C GLN C 862 47.23 62.10 -15.54
N GLU C 863 48.24 62.94 -15.74
CA GLU C 863 48.12 64.21 -16.48
C GLU C 863 47.76 63.99 -17.95
N ASP C 864 48.34 62.98 -18.59
CA ASP C 864 48.02 62.64 -19.96
C ASP C 864 46.54 62.25 -20.14
N LEU C 865 45.97 61.44 -19.25
CA LEU C 865 44.53 61.17 -19.22
C LEU C 865 43.71 62.45 -18.98
N SER C 866 44.12 63.33 -18.06
CA SER C 866 43.42 64.60 -17.79
C SER C 866 43.32 65.49 -19.03
N ARG C 867 44.44 65.78 -19.70
CA ARG C 867 44.47 66.61 -20.90
C ARG C 867 43.78 65.93 -22.07
N GLU C 868 44.04 64.64 -22.29
CA GLU C 868 43.54 63.91 -23.46
C GLU C 868 42.01 63.85 -23.45
N ILE C 869 41.38 63.69 -22.29
CA ILE C 869 39.92 63.70 -22.19
C ILE C 869 39.32 65.12 -22.27
N MET C 870 39.97 66.14 -21.68
CA MET C 870 39.51 67.53 -21.75
C MET C 870 39.53 68.09 -23.18
N ASN C 871 40.60 67.86 -23.94
CA ASN C 871 40.65 68.34 -25.32
C ASN C 871 39.62 67.64 -26.22
N VAL C 872 39.33 66.35 -26.00
CA VAL C 872 38.26 65.67 -26.73
C VAL C 872 36.88 66.18 -26.30
N LEU C 873 36.67 66.45 -25.01
CA LEU C 873 35.46 67.13 -24.52
C LEU C 873 35.26 68.51 -25.18
N LYS C 874 36.35 69.22 -25.49
CA LYS C 874 36.29 70.48 -26.24
C LYS C 874 35.93 70.30 -27.72
N ASP C 875 36.59 69.39 -28.44
CA ASP C 875 36.50 69.29 -29.91
C ASP C 875 35.45 68.28 -30.46
N GLN C 876 35.24 67.15 -29.78
CA GLN C 876 34.30 66.11 -30.21
C GLN C 876 32.93 66.30 -29.55
N ALA C 877 31.89 65.72 -30.14
CA ALA C 877 30.51 65.81 -29.65
C ALA C 877 30.19 64.86 -28.46
N SER C 878 31.19 64.43 -27.69
CA SER C 878 31.02 63.61 -26.48
C SER C 878 32.10 63.89 -25.43
N ASP C 879 31.81 63.53 -24.18
CA ASP C 879 32.75 63.43 -23.06
C ASP C 879 33.26 62.00 -22.81
N SER C 880 32.91 61.05 -23.68
CA SER C 880 33.25 59.63 -23.59
C SER C 880 33.86 59.09 -24.88
N MET C 881 34.75 58.09 -24.83
CA MET C 881 35.30 57.50 -26.05
C MET C 881 35.59 56.01 -25.85
N SER C 882 35.45 55.21 -26.91
CA SER C 882 35.74 53.75 -26.82
C SER C 882 37.22 53.51 -26.49
N PHE C 883 37.53 52.51 -25.68
CA PHE C 883 38.92 52.19 -25.29
C PHE C 883 39.86 51.99 -26.49
N ASN C 884 39.35 51.49 -27.63
CA ASN C 884 40.09 51.42 -28.88
C ASN C 884 40.59 52.80 -29.33
N GLU C 885 39.72 53.80 -29.30
CA GLU C 885 40.08 55.19 -29.57
C GLU C 885 40.88 55.88 -28.46
N LEU C 886 40.91 55.32 -27.24
CA LEU C 886 41.83 55.75 -26.18
C LEU C 886 43.24 55.24 -26.42
N ILE C 887 43.42 53.94 -26.71
CA ILE C 887 44.74 53.44 -27.13
C ILE C 887 45.18 54.15 -28.43
N LYS C 888 44.26 54.47 -29.34
CA LYS C 888 44.50 55.26 -30.57
C LYS C 888 44.45 56.78 -30.40
N GLN C 889 44.65 57.26 -29.18
CA GLN C 889 45.18 58.60 -28.97
C GLN C 889 46.46 58.47 -28.15
N ILE C 890 46.36 57.76 -27.02
CA ILE C 890 47.41 57.69 -26.01
C ILE C 890 48.66 56.95 -26.50
N ASN C 891 48.50 55.80 -27.15
CA ASN C 891 49.63 54.97 -27.55
C ASN C 891 50.27 55.39 -28.89
N GLU C 892 49.54 56.10 -29.76
CA GLU C 892 50.00 56.38 -31.12
C GLU C 892 50.92 57.60 -31.29
N HIS C 893 50.72 58.70 -30.55
CA HIS C 893 51.57 59.91 -30.68
C HIS C 893 51.83 60.71 -29.40
N SER C 894 51.21 60.36 -28.27
CA SER C 894 51.30 61.17 -27.05
C SER C 894 52.68 61.15 -26.38
N GLN C 895 53.31 59.98 -26.36
CA GLN C 895 54.48 59.63 -25.54
C GLN C 895 55.13 58.35 -26.06
N ASP C 896 56.32 58.02 -25.56
CA ASP C 896 56.88 56.69 -25.78
C ASP C 896 55.92 55.60 -25.30
N ARG C 897 55.91 54.47 -25.99
CA ARG C 897 54.82 53.49 -26.07
C ARG C 897 54.36 52.96 -24.70
N VAL C 898 53.18 53.36 -24.23
CA VAL C 898 52.61 52.94 -22.94
C VAL C 898 51.47 51.93 -23.16
N GLU C 899 51.63 50.73 -22.61
CA GLU C 899 50.68 49.62 -22.82
C GLU C 899 49.40 49.79 -21.99
N SER C 900 48.33 49.12 -22.42
CA SER C 900 46.98 49.25 -21.85
C SER C 900 46.92 49.05 -20.33
N SER C 901 47.80 48.21 -19.78
CA SER C 901 47.83 47.92 -18.35
C SER C 901 48.22 49.15 -17.49
N ASP C 902 49.11 50.02 -17.99
CA ASP C 902 49.49 51.26 -17.30
C ASP C 902 48.36 52.30 -17.37
N ILE C 903 47.65 52.35 -18.49
CA ILE C 903 46.48 53.22 -18.64
C ILE C 903 45.38 52.83 -17.65
N GLN C 904 45.08 51.54 -17.55
CA GLN C 904 44.12 51.00 -16.60
C GLN C 904 44.55 51.25 -15.14
N GLU C 905 45.84 51.19 -14.82
CA GLU C 905 46.32 51.55 -13.48
C GLU C 905 46.01 53.01 -13.15
N ALA C 906 46.51 53.94 -13.97
CA ALA C 906 46.35 55.38 -13.74
C ALA C 906 44.87 55.76 -13.70
N LEU C 907 44.08 55.23 -14.62
CA LEU C 907 42.64 55.44 -14.68
C LEU C 907 41.91 54.90 -13.45
N SER C 908 42.30 53.74 -12.91
CA SER C 908 41.67 53.19 -11.69
C SER C 908 41.95 54.05 -10.47
N ARG C 909 43.19 54.51 -10.29
CA ARG C 909 43.60 55.45 -9.24
C ARG C 909 42.92 56.82 -9.39
N LEU C 910 42.46 57.15 -10.61
CA LEU C 910 41.63 58.29 -10.94
C LEU C 910 40.10 58.04 -10.79
N GLN C 911 39.64 56.77 -10.77
CA GLN C 911 38.30 56.39 -10.27
C GLN C 911 38.23 56.60 -8.76
N GLN C 912 39.29 56.20 -8.04
CA GLN C 912 39.44 56.41 -6.61
C GLN C 912 39.47 57.91 -6.27
N GLU C 913 40.13 58.76 -7.07
CA GLU C 913 40.03 60.23 -6.96
C GLU C 913 38.70 60.83 -7.52
N ASP C 914 37.93 60.04 -8.28
CA ASP C 914 36.60 60.34 -8.83
C ASP C 914 36.52 61.47 -9.89
N LYS C 915 37.35 61.41 -10.94
CA LYS C 915 37.41 62.38 -12.07
C LYS C 915 36.94 61.84 -13.42
N VAL C 916 36.71 60.54 -13.57
CA VAL C 916 36.12 59.88 -14.76
C VAL C 916 35.24 58.73 -14.28
N ILE C 917 34.21 58.34 -15.05
CA ILE C 917 33.42 57.12 -14.82
C ILE C 917 33.74 56.08 -15.90
N VAL C 918 34.15 54.89 -15.46
CA VAL C 918 34.20 53.66 -16.26
C VAL C 918 32.86 52.93 -16.20
N LEU C 919 32.30 52.58 -17.36
CA LEU C 919 31.07 51.81 -17.53
C LEU C 919 31.36 50.53 -18.34
N GLY C 920 31.03 49.36 -17.79
CA GLY C 920 31.24 48.05 -18.43
C GLY C 920 32.70 47.71 -18.79
N GLY C 922 34.56 48.86 -20.95
CA GLY C 922 34.74 49.33 -22.32
C GLY C 922 34.42 50.81 -22.57
N VAL C 923 33.56 51.42 -21.75
CA VAL C 923 33.15 52.83 -21.88
C VAL C 923 33.75 53.68 -20.77
N ARG C 924 34.22 54.88 -21.10
CA ARG C 924 34.86 55.82 -20.17
C ARG C 924 34.34 57.22 -20.44
N ARG C 925 33.91 57.98 -19.42
CA ARG C 925 33.20 59.28 -19.55
C ARG C 925 33.68 60.34 -18.57
N SER C 926 33.78 61.61 -18.98
CA SER C 926 34.39 62.63 -18.11
C SER C 926 33.54 62.94 -16.87
N VAL C 927 34.11 63.44 -15.77
CA VAL C 927 33.30 63.86 -14.62
C VAL C 927 32.21 64.87 -15.02
N ASN D 20 -14.36 -21.62 10.97
CA ASN D 20 -14.61 -20.35 10.29
C ASN D 20 -15.14 -20.53 8.86
N ASP D 21 -14.96 -21.68 8.21
CA ASP D 21 -15.30 -21.83 6.78
C ASP D 21 -16.80 -21.89 6.46
N ASP D 22 -17.68 -22.10 7.44
CA ASP D 22 -19.11 -21.80 7.28
C ASP D 22 -19.32 -20.31 6.96
N ASP D 23 -18.56 -19.43 7.62
CA ASP D 23 -18.70 -17.98 7.53
C ASP D 23 -18.21 -17.48 6.16
N ASN D 24 -17.06 -17.99 5.68
CA ASN D 24 -16.59 -17.67 4.34
C ASN D 24 -17.54 -18.17 3.25
N THR D 25 -18.17 -19.33 3.43
CA THR D 25 -19.09 -19.85 2.41
C THR D 25 -20.32 -18.95 2.24
N GLU D 26 -20.85 -18.38 3.33
CA GLU D 26 -21.92 -17.39 3.26
C GLU D 26 -21.47 -16.08 2.60
N ILE D 27 -20.28 -15.57 2.90
CA ILE D 27 -19.72 -14.36 2.25
C ILE D 27 -19.56 -14.56 0.74
N ILE D 28 -19.05 -15.72 0.33
CA ILE D 28 -18.90 -16.10 -1.07
C ILE D 28 -20.27 -16.20 -1.74
N LYS D 29 -21.21 -16.94 -1.17
CA LYS D 29 -22.56 -17.12 -1.73
C LYS D 29 -23.27 -15.78 -1.92
N SER D 30 -23.08 -14.83 -1.03
CA SER D 30 -23.67 -13.50 -1.13
C SER D 30 -23.05 -12.64 -2.25
N PHE D 31 -21.83 -12.91 -2.70
CA PHE D 31 -21.22 -12.19 -3.82
C PHE D 31 -21.46 -12.89 -5.17
N LYS D 32 -21.56 -14.22 -5.24
CA LYS D 32 -22.06 -14.89 -6.46
C LYS D 32 -23.40 -14.29 -6.87
N ASN D 33 -24.31 -14.17 -5.91
CA ASN D 33 -25.61 -13.54 -6.12
C ASN D 33 -25.53 -12.04 -6.45
N PHE D 34 -24.47 -11.32 -6.13
CA PHE D 34 -24.30 -9.95 -6.64
C PHE D 34 -24.04 -9.95 -8.14
N ILE D 35 -23.14 -10.80 -8.63
CA ILE D 35 -22.84 -10.91 -10.06
C ILE D 35 -24.08 -11.33 -10.84
N LEU D 36 -24.75 -12.39 -10.42
CA LEU D 36 -25.85 -12.99 -11.15
C LEU D 36 -27.14 -12.17 -11.09
N GLU D 37 -27.41 -11.40 -10.04
CA GLU D 37 -28.67 -10.67 -9.92
C GLU D 37 -28.57 -9.19 -10.27
N PHE D 38 -27.40 -8.56 -10.16
CA PHE D 38 -27.32 -7.11 -10.31
C PHE D 38 -27.60 -6.68 -11.73
N ARG D 39 -28.60 -5.83 -11.87
CA ARG D 39 -29.23 -5.41 -13.12
C ARG D 39 -29.64 -3.96 -12.96
N LEU D 40 -29.46 -3.17 -13.99
CA LEU D 40 -30.08 -1.87 -14.16
C LEU D 40 -30.70 -1.87 -15.54
N ASP D 41 -31.90 -1.35 -15.72
CA ASP D 41 -32.60 -1.49 -17.01
C ASP D 41 -32.76 -2.99 -17.35
N SER D 42 -32.63 -3.37 -18.61
CA SER D 42 -32.80 -4.73 -19.09
C SER D 42 -31.53 -5.58 -18.88
N GLN D 43 -30.38 -4.97 -18.68
CA GLN D 43 -29.07 -5.60 -18.81
C GLN D 43 -28.47 -6.04 -17.48
N PHE D 44 -28.01 -7.28 -17.39
CA PHE D 44 -27.26 -7.85 -16.27
C PHE D 44 -25.79 -7.48 -16.36
N ILE D 45 -25.44 -6.25 -16.00
CA ILE D 45 -24.15 -5.67 -16.37
C ILE D 45 -22.90 -6.38 -15.87
N TYR D 46 -22.95 -7.16 -14.79
CA TYR D 46 -21.78 -7.90 -14.34
C TYR D 46 -21.70 -9.31 -14.91
N ARG D 47 -22.80 -9.97 -15.22
CA ARG D 47 -22.78 -11.21 -16.02
C ARG D 47 -22.25 -10.93 -17.41
N ASP D 48 -22.74 -9.88 -18.05
CA ASP D 48 -22.26 -9.49 -19.36
C ASP D 48 -20.79 -9.09 -19.33
N GLN D 49 -20.35 -8.29 -18.38
CA GLN D 49 -18.94 -7.94 -18.32
C GLN D 49 -18.06 -9.15 -18.09
N LEU D 50 -18.40 -10.11 -17.24
CA LEU D 50 -17.64 -11.35 -17.08
C LEU D 50 -17.51 -12.09 -18.41
N ARG D 51 -18.61 -12.31 -19.13
CA ARG D 51 -18.56 -13.03 -20.40
C ARG D 51 -17.74 -12.29 -21.43
N ASN D 52 -17.92 -10.98 -21.57
CA ASN D 52 -17.13 -10.21 -22.50
C ASN D 52 -15.63 -10.24 -22.17
N ASN D 53 -15.23 -10.33 -20.92
CA ASN D 53 -13.85 -10.43 -20.50
C ASN D 53 -13.27 -11.83 -20.68
N ILE D 54 -14.06 -12.87 -20.50
CA ILE D 54 -13.65 -14.26 -20.74
C ILE D 54 -13.33 -14.48 -22.22
N LEU D 55 -14.13 -14.00 -23.15
CA LEU D 55 -13.89 -14.22 -24.57
C LEU D 55 -12.59 -13.62 -25.07
N VAL D 56 -12.28 -12.38 -24.71
CA VAL D 56 -11.01 -11.73 -25.07
C VAL D 56 -9.86 -12.14 -24.17
N LYS D 57 -10.11 -13.01 -23.20
CA LYS D 57 -9.14 -13.63 -22.30
C LYS D 57 -8.43 -12.62 -21.41
N ASN D 58 -9.18 -11.75 -20.71
CA ASN D 58 -8.68 -11.19 -19.46
C ASN D 58 -9.55 -11.67 -18.31
N TYR D 59 -8.98 -12.44 -17.40
CA TYR D 59 -9.72 -13.04 -16.30
C TYR D 59 -9.79 -12.08 -15.12
N SER D 60 -10.62 -11.05 -15.26
CA SER D 60 -10.87 -10.03 -14.25
C SER D 60 -12.29 -9.50 -14.35
N LEU D 61 -12.75 -8.84 -13.29
CA LEU D 61 -13.98 -8.07 -13.30
C LEU D 61 -13.74 -6.69 -12.69
N THR D 62 -14.18 -5.61 -13.34
CA THR D 62 -14.20 -4.28 -12.71
C THR D 62 -15.54 -4.06 -12.06
N VAL D 63 -15.59 -3.82 -10.76
CA VAL D 63 -16.82 -3.56 -10.01
C VAL D 63 -16.83 -2.12 -9.53
N ASN D 64 -17.92 -1.42 -9.82
CA ASN D 64 -18.12 -0.06 -9.39
C ASN D 64 -18.79 -0.06 -8.04
N MET D 65 -18.19 0.52 -7.01
CA MET D 65 -18.70 0.34 -5.66
C MET D 65 -20.03 1.03 -5.37
N GLU D 66 -20.47 2.04 -6.12
CA GLU D 66 -21.86 2.49 -5.98
C GLU D 66 -22.86 1.38 -6.25
N HIS D 67 -22.58 0.46 -7.16
CA HIS D 67 -23.45 -0.68 -7.44
C HIS D 67 -23.41 -1.69 -6.33
N LEU D 68 -22.25 -1.93 -5.73
CA LEU D 68 -22.18 -2.83 -4.59
C LEU D 68 -22.99 -2.30 -3.40
N ILE D 69 -22.92 -1.01 -3.11
CA ILE D 69 -23.75 -0.38 -2.08
C ILE D 69 -25.25 -0.43 -2.45
N GLY D 70 -25.59 -0.27 -3.72
CA GLY D 70 -26.97 -0.30 -4.18
C GLY D 70 -27.63 -1.66 -4.04
N TYR D 71 -26.90 -2.74 -4.25
CA TYR D 71 -27.41 -4.10 -4.16
C TYR D 71 -27.71 -4.54 -2.72
N ASN D 72 -26.72 -4.43 -1.84
CA ASN D 72 -26.84 -4.79 -0.44
C ASN D 72 -25.75 -4.09 0.37
N GLU D 73 -26.08 -3.04 1.12
CA GLU D 73 -25.07 -2.25 1.82
C GLU D 73 -24.30 -3.04 2.89
N ASP D 74 -24.87 -4.12 3.42
CA ASP D 74 -24.16 -5.00 4.35
C ASP D 74 -22.90 -5.60 3.75
N ILE D 75 -22.89 -5.81 2.44
CA ILE D 75 -21.71 -6.37 1.75
C ILE D 75 -20.63 -5.31 1.65
N TYR D 76 -20.98 -4.07 1.33
CA TYR D 76 -20.02 -2.99 1.33
C TYR D 76 -19.47 -2.77 2.73
N LYS D 77 -20.30 -2.91 3.77
CA LYS D 77 -19.88 -2.80 5.16
C LYS D 77 -18.82 -3.85 5.49
N LYS D 78 -19.09 -5.10 5.20
CA LYS D 78 -18.15 -6.24 5.33
C LYS D 78 -16.85 -5.95 4.58
N LEU D 79 -16.93 -5.54 3.32
CA LEU D 79 -15.78 -5.29 2.47
C LEU D 79 -14.89 -4.16 3.01
N SER D 80 -15.47 -3.03 3.37
CA SER D 80 -14.72 -1.87 3.84
C SER D 80 -14.22 -2.01 5.28
N ASP D 81 -14.84 -2.85 6.12
CA ASP D 81 -14.34 -3.13 7.47
C ASP D 81 -12.99 -3.87 7.44
N GLU D 82 -12.85 -4.93 6.65
CA GLU D 82 -11.59 -5.70 6.55
C GLU D 82 -11.34 -6.20 5.12
N PRO D 83 -10.86 -5.33 4.22
CA PRO D 83 -10.67 -5.63 2.80
C PRO D 83 -9.79 -6.84 2.53
N SER D 84 -8.67 -6.98 3.23
CA SER D 84 -7.68 -8.03 3.01
C SER D 84 -8.21 -9.44 3.23
N ASP D 85 -9.35 -9.60 3.90
CA ASP D 85 -10.00 -10.88 4.17
C ASP D 85 -11.27 -11.09 3.34
N ILE D 86 -11.76 -10.08 2.63
CA ILE D 86 -13.02 -10.12 1.86
C ILE D 86 -12.77 -10.01 0.36
N ILE D 87 -11.83 -9.18 -0.10
CA ILE D 87 -11.42 -9.15 -1.51
C ILE D 87 -11.10 -10.56 -2.02
N PRO D 88 -10.23 -11.38 -1.40
CA PRO D 88 -9.98 -12.73 -1.88
C PRO D 88 -11.16 -13.71 -1.76
N LEU D 89 -12.25 -13.38 -1.05
CA LEU D 89 -13.49 -14.15 -1.10
C LEU D 89 -14.36 -13.74 -2.29
N PHE D 90 -14.33 -12.48 -2.69
CA PHE D 90 -15.01 -12.03 -3.90
C PHE D 90 -14.30 -12.52 -5.15
N GLU D 91 -12.98 -12.65 -5.15
CA GLU D 91 -12.28 -13.27 -6.27
C GLU D 91 -12.72 -14.73 -6.49
N THR D 92 -12.91 -15.54 -5.44
CA THR D 92 -13.43 -16.90 -5.65
C THR D 92 -14.90 -16.89 -6.06
N ALA D 93 -15.75 -16.03 -5.50
CA ALA D 93 -17.10 -15.88 -6.00
C ALA D 93 -17.17 -15.51 -7.49
N ILE D 94 -16.29 -14.64 -7.99
CA ILE D 94 -16.15 -14.37 -9.43
C ILE D 94 -15.76 -15.63 -10.18
N THR D 95 -14.76 -16.41 -9.75
CA THR D 95 -14.40 -17.63 -10.50
C THR D 95 -15.52 -18.66 -10.56
N GLN D 96 -16.33 -18.80 -9.53
CA GLN D 96 -17.43 -19.75 -9.54
C GLN D 96 -18.50 -19.33 -10.54
N VAL D 97 -18.80 -18.04 -10.64
CA VAL D 97 -19.69 -17.54 -11.70
C VAL D 97 -19.06 -17.67 -13.07
N ALA D 98 -17.77 -17.39 -13.22
CA ALA D 98 -17.07 -17.51 -14.49
C ALA D 98 -17.13 -18.92 -15.08
N LYS D 99 -17.08 -19.96 -14.24
CA LYS D 99 -17.29 -21.34 -14.69
C LYS D 99 -18.73 -21.59 -15.13
N ARG D 100 -19.70 -21.16 -14.35
CA ARG D 100 -21.13 -21.32 -14.66
C ARG D 100 -21.53 -20.67 -15.95
N ILE D 101 -20.99 -19.52 -16.31
CA ILE D 101 -21.41 -18.80 -17.52
C ILE D 101 -20.55 -19.08 -18.75
N SER D 102 -19.56 -19.96 -18.71
CA SER D 102 -18.68 -20.16 -19.86
C SER D 102 -18.14 -21.56 -20.07
N ILE D 103 -18.50 -22.53 -19.24
CA ILE D 103 -18.17 -23.93 -19.39
C ILE D 103 -19.46 -24.72 -19.23
N LEU D 104 -19.69 -25.75 -20.05
CA LEU D 104 -20.80 -26.69 -19.84
C LEU D 104 -20.45 -27.66 -18.71
N SER D 105 -21.25 -27.66 -17.65
CA SER D 105 -21.09 -28.66 -16.58
C SER D 105 -21.42 -30.06 -17.08
N ARG D 106 -20.87 -31.09 -16.42
CA ARG D 106 -21.10 -32.53 -16.66
C ARG D 106 -21.07 -32.97 -18.13
N ALA D 107 -20.27 -32.28 -18.95
CA ALA D 107 -19.99 -32.62 -20.35
C ALA D 107 -19.31 -33.98 -20.51
N SER D 131 -8.40 -25.41 -17.03
CA SER D 131 -9.45 -24.62 -16.43
C SER D 131 -9.08 -23.14 -16.24
N LEU D 132 -10.03 -22.30 -15.81
CA LEU D 132 -9.85 -20.86 -15.61
C LEU D 132 -8.93 -20.57 -14.41
N PRO D 133 -8.07 -19.55 -14.46
CA PRO D 133 -7.31 -19.10 -13.29
C PRO D 133 -8.19 -18.33 -12.30
N THR D 134 -7.64 -17.92 -11.15
CA THR D 134 -8.39 -17.11 -10.19
C THR D 134 -8.55 -15.66 -10.66
N PHE D 135 -9.78 -15.21 -10.85
CA PHE D 135 -10.08 -13.92 -11.44
C PHE D 135 -9.64 -12.76 -10.56
N GLN D 136 -9.14 -11.70 -11.15
CA GLN D 136 -8.85 -10.46 -10.42
C GLN D 136 -10.12 -9.63 -10.20
N LEU D 137 -10.26 -9.02 -9.04
CA LEU D 137 -11.27 -8.02 -8.74
C LEU D 137 -10.62 -6.64 -8.81
N ILE D 138 -11.17 -5.76 -9.63
CA ILE D 138 -10.73 -4.39 -9.83
C ILE D 138 -11.82 -3.47 -9.33
N LEU D 139 -11.52 -2.42 -8.59
CA LEU D 139 -12.54 -1.54 -8.00
C LEU D 139 -12.55 -0.15 -8.61
N ASN D 140 -13.73 0.40 -8.81
CA ASN D 140 -13.92 1.81 -9.10
C ASN D 140 -14.69 2.41 -7.95
N SER D 141 -14.46 3.67 -7.67
CA SER D 141 -14.98 4.33 -6.49
C SER D 141 -15.15 5.82 -6.72
N ASN D 142 -16.02 6.47 -5.97
CA ASN D 142 -16.06 7.92 -5.81
C ASN D 142 -16.01 8.35 -4.34
N ALA D 143 -15.52 7.50 -3.44
CA ALA D 143 -15.13 7.94 -2.11
C ALA D 143 -14.16 9.13 -2.19
N ASN D 144 -14.09 9.98 -1.17
CA ASN D 144 -13.31 11.20 -1.23
C ASN D 144 -11.82 10.89 -1.36
N GLN D 145 -11.08 11.57 -2.25
CA GLN D 145 -9.66 11.36 -2.34
C GLN D 145 -9.01 11.80 -1.05
N ILE D 146 -8.18 10.96 -0.45
CA ILE D 146 -7.37 11.36 0.68
C ILE D 146 -6.07 11.96 0.14
N PRO D 147 -5.66 13.17 0.52
CA PRO D 147 -4.40 13.71 0.07
C PRO D 147 -3.28 12.81 0.53
N LEU D 148 -2.26 12.55 -0.28
CA LEU D 148 -1.28 11.50 0.00
C LEU D 148 -0.56 11.69 1.34
N ARG D 149 -0.33 12.93 1.78
CA ARG D 149 0.29 13.26 3.06
C ARG D 149 -0.64 13.10 4.27
N ASP D 150 -1.95 12.95 4.07
CA ASP D 150 -2.90 12.73 5.16
C ASP D 150 -3.08 11.27 5.49
N LEU D 151 -2.45 10.35 4.77
CA LEU D 151 -2.42 8.94 5.12
C LEU D 151 -1.64 8.75 6.42
N ASP D 152 -2.27 8.13 7.40
CA ASP D 152 -1.63 7.85 8.68
C ASP D 152 -2.27 6.64 9.35
N SER D 153 -1.98 6.37 10.61
CA SER D 153 -2.43 5.17 11.30
C SER D 153 -3.93 4.95 11.30
N GLU D 154 -4.74 6.00 11.10
CA GLU D 154 -6.18 5.82 11.04
C GLU D 154 -6.60 4.99 9.83
N HIS D 155 -5.77 4.93 8.79
CA HIS D 155 -6.10 4.30 7.52
C HIS D 155 -5.53 2.92 7.36
N VAL D 156 -4.69 2.40 8.25
CA VAL D 156 -4.07 1.10 8.02
C VAL D 156 -5.17 0.03 7.90
N SER D 157 -5.04 -0.80 6.86
CA SER D 157 -5.97 -1.81 6.36
C SER D 157 -7.27 -1.32 5.72
N LYS D 158 -7.51 -0.03 5.49
CA LYS D 158 -8.75 0.45 4.87
C LYS D 158 -8.61 0.65 3.38
N ILE D 159 -9.70 0.53 2.62
CA ILE D 159 -9.70 0.92 1.20
C ILE D 159 -9.66 2.44 1.16
N VAL D 160 -8.67 2.97 0.48
CA VAL D 160 -8.30 4.37 0.39
C VAL D 160 -8.20 4.75 -1.06
N ARG D 161 -8.88 5.82 -1.47
CA ARG D 161 -8.76 6.39 -2.80
C ARG D 161 -7.89 7.61 -2.76
N LEU D 162 -6.95 7.76 -3.67
CA LEU D 162 -6.06 8.91 -3.69
C LEU D 162 -5.53 9.18 -5.10
N SER D 163 -4.66 10.17 -5.25
CA SER D 163 -4.06 10.50 -6.54
C SER D 163 -2.66 11.09 -6.45
N GLY D 164 -1.89 11.00 -7.51
CA GLY D 164 -0.51 11.43 -7.56
C GLY D 164 0.11 11.28 -8.94
N ILE D 165 1.41 11.57 -9.04
CA ILE D 165 2.20 11.40 -10.25
C ILE D 165 3.09 10.19 -10.08
N ILE D 166 3.03 9.23 -10.99
CA ILE D 166 3.90 8.07 -10.95
C ILE D 166 5.32 8.52 -11.24
N ILE D 167 6.27 8.35 -10.34
CA ILE D 167 7.66 8.73 -10.62
C ILE D 167 8.52 7.55 -11.07
N SER D 168 8.05 6.32 -10.89
CA SER D 168 8.82 5.11 -11.17
C SER D 168 7.91 3.91 -11.38
N THR D 169 8.35 2.97 -12.20
CA THR D 169 7.78 1.64 -12.34
C THR D 169 8.92 0.61 -12.35
N SER D 170 8.80 -0.48 -11.58
CA SER D 170 9.78 -1.55 -11.61
C SER D 170 9.62 -2.45 -12.83
N VAL D 171 10.60 -3.32 -13.07
CA VAL D 171 10.40 -4.54 -13.86
C VAL D 171 9.28 -5.39 -13.24
N LEU D 172 8.69 -6.31 -14.00
CA LEU D 172 7.76 -7.30 -13.44
C LEU D 172 8.51 -8.34 -12.62
N SER D 173 7.88 -8.84 -11.57
CA SER D 173 8.33 -9.90 -10.68
C SER D 173 7.27 -10.98 -10.59
N SER D 174 7.63 -12.21 -10.25
CA SER D 174 6.68 -13.33 -10.18
C SER D 174 6.32 -13.67 -8.74
N ARG D 175 5.04 -13.56 -8.39
CA ARG D 175 4.46 -14.09 -7.14
C ARG D 175 3.77 -15.40 -7.43
N ALA D 176 3.76 -16.33 -6.49
CA ALA D 176 3.01 -17.57 -6.66
C ALA D 176 1.52 -17.36 -6.44
N THR D 177 0.71 -18.15 -7.13
CA THR D 177 -0.71 -18.37 -6.78
C THR D 177 -1.01 -19.81 -6.49
N TYR D 178 -0.12 -20.72 -6.88
CA TYR D 178 -0.23 -22.13 -6.54
C TYR D 178 1.17 -22.70 -6.42
N LEU D 179 1.57 -23.12 -5.22
CA LEU D 179 2.80 -23.90 -5.04
C LEU D 179 2.46 -25.37 -5.07
N SER D 180 3.11 -26.15 -5.92
CA SER D 180 3.16 -27.60 -5.75
C SER D 180 4.26 -27.92 -4.76
N ILE D 181 4.07 -28.94 -3.92
CA ILE D 181 4.86 -29.15 -2.72
C ILE D 181 5.21 -30.61 -2.59
N MET D 182 6.43 -30.88 -2.12
CA MET D 182 6.88 -32.23 -1.80
C MET D 182 7.78 -32.26 -0.58
N CYS D 183 7.63 -33.28 0.27
CA CYS D 183 8.47 -33.48 1.44
C CYS D 183 9.89 -33.97 1.08
N ARG D 184 10.93 -33.38 1.67
CA ARG D 184 12.33 -33.79 1.57
C ARG D 184 12.56 -35.24 1.97
N ASN D 185 11.94 -35.71 3.05
CA ASN D 185 12.23 -36.99 3.69
C ASN D 185 11.27 -38.11 3.25
N CYS D 186 9.99 -38.05 3.61
CA CYS D 186 9.03 -39.13 3.30
C CYS D 186 8.45 -39.06 1.87
N ARG D 187 8.68 -37.94 1.16
CA ARG D 187 8.25 -37.69 -0.24
C ARG D 187 6.73 -37.64 -0.49
N HIS D 188 5.96 -37.31 0.55
CA HIS D 188 4.56 -36.88 0.43
C HIS D 188 4.43 -35.61 -0.41
N THR D 189 3.33 -35.47 -1.15
CA THR D 189 3.12 -34.35 -2.08
C THR D 189 1.71 -33.78 -1.99
N THR D 190 1.61 -32.47 -2.08
CA THR D 190 0.41 -31.66 -1.88
C THR D 190 0.58 -30.31 -2.59
N SER D 191 -0.23 -29.31 -2.28
CA SER D 191 -0.13 -27.97 -2.86
C SER D 191 -0.74 -26.89 -1.98
N ILE D 192 -0.38 -25.64 -2.25
CA ILE D 192 -0.81 -24.46 -1.49
C ILE D 192 -1.34 -23.42 -2.47
N THR D 193 -2.64 -23.17 -2.50
CA THR D 193 -3.20 -22.01 -3.19
C THR D 193 -2.87 -20.75 -2.40
N ILE D 194 -2.46 -19.69 -3.07
CA ILE D 194 -2.03 -18.44 -2.44
C ILE D 194 -2.85 -17.30 -3.03
N ASN D 195 -3.32 -16.40 -2.16
CA ASN D 195 -3.90 -15.13 -2.52
C ASN D 195 -3.14 -14.03 -1.79
N ASN D 196 -2.81 -12.97 -2.51
CA ASN D 196 -1.70 -12.08 -2.19
C ASN D 196 -2.16 -10.84 -1.42
N PHE D 197 -2.81 -11.06 -0.27
CA PHE D 197 -3.24 -10.02 0.65
C PHE D 197 -2.67 -10.29 2.06
N ASN D 198 -2.19 -9.24 2.72
CA ASN D 198 -1.33 -9.34 3.90
C ASN D 198 -0.09 -10.21 3.67
N VAL D 205 0.87 -16.51 4.90
CA VAL D 205 1.09 -17.90 4.52
C VAL D 205 2.49 -18.15 3.96
N SER D 206 3.02 -19.34 4.22
CA SER D 206 4.41 -19.78 3.98
C SER D 206 4.50 -21.31 4.01
N LEU D 207 5.67 -21.88 3.74
CA LEU D 207 5.85 -23.34 3.75
C LEU D 207 5.57 -23.98 5.14
N PRO D 208 4.69 -25.00 5.24
CA PRO D 208 4.37 -25.64 6.51
C PRO D 208 5.57 -26.21 7.25
N ARG D 209 5.54 -26.09 8.58
CA ARG D 209 6.57 -26.55 9.53
C ARG D 209 6.46 -28.02 9.93
N SER D 210 5.52 -28.76 9.35
CA SER D 210 5.14 -30.13 9.71
C SER D 210 4.76 -30.93 8.48
N CYS D 211 5.00 -32.23 8.45
CA CYS D 211 4.90 -32.99 7.20
C CYS D 211 3.47 -33.22 6.69
N LEU D 212 2.43 -32.95 7.50
CA LEU D 212 1.00 -33.15 7.21
C LEU D 212 0.54 -34.60 7.01
N SER D 213 1.44 -35.56 6.70
CA SER D 213 1.15 -37.00 6.64
C SER D 213 -0.05 -37.39 5.77
N ASN D 235 10.87 -39.75 12.62
CA ASN D 235 10.17 -38.50 12.41
C ASN D 235 10.63 -37.77 11.13
N CYS D 236 9.73 -37.05 10.49
CA CYS D 236 9.95 -36.49 9.17
C CYS D 236 10.74 -35.16 9.12
N GLY D 237 10.90 -34.45 10.25
CA GLY D 237 11.75 -33.26 10.35
C GLY D 237 11.05 -31.92 10.56
N PRO D 238 11.80 -30.86 10.92
CA PRO D 238 11.27 -29.59 11.44
C PRO D 238 10.89 -28.55 10.37
N ASP D 239 11.19 -28.79 9.10
CA ASP D 239 11.01 -27.85 7.99
C ASP D 239 10.95 -28.63 6.65
N PRO D 240 9.94 -29.49 6.43
CA PRO D 240 10.08 -30.63 5.54
C PRO D 240 9.91 -30.35 4.04
N TYR D 241 9.38 -29.20 3.63
CA TYR D 241 8.84 -29.03 2.29
C TYR D 241 9.73 -28.23 1.33
N ILE D 242 9.86 -28.75 0.11
CA ILE D 242 10.42 -28.06 -1.06
C ILE D 242 9.33 -27.78 -2.09
N ILE D 243 9.54 -26.75 -2.90
CA ILE D 243 8.61 -26.30 -3.91
C ILE D 243 8.95 -27.00 -5.22
N ILE D 244 7.98 -27.64 -5.85
CA ILE D 244 8.13 -28.18 -7.21
C ILE D 244 7.77 -27.09 -8.20
N HIS D 245 8.80 -26.48 -8.80
CA HIS D 245 8.61 -25.35 -9.68
C HIS D 245 7.89 -25.70 -10.97
N GLU D 246 8.04 -26.91 -11.48
CA GLU D 246 7.42 -27.39 -12.73
C GLU D 246 5.90 -27.34 -12.74
N SER D 247 5.30 -27.56 -11.58
CA SER D 247 3.86 -27.69 -11.37
C SER D 247 3.24 -26.50 -10.65
N SER D 248 4.06 -25.60 -10.11
CA SER D 248 3.62 -24.35 -9.53
C SER D 248 3.11 -23.38 -10.60
N LYS D 249 2.30 -22.40 -10.20
CA LYS D 249 1.78 -21.34 -11.07
C LYS D 249 2.02 -19.99 -10.43
N PHE D 250 2.25 -18.98 -11.25
CA PHE D 250 2.72 -17.67 -10.86
C PHE D 250 1.95 -16.56 -11.57
N ILE D 251 2.02 -15.36 -11.03
CA ILE D 251 1.38 -14.14 -11.51
C ILE D 251 2.39 -12.99 -11.54
N ASP D 252 2.15 -12.02 -12.40
CA ASP D 252 2.94 -10.80 -12.48
C ASP D 252 2.63 -9.86 -11.31
N GLN D 253 3.66 -9.25 -10.76
CA GLN D 253 3.58 -8.16 -9.80
C GLN D 253 4.55 -7.05 -10.20
N GLN D 254 4.17 -5.80 -10.00
CA GLN D 254 4.95 -4.62 -10.28
C GLN D 254 4.90 -3.64 -9.12
N PHE D 255 6.00 -2.98 -8.83
CA PHE D 255 6.06 -1.87 -7.88
C PHE D 255 6.04 -0.56 -8.64
N LEU D 256 5.25 0.38 -8.16
CA LEU D 256 5.31 1.77 -8.57
C LEU D 256 5.84 2.59 -7.42
N LYS D 257 6.22 3.84 -7.68
CA LYS D 257 6.30 4.89 -6.67
C LYS D 257 5.47 6.06 -7.13
N LEU D 258 4.67 6.59 -6.24
CA LEU D 258 3.76 7.68 -6.49
C LEU D 258 4.21 8.89 -5.68
N GLN D 259 4.55 10.01 -6.31
CA GLN D 259 4.62 11.30 -5.62
C GLN D 259 3.27 11.95 -5.55
N GLU D 260 3.04 12.80 -4.56
CA GLU D 260 1.83 13.61 -4.52
C GLU D 260 1.83 14.73 -5.56
N ILE D 261 0.62 15.20 -5.86
CA ILE D 261 0.35 16.23 -6.83
C ILE D 261 0.98 17.55 -6.39
N PRO D 262 1.67 18.32 -7.25
CA PRO D 262 2.34 19.57 -6.87
C PRO D 262 1.44 20.60 -6.18
N GLU D 263 0.25 20.89 -6.70
CA GLU D 263 -0.72 21.80 -6.07
C GLU D 263 -1.29 21.30 -4.71
N LEU D 264 -0.96 20.10 -4.24
CA LEU D 264 -1.34 19.59 -2.91
C LEU D 264 -0.18 19.47 -1.91
N VAL D 265 1.06 19.76 -2.29
CA VAL D 265 2.18 19.77 -1.33
C VAL D 265 2.02 20.95 -0.35
N PRO D 266 2.12 20.76 0.98
CA PRO D 266 2.12 21.87 1.93
C PRO D 266 3.30 22.84 1.75
N VAL D 267 3.18 24.06 2.28
CA VAL D 267 4.19 25.10 2.09
C VAL D 267 5.58 24.65 2.53
N GLY D 268 6.56 24.84 1.67
CA GLY D 268 7.98 24.58 1.96
C GLY D 268 8.41 23.13 2.14
N GLU D 269 7.56 22.14 1.89
CA GLU D 269 7.92 20.73 2.02
C GLU D 269 8.35 20.10 0.68
N MET D 270 9.23 19.10 0.70
CA MET D 270 9.49 18.27 -0.48
C MET D 270 8.28 17.36 -0.74
N PRO D 271 7.85 17.14 -2.01
CA PRO D 271 6.71 16.29 -2.31
C PRO D 271 6.93 14.85 -1.82
N ARG D 272 5.97 14.33 -1.06
CA ARG D 272 6.04 13.02 -0.40
C ARG D 272 5.69 11.90 -1.37
N ASN D 273 6.09 10.70 -1.04
CA ASN D 273 6.19 9.55 -1.91
C ASN D 273 5.66 8.28 -1.20
N LEU D 274 4.90 7.45 -1.91
CA LEU D 274 4.56 6.08 -1.52
C LEU D 274 5.08 5.06 -2.52
N THR D 275 5.59 3.93 -2.06
CA THR D 275 5.64 2.73 -2.89
C THR D 275 4.30 1.99 -2.83
N MET D 276 3.95 1.30 -3.90
CA MET D 276 2.72 0.56 -4.02
C MET D 276 2.84 -0.57 -5.04
N THR D 277 2.03 -1.60 -4.90
CA THR D 277 2.11 -2.82 -5.72
C THR D 277 0.81 -3.09 -6.43
N CYS D 278 0.91 -3.46 -7.70
CA CYS D 278 -0.19 -3.99 -8.48
C CYS D 278 0.19 -5.30 -9.11
N ASP D 279 -0.79 -6.12 -9.43
CA ASP D 279 -0.59 -7.46 -9.93
C ASP D 279 -1.57 -7.80 -11.05
N ARG D 280 -1.31 -8.88 -11.78
CA ARG D 280 -2.10 -9.31 -12.94
C ARG D 280 -2.39 -8.18 -13.92
N TYR D 281 -3.65 -7.91 -14.24
CA TYR D 281 -4.08 -7.06 -15.33
C TYR D 281 -3.88 -5.57 -15.04
N LEU D 282 -3.46 -5.20 -13.84
CA LEU D 282 -3.08 -3.84 -13.50
C LEU D 282 -1.60 -3.55 -13.70
N THR D 283 -0.76 -4.55 -13.90
CA THR D 283 0.65 -4.30 -14.27
C THR D 283 0.77 -3.72 -15.68
N ASN D 284 1.83 -2.94 -15.94
CA ASN D 284 2.08 -2.22 -17.18
C ASN D 284 1.01 -1.19 -17.59
N LYS D 285 0.03 -0.87 -16.72
CA LYS D 285 -1.05 0.07 -17.05
C LYS D 285 -0.68 1.55 -16.89
N VAL D 286 0.59 1.87 -16.57
CA VAL D 286 1.10 3.24 -16.34
C VAL D 286 2.56 3.41 -16.74
N ILE D 287 3.00 4.64 -16.99
CA ILE D 287 4.40 5.01 -17.26
C ILE D 287 4.79 6.24 -16.42
N PRO D 288 6.07 6.39 -16.05
CA PRO D 288 6.56 7.56 -15.34
C PRO D 288 6.09 8.89 -15.92
N GLY D 289 5.69 9.81 -15.05
CA GLY D 289 5.13 11.11 -15.38
C GLY D 289 3.61 11.15 -15.49
N THR D 290 2.91 10.02 -15.66
CA THR D 290 1.44 10.04 -15.72
C THR D 290 0.82 10.42 -14.39
N ARG D 291 -0.28 11.15 -14.42
CA ARG D 291 -1.08 11.51 -13.26
C ARG D 291 -2.21 10.52 -13.15
N VAL D 292 -2.38 9.89 -12.01
CA VAL D 292 -3.30 8.78 -11.84
C VAL D 292 -4.14 8.96 -10.60
N THR D 293 -5.29 8.34 -10.54
CA THR D 293 -6.01 8.11 -9.29
C THR D 293 -5.99 6.64 -8.97
N ILE D 294 -5.77 6.29 -7.72
CA ILE D 294 -5.64 4.93 -7.25
C ILE D 294 -6.80 4.68 -6.32
N VAL D 295 -7.36 3.49 -6.37
CA VAL D 295 -8.07 2.88 -5.26
C VAL D 295 -7.22 1.75 -4.79
N GLY D 296 -7.00 1.60 -3.51
CA GLY D 296 -6.18 0.52 -2.98
C GLY D 296 -6.30 0.34 -1.48
N ILE D 297 -5.69 -0.68 -0.92
CA ILE D 297 -5.71 -0.95 0.51
C ILE D 297 -4.45 -0.36 1.12
N TYR D 298 -4.58 0.63 1.98
CA TYR D 298 -3.41 1.21 2.65
C TYR D 298 -2.92 0.25 3.72
N SER D 299 -1.69 -0.23 3.62
CA SER D 299 -1.23 -1.41 4.33
C SER D 299 0.25 -1.35 4.60
N ILE D 300 0.79 -2.35 5.29
CA ILE D 300 2.08 -2.32 5.97
C ILE D 300 2.90 -3.56 5.65
N TYR D 301 4.21 -3.45 5.52
CA TYR D 301 5.09 -4.60 5.40
C TYR D 301 6.33 -4.48 6.26
N ASN D 302 6.90 -5.62 6.65
CA ASN D 302 7.98 -5.68 7.64
C ASN D 302 9.33 -5.68 6.95
N SER D 303 9.68 -4.55 6.33
CA SER D 303 11.00 -4.34 5.75
C SER D 303 12.13 -4.34 6.80
N LYS D 304 13.31 -4.83 6.40
CA LYS D 304 14.54 -4.80 7.21
C LYS D 304 15.24 -3.42 7.23
N ASN D 305 14.86 -2.48 6.36
CA ASN D 305 15.45 -1.13 6.29
C ASN D 305 15.30 -0.40 7.63
N GLY D 320 14.68 2.94 14.18
CA GLY D 320 13.39 2.81 14.82
C GLY D 320 13.10 1.43 15.43
N VAL D 321 11.97 1.30 16.13
CA VAL D 321 11.52 0.09 16.84
C VAL D 321 10.02 -0.11 16.68
N ALA D 322 9.55 -1.37 16.66
CA ALA D 322 8.13 -1.73 16.51
C ALA D 322 7.43 -1.01 15.33
N ILE D 323 8.19 -0.78 14.28
CA ILE D 323 7.96 0.14 13.17
C ILE D 323 8.05 -0.64 11.87
N ARG D 324 7.23 -0.27 10.90
CA ARG D 324 7.05 -1.02 9.66
C ARG D 324 6.53 -0.10 8.57
N THR D 325 6.78 -0.46 7.33
CA THR D 325 6.71 0.47 6.20
C THR D 325 5.33 0.44 5.56
N PRO D 326 4.69 1.59 5.30
CA PRO D 326 3.42 1.62 4.62
C PRO D 326 3.58 1.55 3.10
N TYR D 327 2.61 0.95 2.44
CA TYR D 327 2.49 0.82 1.00
C TYR D 327 1.00 0.70 0.63
N ILE D 328 0.67 0.73 -0.66
CA ILE D 328 -0.69 0.44 -1.13
C ILE D 328 -0.72 -0.83 -1.95
N LYS D 329 -1.61 -1.76 -1.61
CA LYS D 329 -2.06 -2.80 -2.53
C LYS D 329 -3.06 -2.17 -3.48
N ILE D 330 -2.69 -1.93 -4.72
CA ILE D 330 -3.54 -1.22 -5.67
C ILE D 330 -4.65 -2.14 -6.12
N LEU D 331 -5.89 -1.68 -6.06
CA LEU D 331 -7.05 -2.39 -6.58
C LEU D 331 -7.66 -1.76 -7.81
N GLY D 332 -7.26 -0.55 -8.20
CA GLY D 332 -7.78 0.04 -9.43
C GLY D 332 -7.09 1.32 -9.81
N ILE D 333 -6.22 1.29 -10.80
CA ILE D 333 -5.63 2.46 -11.40
C ILE D 333 -6.66 3.09 -12.32
N GLN D 334 -6.74 4.41 -12.36
CA GLN D 334 -7.61 5.14 -13.29
C GLN D 334 -6.92 6.40 -13.77
N SER D 335 -6.22 6.30 -14.90
CA SER D 335 -5.47 7.38 -15.54
C SER D 335 -6.40 8.50 -16.03
N ASP D 336 -6.11 9.76 -15.70
CA ASP D 336 -7.11 10.82 -15.69
C ASP D 336 -7.66 11.26 -17.06
N VAL D 337 -6.82 11.27 -18.08
CA VAL D 337 -7.11 11.89 -19.39
C VAL D 337 -7.15 10.89 -20.54
N GLU D 338 -7.14 9.60 -20.24
CA GLU D 338 -6.81 8.51 -21.15
C GLU D 338 -5.42 8.70 -21.80
N THR D 339 -4.44 9.25 -21.06
CA THR D 339 -3.03 9.12 -21.45
C THR D 339 -2.71 7.62 -21.44
N SER D 340 -2.30 7.14 -22.61
CA SER D 340 -2.48 5.77 -23.07
C SER D 340 -1.66 4.70 -22.37
N SER D 341 -0.72 5.05 -21.49
CA SER D 341 0.28 4.18 -20.83
C SER D 341 1.26 3.48 -21.81
N ILE D 342 1.81 2.31 -21.45
CA ILE D 342 2.64 1.52 -22.38
C ILE D 342 1.72 1.12 -23.55
N TRP D 343 2.08 1.55 -24.76
CA TRP D 343 1.10 1.67 -25.84
C TRP D 343 1.74 1.67 -27.23
N ASN D 344 1.60 0.58 -27.98
CA ASN D 344 2.07 0.45 -29.36
C ASN D 344 1.10 1.08 -30.39
N SER D 345 0.70 2.34 -30.16
CA SER D 345 -0.24 3.10 -30.99
C SER D 345 -1.64 2.48 -31.16
N VAL D 346 -2.00 1.51 -30.32
CA VAL D 346 -3.20 0.69 -30.46
C VAL D 346 -4.49 1.50 -30.29
N THR D 347 -5.59 1.02 -30.89
CA THR D 347 -6.83 1.79 -31.12
C THR D 347 -7.72 1.91 -29.86
N MET D 348 -7.20 2.62 -28.85
CA MET D 348 -7.85 2.82 -27.54
C MET D 348 -8.98 3.87 -27.53
N PHE D 349 -9.06 4.71 -28.57
CA PHE D 349 -10.15 5.66 -28.79
C PHE D 349 -11.52 4.97 -28.91
N THR D 350 -12.60 5.71 -28.72
CA THR D 350 -13.99 5.21 -28.90
C THR D 350 -14.76 6.07 -29.89
N GLU D 351 -15.73 5.46 -30.56
CA GLU D 351 -16.37 6.02 -31.75
C GLU D 351 -17.09 7.35 -31.46
N GLU D 352 -17.61 7.50 -30.25
CA GLU D 352 -18.25 8.74 -29.77
C GLU D 352 -17.30 9.95 -29.63
N GLU D 353 -15.98 9.75 -29.53
CA GLU D 353 -14.98 10.83 -29.61
C GLU D 353 -14.26 10.85 -30.96
N GLU D 354 -14.07 9.70 -31.60
CA GLU D 354 -13.44 9.63 -32.92
C GLU D 354 -14.28 10.34 -33.98
N GLU D 355 -15.61 10.22 -33.90
CA GLU D 355 -16.53 10.97 -34.75
C GLU D 355 -16.62 12.47 -34.36
N GLU D 356 -16.21 12.87 -33.15
CA GLU D 356 -16.07 14.31 -32.84
C GLU D 356 -14.82 14.89 -33.50
N PHE D 357 -13.71 14.15 -33.46
CA PHE D 357 -12.46 14.51 -34.11
C PHE D 357 -12.59 14.55 -35.63
N LEU D 358 -13.22 13.53 -36.22
CA LEU D 358 -13.45 13.46 -37.66
C LEU D 358 -14.43 14.51 -38.20
N GLN D 359 -15.29 15.10 -37.37
CA GLN D 359 -16.00 16.34 -37.75
C GLN D 359 -15.10 17.57 -37.62
N LEU D 360 -14.38 17.67 -36.49
CA LEU D 360 -13.49 18.79 -36.18
C LEU D 360 -12.43 18.98 -37.27
N SER D 361 -11.80 17.92 -37.78
CA SER D 361 -10.82 17.96 -38.87
C SER D 361 -11.30 18.71 -40.10
N ARG D 362 -12.60 18.56 -40.37
CA ARG D 362 -13.32 19.07 -41.55
C ARG D 362 -13.99 20.43 -41.33
N ASN D 363 -13.75 21.10 -40.20
CA ASN D 363 -14.17 22.46 -39.97
C ASN D 363 -13.32 23.41 -40.85
N PRO D 364 -13.92 24.30 -41.66
CA PRO D 364 -13.16 25.11 -42.60
C PRO D 364 -12.25 26.13 -41.92
N LYS D 365 -12.52 26.44 -40.64
CA LYS D 365 -11.77 27.38 -39.79
C LYS D 365 -10.83 26.70 -38.80
N LEU D 366 -10.54 25.40 -38.91
CA LEU D 366 -9.80 24.64 -37.89
C LEU D 366 -8.50 25.29 -37.41
N TYR D 367 -7.67 25.83 -38.31
CA TYR D 367 -6.42 26.43 -37.87
C TYR D 367 -6.61 27.73 -37.06
N GLU D 368 -7.66 28.51 -37.33
CA GLU D 368 -8.07 29.61 -36.46
C GLU D 368 -8.47 29.09 -35.07
N ILE D 369 -9.26 28.03 -34.99
CA ILE D 369 -9.75 27.44 -33.74
C ILE D 369 -8.61 26.92 -32.87
N LEU D 370 -7.67 26.17 -33.45
CA LEU D 370 -6.53 25.65 -32.69
C LEU D 370 -5.56 26.78 -32.30
N THR D 371 -5.31 27.76 -33.17
CA THR D 371 -4.45 28.90 -32.82
C THR D 371 -5.00 29.68 -31.62
N ASN D 372 -6.30 29.99 -31.59
CA ASN D 372 -6.91 30.72 -30.47
C ASN D 372 -7.05 29.89 -29.20
N SER D 373 -7.03 28.55 -29.31
CA SER D 373 -7.05 27.63 -28.20
C SER D 373 -5.70 27.50 -27.49
N ILE D 374 -4.59 27.81 -28.16
CA ILE D 374 -3.28 27.94 -27.52
C ILE D 374 -3.23 29.22 -26.66
N ALA D 375 -3.03 29.05 -25.35
CA ALA D 375 -2.80 30.11 -24.38
C ALA D 375 -3.78 31.31 -24.54
N PRO D 376 -5.09 31.12 -24.29
CA PRO D 376 -6.13 32.08 -24.64
C PRO D 376 -6.05 33.39 -23.84
N SER D 377 -5.43 33.33 -22.66
CA SER D 377 -5.07 34.45 -21.78
C SER D 377 -3.79 35.18 -22.16
N ILE D 378 -3.07 34.76 -23.21
CA ILE D 378 -1.90 35.47 -23.73
C ILE D 378 -2.32 36.23 -24.98
N PHE D 379 -2.21 37.56 -24.94
CA PHE D 379 -2.58 38.44 -26.03
C PHE D 379 -1.48 38.51 -27.09
N GLY D 380 -1.89 38.62 -28.35
CA GLY D 380 -0.97 38.70 -29.48
C GLY D 380 -0.17 37.42 -29.65
N ASN D 381 1.12 37.54 -30.03
CA ASN D 381 2.00 36.39 -30.27
C ASN D 381 1.41 35.38 -31.28
N GLU D 382 0.62 35.83 -32.25
CA GLU D 382 -0.16 34.94 -33.11
C GLU D 382 0.69 33.91 -33.86
N ASP D 383 1.83 34.32 -34.43
CA ASP D 383 2.74 33.41 -35.11
C ASP D 383 3.39 32.40 -34.17
N ILE D 384 3.68 32.78 -32.93
CA ILE D 384 4.23 31.85 -31.94
C ILE D 384 3.20 30.79 -31.59
N LYS D 385 1.92 31.16 -31.44
CA LYS D 385 0.84 30.20 -31.29
C LYS D 385 0.69 29.30 -32.52
N LYS D 386 0.75 29.85 -33.73
CA LYS D 386 0.72 29.07 -34.98
C LYS D 386 1.87 28.06 -35.08
N ALA D 387 3.07 28.42 -34.66
CA ALA D 387 4.22 27.52 -34.61
C ALA D 387 4.16 26.49 -33.49
N ILE D 388 3.58 26.81 -32.34
CA ILE D 388 3.37 25.86 -31.24
C ILE D 388 2.35 24.80 -31.64
N VAL D 389 1.31 25.17 -32.39
CA VAL D 389 0.42 24.18 -33.01
C VAL D 389 1.18 23.25 -33.96
N CYS D 390 2.04 23.76 -34.84
CA CYS D 390 2.89 22.90 -35.67
C CYS D 390 3.77 21.98 -34.82
N LEU D 391 4.44 22.49 -33.79
CA LEU D 391 5.27 21.69 -32.90
C LEU D 391 4.47 20.58 -32.20
N LEU D 392 3.25 20.84 -31.76
CA LEU D 392 2.43 19.81 -31.10
C LEU D 392 2.04 18.66 -32.04
N MET D 393 1.76 18.93 -33.32
CA MET D 393 1.58 17.85 -34.29
C MET D 393 2.88 17.16 -34.68
N GLY D 394 3.97 17.92 -34.85
CA GLY D 394 5.14 17.50 -35.60
C GLY D 394 4.87 17.31 -37.09
N GLY D 395 5.91 17.04 -37.87
CA GLY D 395 5.80 16.55 -39.23
C GLY D 395 5.59 15.03 -39.26
N SER D 396 6.13 14.34 -40.25
CA SER D 396 6.10 12.88 -40.34
C SER D 396 7.51 12.26 -40.34
N LYS D 397 7.70 11.27 -39.47
CA LYS D 397 8.93 10.45 -39.40
C LYS D 397 9.00 9.49 -40.58
N LYS D 398 10.19 9.29 -41.16
CA LYS D 398 10.37 8.45 -42.35
C LYS D 398 11.57 7.53 -42.18
N ILE D 399 11.49 6.32 -42.74
CA ILE D 399 12.58 5.33 -42.70
C ILE D 399 12.81 4.80 -44.12
N LEU D 400 13.97 5.11 -44.67
CA LEU D 400 14.34 4.86 -46.06
C LEU D 400 14.83 3.41 -46.30
N PRO D 401 14.89 2.89 -47.54
CA PRO D 401 15.44 1.57 -47.83
C PRO D 401 16.96 1.54 -47.64
N ASP D 402 17.59 2.72 -47.65
CA ASP D 402 18.94 3.02 -47.17
C ASP D 402 19.16 2.63 -45.69
N GLY D 403 18.08 2.57 -44.90
CA GLY D 403 18.12 2.50 -43.44
C GLY D 403 18.23 3.88 -42.77
N MET D 404 18.33 4.96 -43.55
CA MET D 404 18.41 6.32 -43.02
C MET D 404 17.07 6.75 -42.43
N ARG D 405 17.13 7.32 -41.22
CA ARG D 405 15.98 7.78 -40.44
C ARG D 405 15.92 9.31 -40.47
N LEU D 406 14.76 9.84 -40.84
CA LEU D 406 14.48 11.27 -40.95
C LEU D 406 13.71 11.74 -39.73
N ARG D 407 14.12 12.86 -39.14
CA ARG D 407 13.43 13.47 -37.99
C ARG D 407 12.07 14.01 -38.43
N GLY D 408 11.00 13.59 -37.77
CA GLY D 408 9.68 14.18 -37.93
C GLY D 408 9.33 15.29 -36.93
N ASP D 409 10.03 15.41 -35.82
CA ASP D 409 9.74 16.38 -34.76
C ASP D 409 10.27 17.79 -35.05
N ILE D 410 9.47 18.80 -34.70
CA ILE D 410 9.75 20.22 -34.95
C ILE D 410 10.27 20.81 -33.64
N ASN D 411 11.37 21.57 -33.70
CA ASN D 411 11.96 22.27 -32.57
C ASN D 411 11.80 23.78 -32.75
N VAL D 412 11.50 24.52 -31.70
CA VAL D 412 11.22 25.96 -31.77
C VAL D 412 11.98 26.71 -30.68
N LEU D 413 12.55 27.87 -31.01
CA LEU D 413 13.26 28.75 -30.07
C LEU D 413 12.55 30.09 -29.96
N LEU D 414 12.08 30.44 -28.76
CA LEU D 414 11.55 31.76 -28.41
C LEU D 414 12.67 32.60 -27.76
N LEU D 415 13.38 33.38 -28.56
CA LEU D 415 14.48 34.23 -28.13
C LEU D 415 13.97 35.68 -28.02
N GLY D 416 14.00 36.35 -26.88
CA GLY D 416 13.42 37.67 -26.83
C GLY D 416 13.60 38.51 -25.58
N ASP D 417 12.99 39.69 -25.63
CA ASP D 417 12.94 40.66 -24.54
C ASP D 417 12.21 40.13 -23.28
N PRO D 418 12.44 40.69 -22.08
CA PRO D 418 11.72 40.33 -20.86
C PRO D 418 10.21 40.62 -20.88
N GLY D 419 9.44 39.87 -20.11
CA GLY D 419 7.98 39.92 -19.98
C GLY D 419 7.22 39.91 -21.29
N THR D 420 7.37 38.88 -22.10
CA THR D 420 6.72 38.74 -23.42
C THR D 420 5.89 37.46 -23.57
N ALA D 421 5.66 36.74 -22.46
CA ALA D 421 4.92 35.50 -22.37
C ALA D 421 5.66 34.27 -22.92
N LYS D 422 6.99 34.28 -22.96
CA LYS D 422 7.78 33.12 -23.37
C LYS D 422 7.58 32.00 -22.37
N SER D 423 7.80 32.24 -21.08
CA SER D 423 7.58 31.24 -20.04
C SER D 423 6.12 30.87 -19.84
N GLN D 424 5.16 31.78 -19.99
CA GLN D 424 3.75 31.41 -19.93
C GLN D 424 3.35 30.51 -21.09
N LEU D 425 3.92 30.65 -22.29
CA LEU D 425 3.72 29.68 -23.38
C LEU D 425 4.37 28.32 -23.11
N LEU D 426 5.55 28.26 -22.50
CA LEU D 426 6.13 26.98 -22.08
C LEU D 426 5.28 26.28 -21.02
N LYS D 427 4.77 27.01 -20.03
CA LYS D 427 3.87 26.47 -19.00
C LYS D 427 2.51 26.03 -19.55
N PHE D 428 2.12 26.49 -20.74
CA PHE D 428 0.93 26.05 -21.45
C PHE D 428 1.18 24.78 -22.27
N VAL D 429 2.27 24.72 -23.05
CA VAL D 429 2.61 23.52 -23.84
C VAL D 429 2.89 22.31 -22.96
N GLU D 430 3.39 22.51 -21.74
CA GLU D 430 3.49 21.43 -20.76
C GLU D 430 2.13 20.78 -20.44
N LYS D 431 1.04 21.55 -20.50
CA LYS D 431 -0.31 21.09 -20.17
C LYS D 431 -1.11 20.57 -21.35
N VAL D 432 -0.98 21.16 -22.54
CA VAL D 432 -1.69 20.67 -23.73
C VAL D 432 -1.07 19.42 -24.31
N SER D 433 0.27 19.31 -24.34
CA SER D 433 0.92 18.16 -24.94
C SER D 433 0.58 16.90 -24.16
N PRO D 434 0.26 15.75 -24.81
CA PRO D 434 -0.11 14.53 -24.10
C PRO D 434 1.03 13.94 -23.26
N ILE D 435 2.29 14.12 -23.69
CA ILE D 435 3.50 13.91 -22.91
C ILE D 435 4.33 15.18 -22.99
N ALA D 436 4.76 15.71 -21.86
CA ALA D 436 5.70 16.81 -21.82
C ALA D 436 6.43 16.91 -20.49
N VAL D 437 7.54 17.64 -20.48
CA VAL D 437 8.30 17.98 -19.29
C VAL D 437 8.69 19.45 -19.36
N TYR D 438 8.31 20.29 -18.40
CA TYR D 438 8.92 21.63 -18.25
C TYR D 438 10.18 21.53 -17.39
N THR D 439 11.24 22.20 -17.81
CA THR D 439 12.52 22.31 -17.10
C THR D 439 13.14 23.67 -17.36
N SER D 440 14.01 24.09 -16.45
CA SER D 440 14.83 25.28 -16.59
C SER D 440 16.27 24.88 -16.88
N GLY D 441 16.91 25.45 -17.90
CA GLY D 441 18.30 25.20 -18.24
C GLY D 441 19.27 25.50 -17.10
N LYS D 442 18.95 26.48 -16.25
CA LYS D 442 19.74 26.78 -15.05
C LYS D 442 19.61 25.72 -13.93
N GLY D 443 18.50 24.99 -13.89
CA GLY D 443 18.22 23.91 -12.93
C GLY D 443 18.57 22.51 -13.43
N SER D 444 19.36 22.41 -14.50
CA SER D 444 19.60 21.19 -15.29
C SER D 444 21.07 20.77 -15.37
N SER D 445 21.29 19.49 -15.68
CA SER D 445 22.58 18.89 -15.99
C SER D 445 22.52 18.10 -17.30
N ALA D 446 23.65 17.78 -17.92
CA ALA D 446 23.70 16.87 -19.06
C ALA D 446 23.07 15.50 -18.72
N ALA D 447 23.45 14.91 -17.58
CA ALA D 447 22.95 13.63 -17.10
C ALA D 447 21.47 13.68 -16.68
N GLY D 448 21.05 14.73 -15.99
CA GLY D 448 19.67 14.96 -15.59
C GLY D 448 18.72 15.27 -16.74
N LEU D 449 19.23 15.82 -17.84
CA LEU D 449 18.51 16.01 -19.09
C LEU D 449 18.44 14.74 -19.94
N THR D 450 19.54 14.01 -20.13
CA THR D 450 19.59 12.87 -21.06
C THR D 450 19.38 11.54 -20.36
N ALA D 451 20.44 10.88 -19.91
CA ALA D 451 20.39 9.72 -19.04
C ALA D 451 21.61 9.68 -18.12
N SER D 452 21.44 9.23 -16.89
CA SER D 452 22.48 9.22 -15.87
C SER D 452 22.80 7.80 -15.44
N VAL D 453 24.06 7.47 -15.18
CA VAL D 453 24.45 6.18 -14.58
C VAL D 453 24.35 6.22 -13.05
N GLN D 454 23.43 5.45 -12.47
CA GLN D 454 23.26 5.22 -11.04
C GLN D 454 23.99 3.95 -10.60
N ARG D 455 24.29 3.79 -9.31
CA ARG D 455 24.80 2.54 -8.75
C ARG D 455 23.79 1.96 -7.78
N ASP D 456 23.31 0.77 -8.04
CA ASP D 456 22.29 0.11 -7.22
C ASP D 456 22.89 -0.39 -5.90
N PRO D 457 22.38 -0.03 -4.72
CA PRO D 457 23.08 -0.32 -3.47
C PRO D 457 23.10 -1.79 -3.05
N MET D 458 22.19 -2.61 -3.60
CA MET D 458 22.12 -4.04 -3.31
C MET D 458 23.04 -4.83 -4.22
N THR D 459 22.83 -4.81 -5.53
CA THR D 459 23.71 -5.53 -6.45
C THR D 459 25.08 -4.88 -6.58
N ARG D 460 25.22 -3.61 -6.24
CA ARG D 460 26.42 -2.79 -6.45
C ARG D 460 26.76 -2.61 -7.93
N GLU D 461 25.89 -3.01 -8.84
CA GLU D 461 26.01 -2.77 -10.27
C GLU D 461 25.57 -1.38 -10.65
N PHE D 462 26.11 -0.86 -11.73
CA PHE D 462 25.59 0.34 -12.36
C PHE D 462 24.38 0.04 -13.19
N TYR D 463 23.46 0.98 -13.25
CA TYR D 463 22.30 0.92 -14.09
C TYR D 463 21.96 2.32 -14.55
N LEU D 464 21.21 2.39 -15.62
CA LEU D 464 20.93 3.63 -16.33
C LEU D 464 19.55 4.14 -15.96
N GLU D 465 19.43 5.42 -15.66
CA GLU D 465 18.16 6.11 -15.39
C GLU D 465 17.90 7.24 -16.39
N GLY D 466 16.69 7.33 -16.94
CA GLY D 466 16.30 8.36 -17.91
C GLY D 466 16.10 9.76 -17.31
N GLY D 467 16.68 10.78 -17.94
CA GLY D 467 16.46 12.18 -17.63
C GLY D 467 15.27 12.78 -18.38
N ALA D 468 15.16 14.10 -18.39
CA ALA D 468 14.03 14.81 -18.96
C ALA D 468 13.73 14.45 -20.43
N MET D 469 14.73 14.25 -21.28
CA MET D 469 14.59 13.86 -22.68
C MET D 469 14.04 12.44 -22.84
N VAL D 470 14.36 11.53 -21.92
CA VAL D 470 13.77 10.18 -21.92
C VAL D 470 12.37 10.19 -21.30
N LEU D 471 12.12 10.96 -20.25
CA LEU D 471 10.77 11.10 -19.68
C LEU D 471 9.80 11.74 -20.69
N ALA D 472 10.24 12.75 -21.44
CA ALA D 472 9.46 13.47 -22.45
C ALA D 472 9.36 12.76 -23.81
N ASP D 473 9.91 11.56 -23.96
CA ASP D 473 9.98 10.80 -25.21
C ASP D 473 8.60 10.60 -25.86
N GLY D 474 8.48 10.89 -27.15
CA GLY D 474 7.21 10.93 -27.87
C GLY D 474 6.38 12.20 -27.65
N GLY D 475 6.94 13.21 -26.99
CA GLY D 475 6.28 14.44 -26.61
C GLY D 475 7.14 15.69 -26.76
N VAL D 476 6.95 16.68 -25.90
CA VAL D 476 7.66 17.96 -25.90
C VAL D 476 8.47 18.14 -24.62
N VAL D 477 9.75 18.50 -24.70
CA VAL D 477 10.47 19.05 -23.55
C VAL D 477 10.54 20.56 -23.71
N CYS D 478 10.08 21.28 -22.70
CA CYS D 478 10.12 22.73 -22.63
C CYS D 478 11.36 23.13 -21.84
N ILE D 479 12.35 23.73 -22.47
CA ILE D 479 13.60 24.17 -21.84
C ILE D 479 13.59 25.69 -21.73
N ASP D 480 13.12 26.17 -20.60
CA ASP D 480 13.16 27.57 -20.22
C ASP D 480 14.58 27.99 -19.82
N GLU D 481 14.91 29.28 -19.86
CA GLU D 481 16.23 29.81 -19.47
C GLU D 481 17.39 29.11 -20.19
N PHE D 482 17.18 28.77 -21.45
CA PHE D 482 18.10 28.06 -22.31
C PHE D 482 19.43 28.81 -22.51
N ASP D 483 19.44 30.13 -22.37
CA ASP D 483 20.65 30.96 -22.38
C ASP D 483 21.49 30.88 -21.09
N LYS D 484 20.90 30.43 -19.98
CA LYS D 484 21.53 30.30 -18.65
C LYS D 484 22.00 28.88 -18.36
N MET D 485 21.76 27.95 -19.27
CA MET D 485 22.32 26.61 -19.24
C MET D 485 23.84 26.63 -19.47
N ARG D 486 24.61 25.79 -18.77
CA ARG D 486 26.07 25.73 -18.95
C ARG D 486 26.41 25.16 -20.32
N ASP D 487 27.55 25.57 -20.90
CA ASP D 487 27.96 25.11 -22.23
C ASP D 487 28.22 23.59 -22.30
N GLU D 488 28.65 22.96 -21.20
CA GLU D 488 28.79 21.51 -21.08
C GLU D 488 27.44 20.77 -21.04
N ASP D 489 26.38 21.40 -20.55
CA ASP D 489 25.05 20.82 -20.46
C ASP D 489 24.23 21.00 -21.75
N ARG D 490 24.30 22.17 -22.39
CA ARG D 490 23.60 22.42 -23.66
C ARG D 490 24.01 21.45 -24.76
N VAL D 491 25.27 21.05 -24.79
CA VAL D 491 25.81 20.18 -25.83
C VAL D 491 25.25 18.75 -25.74
N ALA D 492 24.86 18.26 -24.57
CA ALA D 492 24.28 16.92 -24.43
C ALA D 492 22.98 16.74 -25.23
N ILE D 493 22.31 17.84 -25.52
CA ILE D 493 21.05 17.92 -26.25
C ILE D 493 21.24 17.81 -27.77
N HIS D 494 22.44 18.01 -28.30
CA HIS D 494 22.68 18.07 -29.75
C HIS D 494 22.29 16.81 -30.51
N GLU D 495 22.53 15.62 -29.95
CA GLU D 495 22.14 14.34 -30.58
C GLU D 495 20.63 14.13 -30.49
N ALA D 496 20.08 14.31 -29.30
CA ALA D 496 18.67 14.13 -28.98
C ALA D 496 17.73 15.11 -29.71
N MET D 497 18.24 16.19 -30.32
CA MET D 497 17.50 17.11 -31.19
C MET D 497 17.53 16.76 -32.68
N GLU D 498 18.36 15.84 -33.17
CA GLU D 498 18.47 15.57 -34.61
C GLU D 498 18.42 14.08 -34.95
N GLN D 499 19.31 13.28 -34.37
CA GLN D 499 19.34 11.84 -34.59
C GLN D 499 18.34 11.08 -33.70
N GLN D 500 17.64 11.75 -32.80
CA GLN D 500 16.62 11.23 -31.90
C GLN D 500 17.09 10.09 -30.97
N THR D 501 18.34 10.07 -30.56
CA THR D 501 18.88 9.10 -29.61
C THR D 501 19.71 9.74 -28.51
N ILE D 502 19.98 8.99 -27.46
CA ILE D 502 20.91 9.30 -26.38
C ILE D 502 21.91 8.15 -26.33
N SER D 503 23.09 8.34 -26.91
CA SER D 503 24.19 7.39 -26.86
C SER D 503 24.89 7.43 -25.51
N ILE D 504 25.30 6.28 -24.96
CA ILE D 504 26.01 6.15 -23.69
C ILE D 504 27.20 5.20 -23.83
N ALA D 505 28.31 5.53 -23.20
CA ALA D 505 29.42 4.63 -22.97
C ALA D 505 30.07 4.96 -21.62
N LYS D 506 29.51 4.43 -20.53
CA LYS D 506 29.90 4.75 -19.15
C LYS D 506 29.81 3.54 -18.24
N ALA D 507 30.73 3.38 -17.32
CA ALA D 507 30.73 2.30 -16.35
C ALA D 507 30.52 0.89 -16.91
N GLY D 508 30.91 0.63 -18.17
CA GLY D 508 30.66 -0.65 -18.84
C GLY D 508 29.24 -0.85 -19.38
N ILE D 509 28.32 0.09 -19.14
CA ILE D 509 27.10 0.22 -19.92
C ILE D 509 27.44 0.84 -21.25
N THR D 510 26.93 0.31 -22.34
CA THR D 510 26.82 1.08 -23.58
C THR D 510 25.54 0.74 -24.32
N THR D 511 24.84 1.76 -24.80
CA THR D 511 23.56 1.69 -25.51
C THR D 511 23.36 2.97 -26.34
N VAL D 512 22.53 2.92 -27.38
CA VAL D 512 21.83 4.12 -27.85
C VAL D 512 20.38 3.97 -27.45
N LEU D 513 19.91 4.83 -26.55
CA LEU D 513 18.50 4.90 -26.17
C LEU D 513 17.75 5.72 -27.21
N ASN D 514 16.53 5.32 -27.56
CA ASN D 514 15.63 6.17 -28.32
C ASN D 514 15.07 7.31 -27.46
N SER D 515 14.99 8.49 -28.03
CA SER D 515 14.38 9.67 -27.44
C SER D 515 13.95 10.62 -28.55
N ARG D 516 12.70 10.50 -28.99
CA ARG D 516 12.12 11.23 -30.11
C ARG D 516 11.16 12.30 -29.60
N THR D 517 11.70 13.47 -29.35
CA THR D 517 10.98 14.63 -28.77
C THR D 517 11.13 15.86 -29.64
N SER D 518 10.12 16.72 -29.61
CA SER D 518 10.27 18.13 -29.91
C SER D 518 10.91 18.86 -28.74
N VAL D 519 11.78 19.83 -29.02
CA VAL D 519 12.27 20.77 -28.02
C VAL D 519 11.65 22.14 -28.28
N LEU D 520 10.97 22.69 -27.27
CA LEU D 520 10.55 24.08 -27.27
C LEU D 520 11.42 24.81 -26.24
N ALA D 521 12.13 25.85 -26.64
CA ALA D 521 13.10 26.52 -25.78
C ALA D 521 12.83 28.01 -25.67
N ALA D 522 13.08 28.61 -24.51
CA ALA D 522 12.96 30.05 -24.30
C ALA D 522 14.26 30.65 -23.74
N ALA D 523 14.63 31.83 -24.24
CA ALA D 523 15.91 32.46 -23.98
C ALA D 523 15.83 33.99 -24.03
N ASN D 524 16.78 34.68 -23.39
CA ASN D 524 17.06 36.09 -23.63
C ASN D 524 18.38 36.24 -24.41
N PRO D 525 18.52 37.27 -25.26
CA PRO D 525 19.80 37.74 -25.80
C PRO D 525 20.85 38.07 -24.72
N ILE D 526 22.12 38.16 -25.11
CA ILE D 526 23.13 38.88 -24.32
C ILE D 526 22.66 40.32 -24.15
N TYR D 527 22.87 40.92 -22.98
CA TYR D 527 22.34 42.23 -22.56
C TYR D 527 20.82 42.29 -22.30
N GLY D 528 20.14 41.14 -22.13
CA GLY D 528 18.77 41.07 -21.62
C GLY D 528 17.70 41.40 -22.64
N ARG D 529 17.63 42.67 -23.06
CA ARG D 529 16.88 43.12 -24.24
C ARG D 529 17.64 42.86 -25.53
N TYR D 530 16.98 43.03 -26.68
CA TYR D 530 17.59 42.83 -27.99
C TYR D 530 18.55 43.94 -28.47
N ASP D 531 18.54 45.15 -27.91
CA ASP D 531 19.44 46.26 -28.29
C ASP D 531 19.53 46.46 -29.82
N ASP D 532 18.42 46.78 -30.46
CA ASP D 532 18.19 46.58 -31.91
C ASP D 532 19.15 47.35 -32.85
N LEU D 533 19.90 48.31 -32.31
CA LEU D 533 20.95 49.05 -33.01
C LEU D 533 22.27 48.26 -33.17
N LYS D 534 22.56 47.32 -32.28
CA LYS D 534 23.78 46.48 -32.26
C LYS D 534 23.72 45.36 -33.32
N SER D 535 24.87 44.82 -33.71
CA SER D 535 24.97 43.77 -34.72
C SER D 535 24.19 42.52 -34.33
N PRO D 536 23.36 41.92 -35.20
CA PRO D 536 22.42 40.88 -34.83
C PRO D 536 23.10 39.59 -34.34
N GLY D 537 24.36 39.38 -34.71
CA GLY D 537 25.19 38.29 -34.20
C GLY D 537 25.87 38.55 -32.86
N ASP D 538 26.00 39.81 -32.44
CA ASP D 538 26.58 40.21 -31.16
C ASP D 538 25.56 40.17 -30.02
N ASN D 539 24.27 40.19 -30.36
CA ASN D 539 23.18 39.98 -29.40
C ASN D 539 22.98 38.52 -29.00
N ILE D 540 23.24 37.58 -29.91
CA ILE D 540 22.87 36.16 -29.75
C ILE D 540 24.07 35.34 -29.27
N ASP D 541 23.92 34.62 -28.16
CA ASP D 541 25.02 33.85 -27.57
C ASP D 541 25.30 32.51 -28.29
N PHE D 542 24.26 31.87 -28.81
CA PHE D 542 24.28 30.49 -29.29
C PHE D 542 25.14 30.27 -30.54
N GLN D 543 25.79 29.12 -30.61
CA GLN D 543 26.55 28.68 -31.78
C GLN D 543 25.63 28.20 -32.90
N THR D 544 26.12 28.26 -34.12
CA THR D 544 25.39 27.80 -35.30
C THR D 544 25.07 26.31 -35.28
N THR D 545 25.84 25.52 -34.54
CA THR D 545 25.62 24.09 -34.30
C THR D 545 24.30 23.79 -33.59
N ILE D 546 23.92 24.58 -32.59
CA ILE D 546 22.64 24.45 -31.90
C ILE D 546 21.55 25.26 -32.59
N LEU D 547 21.83 26.47 -33.11
CA LEU D 547 20.79 27.25 -33.78
C LEU D 547 20.23 26.56 -35.02
N SER D 548 21.06 25.83 -35.78
CA SER D 548 20.61 25.09 -36.95
C SER D 548 19.68 23.92 -36.61
N ARG D 549 19.67 23.45 -35.36
CA ARG D 549 18.80 22.38 -34.85
C ARG D 549 17.39 22.85 -34.53
N PHE D 550 17.13 24.16 -34.53
CA PHE D 550 15.80 24.74 -34.36
C PHE D 550 15.16 25.03 -35.71
N ASP D 551 13.92 24.60 -35.89
CA ASP D 551 13.16 24.70 -37.14
C ASP D 551 12.50 26.06 -37.32
N MET D 552 12.04 26.69 -36.23
CA MET D 552 11.65 28.09 -36.20
C MET D 552 12.33 28.80 -35.03
N ILE D 553 13.06 29.87 -35.30
CA ILE D 553 13.61 30.78 -34.29
C ILE D 553 12.80 32.06 -34.34
N PHE D 554 12.18 32.45 -33.24
CA PHE D 554 11.49 33.73 -33.13
C PHE D 554 12.34 34.69 -32.32
N ILE D 555 12.80 35.80 -32.92
CA ILE D 555 13.33 36.93 -32.19
C ILE D 555 12.17 37.85 -31.87
N VAL D 556 11.70 37.73 -30.62
CA VAL D 556 10.52 38.38 -30.06
C VAL D 556 10.91 39.74 -29.47
N LYS D 557 10.84 40.77 -30.32
CA LYS D 557 11.10 42.16 -29.92
C LYS D 557 9.85 42.82 -29.35
N ASP D 558 10.03 43.64 -28.32
CA ASP D 558 8.98 44.44 -27.70
C ASP D 558 9.12 45.92 -28.12
N ASP D 559 8.03 46.51 -28.65
CA ASP D 559 8.10 47.66 -29.58
C ASP D 559 7.44 48.97 -29.12
N HIS D 560 6.76 49.00 -27.97
CA HIS D 560 6.24 50.21 -27.33
C HIS D 560 5.24 51.06 -28.16
N ASN D 561 4.56 50.47 -29.15
CA ASN D 561 3.47 51.13 -29.88
C ASN D 561 2.26 51.35 -28.94
N GLU D 562 1.82 52.59 -28.76
CA GLU D 562 0.82 52.95 -27.74
C GLU D 562 -0.54 52.27 -27.95
N GLU D 563 -0.97 52.10 -29.20
CA GLU D 563 -2.23 51.42 -29.52
C GLU D 563 -2.19 49.93 -29.14
N ARG D 564 -1.04 49.27 -29.32
CA ARG D 564 -0.81 47.88 -28.89
C ARG D 564 -0.75 47.78 -27.37
N ASP D 565 -0.07 48.71 -26.71
CA ASP D 565 0.04 48.75 -25.26
C ASP D 565 -1.31 48.99 -24.56
N ILE D 566 -2.20 49.81 -25.12
CA ILE D 566 -3.58 49.93 -24.61
C ILE D 566 -4.35 48.63 -24.87
N SER D 567 -4.21 48.03 -26.04
CA SER D 567 -4.86 46.77 -26.39
C SER D 567 -4.43 45.61 -25.48
N ILE D 568 -3.17 45.59 -25.02
CA ILE D 568 -2.65 44.67 -24.00
C ILE D 568 -3.15 45.08 -22.61
N ALA D 569 -3.14 46.36 -22.26
CA ALA D 569 -3.53 46.81 -20.92
C ALA D 569 -4.99 46.46 -20.60
N ASN D 570 -5.93 46.76 -21.50
CA ASN D 570 -7.31 46.34 -21.37
C ASN D 570 -7.43 44.81 -21.21
N HIS D 571 -6.71 44.04 -22.02
CA HIS D 571 -6.75 42.58 -21.99
C HIS D 571 -6.26 42.03 -20.64
N VAL D 572 -5.10 42.45 -20.16
CA VAL D 572 -4.52 41.99 -18.88
C VAL D 572 -5.43 42.30 -17.69
N ILE D 573 -6.01 43.50 -17.63
CA ILE D 573 -6.95 43.88 -16.56
C ILE D 573 -8.20 42.99 -16.59
N ASN D 574 -8.72 42.64 -17.77
CA ASN D 574 -9.84 41.70 -17.89
C ASN D 574 -9.51 40.30 -17.33
N ILE D 575 -8.24 39.89 -17.31
CA ILE D 575 -7.81 38.65 -16.64
C ILE D 575 -7.90 38.78 -15.12
N HIS D 576 -7.32 39.84 -14.54
CA HIS D 576 -7.29 40.02 -13.07
C HIS D 576 -8.68 40.23 -12.49
N THR D 577 -9.48 41.07 -13.12
CA THR D 577 -10.88 41.35 -12.76
C THR D 577 -11.85 40.20 -13.02
N GLY D 578 -11.40 39.06 -13.56
CA GLY D 578 -12.21 37.86 -13.72
C GLY D 578 -13.17 37.85 -14.92
N ASN D 579 -13.07 38.83 -15.82
CA ASN D 579 -13.91 38.91 -17.02
C ASN D 579 -13.50 37.88 -18.08
N ALA D 580 -12.19 37.72 -18.27
CA ALA D 580 -11.62 36.79 -19.25
C ALA D 580 -12.04 35.33 -18.98
N ASN D 581 -12.26 34.95 -17.72
CA ASN D 581 -12.77 33.63 -17.36
C ASN D 581 -14.08 33.32 -18.08
N ALA D 582 -15.04 34.23 -17.98
CA ALA D 582 -16.35 34.13 -18.60
C ALA D 582 -16.28 34.20 -20.13
N MET D 583 -15.40 35.04 -20.67
CA MET D 583 -15.16 35.13 -22.11
C MET D 583 -14.60 33.83 -22.70
N GLN D 584 -13.62 33.21 -22.03
CA GLN D 584 -13.04 31.94 -22.43
C GLN D 584 -14.05 30.78 -22.30
N ASN D 585 -14.93 30.81 -21.30
CA ASN D 585 -16.07 29.88 -21.24
C ASN D 585 -17.07 30.13 -22.40
N GLN D 586 -17.41 31.38 -22.70
CA GLN D 586 -18.32 31.73 -23.80
C GLN D 586 -17.75 31.40 -25.18
N GLN D 587 -16.46 31.61 -25.41
CA GLN D 587 -15.83 31.25 -26.69
C GLN D 587 -15.75 29.74 -26.92
N GLU D 588 -15.54 28.94 -25.88
CA GLU D 588 -15.65 27.48 -25.95
C GLU D 588 -17.07 27.01 -26.30
N GLU D 589 -18.09 27.63 -25.71
CA GLU D 589 -19.51 27.38 -26.01
C GLU D 589 -19.89 27.88 -27.43
N ASN D 590 -19.32 29.00 -27.89
CA ASN D 590 -19.45 29.52 -29.25
C ASN D 590 -18.75 28.67 -30.32
N GLY D 591 -17.83 27.78 -29.93
CA GLY D 591 -17.03 26.95 -30.85
C GLY D 591 -15.80 27.66 -31.42
N SER D 592 -15.46 28.84 -30.93
CA SER D 592 -14.26 29.62 -31.30
C SER D 592 -12.97 29.09 -30.64
N GLU D 593 -13.07 28.15 -29.71
CA GLU D 593 -12.00 27.63 -28.87
C GLU D 593 -12.34 26.20 -28.42
N ILE D 594 -11.34 25.39 -28.08
CA ILE D 594 -11.53 24.05 -27.51
C ILE D 594 -10.74 23.93 -26.20
N SER D 595 -11.20 23.07 -25.29
CA SER D 595 -10.59 22.87 -23.96
C SER D 595 -9.27 22.11 -24.02
N ILE D 596 -8.45 22.20 -22.95
CA ILE D 596 -7.20 21.44 -22.81
C ILE D 596 -7.46 19.94 -23.02
N GLU D 597 -8.48 19.37 -22.36
CA GLU D 597 -8.78 17.94 -22.47
C GLU D 597 -9.13 17.53 -23.90
N LYS D 598 -9.93 18.33 -24.61
CA LYS D 598 -10.29 18.00 -26.01
C LYS D 598 -9.08 18.15 -26.92
N MET D 599 -8.29 19.20 -26.73
CA MET D 599 -7.15 19.46 -27.60
C MET D 599 -6.05 18.44 -27.43
N LYS D 600 -5.71 18.08 -26.19
CA LYS D 600 -4.79 16.99 -25.88
C LYS D 600 -5.21 15.68 -26.54
N ARG D 601 -6.51 15.34 -26.53
CA ARG D 601 -6.97 14.13 -27.23
C ARG D 601 -7.04 14.29 -28.75
N TYR D 602 -7.18 15.48 -29.29
CA TYR D 602 -7.12 15.71 -30.73
C TYR D 602 -5.71 15.55 -31.28
N ILE D 603 -4.72 16.17 -30.63
CA ILE D 603 -3.29 16.02 -30.96
C ILE D 603 -2.89 14.55 -30.92
N THR D 604 -3.27 13.84 -29.84
CA THR D 604 -3.01 12.41 -29.67
C THR D 604 -3.61 11.58 -30.81
N TYR D 605 -4.76 11.95 -31.36
CA TYR D 605 -5.38 11.25 -32.50
C TYR D 605 -4.68 11.53 -33.82
N CYS D 606 -4.37 12.78 -34.13
CA CYS D 606 -3.69 13.14 -35.38
C CYS D 606 -2.32 12.49 -35.52
N ARG D 607 -1.56 12.39 -34.43
CA ARG D 607 -0.28 11.67 -34.39
C ARG D 607 -0.41 10.17 -34.73
N LEU D 608 -1.60 9.59 -34.62
CA LEU D 608 -1.85 8.17 -34.87
C LEU D 608 -2.63 7.89 -36.17
N LYS D 609 -3.22 8.89 -36.83
CA LYS D 609 -3.93 8.70 -38.10
C LYS D 609 -3.26 9.31 -39.33
N CYS D 610 -2.34 10.27 -39.17
CA CYS D 610 -1.71 10.96 -40.31
C CYS D 610 -0.17 10.99 -40.27
N ALA D 611 0.43 10.79 -41.43
CA ALA D 611 1.83 11.05 -41.76
C ALA D 611 1.91 11.51 -43.24
N PRO D 612 1.45 12.72 -43.56
CA PRO D 612 1.19 13.13 -44.93
C PRO D 612 2.46 13.28 -45.76
N ARG D 613 2.41 12.85 -47.03
CA ARG D 613 3.46 13.02 -48.06
C ARG D 613 3.28 14.36 -48.79
N LEU D 614 4.35 14.94 -49.31
CA LEU D 614 4.27 16.07 -50.23
C LEU D 614 3.74 15.59 -51.59
N SER D 615 2.74 16.27 -52.12
CA SER D 615 2.35 16.12 -53.52
C SER D 615 3.52 16.51 -54.44
N PRO D 616 3.64 15.92 -55.64
CA PRO D 616 4.74 16.27 -56.56
C PRO D 616 4.82 17.77 -56.87
N GLN D 617 3.70 18.50 -56.90
CA GLN D 617 3.70 19.96 -57.09
C GLN D 617 4.17 20.77 -55.86
N ALA D 618 4.11 20.22 -54.65
CA ALA D 618 4.65 20.87 -53.44
C ALA D 618 6.18 20.96 -53.47
N ALA D 619 6.84 19.96 -54.05
CA ALA D 619 8.28 19.96 -54.26
C ALA D 619 8.76 21.08 -55.20
N GLU D 620 8.04 21.36 -56.29
CA GLU D 620 8.37 22.45 -57.22
C GLU D 620 8.37 23.83 -56.53
N LYS D 621 7.46 24.03 -55.55
CA LYS D 621 7.40 25.26 -54.75
C LYS D 621 8.48 25.32 -53.69
N LEU D 622 8.65 24.27 -52.87
CA LEU D 622 9.67 24.26 -51.81
C LEU D 622 11.10 24.34 -52.33
N SER D 623 11.40 23.76 -53.49
CA SER D 623 12.71 23.93 -54.11
C SER D 623 12.94 25.35 -54.61
N SER D 624 12.01 25.90 -55.39
CA SER D 624 12.12 27.26 -55.92
C SER D 624 12.19 28.32 -54.83
N ASN D 625 11.61 28.04 -53.66
CA ASN D 625 11.72 28.86 -52.46
C ASN D 625 13.08 28.75 -51.76
N PHE D 626 13.56 27.56 -51.44
CA PHE D 626 14.77 27.40 -50.64
C PHE D 626 16.03 27.97 -51.31
N VAL D 627 16.19 27.80 -52.61
CA VAL D 627 17.30 28.44 -53.34
C VAL D 627 17.16 29.98 -53.37
N THR D 628 15.96 30.52 -53.26
CA THR D 628 15.77 31.97 -53.10
C THR D 628 16.22 32.41 -51.70
N ILE D 629 15.84 31.69 -50.65
CA ILE D 629 16.29 31.93 -49.28
C ILE D 629 17.81 31.88 -49.16
N ARG D 630 18.50 30.94 -49.84
CA ARG D 630 19.97 30.92 -49.87
C ARG D 630 20.59 32.11 -50.61
N LYS D 631 20.08 32.51 -51.79
CA LYS D 631 20.52 33.74 -52.46
C LYS D 631 20.33 34.96 -51.57
N GLN D 632 19.18 35.09 -50.90
CA GLN D 632 18.93 36.18 -49.95
C GLN D 632 19.97 36.20 -48.83
N LEU D 633 20.27 35.04 -48.25
CA LEU D 633 21.27 34.93 -47.19
C LEU D 633 22.64 35.34 -47.69
N LEU D 634 23.08 34.85 -48.86
CA LEU D 634 24.38 35.18 -49.43
C LEU D 634 24.56 36.69 -49.60
N ILE D 635 23.54 37.37 -50.11
CA ILE D 635 23.55 38.83 -50.24
C ILE D 635 23.64 39.53 -48.87
N ASN D 636 22.86 39.10 -47.88
CA ASN D 636 22.92 39.65 -46.52
C ASN D 636 24.29 39.42 -45.85
N GLU D 637 24.94 38.29 -46.11
CA GLU D 637 26.31 38.04 -45.64
C GLU D 637 27.32 38.96 -46.32
N LEU D 638 27.21 39.21 -47.63
CA LEU D 638 28.09 40.12 -48.37
C LEU D 638 27.99 41.56 -47.86
N GLU D 639 26.82 42.03 -47.46
CA GLU D 639 26.70 43.32 -46.77
C GLU D 639 27.37 43.32 -45.39
N SER D 640 27.07 42.32 -44.56
CA SER D 640 27.55 42.19 -43.18
C SER D 640 29.02 41.78 -43.03
N THR D 641 29.67 41.44 -44.15
CA THR D 641 31.07 41.01 -44.29
C THR D 641 31.45 39.75 -43.48
N GLU D 642 30.50 38.85 -43.22
CA GLU D 642 30.73 37.65 -42.39
C GLU D 642 29.68 36.53 -42.60
N ARG D 643 29.99 35.31 -42.13
CA ARG D 643 28.99 34.24 -41.93
C ARG D 643 27.88 34.68 -40.96
N SER D 644 26.61 34.50 -41.32
CA SER D 644 25.47 34.82 -40.46
C SER D 644 25.45 33.97 -39.18
N SER D 645 25.05 34.56 -38.06
CA SER D 645 24.91 33.85 -36.78
C SER D 645 23.68 32.95 -36.71
N ILE D 646 22.53 33.40 -37.23
CA ILE D 646 21.37 32.53 -37.52
C ILE D 646 21.51 31.99 -38.94
N PRO D 647 21.66 30.68 -39.14
CA PRO D 647 21.97 30.10 -40.43
C PRO D 647 20.71 29.75 -41.21
N ILE D 648 20.86 29.63 -42.52
CA ILE D 648 20.03 28.78 -43.36
C ILE D 648 20.94 27.67 -43.86
N THR D 649 20.49 26.42 -43.72
CA THR D 649 21.19 25.20 -44.12
C THR D 649 20.16 24.21 -44.66
N ILE D 650 20.56 23.06 -45.21
CA ILE D 650 19.56 22.08 -45.66
C ILE D 650 18.71 21.47 -44.52
N ARG D 651 19.19 21.42 -43.27
CA ARG D 651 18.37 21.12 -42.08
C ARG D 651 17.18 22.09 -41.91
N GLN D 652 17.25 23.29 -42.49
CA GLN D 652 16.16 24.28 -42.54
C GLN D 652 15.26 24.15 -43.77
N LEU D 653 15.67 23.46 -44.85
CA LEU D 653 14.74 23.01 -45.89
C LEU D 653 13.83 21.93 -45.33
N GLU D 654 14.42 20.95 -44.64
CA GLU D 654 13.67 19.92 -43.94
C GLU D 654 12.74 20.46 -42.84
N ALA D 655 13.06 21.58 -42.20
CA ALA D 655 12.14 22.30 -41.33
C ALA D 655 10.90 22.79 -42.08
N ILE D 656 11.05 23.42 -43.24
CA ILE D 656 9.91 23.91 -44.01
C ILE D 656 9.11 22.73 -44.55
N ILE D 657 9.74 21.63 -44.97
CA ILE D 657 9.06 20.37 -45.33
C ILE D 657 8.24 19.85 -44.14
N ARG D 658 8.84 19.78 -42.96
CA ARG D 658 8.25 19.23 -41.75
C ARG D 658 7.09 20.07 -41.22
N ILE D 659 7.15 21.40 -41.34
CA ILE D 659 6.03 22.29 -41.06
C ILE D 659 4.91 22.05 -42.07
N THR D 660 5.22 21.93 -43.36
CA THR D 660 4.26 21.64 -44.43
C THR D 660 3.45 20.37 -44.15
N GLU D 661 4.04 19.37 -43.51
CA GLU D 661 3.34 18.15 -43.09
C GLU D 661 2.49 18.37 -41.83
N SER D 662 2.92 19.18 -40.88
CA SER D 662 2.20 19.44 -39.63
C SER D 662 0.85 20.06 -39.86
N LEU D 663 0.79 20.98 -40.83
CA LEU D 663 -0.42 21.66 -41.27
C LEU D 663 -1.38 20.72 -42.00
N ALA D 664 -0.88 19.66 -42.63
CA ALA D 664 -1.70 18.60 -43.20
C ALA D 664 -2.19 17.60 -42.14
N LYS D 665 -1.42 17.35 -41.05
CA LYS D 665 -1.87 16.53 -39.91
C LYS D 665 -3.05 17.16 -39.17
N LEU D 666 -3.15 18.50 -39.10
CA LEU D 666 -4.22 19.21 -38.40
C LEU D 666 -5.58 18.83 -38.93
N GLU D 667 -5.76 18.90 -40.24
CA GLU D 667 -7.01 18.65 -40.94
C GLU D 667 -7.16 17.19 -41.41
N LEU D 668 -6.33 16.30 -40.87
CA LEU D 668 -6.21 14.88 -41.21
C LEU D 668 -6.10 14.63 -42.72
N SER D 669 -5.43 15.50 -43.45
CA SER D 669 -5.17 15.29 -44.88
C SER D 669 -4.15 14.16 -45.09
N PRO D 670 -4.36 13.23 -46.03
CA PRO D 670 -3.38 12.18 -46.33
C PRO D 670 -2.16 12.69 -47.11
N ILE D 671 -2.22 13.92 -47.63
CA ILE D 671 -1.23 14.54 -48.51
C ILE D 671 -1.09 16.02 -48.18
N ALA D 672 0.07 16.62 -48.42
CA ALA D 672 0.34 18.04 -48.24
C ALA D 672 0.41 18.78 -49.59
N GLN D 673 -0.17 19.97 -49.64
CA GLN D 673 -0.54 20.67 -50.87
C GLN D 673 -0.02 22.11 -50.92
N GLU D 674 -0.18 22.76 -52.07
CA GLU D 674 0.32 24.11 -52.32
C GLU D 674 -0.17 25.13 -51.28
N ARG D 675 -1.40 24.98 -50.75
CA ARG D 675 -1.93 25.80 -49.66
C ARG D 675 -1.22 25.62 -48.31
N HIS D 676 -0.76 24.40 -48.00
CA HIS D 676 0.11 24.13 -46.85
C HIS D 676 1.52 24.66 -47.07
N VAL D 677 2.05 24.57 -48.28
CA VAL D 677 3.38 25.09 -48.60
C VAL D 677 3.43 26.61 -48.49
N ASP D 678 2.40 27.31 -48.92
CA ASP D 678 2.30 28.76 -48.76
C ASP D 678 2.30 29.18 -47.29
N GLU D 679 1.55 28.50 -46.40
CA GLU D 679 1.58 28.82 -44.97
C GLU D 679 2.89 28.40 -44.27
N ALA D 680 3.52 27.29 -44.66
CA ALA D 680 4.80 26.87 -44.12
C ALA D 680 5.96 27.81 -44.51
N ILE D 681 6.00 28.30 -45.75
CA ILE D 681 6.96 29.32 -46.17
C ILE D 681 6.71 30.63 -45.41
N ARG D 682 5.43 31.03 -45.25
CA ARG D 682 5.05 32.22 -44.49
C ARG D 682 5.51 32.14 -43.02
N LEU D 683 5.22 31.05 -42.30
CA LEU D 683 5.66 30.88 -40.92
C LEU D 683 7.17 30.86 -40.78
N PHE D 684 7.89 30.25 -41.72
CA PHE D 684 9.34 30.29 -41.70
C PHE D 684 9.87 31.71 -41.93
N GLN D 685 9.26 32.47 -42.83
CA GLN D 685 9.59 33.87 -43.09
C GLN D 685 9.36 34.75 -41.85
N ALA D 686 8.22 34.58 -41.19
CA ALA D 686 7.82 35.32 -39.98
C ALA D 686 8.64 34.96 -38.73
N SER D 687 9.37 33.83 -38.76
CA SER D 687 10.21 33.35 -37.66
C SER D 687 11.70 33.43 -38.01
N THR D 688 12.32 32.34 -38.48
CA THR D 688 13.77 32.23 -38.68
C THR D 688 14.33 33.25 -39.64
N MET D 689 13.65 33.54 -40.76
CA MET D 689 14.21 34.42 -41.78
C MET D 689 14.15 35.90 -41.38
N ASP D 690 13.02 36.40 -40.86
CA ASP D 690 12.97 37.73 -40.26
C ASP D 690 13.82 37.87 -38.99
N ALA D 691 14.14 36.79 -38.28
CA ALA D 691 15.13 36.79 -37.19
C ALA D 691 16.56 36.92 -37.73
N ALA D 692 16.92 36.23 -38.80
CA ALA D 692 18.23 36.34 -39.44
C ALA D 692 18.44 37.70 -40.13
N SER D 693 17.39 38.28 -40.70
CA SER D 693 17.38 39.55 -41.43
C SER D 693 17.81 40.77 -40.58
N GLN D 694 17.66 40.71 -39.26
CA GLN D 694 17.96 41.79 -38.33
C GLN D 694 19.38 42.35 -38.53
N SER E 91 8.51 -28.26 48.99
CA SER E 91 9.34 -27.20 49.55
C SER E 91 10.73 -27.12 48.90
N PHE E 92 11.46 -26.03 49.19
CA PHE E 92 12.72 -25.69 48.53
C PHE E 92 13.86 -26.69 48.81
N LYS E 93 14.88 -26.65 47.95
CA LYS E 93 16.25 -27.04 48.27
C LYS E 93 17.09 -25.79 48.06
N SER E 94 17.77 -25.31 49.10
CA SER E 94 18.42 -23.99 49.05
C SER E 94 19.68 -23.91 49.91
N ARG E 95 20.61 -23.03 49.51
CA ARG E 95 21.86 -22.77 50.18
C ARG E 95 21.96 -21.31 50.56
N ALA E 96 22.01 -21.02 51.85
CA ALA E 96 22.31 -19.69 52.36
C ALA E 96 23.82 -19.42 52.30
N LEU E 97 24.21 -18.15 52.20
CA LEU E 97 25.50 -17.75 51.65
C LEU E 97 25.89 -16.41 52.28
N ASN E 98 26.80 -16.44 53.25
CA ASN E 98 26.88 -15.43 54.30
C ASN E 98 28.07 -14.46 54.09
N HIS E 99 27.79 -13.15 54.00
CA HIS E 99 28.80 -12.15 53.61
C HIS E 99 29.95 -11.98 54.60
N VAL E 100 29.74 -12.29 55.87
CA VAL E 100 30.76 -12.10 56.93
C VAL E 100 32.05 -12.90 56.68
N LYS E 101 31.99 -14.01 55.94
CA LYS E 101 33.17 -14.86 55.70
C LYS E 101 34.10 -14.40 54.57
N LYS E 102 33.80 -13.28 53.91
CA LYS E 102 34.70 -12.58 52.97
C LYS E 102 36.04 -12.24 53.62
N VAL E 103 37.14 -12.47 52.92
CA VAL E 103 38.49 -12.07 53.29
C VAL E 103 38.63 -10.56 53.26
N ASP E 104 39.41 -9.96 54.16
CA ASP E 104 39.69 -8.51 54.14
C ASP E 104 41.07 -8.21 53.53
N ASP E 105 41.21 -7.15 52.72
CA ASP E 105 42.53 -6.59 52.41
C ASP E 105 43.04 -5.75 53.59
N VAL E 106 43.99 -6.29 54.34
CA VAL E 106 44.62 -5.64 55.49
C VAL E 106 45.37 -4.37 55.09
N THR E 107 46.02 -4.36 53.92
CA THR E 107 46.68 -3.16 53.41
C THR E 107 45.66 -2.13 52.99
N GLY E 108 44.61 -2.54 52.31
CA GLY E 108 43.53 -1.66 51.89
C GLY E 108 42.92 -0.91 53.06
N GLU E 109 42.65 -1.62 54.15
CA GLU E 109 42.15 -1.00 55.38
C GLU E 109 43.19 -0.12 56.10
N LYS E 110 44.49 -0.45 56.03
CA LYS E 110 45.55 0.42 56.59
C LYS E 110 45.76 1.67 55.74
N VAL E 111 45.51 1.64 54.43
CA VAL E 111 45.43 2.82 53.57
C VAL E 111 44.20 3.66 53.92
N ARG E 112 43.03 3.05 54.13
CA ARG E 112 41.81 3.76 54.53
C ARG E 112 42.02 4.57 55.81
N GLU E 113 42.65 3.97 56.82
CA GLU E 113 42.97 4.65 58.09
C GLU E 113 44.01 5.76 57.94
N ALA E 114 45.07 5.56 57.15
CA ALA E 114 46.08 6.58 56.94
C ALA E 114 45.55 7.77 56.11
N PHE E 115 44.65 7.52 55.17
CA PHE E 115 43.98 8.55 54.38
C PHE E 115 42.93 9.33 55.18
N GLU E 116 42.18 8.63 56.02
CA GLU E 116 41.21 9.20 56.97
C GLU E 116 41.90 10.16 57.94
N GLN E 117 43.00 9.72 58.58
CA GLN E 117 43.81 10.57 59.47
C GLN E 117 44.43 11.77 58.74
N PHE E 118 44.93 11.59 57.52
CA PHE E 118 45.43 12.70 56.71
C PHE E 118 44.36 13.75 56.44
N LEU E 119 43.16 13.35 56.01
CA LEU E 119 42.14 14.31 55.62
C LEU E 119 41.72 15.22 56.76
N GLU E 120 41.56 14.70 57.97
CA GLU E 120 41.30 15.59 59.11
C GLU E 120 42.47 16.40 59.59
N ASP E 121 43.57 15.75 59.92
CA ASP E 121 44.67 16.37 60.63
C ASP E 121 45.67 17.23 59.85
N PHE E 122 45.76 17.17 58.52
CA PHE E 122 46.95 17.61 57.77
C PHE E 122 47.49 19.03 58.14
N SER E 123 46.64 19.96 58.58
CA SER E 123 46.97 21.22 59.29
C SER E 123 47.62 22.36 58.50
N VAL E 124 48.68 22.12 57.74
CA VAL E 124 49.64 23.14 57.29
C VAL E 124 49.02 24.22 56.40
N GLN E 125 49.29 25.49 56.70
CA GLN E 125 49.00 26.65 55.84
C GLN E 125 50.06 27.78 55.98
N SER E 126 50.40 28.42 54.86
CA SER E 126 51.30 29.59 54.77
C SER E 126 50.62 30.88 54.29
N THR E 127 49.41 30.81 53.73
CA THR E 127 48.63 31.97 53.24
C THR E 127 48.33 32.95 54.36
N ASP E 128 48.41 34.25 54.07
CA ASP E 128 48.27 35.40 54.99
C ASP E 128 49.38 35.51 56.07
N THR E 129 49.62 34.43 56.82
CA THR E 129 50.69 34.28 57.82
C THR E 129 50.90 32.78 58.13
N GLY E 130 51.97 32.43 58.84
CA GLY E 130 52.20 31.06 59.33
C GLY E 130 51.10 30.63 60.31
N GLU E 131 50.29 29.64 59.93
CA GLU E 131 49.01 29.34 60.57
C GLU E 131 48.62 27.86 60.39
N VAL E 132 47.77 27.31 61.28
CA VAL E 132 47.12 26.00 61.08
C VAL E 132 45.67 26.18 60.63
N GLU E 133 45.27 25.38 59.65
CA GLU E 133 44.00 25.52 58.92
C GLU E 133 43.21 24.20 58.76
N LYS E 134 43.89 23.04 58.78
CA LYS E 134 43.33 21.71 58.47
C LYS E 134 42.63 21.72 57.11
N VAL E 135 43.41 22.04 56.06
CA VAL E 135 42.90 22.45 54.74
C VAL E 135 41.90 21.50 54.09
N TYR E 136 42.03 20.19 54.28
CA TYR E 136 41.06 19.25 53.74
C TYR E 136 39.75 19.24 54.54
N ARG E 137 39.76 19.41 55.87
CA ARG E 137 38.53 19.69 56.63
C ARG E 137 37.91 21.02 56.20
N ALA E 138 38.72 22.06 56.00
CA ALA E 138 38.26 23.33 55.45
C ALA E 138 37.63 23.21 54.05
N GLN E 139 38.14 22.33 53.18
CA GLN E 139 37.52 22.01 51.90
C GLN E 139 36.20 21.22 52.08
N ILE E 140 36.13 20.26 52.99
CA ILE E 140 34.88 19.54 53.25
C ILE E 140 33.80 20.50 53.76
N GLU E 141 34.14 21.45 54.63
CA GLU E 141 33.18 22.45 55.10
C GLU E 141 32.78 23.46 54.01
N PHE E 142 33.64 23.72 53.02
CA PHE E 142 33.29 24.43 51.80
C PHE E 142 32.29 23.62 50.95
N MET E 143 32.55 22.33 50.73
CA MET E 143 31.65 21.43 50.01
C MET E 143 30.26 21.40 50.63
N LYS E 144 30.16 21.40 51.97
CA LYS E 144 28.91 21.39 52.77
C LYS E 144 27.98 22.56 52.43
N ILE E 145 28.53 23.70 52.02
CA ILE E 145 27.79 24.90 51.62
C ILE E 145 27.17 24.72 50.23
N TYR E 146 27.99 24.38 49.24
CA TYR E 146 27.61 24.36 47.82
C TYR E 146 26.99 23.05 47.33
N ASP E 147 27.16 21.97 48.10
CA ASP E 147 26.77 20.61 47.76
C ASP E 147 27.50 20.07 46.51
N LEU E 148 28.82 20.30 46.44
CA LEU E 148 29.69 19.75 45.41
C LEU E 148 30.15 18.32 45.76
N ASN E 149 30.19 17.42 44.76
CA ASN E 149 30.51 16.00 44.94
C ASN E 149 31.93 15.60 44.48
N THR E 150 32.92 16.49 44.57
CA THR E 150 34.35 16.20 44.32
C THR E 150 35.25 16.84 45.37
N ILE E 151 36.36 16.18 45.71
CA ILE E 151 37.39 16.70 46.59
C ILE E 151 38.75 16.69 45.88
N TYR E 152 39.36 17.86 45.73
CA TYR E 152 40.70 17.96 45.13
C TYR E 152 41.76 17.70 46.19
N ILE E 153 42.81 16.95 45.87
CA ILE E 153 43.92 16.64 46.79
C ILE E 153 45.26 16.89 46.11
N ASP E 154 46.08 17.73 46.71
CA ASP E 154 47.42 18.07 46.25
C ASP E 154 48.37 16.93 46.62
N TYR E 155 48.98 16.30 45.63
CA TYR E 155 49.83 15.14 45.87
C TYR E 155 51.08 15.48 46.68
N GLN E 156 51.53 16.73 46.69
CA GLN E 156 52.69 17.09 47.51
C GLN E 156 52.36 17.03 49.01
N HIS E 157 51.10 17.28 49.38
CA HIS E 157 50.62 17.11 50.75
C HIS E 157 50.63 15.65 51.17
N LEU E 158 50.21 14.73 50.30
CA LEU E 158 50.38 13.30 50.54
C LEU E 158 51.86 12.92 50.60
N SER E 159 52.70 13.52 49.75
CA SER E 159 54.12 13.15 49.63
C SER E 159 54.91 13.42 50.91
N MET E 160 54.63 14.54 51.59
CA MET E 160 55.31 14.90 52.86
C MET E 160 54.74 14.20 54.10
N ARG E 161 53.47 13.77 54.05
CA ARG E 161 52.78 13.11 55.16
C ARG E 161 53.37 11.73 55.45
N GLU E 162 53.83 11.51 56.68
CA GLU E 162 54.19 10.19 57.22
C GLU E 162 55.24 9.45 56.36
N ASN E 163 56.36 10.10 56.08
CA ASN E 163 57.45 9.63 55.23
C ASN E 163 57.05 9.32 53.77
N GLY E 164 55.83 9.63 53.34
CA GLY E 164 55.41 9.41 51.95
C GLY E 164 55.07 7.96 51.59
N ALA E 165 55.00 7.03 52.55
CA ALA E 165 54.55 5.67 52.29
C ALA E 165 53.10 5.61 51.78
N LEU E 166 52.22 6.48 52.28
CA LEU E 166 50.86 6.62 51.79
C LEU E 166 50.82 7.13 50.34
N ALA E 167 51.63 8.13 50.00
CA ALA E 167 51.70 8.65 48.64
C ALA E 167 52.33 7.64 47.67
N MET E 168 53.29 6.85 48.12
CA MET E 168 53.89 5.76 47.37
C MET E 168 52.87 4.68 47.04
N ALA E 169 52.09 4.23 48.02
CA ALA E 169 51.06 3.22 47.83
C ALA E 169 49.93 3.70 46.91
N ILE E 170 49.41 4.91 47.14
CA ILE E 170 48.37 5.52 46.29
C ILE E 170 48.90 5.74 44.87
N SER E 171 50.15 6.16 44.69
CA SER E 171 50.74 6.29 43.38
C SER E 171 50.86 4.96 42.65
N GLU E 172 51.52 3.97 43.24
CA GLU E 172 51.90 2.74 42.56
C GLU E 172 50.74 1.76 42.33
N GLN E 173 49.68 1.80 43.15
CA GLN E 173 48.59 0.82 43.11
C GLN E 173 47.22 1.48 43.19
N TYR E 174 47.07 2.66 42.61
CA TYR E 174 45.87 3.46 42.72
C TYR E 174 44.57 2.70 42.49
N TYR E 175 44.51 1.86 41.46
CA TYR E 175 43.30 1.11 41.14
C TYR E 175 42.94 0.05 42.19
N ARG E 176 43.90 -0.54 42.91
CA ARG E 176 43.60 -1.39 44.07
C ARG E 176 43.05 -0.56 45.22
N PHE E 177 43.65 0.59 45.50
CA PHE E 177 43.32 1.36 46.68
C PHE E 177 42.14 2.31 46.54
N LEU E 178 41.67 2.64 45.34
CA LEU E 178 40.62 3.65 45.19
C LEU E 178 39.32 3.35 45.97
N PRO E 179 38.77 2.12 46.00
CA PRO E 179 37.59 1.83 46.82
C PRO E 179 37.83 2.11 48.30
N PHE E 180 39.04 1.86 48.79
CA PHE E 180 39.42 2.17 50.16
C PHE E 180 39.58 3.68 50.37
N LEU E 181 40.08 4.44 49.40
CA LEU E 181 40.13 5.89 49.50
C LEU E 181 38.71 6.45 49.59
N GLN E 182 37.80 6.05 48.71
CA GLN E 182 36.41 6.48 48.78
C GLN E 182 35.72 6.07 50.09
N LYS E 183 35.89 4.84 50.55
CA LYS E 183 35.36 4.39 51.84
C LYS E 183 35.98 5.10 53.05
N GLY E 184 37.20 5.62 52.92
CA GLY E 184 37.85 6.44 53.95
C GLY E 184 37.31 7.85 53.98
N LEU E 185 37.21 8.49 52.82
CA LEU E 185 36.61 9.80 52.65
C LEU E 185 35.17 9.83 53.18
N ARG E 186 34.36 8.81 52.91
CA ARG E 186 32.98 8.74 53.40
C ARG E 186 32.93 8.84 54.93
N ARG E 187 33.78 8.14 55.64
CA ARG E 187 33.85 8.21 57.09
C ARG E 187 34.25 9.59 57.61
N VAL E 188 35.17 10.28 56.93
CA VAL E 188 35.56 11.64 57.30
C VAL E 188 34.45 12.63 56.99
N VAL E 189 33.76 12.51 55.86
CA VAL E 189 32.61 13.35 55.53
C VAL E 189 31.47 13.11 56.50
N ARG E 190 31.23 11.86 56.90
CA ARG E 190 30.26 11.51 57.95
C ARG E 190 30.58 12.20 59.27
N LYS E 191 31.87 12.33 59.61
CA LYS E 191 32.32 13.01 60.83
C LYS E 191 32.11 14.52 60.79
N TYR E 192 32.53 15.21 59.72
CA TYR E 192 32.55 16.69 59.69
C TYR E 192 31.45 17.37 58.87
N ALA E 193 30.76 16.68 57.97
CA ALA E 193 29.72 17.28 57.13
C ALA E 193 28.67 16.25 56.68
N PRO E 194 27.93 15.61 57.60
CA PRO E 194 27.02 14.51 57.26
C PRO E 194 25.84 14.90 56.35
N GLU E 195 25.64 16.19 56.14
CA GLU E 195 24.76 16.76 55.11
C GLU E 195 25.18 16.40 53.68
N LEU E 196 26.48 16.24 53.41
CA LEU E 196 26.99 15.83 52.11
C LEU E 196 26.83 14.34 51.85
N LEU E 197 26.62 13.54 52.89
CA LEU E 197 26.74 12.08 52.78
C LEU E 197 25.63 11.47 51.89
N ASN E 198 24.62 12.28 51.55
CA ASN E 198 23.56 12.04 50.58
C ASN E 198 23.53 13.20 49.58
N THR E 199 22.91 13.03 48.42
CA THR E 199 22.87 14.06 47.36
C THR E 199 22.06 15.30 47.73
N SER E 200 21.22 15.22 48.76
CA SER E 200 20.68 16.35 49.53
C SER E 200 20.23 17.53 48.66
N SER E 255 9.97 16.23 51.10
CA SER E 255 10.98 15.78 50.17
C SER E 255 10.89 14.26 49.90
N PRO E 256 11.32 13.77 48.73
CA PRO E 256 11.57 12.34 48.50
C PRO E 256 12.81 11.92 49.29
N GLU E 257 13.17 10.63 49.26
CA GLU E 257 14.51 10.24 49.68
C GLU E 257 15.55 10.66 48.63
N GLN E 258 16.67 11.22 49.09
CA GLN E 258 17.77 11.65 48.24
C GLN E 258 18.93 10.68 48.39
N THR E 259 19.54 10.30 47.26
CA THR E 259 20.43 9.13 47.12
C THR E 259 21.74 9.24 47.90
N GLU E 260 22.49 8.14 47.98
CA GLU E 260 23.93 8.18 48.22
C GLU E 260 24.62 9.16 47.25
N ARG E 261 25.51 10.01 47.78
CA ARG E 261 26.42 10.83 46.98
C ARG E 261 27.67 10.05 46.63
N VAL E 262 28.11 10.14 45.38
CA VAL E 262 29.37 9.58 44.88
C VAL E 262 30.43 10.66 44.85
N PHE E 263 31.61 10.38 45.38
CA PHE E 263 32.68 11.37 45.48
C PHE E 263 33.81 11.10 44.49
N GLN E 264 34.03 12.04 43.59
CA GLN E 264 35.19 12.05 42.71
C GLN E 264 36.39 12.60 43.49
N ILE E 265 37.31 11.74 43.93
CA ILE E 265 38.60 12.17 44.50
C ILE E 265 39.53 12.57 43.36
N SER E 266 39.95 13.81 43.32
CA SER E 266 40.71 14.41 42.23
C SER E 266 42.12 14.76 42.66
N PHE E 267 43.05 13.82 42.52
CA PHE E 267 44.45 14.11 42.78
C PHE E 267 45.00 15.09 41.76
N PHE E 268 45.96 15.91 42.15
CA PHE E 268 46.61 16.88 41.27
C PHE E 268 48.04 17.19 41.73
N ASN E 269 48.77 17.99 40.97
CA ASN E 269 50.12 18.46 41.31
C ASN E 269 51.16 17.34 41.56
N LEU E 270 51.16 16.31 40.70
CA LEU E 270 52.14 15.23 40.77
C LEU E 270 53.59 15.72 40.55
N PRO E 271 54.61 14.99 41.08
CA PRO E 271 56.02 15.35 40.92
C PRO E 271 56.51 15.29 39.47
N THR E 272 55.84 14.52 38.60
CA THR E 272 56.34 14.18 37.26
C THR E 272 55.21 13.98 36.25
N VAL E 273 55.51 14.32 35.00
CA VAL E 273 54.60 14.27 33.85
C VAL E 273 55.16 13.33 32.79
N HIS E 274 54.31 12.46 32.24
CA HIS E 274 54.63 11.51 31.17
C HIS E 274 54.03 11.98 29.84
N ARG E 275 54.70 11.68 28.73
CA ARG E 275 54.20 11.88 27.36
C ARG E 275 53.38 10.67 26.90
N ILE E 276 52.58 10.79 25.84
CA ILE E 276 51.86 9.65 25.26
C ILE E 276 52.85 8.54 24.80
N ARG E 277 54.04 8.91 24.32
CA ARG E 277 55.08 7.94 23.94
C ARG E 277 55.77 7.26 25.13
N ASP E 278 55.66 7.79 26.35
CA ASP E 278 56.22 7.21 27.57
C ASP E 278 55.34 6.13 28.22
N ILE E 279 54.09 6.03 27.78
CA ILE E 279 53.13 5.04 28.27
C ILE E 279 53.64 3.63 28.00
N ARG E 280 53.61 2.78 29.02
CA ARG E 280 54.04 1.38 28.99
C ARG E 280 53.17 0.58 29.94
N SER E 281 52.82 -0.63 29.56
CA SER E 281 51.89 -1.47 30.30
C SER E 281 52.36 -1.78 31.73
N GLU E 282 53.66 -1.69 31.99
CA GLU E 282 54.24 -1.83 33.33
C GLU E 282 53.60 -0.88 34.37
N LYS E 283 53.00 0.25 33.96
CA LYS E 283 52.39 1.25 34.82
C LYS E 283 50.86 1.17 34.92
N ILE E 284 50.23 0.13 34.38
CA ILE E 284 48.78 -0.11 34.50
C ILE E 284 48.34 -0.06 35.95
N GLY E 285 47.20 0.58 36.22
CA GLY E 285 46.63 0.71 37.56
C GLY E 285 47.34 1.68 38.49
N SER E 286 48.32 2.45 38.01
CA SER E 286 49.08 3.42 38.80
C SER E 286 48.79 4.84 38.36
N LEU E 287 48.82 5.79 39.29
CA LEU E 287 48.46 7.19 39.09
C LEU E 287 49.57 7.92 38.33
N LEU E 288 49.31 8.36 37.11
CA LEU E 288 50.20 9.17 36.28
C LEU E 288 49.65 10.58 36.11
N SER E 289 50.45 11.48 35.54
CA SER E 289 49.91 12.63 34.81
C SER E 289 50.43 12.60 33.37
N ILE E 290 49.58 13.00 32.43
CA ILE E 290 49.79 12.91 30.99
C ILE E 290 49.58 14.29 30.41
N SER E 291 50.51 14.74 29.57
CA SER E 291 50.35 15.98 28.80
C SER E 291 50.05 15.67 27.34
N GLY E 292 49.05 16.31 26.75
CA GLY E 292 48.72 16.11 25.35
C GLY E 292 47.75 17.15 24.79
N THR E 293 47.48 17.07 23.49
CA THR E 293 46.54 17.97 22.80
C THR E 293 45.32 17.20 22.32
N VAL E 294 44.13 17.73 22.58
CA VAL E 294 42.86 17.09 22.25
C VAL E 294 42.59 17.16 20.76
N THR E 295 42.30 16.03 20.12
CA THR E 295 41.86 16.02 18.73
C THR E 295 40.34 15.93 18.59
N ARG E 296 39.65 15.20 19.49
CA ARG E 296 38.19 15.02 19.48
C ARG E 296 37.61 14.88 20.87
N THR E 297 36.35 15.25 21.07
CA THR E 297 35.60 14.91 22.30
C THR E 297 34.24 14.36 21.97
N SER E 298 33.85 13.26 22.61
CA SER E 298 32.57 12.59 22.45
C SER E 298 31.42 13.36 23.10
N GLU E 299 30.17 12.96 22.87
CA GLU E 299 29.02 13.43 23.64
C GLU E 299 29.22 13.18 25.13
N VAL E 300 28.51 13.90 26.00
CA VAL E 300 28.45 13.51 27.42
C VAL E 300 27.36 12.48 27.57
N ARG E 301 27.71 11.24 27.90
CA ARG E 301 26.81 10.09 27.95
C ARG E 301 26.67 9.57 29.37
N PRO E 302 25.57 8.89 29.74
CA PRO E 302 25.45 8.26 31.06
C PRO E 302 25.98 6.82 31.10
N GLU E 303 27.00 6.54 31.91
CA GLU E 303 27.38 5.18 32.32
C GLU E 303 26.36 4.65 33.29
N LEU E 304 25.92 3.42 33.16
CA LEU E 304 25.24 2.70 34.23
C LEU E 304 26.28 2.30 35.29
N TYR E 305 26.32 3.03 36.40
CA TYR E 305 27.35 2.89 37.42
C TYR E 305 27.03 1.81 38.45
N LYS E 306 25.89 1.93 39.13
CA LYS E 306 25.32 0.88 39.99
C LYS E 306 23.96 0.48 39.43
N ALA E 307 23.82 -0.76 39.01
CA ALA E 307 22.59 -1.24 38.41
C ALA E 307 21.63 -1.80 39.46
N SER E 308 20.34 -1.81 39.12
CA SER E 308 19.31 -2.49 39.89
C SER E 308 18.30 -3.12 38.96
N PHE E 309 17.91 -4.35 39.26
CA PHE E 309 17.15 -5.23 38.39
C PHE E 309 15.93 -5.80 39.11
N THR E 310 14.89 -6.14 38.38
CA THR E 310 13.80 -6.95 38.87
C THR E 310 13.67 -8.24 38.08
N CYS E 311 13.39 -9.33 38.79
CA CYS E 311 13.28 -10.68 38.25
C CYS E 311 11.94 -10.85 37.54
N ASP E 312 11.84 -11.14 36.25
CA ASP E 312 10.51 -11.31 35.65
C ASP E 312 9.81 -12.59 36.12
N MET E 313 10.57 -13.61 36.53
CA MET E 313 10.07 -14.89 37.02
C MET E 313 9.35 -14.82 38.40
N CYS E 314 9.81 -13.98 39.33
CA CYS E 314 9.26 -13.90 40.70
C CYS E 314 9.02 -12.46 41.21
N ARG E 315 9.36 -11.42 40.45
CA ARG E 315 9.19 -10.00 40.78
C ARG E 315 10.04 -9.49 41.95
N ALA E 316 11.04 -10.25 42.44
CA ALA E 316 12.05 -9.76 43.38
C ALA E 316 12.88 -8.60 42.79
N ILE E 317 13.71 -7.95 43.61
CA ILE E 317 14.58 -6.84 43.21
C ILE E 317 16.02 -7.09 43.69
N VAL E 318 16.99 -6.85 42.81
CA VAL E 318 18.44 -6.90 43.06
C VAL E 318 19.01 -5.51 42.82
N ASP E 319 19.97 -5.11 43.63
CA ASP E 319 20.40 -3.71 43.69
C ASP E 319 21.91 -3.63 43.97
N ASN E 320 22.51 -2.46 43.80
CA ASN E 320 23.95 -2.22 43.94
C ASN E 320 24.80 -3.13 43.04
N VAL E 321 24.29 -3.54 41.87
CA VAL E 321 25.00 -4.45 40.98
C VAL E 321 26.07 -3.69 40.21
N GLU E 322 27.31 -3.76 40.69
CA GLU E 322 28.48 -3.15 40.09
C GLU E 322 28.68 -3.59 38.64
N GLN E 323 29.08 -2.66 37.78
CA GLN E 323 29.27 -2.89 36.35
C GLN E 323 30.74 -2.79 35.96
N SER E 324 31.28 -3.86 35.39
CA SER E 324 32.61 -3.87 34.79
C SER E 324 32.56 -3.14 33.44
N PHE E 325 33.49 -3.38 32.54
CA PHE E 325 33.47 -2.81 31.20
C PHE E 325 32.23 -3.26 30.40
N LYS E 326 31.77 -4.50 30.55
CA LYS E 326 30.50 -4.98 29.98
C LYS E 326 29.30 -4.71 30.88
N TYR E 327 28.13 -4.60 30.28
CA TYR E 327 26.85 -4.69 30.97
C TYR E 327 26.71 -6.07 31.64
N THR E 328 26.21 -6.11 32.87
CA THR E 328 26.21 -7.28 33.76
C THR E 328 24.91 -7.37 34.55
N GLU E 329 24.07 -8.32 34.20
CA GLU E 329 22.91 -8.76 34.98
C GLU E 329 23.32 -9.77 36.09
N PRO E 330 22.53 -9.96 37.16
CA PRO E 330 22.81 -10.96 38.18
C PRO E 330 22.79 -12.40 37.66
N THR E 331 23.67 -13.26 38.18
CA THR E 331 23.67 -14.70 37.88
C THR E 331 22.62 -15.49 38.67
N PHE E 332 22.17 -15.05 39.85
CA PHE E 332 21.19 -15.76 40.68
C PHE E 332 20.12 -14.85 41.26
N CYS E 333 18.87 -15.30 41.27
CA CYS E 333 17.79 -14.59 41.95
C CYS E 333 17.97 -14.60 43.48
N PRO E 334 17.63 -13.52 44.21
CA PRO E 334 17.81 -13.43 45.66
C PRO E 334 16.68 -14.10 46.47
N ASN E 335 15.58 -14.45 45.82
CA ASN E 335 14.45 -15.18 46.41
C ASN E 335 14.77 -16.69 46.39
N PRO E 336 14.85 -17.39 47.53
CA PRO E 336 15.14 -18.84 47.54
C PRO E 336 14.00 -19.70 46.98
N SER E 337 12.82 -19.14 46.76
CA SER E 337 11.77 -19.81 45.97
C SER E 337 12.08 -19.85 44.48
N CYS E 338 13.03 -19.05 43.98
CA CYS E 338 13.16 -18.82 42.54
C CYS E 338 14.38 -19.56 41.95
N GLU E 339 14.14 -20.35 40.90
CA GLU E 339 15.16 -21.06 40.13
C GLU E 339 15.82 -20.20 39.03
N ASN E 340 15.54 -18.90 38.98
CA ASN E 340 16.01 -18.04 37.91
C ASN E 340 17.52 -17.75 37.96
N ARG E 341 18.14 -17.62 36.78
CA ARG E 341 19.52 -17.17 36.55
C ARG E 341 19.64 -16.16 35.38
N ALA E 342 18.53 -15.65 34.86
CA ALA E 342 18.49 -14.79 33.66
C ALA E 342 17.22 -13.90 33.66
N PHE E 343 16.71 -13.47 32.50
CA PHE E 343 15.39 -12.84 32.34
C PHE E 343 15.11 -11.56 33.18
N TRP E 344 16.18 -10.83 33.52
CA TRP E 344 16.18 -9.60 34.29
C TRP E 344 15.78 -8.35 33.52
N THR E 345 15.07 -7.44 34.18
CA THR E 345 14.75 -6.10 33.70
C THR E 345 15.41 -5.02 34.56
N LEU E 346 15.96 -3.95 33.99
CA LEU E 346 16.48 -2.80 34.75
C LEU E 346 15.38 -1.92 35.31
N ASN E 347 15.50 -1.55 36.58
CA ASN E 347 14.73 -0.46 37.17
C ASN E 347 15.52 0.84 36.97
N VAL E 348 15.03 1.71 36.09
CA VAL E 348 15.71 2.95 35.71
C VAL E 348 15.56 4.05 36.78
N THR E 349 14.57 3.97 37.68
CA THR E 349 14.47 4.87 38.83
C THR E 349 15.55 4.58 39.86
N ARG E 350 15.77 3.32 40.22
CA ARG E 350 16.63 2.93 41.35
C ARG E 350 18.10 2.80 40.98
N SER E 351 18.41 2.42 39.75
CA SER E 351 19.78 2.36 39.25
C SER E 351 20.37 3.76 39.11
N ARG E 352 21.70 3.89 39.23
CA ARG E 352 22.39 5.18 39.30
C ARG E 352 23.46 5.28 38.23
N PHE E 353 23.46 6.40 37.52
CA PHE E 353 24.28 6.63 36.35
C PHE E 353 25.34 7.69 36.63
N LEU E 354 26.61 7.41 36.33
CA LEU E 354 27.64 8.43 36.25
C LEU E 354 27.52 9.15 34.92
N ASP E 355 27.95 10.40 34.84
CA ASP E 355 28.28 11.05 33.58
C ASP E 355 29.63 10.57 33.06
N TRP E 356 29.83 10.51 31.74
CA TRP E 356 31.02 9.95 31.11
C TRP E 356 31.31 10.61 29.77
N GLN E 357 32.56 10.76 29.39
CA GLN E 357 32.97 11.30 28.10
C GLN E 357 34.33 10.74 27.66
N LYS E 358 34.51 10.29 26.42
CA LYS E 358 35.80 9.95 25.84
C LYS E 358 36.33 11.19 25.14
N VAL E 359 37.59 11.52 25.37
CA VAL E 359 38.35 12.55 24.67
C VAL E 359 39.62 11.94 24.11
N ARG E 360 39.92 12.18 22.84
CA ARG E 360 41.07 11.55 22.19
C ARG E 360 42.18 12.57 22.11
N ILE E 361 43.37 12.24 22.60
CA ILE E 361 44.48 13.17 22.71
C ILE E 361 45.70 12.63 22.01
N GLN E 362 46.60 13.50 21.61
CA GLN E 362 47.83 13.09 20.95
C GLN E 362 49.04 13.82 21.50
N GLU E 363 50.20 13.25 21.21
CA GLU E 363 51.49 13.82 21.52
C GLU E 363 51.67 15.20 20.88
N ASN E 364 52.24 16.15 21.61
CA ASN E 364 52.22 17.56 21.23
C ASN E 364 53.09 17.84 19.99
N ALA E 365 52.59 18.64 19.05
CA ALA E 365 53.28 18.86 17.78
C ALA E 365 54.70 19.48 17.89
N ASN E 366 55.06 20.09 19.02
CA ASN E 366 56.42 20.55 19.32
C ASN E 366 57.31 19.47 19.97
N GLU E 367 56.73 18.41 20.53
CA GLU E 367 57.42 17.38 21.27
C GLU E 367 57.87 16.20 20.38
N ILE E 368 57.11 15.90 19.33
CA ILE E 368 57.38 14.77 18.42
C ILE E 368 58.84 14.84 17.95
N PRO E 369 59.69 13.85 18.25
CA PRO E 369 61.15 14.05 18.24
C PRO E 369 61.76 14.33 16.87
N THR E 370 61.15 13.87 15.78
CA THR E 370 61.69 13.99 14.41
C THR E 370 60.65 14.41 13.37
N GLY E 371 59.49 14.90 13.80
CA GLY E 371 58.37 15.15 12.90
C GLY E 371 57.75 13.86 12.32
N SER E 372 57.81 12.74 13.05
CA SER E 372 57.10 11.52 12.69
C SER E 372 55.59 11.64 12.96
N MET E 373 54.82 10.56 12.76
CA MET E 373 53.38 10.48 12.96
C MET E 373 53.00 10.75 14.44
N PRO E 374 51.95 11.52 14.76
CA PRO E 374 51.55 11.75 16.14
C PRO E 374 50.86 10.53 16.77
N ARG E 375 51.40 9.99 17.86
CA ARG E 375 50.82 8.89 18.62
C ARG E 375 49.68 9.38 19.51
N THR E 376 48.60 8.62 19.61
CA THR E 376 47.35 9.01 20.25
C THR E 376 47.02 8.16 21.48
N LEU E 377 46.09 8.64 22.32
CA LEU E 377 45.62 7.96 23.51
C LEU E 377 44.14 8.29 23.70
N ASP E 378 43.37 7.34 24.18
CA ASP E 378 41.96 7.56 24.54
C ASP E 378 41.89 7.85 26.04
N VAL E 379 41.37 9.02 26.41
CA VAL E 379 41.19 9.43 27.80
C VAL E 379 39.72 9.45 28.14
N ILE E 380 39.34 8.91 29.28
CA ILE E 380 37.97 8.84 29.80
C ILE E 380 37.80 9.83 30.93
N LEU E 381 36.80 10.68 30.85
CA LEU E 381 36.45 11.70 31.84
C LEU E 381 35.13 11.35 32.49
N ARG E 382 34.97 11.56 33.79
CA ARG E 382 33.74 11.24 34.52
C ARG E 382 33.32 12.27 35.55
N GLY E 383 32.05 12.29 35.87
CA GLY E 383 31.49 13.16 36.88
C GLY E 383 31.57 14.62 36.49
N ASP E 384 32.21 15.45 37.31
CA ASP E 384 32.42 16.88 37.07
C ASP E 384 33.46 17.17 35.98
N SER E 385 34.39 16.25 35.73
CA SER E 385 35.50 16.44 34.79
C SER E 385 35.10 16.45 33.31
N VAL E 386 33.85 16.13 32.94
CA VAL E 386 33.37 16.15 31.56
C VAL E 386 33.27 17.56 30.98
N GLU E 387 33.51 17.71 29.68
CA GLU E 387 33.59 18.97 28.92
C GLU E 387 34.60 20.00 29.41
N ARG E 388 35.45 19.65 30.36
CA ARG E 388 36.47 20.51 30.93
C ARG E 388 37.62 20.83 29.97
N ALA E 389 37.68 20.17 28.83
CA ALA E 389 38.61 20.36 27.73
C ALA E 389 37.88 20.64 26.40
N LYS E 390 38.60 21.02 25.35
CA LYS E 390 38.07 21.28 24.02
C LYS E 390 39.09 20.91 22.94
N PRO E 391 38.65 20.58 21.72
CA PRO E 391 39.56 20.19 20.66
C PRO E 391 40.53 21.31 20.25
N GLY E 392 41.75 20.92 19.86
CA GLY E 392 42.89 21.79 19.62
C GLY E 392 43.56 22.34 20.88
N ASP E 393 42.92 22.28 22.04
CA ASP E 393 43.48 22.71 23.33
C ASP E 393 44.67 21.83 23.74
N ARG E 394 45.46 22.30 24.69
CA ARG E 394 46.56 21.56 25.30
C ARG E 394 46.21 21.34 26.77
N CYS E 395 46.26 20.11 27.25
CA CYS E 395 45.80 19.74 28.57
C CYS E 395 46.80 18.83 29.28
N LYS E 396 46.78 18.90 30.61
CA LYS E 396 47.37 17.90 31.50
C LYS E 396 46.27 17.18 32.23
N PHE E 397 46.26 15.86 32.12
CA PHE E 397 45.31 14.95 32.75
C PHE E 397 46.03 14.19 33.84
N THR E 398 45.40 13.88 34.97
CA THR E 398 45.95 12.91 35.91
C THR E 398 44.88 11.95 36.38
N GLY E 399 45.28 10.70 36.59
CA GLY E 399 44.42 9.56 36.73
C GLY E 399 45.17 8.26 36.53
N VAL E 400 44.49 7.15 36.41
CA VAL E 400 45.12 5.84 36.16
C VAL E 400 45.23 5.52 34.69
N GLU E 401 46.33 4.89 34.33
CA GLU E 401 46.40 4.10 33.12
C GLU E 401 45.60 2.81 33.31
N ILE E 402 44.75 2.47 32.35
CA ILE E 402 43.92 1.28 32.40
C ILE E 402 44.03 0.49 31.10
N VAL E 403 43.81 -0.80 31.24
CA VAL E 403 43.53 -1.74 30.19
C VAL E 403 42.03 -1.89 30.03
N VAL E 404 41.57 -1.67 28.81
CA VAL E 404 40.17 -1.86 28.44
C VAL E 404 40.06 -3.15 27.62
N PRO E 405 39.24 -4.13 27.99
CA PRO E 405 39.03 -5.31 27.19
C PRO E 405 38.25 -5.00 25.92
N ASP E 406 38.46 -5.79 24.87
CA ASP E 406 37.62 -5.73 23.66
C ASP E 406 36.31 -6.47 23.89
N VAL E 407 35.31 -5.74 24.37
CA VAL E 407 34.11 -6.28 25.04
C VAL E 407 33.25 -7.20 24.19
N THR E 408 33.27 -7.09 22.86
CA THR E 408 32.51 -8.00 22.01
C THR E 408 32.94 -9.45 22.18
N GLN E 409 34.24 -9.70 22.39
CA GLN E 409 34.79 -11.03 22.61
C GLN E 409 34.43 -11.59 23.99
N LEU E 410 34.09 -10.71 24.94
CA LEU E 410 33.72 -11.03 26.31
C LEU E 410 32.22 -11.40 26.47
N GLY E 411 31.53 -11.61 25.36
CA GLY E 411 30.17 -12.20 25.37
C GLY E 411 29.06 -11.23 25.78
N LEU E 412 29.20 -9.94 25.43
CA LEU E 412 28.26 -8.86 25.71
C LEU E 412 26.80 -9.20 25.32
N PRO E 413 25.80 -8.97 26.21
CA PRO E 413 24.39 -9.25 25.94
C PRO E 413 23.86 -8.72 24.60
N GLY E 414 23.48 -9.65 23.72
CA GLY E 414 22.84 -9.36 22.44
C GLY E 414 23.73 -8.79 21.34
N VAL E 415 25.05 -9.04 21.32
CA VAL E 415 25.98 -8.57 20.27
C VAL E 415 26.93 -9.69 19.83
N LYS E 416 27.28 -9.70 18.55
CA LYS E 416 28.27 -10.56 17.88
C LYS E 416 29.74 -10.20 18.20
N PRO E 417 30.66 -11.14 18.48
CA PRO E 417 32.09 -10.87 18.41
C PRO E 417 32.55 -10.24 17.09
N SER E 418 33.57 -9.38 17.15
CA SER E 418 34.29 -8.83 15.99
C SER E 418 35.35 -9.80 15.45
N SER E 419 36.13 -9.38 14.44
CA SER E 419 37.18 -10.18 13.80
C SER E 419 38.31 -9.33 13.22
N ASN E 434 45.29 -8.95 15.91
CA ASN E 434 46.38 -9.48 16.70
C ASN E 434 45.90 -10.47 17.80
N SER E 435 46.71 -11.49 18.10
CA SER E 435 46.40 -12.58 19.03
C SER E 435 46.19 -12.11 20.48
N GLY E 436 45.11 -12.54 21.11
CA GLY E 436 44.78 -12.23 22.50
C GLY E 436 45.21 -13.33 23.46
N VAL E 437 44.50 -13.44 24.58
CA VAL E 437 44.61 -14.55 25.53
C VAL E 437 43.28 -15.28 25.67
N THR E 438 43.32 -16.57 25.97
CA THR E 438 42.16 -17.47 25.92
C THR E 438 42.14 -18.44 27.09
N GLY E 439 41.16 -19.35 27.15
CA GLY E 439 41.05 -20.35 28.22
C GLY E 439 40.30 -19.89 29.45
N LEU E 440 39.23 -19.11 29.26
CA LEU E 440 38.43 -18.52 30.33
C LEU E 440 36.95 -18.86 30.10
N ARG E 441 36.19 -19.21 31.14
CA ARG E 441 34.75 -19.61 31.05
C ARG E 441 33.90 -18.69 30.16
N SER E 442 34.06 -17.37 30.29
CA SER E 442 33.29 -16.37 29.52
C SER E 442 33.71 -16.23 28.04
N LEU E 443 34.90 -16.72 27.69
CA LEU E 443 35.42 -16.74 26.33
C LEU E 443 35.19 -18.06 25.62
N GLY E 444 35.15 -19.17 26.35
CA GLY E 444 35.14 -20.50 25.74
C GLY E 444 36.34 -20.67 24.84
N VAL E 445 36.13 -20.70 23.52
CA VAL E 445 37.18 -20.79 22.51
C VAL E 445 37.75 -19.45 22.02
N ARG E 446 37.11 -18.31 22.28
CA ARG E 446 37.53 -16.97 21.78
C ARG E 446 38.84 -16.45 22.40
N ASP E 447 39.45 -15.45 21.76
CA ASP E 447 40.54 -14.64 22.35
C ASP E 447 40.00 -13.37 22.98
N LEU E 448 40.60 -12.90 24.06
CA LEU E 448 40.42 -11.54 24.57
C LEU E 448 41.68 -10.72 24.36
N THR E 449 41.47 -9.54 23.82
CA THR E 449 42.49 -8.55 23.44
C THR E 449 42.18 -7.23 24.14
N TYR E 450 43.17 -6.35 24.23
CA TYR E 450 43.20 -5.24 25.17
C TYR E 450 43.70 -3.93 24.55
N LYS E 451 42.97 -2.83 24.73
CA LYS E 451 43.46 -1.45 24.46
C LYS E 451 44.08 -0.84 25.70
N ILE E 452 45.02 0.10 25.58
CA ILE E 452 45.39 0.99 26.68
C ILE E 452 44.55 2.26 26.58
N SER E 453 43.99 2.68 27.70
CA SER E 453 43.24 3.92 27.85
C SER E 453 43.66 4.58 29.15
N PHE E 454 43.27 5.82 29.34
CA PHE E 454 43.54 6.54 30.57
C PHE E 454 42.23 6.96 31.21
N LEU E 455 42.08 6.85 32.52
CA LEU E 455 40.88 7.26 33.25
C LEU E 455 41.23 8.45 34.14
N ALA E 456 40.95 9.65 33.66
CA ALA E 456 41.39 10.89 34.28
C ALA E 456 40.45 11.36 35.38
N CYS E 457 40.98 11.61 36.57
CA CYS E 457 40.26 12.16 37.70
C CYS E 457 40.32 13.70 37.76
N HIS E 458 41.37 14.31 37.24
CA HIS E 458 41.58 15.76 37.19
C HIS E 458 42.11 16.18 35.83
N VAL E 459 41.65 17.33 35.36
CA VAL E 459 41.93 17.89 34.04
C VAL E 459 42.28 19.36 34.19
N ILE E 460 43.36 19.83 33.57
CA ILE E 460 43.69 21.25 33.52
C ILE E 460 44.22 21.65 32.14
N SER E 461 43.75 22.77 31.61
CA SER E 461 44.23 23.33 30.35
C SER E 461 45.47 24.19 30.55
N ILE E 462 46.39 24.10 29.61
CA ILE E 462 47.63 24.87 29.52
C ILE E 462 47.75 25.57 28.15
N GLY E 463 46.64 25.69 27.42
CA GLY E 463 46.57 26.26 26.07
C GLY E 463 45.19 26.83 25.75
N ASN E 497 30.16 36.80 29.12
CA ASN E 497 31.18 37.74 29.47
C ASN E 497 31.06 38.30 30.91
N GLU E 498 30.00 37.94 31.62
CA GLU E 498 29.73 38.31 33.03
C GLU E 498 29.92 39.81 33.31
N ARG E 499 29.48 40.70 32.40
CA ARG E 499 29.65 42.16 32.48
C ARG E 499 28.78 42.83 33.57
N ASP E 500 29.03 42.51 34.83
CA ASP E 500 28.52 43.23 35.99
C ASP E 500 29.60 43.39 37.06
N GLN E 501 29.77 44.59 37.60
CA GLN E 501 30.74 44.89 38.65
C GLN E 501 30.46 44.11 39.92
N GLU E 502 29.19 43.78 40.19
CA GLU E 502 28.80 43.00 41.36
C GLU E 502 29.33 41.57 41.32
N VAL E 503 29.63 41.00 40.14
CA VAL E 503 30.29 39.68 40.04
C VAL E 503 31.81 39.83 39.89
N PHE E 504 32.28 40.77 39.09
CA PHE E 504 33.70 40.96 38.78
C PHE E 504 34.52 41.37 40.02
N LEU E 505 34.03 42.31 40.83
CA LEU E 505 34.70 42.76 42.04
C LEU E 505 34.68 41.73 43.19
N ASN E 506 33.86 40.68 43.10
CA ASN E 506 33.92 39.50 43.96
C ASN E 506 34.79 38.38 43.36
N SER E 507 34.93 38.33 42.04
CA SER E 507 35.82 37.40 41.34
C SER E 507 37.31 37.68 41.59
N LEU E 508 37.74 38.95 41.59
CA LEU E 508 39.09 39.33 41.97
C LEU E 508 39.36 39.20 43.48
N SER E 509 40.62 38.94 43.85
CA SER E 509 41.12 39.04 45.23
C SER E 509 41.38 40.48 45.65
N SER E 510 41.35 40.77 46.95
CA SER E 510 41.61 42.13 47.47
C SER E 510 43.01 42.67 47.12
N ASP E 511 43.97 41.78 46.90
CA ASP E 511 45.31 42.05 46.36
C ASP E 511 45.27 42.74 44.99
N GLU E 512 44.27 42.42 44.16
CA GLU E 512 44.01 43.04 42.87
C GLU E 512 43.11 44.28 42.97
N ILE E 513 42.12 44.28 43.87
CA ILE E 513 41.21 45.42 44.03
C ILE E 513 41.94 46.69 44.46
N ASN E 514 43.00 46.57 45.26
CA ASN E 514 43.81 47.73 45.64
C ASN E 514 44.55 48.36 44.43
N GLU E 515 44.87 47.60 43.39
CA GLU E 515 45.45 48.14 42.16
C GLU E 515 44.42 48.86 41.29
N LEU E 516 43.20 48.31 41.14
CA LEU E 516 42.12 49.03 40.45
C LEU E 516 41.73 50.30 41.20
N LYS E 517 41.68 50.28 42.54
CA LYS E 517 41.51 51.50 43.35
C LYS E 517 42.62 52.52 43.11
N GLU E 518 43.88 52.08 43.08
CA GLU E 518 45.01 52.98 42.80
C GLU E 518 44.96 53.58 41.38
N MET E 519 44.46 52.83 40.40
CA MET E 519 44.29 53.27 39.02
C MET E 519 43.14 54.28 38.86
N VAL E 520 41.89 53.94 39.20
CA VAL E 520 40.74 54.83 38.96
C VAL E 520 40.86 56.19 39.64
N LYS E 521 41.56 56.27 40.78
CA LYS E 521 41.84 57.53 41.48
C LYS E 521 42.80 58.48 40.75
N ASP E 522 43.59 58.01 39.80
CA ASP E 522 44.68 58.80 39.23
C ASP E 522 44.18 60.01 38.42
N GLU E 523 44.79 61.17 38.69
CA GLU E 523 44.50 62.48 38.09
C GLU E 523 44.55 62.47 36.54
N HIS E 524 45.33 61.57 35.95
CA HIS E 524 45.70 61.53 34.54
C HIS E 524 45.63 60.12 33.91
N ILE E 525 44.78 59.22 34.42
CA ILE E 525 44.79 57.81 33.97
C ILE E 525 44.65 57.64 32.45
N TYR E 526 43.84 58.47 31.78
CA TYR E 526 43.64 58.36 30.34
C TYR E 526 44.93 58.53 29.53
N ASP E 527 45.83 59.43 29.96
CA ASP E 527 47.19 59.55 29.42
C ASP E 527 48.04 58.28 29.69
N LYS E 528 48.01 57.76 30.92
CA LYS E 528 48.74 56.55 31.28
C LYS E 528 48.28 55.33 30.45
N LEU E 529 47.01 55.26 30.07
CA LEU E 529 46.49 54.16 29.24
C LEU E 529 47.03 54.22 27.81
N VAL E 530 46.94 55.36 27.12
CA VAL E 530 47.47 55.45 25.74
C VAL E 530 49.00 55.36 25.67
N ARG E 531 49.71 55.60 26.78
CA ARG E 531 51.16 55.37 26.87
C ARG E 531 51.53 53.92 27.19
N SER E 532 50.66 53.15 27.85
CA SER E 532 50.87 51.72 28.13
C SER E 532 50.52 50.79 26.95
N ILE E 533 49.78 51.24 25.95
CA ILE E 533 49.44 50.48 24.73
C ILE E 533 50.64 50.36 23.79
N ALA E 534 50.90 49.15 23.29
CA ALA E 534 51.96 48.85 22.32
C ALA E 534 53.33 49.49 22.66
N PRO E 535 53.91 49.19 23.83
CA PRO E 535 55.07 49.92 24.34
C PRO E 535 56.35 49.68 23.55
N ALA E 536 56.43 48.57 22.80
CA ALA E 536 57.51 48.31 21.85
C ALA E 536 57.49 49.22 20.61
N VAL E 537 56.40 49.95 20.34
CA VAL E 537 56.26 50.86 19.20
C VAL E 537 56.50 52.28 19.69
N PHE E 538 57.52 52.93 19.12
CA PHE E 538 57.84 54.34 19.33
C PHE E 538 56.80 55.25 18.66
N GLY E 539 56.44 56.37 19.28
CA GLY E 539 55.56 57.39 18.71
C GLY E 539 54.13 56.92 18.42
N HIS E 540 53.51 57.46 17.37
CA HIS E 540 52.19 57.08 16.87
C HIS E 540 51.07 57.18 17.91
N GLU E 541 51.14 58.19 18.78
CA GLU E 541 50.34 58.30 20.01
C GLU E 541 48.83 58.38 19.78
N ALA E 542 48.39 58.96 18.66
CA ALA E 542 46.99 58.96 18.26
C ALA E 542 46.49 57.57 17.83
N VAL E 543 47.36 56.71 17.27
CA VAL E 543 47.02 55.30 17.01
C VAL E 543 46.94 54.52 18.31
N LYS E 544 47.83 54.78 19.26
CA LYS E 544 47.74 54.17 20.60
C LYS E 544 46.37 54.45 21.22
N LYS E 545 45.93 55.69 21.09
CA LYS E 545 44.64 56.13 21.60
C LYS E 545 43.51 55.40 20.93
N GLY E 546 43.52 55.29 19.61
CA GLY E 546 42.52 54.50 18.90
C GLY E 546 42.49 53.05 19.35
N ILE E 547 43.63 52.37 19.42
CA ILE E 547 43.65 50.97 19.83
C ILE E 547 43.12 50.79 21.24
N LEU E 548 43.38 51.71 22.16
CA LEU E 548 42.78 51.61 23.49
C LEU E 548 41.26 51.62 23.38
N LEU E 549 40.72 52.60 22.67
CA LEU E 549 39.29 52.72 22.50
C LEU E 549 38.72 51.51 21.81
N GLN E 550 39.40 50.89 20.86
CA GLN E 550 38.90 49.68 20.23
C GLN E 550 38.75 48.54 21.22
N MET E 551 39.64 48.42 22.19
CA MET E 551 39.54 47.35 23.18
C MET E 551 38.50 47.61 24.25
N LEU E 552 38.07 48.85 24.44
CA LEU E 552 36.98 49.17 25.35
C LEU E 552 35.63 49.05 24.66
N GLY E 553 35.48 49.57 23.45
CA GLY E 553 34.26 49.45 22.65
C GLY E 553 33.10 50.31 23.13
N GLY E 554 32.13 50.56 22.27
CA GLY E 554 30.84 51.12 22.65
C GLY E 554 29.90 50.08 23.24
N VAL E 555 28.82 50.55 23.86
CA VAL E 555 27.75 49.70 24.39
C VAL E 555 26.95 49.15 23.21
N HIS E 556 26.84 47.82 23.10
CA HIS E 556 25.92 47.18 22.18
C HIS E 556 24.46 47.41 22.58
N LYS E 557 23.58 47.76 21.62
CA LYS E 557 22.18 48.14 21.89
C LYS E 557 21.22 47.39 20.98
N SER E 558 20.12 46.92 21.53
CA SER E 558 19.03 46.28 20.79
C SER E 558 17.77 47.12 20.94
N THR E 559 17.20 47.48 19.81
CA THR E 559 16.09 48.43 19.76
C THR E 559 14.76 47.72 20.01
N VAL E 560 13.77 48.43 20.53
CA VAL E 560 12.41 47.90 20.75
C VAL E 560 11.72 47.36 19.49
N GLU E 561 12.17 47.74 18.30
CA GLU E 561 11.76 47.16 17.01
C GLU E 561 12.49 45.85 16.62
N GLY E 562 13.29 45.27 17.50
CA GLY E 562 14.16 44.12 17.24
C GLY E 562 15.41 44.39 16.40
N ILE E 563 15.66 45.65 16.01
CA ILE E 563 16.85 46.10 15.26
C ILE E 563 18.04 46.22 16.21
N LYS E 564 19.14 45.56 15.87
CA LYS E 564 20.43 45.59 16.58
C LYS E 564 21.31 46.75 16.12
N LEU E 565 22.06 47.35 17.05
CA LEU E 565 23.00 48.45 16.81
C LEU E 565 24.42 48.04 17.24
N ARG E 566 25.42 48.27 16.39
CA ARG E 566 26.82 47.90 16.61
C ARG E 566 27.44 48.72 17.74
N GLY E 567 28.07 48.05 18.70
CA GLY E 567 28.89 48.65 19.74
C GLY E 567 30.40 48.64 19.44
N ASP E 568 30.87 47.61 18.76
CA ASP E 568 32.27 47.44 18.39
C ASP E 568 32.78 48.49 17.41
N ILE E 569 34.04 48.88 17.56
CA ILE E 569 34.73 49.95 16.80
C ILE E 569 35.68 49.32 15.79
N ASN E 570 35.74 49.82 14.57
CA ASN E 570 36.61 49.32 13.52
C ASN E 570 37.67 50.37 13.14
N ILE E 571 38.94 50.04 13.25
CA ILE E 571 40.08 50.93 13.03
C ILE E 571 40.80 50.50 11.77
N CYS E 572 41.14 51.42 10.89
CA CYS E 572 42.05 51.15 9.76
C CYS E 572 43.35 51.94 9.88
N VAL E 573 44.50 51.27 9.85
CA VAL E 573 45.81 51.92 9.87
C VAL E 573 46.39 51.85 8.47
N VAL E 574 46.80 52.97 7.89
CA VAL E 574 47.34 53.05 6.53
C VAL E 574 48.68 53.78 6.56
N GLY E 575 49.60 53.42 5.66
CA GLY E 575 50.88 54.10 5.58
C GLY E 575 51.86 53.45 4.63
N ASP E 576 53.10 53.90 4.63
CA ASP E 576 54.21 53.31 3.87
C ASP E 576 54.35 51.80 4.17
N PRO E 577 54.84 50.96 3.25
CA PRO E 577 55.02 49.53 3.51
C PRO E 577 56.07 49.24 4.60
N SER E 578 56.88 50.22 4.98
CA SER E 578 57.91 50.16 5.99
C SER E 578 57.48 50.61 7.40
N THR E 579 56.43 51.42 7.55
CA THR E 579 56.22 52.24 8.76
C THR E 579 55.40 51.59 9.88
N SER E 580 55.92 50.51 10.46
CA SER E 580 55.53 49.97 11.79
C SER E 580 54.10 49.45 11.96
N LYS E 581 53.21 49.56 10.97
CA LYS E 581 51.77 49.24 11.11
C LYS E 581 51.50 47.83 11.66
N SER E 582 52.24 46.85 11.17
CA SER E 582 52.08 45.46 11.60
C SER E 582 52.54 45.21 13.03
N GLN E 583 53.40 46.04 13.61
CA GLN E 583 53.76 45.89 15.02
C GLN E 583 52.57 46.16 15.94
N PHE E 584 51.57 46.96 15.53
CA PHE E 584 50.29 47.02 16.24
C PHE E 584 49.53 45.70 16.18
N LEU E 585 49.46 45.08 15.01
CA LEU E 585 48.77 43.79 14.87
C LEU E 585 49.47 42.69 15.68
N LYS E 586 50.80 42.68 15.70
CA LYS E 586 51.56 41.77 16.58
C LYS E 586 51.19 41.98 18.03
N TYR E 587 51.14 43.23 18.48
CA TYR E 587 50.80 43.58 19.85
C TYR E 587 49.38 43.15 20.22
N VAL E 588 48.39 43.56 19.42
CA VAL E 588 46.98 43.34 19.74
C VAL E 588 46.64 41.86 19.84
N VAL E 589 47.10 41.02 18.91
CA VAL E 589 46.89 39.56 18.96
C VAL E 589 47.69 38.90 20.09
N GLY E 590 48.69 39.56 20.64
CA GLY E 590 49.36 39.16 21.88
C GLY E 590 48.60 39.57 23.15
N PHE E 591 47.96 40.74 23.14
CA PHE E 591 47.36 41.35 24.32
C PHE E 591 45.88 40.98 24.53
N ALA E 592 45.05 41.12 23.49
CA ALA E 592 43.61 41.10 23.62
C ALA E 592 43.07 39.65 23.57
N PRO E 593 42.18 39.24 24.49
CA PRO E 593 41.46 37.97 24.40
C PRO E 593 40.70 37.80 23.09
N ARG E 594 40.36 36.56 22.75
CA ARG E 594 39.42 36.20 21.67
C ARG E 594 39.82 36.77 20.29
N SER E 595 41.11 36.84 20.00
CA SER E 595 41.66 37.53 18.82
C SER E 595 42.42 36.62 17.85
N VAL E 596 42.43 36.98 16.57
CA VAL E 596 43.15 36.26 15.50
C VAL E 596 43.90 37.21 14.57
N TYR E 597 44.99 36.71 14.00
CA TYR E 597 45.71 37.35 12.91
C TYR E 597 45.40 36.65 11.59
N THR E 598 45.29 37.42 10.53
CA THR E 598 45.12 36.96 9.15
C THR E 598 45.61 38.06 8.20
N SER E 599 45.66 37.83 6.90
CA SER E 599 46.14 38.85 5.96
C SER E 599 45.63 38.66 4.52
N GLY E 600 45.72 39.72 3.73
CA GLY E 600 45.08 39.92 2.44
C GLY E 600 45.46 38.98 1.31
N LYS E 601 46.74 38.73 1.00
CA LYS E 601 47.11 37.82 -0.11
C LYS E 601 46.76 36.37 0.20
N ALA E 602 46.85 35.97 1.46
CA ALA E 602 46.45 34.65 1.95
C ALA E 602 44.93 34.49 2.08
N SER E 603 44.17 35.57 1.94
CA SER E 603 42.73 35.62 2.20
C SER E 603 41.86 34.89 1.17
N SER E 604 40.62 34.62 1.55
CA SER E 604 39.51 34.30 0.65
C SER E 604 38.18 34.67 1.32
N ALA E 605 37.10 34.85 0.55
CA ALA E 605 35.77 35.15 1.07
C ALA E 605 35.31 34.15 2.13
N ALA E 606 35.51 32.86 1.87
CA ALA E 606 35.15 31.78 2.77
C ALA E 606 36.19 31.54 3.88
N GLY E 607 37.44 31.89 3.67
CA GLY E 607 38.47 31.92 4.72
C GLY E 607 38.19 32.97 5.79
N LEU E 608 37.78 34.16 5.37
CA LEU E 608 37.38 35.24 6.27
C LEU E 608 36.09 34.92 7.04
N THR E 609 35.03 34.52 6.35
CA THR E 609 33.69 34.44 6.93
C THR E 609 33.34 33.02 7.40
N ALA E 610 32.92 32.16 6.48
CA ALA E 610 32.80 30.72 6.66
C ALA E 610 32.84 30.02 5.30
N ALA E 611 33.33 28.79 5.26
CA ALA E 611 33.24 27.91 4.11
C ALA E 611 32.23 26.78 4.34
N VAL E 612 31.84 26.09 3.28
CA VAL E 612 31.03 24.88 3.37
C VAL E 612 31.87 23.65 2.96
N VAL E 613 31.95 22.65 3.84
CA VAL E 613 32.77 21.42 3.72
C VAL E 613 31.86 20.20 3.65
N ARG E 614 32.31 19.17 2.94
CA ARG E 614 31.60 17.94 2.59
C ARG E 614 32.50 16.73 2.77
N ASP E 615 31.92 15.54 2.93
CA ASP E 615 32.56 14.25 2.65
C ASP E 615 33.89 14.04 3.38
N ASP E 620 26.79 14.87 2.98
CA ASP E 620 26.37 15.96 3.84
C ASP E 620 27.37 17.10 3.87
N TYR E 621 26.85 18.32 3.92
CA TYR E 621 27.61 19.57 4.05
C TYR E 621 27.50 20.18 5.46
N THR E 622 28.48 20.97 5.86
CA THR E 622 28.57 21.64 7.17
C THR E 622 29.38 22.94 7.09
N ILE E 623 29.34 23.73 8.16
CA ILE E 623 30.07 25.00 8.30
C ILE E 623 31.50 24.75 8.76
N GLU E 624 32.48 25.38 8.11
CA GLU E 624 33.83 25.58 8.62
C GLU E 624 33.99 27.04 9.05
N ALA E 625 34.26 27.28 10.33
CA ALA E 625 34.38 28.64 10.86
C ALA E 625 35.54 29.44 10.22
N GLY E 626 35.31 30.71 9.90
CA GLY E 626 36.34 31.60 9.35
C GLY E 626 36.95 32.59 10.35
N ALA E 627 37.91 33.38 9.91
CA ALA E 627 38.66 34.30 10.76
C ALA E 627 37.79 35.28 11.57
N LEU E 628 36.67 35.73 11.01
CA LEU E 628 35.75 36.67 11.66
C LEU E 628 34.83 35.98 12.69
N MET E 629 34.57 34.68 12.56
CA MET E 629 33.87 33.91 13.60
C MET E 629 34.80 33.49 14.73
N LEU E 630 36.03 33.09 14.43
CA LEU E 630 36.98 32.65 15.44
C LEU E 630 37.34 33.79 16.41
N ALA E 631 37.22 35.03 15.96
CA ALA E 631 37.34 36.26 16.74
C ALA E 631 36.00 36.87 17.24
N ASP E 632 34.88 36.14 17.28
CA ASP E 632 33.61 36.62 17.84
C ASP E 632 33.76 37.07 19.30
N ASN E 633 33.24 38.25 19.65
CA ASN E 633 33.51 39.01 20.87
C ASN E 633 34.97 39.43 21.10
N GLY E 634 35.78 39.53 20.05
CA GLY E 634 37.16 40.02 20.11
C GLY E 634 37.60 40.70 18.81
N ILE E 635 38.90 40.85 18.61
CA ILE E 635 39.44 41.63 17.50
C ILE E 635 40.00 40.69 16.43
N CYS E 636 39.53 40.83 15.21
CA CYS E 636 40.12 40.25 14.02
C CYS E 636 41.14 41.22 13.41
N CYS E 637 42.42 40.87 13.46
CA CYS E 637 43.48 41.69 12.88
C CYS E 637 43.74 41.22 11.46
N ILE E 638 43.64 42.13 10.50
CA ILE E 638 43.84 41.85 9.08
C ILE E 638 45.01 42.69 8.55
N ASP E 639 46.06 42.02 8.11
CA ASP E 639 47.22 42.64 7.47
C ASP E 639 47.09 42.64 5.94
N GLU E 640 47.97 43.36 5.25
CA GLU E 640 48.01 43.43 3.78
C GLU E 640 46.66 43.86 3.15
N PHE E 641 45.84 44.65 3.83
CA PHE E 641 44.41 44.78 3.50
C PHE E 641 44.15 45.28 2.07
N ASP E 642 44.90 46.27 1.59
CA ASP E 642 44.75 46.80 0.23
C ASP E 642 45.13 45.76 -0.85
N LYS E 643 45.99 44.80 -0.51
CA LYS E 643 46.39 43.69 -1.37
C LYS E 643 45.37 42.53 -1.36
N MET E 644 44.34 42.58 -0.54
CA MET E 644 43.23 41.63 -0.56
C MET E 644 42.38 41.79 -1.83
N ASP E 645 42.09 40.69 -2.53
CA ASP E 645 41.23 40.69 -3.72
C ASP E 645 39.85 41.25 -3.39
N ILE E 646 39.35 42.21 -4.16
CA ILE E 646 38.07 42.88 -3.87
C ILE E 646 36.89 41.90 -3.82
N SER E 647 36.95 40.81 -4.58
CA SER E 647 35.96 39.74 -4.54
C SER E 647 35.93 39.00 -3.19
N ASP E 648 37.04 38.99 -2.46
CA ASP E 648 37.18 38.48 -1.10
C ASP E 648 37.00 39.57 -0.02
N GLN E 649 37.29 40.84 -0.33
CA GLN E 649 37.09 42.00 0.55
C GLN E 649 35.61 42.22 0.85
N VAL E 650 34.73 42.15 -0.16
CA VAL E 650 33.30 42.46 0.01
C VAL E 650 32.58 41.49 0.96
N ALA E 651 33.14 40.30 1.19
CA ALA E 651 32.52 39.28 2.03
C ALA E 651 32.32 39.74 3.49
N ILE E 652 33.07 40.74 3.96
CA ILE E 652 32.97 41.24 5.34
C ILE E 652 31.98 42.39 5.53
N HIS E 653 31.30 42.88 4.50
CA HIS E 653 30.39 44.02 4.64
C HIS E 653 29.20 43.76 5.59
N GLU E 654 28.67 42.54 5.65
CA GLU E 654 27.65 42.17 6.63
C GLU E 654 28.28 41.98 8.02
N ALA E 655 29.40 41.28 8.10
CA ALA E 655 30.06 41.00 9.37
C ALA E 655 30.67 42.23 10.06
N MET E 656 31.00 43.29 9.33
CA MET E 656 31.46 44.55 9.91
C MET E 656 30.35 45.37 10.55
N GLU E 657 29.14 45.35 10.00
CA GLU E 657 28.08 46.26 10.40
C GLU E 657 26.90 45.54 11.05
N GLN E 658 26.37 44.51 10.42
CA GLN E 658 25.26 43.72 10.96
C GLN E 658 25.74 42.67 11.99
N GLN E 659 27.05 42.45 12.08
CA GLN E 659 27.73 41.60 13.06
C GLN E 659 27.23 40.15 13.07
N THR E 660 26.81 39.68 11.90
CA THR E 660 26.40 38.30 11.65
C THR E 660 26.81 37.90 10.23
N ILE E 661 27.11 36.63 9.99
CA ILE E 661 27.38 36.07 8.67
C ILE E 661 26.22 35.14 8.33
N SER E 662 25.49 35.39 7.24
CA SER E 662 24.35 34.56 6.84
C SER E 662 24.55 33.92 5.46
N ILE E 663 24.12 32.67 5.32
CA ILE E 663 24.59 31.71 4.31
C ILE E 663 23.42 30.94 3.72
N ALA E 664 23.49 30.65 2.42
CA ALA E 664 22.61 29.73 1.71
C ALA E 664 23.41 28.95 0.67
N LYS E 665 23.82 27.72 0.96
CA LYS E 665 24.59 26.84 0.05
C LYS E 665 24.15 25.39 0.19
N ALA E 666 24.11 24.62 -0.89
CA ALA E 666 23.65 23.23 -0.96
C ALA E 666 22.43 22.93 -0.06
N GLY E 667 22.60 22.17 1.02
CA GLY E 667 21.57 21.85 2.01
C GLY E 667 21.71 22.56 3.35
N ILE E 668 22.60 23.55 3.45
CA ILE E 668 23.02 24.21 4.70
C ILE E 668 22.82 25.73 4.63
N HIS E 669 21.58 26.21 4.75
CA HIS E 669 21.35 27.61 5.10
C HIS E 669 21.60 27.83 6.58
N ALA E 670 22.08 29.01 6.96
CA ALA E 670 22.54 29.29 8.32
C ALA E 670 22.67 30.79 8.59
N THR E 671 22.71 31.19 9.86
CA THR E 671 23.10 32.54 10.29
C THR E 671 23.97 32.44 11.53
N LEU E 672 25.13 33.09 11.50
CA LEU E 672 26.26 32.89 12.41
C LEU E 672 26.66 34.22 13.07
N ASN E 673 27.11 34.22 14.32
CA ASN E 673 27.60 35.43 14.95
C ASN E 673 28.99 35.83 14.41
N ALA E 674 29.22 37.14 14.34
CA ALA E 674 30.49 37.76 14.00
C ALA E 674 30.58 39.11 14.69
N ARG E 675 30.41 39.13 16.01
CA ARG E 675 30.42 40.33 16.86
C ARG E 675 31.87 40.72 17.12
N THR E 676 32.56 41.11 16.07
CA THR E 676 34.01 41.27 16.05
C THR E 676 34.44 42.69 15.64
N SER E 677 35.37 43.26 16.39
CA SER E 677 36.05 44.48 16.01
C SER E 677 37.09 44.18 14.95
N ILE E 678 37.20 45.00 13.90
CA ILE E 678 38.23 44.81 12.88
C ILE E 678 39.30 45.86 13.04
N LEU E 679 40.55 45.40 13.03
CA LEU E 679 41.72 46.25 12.92
C LEU E 679 42.43 45.87 11.62
N ALA E 680 42.48 46.78 10.65
CA ALA E 680 43.01 46.52 9.33
C ALA E 680 44.27 47.35 9.06
N ALA E 681 45.34 46.73 8.59
CA ALA E 681 46.55 47.41 8.15
C ALA E 681 46.67 47.42 6.63
N ALA E 682 46.98 48.58 6.04
CA ALA E 682 46.99 48.80 4.59
C ALA E 682 48.22 49.54 4.05
N ASN E 683 48.56 49.29 2.79
CA ASN E 683 49.52 50.03 1.98
C ASN E 683 48.77 50.85 0.92
N PRO E 684 49.12 52.11 0.65
CA PRO E 684 48.67 52.84 -0.52
C PRO E 684 48.93 52.10 -1.83
N VAL E 685 48.11 52.34 -2.86
CA VAL E 685 48.37 51.88 -4.22
C VAL E 685 49.54 52.66 -4.81
N GLY E 686 50.72 52.03 -4.79
CA GLY E 686 52.02 52.62 -5.09
C GLY E 686 52.99 52.68 -3.91
N GLY E 687 52.61 52.19 -2.72
CA GLY E 687 53.45 52.16 -1.54
C GLY E 687 53.49 53.47 -0.77
N ARG E 688 53.98 54.54 -1.40
CA ARG E 688 54.08 55.85 -0.77
C ARG E 688 52.70 56.47 -0.56
N TYR E 689 52.38 56.95 0.63
CA TYR E 689 51.17 57.76 0.78
C TYR E 689 51.34 59.06 -0.02
N ASN E 690 50.64 59.19 -1.15
CA ASN E 690 50.68 60.34 -2.03
C ASN E 690 50.01 61.51 -1.30
N ARG E 691 50.82 62.30 -0.60
CA ARG E 691 50.40 63.39 0.27
C ARG E 691 49.59 64.48 -0.45
N LYS E 692 49.67 64.52 -1.79
CA LYS E 692 48.87 65.40 -2.65
C LYS E 692 47.37 65.06 -2.62
N LEU E 693 46.99 63.88 -2.10
CA LEU E 693 45.62 63.34 -2.14
C LEU E 693 45.01 63.15 -0.73
N SER E 694 43.72 63.47 -0.62
CA SER E 694 42.88 63.00 0.49
C SER E 694 42.89 61.46 0.57
N LEU E 695 42.70 60.90 1.77
CA LEU E 695 42.82 59.44 2.01
C LEU E 695 41.99 58.62 1.03
N ARG E 696 40.81 59.13 0.68
CA ARG E 696 39.85 58.53 -0.26
C ARG E 696 40.42 58.18 -1.64
N GLY E 697 41.57 58.77 -2.03
CA GLY E 697 42.28 58.52 -3.29
C GLY E 697 43.59 57.72 -3.19
N ASN E 698 44.17 57.54 -2.01
CA ASN E 698 45.43 56.81 -1.79
C ASN E 698 45.30 55.28 -1.81
N LEU E 699 44.08 54.80 -1.69
CA LEU E 699 43.68 53.49 -1.15
C LEU E 699 42.55 52.90 -2.01
N ASN E 700 42.60 51.61 -2.38
CA ASN E 700 41.69 51.03 -3.39
C ASN E 700 40.26 50.77 -2.92
N MET E 701 39.97 51.11 -1.66
CA MET E 701 38.67 50.98 -1.01
C MET E 701 37.63 51.93 -1.61
N THR E 702 36.37 51.48 -1.61
CA THR E 702 35.21 52.20 -2.10
C THR E 702 34.30 52.61 -0.94
N ALA E 703 33.39 53.56 -1.17
CA ALA E 703 32.53 54.13 -0.13
C ALA E 703 31.81 53.11 0.78
N PRO E 704 31.23 52.00 0.28
CA PRO E 704 30.65 50.95 1.10
C PRO E 704 31.54 50.43 2.23
N ILE E 705 32.84 50.20 2.01
CA ILE E 705 33.74 49.78 3.08
C ILE E 705 34.47 50.95 3.74
N MET E 706 34.78 52.01 3.02
CA MET E 706 35.38 53.23 3.57
C MET E 706 34.51 53.82 4.70
N SER E 707 33.19 53.71 4.57
CA SER E 707 32.22 54.17 5.58
C SER E 707 32.01 53.20 6.74
N ARG E 708 32.49 51.95 6.66
CA ARG E 708 32.34 50.95 7.74
C ARG E 708 33.35 51.14 8.85
N PHE E 709 34.62 51.37 8.52
CA PHE E 709 35.64 51.71 9.51
C PHE E 709 35.25 53.00 10.23
N ASP E 710 35.29 52.97 11.55
CA ASP E 710 34.92 54.10 12.40
C ASP E 710 35.88 55.26 12.21
N LEU E 711 37.18 54.98 12.24
CA LEU E 711 38.22 55.96 12.00
C LEU E 711 39.49 55.33 11.40
N PHE E 712 40.21 56.15 10.65
CA PHE E 712 41.42 55.80 9.91
C PHE E 712 42.59 56.60 10.46
N PHE E 713 43.74 55.97 10.59
CA PHE E 713 44.98 56.65 10.90
C PHE E 713 45.97 56.52 9.75
N VAL E 714 46.43 57.64 9.21
CA VAL E 714 47.63 57.65 8.35
C VAL E 714 48.85 57.73 9.25
N ILE E 715 49.82 56.84 9.07
CA ILE E 715 51.13 56.86 9.74
C ILE E 715 52.25 56.75 8.72
N LEU E 716 53.35 57.46 8.96
CA LEU E 716 54.42 57.71 7.97
C LEU E 716 55.80 57.67 8.64
N ASP E 717 56.84 57.34 7.88
CA ASP E 717 58.24 57.58 8.27
C ASP E 717 58.85 58.69 7.41
N ASP E 718 58.44 59.93 7.65
CA ASP E 718 59.03 61.10 6.99
C ASP E 718 60.45 61.37 7.53
N CYS E 719 61.46 61.13 6.69
CA CYS E 719 62.88 61.09 7.04
C CYS E 719 63.39 62.43 7.59
N ASN E 720 63.63 62.49 8.91
CA ASN E 720 64.20 63.62 9.64
C ASN E 720 65.11 63.12 10.77
N GLU E 721 66.26 63.75 10.94
CA GLU E 721 67.41 63.20 11.66
C GLU E 721 67.18 63.07 13.16
N LYS E 722 66.52 64.04 13.78
CA LYS E 722 66.17 63.97 15.21
C LYS E 722 65.14 62.86 15.50
N ILE E 723 64.20 62.62 14.60
CA ILE E 723 63.25 61.48 14.69
C ILE E 723 63.99 60.15 14.46
N ASP E 724 64.84 60.12 13.44
CA ASP E 724 65.62 58.96 13.04
C ASP E 724 66.53 58.44 14.17
N THR E 725 67.25 59.36 14.82
CA THR E 725 68.10 59.05 15.97
C THR E 725 67.30 58.60 17.19
N GLU E 726 66.10 59.15 17.43
CA GLU E 726 65.21 58.67 18.50
C GLU E 726 64.70 57.25 18.25
N LEU E 727 64.25 56.96 17.03
CA LEU E 727 63.72 55.66 16.64
C LEU E 727 64.80 54.56 16.67
N ALA E 728 65.97 54.85 16.10
CA ALA E 728 67.09 53.92 16.14
C ALA E 728 67.51 53.65 17.58
N SER E 729 67.52 54.68 18.44
CA SER E 729 67.78 54.53 19.88
C SER E 729 66.77 53.59 20.55
N HIS E 730 65.49 53.66 20.20
CA HIS E 730 64.48 52.73 20.74
C HIS E 730 64.71 51.28 20.27
N ILE E 731 64.94 51.06 18.98
CA ILE E 731 65.11 49.71 18.39
C ILE E 731 66.36 48.98 18.92
N VAL E 732 67.45 49.70 19.19
CA VAL E 732 68.63 49.10 19.84
C VAL E 732 68.41 48.85 21.33
N ASP E 733 67.72 49.73 22.05
CA ASP E 733 67.39 49.53 23.48
C ASP E 733 66.37 48.42 23.71
N LEU E 734 65.47 48.21 22.75
CA LEU E 734 64.53 47.09 22.71
C LEU E 734 65.27 45.74 22.76
N HIS E 735 66.49 45.68 22.24
CA HIS E 735 67.39 44.54 22.44
C HIS E 735 68.08 44.63 23.80
N MET E 736 67.31 44.29 24.84
CA MET E 736 67.76 43.93 26.19
C MET E 736 68.50 45.03 26.97
N LYS E 737 68.23 46.31 26.70
CA LYS E 737 68.86 47.42 27.41
C LYS E 737 68.66 47.38 28.92
N PRO E 744 56.68 52.26 29.95
CA PRO E 744 55.29 51.95 30.22
C PRO E 744 54.94 52.20 31.70
N PRO E 745 53.94 53.03 32.03
CA PRO E 745 53.53 53.26 33.40
C PRO E 745 52.71 52.11 34.02
N PHE E 746 52.10 51.23 33.22
CA PHE E 746 51.37 50.05 33.70
C PHE E 746 51.87 48.77 33.03
N SER E 747 51.72 47.63 33.70
CA SER E 747 52.03 46.31 33.15
C SER E 747 50.92 45.81 32.23
N ALA E 748 51.21 44.82 31.38
CA ALA E 748 50.16 44.18 30.57
C ALA E 748 49.11 43.49 31.46
N GLU E 749 49.51 42.88 32.58
CA GLU E 749 48.59 42.27 33.53
C GLU E 749 47.70 43.30 34.23
N GLN E 750 48.24 44.48 34.59
CA GLN E 750 47.44 45.60 35.11
C GLN E 750 46.49 46.16 34.05
N LEU E 751 46.99 46.50 32.87
CA LEU E 751 46.19 47.07 31.80
C LEU E 751 45.06 46.11 31.39
N ARG E 752 45.32 44.80 31.38
CA ARG E 752 44.29 43.79 31.07
C ARG E 752 43.19 43.76 32.12
N ARG E 753 43.54 43.87 33.41
CA ARG E 753 42.55 43.95 34.50
C ARG E 753 41.78 45.26 34.52
N TYR E 754 42.43 46.38 34.20
CA TYR E 754 41.75 47.67 34.07
C TYR E 754 40.72 47.64 32.95
N ILE E 755 41.06 47.05 31.82
CA ILE E 755 40.15 46.94 30.68
C ILE E 755 38.95 46.05 31.02
N LYS E 756 39.17 44.89 31.63
CA LYS E 756 38.06 44.01 32.02
C LYS E 756 37.13 44.69 33.02
N TYR E 757 37.66 45.55 33.88
CA TYR E 757 36.86 46.41 34.75
C TYR E 757 36.07 47.45 33.95
N ALA E 758 36.74 48.24 33.12
CA ALA E 758 36.16 49.32 32.33
C ALA E 758 35.04 48.84 31.40
N ARG E 759 35.19 47.65 30.81
CA ARG E 759 34.21 47.01 29.94
C ARG E 759 32.87 46.74 30.62
N THR E 760 32.82 46.71 31.95
CA THR E 760 31.59 46.48 32.71
C THR E 760 30.73 47.72 32.90
N PHE E 761 31.23 48.92 32.65
CA PHE E 761 30.41 50.13 32.61
C PHE E 761 29.58 50.17 31.32
N LYS E 762 28.41 50.82 31.36
CA LYS E 762 27.54 51.02 30.19
C LYS E 762 27.12 52.49 30.10
N PRO E 763 28.01 53.41 29.67
CA PRO E 763 27.82 54.84 29.80
C PRO E 763 26.52 55.38 29.19
N ILE E 764 25.96 56.42 29.80
CA ILE E 764 24.69 57.05 29.44
C ILE E 764 24.96 58.45 28.86
N LEU E 765 24.29 58.80 27.76
CA LEU E 765 24.43 60.08 27.10
C LEU E 765 23.59 61.15 27.79
N THR E 766 24.22 62.08 28.49
CA THR E 766 23.53 63.15 29.23
C THR E 766 22.87 64.16 28.29
N LYS E 767 21.86 64.91 28.75
CA LYS E 767 21.06 65.80 27.90
C LYS E 767 21.88 66.92 27.23
N GLU E 768 22.90 67.47 27.90
CA GLU E 768 23.83 68.44 27.29
C GLU E 768 24.74 67.79 26.24
N ALA E 769 25.09 66.51 26.40
CA ALA E 769 25.84 65.72 25.43
C ALA E 769 25.00 65.33 24.21
N ARG E 770 23.73 64.94 24.40
CA ARG E 770 22.75 64.63 23.33
C ARG E 770 22.55 65.80 22.39
N SER E 771 22.44 67.01 22.95
CA SER E 771 22.20 68.22 22.17
C SER E 771 23.48 68.76 21.51
N TYR E 772 24.64 68.59 22.14
CA TYR E 772 25.94 68.91 21.55
C TYR E 772 26.32 67.98 20.39
N LEU E 773 26.03 66.69 20.52
CA LEU E 773 26.37 65.68 19.51
C LEU E 773 25.72 65.95 18.15
N VAL E 774 24.47 66.42 18.13
CA VAL E 774 23.75 66.75 16.91
C VAL E 774 24.41 67.90 16.15
N GLU E 775 24.95 68.90 16.84
CA GLU E 775 25.67 70.00 16.17
C GLU E 775 27.06 69.59 15.66
N LYS E 776 27.80 68.75 16.39
CA LYS E 776 29.10 68.27 15.92
C LYS E 776 28.99 67.36 14.71
N TYR E 777 27.96 66.52 14.64
CA TYR E 777 27.69 65.74 13.42
C TYR E 777 27.32 66.64 12.24
N LYS E 778 26.48 67.67 12.44
CA LYS E 778 26.17 68.65 11.39
C LYS E 778 27.43 69.33 10.83
N GLU E 779 28.37 69.73 11.69
CA GLU E 779 29.64 70.31 11.29
C GLU E 779 30.57 69.33 10.54
N LEU E 780 30.61 68.03 10.83
CA LEU E 780 31.28 67.06 9.94
C LEU E 780 30.61 67.00 8.56
N ARG E 781 29.29 66.82 8.58
CA ARG E 781 28.42 66.50 7.45
C ARG E 781 28.31 67.66 6.45
N LYS E 782 28.29 68.91 6.90
CA LYS E 782 28.25 70.11 6.06
C LYS E 782 29.46 70.20 5.13
N ASP E 783 30.63 69.78 5.60
CA ASP E 783 31.91 70.00 4.92
C ASP E 783 32.24 68.92 3.89
N ASP E 784 31.77 67.68 4.08
CA ASP E 784 32.06 66.57 3.15
C ASP E 784 31.29 66.66 1.81
N ALA E 785 30.32 67.57 1.68
CA ALA E 785 29.46 67.69 0.51
C ALA E 785 30.20 68.10 -0.78
N GLN E 786 29.89 67.43 -1.89
CA GLN E 786 30.51 67.61 -3.21
C GLN E 786 29.50 67.51 -4.36
N GLY E 787 29.80 68.20 -5.47
CA GLY E 787 28.99 68.32 -6.68
C GLY E 787 27.69 69.10 -6.49
N PHE E 788 26.99 69.36 -7.59
CA PHE E 788 25.74 70.14 -7.60
C PHE E 788 24.65 69.52 -6.71
N SER E 789 24.62 68.19 -6.61
CA SER E 789 23.69 67.41 -5.77
C SER E 789 23.95 67.49 -4.25
N ARG E 790 25.13 67.98 -3.83
CA ARG E 790 25.61 67.96 -2.44
C ARG E 790 25.73 66.53 -1.85
N SER E 791 26.14 65.56 -2.66
CA SER E 791 26.44 64.21 -2.20
C SER E 791 27.62 64.20 -1.24
N SER E 792 27.59 63.40 -0.17
CA SER E 792 28.78 63.13 0.65
C SER E 792 29.66 62.05 0.00
N TYR E 793 30.74 61.67 0.68
CA TYR E 793 31.51 60.45 0.36
C TYR E 793 31.99 59.70 1.61
N ARG E 794 32.54 60.41 2.60
CA ARG E 794 32.98 59.83 3.88
C ARG E 794 31.90 59.89 4.95
N ILE E 795 31.20 61.00 5.11
CA ILE E 795 30.23 61.14 6.21
C ILE E 795 28.88 60.56 5.83
N THR E 796 28.52 59.50 6.53
CA THR E 796 27.18 58.87 6.57
C THR E 796 26.72 58.85 8.03
N VAL E 797 25.50 58.41 8.33
CA VAL E 797 25.10 58.25 9.74
C VAL E 797 25.87 57.16 10.47
N ARG E 798 26.67 56.32 9.80
CA ARG E 798 27.61 55.44 10.50
C ARG E 798 28.67 56.24 11.26
N GLN E 799 29.02 57.44 10.82
CA GLN E 799 29.95 58.33 11.52
C GLN E 799 29.28 59.04 12.70
N LEU E 800 27.96 59.28 12.69
CA LEU E 800 27.22 59.72 13.88
C LEU E 800 27.19 58.64 14.96
N GLU E 801 26.87 57.42 14.58
CA GLU E 801 26.94 56.27 15.48
C GLU E 801 28.37 55.97 15.91
N SER E 802 29.37 56.30 15.11
CA SER E 802 30.78 56.26 15.50
C SER E 802 31.12 57.27 16.60
N MET E 803 30.57 58.49 16.59
CA MET E 803 30.76 59.42 17.70
C MET E 803 30.13 58.92 19.00
N ILE E 804 29.04 58.18 18.89
CA ILE E 804 28.40 57.54 20.03
C ILE E 804 29.29 56.42 20.57
N ARG E 805 29.72 55.47 19.73
CA ARG E 805 30.66 54.41 20.12
C ARG E 805 31.97 54.93 20.69
N LEU E 806 32.60 55.93 20.09
CA LEU E 806 33.85 56.49 20.59
C LEU E 806 33.67 57.25 21.90
N SER E 807 32.62 58.07 22.06
CA SER E 807 32.38 58.79 23.31
C SER E 807 32.00 57.84 24.45
N GLU E 808 31.38 56.69 24.18
CA GLU E 808 31.19 55.61 25.15
C GLU E 808 32.52 54.95 25.57
N ALA E 809 33.42 54.66 24.63
CA ALA E 809 34.70 54.07 24.98
C ALA E 809 35.62 55.06 25.72
N ILE E 810 35.61 56.33 25.33
CA ILE E 810 36.29 57.43 26.03
C ILE E 810 35.79 57.53 27.48
N ALA E 811 34.49 57.40 27.71
CA ALA E 811 33.91 57.33 29.03
C ALA E 811 34.30 56.05 29.79
N ARG E 812 34.38 54.88 29.13
CA ARG E 812 34.80 53.63 29.76
C ARG E 812 36.23 53.72 30.30
N ALA E 813 37.16 54.34 29.57
CA ALA E 813 38.53 54.50 30.02
C ALA E 813 38.68 55.41 31.25
N ASN E 814 37.82 56.42 31.37
CA ASN E 814 37.72 57.26 32.56
C ASN E 814 36.94 56.60 33.72
N CYS E 815 36.37 55.40 33.51
CA CYS E 815 35.49 54.69 34.43
C CYS E 815 34.32 55.54 34.95
N VAL E 816 33.67 56.30 34.07
CA VAL E 816 32.48 57.11 34.40
C VAL E 816 31.24 56.63 33.64
N ASP E 817 30.12 56.58 34.36
CA ASP E 817 28.85 56.04 33.87
C ASP E 817 28.04 57.03 33.01
N GLU E 818 28.52 58.28 32.84
CA GLU E 818 27.78 59.38 32.18
C GLU E 818 28.69 60.19 31.23
N ILE E 819 28.22 60.50 30.03
CA ILE E 819 29.02 61.14 28.98
C ILE E 819 28.87 62.66 29.04
N THR E 820 29.99 63.35 29.24
CA THR E 820 30.15 64.81 29.18
C THR E 820 30.33 65.25 27.72
N PRO E 821 29.97 66.47 27.29
CA PRO E 821 30.24 66.90 25.92
C PRO E 821 31.74 66.98 25.56
N SER E 822 32.63 67.14 26.54
CA SER E 822 34.07 67.07 26.28
C SER E 822 34.52 65.71 25.72
N PHE E 823 33.85 64.60 26.08
CA PHE E 823 34.12 63.30 25.47
C PHE E 823 33.63 63.20 24.02
N ILE E 824 32.61 63.97 23.64
CA ILE E 824 32.20 64.08 22.24
C ILE E 824 33.18 64.94 21.46
N ALA E 825 33.76 65.98 22.07
CA ALA E 825 34.80 66.77 21.44
C ALA E 825 36.05 65.92 21.15
N GLU E 826 36.44 65.07 22.09
CA GLU E 826 37.54 64.12 21.90
C GLU E 826 37.25 63.09 20.81
N ALA E 827 36.02 62.60 20.70
CA ALA E 827 35.57 61.76 19.59
C ALA E 827 35.58 62.52 18.24
N TYR E 828 35.10 63.75 18.19
CA TYR E 828 35.04 64.58 16.99
C TYR E 828 36.43 64.89 16.45
N ASP E 829 37.42 65.16 17.29
CA ASP E 829 38.78 65.34 16.82
C ASP E 829 39.40 64.03 16.31
N LEU E 830 39.08 62.88 16.94
CA LEU E 830 39.44 61.57 16.40
C LEU E 830 38.77 61.23 15.06
N LEU E 831 37.63 61.84 14.72
CA LEU E 831 37.06 61.77 13.37
C LEU E 831 37.67 62.80 12.40
N ARG E 832 37.88 64.05 12.80
CA ARG E 832 38.58 65.02 11.95
C ARG E 832 39.97 64.54 11.55
N GLN E 833 40.70 63.93 12.47
CA GLN E 833 42.04 63.37 12.23
C GLN E 833 42.09 62.30 11.12
N SER E 834 40.94 61.76 10.68
CA SER E 834 40.83 60.89 9.51
C SER E 834 40.40 61.59 8.21
N ILE E 835 39.62 62.67 8.31
CA ILE E 835 38.92 63.31 7.18
C ILE E 835 39.78 64.36 6.47
N ILE E 836 40.45 65.24 7.20
CA ILE E 836 40.79 66.60 6.73
C ILE E 836 41.85 66.73 5.61
N ARG E 837 42.64 65.69 5.36
CA ARG E 837 43.81 65.75 4.46
C ARG E 837 43.42 66.23 3.06
N VAL E 838 44.07 67.30 2.59
CA VAL E 838 43.72 68.03 1.36
C VAL E 838 44.41 67.44 0.13
N ALA F 4 22.78 -42.19 -3.27
CA ALA F 4 23.61 -42.00 -2.06
C ALA F 4 25.08 -42.39 -2.28
N LEU F 5 25.41 -43.69 -2.41
CA LEU F 5 26.76 -44.22 -2.72
C LEU F 5 26.70 -45.54 -3.55
N PRO F 6 26.32 -45.50 -4.83
CA PRO F 6 26.49 -46.61 -5.77
C PRO F 6 27.96 -46.87 -6.12
N SER F 7 28.26 -47.90 -6.90
CA SER F 7 29.62 -48.24 -7.33
C SER F 7 29.68 -48.82 -8.73
N ILE F 8 30.83 -48.70 -9.40
CA ILE F 8 30.97 -48.89 -10.85
C ILE F 8 32.27 -49.57 -11.25
N GLN F 9 32.25 -50.20 -12.42
CA GLN F 9 33.35 -50.97 -12.98
C GLN F 9 34.24 -50.12 -13.90
N LEU F 10 35.22 -49.40 -13.33
CA LEU F 10 36.18 -48.69 -14.17
C LEU F 10 37.33 -49.61 -14.65
N PRO F 11 37.83 -49.44 -15.89
CA PRO F 11 38.88 -50.23 -16.53
C PRO F 11 40.30 -49.93 -15.98
N VAL F 12 40.40 -49.72 -14.67
CA VAL F 12 41.64 -49.42 -13.93
C VAL F 12 41.70 -50.30 -12.68
N ASP F 13 42.91 -50.72 -12.33
CA ASP F 13 43.20 -51.48 -11.13
C ASP F 13 44.50 -50.97 -10.54
N TYR F 14 44.39 -50.19 -9.49
CA TYR F 14 45.54 -49.60 -8.85
C TYR F 14 46.47 -50.62 -8.22
N ASN F 15 46.05 -51.86 -8.00
CA ASN F 15 46.98 -52.92 -7.58
C ASN F 15 47.89 -53.35 -8.73
N ASN F 16 47.39 -53.43 -9.97
CA ASN F 16 48.24 -53.62 -11.12
C ASN F 16 49.18 -52.44 -11.26
N LEU F 17 48.65 -51.23 -11.30
CA LEU F 17 49.46 -50.07 -11.61
C LEU F 17 50.46 -49.74 -10.52
N PHE F 18 50.19 -50.07 -9.25
CA PHE F 18 51.20 -49.96 -8.21
C PHE F 18 52.35 -50.92 -8.45
N ASN F 19 52.07 -52.16 -8.88
CA ASN F 19 53.07 -53.13 -9.30
C ASN F 19 53.82 -52.69 -10.55
N GLU F 20 53.19 -52.08 -11.54
CA GLU F 20 53.89 -51.54 -12.69
C GLU F 20 54.83 -50.40 -12.28
N ILE F 21 54.41 -49.52 -11.37
CA ILE F 21 55.21 -48.38 -10.93
C ILE F 21 56.43 -48.83 -10.15
N THR F 22 56.28 -49.73 -9.19
CA THR F 22 57.44 -50.23 -8.46
C THR F 22 58.34 -51.04 -9.38
N ASP F 23 57.78 -51.81 -10.30
CA ASP F 23 58.55 -52.52 -11.30
C ASP F 23 59.31 -51.56 -12.23
N PHE F 24 58.74 -50.41 -12.56
CA PHE F 24 59.41 -49.36 -13.29
C PHE F 24 60.55 -48.75 -12.48
N LEU F 25 60.30 -48.33 -11.25
CA LEU F 25 61.32 -47.61 -10.51
C LEU F 25 62.57 -48.44 -10.34
N VAL F 26 62.46 -49.69 -9.92
CA VAL F 26 63.65 -50.51 -9.67
C VAL F 26 64.36 -50.91 -10.94
N THR F 27 63.64 -51.08 -12.04
CA THR F 27 64.21 -51.64 -13.26
C THR F 27 64.86 -50.61 -14.17
N PHE F 28 64.26 -49.42 -14.28
CA PHE F 28 64.51 -48.53 -15.42
C PHE F 28 65.89 -47.87 -15.43
N LYS F 29 66.60 -47.98 -16.56
CA LYS F 29 67.84 -47.27 -16.87
C LYS F 29 67.76 -46.70 -18.29
N GLN F 30 68.14 -45.44 -18.48
CA GLN F 30 68.24 -44.86 -19.83
C GLN F 30 69.59 -45.21 -20.46
N ASP F 31 69.94 -46.49 -20.43
CA ASP F 31 71.20 -47.00 -20.99
C ASP F 31 71.35 -46.76 -22.49
N THR F 32 70.23 -46.52 -23.18
CA THR F 32 70.17 -46.07 -24.58
C THR F 32 70.87 -44.71 -24.83
N LEU F 33 71.23 -43.96 -23.78
CA LEU F 33 72.07 -42.78 -23.87
C LEU F 33 73.53 -43.11 -24.27
N SER F 34 73.96 -44.36 -24.17
CA SER F 34 75.27 -44.84 -24.61
C SER F 34 75.50 -44.64 -26.11
N GLY F 60 73.80 -47.81 -12.97
CA GLY F 60 72.66 -48.54 -12.48
C GLY F 60 71.32 -47.86 -12.76
N PRO F 61 70.19 -48.45 -12.36
CA PRO F 61 68.85 -47.93 -12.59
C PRO F 61 68.66 -46.49 -12.15
N LYS F 62 68.12 -45.67 -13.04
CA LYS F 62 68.10 -44.20 -12.94
C LYS F 62 67.50 -43.72 -11.64
N TYR F 63 66.32 -44.22 -11.30
CA TYR F 63 65.62 -43.76 -10.12
C TYR F 63 66.19 -44.36 -8.83
N MET F 64 66.85 -45.50 -8.89
CA MET F 64 67.56 -45.95 -7.71
C MET F 64 68.71 -45.03 -7.40
N ALA F 65 69.53 -44.71 -8.39
CA ALA F 65 70.63 -43.78 -8.23
C ALA F 65 70.15 -42.41 -7.73
N MET F 66 69.02 -41.93 -8.26
CA MET F 66 68.39 -40.71 -7.77
C MET F 66 68.00 -40.82 -6.29
N LEU F 67 67.36 -41.91 -5.92
CA LEU F 67 66.97 -42.11 -4.55
C LEU F 67 68.16 -42.21 -3.61
N GLN F 68 69.31 -42.71 -4.04
CA GLN F 68 70.52 -42.62 -3.24
C GLN F 68 70.89 -41.18 -2.91
N LYS F 69 70.74 -40.23 -3.84
CA LYS F 69 70.97 -38.81 -3.56
C LYS F 69 69.96 -38.29 -2.54
N VAL F 70 68.72 -38.76 -2.60
CA VAL F 70 67.71 -38.42 -1.61
C VAL F 70 68.04 -38.98 -0.23
N ALA F 71 68.44 -40.25 -0.13
CA ALA F 71 68.78 -40.89 1.13
C ALA F 71 70.04 -40.28 1.78
N ASN F 72 71.02 -39.87 0.99
CA ASN F 72 72.17 -39.10 1.44
C ASN F 72 71.84 -37.62 1.69
N ARG F 73 70.59 -37.17 1.56
CA ARG F 73 70.16 -35.77 1.66
C ARG F 73 70.83 -34.82 0.67
N GLU F 74 71.50 -35.30 -0.38
CA GLU F 74 72.00 -34.43 -1.43
C GLU F 74 70.91 -33.96 -2.42
N LEU F 75 69.65 -34.39 -2.29
CA LEU F 75 68.55 -34.07 -3.21
C LEU F 75 67.18 -34.00 -2.49
N ASN F 76 66.29 -33.11 -2.94
CA ASN F 76 65.06 -32.79 -2.23
C ASN F 76 63.79 -32.87 -3.10
N SER F 77 63.92 -33.25 -4.37
CA SER F 77 62.77 -33.54 -5.22
C SER F 77 63.07 -34.57 -6.29
N VAL F 78 62.07 -35.37 -6.62
CA VAL F 78 62.13 -36.45 -7.58
C VAL F 78 61.31 -36.05 -8.78
N ILE F 79 61.92 -35.92 -9.95
CA ILE F 79 61.21 -35.59 -11.19
C ILE F 79 61.01 -36.88 -11.98
N ILE F 80 59.78 -37.24 -12.29
CA ILE F 80 59.44 -38.43 -13.05
C ILE F 80 59.13 -38.01 -14.48
N ASP F 81 59.97 -38.37 -15.45
CA ASP F 81 59.76 -37.98 -16.82
C ASP F 81 58.74 -38.91 -17.48
N LEU F 82 57.56 -38.43 -17.87
CA LEU F 82 56.55 -39.32 -18.45
C LEU F 82 57.03 -40.00 -19.74
N ASP F 83 57.92 -39.33 -20.45
CA ASP F 83 58.59 -39.82 -21.65
C ASP F 83 59.44 -41.07 -21.41
N ASP F 84 59.82 -41.31 -20.15
CA ASP F 84 60.51 -42.54 -19.74
C ASP F 84 59.55 -43.71 -19.69
N ILE F 85 58.37 -43.49 -19.12
CA ILE F 85 57.36 -44.53 -18.96
C ILE F 85 56.90 -45.06 -20.31
N LEU F 86 56.91 -44.23 -21.37
CA LEU F 86 56.76 -44.73 -22.73
C LEU F 86 57.84 -45.75 -23.07
N GLN F 87 59.11 -45.43 -22.82
CA GLN F 87 60.19 -46.36 -23.10
C GLN F 87 60.08 -47.63 -22.25
N TYR F 88 59.57 -47.52 -21.03
CA TYR F 88 59.27 -48.69 -20.22
C TYR F 88 58.22 -49.56 -20.89
N GLN F 89 57.07 -48.98 -21.24
CA GLN F 89 55.97 -49.70 -21.89
C GLN F 89 56.37 -50.24 -23.26
N ASN F 90 57.19 -49.53 -24.02
CA ASN F 90 57.70 -49.97 -25.32
C ASN F 90 58.59 -51.19 -25.16
N GLU F 91 59.56 -51.15 -24.23
CA GLU F 91 60.37 -52.31 -23.93
C GLU F 91 59.53 -53.49 -23.46
N LYS F 92 58.53 -53.28 -22.61
CA LYS F 92 57.65 -54.36 -22.13
C LYS F 92 56.75 -54.93 -23.22
N PHE F 93 56.20 -54.09 -24.09
CA PHE F 93 55.46 -54.55 -25.28
C PHE F 93 56.35 -55.32 -26.25
N LEU F 94 57.61 -54.90 -26.44
CA LEU F 94 58.60 -55.61 -27.26
C LEU F 94 58.99 -56.96 -26.65
N GLN F 95 59.10 -57.05 -25.33
CA GLN F 95 59.15 -58.32 -24.58
C GLN F 95 57.83 -59.09 -24.57
N GLY F 96 56.78 -58.59 -25.22
CA GLY F 96 55.48 -59.23 -25.34
C GLY F 96 54.63 -59.27 -24.07
N THR F 97 55.01 -58.54 -23.02
CA THR F 97 54.24 -58.43 -21.78
C THR F 97 53.54 -57.07 -21.71
N GLN F 98 52.21 -57.09 -21.63
CA GLN F 98 51.38 -55.91 -21.82
C GLN F 98 51.30 -55.03 -20.58
N ALA F 99 52.23 -54.09 -20.45
CA ALA F 99 52.20 -53.06 -19.41
C ALA F 99 50.90 -52.24 -19.49
N ASP F 100 50.32 -51.88 -18.35
CA ASP F 100 48.89 -51.57 -18.25
C ASP F 100 48.52 -50.11 -18.58
N ASP F 101 49.09 -49.57 -19.66
CA ASP F 101 48.81 -48.26 -20.26
C ASP F 101 49.11 -47.07 -19.34
N LEU F 102 50.09 -47.19 -18.45
CA LEU F 102 50.28 -46.32 -17.29
C LEU F 102 50.31 -44.82 -17.61
N VAL F 103 50.93 -44.38 -18.71
CA VAL F 103 50.91 -42.97 -19.10
C VAL F 103 49.49 -42.47 -19.34
N SER F 104 48.66 -43.24 -20.00
CA SER F 104 47.26 -42.88 -20.19
C SER F 104 46.46 -42.88 -18.90
N ALA F 105 46.93 -43.51 -17.82
CA ALA F 105 46.33 -43.32 -16.50
C ALA F 105 46.80 -42.02 -15.89
N ILE F 106 48.11 -41.77 -15.87
CA ILE F 106 48.67 -40.63 -15.15
C ILE F 106 48.59 -39.30 -15.91
N GLN F 107 48.29 -39.27 -17.20
CA GLN F 107 47.79 -38.04 -17.83
C GLN F 107 46.34 -37.78 -17.46
N GLN F 108 45.52 -38.83 -17.35
CA GLN F 108 44.07 -38.74 -17.24
C GLN F 108 43.56 -38.47 -15.83
N ASN F 109 44.35 -38.80 -14.82
CA ASN F 109 44.05 -38.58 -13.41
C ASN F 109 45.39 -38.49 -12.67
N ALA F 110 46.11 -37.37 -12.73
CA ALA F 110 47.46 -37.32 -12.20
C ALA F 110 47.51 -37.29 -10.67
N ASN F 111 46.47 -36.75 -10.03
CA ASN F 111 46.52 -36.42 -8.62
C ASN F 111 46.75 -37.65 -7.76
N HIS F 112 45.98 -38.71 -7.96
CA HIS F 112 46.09 -39.95 -7.19
C HIS F 112 47.46 -40.62 -7.34
N PHE F 113 48.08 -40.49 -8.49
CA PHE F 113 49.38 -41.09 -8.72
C PHE F 113 50.52 -40.41 -7.97
N THR F 114 50.36 -39.18 -7.49
CA THR F 114 51.35 -38.64 -6.55
C THR F 114 51.43 -39.46 -5.26
N GLU F 115 50.33 -40.05 -4.82
CA GLU F 115 50.29 -40.93 -3.66
C GLU F 115 50.93 -42.26 -3.99
N LEU F 116 50.57 -42.90 -5.11
CA LEU F 116 51.14 -44.18 -5.51
C LEU F 116 52.65 -44.11 -5.74
N PHE F 117 53.18 -43.09 -6.40
CA PHE F 117 54.62 -43.01 -6.59
C PHE F 117 55.33 -42.78 -5.27
N CYS F 118 54.79 -42.01 -4.32
CA CYS F 118 55.40 -41.89 -3.01
C CYS F 118 55.38 -43.22 -2.25
N ARG F 119 54.31 -44.00 -2.32
CA ARG F 119 54.34 -45.32 -1.72
C ARG F 119 55.35 -46.23 -2.40
N ALA F 120 55.44 -46.18 -3.72
CA ALA F 120 56.37 -47.04 -4.41
C ALA F 120 57.80 -46.64 -4.14
N ILE F 121 58.10 -45.36 -3.99
CA ILE F 121 59.43 -44.90 -3.63
C ILE F 121 59.80 -45.32 -2.22
N ASP F 122 58.96 -45.05 -1.23
CA ASP F 122 59.27 -45.38 0.15
C ASP F 122 59.53 -46.85 0.33
N ASN F 123 58.80 -47.73 -0.34
CA ASN F 123 59.01 -49.17 -0.28
C ASN F 123 60.35 -49.60 -0.85
N ASN F 124 61.04 -48.75 -1.59
CA ASN F 124 62.21 -49.13 -2.35
C ASN F 124 63.44 -48.29 -2.03
N MET F 125 63.29 -47.23 -1.26
CA MET F 125 64.38 -46.31 -1.02
C MET F 125 65.52 -47.01 -0.30
N PRO F 126 66.77 -46.88 -0.76
CA PRO F 126 67.92 -47.53 -0.16
C PRO F 126 68.33 -46.85 1.15
N LEU F 127 68.95 -47.59 2.07
CA LEU F 127 69.59 -47.04 3.26
C LEU F 127 70.69 -46.04 2.83
N PRO F 128 70.89 -44.93 3.57
CA PRO F 128 71.95 -43.98 3.32
C PRO F 128 73.33 -44.63 3.26
N THR F 129 74.25 -44.02 2.52
CA THR F 129 75.65 -44.49 2.36
C THR F 129 76.67 -43.44 2.81
N LYS F 130 76.36 -42.15 2.69
CA LYS F 130 77.06 -41.05 3.37
C LYS F 130 76.49 -40.86 4.78
N GLU F 131 77.29 -40.38 5.73
CA GLU F 131 76.78 -39.95 7.04
C GLU F 131 75.88 -38.71 6.93
N ILE F 132 74.72 -38.70 7.61
CA ILE F 132 73.78 -37.56 7.61
C ILE F 132 74.10 -36.51 8.70
N ASP F 133 74.79 -36.88 9.78
CA ASP F 133 74.75 -36.15 11.05
C ASP F 133 73.34 -36.13 11.66
N TYR F 134 72.80 -37.34 11.81
CA TYR F 134 71.40 -37.67 12.07
C TYR F 134 70.75 -36.85 13.20
N LYS F 135 71.41 -36.81 14.36
CA LYS F 135 70.90 -36.18 15.57
C LYS F 135 70.78 -34.65 15.53
N ASP F 136 71.22 -34.00 14.43
CA ASP F 136 70.89 -32.59 14.20
C ASP F 136 69.39 -32.40 13.86
N ASP F 137 68.72 -33.42 13.32
CA ASP F 137 67.29 -33.37 12.99
C ASP F 137 66.42 -33.69 14.21
N VAL F 138 65.26 -33.06 14.32
CA VAL F 138 64.31 -33.30 15.44
C VAL F 138 63.58 -34.63 15.28
N LEU F 139 63.05 -34.92 14.11
CA LEU F 139 62.21 -36.10 13.92
C LEU F 139 62.96 -37.42 14.15
N ASP F 140 64.26 -37.47 13.86
CA ASP F 140 65.09 -38.61 14.23
C ASP F 140 65.06 -38.90 15.74
N VAL F 141 64.94 -37.89 16.59
CA VAL F 141 64.88 -38.06 18.03
C VAL F 141 63.47 -38.41 18.44
N ILE F 142 62.49 -37.65 17.98
CA ILE F 142 61.10 -37.83 18.39
C ILE F 142 60.61 -39.23 18.04
N LEU F 143 60.82 -39.65 16.80
CA LEU F 143 60.41 -40.97 16.35
C LEU F 143 61.22 -42.10 17.00
N ASN F 144 62.47 -41.86 17.37
CA ASN F 144 63.21 -42.84 18.13
C ASN F 144 62.66 -42.98 19.54
N GLN F 145 62.38 -41.89 20.22
CA GLN F 145 61.78 -41.96 21.55
C GLN F 145 60.42 -42.62 21.53
N ARG F 146 59.65 -42.38 20.49
CA ARG F 146 58.37 -43.04 20.21
C ARG F 146 58.56 -44.53 19.95
N ARG F 147 59.60 -44.95 19.20
CA ARG F 147 59.96 -46.37 18.99
C ARG F 147 60.24 -47.05 20.32
N LEU F 148 61.18 -46.49 21.10
CA LEU F 148 61.60 -47.09 22.35
C LEU F 148 60.47 -47.16 23.36
N ARG F 149 59.62 -46.12 23.46
CA ARG F 149 58.45 -46.14 24.33
C ARG F 149 57.50 -47.28 23.98
N ASN F 150 57.33 -47.57 22.69
CA ASN F 150 56.49 -48.69 22.26
C ASN F 150 57.09 -50.05 22.62
N GLU F 151 58.41 -50.23 22.54
CA GLU F 151 59.08 -51.45 22.98
C GLU F 151 58.98 -51.63 24.50
N ARG F 152 59.34 -50.60 25.27
CA ARG F 152 59.30 -50.65 26.73
C ARG F 152 57.87 -50.79 27.26
N MET F 153 56.86 -50.25 26.57
CA MET F 153 55.45 -50.57 26.87
C MET F 153 55.15 -52.03 26.51
N LEU F 154 55.34 -52.41 25.25
CA LEU F 154 54.88 -53.68 24.70
C LEU F 154 55.63 -54.93 25.19
N SER F 155 56.75 -54.75 25.90
CA SER F 155 57.39 -55.81 26.68
C SER F 155 56.38 -56.50 27.63
N ASP F 156 55.61 -55.71 28.38
CA ASP F 156 54.35 -56.13 29.03
C ASP F 156 54.40 -57.52 29.73
N ARG F 157 55.37 -57.74 30.63
CA ARG F 157 55.62 -59.04 31.28
C ARG F 157 54.42 -59.55 32.08
N GLU F 190 49.41 -47.51 10.06
CA GLU F 190 50.81 -47.20 10.30
C GLU F 190 51.12 -46.93 11.78
N LEU F 191 52.41 -46.85 12.12
CA LEU F 191 52.87 -46.36 13.42
C LEU F 191 52.56 -44.86 13.63
N PHE F 192 52.67 -44.11 12.54
CA PHE F 192 52.44 -42.66 12.37
C PHE F 192 52.28 -42.36 10.85
N PRO F 193 51.77 -41.20 10.41
CA PRO F 193 51.51 -40.97 8.99
C PRO F 193 52.78 -40.84 8.15
N PRO F 194 52.94 -41.54 7.01
CA PRO F 194 54.22 -41.59 6.31
C PRO F 194 54.60 -40.25 5.68
N ASN F 195 53.63 -39.38 5.39
CA ASN F 195 53.91 -38.04 4.88
C ASN F 195 54.84 -37.24 5.79
N LEU F 196 54.82 -37.49 7.10
CA LEU F 196 55.69 -36.86 8.08
C LEU F 196 57.19 -37.07 7.78
N THR F 197 57.56 -38.21 7.22
CA THR F 197 58.95 -38.60 7.01
C THR F 197 59.42 -38.48 5.56
N ARG F 198 58.56 -38.12 4.62
CA ARG F 198 58.94 -37.87 3.22
C ARG F 198 59.75 -36.58 3.11
N ARG F 199 61.06 -36.69 3.01
CA ARG F 199 62.00 -35.55 2.88
C ARG F 199 62.12 -34.98 1.47
N TYR F 200 61.27 -35.43 0.55
CA TYR F 200 61.33 -35.14 -0.87
C TYR F 200 59.96 -34.77 -1.43
N PHE F 201 59.94 -34.00 -2.50
CA PHE F 201 58.74 -33.66 -3.26
C PHE F 201 58.72 -34.35 -4.61
N LEU F 202 57.62 -35.00 -4.96
CA LEU F 202 57.45 -35.67 -6.24
C LEU F 202 56.86 -34.73 -7.27
N TYR F 203 57.37 -34.73 -8.50
CA TYR F 203 56.77 -34.02 -9.62
C TYR F 203 56.82 -34.82 -10.91
N PHE F 204 55.78 -34.77 -11.72
CA PHE F 204 55.80 -35.34 -13.05
C PHE F 204 56.27 -34.31 -14.07
N LYS F 205 57.09 -34.69 -15.05
CA LYS F 205 57.44 -33.88 -16.21
C LYS F 205 56.76 -34.46 -17.45
N PRO F 206 56.04 -33.69 -18.25
CA PRO F 206 55.10 -34.22 -19.22
C PRO F 206 55.79 -34.79 -20.46
N LEU F 207 55.01 -35.31 -21.40
CA LEU F 207 55.52 -35.77 -22.67
C LEU F 207 56.04 -34.61 -23.52
N SER F 208 57.25 -34.72 -24.04
CA SER F 208 57.62 -33.95 -25.24
C SER F 208 56.91 -34.52 -26.47
N GLN F 209 56.70 -33.75 -27.53
CA GLN F 209 56.10 -34.26 -28.76
C GLN F 209 57.01 -35.32 -29.42
N ASN F 210 56.56 -36.58 -29.44
CA ASN F 210 57.21 -37.70 -30.12
C ASN F 210 56.23 -38.85 -30.41
N ALA F 219 48.78 -38.05 -25.26
CA ALA F 219 49.61 -36.97 -25.78
C ALA F 219 49.17 -35.57 -25.29
N ILE F 220 48.02 -35.45 -24.62
CA ILE F 220 47.40 -34.16 -24.26
C ILE F 220 48.27 -33.23 -23.39
N SER F 221 49.18 -33.76 -22.58
CA SER F 221 50.14 -32.94 -21.83
C SER F 221 51.20 -32.26 -22.70
N SER F 222 51.34 -32.66 -23.96
CA SER F 222 52.27 -32.05 -24.92
C SER F 222 51.74 -30.70 -25.45
N LYS F 223 50.48 -30.64 -25.85
CA LYS F 223 49.85 -29.48 -26.48
C LYS F 223 49.58 -28.36 -25.47
N PRO F 224 50.33 -27.24 -25.47
CA PRO F 224 50.12 -26.15 -24.52
C PRO F 224 48.78 -25.46 -24.78
N LEU F 225 48.04 -25.17 -23.71
CA LEU F 225 46.72 -24.55 -23.77
C LEU F 225 46.77 -23.08 -23.42
N SER F 226 45.97 -22.26 -24.11
CA SER F 226 45.59 -20.95 -23.60
C SER F 226 44.64 -21.12 -22.42
N VAL F 227 44.56 -20.14 -21.54
CA VAL F 227 43.78 -20.29 -20.30
C VAL F 227 42.29 -20.57 -20.52
N ARG F 228 41.69 -20.01 -21.58
CA ARG F 228 40.31 -20.29 -21.98
C ARG F 228 40.06 -21.67 -22.63
N GLN F 229 41.09 -22.34 -23.12
CA GLN F 229 40.96 -23.71 -23.65
C GLN F 229 40.81 -24.74 -22.53
N ILE F 230 41.12 -24.37 -21.28
CA ILE F 230 41.03 -25.24 -20.11
C ILE F 230 39.59 -25.31 -19.60
N LYS F 231 38.78 -26.11 -20.28
CA LYS F 231 37.39 -26.40 -19.91
C LYS F 231 37.30 -27.23 -18.63
N GLY F 232 36.13 -27.29 -18.01
CA GLY F 232 35.87 -28.11 -16.82
C GLY F 232 36.10 -29.60 -17.03
N ASP F 233 35.96 -30.10 -18.26
CA ASP F 233 36.30 -31.47 -18.63
C ASP F 233 37.76 -31.84 -18.37
N PHE F 234 38.67 -30.89 -18.18
CA PHE F 234 40.07 -31.17 -17.90
C PHE F 234 40.40 -31.41 -16.42
N LEU F 235 39.47 -31.23 -15.48
CA LEU F 235 39.78 -31.33 -14.07
C LEU F 235 40.29 -32.72 -13.71
N GLY F 236 41.37 -32.78 -12.94
CA GLY F 236 42.12 -33.97 -12.55
C GLY F 236 43.27 -34.34 -13.47
N GLN F 237 43.29 -33.83 -14.70
CA GLN F 237 44.27 -34.21 -15.70
C GLN F 237 45.57 -33.42 -15.57
N LEU F 238 46.66 -34.00 -16.06
CA LEU F 238 47.92 -33.28 -16.22
C LEU F 238 47.86 -32.46 -17.50
N ILE F 239 48.01 -31.15 -17.43
CA ILE F 239 47.91 -30.24 -18.57
C ILE F 239 49.10 -29.32 -18.63
N THR F 240 49.31 -28.66 -19.76
CA THR F 240 50.35 -27.63 -19.91
C THR F 240 49.69 -26.32 -20.32
N VAL F 241 50.02 -25.24 -19.66
CA VAL F 241 49.34 -23.97 -19.82
C VAL F 241 50.34 -22.90 -20.17
N ARG F 242 50.02 -22.08 -21.16
CA ARG F 242 50.88 -21.02 -21.71
C ARG F 242 50.33 -19.64 -21.38
N GLY F 243 51.16 -18.76 -20.85
CA GLY F 243 50.74 -17.42 -20.47
C GLY F 243 51.83 -16.61 -19.81
N ILE F 244 51.52 -15.36 -19.46
CA ILE F 244 52.35 -14.53 -18.60
C ILE F 244 52.05 -14.77 -17.13
N ILE F 245 53.05 -14.86 -16.26
CA ILE F 245 52.79 -14.79 -14.83
C ILE F 245 52.51 -13.35 -14.48
N THR F 246 51.30 -13.02 -14.05
CA THR F 246 50.87 -11.64 -13.84
C THR F 246 51.13 -11.13 -12.42
N ARG F 247 51.02 -11.98 -11.39
CA ARG F 247 51.41 -11.67 -10.01
C ARG F 247 51.79 -12.92 -9.24
N VAL F 248 52.52 -12.75 -8.13
CA VAL F 248 53.10 -13.82 -7.33
C VAL F 248 53.07 -13.47 -5.85
N SER F 249 52.60 -14.38 -5.02
CA SER F 249 52.64 -14.25 -3.56
C SER F 249 54.05 -14.31 -3.01
N ASP F 250 54.31 -13.70 -1.86
CA ASP F 250 55.45 -14.08 -1.04
C ASP F 250 55.31 -15.54 -0.57
N VAL F 251 56.41 -16.24 -0.33
CA VAL F 251 56.40 -17.65 0.07
C VAL F 251 55.96 -17.80 1.52
N LYS F 252 54.91 -18.57 1.80
CA LYS F 252 54.45 -18.87 3.17
C LYS F 252 54.46 -20.37 3.45
N PRO F 253 54.65 -20.81 4.70
CA PRO F 253 54.56 -22.20 5.10
C PRO F 253 53.11 -22.64 5.09
N ALA F 254 52.77 -23.64 4.30
CA ALA F 254 51.59 -24.45 4.56
C ALA F 254 51.95 -25.61 5.46
N VAL F 255 51.07 -26.00 6.38
CA VAL F 255 51.21 -27.27 7.09
C VAL F 255 50.84 -28.43 6.22
N GLU F 256 51.46 -29.58 6.49
CA GLU F 256 51.01 -30.86 5.95
C GLU F 256 50.72 -31.85 7.06
N VAL F 257 51.61 -31.93 8.06
CA VAL F 257 51.43 -32.76 9.25
C VAL F 257 51.67 -31.91 10.47
N ILE F 258 50.72 -31.87 11.40
CA ILE F 258 50.80 -31.06 12.61
C ILE F 258 51.12 -31.97 13.78
N ALA F 259 52.21 -31.71 14.47
CA ALA F 259 52.62 -32.45 15.64
C ALA F 259 52.13 -31.79 16.92
N TYR F 260 51.53 -32.55 17.81
CA TYR F 260 51.12 -32.10 19.13
C TYR F 260 51.80 -32.91 20.23
N THR F 261 52.10 -32.26 21.34
CA THR F 261 52.56 -32.91 22.56
C THR F 261 51.45 -32.96 23.58
N CYS F 262 51.13 -34.13 24.13
CA CYS F 262 50.30 -34.20 25.32
C CYS F 262 51.09 -33.81 26.57
N ASP F 263 50.57 -32.87 27.36
CA ASP F 263 51.21 -32.42 28.59
C ASP F 263 51.37 -33.53 29.63
N GLN F 264 50.31 -34.28 29.94
CA GLN F 264 50.31 -35.27 30.99
C GLN F 264 50.91 -36.61 30.58
N CYS F 265 50.44 -37.22 29.48
CA CYS F 265 51.00 -38.51 29.09
C CYS F 265 52.35 -38.39 28.40
N GLY F 266 52.82 -37.20 28.06
CA GLY F 266 54.12 -36.99 27.43
C GLY F 266 54.25 -37.68 26.08
N TYR F 267 53.16 -37.78 25.32
CA TYR F 267 53.11 -38.55 24.07
C TYR F 267 52.71 -37.68 22.89
N GLU F 268 53.37 -37.90 21.77
CA GLU F 268 53.22 -37.15 20.53
C GLU F 268 52.14 -37.75 19.63
N VAL F 269 51.24 -36.91 19.12
CA VAL F 269 50.21 -37.30 18.16
C VAL F 269 50.18 -36.34 16.98
N PHE F 270 49.86 -36.86 15.80
CA PHE F 270 49.95 -36.14 14.54
C PHE F 270 48.58 -36.00 13.88
N GLN F 271 48.20 -34.80 13.48
CA GLN F 271 47.07 -34.56 12.57
C GLN F 271 47.62 -34.29 11.17
N GLU F 272 47.09 -34.94 10.14
CA GLU F 272 47.43 -34.66 8.75
C GLU F 272 46.36 -33.78 8.10
N VAL F 273 46.79 -32.73 7.42
CA VAL F 273 45.94 -31.72 6.83
C VAL F 273 45.94 -31.79 5.31
N ASN F 274 44.75 -31.85 4.70
CA ASN F 274 44.58 -31.95 3.25
C ASN F 274 43.49 -30.98 2.74
N SER F 275 43.38 -29.79 3.31
CA SER F 275 42.32 -28.81 2.98
C SER F 275 42.77 -27.40 3.31
N ARG F 276 42.08 -26.37 2.80
CA ARG F 276 42.39 -24.96 3.07
C ARG F 276 42.31 -24.62 4.55
N THR F 277 41.52 -25.36 5.31
CA THR F 277 41.38 -25.22 6.76
C THR F 277 41.29 -26.57 7.46
N PHE F 278 41.54 -26.57 8.77
CA PHE F 278 41.51 -27.73 9.62
C PHE F 278 41.07 -27.37 11.04
N THR F 279 40.70 -28.37 11.83
CA THR F 279 40.30 -28.19 13.22
C THR F 279 41.31 -28.85 14.15
N PRO F 280 41.86 -28.16 15.16
CA PRO F 280 42.89 -28.71 16.03
C PRO F 280 42.36 -29.76 17.01
N LEU F 281 43.24 -30.60 17.54
CA LEU F 281 42.83 -31.77 18.33
C LEU F 281 42.44 -31.47 19.79
N SER F 282 43.23 -30.68 20.52
CA SER F 282 43.07 -30.29 21.94
C SER F 282 43.04 -31.41 23.01
N GLU F 283 42.32 -32.52 22.83
CA GLU F 283 42.14 -33.57 23.83
C GLU F 283 42.91 -34.85 23.48
N CYS F 284 43.72 -35.37 24.40
CA CYS F 284 44.62 -36.49 24.12
C CYS F 284 43.89 -37.81 23.84
N THR F 285 44.46 -38.61 22.96
CA THR F 285 43.95 -39.93 22.57
C THR F 285 45.05 -40.98 22.47
N SER F 286 46.23 -40.72 23.01
CA SER F 286 47.28 -41.73 23.14
C SER F 286 46.79 -42.92 23.95
N GLU F 287 47.25 -44.13 23.63
CA GLU F 287 46.83 -45.35 24.33
C GLU F 287 46.95 -45.17 25.83
N GLU F 288 48.11 -44.72 26.27
CA GLU F 288 48.42 -44.63 27.68
C GLU F 288 47.76 -43.42 28.36
N CYS F 289 47.18 -42.50 27.60
CA CYS F 289 46.40 -41.42 28.17
C CYS F 289 44.97 -41.89 28.34
N SER F 290 44.40 -42.52 27.33
CA SER F 290 43.02 -42.97 27.39
C SER F 290 42.84 -44.21 28.25
N GLN F 291 43.81 -45.11 28.26
CA GLN F 291 43.81 -46.27 29.14
C GLN F 291 43.83 -45.82 30.60
N ASN F 292 44.64 -44.82 30.96
CA ASN F 292 44.60 -44.19 32.28
C ASN F 292 43.53 -43.15 32.44
N GLN F 293 42.59 -43.03 31.50
CA GLN F 293 41.43 -42.15 31.60
C GLN F 293 41.81 -40.76 32.11
N THR F 294 42.92 -40.28 31.60
CA THR F 294 43.52 -39.01 31.95
C THR F 294 43.23 -38.08 30.81
N LYS F 295 42.55 -37.01 31.13
CA LYS F 295 42.08 -36.03 30.14
C LYS F 295 43.22 -35.13 29.68
N GLY F 296 44.25 -35.70 29.08
CA GLY F 296 45.47 -35.02 28.66
C GLY F 296 45.20 -33.87 27.70
N GLN F 297 46.01 -32.81 27.77
CA GLN F 297 45.87 -31.63 26.93
C GLN F 297 46.95 -31.62 25.85
N LEU F 298 46.55 -31.40 24.60
CA LEU F 298 47.44 -31.36 23.44
C LEU F 298 47.82 -29.93 23.06
N PHE F 299 49.11 -29.67 22.92
CA PHE F 299 49.65 -28.40 22.47
C PHE F 299 50.44 -28.58 21.19
N MET F 300 50.19 -27.71 20.22
CA MET F 300 50.85 -27.74 18.92
C MET F 300 52.32 -27.38 19.04
N SER F 301 53.21 -28.14 18.40
CA SER F 301 54.63 -27.79 18.34
C SER F 301 55.10 -27.64 16.89
N THR F 302 55.41 -26.41 16.50
CA THR F 302 55.94 -26.11 15.16
C THR F 302 57.30 -26.75 14.90
N ARG F 303 58.13 -26.95 15.93
CA ARG F 303 59.43 -27.60 15.80
C ARG F 303 59.33 -29.00 15.21
N ALA F 304 58.30 -29.77 15.56
CA ALA F 304 58.09 -31.12 15.05
C ALA F 304 57.02 -31.23 13.95
N SER F 305 56.33 -30.15 13.60
CA SER F 305 55.42 -30.12 12.45
C SER F 305 56.16 -30.29 11.14
N LYS F 306 55.51 -30.81 10.09
CA LYS F 306 56.05 -30.75 8.74
C LYS F 306 55.32 -29.69 7.93
N PHE F 307 56.06 -28.71 7.46
CA PHE F 307 55.56 -27.68 6.57
C PHE F 307 56.07 -27.93 5.16
N SER F 308 55.42 -27.28 4.19
CA SER F 308 55.94 -27.13 2.84
C SER F 308 55.85 -25.67 2.41
N ALA F 309 56.84 -25.22 1.66
CA ALA F 309 56.80 -23.90 1.06
C ALA F 309 55.62 -23.84 0.09
N PHE F 310 54.76 -22.85 0.24
CA PHE F 310 53.61 -22.62 -0.60
C PHE F 310 53.68 -21.24 -1.18
N GLN F 311 53.40 -21.12 -2.48
CA GLN F 311 53.37 -19.86 -3.17
C GLN F 311 52.29 -19.89 -4.22
N GLU F 312 51.40 -18.93 -4.15
CA GLU F 312 50.31 -18.79 -5.09
C GLU F 312 50.65 -17.77 -6.16
N CYS F 313 50.42 -18.10 -7.42
CA CYS F 313 50.71 -17.28 -8.58
C CYS F 313 49.49 -17.19 -9.46
N LYS F 314 49.40 -16.13 -10.27
CA LYS F 314 48.31 -15.96 -11.24
C LYS F 314 48.89 -15.88 -12.64
N ILE F 315 48.34 -16.62 -13.58
CA ILE F 315 48.77 -16.67 -14.97
C ILE F 315 47.69 -16.11 -15.88
N GLN F 316 48.04 -15.36 -16.91
CA GLN F 316 47.11 -14.80 -17.89
C GLN F 316 47.48 -15.19 -19.29
N GLU F 317 46.47 -15.41 -20.13
CA GLU F 317 46.71 -15.72 -21.53
C GLU F 317 47.34 -14.57 -22.31
N LEU F 318 48.10 -14.94 -23.35
CA LEU F 318 48.89 -14.03 -24.18
C LEU F 318 47.99 -13.29 -25.18
N SER F 319 48.32 -12.06 -25.54
CA SER F 319 47.49 -11.22 -26.44
C SER F 319 47.16 -11.86 -27.80
N GLN F 320 48.01 -12.76 -28.29
CA GLN F 320 47.80 -13.51 -29.51
C GLN F 320 46.67 -14.54 -29.41
N GLN F 321 46.39 -15.01 -28.21
CA GLN F 321 45.47 -16.12 -27.96
C GLN F 321 44.04 -15.63 -27.77
N VAL F 322 43.85 -14.44 -27.19
CA VAL F 322 42.51 -13.86 -26.90
C VAL F 322 41.71 -13.67 -28.19
N PRO F 323 40.51 -14.24 -28.33
CA PRO F 323 39.67 -14.07 -29.51
C PRO F 323 39.01 -12.69 -29.56
N VAL F 324 38.68 -12.22 -30.76
CA VAL F 324 38.39 -10.82 -31.02
C VAL F 324 37.17 -10.31 -30.25
N GLY F 325 37.39 -9.37 -29.32
CA GLY F 325 36.36 -8.77 -28.47
C GLY F 325 36.23 -9.34 -27.05
N HIS F 326 37.00 -10.36 -26.70
CA HIS F 326 37.08 -10.91 -25.33
C HIS F 326 38.15 -10.22 -24.46
N ILE F 327 38.34 -10.68 -23.22
CA ILE F 327 39.24 -10.13 -22.20
C ILE F 327 40.15 -11.25 -21.68
N PRO F 328 41.46 -11.02 -21.44
CA PRO F 328 42.40 -12.06 -21.05
C PRO F 328 42.08 -12.63 -19.66
N ARG F 329 41.63 -13.88 -19.65
CA ARG F 329 41.26 -14.67 -18.47
C ARG F 329 42.50 -15.19 -17.77
N SER F 330 42.35 -15.65 -16.52
CA SER F 330 43.46 -16.07 -15.69
C SER F 330 43.19 -17.32 -14.89
N LEU F 331 44.24 -18.01 -14.46
CA LEU F 331 44.21 -19.13 -13.53
C LEU F 331 45.09 -18.87 -12.34
N ASN F 332 44.72 -19.44 -11.20
CA ASN F 332 45.57 -19.53 -10.04
C ASN F 332 46.45 -20.77 -10.16
N ILE F 333 47.75 -20.62 -10.01
CA ILE F 333 48.73 -21.69 -9.94
C ILE F 333 49.17 -21.81 -8.49
N HIS F 334 49.17 -23.00 -7.93
CA HIS F 334 49.77 -23.27 -6.63
C HIS F 334 51.07 -23.98 -6.85
N VAL F 335 52.17 -23.41 -6.42
CA VAL F 335 53.46 -24.07 -6.46
C VAL F 335 53.87 -24.44 -5.05
N ASN F 336 54.17 -25.72 -4.84
CA ASN F 336 54.48 -26.33 -3.54
C ASN F 336 55.88 -26.93 -3.59
N GLY F 337 56.62 -26.85 -2.50
CA GLY F 337 57.89 -27.53 -2.32
C GLY F 337 59.06 -26.88 -3.07
N THR F 338 60.02 -27.67 -3.50
CA THR F 338 61.26 -27.16 -4.12
C THR F 338 61.04 -26.34 -5.38
N LEU F 339 59.93 -26.55 -6.10
CA LEU F 339 59.58 -25.81 -7.31
C LEU F 339 59.26 -24.32 -7.05
N VAL F 340 59.11 -23.90 -5.80
CA VAL F 340 58.81 -22.52 -5.41
C VAL F 340 59.85 -21.51 -5.89
N ARG F 341 59.44 -20.25 -6.07
CA ARG F 341 60.23 -19.10 -6.57
C ARG F 341 60.94 -19.30 -7.92
N SER F 342 60.52 -20.32 -8.66
CA SER F 342 60.85 -20.54 -10.08
C SER F 342 60.05 -19.65 -11.04
N LEU F 343 59.00 -18.96 -10.57
CA LEU F 343 58.16 -18.06 -11.35
C LEU F 343 58.41 -16.61 -10.91
N SER F 344 58.50 -15.68 -11.86
CA SER F 344 58.60 -14.24 -11.60
C SER F 344 57.60 -13.45 -12.45
N PRO F 345 56.99 -12.38 -11.95
CA PRO F 345 55.98 -11.66 -12.70
C PRO F 345 56.57 -11.07 -13.99
N GLY F 346 55.82 -11.17 -15.08
CA GLY F 346 56.22 -10.81 -16.44
C GLY F 346 56.96 -11.90 -17.22
N ASP F 347 57.29 -13.04 -16.62
CA ASP F 347 57.73 -14.22 -17.36
C ASP F 347 56.67 -14.67 -18.37
N ILE F 348 57.03 -15.00 -19.60
CA ILE F 348 56.20 -15.84 -20.47
C ILE F 348 56.68 -17.26 -20.31
N VAL F 349 55.76 -18.16 -19.98
CA VAL F 349 56.09 -19.46 -19.44
C VAL F 349 55.08 -20.52 -19.88
N ASP F 350 55.53 -21.76 -20.00
CA ASP F 350 54.66 -22.92 -20.01
C ASP F 350 54.77 -23.62 -18.66
N VAL F 351 53.69 -23.64 -17.90
CA VAL F 351 53.60 -24.39 -16.65
C VAL F 351 52.85 -25.65 -16.93
N THR F 352 53.43 -26.80 -16.63
CA THR F 352 52.66 -28.04 -16.61
C THR F 352 52.27 -28.40 -15.20
N GLY F 353 51.04 -28.83 -15.02
CA GLY F 353 50.46 -28.97 -13.71
C GLY F 353 49.20 -29.78 -13.69
N ILE F 354 48.71 -30.09 -12.51
CA ILE F 354 47.54 -30.94 -12.31
C ILE F 354 46.36 -30.04 -12.03
N PHE F 355 45.37 -30.02 -12.91
CA PHE F 355 44.25 -29.11 -12.79
C PHE F 355 43.25 -29.61 -11.76
N LEU F 356 42.81 -28.79 -10.81
CA LEU F 356 42.02 -29.26 -9.66
C LEU F 356 40.92 -28.29 -9.23
N PRO F 357 39.83 -28.77 -8.63
CA PRO F 357 38.92 -27.94 -7.88
C PRO F 357 39.48 -27.64 -6.50
N ALA F 358 39.39 -26.40 -6.02
CA ALA F 358 39.63 -26.05 -4.63
C ALA F 358 38.25 -26.04 -3.94
N PRO F 359 37.90 -27.10 -3.18
CA PRO F 359 36.58 -27.17 -2.57
C PRO F 359 36.48 -26.17 -1.41
N TYR F 360 35.46 -25.33 -1.44
CA TYR F 360 35.08 -24.56 -0.26
C TYR F 360 34.89 -25.49 0.94
N THR F 361 35.17 -24.98 2.13
CA THR F 361 35.11 -25.74 3.39
C THR F 361 34.36 -24.94 4.45
N GLY F 362 33.59 -25.64 5.29
CA GLY F 362 32.75 -25.00 6.32
C GLY F 362 31.51 -24.35 5.72
N PHE F 363 31.02 -23.28 6.33
CA PHE F 363 29.75 -22.69 5.94
C PHE F 363 29.71 -22.25 4.47
N LYS F 364 30.82 -21.72 3.93
CA LYS F 364 30.83 -21.26 2.54
C LYS F 364 30.56 -22.41 1.57
N ALA F 365 30.94 -23.63 1.90
CA ALA F 365 30.70 -24.79 1.05
C ALA F 365 29.23 -25.06 0.81
N LEU F 366 28.36 -24.71 1.75
CA LEU F 366 26.94 -24.92 1.62
C LEU F 366 26.38 -23.91 0.64
N LYS F 367 26.62 -22.62 0.88
CA LYS F 367 26.00 -21.55 0.11
C LYS F 367 26.61 -21.33 -1.27
N ALA F 368 27.90 -21.63 -1.45
CA ALA F 368 28.52 -21.59 -2.77
C ALA F 368 27.91 -22.61 -3.74
N GLY F 369 27.27 -23.66 -3.25
CA GLY F 369 26.66 -24.68 -4.08
C GLY F 369 27.69 -25.51 -4.85
N LEU F 370 27.29 -26.04 -6.00
CA LEU F 370 28.11 -26.92 -6.83
C LEU F 370 29.17 -26.18 -7.65
N LEU F 371 29.28 -24.87 -7.52
CA LEU F 371 30.07 -24.03 -8.40
C LEU F 371 31.53 -23.96 -7.94
N THR F 372 32.29 -25.03 -8.10
CA THR F 372 33.64 -25.12 -7.56
C THR F 372 34.61 -24.13 -8.19
N GLU F 373 35.35 -23.38 -7.39
CA GLU F 373 36.54 -22.67 -7.89
C GLU F 373 37.68 -23.65 -8.17
N THR F 374 38.73 -23.19 -8.84
CA THR F 374 39.72 -24.05 -9.46
C THR F 374 41.13 -23.46 -9.52
N TYR F 375 42.14 -24.33 -9.56
CA TYR F 375 43.55 -23.96 -9.54
C TYR F 375 44.38 -25.07 -10.19
N LEU F 376 45.64 -24.78 -10.47
CA LEU F 376 46.58 -25.67 -11.12
C LEU F 376 47.77 -25.96 -10.21
N GLU F 377 48.02 -27.20 -9.82
CA GLU F 377 49.24 -27.50 -9.06
C GLU F 377 50.43 -27.60 -9.99
N ALA F 378 51.41 -26.71 -9.83
CA ALA F 378 52.60 -26.74 -10.68
C ALA F 378 53.34 -28.07 -10.50
N GLN F 379 53.91 -28.57 -11.59
CA GLN F 379 54.73 -29.78 -11.60
C GLN F 379 56.08 -29.53 -12.26
N PHE F 380 56.11 -28.83 -13.38
CA PHE F 380 57.35 -28.44 -14.05
C PHE F 380 57.13 -27.13 -14.79
N VAL F 381 58.19 -26.39 -15.08
CA VAL F 381 58.10 -25.02 -15.57
C VAL F 381 59.13 -24.80 -16.67
N ARG F 382 58.69 -24.40 -17.87
CA ARG F 382 59.54 -24.11 -19.01
C ARG F 382 59.45 -22.62 -19.32
N GLN F 383 60.52 -21.88 -19.12
CA GLN F 383 60.61 -20.47 -19.49
C GLN F 383 60.69 -20.35 -21.01
N HIS F 384 60.00 -19.38 -21.63
CA HIS F 384 60.14 -19.17 -23.08
C HIS F 384 61.47 -18.53 -23.47
N LYS F 385 62.04 -17.64 -22.64
CA LYS F 385 63.34 -16.97 -22.92
C LYS F 385 64.14 -16.59 -21.67
N ASP F 396 82.85 -17.67 -25.77
CA ASP F 396 82.72 -17.58 -24.31
C ASP F 396 83.01 -16.16 -23.81
N VAL F 397 82.35 -15.72 -22.74
CA VAL F 397 82.25 -14.31 -22.29
C VAL F 397 83.60 -13.60 -22.27
N GLU F 398 84.57 -14.19 -21.60
CA GLU F 398 85.91 -13.63 -21.40
C GLU F 398 86.75 -13.56 -22.68
N GLU F 399 86.40 -14.35 -23.70
CA GLU F 399 87.02 -14.33 -25.01
C GLU F 399 86.29 -13.41 -26.00
N ARG F 400 84.95 -13.35 -25.96
CA ARG F 400 84.12 -12.59 -26.89
C ARG F 400 84.41 -11.08 -26.91
N VAL F 401 84.84 -10.49 -25.80
CA VAL F 401 85.34 -9.11 -25.78
C VAL F 401 86.62 -8.93 -26.60
N MET F 402 87.52 -9.90 -26.60
CA MET F 402 88.71 -9.89 -27.48
C MET F 402 88.31 -10.08 -28.94
N GLU F 403 87.32 -10.92 -29.20
CA GLU F 403 86.79 -11.15 -30.55
C GLU F 403 86.17 -9.88 -31.13
N LEU F 404 85.66 -8.97 -30.30
CA LEU F 404 85.33 -7.60 -30.71
C LEU F 404 86.60 -6.77 -30.92
N ILE F 405 87.44 -6.63 -29.90
CA ILE F 405 88.60 -5.72 -29.93
C ILE F 405 89.50 -5.97 -31.14
N THR F 406 89.76 -7.24 -31.43
CA THR F 406 90.64 -7.67 -32.51
C THR F 406 90.03 -7.55 -33.92
N SER F 407 88.75 -7.16 -34.03
CA SER F 407 88.15 -6.69 -35.29
C SER F 407 88.44 -5.20 -35.56
N GLY F 408 88.71 -4.42 -34.51
CA GLY F 408 89.05 -2.98 -34.55
C GLY F 408 87.89 -2.02 -34.84
N ASP F 409 88.19 -0.71 -34.80
CA ASP F 409 87.27 0.43 -34.96
C ASP F 409 86.01 0.35 -34.07
N VAL F 410 86.20 -0.13 -32.84
CA VAL F 410 85.09 -0.52 -31.97
C VAL F 410 84.12 0.62 -31.69
N TYR F 411 84.60 1.85 -31.51
CA TYR F 411 83.75 3.00 -31.23
C TYR F 411 82.70 3.23 -32.32
N ASN F 412 83.13 3.32 -33.58
CA ASN F 412 82.22 3.62 -34.68
C ASN F 412 81.29 2.45 -34.98
N ARG F 413 81.78 1.21 -34.86
CA ARG F 413 80.97 0.02 -35.09
C ARG F 413 79.96 -0.24 -33.99
N LEU F 414 80.30 0.00 -32.72
CA LEU F 414 79.35 -0.07 -31.62
C LEU F 414 78.27 0.99 -31.76
N ALA F 415 78.62 2.23 -32.11
CA ALA F 415 77.64 3.26 -32.37
C ALA F 415 76.69 2.88 -33.52
N LYS F 416 77.23 2.49 -34.67
CA LYS F 416 76.43 2.02 -35.81
C LYS F 416 75.58 0.80 -35.48
N SER F 417 76.00 0.02 -34.48
CA SER F 417 75.26 -1.11 -33.94
C SER F 417 74.22 -0.78 -32.86
N ILE F 418 74.11 0.46 -32.37
CA ILE F 418 72.91 0.92 -31.64
C ILE F 418 71.77 1.11 -32.65
N ALA F 419 70.63 0.47 -32.41
CA ALA F 419 69.44 0.55 -33.25
C ALA F 419 69.72 0.51 -34.78
N PRO F 420 70.32 -0.56 -35.33
CA PRO F 420 70.71 -0.61 -36.74
C PRO F 420 69.55 -0.40 -37.73
N GLU F 421 68.30 -0.58 -37.30
CA GLU F 421 67.09 -0.34 -38.10
C GLU F 421 66.84 1.16 -38.40
N ILE F 422 67.28 2.06 -37.51
CA ILE F 422 67.27 3.50 -37.78
C ILE F 422 68.52 3.85 -38.58
N TYR F 423 68.37 4.40 -39.79
CA TYR F 423 69.48 4.73 -40.68
C TYR F 423 69.81 6.23 -40.61
N GLY F 424 71.09 6.56 -40.51
CA GLY F 424 71.60 7.92 -40.33
C GLY F 424 71.77 8.31 -38.86
N ASN F 425 71.69 9.62 -38.57
CA ASN F 425 71.68 10.19 -37.21
C ASN F 425 72.90 9.78 -36.36
N LEU F 426 74.05 9.61 -37.00
CA LEU F 426 75.20 8.92 -36.42
C LEU F 426 75.68 9.54 -35.12
N ASP F 427 75.79 10.87 -35.06
CA ASP F 427 76.31 11.57 -33.88
C ASP F 427 75.44 11.36 -32.65
N VAL F 428 74.15 11.09 -32.84
CA VAL F 428 73.25 10.74 -31.74
C VAL F 428 73.60 9.36 -31.21
N LYS F 429 73.77 8.37 -32.08
CA LYS F 429 74.17 7.03 -31.67
C LYS F 429 75.53 7.06 -30.98
N LYS F 430 76.47 7.82 -31.55
CA LYS F 430 77.82 8.07 -31.01
C LYS F 430 77.81 8.84 -29.68
N ALA F 431 76.74 9.58 -29.38
CA ALA F 431 76.49 10.13 -28.06
C ALA F 431 75.84 9.11 -27.10
N LEU F 432 74.78 8.42 -27.52
CA LEU F 432 74.02 7.50 -26.66
C LEU F 432 74.89 6.38 -26.10
N LEU F 433 75.82 5.87 -26.88
CA LEU F 433 76.81 4.88 -26.44
C LEU F 433 77.58 5.30 -25.18
N LEU F 434 77.81 6.60 -25.02
CA LEU F 434 78.48 7.20 -23.87
C LEU F 434 77.58 7.29 -22.64
N LEU F 435 76.25 7.18 -22.76
CA LEU F 435 75.38 6.93 -21.61
C LEU F 435 75.68 5.56 -20.98
N LEU F 436 75.71 4.52 -21.82
CA LEU F 436 75.82 3.13 -21.38
C LEU F 436 77.11 2.95 -20.57
N VAL F 437 78.17 3.56 -21.09
CA VAL F 437 79.51 3.50 -20.55
C VAL F 437 79.71 4.50 -19.40
N GLY F 438 79.21 5.73 -19.53
CA GLY F 438 79.19 6.77 -18.48
C GLY F 438 80.57 7.37 -18.14
N GLY F 439 80.58 8.43 -17.35
CA GLY F 439 81.78 9.01 -16.73
C GLY F 439 82.19 8.28 -15.44
N VAL F 440 82.80 8.96 -14.48
CA VAL F 440 83.28 8.34 -13.22
C VAL F 440 82.88 9.17 -11.99
N ASP F 441 82.30 8.54 -10.97
CA ASP F 441 81.98 9.19 -9.69
C ASP F 441 83.25 9.48 -8.86
N LYS F 442 83.31 10.61 -8.11
CA LYS F 442 84.46 10.86 -7.21
C LYS F 442 84.12 11.63 -5.93
N ARG F 443 84.82 11.30 -4.84
CA ARG F 443 84.77 11.93 -3.50
C ARG F 443 86.16 11.94 -2.84
N LYS F 449 78.96 13.67 -3.19
CA LYS F 449 80.05 13.34 -4.10
C LYS F 449 79.83 13.88 -5.51
N ILE F 450 80.86 13.87 -6.35
CA ILE F 450 80.82 14.34 -7.75
C ILE F 450 80.20 13.28 -8.67
N ARG F 451 79.22 13.69 -9.48
CA ARG F 451 78.55 12.82 -10.44
C ARG F 451 79.49 12.41 -11.57
N GLY F 452 79.54 11.12 -11.85
CA GLY F 452 80.06 10.56 -13.10
C GLY F 452 78.99 10.24 -14.15
N ASP F 453 77.76 10.02 -13.74
CA ASP F 453 76.64 9.70 -14.64
C ASP F 453 76.44 10.83 -15.67
N ILE F 454 75.98 10.49 -16.87
CA ILE F 454 75.86 11.42 -18.00
C ILE F 454 74.37 11.59 -18.36
N ASN F 455 73.93 12.83 -18.55
CA ASN F 455 72.55 13.13 -18.89
C ASN F 455 72.43 13.62 -20.35
N VAL F 456 71.57 12.97 -21.13
CA VAL F 456 71.36 13.28 -22.56
C VAL F 456 69.89 13.52 -22.85
N CYS F 457 69.58 14.65 -23.47
CA CYS F 457 68.22 15.01 -23.88
C CYS F 457 68.09 15.12 -25.40
N LEU F 458 67.34 14.23 -26.02
CA LEU F 458 67.00 14.33 -27.43
C LEU F 458 65.82 15.26 -27.62
N MET F 459 65.79 15.99 -28.72
CA MET F 459 64.84 17.08 -28.91
C MET F 459 64.38 17.21 -30.37
N GLY F 460 63.17 17.72 -30.61
CA GLY F 460 62.72 18.09 -31.95
C GLY F 460 61.48 17.36 -32.44
N ASP F 461 61.26 17.35 -33.76
CA ASP F 461 60.03 16.90 -34.42
C ASP F 461 59.53 15.50 -33.99
N PRO F 462 58.20 15.27 -34.01
CA PRO F 462 57.63 13.93 -33.99
C PRO F 462 57.88 13.19 -35.32
N GLY F 463 57.62 11.88 -35.37
CA GLY F 463 57.89 11.04 -36.53
C GLY F 463 59.39 10.80 -36.83
N VAL F 464 60.28 11.33 -35.98
CA VAL F 464 61.75 11.12 -36.02
C VAL F 464 62.17 9.80 -35.32
N ALA F 465 61.23 9.10 -34.67
CA ALA F 465 61.42 7.81 -34.00
C ALA F 465 62.35 7.85 -32.77
N LYS F 466 62.37 8.98 -32.05
CA LYS F 466 63.06 9.14 -30.76
C LYS F 466 62.62 8.09 -29.76
N SER F 467 61.32 7.80 -29.69
CA SER F 467 60.78 6.74 -28.83
C SER F 467 61.37 5.38 -29.17
N GLN F 468 61.50 5.01 -30.44
CA GLN F 468 62.14 3.74 -30.77
C GLN F 468 63.62 3.73 -30.40
N LEU F 469 64.30 4.86 -30.46
CA LEU F 469 65.70 4.94 -30.05
C LEU F 469 65.87 4.84 -28.52
N LEU F 470 65.04 5.53 -27.74
CA LEU F 470 64.96 5.39 -26.29
C LEU F 470 64.62 3.95 -25.91
N LYS F 471 63.65 3.35 -26.59
CA LYS F 471 63.31 1.93 -26.43
C LYS F 471 64.50 1.01 -26.74
N ALA F 472 65.28 1.29 -27.78
CA ALA F 472 66.43 0.46 -28.10
C ALA F 472 67.46 0.54 -26.99
N ILE F 473 67.71 1.74 -26.44
CA ILE F 473 68.58 1.90 -25.28
C ILE F 473 68.05 1.16 -24.05
N CYS F 474 66.73 1.12 -23.83
CA CYS F 474 66.15 0.37 -22.73
C CYS F 474 66.44 -1.14 -22.84
N LYS F 475 66.37 -1.71 -24.05
CA LYS F 475 66.70 -3.13 -24.27
C LYS F 475 68.19 -3.40 -24.24
N ILE F 476 69.00 -2.54 -24.84
CA ILE F 476 70.45 -2.73 -24.90
C ILE F 476 71.07 -2.57 -23.52
N SER F 477 70.75 -1.51 -22.81
CA SER F 477 71.48 -1.13 -21.60
C SER F 477 71.34 -2.13 -20.44
N PRO F 478 72.41 -2.36 -19.65
CA PRO F 478 72.28 -3.04 -18.37
C PRO F 478 71.54 -2.16 -17.37
N ARG F 479 70.64 -2.78 -16.58
CA ARG F 479 69.74 -2.13 -15.59
C ARG F 479 68.84 -1.01 -16.16
N GLY F 480 68.58 -1.00 -17.48
CA GLY F 480 67.76 -0.01 -18.16
C GLY F 480 66.28 -0.04 -17.80
N VAL F 481 65.60 1.12 -17.84
CA VAL F 481 64.18 1.28 -17.57
C VAL F 481 63.56 2.34 -18.49
N TYR F 482 62.63 1.97 -19.37
CA TYR F 482 61.81 2.90 -20.14
C TYR F 482 60.57 3.31 -19.33
N THR F 483 60.17 4.57 -19.41
CA THR F 483 59.02 5.12 -18.67
C THR F 483 58.54 6.38 -19.36
N THR F 484 57.29 6.42 -19.82
CA THR F 484 56.69 7.60 -20.44
C THR F 484 56.21 8.65 -19.42
N GLY F 485 56.06 9.90 -19.86
CA GLY F 485 55.21 10.90 -19.21
C GLY F 485 53.70 10.59 -19.31
N LYS F 486 53.26 9.96 -20.40
CA LYS F 486 51.86 9.53 -20.64
C LYS F 486 51.27 8.77 -19.45
N LEU F 493 56.38 7.87 -11.53
CA LEU F 493 57.76 8.10 -11.85
C LEU F 493 58.58 8.25 -10.56
N THR F 494 58.10 9.07 -9.62
CA THR F 494 58.68 9.19 -8.27
C THR F 494 58.33 8.00 -7.37
N ALA F 495 59.16 7.74 -6.36
CA ALA F 495 58.82 6.83 -5.28
C ALA F 495 57.81 7.48 -4.30
N ALA F 496 56.90 6.69 -3.73
CA ALA F 496 55.82 7.16 -2.87
C ALA F 496 55.19 6.03 -2.03
N VAL F 497 54.56 6.37 -0.90
CA VAL F 497 53.73 5.43 -0.13
C VAL F 497 52.44 5.14 -0.90
N MET F 498 52.14 3.86 -1.11
CA MET F 498 50.93 3.40 -1.77
C MET F 498 50.17 2.45 -0.84
N LYS F 499 48.94 2.81 -0.47
CA LYS F 499 48.16 2.16 0.60
C LYS F 499 47.12 1.23 -0.02
N ASP F 500 47.10 -0.03 0.40
CA ASP F 500 46.30 -1.14 -0.14
C ASP F 500 46.34 -1.34 -1.68
N PRO F 501 47.52 -1.35 -2.34
CA PRO F 501 47.64 -1.99 -3.65
C PRO F 501 47.37 -3.48 -3.51
N VAL F 502 46.24 -3.88 -4.09
CA VAL F 502 45.82 -5.25 -4.39
C VAL F 502 45.45 -6.08 -3.17
N THR F 503 46.43 -6.42 -2.31
CA THR F 503 46.20 -6.89 -0.94
C THR F 503 46.10 -5.67 0.00
N ASP F 504 45.48 -5.84 1.17
CA ASP F 504 44.96 -4.70 1.93
C ASP F 504 46.00 -4.10 2.92
N GLU F 505 47.23 -3.87 2.44
CA GLU F 505 48.45 -3.55 3.20
C GLU F 505 49.15 -2.34 2.53
N MET F 506 50.02 -1.56 3.19
CA MET F 506 50.80 -0.52 2.50
C MET F 506 52.11 -1.03 1.87
N ILE F 507 52.65 -0.27 0.92
CA ILE F 507 54.04 -0.42 0.45
C ILE F 507 54.68 0.94 0.14
N LEU F 508 55.96 1.14 0.48
CA LEU F 508 56.77 2.23 -0.08
C LEU F 508 57.19 1.81 -1.49
N GLU F 509 56.51 2.29 -2.51
CA GLU F 509 56.77 1.91 -3.89
C GLU F 509 57.97 2.69 -4.44
N GLY F 510 58.98 1.99 -4.96
CA GLY F 510 60.14 2.58 -5.61
C GLY F 510 59.81 2.94 -7.05
N GLY F 511 59.79 4.24 -7.38
CA GLY F 511 59.47 4.70 -8.73
C GLY F 511 60.54 4.34 -9.76
N ALA F 512 60.33 4.68 -11.04
CA ALA F 512 61.28 4.38 -12.12
C ALA F 512 62.70 4.91 -11.83
N LEU F 513 62.81 6.08 -11.19
CA LEU F 513 64.10 6.65 -10.78
C LEU F 513 64.81 5.83 -9.67
N VAL F 514 64.13 4.90 -9.02
CA VAL F 514 64.67 3.91 -8.09
C VAL F 514 64.82 2.53 -8.77
N LEU F 515 64.01 2.19 -9.76
CA LEU F 515 64.27 1.01 -10.59
C LEU F 515 65.60 1.17 -11.35
N ALA F 516 65.91 2.38 -11.80
CA ALA F 516 67.12 2.73 -12.54
C ALA F 516 68.40 2.94 -11.68
N ASP F 517 68.42 2.50 -10.42
CA ASP F 517 69.64 2.51 -9.58
C ASP F 517 70.85 1.91 -10.31
N ASN F 518 71.91 2.69 -10.43
CA ASN F 518 73.16 2.34 -11.08
C ASN F 518 72.97 1.90 -12.55
N GLY F 519 72.06 2.54 -13.25
CA GLY F 519 71.74 2.31 -14.65
C GLY F 519 71.07 3.47 -15.35
N ILE F 520 70.49 3.22 -16.50
CA ILE F 520 69.94 4.25 -17.39
C ILE F 520 68.43 4.39 -17.17
N CYS F 521 67.98 5.61 -16.89
CA CYS F 521 66.58 5.95 -16.83
C CYS F 521 66.16 6.59 -18.17
N CYS F 522 65.39 5.90 -18.99
CA CYS F 522 64.87 6.37 -20.27
C CYS F 522 63.49 6.99 -20.08
N ILE F 523 63.43 8.30 -19.88
CA ILE F 523 62.19 9.06 -19.70
C ILE F 523 61.71 9.64 -21.04
N ASP F 524 60.80 8.91 -21.68
CA ASP F 524 60.17 9.35 -22.92
C ASP F 524 58.99 10.30 -22.64
N GLU F 525 58.64 11.18 -23.59
CA GLU F 525 57.62 12.22 -23.39
C GLU F 525 57.92 13.05 -22.13
N PHE F 526 59.19 13.44 -21.98
CA PHE F 526 59.74 14.00 -20.75
C PHE F 526 59.02 15.27 -20.27
N ASP F 527 58.44 16.05 -21.18
CA ASP F 527 57.69 17.25 -20.84
C ASP F 527 56.22 17.01 -20.41
N LYS F 528 55.64 15.84 -20.69
CA LYS F 528 54.29 15.49 -20.21
C LYS F 528 54.37 14.97 -18.77
N MET F 529 54.78 15.83 -17.86
CA MET F 529 55.13 15.48 -16.48
C MET F 529 54.52 16.42 -15.44
N ASP F 530 54.12 15.88 -14.29
CA ASP F 530 53.61 16.62 -13.14
C ASP F 530 54.72 17.36 -12.41
N GLU F 531 54.46 18.57 -11.89
CA GLU F 531 55.49 19.36 -11.20
C GLU F 531 56.12 18.61 -10.02
N SER F 532 55.34 17.76 -9.35
CA SER F 532 55.76 16.88 -8.26
C SER F 532 56.78 15.81 -8.68
N ASP F 533 56.76 15.37 -9.94
CA ASP F 533 57.79 14.54 -10.54
C ASP F 533 58.92 15.36 -11.16
N ARG F 534 58.57 16.44 -11.87
CA ARG F 534 59.51 17.35 -12.55
C ARG F 534 60.55 17.91 -11.60
N THR F 535 60.11 18.44 -10.46
CA THR F 535 60.98 18.93 -9.38
C THR F 535 61.64 17.82 -8.57
N ALA F 536 61.23 16.56 -8.75
CA ALA F 536 61.94 15.40 -8.24
C ALA F 536 63.01 14.88 -9.21
N ILE F 537 63.01 15.29 -10.49
CA ILE F 537 64.20 15.11 -11.34
C ILE F 537 65.36 15.90 -10.75
N HIS F 538 65.13 17.15 -10.31
CA HIS F 538 66.19 18.00 -9.77
C HIS F 538 66.99 17.33 -8.66
N GLU F 539 66.33 16.73 -7.67
CA GLU F 539 67.05 16.12 -6.56
C GLU F 539 67.84 14.86 -6.98
N VAL F 540 67.41 14.13 -8.01
CA VAL F 540 68.24 13.05 -8.58
C VAL F 540 69.52 13.62 -9.21
N MET F 541 69.45 14.81 -9.81
CA MET F 541 70.64 15.46 -10.37
C MET F 541 71.55 15.90 -9.21
N GLU F 542 71.03 16.74 -8.32
CA GLU F 542 71.79 17.49 -7.32
C GLU F 542 72.28 16.62 -6.14
N GLN F 543 71.57 15.53 -5.83
CA GLN F 543 71.78 14.74 -4.61
C GLN F 543 71.99 13.24 -4.85
N GLN F 544 71.88 12.76 -6.09
CA GLN F 544 71.95 11.33 -6.44
C GLN F 544 70.99 10.42 -5.65
N THR F 545 69.86 10.98 -5.22
CA THR F 545 68.90 10.42 -4.25
C THR F 545 67.49 10.94 -4.54
N ILE F 546 66.49 10.32 -3.95
CA ILE F 546 65.13 10.87 -3.80
C ILE F 546 64.74 10.83 -2.33
N SER F 547 63.89 11.76 -1.92
CA SER F 547 63.39 11.91 -0.55
C SER F 547 61.88 11.69 -0.44
N ILE F 548 61.45 11.11 0.69
CA ILE F 548 60.06 10.82 1.07
C ILE F 548 59.71 11.62 2.33
N SER F 549 58.44 11.99 2.52
CA SER F 549 57.99 12.79 3.66
C SER F 549 56.50 12.56 3.98
N LYS F 550 56.04 11.30 4.04
CA LYS F 550 54.62 10.94 4.27
C LYS F 550 54.49 9.71 5.18
N ALA F 551 53.42 9.64 5.96
CA ALA F 551 53.12 8.51 6.86
C ALA F 551 54.26 8.22 7.86
N GLY F 552 54.95 9.26 8.34
CA GLY F 552 56.17 9.14 9.12
C GLY F 552 57.39 8.68 8.32
N ILE F 553 57.27 8.25 7.06
CA ILE F 553 58.42 7.84 6.26
C ILE F 553 59.23 9.08 5.86
N ASN F 554 60.25 9.39 6.66
CA ASN F 554 61.14 10.53 6.54
C ASN F 554 62.40 10.24 5.68
N THR F 555 62.38 9.13 4.93
CA THR F 555 63.57 8.48 4.35
C THR F 555 64.11 9.15 3.09
N THR F 556 65.42 8.98 2.87
CA THR F 556 66.09 9.19 1.58
C THR F 556 66.50 7.84 0.97
N LEU F 557 66.25 7.64 -0.32
CA LEU F 557 66.65 6.45 -1.08
C LEU F 557 67.78 6.84 -2.04
N ASN F 558 68.90 6.12 -2.04
CA ASN F 558 69.98 6.35 -3.01
C ASN F 558 69.52 5.95 -4.42
N ALA F 559 69.78 6.84 -5.38
CA ALA F 559 69.16 6.84 -6.70
C ALA F 559 70.10 7.36 -7.80
N ARG F 560 71.40 7.05 -7.74
CA ARG F 560 72.34 7.39 -8.83
C ARG F 560 71.93 6.71 -10.14
N THR F 561 71.74 7.50 -11.20
CA THR F 561 71.24 7.06 -12.52
C THR F 561 71.56 8.11 -13.59
N SER F 562 71.95 7.66 -14.77
CA SER F 562 72.06 8.49 -15.97
C SER F 562 70.68 8.67 -16.58
N ILE F 563 70.26 9.90 -16.93
CA ILE F 563 68.95 10.16 -17.55
C ILE F 563 69.11 10.33 -19.05
N LEU F 564 68.40 9.49 -19.80
CA LEU F 564 68.11 9.73 -21.20
C LEU F 564 66.68 10.27 -21.26
N ALA F 565 66.51 11.43 -21.89
CA ALA F 565 65.23 12.10 -22.06
C ALA F 565 64.89 12.34 -23.53
N ALA F 566 63.60 12.48 -23.83
CA ALA F 566 63.12 12.99 -25.11
C ALA F 566 61.85 13.84 -24.95
N ALA F 567 61.66 14.88 -25.77
CA ALA F 567 60.48 15.74 -25.76
C ALA F 567 59.92 15.99 -27.17
N ASN F 568 58.67 16.43 -27.29
CA ASN F 568 57.95 16.72 -28.54
C ASN F 568 57.36 18.14 -28.51
N PRO F 569 57.40 18.90 -29.62
CA PRO F 569 57.03 20.30 -29.72
C PRO F 569 55.53 20.53 -29.66
N LEU F 570 55.14 21.62 -29.01
CA LEU F 570 53.80 22.20 -29.13
C LEU F 570 53.52 22.61 -30.58
N TYR F 571 52.24 22.72 -30.96
CA TYR F 571 51.78 23.09 -32.30
C TYR F 571 52.15 22.07 -33.41
N GLY F 572 52.48 20.83 -33.03
CA GLY F 572 52.67 19.66 -33.88
C GLY F 572 54.02 19.53 -34.60
N ARG F 573 54.76 20.61 -34.83
CA ARG F 573 56.07 20.61 -35.53
C ARG F 573 56.99 21.69 -34.96
N TYR F 574 58.30 21.45 -34.94
CA TYR F 574 59.26 22.41 -34.41
C TYR F 574 59.37 23.67 -35.31
N ASN F 575 59.44 24.85 -34.72
CA ASN F 575 59.57 26.11 -35.44
C ASN F 575 61.04 26.57 -35.48
N PRO F 576 61.75 26.50 -36.63
CA PRO F 576 63.15 26.91 -36.74
C PRO F 576 63.39 28.41 -36.52
N ARG F 577 62.34 29.23 -36.50
CA ARG F 577 62.38 30.64 -36.09
C ARG F 577 62.67 30.83 -34.60
N LEU F 578 62.63 29.76 -33.80
CA LEU F 578 62.55 29.80 -32.34
C LEU F 578 63.49 28.82 -31.62
N SER F 579 63.71 29.08 -30.33
CA SER F 579 64.52 28.29 -29.40
C SER F 579 63.81 27.00 -28.96
N PRO F 580 64.53 25.95 -28.49
CA PRO F 580 63.92 24.88 -27.72
C PRO F 580 63.05 25.40 -26.57
N LEU F 581 63.50 26.44 -25.87
CA LEU F 581 62.77 27.08 -24.78
C LEU F 581 61.42 27.66 -25.21
N ASP F 582 61.23 27.95 -26.51
CA ASP F 582 59.97 28.43 -27.05
C ASP F 582 59.02 27.30 -27.48
N ASN F 583 59.56 26.18 -27.96
CA ASN F 583 58.81 25.05 -28.52
C ASN F 583 58.39 24.02 -27.45
N ILE F 584 59.06 24.02 -26.30
CA ILE F 584 58.97 23.01 -25.23
C ILE F 584 58.90 23.69 -23.86
N ASN F 585 58.14 23.14 -22.91
CA ASN F 585 57.85 23.80 -21.62
C ASN F 585 58.93 23.58 -20.54
N LEU F 586 59.99 22.83 -20.83
CA LEU F 586 61.12 22.65 -19.93
C LEU F 586 61.85 24.00 -19.75
N PRO F 587 62.04 24.50 -18.52
CA PRO F 587 62.74 25.76 -18.26
C PRO F 587 64.27 25.57 -18.35
N ALA F 588 65.02 26.64 -18.60
CA ALA F 588 66.47 26.54 -18.69
C ALA F 588 67.12 25.95 -17.42
N ALA F 589 66.57 26.22 -16.23
CA ALA F 589 67.02 25.66 -14.95
C ALA F 589 66.94 24.12 -14.86
N LEU F 590 66.22 23.48 -15.77
CA LEU F 590 66.19 22.02 -15.96
C LEU F 590 66.93 21.63 -17.24
N LEU F 591 66.59 22.27 -18.34
CA LEU F 591 67.09 21.94 -19.67
C LEU F 591 68.62 22.09 -19.76
N SER F 592 69.21 23.06 -19.07
CA SER F 592 70.68 23.26 -19.03
C SER F 592 71.42 22.30 -18.09
N ARG F 593 70.73 21.37 -17.41
CA ARG F 593 71.37 20.37 -16.54
C ARG F 593 71.88 19.13 -17.28
N PHE F 594 71.44 18.89 -18.50
CA PHE F 594 71.92 17.81 -19.35
C PHE F 594 73.34 18.10 -19.88
N ASP F 595 74.22 17.09 -19.86
CA ASP F 595 75.53 17.13 -20.51
C ASP F 595 75.44 17.27 -22.03
N ILE F 596 74.43 16.68 -22.67
CA ILE F 596 74.11 16.90 -24.09
C ILE F 596 72.63 17.17 -24.25
N LEU F 597 72.28 18.26 -24.90
CA LEU F 597 70.97 18.50 -25.50
C LEU F 597 71.10 18.43 -27.02
N PHE F 598 70.28 17.66 -27.72
CA PHE F 598 70.48 17.41 -29.15
C PHE F 598 69.22 17.64 -29.98
N LEU F 599 69.17 18.71 -30.76
CA LEU F 599 68.04 18.98 -31.64
C LEU F 599 68.15 18.21 -32.96
N MET F 600 67.24 17.28 -33.19
CA MET F 600 67.15 16.50 -34.43
C MET F 600 65.78 16.68 -35.10
N LEU F 601 65.76 16.94 -36.40
CA LEU F 601 64.59 17.43 -37.10
C LEU F 601 64.22 16.61 -38.34
N ASP F 602 62.94 16.63 -38.67
CA ASP F 602 62.34 15.91 -39.78
C ASP F 602 62.45 16.69 -41.10
N ILE F 603 63.64 17.21 -41.40
CA ILE F 603 63.86 18.15 -42.51
C ILE F 603 63.47 17.52 -43.87
N PRO F 604 62.52 18.11 -44.63
CA PRO F 604 62.12 17.59 -45.94
C PRO F 604 63.17 17.85 -47.02
N SER F 605 63.39 16.87 -47.89
CA SER F 605 64.44 16.89 -48.92
C SER F 605 64.33 15.67 -49.84
N ARG F 606 64.24 15.87 -51.17
CA ARG F 606 63.86 14.85 -52.16
C ARG F 606 64.62 13.53 -52.02
N ASP F 607 65.93 13.59 -51.93
CA ASP F 607 66.79 12.40 -51.80
C ASP F 607 66.64 11.69 -50.43
N ASP F 608 66.64 12.45 -49.34
CA ASP F 608 66.50 11.94 -47.98
C ASP F 608 65.14 11.26 -47.76
N ASP F 609 64.09 11.84 -48.34
CA ASP F 609 62.75 11.28 -48.35
C ASP F 609 62.65 10.01 -49.21
N GLU F 610 63.29 9.93 -50.38
CA GLU F 610 63.41 8.68 -51.16
C GLU F 610 64.17 7.59 -50.38
N LYS F 611 65.31 7.93 -49.74
CA LYS F 611 66.07 7.01 -48.89
C LYS F 611 65.23 6.44 -47.75
N LEU F 612 64.41 7.26 -47.09
CA LEU F 612 63.47 6.76 -46.08
C LEU F 612 62.32 5.95 -46.68
N ALA F 613 61.65 6.47 -47.70
CA ALA F 613 60.47 5.82 -48.26
C ALA F 613 60.78 4.47 -48.92
N GLU F 614 61.95 4.29 -49.55
CA GLU F 614 62.40 2.99 -50.05
C GLU F 614 62.61 1.95 -48.94
N HIS F 615 63.05 2.37 -47.76
CA HIS F 615 63.21 1.48 -46.60
C HIS F 615 61.84 1.06 -46.07
N VAL F 616 60.92 2.01 -45.90
CA VAL F 616 59.57 1.73 -45.41
C VAL F 616 58.78 0.82 -46.35
N THR F 617 58.76 1.13 -47.65
CA THR F 617 58.05 0.34 -48.67
C THR F 617 58.65 -1.06 -48.87
N TYR F 618 59.92 -1.30 -48.56
CA TYR F 618 60.49 -2.65 -48.51
C TYR F 618 59.92 -3.45 -47.33
N VAL F 619 59.84 -2.86 -46.13
CA VAL F 619 59.34 -3.54 -44.93
C VAL F 619 57.85 -3.91 -45.04
N HIS F 620 57.05 -3.23 -45.87
CA HIS F 620 55.70 -3.72 -46.21
C HIS F 620 55.67 -4.89 -47.20
N MET F 621 56.71 -5.11 -48.02
CA MET F 621 56.80 -6.28 -48.90
C MET F 621 57.50 -7.48 -48.27
N HIS F 622 58.44 -7.27 -47.36
CA HIS F 622 59.36 -8.29 -46.85
C HIS F 622 59.43 -8.19 -45.34
N ASN F 623 58.86 -9.15 -44.62
CA ASN F 623 58.54 -8.98 -43.20
C ASN F 623 59.76 -8.84 -42.27
N LYS F 624 60.95 -9.27 -42.69
CA LYS F 624 62.24 -9.06 -41.98
C LYS F 624 62.93 -7.77 -42.42
N GLN F 625 63.83 -7.24 -41.59
CA GLN F 625 64.52 -5.98 -41.87
C GLN F 625 65.33 -6.04 -43.19
N PRO F 626 65.48 -4.93 -43.92
CA PRO F 626 66.35 -4.89 -45.10
C PRO F 626 67.82 -5.11 -44.75
N ASP F 627 68.61 -5.31 -45.79
CA ASP F 627 70.06 -5.52 -45.74
C ASP F 627 70.78 -4.30 -45.17
N LEU F 628 71.50 -4.45 -44.06
CA LEU F 628 72.22 -3.37 -43.37
C LEU F 628 73.43 -2.85 -44.15
N ASP F 629 74.02 -3.69 -45.01
CA ASP F 629 75.24 -3.43 -45.78
C ASP F 629 76.49 -3.16 -44.92
N PHE F 630 76.42 -3.62 -43.66
CA PHE F 630 77.50 -3.83 -42.69
C PHE F 630 77.02 -4.91 -41.70
N THR F 631 77.90 -5.50 -40.89
CA THR F 631 77.48 -6.45 -39.85
C THR F 631 77.50 -5.78 -38.47
N PRO F 632 76.37 -5.73 -37.75
CA PRO F 632 76.30 -5.12 -36.42
C PRO F 632 76.84 -6.05 -35.33
N VAL F 633 77.24 -5.45 -34.21
CA VAL F 633 77.53 -6.15 -32.95
C VAL F 633 76.23 -6.69 -32.36
N GLU F 634 76.23 -7.94 -31.91
CA GLU F 634 75.09 -8.51 -31.18
C GLU F 634 74.90 -7.78 -29.83
N PRO F 635 73.68 -7.39 -29.42
CA PRO F 635 73.45 -6.74 -28.13
C PRO F 635 74.03 -7.47 -26.93
N SER F 636 74.02 -8.80 -26.92
CA SER F 636 74.63 -9.54 -25.81
C SER F 636 76.15 -9.32 -25.74
N LYS F 637 76.84 -9.33 -26.89
CA LYS F 637 78.29 -9.07 -26.97
C LYS F 637 78.63 -7.60 -26.69
N MET F 638 77.75 -6.70 -27.09
CA MET F 638 77.81 -5.28 -26.72
C MET F 638 77.69 -5.09 -25.19
N ARG F 639 76.67 -5.67 -24.53
CA ARG F 639 76.56 -5.65 -23.06
C ARG F 639 77.81 -6.22 -22.39
N GLU F 640 78.27 -7.38 -22.86
CA GLU F 640 79.47 -8.04 -22.32
C GLU F 640 80.72 -7.16 -22.45
N TYR F 641 80.84 -6.38 -23.53
CA TYR F 641 81.91 -5.40 -23.66
C TYR F 641 81.78 -4.29 -22.63
N ILE F 642 80.57 -3.73 -22.48
CA ILE F 642 80.37 -2.53 -21.70
C ILE F 642 80.58 -2.78 -20.20
N ALA F 643 80.07 -3.88 -19.66
CA ALA F 643 80.24 -4.22 -18.25
C ALA F 643 81.72 -4.28 -17.83
N TYR F 644 82.57 -4.78 -18.74
CA TYR F 644 84.02 -4.86 -18.60
C TYR F 644 84.70 -3.52 -18.85
N ALA F 645 84.23 -2.74 -19.83
CA ALA F 645 84.78 -1.42 -20.15
C ALA F 645 84.56 -0.39 -19.05
N LYS F 646 83.45 -0.49 -18.31
CA LYS F 646 83.07 0.45 -17.24
C LYS F 646 84.07 0.48 -16.09
N THR F 647 84.48 -0.69 -15.60
CA THR F 647 85.23 -0.85 -14.34
C THR F 647 86.68 -0.35 -14.40
N LYS F 648 87.18 0.04 -15.58
CA LYS F 648 88.55 0.52 -15.79
C LYS F 648 88.80 1.94 -15.26
N ARG F 649 87.73 2.72 -15.01
CA ARG F 649 87.71 4.08 -14.43
C ARG F 649 88.98 4.91 -14.71
N PRO F 650 89.21 5.30 -15.97
CA PRO F 650 90.43 5.97 -16.40
C PRO F 650 90.74 7.21 -15.56
N VAL F 651 92.02 7.51 -15.37
CA VAL F 651 92.49 8.68 -14.59
C VAL F 651 93.08 9.75 -15.50
N MET F 652 93.17 10.98 -15.00
CA MET F 652 93.72 12.11 -15.76
C MET F 652 95.17 11.89 -16.19
N SER F 653 95.49 12.42 -17.38
CA SER F 653 96.86 12.67 -17.82
C SER F 653 97.04 14.16 -18.02
N GLU F 654 98.24 14.66 -17.77
CA GLU F 654 98.50 16.09 -17.55
C GLU F 654 98.11 16.96 -18.76
N ALA F 655 98.34 16.45 -19.97
CA ALA F 655 97.95 17.14 -21.20
C ALA F 655 96.43 17.31 -21.37
N VAL F 656 95.61 16.46 -20.75
CA VAL F 656 94.16 16.60 -20.76
C VAL F 656 93.72 17.85 -20.00
N ASN F 657 94.13 17.99 -18.75
CA ASN F 657 93.80 19.18 -17.96
C ASN F 657 94.41 20.45 -18.56
N ASP F 658 95.58 20.34 -19.18
CA ASP F 658 96.22 21.46 -19.86
C ASP F 658 95.42 21.91 -21.11
N TYR F 659 94.99 20.95 -21.92
CA TYR F 659 94.26 21.17 -23.17
C TYR F 659 92.82 21.62 -22.95
N VAL F 660 92.10 21.03 -22.00
CA VAL F 660 90.65 21.23 -21.87
C VAL F 660 90.32 22.69 -21.56
N VAL F 661 91.14 23.37 -20.77
CA VAL F 661 91.01 24.79 -20.47
C VAL F 661 91.20 25.65 -21.71
N GLN F 662 92.11 25.27 -22.60
CA GLN F 662 92.38 25.98 -23.85
C GLN F 662 91.18 25.93 -24.81
N ALA F 663 90.38 24.87 -24.78
CA ALA F 663 89.07 24.86 -25.43
C ALA F 663 88.00 25.63 -24.63
N TYR F 664 87.81 25.30 -23.35
CA TYR F 664 86.75 25.87 -22.53
C TYR F 664 86.74 27.39 -22.48
N ILE F 665 87.91 28.01 -22.38
CA ILE F 665 88.04 29.46 -22.41
C ILE F 665 87.53 30.03 -23.73
N ARG F 666 87.87 29.45 -24.89
CA ARG F 666 87.36 29.88 -26.18
C ARG F 666 85.86 29.68 -26.31
N LEU F 667 85.34 28.59 -25.76
CA LEU F 667 83.90 28.31 -25.76
C LEU F 667 83.15 29.34 -24.92
N ARG F 668 83.69 29.72 -23.75
CA ARG F 668 83.22 30.89 -22.99
C ARG F 668 83.33 32.18 -23.79
N GLN F 669 84.48 32.43 -24.41
CA GLN F 669 84.70 33.66 -25.15
C GLN F 669 83.73 33.77 -26.32
N ASP F 670 83.35 32.67 -26.97
CA ASP F 670 82.39 32.71 -28.06
C ASP F 670 80.93 32.79 -27.56
N SER F 671 80.65 32.18 -26.39
CA SER F 671 79.37 32.33 -25.68
C SER F 671 79.10 33.77 -25.23
N LYS F 672 80.15 34.59 -25.04
CA LYS F 672 80.08 36.04 -24.82
C LYS F 672 79.45 36.77 -26.01
N ARG F 673 79.58 36.21 -27.21
CA ARG F 673 79.33 36.89 -28.49
C ARG F 673 78.03 36.41 -29.15
N PHE F 679 69.56 34.62 -29.52
CA PHE F 679 70.50 33.62 -29.92
C PHE F 679 70.49 32.42 -28.95
N SER F 680 69.35 32.21 -28.28
CA SER F 680 69.09 31.11 -27.34
C SER F 680 69.96 31.17 -26.06
N PHE F 681 70.06 30.06 -25.33
CA PHE F 681 70.62 29.95 -23.97
C PHE F 681 71.91 29.12 -23.89
N GLY F 682 72.47 28.66 -25.02
CA GLY F 682 73.52 27.64 -25.11
C GLY F 682 74.93 28.05 -24.63
N GLN F 683 75.05 28.83 -23.57
CA GLN F 683 76.34 29.33 -23.06
C GLN F 683 77.17 28.27 -22.31
N ALA F 684 78.48 28.44 -22.31
CA ALA F 684 79.47 27.60 -21.64
C ALA F 684 79.45 27.74 -20.10
N THR F 685 78.47 27.11 -19.44
CA THR F 685 78.48 26.91 -17.99
C THR F 685 79.56 25.89 -17.59
N PRO F 686 80.14 25.97 -16.38
CA PRO F 686 80.93 24.89 -15.79
C PRO F 686 80.33 23.49 -15.87
N ARG F 687 79.00 23.32 -15.89
CA ARG F 687 78.39 22.01 -16.22
C ARG F 687 78.90 21.43 -17.54
N THR F 688 79.20 22.28 -18.53
CA THR F 688 79.78 21.86 -19.82
C THR F 688 81.26 21.51 -19.72
N LEU F 689 82.02 22.08 -18.78
CA LEU F 689 83.37 21.59 -18.51
C LEU F 689 83.31 20.18 -17.91
N LEU F 690 82.50 19.99 -16.87
CA LEU F 690 82.27 18.68 -16.26
C LEU F 690 81.76 17.65 -17.28
N GLY F 691 80.90 18.11 -18.18
CA GLY F 691 80.37 17.33 -19.29
C GLY F 691 81.47 16.84 -20.22
N ILE F 692 82.36 17.71 -20.66
CA ILE F 692 83.49 17.34 -21.51
C ILE F 692 84.40 16.32 -20.80
N ILE F 693 84.62 16.50 -19.51
CA ILE F 693 85.36 15.53 -18.69
C ILE F 693 84.64 14.17 -18.72
N ARG F 694 83.37 14.07 -18.31
CA ARG F 694 82.62 12.82 -18.30
C ARG F 694 82.54 12.16 -19.67
N LEU F 695 82.37 12.94 -20.73
CA LEU F 695 82.32 12.44 -22.11
C LEU F 695 83.67 11.87 -22.53
N SER F 696 84.75 12.58 -22.26
CA SER F 696 86.10 12.09 -22.54
C SER F 696 86.42 10.83 -21.73
N GLN F 697 85.94 10.72 -20.48
CA GLN F 697 86.02 9.48 -19.70
C GLN F 697 85.23 8.34 -20.39
N ALA F 698 84.04 8.58 -20.92
CA ALA F 698 83.25 7.54 -21.56
C ALA F 698 83.92 7.03 -22.85
N LEU F 699 84.58 7.91 -23.60
CA LEU F 699 85.39 7.53 -24.76
C LEU F 699 86.68 6.77 -24.37
N ALA F 700 87.34 7.18 -23.29
CA ALA F 700 88.50 6.50 -22.74
C ALA F 700 88.18 5.05 -22.32
N LYS F 701 87.04 4.83 -21.64
CA LYS F 701 86.54 3.49 -21.26
C LYS F 701 86.40 2.59 -22.47
N LEU F 702 85.74 3.08 -23.52
CA LEU F 702 85.48 2.34 -24.77
C LEU F 702 86.75 1.83 -25.44
N ARG F 703 87.85 2.60 -25.41
CA ARG F 703 89.16 2.15 -25.93
C ARG F 703 90.05 1.39 -24.92
N LEU F 704 89.53 1.03 -23.75
CA LEU F 704 90.15 0.15 -22.75
C LEU F 704 91.61 0.50 -22.39
N ALA F 705 91.77 1.49 -21.53
CA ALA F 705 93.08 1.93 -21.02
C ALA F 705 92.97 2.50 -19.61
N ASP F 706 94.10 2.56 -18.91
CA ASP F 706 94.26 3.22 -17.62
C ASP F 706 94.19 4.76 -17.73
N MET F 707 94.61 5.33 -18.86
CA MET F 707 94.49 6.74 -19.23
C MET F 707 94.72 6.91 -20.75
N VAL F 708 94.35 8.06 -21.32
CA VAL F 708 94.35 8.28 -22.79
C VAL F 708 94.78 9.69 -23.18
N ASP F 709 95.38 9.84 -24.37
CA ASP F 709 95.82 11.12 -24.94
C ASP F 709 94.67 11.92 -25.59
N ILE F 710 94.86 13.22 -25.80
CA ILE F 710 93.86 14.20 -26.25
C ILE F 710 93.39 14.03 -27.72
N ASP F 711 93.94 13.07 -28.45
CA ASP F 711 93.25 12.49 -29.61
C ASP F 711 91.83 12.05 -29.24
N ASP F 712 91.63 11.63 -27.99
CA ASP F 712 90.33 11.41 -27.37
C ASP F 712 89.51 12.70 -27.17
N VAL F 713 90.02 13.65 -26.39
CA VAL F 713 89.28 14.84 -25.90
C VAL F 713 88.69 15.66 -27.04
N GLU F 714 89.40 15.72 -28.17
CA GLU F 714 88.98 16.46 -29.35
C GLU F 714 87.63 15.96 -29.94
N GLU F 715 87.29 14.68 -29.76
CA GLU F 715 85.99 14.12 -30.15
C GLU F 715 84.89 14.54 -29.18
N ALA F 716 85.13 14.56 -27.87
CA ALA F 716 84.14 15.01 -26.89
C ALA F 716 83.67 16.44 -27.18
N LEU F 717 84.62 17.32 -27.53
CA LEU F 717 84.36 18.68 -27.98
C LEU F 717 83.55 18.72 -29.29
N ARG F 718 83.68 17.71 -30.15
CA ARG F 718 82.92 17.62 -31.40
C ARG F 718 81.45 17.23 -31.17
N LEU F 719 81.12 16.36 -30.24
CA LEU F 719 79.72 16.09 -29.91
C LEU F 719 79.00 17.36 -29.42
N VAL F 720 79.66 18.15 -28.56
CA VAL F 720 79.12 19.40 -28.04
C VAL F 720 78.97 20.43 -29.16
N ARG F 721 80.03 20.66 -29.94
CA ARG F 721 80.05 21.58 -31.07
C ARG F 721 78.98 21.25 -32.12
N VAL F 722 78.80 19.96 -32.43
CA VAL F 722 77.74 19.51 -33.34
C VAL F 722 76.35 19.69 -32.73
N SER F 723 76.19 19.49 -31.42
CA SER F 723 74.92 19.77 -30.75
C SER F 723 74.51 21.23 -30.89
N LYS F 724 75.42 22.18 -30.63
CA LYS F 724 75.13 23.62 -30.79
C LYS F 724 74.78 23.98 -32.23
N GLU F 725 75.54 23.52 -33.21
CA GLU F 725 75.18 23.69 -34.62
C GLU F 725 73.84 23.04 -34.98
N SER F 726 73.43 22.00 -34.26
CA SER F 726 72.11 21.39 -34.40
C SER F 726 71.01 22.19 -33.72
N LEU F 727 71.29 22.91 -32.63
CA LEU F 727 70.33 23.87 -32.05
C LEU F 727 70.03 25.02 -33.03
N TYR F 728 71.06 25.56 -33.69
CA TYR F 728 70.89 26.58 -34.72
C TYR F 728 70.20 26.02 -35.99
N GLN F 729 70.52 24.79 -36.37
CA GLN F 729 69.95 24.02 -37.48
C GLN F 729 69.92 22.54 -37.11
N MET G 1 5.62 0.56 -64.51
CA MET G 1 5.03 0.18 -65.81
C MET G 1 3.55 0.58 -65.82
N TYR G 2 2.83 0.34 -66.91
CA TYR G 2 1.56 1.03 -67.21
C TYR G 2 0.44 0.90 -66.17
N GLY G 3 0.32 -0.23 -65.47
CA GLY G 3 -0.72 -0.41 -64.47
C GLY G 3 -0.55 0.44 -63.20
N ASP G 4 0.58 1.10 -63.00
CA ASP G 4 0.91 1.75 -61.72
C ASP G 4 0.14 3.06 -61.47
N LEU G 5 -0.43 3.68 -62.51
CA LEU G 5 -1.37 4.77 -62.37
C LEU G 5 -2.75 4.24 -61.98
N GLY G 6 -3.16 3.10 -62.52
CA GLY G 6 -4.43 2.47 -62.18
C GLY G 6 -4.54 2.13 -60.70
N ASN G 7 -3.48 1.56 -60.14
CA ASN G 7 -3.42 1.24 -58.72
C ASN G 7 -3.63 2.44 -57.81
N LYS G 8 -3.16 3.63 -58.17
CA LYS G 8 -3.42 4.86 -57.42
C LYS G 8 -4.88 5.27 -57.51
N LEU G 9 -5.54 5.06 -58.64
CA LEU G 9 -6.95 5.34 -58.78
C LEU G 9 -7.79 4.42 -57.89
N VAL G 10 -7.52 3.12 -57.90
CA VAL G 10 -8.23 2.16 -57.06
C VAL G 10 -7.89 2.27 -55.57
N LEU G 11 -6.70 2.69 -55.16
CA LEU G 11 -6.45 3.06 -53.76
C LEU G 11 -7.31 4.24 -53.32
N GLU G 12 -7.58 5.23 -54.18
CA GLU G 12 -8.57 6.28 -53.90
C GLU G 12 -10.00 5.74 -53.90
N ALA G 13 -10.31 4.74 -54.73
CA ALA G 13 -11.60 4.07 -54.69
C ALA G 13 -11.80 3.39 -53.34
N LYS G 14 -10.82 2.62 -52.90
CA LYS G 14 -10.86 1.94 -51.61
C LYS G 14 -11.00 2.91 -50.48
N ARG G 15 -10.25 4.00 -50.47
CA ARG G 15 -10.41 4.96 -49.39
C ARG G 15 -11.79 5.60 -49.38
N THR G 16 -12.40 5.90 -50.52
CA THR G 16 -13.78 6.40 -50.51
C THR G 16 -14.78 5.31 -50.15
N LYS G 17 -14.53 4.03 -50.41
CA LYS G 17 -15.41 2.96 -49.94
C LYS G 17 -15.42 2.89 -48.42
N GLN G 18 -14.26 2.96 -47.79
CA GLN G 18 -14.14 2.97 -46.33
C GLN G 18 -14.78 4.20 -45.73
N LEU G 19 -14.49 5.36 -46.30
CA LEU G 19 -14.99 6.64 -45.82
C LEU G 19 -16.50 6.66 -45.76
N TYR G 20 -17.17 6.00 -46.70
CA TYR G 20 -18.59 6.25 -46.84
C TYR G 20 -19.36 5.28 -45.93
N ALA G 21 -18.71 4.19 -45.50
CA ALA G 21 -19.24 3.21 -44.58
C ALA G 21 -18.87 3.49 -43.12
N ARG G 22 -17.63 3.92 -42.83
CA ARG G 22 -17.18 4.26 -41.46
C ARG G 22 -18.02 5.41 -40.90
N SER G 23 -18.05 6.53 -41.62
CA SER G 23 -18.81 7.70 -41.21
C SER G 23 -20.32 7.44 -41.30
N ASN G 24 -21.03 7.66 -40.19
CA ASN G 24 -22.40 7.22 -40.00
C ASN G 24 -23.41 7.92 -40.93
N GLN G 25 -23.16 9.19 -41.24
CA GLN G 25 -24.00 10.02 -42.10
C GLN G 25 -23.87 9.65 -43.59
N ASP G 26 -24.72 10.24 -44.42
CA ASP G 26 -24.35 10.46 -45.82
C ASP G 26 -23.31 11.56 -45.88
N VAL G 27 -22.06 11.16 -46.12
CA VAL G 27 -20.95 12.05 -46.48
C VAL G 27 -21.14 12.52 -47.93
N ASN G 28 -20.49 13.62 -48.28
CA ASN G 28 -20.33 14.06 -49.66
C ASN G 28 -19.16 13.31 -50.29
N LEU G 29 -19.38 12.54 -51.35
CA LEU G 29 -18.30 11.76 -51.96
C LEU G 29 -17.18 12.67 -52.47
N PRO G 30 -15.91 12.29 -52.35
CA PRO G 30 -14.77 13.15 -52.62
C PRO G 30 -14.59 13.42 -54.10
N MET G 31 -13.87 14.49 -54.40
CA MET G 31 -13.79 15.05 -55.74
C MET G 31 -13.15 14.11 -56.75
N TYR G 32 -13.75 14.04 -57.92
CA TYR G 32 -13.35 13.19 -59.03
C TYR G 32 -11.91 13.43 -59.47
N HIS G 33 -11.10 12.39 -59.59
CA HIS G 33 -9.69 12.50 -59.98
C HIS G 33 -9.52 12.69 -61.49
N GLU G 34 -9.97 13.83 -62.01
CA GLU G 34 -9.92 14.18 -63.45
C GLU G 34 -8.50 14.11 -64.00
N ASP G 35 -7.52 14.43 -63.17
CA ASP G 35 -6.10 14.42 -63.47
C ASP G 35 -5.52 13.02 -63.56
N ILE G 36 -5.67 12.19 -62.53
CA ILE G 36 -5.23 10.78 -62.58
C ILE G 36 -5.93 10.06 -63.72
N ILE G 37 -7.22 10.32 -63.94
CA ILE G 37 -7.98 9.70 -65.03
C ILE G 37 -7.47 10.19 -66.39
N ARG G 38 -7.11 11.47 -66.54
CA ARG G 38 -6.48 11.94 -67.77
C ARG G 38 -5.10 11.33 -67.99
N ASN G 39 -4.32 11.09 -66.94
CA ASN G 39 -3.05 10.35 -67.07
C ASN G 39 -3.30 8.93 -67.56
N ILE G 40 -4.27 8.22 -66.99
CA ILE G 40 -4.57 6.86 -67.42
C ILE G 40 -5.06 6.86 -68.86
N LEU G 41 -5.99 7.75 -69.23
CA LEU G 41 -6.49 7.80 -70.60
C LEU G 41 -5.42 8.20 -71.62
N LYS G 42 -4.47 9.06 -71.22
CA LYS G 42 -3.28 9.38 -72.00
C LYS G 42 -2.38 8.16 -72.17
N GLU G 43 -2.12 7.37 -71.12
CA GLU G 43 -1.35 6.13 -71.28
C GLU G 43 -2.04 5.10 -72.17
N VAL G 44 -3.36 4.93 -72.05
CA VAL G 44 -4.10 4.09 -73.01
C VAL G 44 -3.89 4.59 -74.42
N SER G 45 -3.86 5.91 -74.65
CA SER G 45 -3.60 6.39 -76.00
C SER G 45 -2.20 6.03 -76.51
N ASN G 46 -1.17 6.06 -75.67
CA ASN G 46 0.19 5.62 -76.05
C ASN G 46 0.28 4.11 -76.28
N LEU G 47 -0.46 3.29 -75.53
CA LEU G 47 -0.61 1.87 -75.81
C LEU G 47 -1.35 1.63 -77.13
N ARG G 48 -2.34 2.46 -77.49
CA ARG G 48 -2.96 2.43 -78.84
C ARG G 48 -1.93 2.76 -79.92
N LYS G 49 -1.13 3.83 -79.78
CA LYS G 49 -0.05 4.17 -80.73
C LYS G 49 0.95 3.01 -80.90
N ASN G 50 1.27 2.30 -79.82
CA ASN G 50 2.06 1.08 -79.89
C ASN G 50 1.37 -0.09 -80.61
N THR G 51 0.06 -0.27 -80.51
CA THR G 51 -0.63 -1.27 -81.35
C THR G 51 -0.59 -0.89 -82.83
N GLU G 52 -0.78 0.39 -83.18
CA GLU G 52 -0.66 0.88 -84.56
C GLU G 52 0.75 0.68 -85.11
N TYR G 53 1.76 1.12 -84.36
CA TYR G 53 3.19 1.04 -84.67
C TYR G 53 3.73 -0.40 -84.70
N LEU G 54 3.12 -1.33 -83.96
CA LEU G 54 3.35 -2.76 -84.18
C LEU G 54 2.63 -3.30 -85.43
N LYS G 55 1.33 -3.04 -85.58
CA LYS G 55 0.49 -3.67 -86.61
C LYS G 55 0.96 -3.40 -88.02
N GLU G 56 1.54 -2.24 -88.28
CA GLU G 56 2.22 -1.97 -89.55
C GLU G 56 3.54 -2.74 -89.70
N GLN G 57 4.40 -2.71 -88.68
CA GLN G 57 5.71 -3.37 -88.68
C GLN G 57 5.66 -4.89 -88.88
N GLN G 58 4.51 -5.54 -88.65
CA GLN G 58 4.26 -6.92 -89.09
C GLN G 58 4.47 -7.12 -90.60
N GLN G 59 3.95 -6.22 -91.45
CA GLN G 59 4.11 -6.33 -92.91
C GLN G 59 5.54 -5.95 -93.34
N LEU G 60 6.20 -5.05 -92.62
CA LEU G 60 7.59 -4.69 -92.91
C LEU G 60 8.58 -5.81 -92.57
N GLY G 61 8.17 -6.83 -91.80
CA GLY G 61 8.82 -8.14 -91.73
C GLY G 61 9.53 -8.53 -90.44
N MET G 62 9.34 -7.77 -89.37
CA MET G 62 10.12 -7.90 -88.12
C MET G 62 9.62 -9.02 -87.18
N LEU G 63 9.76 -10.26 -87.66
CA LEU G 63 9.63 -11.54 -86.91
C LEU G 63 8.38 -11.65 -86.02
N ASP G 64 7.26 -11.18 -86.56
CA ASP G 64 5.96 -11.04 -85.91
C ASP G 64 5.43 -12.35 -85.27
N ASP G 65 5.77 -13.52 -85.80
CA ASP G 65 5.27 -14.79 -85.28
C ASP G 65 5.52 -14.94 -83.77
N LYS G 66 6.77 -14.75 -83.32
CA LYS G 66 7.08 -14.53 -81.91
C LYS G 66 6.77 -13.12 -81.45
N VAL G 67 7.25 -12.14 -82.21
CA VAL G 67 7.44 -10.80 -81.69
C VAL G 67 6.11 -10.08 -81.47
N ALA G 68 5.25 -10.11 -82.48
CA ALA G 68 3.91 -9.57 -82.38
C ALA G 68 3.00 -10.43 -81.51
N LYS G 69 3.15 -11.77 -81.53
CA LYS G 69 2.34 -12.64 -80.66
C LYS G 69 2.50 -12.29 -79.18
N CYS G 70 3.67 -11.82 -78.75
CA CYS G 70 3.88 -11.34 -77.39
C CYS G 70 3.57 -9.83 -77.26
N GLN G 71 4.15 -8.96 -78.10
CA GLN G 71 4.05 -7.51 -77.94
C GLN G 71 2.61 -7.00 -78.04
N TYR G 72 1.81 -7.50 -79.00
CA TYR G 72 0.42 -7.09 -79.08
C TYR G 72 -0.33 -7.52 -77.84
N PHE G 73 -0.11 -8.77 -77.43
CA PHE G 73 -0.81 -9.37 -76.31
C PHE G 73 -0.53 -8.68 -74.98
N VAL G 74 0.72 -8.33 -74.68
CA VAL G 74 1.06 -7.54 -73.48
C VAL G 74 0.54 -6.11 -73.57
N THR G 75 0.60 -5.47 -74.74
CA THR G 75 0.05 -4.12 -74.91
C THR G 75 -1.45 -4.13 -74.63
N LEU G 76 -2.15 -5.13 -75.16
CA LEU G 76 -3.57 -5.33 -74.94
C LEU G 76 -3.87 -5.62 -73.47
N LEU G 77 -3.10 -6.47 -72.79
CA LEU G 77 -3.30 -6.74 -71.36
C LEU G 77 -3.12 -5.49 -70.51
N CYS G 78 -2.21 -4.58 -70.85
CA CYS G 78 -2.08 -3.33 -70.11
C CYS G 78 -3.34 -2.48 -70.21
N MET G 79 -3.95 -2.45 -71.39
CA MET G 79 -5.19 -1.71 -71.62
C MET G 79 -6.41 -2.38 -71.00
N GLU G 80 -6.48 -3.72 -70.93
CA GLU G 80 -7.48 -4.38 -70.10
C GLU G 80 -7.37 -3.93 -68.64
N ARG G 81 -6.16 -3.87 -68.08
CA ARG G 81 -5.97 -3.45 -66.70
C ARG G 81 -6.36 -2.00 -66.44
N ASN G 82 -6.00 -1.07 -67.33
CA ASN G 82 -6.42 0.32 -67.20
C ASN G 82 -7.94 0.47 -67.34
N LYS G 83 -8.61 -0.28 -68.22
CA LYS G 83 -10.06 -0.29 -68.31
C LYS G 83 -10.68 -0.76 -67.01
N ARG G 84 -10.17 -1.82 -66.40
CA ARG G 84 -10.70 -2.34 -65.14
C ARG G 84 -10.58 -1.37 -63.99
N CYS G 85 -9.44 -0.72 -63.80
CA CYS G 85 -9.30 0.28 -62.75
C CYS G 85 -10.24 1.47 -62.93
N LEU G 86 -10.37 1.99 -64.14
CA LEU G 86 -11.29 3.09 -64.40
C LEU G 86 -12.75 2.68 -64.15
N LEU G 87 -13.14 1.50 -64.59
CA LEU G 87 -14.49 0.97 -64.40
C LEU G 87 -14.77 0.63 -62.95
N ALA G 88 -13.83 0.05 -62.20
CA ALA G 88 -13.99 -0.22 -60.79
C ALA G 88 -14.14 1.05 -59.97
N TYR G 89 -13.37 2.10 -60.28
CA TYR G 89 -13.52 3.43 -59.66
C TYR G 89 -14.85 4.07 -60.03
N GLN G 90 -15.24 4.05 -61.30
CA GLN G 90 -16.46 4.72 -61.73
C GLN G 90 -17.72 4.02 -61.25
N ARG G 91 -17.73 2.68 -61.15
CA ARG G 91 -18.84 1.95 -60.56
C ARG G 91 -18.99 2.24 -59.08
N LEU G 92 -17.92 2.33 -58.31
CA LEU G 92 -18.08 2.66 -56.91
C LEU G 92 -18.72 4.03 -56.74
N ARG G 93 -18.30 5.04 -57.51
CA ARG G 93 -18.89 6.36 -57.37
C ARG G 93 -20.32 6.36 -57.84
N THR G 94 -20.67 5.57 -58.83
CA THR G 94 -22.05 5.34 -59.21
C THR G 94 -22.88 4.74 -58.08
N ASP G 95 -22.38 3.74 -57.35
CA ASP G 95 -23.16 3.12 -56.27
C ASP G 95 -23.52 4.13 -55.19
N ILE G 96 -22.64 5.07 -54.90
CA ILE G 96 -22.88 6.12 -53.93
C ILE G 96 -23.85 7.16 -54.47
N LEU G 97 -23.81 7.52 -55.75
CA LEU G 97 -24.77 8.48 -56.29
C LEU G 97 -26.18 7.93 -56.31
N ASP G 98 -26.36 6.64 -56.59
CA ASP G 98 -27.67 6.00 -56.50
C ASP G 98 -28.18 5.99 -55.05
N SER G 99 -27.30 5.80 -54.10
CA SER G 99 -27.64 5.83 -52.68
C SER G 99 -28.09 7.21 -52.24
N MET G 100 -27.48 8.28 -52.72
CA MET G 100 -27.98 9.64 -52.52
C MET G 100 -29.34 9.83 -53.16
N ALA G 101 -29.53 9.36 -54.38
CA ALA G 101 -30.74 9.58 -55.15
C ALA G 101 -31.96 8.91 -54.53
N TRP G 102 -31.82 7.75 -53.87
CA TRP G 102 -32.89 7.16 -53.06
C TRP G 102 -32.99 7.81 -51.69
N ASN G 103 -31.88 7.95 -50.98
CA ASN G 103 -31.93 8.27 -49.56
C ASN G 103 -32.36 9.71 -49.30
N ASN G 104 -31.89 10.65 -50.09
CA ASN G 104 -32.04 12.08 -49.81
C ASN G 104 -32.85 12.74 -50.91
N ASN G 105 -32.33 12.81 -52.12
CA ASN G 105 -32.97 13.50 -53.24
C ASN G 105 -34.24 12.75 -53.72
N GLY G 106 -34.51 11.54 -53.21
CA GLY G 106 -35.80 10.87 -53.35
C GLY G 106 -36.91 11.54 -52.53
N LEU G 107 -36.57 12.29 -51.48
CA LEU G 107 -37.50 13.02 -50.61
C LEU G 107 -37.15 14.53 -50.60
N ASP G 119 -23.00 19.50 -52.88
CA ASP G 119 -21.64 19.03 -53.15
C ASP G 119 -21.31 18.91 -54.63
N THR G 120 -22.20 19.33 -55.51
CA THR G 120 -22.21 19.04 -56.94
C THR G 120 -20.95 19.47 -57.71
N ASN G 121 -20.12 20.32 -57.12
CA ASN G 121 -18.75 20.62 -57.53
C ASN G 121 -17.83 19.38 -57.60
N ASN G 122 -18.07 18.34 -56.80
CA ASN G 122 -17.20 17.16 -56.70
C ASN G 122 -17.36 16.18 -57.86
N LEU G 123 -18.50 16.20 -58.53
CA LEU G 123 -18.91 15.28 -59.56
C LEU G 123 -18.34 15.71 -60.92
N SER G 124 -17.90 14.76 -61.74
CA SER G 124 -17.65 15.05 -63.17
C SER G 124 -18.93 15.46 -63.88
N HIS G 125 -18.88 16.14 -65.02
CA HIS G 125 -20.11 16.59 -65.68
C HIS G 125 -21.01 15.41 -66.12
N GLN G 126 -20.44 14.27 -66.54
CA GLN G 126 -21.23 13.07 -66.83
C GLN G 126 -21.94 12.53 -65.59
N GLU G 127 -21.39 12.70 -64.41
CA GLU G 127 -21.99 12.28 -63.17
C GLU G 127 -23.05 13.28 -62.68
N GLN G 128 -22.87 14.57 -62.89
CA GLN G 128 -23.91 15.57 -62.66
C GLN G 128 -25.12 15.27 -63.55
N GLU G 129 -24.88 14.84 -64.78
CA GLU G 129 -25.90 14.42 -65.74
C GLU G 129 -26.55 13.11 -65.34
N TYR G 130 -25.73 12.08 -65.08
CA TYR G 130 -26.21 10.78 -64.63
C TYR G 130 -27.06 10.89 -63.36
N LEU G 131 -26.65 11.64 -62.36
CA LEU G 131 -27.43 11.80 -61.15
C LEU G 131 -28.80 12.39 -61.42
N LYS G 132 -28.93 13.29 -62.39
CA LYS G 132 -30.21 13.88 -62.77
C LYS G 132 -31.08 12.83 -63.45
N GLU G 133 -30.53 12.11 -64.41
CA GLU G 133 -31.26 11.08 -65.15
C GLU G 133 -31.71 9.93 -64.26
N TYR G 134 -30.92 9.59 -63.24
CA TYR G 134 -31.28 8.59 -62.26
C TYR G 134 -32.31 9.09 -61.23
N CYS G 135 -32.23 10.33 -60.75
CA CYS G 135 -33.35 10.87 -59.97
C CYS G 135 -34.67 10.90 -60.75
N ASP G 136 -34.61 11.19 -62.05
CA ASP G 136 -35.75 11.13 -62.96
C ASP G 136 -36.30 9.72 -63.15
N LEU G 137 -35.45 8.70 -63.16
CA LEU G 137 -35.87 7.31 -63.16
C LEU G 137 -36.55 6.91 -61.85
N ILE G 138 -36.03 7.31 -60.69
CA ILE G 138 -36.69 7.01 -59.42
C ILE G 138 -38.09 7.58 -59.39
N THR G 139 -38.26 8.86 -59.76
CA THR G 139 -39.58 9.49 -59.74
C THR G 139 -40.51 8.87 -60.78
N ASP G 140 -40.02 8.38 -61.91
CA ASP G 140 -40.81 7.56 -62.84
C ASP G 140 -41.27 6.21 -62.27
N LEU G 141 -40.51 5.54 -61.40
CA LEU G 141 -41.02 4.31 -60.78
C LEU G 141 -42.16 4.61 -59.82
N LYS G 142 -41.96 5.53 -58.87
CA LYS G 142 -43.01 5.84 -57.91
C LYS G 142 -44.19 6.59 -58.51
N SER G 143 -44.01 7.43 -59.53
CA SER G 143 -45.10 7.97 -60.33
C SER G 143 -45.56 6.97 -61.39
N GLY G 144 -46.39 6.01 -61.00
CA GLY G 144 -47.02 5.06 -61.91
C GLY G 144 -48.01 4.13 -61.22
N ASP G 145 -48.18 2.91 -61.74
CA ASP G 145 -48.57 1.80 -60.87
C ASP G 145 -47.52 1.72 -59.74
N LEU G 146 -47.85 1.10 -58.61
CA LEU G 146 -46.99 1.03 -57.43
C LEU G 146 -46.82 2.41 -56.75
N VAL G 147 -47.62 3.43 -57.11
CA VAL G 147 -47.67 4.77 -56.45
C VAL G 147 -48.20 4.74 -55.02
N ASP G 148 -49.03 3.76 -54.70
CA ASP G 148 -49.69 3.62 -53.38
C ASP G 148 -48.71 3.42 -52.23
N ILE G 149 -47.52 2.91 -52.54
CA ILE G 149 -46.41 2.73 -51.61
C ILE G 149 -45.33 3.73 -51.99
N ASP G 150 -44.80 4.50 -51.05
CA ASP G 150 -43.83 5.52 -51.41
C ASP G 150 -42.45 4.87 -51.48
N LEU G 151 -42.00 4.36 -52.63
CA LEU G 151 -40.78 3.56 -52.72
C LEU G 151 -39.55 4.22 -52.10
N SER G 152 -39.42 5.54 -52.14
CA SER G 152 -38.32 6.28 -51.52
C SER G 152 -38.42 6.40 -50.00
N GLY G 153 -39.51 5.92 -49.43
CA GLY G 153 -39.79 5.93 -48.01
C GLY G 153 -38.87 5.06 -47.17
N SER G 154 -39.14 4.99 -45.87
CA SER G 154 -38.25 4.36 -44.91
C SER G 154 -38.22 2.85 -45.02
N LEU G 155 -37.05 2.26 -44.84
CA LEU G 155 -36.84 0.83 -44.68
C LEU G 155 -36.72 0.40 -43.22
N VAL G 156 -36.85 1.31 -42.24
CA VAL G 156 -36.96 0.89 -40.85
C VAL G 156 -38.42 0.54 -40.60
N PRO G 157 -38.76 -0.65 -40.10
CA PRO G 157 -40.14 -1.10 -40.03
C PRO G 157 -40.99 -0.21 -39.13
N PRO G 158 -42.29 -0.05 -39.41
CA PRO G 158 -43.19 0.77 -38.64
C PRO G 158 -43.64 0.00 -37.39
N SER G 159 -42.75 -0.14 -36.41
CA SER G 159 -43.04 -0.71 -35.09
C SER G 159 -43.74 0.27 -34.12
N ASP G 160 -44.07 1.47 -34.59
CA ASP G 160 -44.31 2.67 -33.81
C ASP G 160 -45.56 3.35 -34.37
N VAL G 161 -46.51 3.82 -33.55
CA VAL G 161 -47.79 4.31 -34.08
C VAL G 161 -47.91 5.83 -33.98
N PHE G 162 -47.91 6.34 -32.75
CA PHE G 162 -47.76 7.75 -32.42
C PHE G 162 -46.43 7.95 -31.71
N ILE G 163 -45.80 9.07 -31.95
CA ILE G 163 -44.49 9.42 -31.41
C ILE G 163 -44.50 10.85 -30.94
N ASP G 164 -43.78 11.12 -29.87
CA ASP G 164 -43.40 12.44 -29.46
C ASP G 164 -42.23 12.90 -30.34
N VAL G 165 -42.31 14.09 -30.92
CA VAL G 165 -41.25 14.70 -31.72
C VAL G 165 -41.01 16.12 -31.30
N ARG G 166 -39.74 16.52 -31.17
CA ARG G 166 -39.36 17.84 -30.71
C ARG G 166 -38.83 18.65 -31.88
N VAL G 167 -39.30 19.87 -32.11
CA VAL G 167 -39.00 20.52 -33.40
C VAL G 167 -37.68 21.28 -33.28
N LEU G 168 -36.69 20.78 -34.00
CA LEU G 168 -35.27 20.95 -33.76
C LEU G 168 -34.69 22.26 -34.35
N LYS G 169 -35.34 22.79 -35.37
CA LYS G 169 -35.05 24.04 -36.08
C LYS G 169 -36.35 24.80 -36.31
N ASP G 170 -36.36 26.12 -36.17
CA ASP G 170 -37.55 26.88 -36.55
C ASP G 170 -37.76 26.81 -38.07
N ALA G 171 -39.00 26.58 -38.48
CA ALA G 171 -39.42 26.58 -39.88
C ALA G 171 -40.80 27.21 -40.07
N GLY G 172 -41.39 27.72 -39.00
CA GLY G 172 -42.69 28.38 -39.00
C GLY G 172 -43.85 27.45 -39.35
N GLU G 173 -44.99 28.03 -39.75
CA GLU G 173 -46.09 27.26 -40.35
C GLU G 173 -45.64 26.60 -41.64
N ILE G 174 -45.72 25.27 -41.70
CA ILE G 174 -45.52 24.55 -42.94
C ILE G 174 -46.68 23.60 -43.22
N GLN G 175 -47.00 23.49 -44.50
CA GLN G 175 -47.86 22.45 -45.02
C GLN G 175 -47.07 21.16 -45.22
N THR G 176 -47.78 20.05 -45.21
CA THR G 176 -47.40 18.73 -45.71
C THR G 176 -48.68 18.02 -46.16
N GLU G 177 -48.64 16.98 -46.98
CA GLU G 177 -49.86 16.36 -47.53
C GLU G 177 -50.91 16.05 -46.47
N TYR G 178 -50.51 15.47 -45.35
CA TYR G 178 -51.42 15.04 -44.30
C TYR G 178 -51.96 16.16 -43.42
N GLY G 179 -51.30 17.32 -43.35
CA GLY G 179 -51.67 18.38 -42.41
C GLY G 179 -50.67 19.53 -42.27
N VAL G 180 -50.94 20.43 -41.33
CA VAL G 180 -50.19 21.66 -41.06
C VAL G 180 -49.62 21.64 -39.65
N PHE G 181 -48.38 22.04 -39.51
CA PHE G 181 -47.68 22.20 -38.25
C PHE G 181 -47.07 23.58 -38.19
N ASN G 182 -47.08 24.23 -37.03
CA ASN G 182 -46.24 25.38 -36.78
C ASN G 182 -44.98 24.92 -36.06
N LEU G 183 -43.87 24.85 -36.76
CA LEU G 183 -42.59 24.36 -36.26
C LEU G 183 -41.85 25.48 -35.52
N ILE G 184 -42.35 25.79 -34.32
CA ILE G 184 -41.79 26.73 -33.35
C ILE G 184 -40.61 26.08 -32.65
N LYS G 185 -39.42 26.68 -32.69
CA LYS G 185 -38.21 26.17 -32.04
C LYS G 185 -38.47 25.70 -30.62
N ASP G 186 -38.16 24.44 -30.33
CA ASP G 186 -38.38 23.82 -29.03
C ASP G 186 -39.84 23.84 -28.53
N SER G 187 -40.79 23.60 -29.42
CA SER G 187 -42.07 23.01 -29.06
C SER G 187 -42.02 21.51 -29.29
N GLN G 188 -42.93 20.74 -28.72
CA GLN G 188 -43.01 19.31 -28.88
C GLN G 188 -44.39 18.88 -29.35
N PHE G 189 -44.48 17.94 -30.28
CA PHE G 189 -45.72 17.38 -30.80
C PHE G 189 -45.82 15.92 -30.39
N PHE G 190 -47.02 15.43 -30.12
CA PHE G 190 -47.31 14.00 -30.11
C PHE G 190 -48.25 13.72 -31.27
N VAL G 191 -47.73 13.01 -32.27
CA VAL G 191 -48.31 12.88 -33.60
C VAL G 191 -47.97 11.51 -34.19
N ARG G 192 -48.82 11.02 -35.08
CA ARG G 192 -48.65 9.77 -35.85
C ARG G 192 -47.33 9.73 -36.62
N GLN G 193 -46.54 8.64 -36.51
CA GLN G 193 -45.20 8.61 -37.10
C GLN G 193 -45.21 8.82 -38.61
N SER G 194 -46.20 8.25 -39.31
CA SER G 194 -46.32 8.34 -40.76
C SER G 194 -46.50 9.74 -41.32
N ASP G 195 -46.96 10.71 -40.52
CA ASP G 195 -47.12 12.09 -40.98
C ASP G 195 -45.80 12.86 -40.93
N VAL G 196 -45.04 12.70 -39.84
CA VAL G 196 -43.80 13.44 -39.60
C VAL G 196 -42.56 12.80 -40.19
N GLU G 197 -42.57 11.54 -40.63
CA GLU G 197 -41.36 10.80 -41.04
C GLU G 197 -40.48 11.52 -42.07
N ARG G 198 -41.06 12.19 -43.07
CA ARG G 198 -40.28 12.99 -44.02
C ARG G 198 -39.68 14.23 -43.37
N LEU G 199 -40.34 14.89 -42.43
CA LEU G 199 -39.78 16.03 -41.69
C LEU G 199 -38.66 15.62 -40.73
N ILE G 200 -38.74 14.42 -40.17
CA ILE G 200 -37.66 13.81 -39.39
C ILE G 200 -36.44 13.60 -40.29
N GLN G 201 -36.63 13.03 -41.48
CA GLN G 201 -35.59 12.80 -42.49
C GLN G 201 -34.94 14.12 -42.94
N GLN G 202 -35.72 15.17 -43.18
CA GLN G 202 -35.19 16.49 -43.49
C GLN G 202 -34.50 17.16 -42.29
N GLY G 203 -34.63 16.64 -41.08
CA GLY G 203 -33.96 17.13 -39.90
C GLY G 203 -34.60 18.33 -39.21
N TYR G 204 -35.87 18.61 -39.50
CA TYR G 204 -36.64 19.63 -38.78
C TYR G 204 -37.10 19.14 -37.42
N LEU G 205 -37.21 17.83 -37.23
CA LEU G 205 -37.76 17.18 -36.07
C LEU G 205 -36.73 16.22 -35.47
N GLN G 206 -36.85 16.02 -34.17
CA GLN G 206 -36.00 15.22 -33.31
C GLN G 206 -36.90 14.30 -32.47
N LYS G 207 -36.31 13.23 -31.93
CA LYS G 207 -36.89 11.97 -31.49
C LYS G 207 -37.22 11.05 -32.67
N ILE G 208 -36.80 9.78 -32.50
CA ILE G 208 -37.11 8.56 -33.26
C ILE G 208 -36.91 8.61 -34.79
N MET H 1 -26.77 1.32 -53.18
CA MET H 1 -27.78 0.98 -54.21
C MET H 1 -29.19 1.29 -53.65
N SER H 2 -30.24 0.76 -54.27
CA SER H 2 -31.61 0.86 -53.78
C SER H 2 -31.77 0.37 -52.34
N LEU H 3 -31.06 -0.67 -51.95
CA LEU H 3 -31.07 -1.22 -50.59
C LEU H 3 -29.75 -0.89 -49.86
N PRO H 4 -29.76 -0.33 -48.64
CA PRO H 4 -28.59 -0.06 -47.85
C PRO H 4 -27.67 -1.26 -47.65
N ALA H 5 -26.38 -1.02 -47.55
CA ALA H 5 -25.37 -2.06 -47.42
C ALA H 5 -25.56 -2.95 -46.21
N HIS H 6 -25.94 -2.42 -45.06
CA HIS H 6 -26.14 -3.24 -43.84
C HIS H 6 -27.38 -4.14 -43.90
N LEU H 7 -28.20 -4.04 -44.94
CA LEU H 7 -29.35 -4.91 -45.19
C LEU H 7 -29.11 -5.86 -46.37
N GLN H 8 -28.00 -5.78 -47.09
CA GLN H 8 -27.86 -6.45 -48.38
C GLN H 8 -28.06 -7.96 -48.35
N GLN H 9 -27.78 -8.67 -47.26
CA GLN H 9 -27.88 -10.15 -47.20
C GLN H 9 -28.49 -10.70 -45.89
N THR H 10 -29.08 -9.84 -45.07
CA THR H 10 -29.55 -10.17 -43.72
C THR H 10 -30.69 -9.24 -43.27
N PHE H 11 -31.33 -9.52 -42.14
CA PHE H 11 -32.38 -8.70 -41.57
C PHE H 11 -31.83 -7.87 -40.43
N SER H 12 -32.27 -6.63 -40.30
CA SER H 12 -32.02 -5.84 -39.10
C SER H 12 -32.78 -6.43 -37.91
N PRO H 13 -32.35 -6.25 -36.66
CA PRO H 13 -33.10 -6.71 -35.51
C PRO H 13 -34.51 -6.13 -35.44
N GLU H 14 -34.73 -4.93 -35.95
CA GLU H 14 -36.06 -4.35 -36.05
C GLU H 14 -36.95 -5.04 -37.09
N GLU H 15 -36.39 -5.63 -38.15
CA GLU H 15 -37.13 -6.48 -39.08
C GLU H 15 -37.40 -7.86 -38.48
N ILE H 16 -36.52 -8.39 -37.65
CA ILE H 16 -36.78 -9.61 -36.88
C ILE H 16 -37.84 -9.38 -35.84
N GLN H 17 -37.96 -8.19 -35.24
CA GLN H 17 -39.10 -7.84 -34.40
C GLN H 17 -40.38 -7.78 -35.23
N PHE H 18 -40.37 -7.14 -36.39
CA PHE H 18 -41.54 -7.03 -37.25
C PHE H 18 -42.11 -8.38 -37.69
N ILE H 19 -41.27 -9.34 -38.02
CA ILE H 19 -41.67 -10.73 -38.30
C ILE H 19 -42.33 -11.39 -37.09
N VAL H 20 -41.82 -11.19 -35.87
CA VAL H 20 -42.38 -11.80 -34.66
C VAL H 20 -43.70 -11.15 -34.26
N GLU H 21 -43.86 -9.86 -34.48
CA GLU H 21 -45.12 -9.17 -34.28
C GLU H 21 -46.26 -9.65 -35.18
N ASN H 22 -46.01 -10.46 -36.21
CA ASN H 22 -47.05 -11.08 -37.05
C ASN H 22 -47.63 -12.38 -36.47
N GLU H 23 -47.14 -12.88 -35.34
CA GLU H 23 -47.65 -14.10 -34.71
C GLU H 23 -48.92 -13.88 -33.89
N PRO H 24 -49.84 -14.86 -33.75
CA PRO H 24 -50.91 -14.79 -32.77
C PRO H 24 -50.41 -14.83 -31.32
N ILE H 25 -51.03 -14.08 -30.43
CA ILE H 25 -50.83 -14.10 -28.99
C ILE H 25 -52.19 -14.14 -28.32
N LYS H 26 -52.33 -14.79 -27.17
CA LYS H 26 -53.56 -14.76 -26.37
C LYS H 26 -53.62 -13.51 -25.51
N ILE H 27 -54.78 -12.88 -25.38
CA ILE H 27 -55.00 -11.68 -24.56
C ILE H 27 -56.24 -11.79 -23.70
N PHE H 28 -56.37 -10.97 -22.67
CA PHE H 28 -57.62 -10.69 -21.98
C PHE H 28 -58.09 -9.30 -22.34
N PRO H 29 -59.11 -9.12 -23.17
CA PRO H 29 -59.61 -7.82 -23.51
C PRO H 29 -60.11 -7.09 -22.30
N ARG H 30 -59.96 -5.76 -22.27
CA ARG H 30 -60.69 -4.88 -21.36
C ARG H 30 -61.70 -4.01 -22.07
N ILE H 31 -62.17 -4.43 -23.22
CA ILE H 31 -63.28 -3.83 -23.92
C ILE H 31 -64.17 -4.91 -24.46
N THR H 32 -65.46 -4.66 -24.46
CA THR H 32 -66.44 -5.51 -25.08
C THR H 32 -66.80 -4.84 -26.39
N THR H 33 -66.40 -5.41 -27.50
CA THR H 33 -66.79 -4.94 -28.82
C THR H 33 -67.93 -5.74 -29.39
N ARG H 34 -68.27 -6.87 -28.78
CA ARG H 34 -69.30 -7.78 -29.24
C ARG H 34 -70.68 -7.21 -29.02
N GLN H 35 -71.40 -7.01 -30.11
CA GLN H 35 -72.75 -6.46 -30.13
C GLN H 35 -73.78 -7.54 -29.79
N LYS H 36 -74.72 -7.23 -28.90
CA LYS H 36 -75.81 -8.12 -28.48
C LYS H 36 -76.98 -8.14 -29.45
N ILE H 37 -77.70 -9.25 -29.54
CA ILE H 37 -78.87 -9.42 -30.42
C ILE H 37 -80.07 -8.57 -30.02
N ARG H 38 -80.26 -8.29 -28.73
CA ARG H 38 -81.48 -7.68 -28.18
C ARG H 38 -81.92 -6.40 -28.88
N HIS H 47 -72.01 1.60 -35.05
CA HIS H 47 -70.77 1.21 -34.37
C HIS H 47 -69.62 0.93 -35.34
N THR H 48 -68.39 1.36 -35.03
CA THR H 48 -67.20 1.08 -35.86
C THR H 48 -66.74 -0.38 -35.69
N ARG H 49 -66.13 -0.98 -36.71
CA ARG H 49 -65.70 -2.39 -36.76
C ARG H 49 -64.36 -2.53 -37.46
N TRP H 50 -63.61 -3.60 -37.23
CA TRP H 50 -62.18 -3.59 -37.53
C TRP H 50 -61.78 -3.61 -39.01
N GLN H 51 -62.33 -4.45 -39.87
CA GLN H 51 -62.10 -4.41 -41.33
C GLN H 51 -60.63 -4.52 -41.81
N LEU H 52 -59.81 -5.30 -41.12
CA LEU H 52 -58.43 -5.58 -41.48
C LEU H 52 -58.29 -6.43 -42.76
N ILE H 53 -57.13 -6.39 -43.41
CA ILE H 53 -56.76 -7.07 -44.67
C ILE H 53 -55.52 -7.97 -44.62
N THR H 54 -54.80 -8.09 -43.50
CA THR H 54 -53.67 -9.03 -43.38
C THR H 54 -53.86 -10.08 -42.29
N THR H 55 -54.92 -9.99 -41.50
CA THR H 55 -55.19 -10.85 -40.35
C THR H 55 -56.68 -11.04 -40.12
N ASP H 56 -57.05 -12.03 -39.33
CA ASP H 56 -58.44 -12.41 -39.12
C ASP H 56 -59.23 -11.38 -38.31
N ASP H 57 -60.04 -10.60 -39.00
CA ASP H 57 -60.96 -9.59 -38.48
C ASP H 57 -62.00 -10.17 -37.49
N LYS H 58 -62.43 -11.42 -37.67
CA LYS H 58 -63.51 -12.03 -36.88
C LYS H 58 -63.15 -12.26 -35.42
N ALA H 59 -61.89 -12.16 -35.01
CA ALA H 59 -61.49 -12.28 -33.61
C ALA H 59 -61.66 -10.99 -32.80
N LEU H 60 -61.62 -9.82 -33.43
CA LEU H 60 -61.61 -8.53 -32.76
C LEU H 60 -62.98 -7.93 -32.60
N ASN H 61 -63.84 -8.09 -33.60
CA ASN H 61 -65.23 -7.66 -33.48
C ASN H 61 -66.04 -8.52 -32.51
N ASN H 62 -65.46 -9.54 -31.88
CA ASN H 62 -66.11 -10.45 -30.98
C ASN H 62 -65.39 -10.52 -29.64
N MET H 63 -64.86 -9.40 -29.15
CA MET H 63 -64.23 -9.37 -27.84
C MET H 63 -65.25 -9.15 -26.76
N VAL H 64 -65.05 -9.82 -25.64
CA VAL H 64 -65.85 -9.65 -24.43
C VAL H 64 -64.92 -9.50 -23.26
N ALA H 65 -65.09 -8.50 -22.41
CA ALA H 65 -64.11 -8.18 -21.39
C ALA H 65 -63.80 -9.38 -20.49
N MET H 66 -62.53 -9.68 -20.31
CA MET H 66 -61.99 -10.77 -19.52
C MET H 66 -62.34 -12.19 -19.96
N ARG H 67 -62.85 -12.44 -21.17
CA ARG H 67 -62.79 -13.79 -21.76
C ARG H 67 -61.63 -13.82 -22.72
N SER H 68 -60.70 -14.74 -22.58
CA SER H 68 -59.51 -14.69 -23.42
C SER H 68 -59.82 -14.92 -24.89
N THR H 69 -58.96 -14.41 -25.75
CA THR H 69 -59.03 -14.51 -27.22
C THR H 69 -57.62 -14.46 -27.80
N GLU H 70 -57.39 -14.88 -29.03
CA GLU H 70 -56.13 -14.66 -29.73
C GLU H 70 -56.23 -13.52 -30.73
N VAL H 71 -55.24 -12.65 -30.77
CA VAL H 71 -55.07 -11.62 -31.80
C VAL H 71 -53.63 -11.61 -32.24
N VAL H 72 -53.32 -11.01 -33.38
CA VAL H 72 -51.95 -10.84 -33.86
C VAL H 72 -51.17 -9.91 -32.92
N LEU H 73 -49.91 -10.21 -32.63
CA LEU H 73 -49.17 -9.56 -31.56
C LEU H 73 -49.07 -8.05 -31.72
N TRP H 74 -48.95 -7.50 -32.92
CA TRP H 74 -48.91 -6.06 -33.11
C TRP H 74 -50.22 -5.35 -32.75
N ILE H 75 -51.36 -6.04 -32.72
CA ILE H 75 -52.61 -5.48 -32.20
C ILE H 75 -52.65 -5.63 -30.69
N ALA H 76 -52.19 -6.72 -30.13
CA ALA H 76 -52.14 -6.84 -28.69
C ALA H 76 -51.31 -5.75 -28.05
N LEU H 77 -50.16 -5.41 -28.62
CA LEU H 77 -49.31 -4.32 -28.15
C LEU H 77 -49.94 -2.96 -28.35
N LEU H 78 -50.75 -2.77 -29.37
CA LEU H 78 -51.44 -1.52 -29.64
C LEU H 78 -52.63 -1.31 -28.70
N LEU H 79 -53.32 -2.37 -28.33
CA LEU H 79 -54.34 -2.34 -27.30
C LEU H 79 -53.74 -2.18 -25.92
N LYS H 80 -52.67 -2.90 -25.58
CA LYS H 80 -51.97 -2.82 -24.28
C LYS H 80 -51.26 -1.50 -24.05
N GLN H 81 -51.06 -0.71 -25.09
CA GLN H 81 -50.54 0.65 -24.97
C GLN H 81 -51.58 1.59 -24.32
N GLN H 82 -52.87 1.43 -24.64
CA GLN H 82 -53.94 1.89 -23.76
C GLN H 82 -54.15 0.86 -22.64
N SER H 83 -55.01 1.12 -21.67
CA SER H 83 -55.37 0.13 -20.68
C SER H 83 -56.22 -1.01 -21.23
N LYS H 84 -56.43 -1.11 -22.55
CA LYS H 84 -57.53 -1.83 -23.18
C LYS H 84 -57.28 -3.31 -23.43
N CYS H 85 -56.27 -3.89 -22.80
CA CYS H 85 -55.89 -5.28 -22.98
C CYS H 85 -54.94 -5.71 -21.88
N SER H 86 -54.69 -7.01 -21.74
CA SER H 86 -53.58 -7.58 -21.01
C SER H 86 -53.10 -8.81 -21.71
N ILE H 87 -51.80 -9.05 -21.76
CA ILE H 87 -51.24 -10.02 -22.69
C ILE H 87 -50.87 -11.27 -21.93
N VAL H 88 -51.44 -12.40 -22.31
CA VAL H 88 -51.21 -13.65 -21.61
C VAL H 88 -49.94 -14.26 -22.13
N ALA H 89 -48.92 -14.31 -21.30
CA ALA H 89 -47.64 -14.88 -21.66
C ALA H 89 -47.82 -16.36 -22.06
N PRO H 90 -47.15 -16.86 -23.10
CA PRO H 90 -47.21 -18.27 -23.46
C PRO H 90 -46.78 -19.20 -22.34
N GLN H 91 -47.14 -20.48 -22.40
CA GLN H 91 -46.82 -21.42 -21.32
C GLN H 91 -45.32 -21.57 -21.09
N TRP H 92 -44.50 -21.45 -22.14
CA TRP H 92 -43.05 -21.55 -22.03
C TRP H 92 -42.40 -20.37 -21.30
N LEU H 93 -43.05 -19.21 -21.16
CA LEU H 93 -42.63 -18.13 -20.25
C LEU H 93 -43.21 -18.34 -18.85
N THR H 94 -42.94 -19.49 -18.28
CA THR H 94 -43.22 -19.77 -16.87
C THR H 94 -41.95 -20.28 -16.24
N THR H 95 -41.75 -20.00 -14.97
CA THR H 95 -40.54 -20.37 -14.25
C THR H 95 -40.39 -21.88 -14.16
N LYS H 96 -41.49 -22.64 -14.20
CA LYS H 96 -41.44 -24.09 -14.38
C LYS H 96 -40.90 -24.44 -15.76
N GLU H 97 -41.51 -23.98 -16.85
CA GLU H 97 -41.08 -24.43 -18.17
C GLU H 97 -39.69 -23.92 -18.57
N LEU H 98 -39.29 -22.70 -18.17
CA LEU H 98 -37.94 -22.24 -18.38
C LEU H 98 -36.94 -23.11 -17.61
N ASP H 99 -37.25 -23.53 -16.40
CA ASP H 99 -36.32 -24.33 -15.63
C ASP H 99 -36.20 -25.77 -16.14
N ARG H 100 -37.23 -26.31 -16.80
CA ARG H 100 -37.09 -27.58 -17.50
C ARG H 100 -36.23 -27.45 -18.72
N LYS H 101 -36.28 -26.33 -19.44
CA LYS H 101 -35.44 -26.08 -20.62
C LYS H 101 -33.99 -25.87 -20.22
N ILE H 102 -33.71 -25.15 -19.14
CA ILE H 102 -32.36 -25.02 -18.60
C ILE H 102 -31.80 -26.39 -18.21
N GLN H 103 -32.58 -27.25 -17.55
CA GLN H 103 -32.14 -28.60 -17.25
C GLN H 103 -31.86 -29.40 -18.52
N TYR H 104 -32.72 -29.32 -19.54
CA TYR H 104 -32.48 -29.98 -20.82
C TYR H 104 -31.17 -29.51 -21.43
N GLU H 105 -30.90 -28.21 -21.43
CA GLU H 105 -29.71 -27.64 -22.03
C GLU H 105 -28.45 -28.18 -21.35
N LYS H 106 -28.40 -28.18 -20.03
CA LYS H 106 -27.26 -28.71 -19.27
C LYS H 106 -27.04 -30.22 -19.47
N THR H 107 -28.11 -30.96 -19.68
CA THR H 107 -28.13 -32.42 -19.79
C THR H 107 -27.71 -32.92 -21.17
N HIS H 108 -27.96 -32.14 -22.22
CA HIS H 108 -27.64 -32.50 -23.59
C HIS H 108 -26.66 -31.49 -24.23
N PRO H 109 -25.35 -31.60 -23.98
CA PRO H 109 -24.36 -30.74 -24.61
C PRO H 109 -24.44 -30.69 -26.13
N ASP H 110 -24.89 -31.76 -26.77
CA ASP H 110 -24.84 -31.94 -28.22
C ASP H 110 -25.98 -31.23 -28.97
N ARG H 111 -26.98 -30.67 -28.28
CA ARG H 111 -28.22 -30.13 -28.88
C ARG H 111 -28.71 -28.88 -28.20
N PHE H 112 -29.44 -28.04 -28.90
CA PHE H 112 -30.22 -26.94 -28.33
C PHE H 112 -31.60 -27.44 -27.94
N SER H 113 -32.21 -26.93 -26.87
CA SER H 113 -33.54 -27.35 -26.44
C SER H 113 -34.65 -26.82 -27.34
N GLU H 114 -35.83 -27.43 -27.33
CA GLU H 114 -36.93 -27.11 -28.26
C GLU H 114 -37.73 -25.85 -27.84
N LEU H 115 -37.05 -24.74 -27.60
CA LEU H 115 -37.63 -23.39 -27.50
C LEU H 115 -38.17 -22.92 -28.85
N PRO H 116 -39.24 -22.12 -28.90
CA PRO H 116 -39.83 -21.66 -30.15
C PRO H 116 -38.93 -20.67 -30.86
N TRP H 117 -39.03 -20.50 -32.18
CA TRP H 117 -38.06 -19.72 -32.94
C TRP H 117 -37.93 -18.27 -32.48
N ASN H 118 -38.97 -17.72 -31.85
CA ASN H 118 -39.04 -16.33 -31.46
C ASN H 118 -38.78 -16.06 -29.98
N TRP H 119 -38.23 -17.00 -29.21
CA TRP H 119 -38.22 -16.90 -27.75
C TRP H 119 -37.49 -15.67 -27.18
N LEU H 120 -36.29 -15.30 -27.66
CA LEU H 120 -35.62 -14.08 -27.21
C LEU H 120 -36.35 -12.81 -27.61
N VAL H 121 -36.92 -12.79 -28.81
CA VAL H 121 -37.59 -11.62 -29.34
C VAL H 121 -38.86 -11.36 -28.53
N LEU H 122 -39.67 -12.39 -28.31
CA LEU H 122 -40.91 -12.27 -27.59
C LEU H 122 -40.71 -12.00 -26.09
N ALA H 123 -39.69 -12.59 -25.46
CA ALA H 123 -39.33 -12.24 -24.08
C ALA H 123 -39.00 -10.75 -23.93
N ARG H 124 -38.14 -10.20 -24.78
CA ARG H 124 -37.77 -8.78 -24.81
C ARG H 124 -38.96 -7.87 -25.08
N ILE H 125 -39.86 -8.19 -26.01
CA ILE H 125 -41.09 -7.41 -26.24
C ILE H 125 -41.99 -7.39 -25.00
N LEU H 126 -42.31 -8.55 -24.44
CA LEU H 126 -43.29 -8.62 -23.35
C LEU H 126 -42.74 -8.13 -22.02
N PHE H 127 -41.46 -8.29 -21.71
CA PHE H 127 -40.89 -7.74 -20.50
C PHE H 127 -40.88 -6.22 -20.48
N ASN H 128 -40.79 -5.57 -21.64
CA ASN H 128 -40.88 -4.12 -21.73
C ASN H 128 -42.33 -3.64 -21.78
N LYS H 129 -43.20 -4.23 -22.61
CA LYS H 129 -44.56 -3.72 -22.87
C LYS H 129 -45.64 -4.29 -21.96
N ALA H 130 -45.48 -5.50 -21.43
CA ALA H 130 -46.46 -6.23 -20.66
C ALA H 130 -45.90 -6.69 -19.31
N LYS H 131 -45.07 -5.87 -18.68
CA LYS H 131 -44.32 -6.16 -17.46
C LYS H 131 -45.18 -6.57 -16.26
N ASP H 132 -46.45 -6.20 -16.24
CA ASP H 132 -47.37 -6.45 -15.15
C ASP H 132 -48.23 -7.71 -15.32
N ASP H 133 -48.16 -8.40 -16.45
CA ASP H 133 -49.06 -9.49 -16.82
C ASP H 133 -48.54 -10.91 -16.60
N PHE H 134 -47.36 -11.06 -16.03
CA PHE H 134 -46.77 -12.34 -15.69
C PHE H 134 -47.31 -12.85 -14.36
N HIS H 135 -47.59 -14.14 -14.27
CA HIS H 135 -48.01 -14.77 -13.00
C HIS H 135 -46.84 -15.00 -12.06
N ASP H 136 -45.66 -15.23 -12.62
CA ASP H 136 -44.39 -15.31 -11.89
C ASP H 136 -43.72 -13.95 -11.76
N PRO H 137 -42.84 -13.75 -10.77
CA PRO H 137 -42.23 -12.45 -10.60
C PRO H 137 -41.19 -12.22 -11.70
N ILE H 138 -41.36 -11.15 -12.46
CA ILE H 138 -40.60 -10.86 -13.67
C ILE H 138 -39.08 -10.84 -13.49
N HIS H 139 -38.55 -10.59 -12.29
CA HIS H 139 -37.11 -10.64 -12.06
C HIS H 139 -36.55 -12.07 -12.10
N GLU H 140 -37.34 -13.09 -11.83
CA GLU H 140 -36.95 -14.49 -11.99
C GLU H 140 -37.10 -14.96 -13.42
N LEU H 141 -38.04 -14.40 -14.18
CA LEU H 141 -38.14 -14.68 -15.61
C LEU H 141 -36.98 -14.05 -16.37
N ARG H 142 -36.68 -12.76 -16.17
CA ARG H 142 -35.48 -12.14 -16.76
C ARG H 142 -34.23 -12.91 -16.40
N GLY H 143 -34.11 -13.38 -15.17
CA GLY H 143 -32.99 -14.18 -14.71
C GLY H 143 -32.83 -15.49 -15.47
N LYS H 144 -33.91 -16.21 -15.77
CA LYS H 144 -33.87 -17.47 -16.50
C LYS H 144 -33.78 -17.30 -18.01
N ILE H 145 -34.33 -16.24 -18.57
CA ILE H 145 -34.07 -15.90 -19.98
C ILE H 145 -32.59 -15.64 -20.18
N GLN H 146 -31.91 -14.96 -19.25
CA GLN H 146 -30.47 -14.80 -19.31
C GLN H 146 -29.72 -16.12 -19.11
N ASP H 147 -30.12 -16.98 -18.17
CA ASP H 147 -29.53 -18.31 -18.00
C ASP H 147 -29.60 -19.13 -19.29
N LEU H 148 -30.72 -19.12 -20.01
CA LEU H 148 -30.85 -19.78 -21.31
C LEU H 148 -30.02 -19.12 -22.40
N ARG H 149 -29.97 -17.80 -22.44
CA ARG H 149 -29.19 -17.05 -23.42
C ARG H 149 -27.73 -17.43 -23.32
N GLU H 150 -27.20 -17.52 -22.11
CA GLU H 150 -25.79 -17.82 -21.88
C GLU H 150 -25.44 -19.26 -22.19
N ILE H 151 -26.27 -20.25 -21.86
CA ILE H 151 -25.95 -21.63 -22.18
C ILE H 151 -25.93 -21.84 -23.68
N ARG H 152 -26.91 -21.31 -24.40
CA ARG H 152 -26.94 -21.43 -25.85
C ARG H 152 -25.76 -20.75 -26.51
N GLN H 153 -25.26 -19.64 -25.97
CA GLN H 153 -24.05 -19.00 -26.47
C GLN H 153 -22.81 -19.87 -26.32
N ILE H 154 -22.68 -20.69 -25.28
CA ILE H 154 -21.57 -21.64 -25.19
C ILE H 154 -21.70 -22.71 -26.28
N LYS H 155 -22.90 -23.26 -26.46
CA LYS H 155 -23.14 -24.29 -27.46
C LYS H 155 -22.92 -23.80 -28.87
N VAL H 156 -23.24 -22.53 -29.16
CA VAL H 156 -22.85 -21.89 -30.41
C VAL H 156 -21.34 -21.84 -30.56
N LEU H 157 -20.57 -21.39 -29.58
CA LEU H 157 -19.12 -21.33 -29.71
C LEU H 157 -18.49 -22.69 -29.92
N LYS H 158 -19.03 -23.76 -29.33
CA LYS H 158 -18.63 -25.13 -29.63
C LYS H 158 -18.97 -25.50 -31.07
N GLY H 159 -20.12 -25.12 -31.58
CA GLY H 159 -20.54 -25.45 -32.94
C GLY H 159 -19.65 -24.85 -34.02
N LEU H 160 -19.13 -23.64 -33.81
CA LEU H 160 -18.26 -22.95 -34.76
C LEU H 160 -16.87 -23.56 -34.94
N LYS H 161 -16.47 -24.52 -34.11
CA LYS H 161 -15.26 -25.29 -34.34
C LYS H 161 -15.38 -26.23 -35.52
N TYR H 162 -16.59 -26.42 -36.05
CA TYR H 162 -16.90 -27.33 -37.13
C TYR H 162 -17.29 -26.64 -38.45
N LEU H 163 -16.99 -25.36 -38.69
CA LEU H 163 -17.32 -24.77 -39.98
C LEU H 163 -16.68 -25.55 -41.13
N ASN H 164 -17.40 -25.69 -42.22
CA ASN H 164 -17.30 -26.81 -43.13
C ASN H 164 -17.46 -26.36 -44.59
N GLU H 165 -17.00 -27.13 -45.55
CA GLU H 165 -17.26 -26.89 -46.97
C GLU H 165 -18.65 -27.38 -47.42
N SER H 166 -19.34 -28.20 -46.63
CA SER H 166 -20.55 -28.88 -47.09
C SER H 166 -21.82 -28.35 -46.45
N HIS H 167 -21.98 -28.41 -45.13
CA HIS H 167 -23.16 -27.93 -44.43
C HIS H 167 -22.96 -27.84 -42.93
N LEU H 168 -23.94 -27.28 -42.22
CA LEU H 168 -24.13 -27.49 -40.78
C LEU H 168 -25.59 -27.82 -40.51
N GLN H 169 -25.91 -28.36 -39.34
CA GLN H 169 -27.27 -28.53 -38.84
C GLN H 169 -27.38 -27.84 -37.47
N LEU H 170 -28.40 -27.01 -37.24
CA LEU H 170 -28.51 -26.08 -36.11
C LEU H 170 -29.92 -26.10 -35.51
N ASP H 171 -30.42 -27.27 -35.14
CA ASP H 171 -31.84 -27.57 -35.10
C ASP H 171 -32.83 -26.62 -34.41
N ASN H 172 -32.55 -26.17 -33.18
CA ASN H 172 -33.51 -25.36 -32.40
C ASN H 172 -33.02 -23.94 -32.13
N LEU H 173 -32.09 -23.45 -32.95
CA LEU H 173 -31.52 -22.12 -32.79
C LEU H 173 -32.61 -21.08 -33.09
N SER H 174 -32.75 -20.03 -32.28
CA SER H 174 -33.76 -18.99 -32.50
C SER H 174 -33.47 -18.17 -33.74
N LEU H 175 -34.48 -17.53 -34.30
CA LEU H 175 -34.31 -16.55 -35.35
C LEU H 175 -33.37 -15.41 -34.95
N LEU H 176 -33.38 -14.92 -33.71
CA LEU H 176 -32.46 -13.85 -33.33
C LEU H 176 -31.03 -14.34 -33.17
N GLU H 177 -30.85 -15.59 -32.73
CA GLU H 177 -29.57 -16.27 -32.59
C GLU H 177 -28.97 -16.69 -33.93
N ILE H 178 -29.79 -16.97 -34.94
CA ILE H 178 -29.34 -17.15 -36.30
C ILE H 178 -28.95 -15.81 -36.90
N ASN H 179 -29.70 -14.76 -36.60
CA ASN H 179 -29.51 -13.52 -37.29
C ASN H 179 -28.25 -12.78 -36.86
N GLU H 180 -27.75 -12.97 -35.64
CA GLU H 180 -26.47 -12.43 -35.22
C GLU H 180 -25.28 -13.18 -35.85
N LEU H 181 -25.41 -14.49 -36.07
CA LEU H 181 -24.38 -15.39 -36.59
C LEU H 181 -24.31 -15.43 -38.10
N ARG H 182 -25.39 -15.08 -38.79
CA ARG H 182 -25.49 -15.18 -40.24
C ARG H 182 -24.30 -14.57 -40.95
N PRO H 183 -23.91 -13.30 -40.77
CA PRO H 183 -22.81 -12.69 -41.50
C PRO H 183 -21.43 -13.20 -41.10
N PHE H 184 -21.31 -14.10 -40.13
CA PHE H 184 -20.06 -14.76 -39.79
C PHE H 184 -20.02 -16.18 -40.33
N ILE H 185 -21.03 -17.00 -40.02
CA ILE H 185 -21.05 -18.40 -40.45
C ILE H 185 -21.04 -18.48 -41.96
N THR H 186 -21.86 -17.68 -42.63
CA THR H 186 -21.98 -17.79 -44.06
C THR H 186 -20.78 -17.19 -44.76
N GLU H 187 -20.22 -16.09 -44.28
CA GLU H 187 -19.00 -15.51 -44.82
C GLU H 187 -17.77 -16.40 -44.69
N ILE H 188 -17.59 -17.13 -43.60
CA ILE H 188 -16.47 -18.06 -43.42
C ILE H 188 -16.69 -19.32 -44.22
N MET H 189 -17.87 -19.93 -44.20
CA MET H 189 -18.13 -21.12 -45.00
C MET H 189 -18.03 -20.84 -46.49
N ASP H 190 -18.39 -19.63 -46.94
CA ASP H 190 -18.13 -19.17 -48.30
C ASP H 190 -16.63 -19.14 -48.62
N LYS H 191 -15.73 -18.68 -47.76
CA LYS H 191 -14.30 -18.74 -48.10
C LYS H 191 -13.73 -20.14 -47.98
N LEU H 192 -14.20 -20.99 -47.06
CA LEU H 192 -13.79 -22.39 -47.04
C LEU H 192 -14.20 -23.13 -48.31
N ARG H 193 -15.39 -22.87 -48.84
CA ARG H 193 -15.84 -23.38 -50.14
C ARG H 193 -15.01 -22.85 -51.29
N GLU H 194 -14.70 -21.56 -51.35
CA GLU H 194 -13.85 -21.02 -52.41
C GLU H 194 -12.45 -21.63 -52.39
N ILE H 195 -11.85 -21.79 -51.21
CA ILE H 195 -10.53 -22.42 -51.07
C ILE H 195 -10.59 -23.90 -51.48
N HIS H 196 -11.66 -24.60 -51.18
CA HIS H 196 -11.83 -25.98 -51.57
C HIS H 196 -12.09 -26.15 -53.06
N THR H 197 -13.11 -25.50 -53.63
CA THR H 197 -13.41 -25.64 -55.06
C THR H 197 -12.27 -25.19 -55.95
N ALA H 198 -11.45 -24.24 -55.51
CA ALA H 198 -10.24 -23.86 -56.22
C ALA H 198 -9.25 -25.02 -56.35
N SER H 199 -9.18 -25.92 -55.37
CA SER H 199 -8.24 -27.04 -55.41
C SER H 199 -8.62 -28.12 -56.42
N LEU H 200 -9.90 -28.20 -56.81
CA LEU H 200 -10.44 -29.22 -57.70
C LEU H 200 -10.10 -28.98 -59.18
N THR H 201 -9.93 -30.07 -59.92
CA THR H 201 -9.45 -30.12 -61.30
C THR H 201 -10.58 -29.95 -62.31
N SER I 19 -9.22 -21.05 -65.33
CA SER I 19 -10.09 -19.92 -65.71
C SER I 19 -10.70 -19.26 -64.48
N HIS I 20 -11.08 -17.98 -64.61
CA HIS I 20 -11.69 -17.14 -63.56
C HIS I 20 -12.91 -17.79 -62.86
N MET I 21 -13.09 -17.57 -61.55
CA MET I 21 -14.24 -18.03 -60.76
C MET I 21 -15.20 -16.90 -60.38
N ALA I 22 -16.50 -17.13 -60.55
CA ALA I 22 -17.54 -16.10 -60.50
C ALA I 22 -17.69 -15.36 -59.14
N SER I 23 -17.15 -15.90 -58.06
CA SER I 23 -17.26 -15.36 -56.70
C SER I 23 -16.36 -14.13 -56.46
N MET I 24 -15.31 -13.94 -57.27
CA MET I 24 -14.45 -12.74 -57.27
C MET I 24 -14.76 -11.87 -58.49
N GLY I 25 -15.22 -10.64 -58.26
CA GLY I 25 -15.91 -9.85 -59.27
C GLY I 25 -15.01 -8.97 -60.12
N TYR I 26 -15.50 -8.50 -61.25
CA TYR I 26 -14.76 -7.57 -62.08
C TYR I 26 -14.53 -6.23 -61.38
N TYR I 27 -15.60 -5.63 -60.89
CA TYR I 27 -15.64 -4.32 -60.24
C TYR I 27 -15.32 -4.37 -58.74
N ASP I 28 -14.85 -5.49 -58.23
CA ASP I 28 -14.65 -5.72 -56.80
C ASP I 28 -13.29 -5.16 -56.39
N ILE I 29 -13.24 -4.02 -55.70
CA ILE I 29 -12.01 -3.26 -55.50
C ILE I 29 -10.90 -4.09 -54.85
N ASP I 30 -11.21 -4.86 -53.84
CA ASP I 30 -10.21 -5.71 -53.20
C ASP I 30 -9.71 -6.87 -54.09
N ASP I 31 -10.42 -7.22 -55.17
CA ASP I 31 -9.91 -8.12 -56.20
C ASP I 31 -9.04 -7.40 -57.22
N VAL I 32 -9.38 -6.15 -57.55
CA VAL I 32 -8.53 -5.33 -58.41
C VAL I 32 -7.18 -5.07 -57.74
N LEU I 33 -7.19 -4.77 -56.44
CA LEU I 33 -5.95 -4.54 -55.70
C LEU I 33 -5.15 -5.82 -55.54
N ALA I 34 -5.77 -6.97 -55.24
CA ALA I 34 -5.04 -8.23 -55.12
C ALA I 34 -4.30 -8.59 -56.40
N ASP I 35 -4.96 -8.47 -57.55
CA ASP I 35 -4.35 -8.71 -58.85
C ASP I 35 -3.18 -7.78 -59.17
N GLY I 36 -3.02 -6.68 -58.45
CA GLY I 36 -1.93 -5.73 -58.68
C GLY I 36 -0.59 -6.16 -58.08
N THR I 37 -0.57 -7.12 -57.16
CA THR I 37 0.65 -7.48 -56.41
C THR I 37 1.63 -8.30 -57.24
N GLU I 38 2.91 -8.01 -57.14
CA GLU I 38 3.95 -8.62 -57.97
C GLU I 38 4.35 -10.01 -57.53
N PHE I 39 4.61 -10.90 -58.49
CA PHE I 39 5.16 -12.23 -58.27
C PHE I 39 6.45 -12.41 -59.05
N PRO I 40 7.45 -13.15 -58.55
CA PRO I 40 8.69 -13.38 -59.27
C PRO I 40 8.47 -14.33 -60.44
N CYS I 41 9.03 -13.97 -61.60
CA CYS I 41 8.81 -14.56 -62.90
C CYS I 41 10.12 -14.74 -63.66
N LYS I 42 10.38 -15.92 -64.20
CA LYS I 42 11.50 -16.17 -65.12
C LYS I 42 10.95 -16.17 -66.54
N PHE I 43 11.52 -15.39 -67.45
CA PHE I 43 11.15 -15.46 -68.88
C PHE I 43 11.83 -16.63 -69.57
N GLN I 44 11.07 -17.38 -70.37
CA GLN I 44 11.58 -18.53 -71.11
C GLN I 44 11.97 -18.23 -72.57
N TYR I 45 11.89 -16.98 -73.02
CA TYR I 45 12.17 -16.53 -74.40
C TYR I 45 12.90 -15.18 -74.44
N ASP I 46 13.66 -14.95 -75.51
CA ASP I 46 14.07 -13.61 -75.95
C ASP I 46 12.88 -12.87 -76.58
N ILE I 47 12.58 -11.63 -76.16
CA ILE I 47 11.49 -10.84 -76.75
C ILE I 47 11.86 -9.35 -76.89
N PRO I 48 12.10 -8.85 -78.12
CA PRO I 48 12.24 -7.42 -78.39
C PRO I 48 11.06 -6.58 -77.89
N GLY I 49 11.27 -5.28 -77.71
CA GLY I 49 10.23 -4.29 -77.39
C GLY I 49 9.71 -4.32 -75.96
N LEU I 50 9.68 -5.48 -75.30
CA LEU I 50 9.12 -5.67 -73.96
C LEU I 50 10.05 -5.26 -72.80
N GLY I 51 11.22 -4.69 -73.07
CA GLY I 51 12.14 -4.19 -72.04
C GLY I 51 11.55 -3.17 -71.07
N TYR I 52 10.42 -2.53 -71.37
CA TYR I 52 9.70 -1.67 -70.41
C TYR I 52 9.27 -2.44 -69.13
N LEU I 53 9.15 -3.77 -69.20
CA LEU I 53 8.92 -4.63 -68.04
C LEU I 53 10.14 -4.68 -67.11
N GLU I 54 11.35 -4.57 -67.68
CA GLU I 54 12.63 -4.41 -66.97
C GLU I 54 12.99 -2.94 -66.66
N ASN I 55 12.07 -2.01 -66.91
CA ASN I 55 12.25 -0.56 -66.81
C ASN I 55 13.25 0.07 -67.79
N ASN I 56 13.60 -0.60 -68.89
CA ASN I 56 14.42 -0.06 -69.98
C ASN I 56 13.78 -0.46 -71.33
N PRO I 57 12.97 0.41 -71.96
CA PRO I 57 12.29 0.08 -73.22
C PRO I 57 13.21 -0.29 -74.38
N GLY I 58 14.44 0.23 -74.41
CA GLY I 58 15.35 0.11 -75.54
C GLY I 58 15.95 -1.29 -75.71
N ARG I 59 16.16 -2.02 -74.61
CA ARG I 59 16.62 -3.41 -74.64
C ARG I 59 15.50 -4.40 -75.02
N PRO I 60 15.84 -5.57 -75.55
CA PRO I 60 14.97 -6.73 -75.53
C PRO I 60 14.90 -7.34 -74.12
N ILE I 61 13.85 -8.12 -73.87
CA ILE I 61 13.84 -9.16 -72.85
C ILE I 61 14.80 -10.28 -73.24
N THR I 62 15.53 -10.85 -72.30
CA THR I 62 16.40 -12.01 -72.56
C THR I 62 15.98 -13.23 -71.74
N LYS I 63 16.09 -14.42 -72.32
CA LYS I 63 15.79 -15.70 -71.67
C LYS I 63 16.60 -15.83 -70.37
N ASN I 64 15.97 -16.42 -69.36
CA ASN I 64 16.43 -16.47 -67.98
C ASN I 64 16.59 -15.12 -67.28
N THR I 65 16.03 -14.02 -67.78
CA THR I 65 15.83 -12.85 -66.92
C THR I 65 14.79 -13.17 -65.84
N LYS I 66 15.09 -12.86 -64.59
CA LYS I 66 14.19 -13.01 -63.44
C LYS I 66 13.57 -11.65 -63.05
N LEU I 67 12.42 -11.35 -63.63
CA LEU I 67 11.53 -10.23 -63.32
C LEU I 67 10.60 -10.45 -62.13
N SER I 68 9.98 -9.38 -61.64
CA SER I 68 8.73 -9.44 -60.87
C SER I 68 7.62 -8.76 -61.66
N LEU I 69 6.54 -9.46 -61.98
CA LEU I 69 5.41 -8.95 -62.76
C LEU I 69 4.15 -8.90 -61.91
N PRO I 70 3.26 -7.92 -62.09
CA PRO I 70 1.96 -7.92 -61.43
C PRO I 70 1.17 -9.19 -61.74
N LEU I 71 0.35 -9.66 -60.81
CA LEU I 71 -0.39 -10.90 -61.04
C LEU I 71 -1.34 -10.81 -62.24
N TRP I 72 -1.93 -9.67 -62.57
CA TRP I 72 -2.79 -9.56 -63.76
C TRP I 72 -2.06 -9.76 -65.08
N LEU I 73 -0.76 -9.57 -65.12
CA LEU I 73 0.08 -9.88 -66.26
C LEU I 73 0.66 -11.30 -66.15
N ALA I 74 1.17 -11.66 -64.98
CA ALA I 74 1.84 -12.92 -64.74
C ALA I 74 0.90 -14.12 -64.84
N ARG I 75 -0.33 -14.01 -64.32
CA ARG I 75 -1.37 -15.05 -64.41
C ARG I 75 -1.66 -15.42 -65.85
N ILE I 76 -1.52 -14.49 -66.79
CA ILE I 76 -1.87 -14.69 -68.18
C ILE I 76 -0.64 -15.14 -68.99
N LEU I 77 0.52 -14.51 -68.78
CA LEU I 77 1.76 -14.94 -69.45
C LEU I 77 2.19 -16.35 -69.05
N ALA I 78 1.85 -16.83 -67.86
CA ALA I 78 2.19 -18.19 -67.45
C ALA I 78 1.43 -19.29 -68.23
N ILE I 79 0.43 -18.94 -69.04
CA ILE I 79 -0.53 -19.89 -69.64
C ILE I 79 -0.32 -20.06 -71.15
N VAL I 80 0.34 -19.13 -71.84
CA VAL I 80 0.42 -19.07 -73.32
C VAL I 80 1.85 -18.85 -73.81
N GLY I 81 2.17 -19.24 -75.05
CA GLY I 81 3.53 -19.17 -75.61
C GLY I 81 3.59 -18.95 -77.11
N PRO I 91 3.58 -27.77 -74.14
CA PRO I 91 3.92 -26.45 -74.65
C PRO I 91 4.73 -25.60 -73.66
N VAL I 92 5.54 -24.67 -74.15
CA VAL I 92 6.42 -23.83 -73.34
C VAL I 92 5.93 -22.37 -73.33
N PRO I 93 5.43 -21.85 -72.20
CA PRO I 93 4.81 -20.52 -72.10
C PRO I 93 5.84 -19.40 -71.98
N PHE I 94 5.41 -18.14 -72.08
CA PHE I 94 6.35 -17.00 -72.03
C PHE I 94 7.13 -16.91 -70.70
N VAL I 95 6.50 -17.31 -69.60
CA VAL I 95 6.98 -17.13 -68.23
C VAL I 95 6.81 -18.39 -67.38
N GLU I 96 7.73 -18.63 -66.46
CA GLU I 96 7.48 -19.44 -65.25
C GLU I 96 7.23 -18.54 -64.06
N LEU I 97 6.19 -18.81 -63.28
CA LEU I 97 6.08 -18.23 -61.94
C LEU I 97 6.99 -18.99 -60.99
N LEU I 98 7.93 -18.29 -60.38
CA LEU I 98 8.77 -18.83 -59.32
C LEU I 98 7.95 -18.90 -58.02
N PRO I 99 8.26 -19.81 -57.08
CA PRO I 99 7.52 -19.88 -55.82
C PRO I 99 7.71 -18.58 -55.02
N PRO I 100 6.64 -17.87 -54.66
CA PRO I 100 6.76 -16.56 -54.04
C PRO I 100 7.11 -16.67 -52.55
N ASP I 101 7.70 -15.63 -51.98
CA ASP I 101 8.05 -15.59 -50.56
C ASP I 101 6.84 -15.91 -49.66
N MET I 102 5.66 -15.35 -49.93
CA MET I 102 4.48 -15.55 -49.11
C MET I 102 3.91 -16.97 -49.13
N PHE I 103 4.38 -17.86 -49.98
CA PHE I 103 4.03 -19.29 -49.96
C PHE I 103 5.27 -20.18 -49.79
N SER I 104 6.39 -19.61 -49.34
CA SER I 104 7.61 -20.33 -48.97
C SER I 104 7.38 -21.22 -47.76
N THR I 105 8.18 -22.26 -47.60
CA THR I 105 7.97 -23.21 -46.50
C THR I 105 8.02 -22.56 -45.13
N LYS I 106 8.79 -21.48 -44.95
CA LYS I 106 8.85 -20.69 -43.73
C LYS I 106 7.46 -20.22 -43.30
N VAL I 107 6.72 -19.61 -44.20
CA VAL I 107 5.36 -19.14 -43.94
C VAL I 107 4.42 -20.32 -43.74
N MET I 108 4.59 -21.42 -44.45
CA MET I 108 3.78 -22.62 -44.21
C MET I 108 4.00 -23.22 -42.83
N ASN I 109 5.23 -23.21 -42.33
CA ASN I 109 5.54 -23.70 -40.99
C ASN I 109 4.94 -22.79 -39.94
N ALA I 110 5.11 -21.48 -40.08
CA ALA I 110 4.53 -20.52 -39.17
C ALA I 110 3.02 -20.60 -39.08
N ILE I 111 2.32 -20.84 -40.18
CA ILE I 111 0.88 -21.05 -40.25
C ILE I 111 0.47 -22.29 -39.46
N LYS I 112 1.23 -23.39 -39.59
CA LYS I 112 0.90 -24.67 -38.98
C LYS I 112 1.17 -24.74 -37.48
N THR I 113 2.10 -23.97 -36.92
CA THR I 113 2.28 -23.92 -35.46
C THR I 113 1.26 -23.08 -34.75
N ASP I 114 1.02 -21.84 -35.14
CA ASP I 114 0.17 -20.95 -34.36
C ASP I 114 -0.63 -19.95 -35.20
N PRO I 115 -1.75 -20.37 -35.81
CA PRO I 115 -2.54 -19.56 -36.72
C PRO I 115 -3.01 -18.24 -36.12
N VAL I 116 -3.35 -18.25 -34.84
CA VAL I 116 -3.90 -17.10 -34.13
C VAL I 116 -2.88 -16.02 -33.85
N ALA I 117 -1.64 -16.41 -33.57
CA ALA I 117 -0.57 -15.47 -33.29
C ALA I 117 0.02 -14.83 -34.54
N LEU I 118 -0.15 -15.46 -35.70
CA LEU I 118 0.53 -15.07 -36.94
C LEU I 118 0.07 -13.70 -37.45
N ASP I 119 1.01 -12.85 -37.82
CA ASP I 119 0.77 -11.50 -38.32
C ASP I 119 0.63 -11.49 -39.85
N LEU I 120 -0.42 -12.09 -40.39
CA LEU I 120 -0.61 -12.21 -41.84
C LEU I 120 -0.59 -10.89 -42.58
N HIS I 121 -1.08 -9.82 -41.96
CA HIS I 121 -1.10 -8.48 -42.56
C HIS I 121 0.30 -7.93 -42.89
N SER I 122 1.34 -8.52 -42.30
CA SER I 122 2.72 -8.24 -42.64
C SER I 122 3.27 -9.14 -43.74
N ILE I 123 2.72 -10.33 -43.91
CA ILE I 123 3.15 -11.29 -44.92
C ILE I 123 2.60 -10.90 -46.28
N ASN I 124 1.30 -10.62 -46.36
CA ASN I 124 0.67 -9.90 -47.45
C ASN I 124 -0.71 -9.41 -47.01
N SER I 125 -1.03 -8.15 -47.23
CA SER I 125 -2.30 -7.54 -46.88
C SER I 125 -3.53 -8.22 -47.50
N HIS I 126 -3.33 -8.95 -48.60
CA HIS I 126 -4.32 -9.67 -49.39
C HIS I 126 -4.07 -11.18 -49.41
N PHE I 127 -3.41 -11.77 -48.41
CA PHE I 127 -2.96 -13.16 -48.42
C PHE I 127 -4.02 -14.18 -48.85
N PHE I 128 -5.25 -14.14 -48.33
CA PHE I 128 -6.26 -15.14 -48.68
C PHE I 128 -6.75 -15.02 -50.11
N SER I 129 -6.94 -13.82 -50.64
CA SER I 129 -7.34 -13.64 -52.05
C SER I 129 -6.27 -14.17 -52.97
N LEU I 130 -5.01 -13.95 -52.61
CA LEU I 130 -3.85 -14.40 -53.37
C LEU I 130 -3.64 -15.90 -53.25
N ALA I 131 -3.92 -16.47 -52.08
CA ALA I 131 -3.86 -17.90 -51.88
C ALA I 131 -4.84 -18.61 -52.80
N ILE I 132 -6.10 -18.17 -52.84
CA ILE I 132 -7.12 -18.75 -53.73
C ILE I 132 -6.67 -18.68 -55.18
N LYS I 133 -6.20 -17.53 -55.67
CA LYS I 133 -5.66 -17.40 -57.02
C LYS I 133 -4.50 -18.34 -57.28
N TRP I 134 -3.56 -18.52 -56.35
CA TRP I 134 -2.46 -19.46 -56.50
C TRP I 134 -2.92 -20.92 -56.53
N ILE I 135 -3.88 -21.32 -55.69
CA ILE I 135 -4.47 -22.67 -55.67
C ILE I 135 -5.25 -22.96 -56.95
N MET I 136 -5.90 -21.97 -57.56
CA MET I 136 -6.51 -22.14 -58.88
C MET I 136 -5.45 -22.34 -59.96
N LEU I 137 -4.46 -21.47 -59.98
CA LEU I 137 -3.46 -21.42 -61.04
C LEU I 137 -2.59 -22.67 -61.10
N PHE I 138 -2.20 -23.22 -59.96
CA PHE I 138 -1.67 -24.58 -59.84
C PHE I 138 -2.53 -25.36 -58.86
N SER I 139 -3.19 -26.45 -59.27
CA SER I 139 -3.99 -27.24 -58.32
C SER I 139 -3.07 -27.81 -57.24
N GLU I 140 -3.31 -27.42 -55.99
CA GLU I 140 -2.50 -27.75 -54.83
C GLU I 140 -3.38 -28.13 -53.66
N LYS I 141 -3.62 -29.42 -53.50
CA LYS I 141 -4.31 -29.97 -52.35
C LYS I 141 -3.56 -29.64 -51.05
N GLU I 142 -2.23 -29.52 -51.11
CA GLU I 142 -1.36 -29.23 -49.98
C GLU I 142 -1.57 -27.83 -49.42
N LEU I 143 -1.52 -26.81 -50.27
CA LEU I 143 -1.73 -25.43 -49.86
C LEU I 143 -3.18 -25.18 -49.51
N ALA I 144 -4.13 -25.79 -50.21
CA ALA I 144 -5.53 -25.68 -49.88
C ALA I 144 -5.84 -26.21 -48.48
N ASN I 145 -5.18 -27.27 -48.01
CA ASN I 145 -5.33 -27.73 -46.63
C ASN I 145 -4.80 -26.70 -45.64
N VAL I 146 -3.57 -26.25 -45.82
CA VAL I 146 -2.90 -25.29 -44.94
C VAL I 146 -3.69 -23.99 -44.81
N VAL I 147 -4.23 -23.47 -45.90
CA VAL I 147 -4.97 -22.21 -45.91
C VAL I 147 -6.41 -22.40 -45.44
N SER I 148 -7.03 -23.56 -45.63
CA SER I 148 -8.33 -23.86 -45.04
C SER I 148 -8.25 -23.92 -43.53
N GLU I 149 -7.15 -24.42 -42.98
CA GLU I 149 -6.92 -24.52 -41.55
C GLU I 149 -6.59 -23.17 -40.92
N LEU I 150 -5.69 -22.39 -41.52
CA LEU I 150 -5.41 -21.02 -41.11
C LEU I 150 -6.67 -20.19 -41.02
N LEU I 151 -7.58 -20.30 -41.99
CA LEU I 151 -8.83 -19.58 -41.98
C LEU I 151 -9.73 -20.07 -40.86
N LEU I 152 -9.96 -21.36 -40.74
CA LEU I 152 -10.83 -21.89 -39.71
C LEU I 152 -10.33 -21.59 -38.29
N GLN I 153 -9.03 -21.64 -38.03
CA GLN I 153 -8.50 -21.34 -36.71
C GLN I 153 -8.54 -19.85 -36.37
N ARG I 154 -8.21 -18.95 -37.28
CA ARG I 154 -8.34 -17.52 -37.03
C ARG I 154 -9.77 -17.05 -36.96
N ALA I 155 -10.71 -17.74 -37.59
CA ALA I 155 -12.13 -17.44 -37.48
C ALA I 155 -12.67 -17.63 -36.07
N GLN I 156 -12.11 -18.52 -35.26
CA GLN I 156 -12.51 -18.68 -33.86
C GLN I 156 -12.23 -17.41 -33.07
N GLU I 157 -11.05 -16.84 -33.22
CA GLU I 157 -10.70 -15.57 -32.59
C GLU I 157 -11.43 -14.38 -33.18
N LEU I 158 -11.69 -14.34 -34.46
CA LEU I 158 -12.51 -13.30 -35.02
C LEU I 158 -13.90 -13.29 -34.38
N ASN I 159 -14.47 -14.44 -34.00
CA ASN I 159 -15.75 -14.47 -33.36
C ASN I 159 -15.69 -14.04 -31.90
N HIS I 160 -14.62 -14.33 -31.18
CA HIS I 160 -14.45 -13.84 -29.83
C HIS I 160 -14.31 -12.34 -29.80
N HIS I 161 -13.45 -11.75 -30.64
CA HIS I 161 -13.27 -10.30 -30.66
C HIS I 161 -14.46 -9.56 -31.24
N ALA I 162 -15.29 -10.17 -32.07
CA ALA I 162 -16.50 -9.57 -32.59
C ALA I 162 -17.64 -9.64 -31.60
N SER I 163 -17.76 -10.74 -30.87
CA SER I 163 -18.76 -10.92 -29.83
C SER I 163 -18.59 -10.04 -28.63
N SER I 164 -17.36 -9.68 -28.26
CA SER I 164 -17.05 -8.97 -27.03
C SER I 164 -17.30 -7.48 -27.16
N LEU I 165 -18.36 -6.99 -26.52
CA LEU I 165 -18.87 -5.63 -26.63
C LEU I 165 -18.62 -4.85 -25.33
N SER I 166 -18.04 -3.66 -25.37
CA SER I 166 -17.88 -2.86 -24.14
C SER I 166 -19.22 -2.31 -23.65
N ILE I 167 -19.33 -2.09 -22.34
CA ILE I 167 -20.50 -1.44 -21.73
C ILE I 167 -20.29 0.07 -21.67
N THR I 181 -11.90 0.16 -27.03
CA THR I 181 -11.46 -1.21 -27.11
C THR I 181 -10.34 -1.57 -26.12
N ASN I 182 -10.14 -2.87 -25.89
CA ASN I 182 -9.09 -3.42 -25.04
C ASN I 182 -7.76 -3.56 -25.78
N ILE I 183 -6.62 -3.63 -25.10
CA ILE I 183 -5.35 -3.92 -25.77
C ILE I 183 -5.36 -5.32 -26.37
N ALA I 184 -5.86 -6.34 -25.65
CA ALA I 184 -5.92 -7.70 -26.16
C ALA I 184 -6.84 -7.87 -27.39
N THR I 185 -7.72 -6.91 -27.71
CA THR I 185 -8.43 -6.93 -28.99
C THR I 185 -7.62 -6.16 -30.03
N SER I 186 -7.12 -4.98 -29.69
CA SER I 186 -6.44 -4.10 -30.64
C SER I 186 -5.14 -4.68 -31.16
N THR I 187 -4.45 -5.48 -30.36
CA THR I 187 -3.25 -6.23 -30.77
C THR I 187 -3.55 -7.32 -31.80
N PHE I 188 -4.78 -7.82 -31.84
CA PHE I 188 -5.25 -8.80 -32.80
C PHE I 188 -5.74 -8.14 -34.09
N LEU I 189 -6.48 -7.05 -34.03
CA LEU I 189 -6.95 -6.35 -35.22
C LEU I 189 -5.83 -5.78 -36.08
N LEU I 190 -4.68 -5.44 -35.48
CA LEU I 190 -3.48 -5.07 -36.20
C LEU I 190 -2.83 -6.24 -36.94
N LYS I 191 -3.06 -7.48 -36.51
CA LYS I 191 -2.57 -8.71 -37.16
C LYS I 191 -3.48 -9.19 -38.28
N LEU I 192 -4.41 -8.36 -38.71
CA LEU I 192 -5.57 -8.75 -39.48
C LEU I 192 -5.69 -8.36 -40.99
N GLU I 193 -5.90 -9.29 -41.90
CA GLU I 193 -5.96 -8.99 -43.34
C GLU I 193 -7.12 -8.14 -43.85
N GLU I 194 -6.98 -7.56 -45.04
CA GLU I 194 -8.05 -6.84 -45.71
C GLU I 194 -9.24 -7.72 -46.10
N MET I 195 -9.10 -9.05 -46.19
CA MET I 195 -10.25 -9.95 -46.27
C MET I 195 -10.92 -10.14 -44.91
N GLU I 196 -10.17 -10.46 -43.86
CA GLU I 196 -10.73 -10.74 -42.54
C GLU I 196 -11.23 -9.49 -41.83
N LYS I 197 -10.73 -8.31 -42.13
CA LYS I 197 -11.33 -7.08 -41.65
C LYS I 197 -12.74 -6.91 -42.15
N GLU I 198 -13.12 -7.31 -43.35
CA GLU I 198 -14.53 -7.24 -43.75
C GLU I 198 -15.38 -8.13 -42.86
N ILE I 199 -14.92 -9.35 -42.63
CA ILE I 199 -15.66 -10.30 -41.81
C ILE I 199 -15.76 -9.79 -40.39
N TYR I 200 -14.70 -9.20 -39.84
CA TYR I 200 -14.73 -8.59 -38.53
C TYR I 200 -15.69 -7.42 -38.48
N LYS I 201 -15.59 -6.41 -39.35
CA LYS I 201 -16.49 -5.23 -39.32
C LYS I 201 -17.93 -5.65 -39.42
N LYS I 202 -18.23 -6.58 -40.30
CA LYS I 202 -19.58 -7.07 -40.57
C LYS I 202 -20.14 -7.90 -39.43
N SER I 203 -19.36 -8.81 -38.86
CA SER I 203 -19.76 -9.61 -37.71
C SER I 203 -19.92 -8.77 -36.47
N HIS I 204 -19.03 -7.82 -36.22
CA HIS I 204 -19.09 -6.97 -35.06
C HIS I 204 -20.33 -6.09 -35.08
N GLU I 205 -20.67 -5.46 -36.20
CA GLU I 205 -21.89 -4.67 -36.34
C GLU I 205 -23.15 -5.53 -36.23
N SER I 206 -23.07 -6.84 -36.48
CA SER I 206 -24.17 -7.75 -36.30
C SER I 206 -24.46 -8.04 -34.85
N TYR I 207 -23.44 -8.32 -34.05
CA TYR I 207 -23.57 -8.47 -32.60
C TYR I 207 -23.95 -7.15 -31.94
N LYS I 208 -23.33 -6.07 -32.36
CA LYS I 208 -23.57 -4.75 -31.80
C LYS I 208 -24.97 -4.27 -32.03
N ASP I 209 -25.53 -4.41 -33.22
CA ASP I 209 -26.93 -4.03 -33.45
C ASP I 209 -27.91 -4.91 -32.70
N THR I 210 -27.60 -6.17 -32.46
CA THR I 210 -28.43 -7.05 -31.64
C THR I 210 -28.44 -6.64 -30.19
N LYS I 211 -27.30 -6.35 -29.56
CA LYS I 211 -27.23 -5.77 -28.21
C LYS I 211 -27.98 -4.44 -28.14
N ARG I 212 -27.77 -3.57 -29.12
CA ARG I 212 -28.43 -2.27 -29.21
C ARG I 212 -29.94 -2.40 -29.25
N TRP I 213 -30.48 -3.44 -29.87
CA TRP I 213 -31.92 -3.71 -29.88
C TRP I 213 -32.42 -4.38 -28.60
N MET I 214 -31.70 -5.32 -28.01
CA MET I 214 -32.18 -5.98 -26.79
C MET I 214 -32.23 -5.04 -25.59
N PHE I 215 -31.26 -4.15 -25.42
CA PHE I 215 -31.09 -3.39 -24.18
C PHE I 215 -31.45 -1.91 -24.27
N LYS I 216 -32.21 -1.51 -25.29
CA LYS I 216 -33.06 -0.31 -25.39
C LYS I 216 -33.91 -0.39 -26.66
N LYS I 217 -35.02 0.34 -26.73
CA LYS I 217 -36.02 0.20 -27.81
C LYS I 217 -35.43 0.43 -29.22
N ASP J 2 -57.32 -53.60 -30.01
CA ASP J 2 -58.10 -52.36 -29.93
C ASP J 2 -58.56 -51.99 -31.34
N ILE J 3 -59.84 -51.71 -31.54
CA ILE J 3 -60.35 -51.25 -32.83
C ILE J 3 -60.03 -49.75 -32.97
N ASN J 4 -59.13 -49.37 -33.85
CA ASN J 4 -58.77 -47.99 -34.14
C ASN J 4 -59.73 -47.36 -35.17
N ILE J 5 -60.66 -46.55 -34.68
CA ILE J 5 -61.71 -45.81 -35.40
C ILE J 5 -61.33 -44.57 -36.23
N ASP J 6 -60.19 -43.92 -36.00
CA ASP J 6 -59.99 -42.50 -36.35
C ASP J 6 -60.31 -42.13 -37.81
N ASP J 7 -60.15 -42.99 -38.80
CA ASP J 7 -60.59 -42.72 -40.18
C ASP J 7 -62.12 -42.63 -40.34
N ILE J 8 -62.89 -43.41 -39.57
CA ILE J 8 -64.35 -43.27 -39.49
C ILE J 8 -64.73 -41.96 -38.81
N LEU J 9 -64.01 -41.56 -37.76
CA LEU J 9 -64.27 -40.26 -37.14
C LEU J 9 -63.86 -39.09 -38.03
N ALA J 10 -62.79 -39.19 -38.82
CA ALA J 10 -62.40 -38.17 -39.79
C ALA J 10 -63.44 -37.97 -40.91
N GLU J 11 -64.00 -39.06 -41.45
CA GLU J 11 -65.07 -38.96 -42.46
C GLU J 11 -66.38 -38.44 -41.87
N LEU J 12 -66.67 -38.70 -40.60
CA LEU J 12 -67.78 -38.04 -39.90
C LEU J 12 -67.51 -36.53 -39.65
N ASP J 13 -66.27 -36.15 -39.34
CA ASP J 13 -65.86 -34.79 -39.00
C ASP J 13 -65.89 -33.79 -40.17
N LYS J 14 -65.63 -34.26 -41.41
CA LYS J 14 -65.45 -33.40 -42.60
C LYS J 14 -66.66 -32.52 -42.95
N GLU J 15 -67.84 -32.87 -42.44
CA GLU J 15 -69.08 -32.12 -42.57
C GLU J 15 -68.96 -30.67 -42.07
N VAL J 54 -56.92 -18.74 -51.68
CA VAL J 54 -56.94 -17.29 -51.84
C VAL J 54 -57.77 -16.64 -50.73
N SER J 55 -57.16 -15.74 -49.97
CA SER J 55 -57.81 -14.83 -49.02
C SER J 55 -56.82 -13.76 -48.59
N PRO J 56 -57.28 -12.61 -48.07
CA PRO J 56 -56.39 -11.55 -47.63
C PRO J 56 -55.37 -12.00 -46.58
N GLN J 57 -55.79 -12.80 -45.60
CA GLN J 57 -54.91 -13.35 -44.59
C GLN J 57 -53.88 -14.32 -45.17
N GLN J 58 -54.18 -15.02 -46.27
CA GLN J 58 -53.26 -15.97 -46.88
C GLN J 58 -52.25 -15.28 -47.77
N ASP J 59 -52.67 -14.31 -48.56
CA ASP J 59 -51.79 -13.59 -49.48
C ASP J 59 -50.71 -12.81 -48.74
N PHE J 60 -51.03 -12.19 -47.62
CA PHE J 60 -50.01 -11.57 -46.80
C PHE J 60 -48.97 -12.57 -46.32
N SER J 61 -49.38 -13.78 -45.96
CA SER J 61 -48.45 -14.85 -45.58
C SER J 61 -47.58 -15.34 -46.74
N ASP J 62 -48.01 -15.19 -47.99
CA ASP J 62 -47.19 -15.45 -49.18
C ASP J 62 -46.26 -14.28 -49.53
N LEU J 63 -46.66 -13.06 -49.26
CA LEU J 63 -45.79 -11.89 -49.36
C LEU J 63 -44.66 -11.97 -48.35
N MET J 64 -44.92 -12.34 -47.10
CA MET J 64 -43.88 -12.54 -46.11
C MET J 64 -42.90 -13.65 -46.51
N LYS J 65 -43.38 -14.77 -47.04
CA LYS J 65 -42.51 -15.81 -47.59
C LYS J 65 -41.65 -15.23 -48.72
N SER J 66 -42.25 -14.49 -49.65
CA SER J 66 -41.53 -13.93 -50.79
C SER J 66 -40.48 -12.94 -50.35
N TRP J 67 -40.80 -12.03 -49.44
CA TRP J 67 -39.87 -11.06 -48.89
C TRP J 67 -38.70 -11.72 -48.16
N LYS J 68 -38.94 -12.75 -47.35
CA LYS J 68 -37.86 -13.42 -46.62
C LYS J 68 -36.92 -14.18 -47.55
N ASN J 69 -37.43 -14.87 -48.56
CA ASN J 69 -36.62 -15.57 -49.54
C ASN J 69 -35.87 -14.61 -50.46
N GLU J 70 -36.46 -13.49 -50.81
CA GLU J 70 -35.81 -12.50 -51.66
C GLU J 70 -34.68 -11.79 -50.94
N ARG J 71 -34.84 -11.41 -49.67
CA ARG J 71 -33.76 -10.79 -48.89
C ARG J 71 -32.55 -11.68 -48.78
N CYS J 72 -32.78 -12.97 -48.63
CA CYS J 72 -31.78 -13.94 -48.21
C CYS J 72 -31.10 -14.72 -49.35
N SER J 73 -31.77 -14.92 -50.48
CA SER J 73 -31.24 -15.64 -51.65
C SER J 73 -30.25 -14.82 -52.47
N PRO J 74 -29.28 -15.43 -53.18
CA PRO J 74 -28.36 -14.75 -54.08
C PRO J 74 -28.94 -14.48 -55.47
N GLU J 75 -29.81 -15.34 -55.95
CA GLU J 75 -30.49 -15.21 -57.22
C GLU J 75 -31.59 -14.14 -57.17
N LEU J 76 -31.96 -13.58 -58.32
CA LEU J 76 -33.19 -12.78 -58.45
C LEU J 76 -34.36 -13.73 -58.65
N LEU J 77 -35.19 -13.96 -57.64
CA LEU J 77 -36.29 -14.91 -57.74
C LEU J 77 -37.37 -14.41 -58.71
N PRO J 78 -38.21 -15.26 -59.30
CA PRO J 78 -39.27 -14.79 -60.18
C PRO J 78 -40.36 -14.06 -59.41
N TYR J 79 -40.87 -12.99 -59.97
CA TYR J 79 -41.85 -12.08 -59.36
C TYR J 79 -43.22 -12.73 -59.12
N PRO J 80 -43.85 -12.58 -57.93
CA PRO J 80 -45.20 -13.04 -57.67
C PRO J 80 -46.27 -12.25 -58.43
N HIS J 81 -46.43 -12.47 -59.74
CA HIS J 81 -47.25 -11.63 -60.62
C HIS J 81 -48.70 -11.43 -60.15
N GLN J 82 -49.43 -12.49 -59.87
CA GLN J 82 -50.84 -12.40 -59.49
C GLN J 82 -51.00 -11.95 -58.04
N LEU J 83 -50.14 -12.42 -57.14
CA LEU J 83 -50.11 -11.98 -55.76
C LEU J 83 -49.95 -10.47 -55.66
N MET J 84 -48.97 -9.90 -56.36
CA MET J 84 -48.71 -8.48 -56.32
C MET J 84 -49.85 -7.64 -56.89
N LYS J 85 -50.51 -8.06 -57.97
CA LYS J 85 -51.71 -7.39 -58.50
C LYS J 85 -52.85 -7.39 -57.47
N ARG J 86 -53.05 -8.49 -56.75
CA ARG J 86 -54.03 -8.60 -55.67
C ARG J 86 -53.75 -7.67 -54.51
N LEU J 87 -52.53 -7.66 -54.00
CA LEU J 87 -52.16 -6.80 -52.88
C LEU J 87 -52.23 -5.34 -53.23
N LEU J 88 -51.82 -4.96 -54.43
CA LEU J 88 -51.91 -3.58 -54.86
C LEU J 88 -53.36 -3.14 -55.13
N ASN J 89 -54.29 -4.04 -55.43
CA ASN J 89 -55.71 -3.73 -55.31
C ASN J 89 -56.10 -3.49 -53.87
N ARG J 90 -55.89 -4.45 -52.96
CA ARG J 90 -56.34 -4.30 -51.58
C ARG J 90 -55.79 -3.07 -50.90
N ILE J 91 -54.56 -2.63 -51.17
CA ILE J 91 -54.04 -1.37 -50.61
C ILE J 91 -54.80 -0.16 -51.14
N SER J 92 -55.17 -0.14 -52.42
CA SER J 92 -55.96 0.92 -53.02
C SER J 92 -57.40 0.97 -52.49
N MET J 93 -58.08 -0.17 -52.40
CA MET J 93 -59.41 -0.26 -51.83
C MET J 93 -59.42 0.05 -50.35
N GLN J 94 -58.53 -0.54 -49.55
CA GLN J 94 -58.44 -0.26 -48.12
C GLN J 94 -58.08 1.20 -47.86
N SER J 95 -57.17 1.81 -48.61
CA SER J 95 -56.83 3.23 -48.37
C SER J 95 -57.97 4.18 -48.73
N GLN J 96 -58.83 3.80 -49.68
CA GLN J 96 -60.07 4.51 -49.92
C GLN J 96 -61.08 4.29 -48.81
N LEU J 97 -61.22 3.08 -48.30
CA LEU J 97 -62.12 2.76 -47.20
C LEU J 97 -61.78 3.54 -45.93
N ILE J 98 -60.52 3.66 -45.55
CA ILE J 98 -60.11 4.44 -44.37
C ILE J 98 -60.49 5.91 -44.50
N GLU J 99 -60.38 6.47 -45.70
CA GLU J 99 -60.81 7.84 -45.95
C GLU J 99 -62.33 7.97 -45.89
N ASN J 100 -63.09 7.05 -46.50
CA ASN J 100 -64.54 7.01 -46.40
C ASN J 100 -65.03 6.91 -44.95
N ILE J 101 -64.45 6.04 -44.13
CA ILE J 101 -64.85 5.95 -42.72
C ILE J 101 -64.53 7.24 -41.99
N SER J 102 -63.43 7.94 -42.33
CA SER J 102 -63.14 9.24 -41.73
C SER J 102 -64.13 10.36 -42.12
N MET J 103 -65.01 10.17 -43.11
CA MET J 103 -66.11 11.10 -43.42
C MET J 103 -67.30 10.93 -42.48
N GLY J 104 -67.54 9.73 -41.94
CA GLY J 104 -68.57 9.50 -40.91
C GLY J 104 -68.31 10.26 -39.60
N PHE J 105 -67.03 10.48 -39.26
CA PHE J 105 -66.58 11.18 -38.05
C PHE J 105 -66.88 12.69 -38.06
N LEU J 106 -67.31 13.26 -39.18
CA LEU J 106 -67.79 14.64 -39.29
C LEU J 106 -69.20 14.84 -38.70
N ASP J 107 -69.97 13.78 -38.49
CA ASP J 107 -71.42 13.82 -38.22
C ASP J 107 -71.76 13.29 -36.83
N ASN J 120 -71.21 3.12 -31.33
CA ASN J 120 -70.58 4.35 -30.93
C ASN J 120 -69.75 5.01 -32.05
N GLU J 121 -68.94 6.02 -31.71
CA GLU J 121 -67.90 6.60 -32.57
C GLU J 121 -66.50 6.39 -31.95
N SER J 122 -66.12 5.14 -31.71
CA SER J 122 -64.80 4.72 -31.21
C SER J 122 -63.78 4.59 -32.35
N LYS J 123 -62.54 5.02 -32.07
CA LYS J 123 -61.49 5.24 -33.05
C LYS J 123 -60.41 4.17 -33.13
N LEU J 124 -60.37 3.15 -32.27
CA LEU J 124 -59.40 2.06 -32.40
C LEU J 124 -59.40 1.34 -33.74
N PRO J 125 -60.54 0.96 -34.33
CA PRO J 125 -60.49 0.31 -35.62
C PRO J 125 -59.94 1.22 -36.72
N LEU J 126 -60.08 2.54 -36.64
CA LEU J 126 -59.42 3.44 -37.59
C LEU J 126 -57.91 3.40 -37.39
N LEU J 127 -57.47 3.40 -36.14
CA LEU J 127 -56.06 3.32 -35.81
C LEU J 127 -55.43 2.02 -36.30
N CYS J 128 -56.08 0.88 -36.10
CA CYS J 128 -55.64 -0.40 -36.61
C CYS J 128 -55.69 -0.48 -38.13
N MET J 129 -56.74 -0.03 -38.81
CA MET J 129 -56.76 -0.08 -40.28
C MET J 129 -55.66 0.78 -40.89
N GLU J 130 -55.32 1.91 -40.28
CA GLU J 130 -54.19 2.72 -40.68
C GLU J 130 -52.85 2.08 -40.36
N THR J 131 -52.61 1.60 -39.14
CA THR J 131 -51.33 0.98 -38.85
C THR J 131 -51.13 -0.33 -39.61
N GLU J 132 -52.17 -1.04 -39.97
CA GLU J 132 -52.04 -2.21 -40.84
C GLU J 132 -51.60 -1.83 -42.25
N LEU J 133 -52.11 -0.76 -42.84
CA LEU J 133 -51.62 -0.33 -44.13
C LEU J 133 -50.18 0.11 -44.05
N GLU J 134 -49.73 0.76 -42.98
CA GLU J 134 -48.32 1.08 -42.84
C GLU J 134 -47.47 -0.18 -42.73
N ARG J 135 -47.88 -1.18 -41.95
CA ARG J 135 -47.18 -2.47 -41.88
C ARG J 135 -47.19 -3.18 -43.21
N LEU J 136 -48.27 -3.20 -43.95
CA LEU J 136 -48.31 -3.84 -45.26
C LEU J 136 -47.53 -3.09 -46.32
N LYS J 137 -47.67 -1.78 -46.43
CA LYS J 137 -46.91 -0.98 -47.39
C LYS J 137 -45.43 -1.09 -47.13
N PHE J 138 -44.98 -1.19 -45.88
CA PHE J 138 -43.58 -1.43 -45.59
C PHE J 138 -43.07 -2.75 -46.18
N VAL J 139 -43.79 -3.86 -46.03
CA VAL J 139 -43.31 -5.14 -46.55
C VAL J 139 -43.18 -5.05 -48.04
N ILE J 140 -44.13 -4.48 -48.77
CA ILE J 140 -44.00 -4.36 -50.22
C ILE J 140 -42.91 -3.40 -50.61
N ARG J 141 -42.74 -2.24 -49.96
CA ARG J 141 -41.64 -1.33 -50.29
C ARG J 141 -40.30 -2.00 -50.05
N SER J 142 -40.11 -2.64 -48.92
CA SER J 142 -38.89 -3.35 -48.58
C SER J 142 -38.62 -4.50 -49.53
N TYR J 143 -39.67 -5.15 -50.03
CA TYR J 143 -39.55 -6.20 -51.03
C TYR J 143 -39.10 -5.63 -52.37
N ILE J 144 -39.78 -4.63 -52.92
CA ILE J 144 -39.39 -4.05 -54.20
C ILE J 144 -38.03 -3.39 -54.15
N ARG J 145 -37.70 -2.62 -53.11
CA ARG J 145 -36.39 -1.98 -52.99
C ARG J 145 -35.27 -3.01 -52.96
N CYS J 146 -35.50 -4.16 -52.35
CA CYS J 146 -34.57 -5.27 -52.35
C CYS J 146 -34.36 -5.84 -53.75
N ARG J 147 -35.41 -6.19 -54.50
CA ARG J 147 -35.21 -6.70 -55.85
C ARG J 147 -34.79 -5.66 -56.88
N LEU J 148 -35.03 -4.38 -56.69
CA LEU J 148 -34.34 -3.36 -57.49
C LEU J 148 -32.83 -3.40 -57.26
N SER J 149 -32.37 -3.63 -56.03
CA SER J 149 -30.95 -3.75 -55.75
C SER J 149 -30.28 -4.91 -56.46
N LYS J 150 -30.97 -6.02 -56.69
CA LYS J 150 -30.44 -7.15 -57.45
C LYS J 150 -30.41 -6.88 -58.94
N ILE J 151 -31.34 -6.14 -59.50
CA ILE J 151 -31.33 -5.75 -60.91
C ILE J 151 -30.14 -4.84 -61.21
N ASP J 152 -29.72 -4.03 -60.23
CA ASP J 152 -28.50 -3.25 -60.36
C ASP J 152 -27.29 -4.16 -60.47
N LYS J 153 -27.09 -5.08 -59.52
CA LYS J 153 -25.95 -6.03 -59.53
C LYS J 153 -25.93 -6.87 -60.80
N PHE J 154 -27.06 -7.36 -61.25
CA PHE J 154 -27.14 -8.37 -62.30
C PHE J 154 -27.53 -7.82 -63.68
N SER J 155 -27.42 -6.53 -63.96
CA SER J 155 -27.84 -5.97 -65.23
C SER J 155 -27.24 -6.67 -66.42
N LEU J 156 -25.94 -6.90 -66.44
CA LEU J 156 -25.32 -7.53 -67.60
C LEU J 156 -25.66 -9.02 -67.67
N TYR J 157 -25.99 -9.66 -66.57
CA TYR J 157 -26.45 -11.04 -66.57
C TYR J 157 -27.88 -11.15 -67.08
N LEU J 158 -28.79 -10.28 -66.64
CA LEU J 158 -30.15 -10.23 -67.15
C LEU J 158 -30.19 -9.83 -68.62
N ARG J 159 -29.37 -8.86 -69.04
CA ARG J 159 -29.16 -8.54 -70.45
C ARG J 159 -28.68 -9.77 -71.22
N GLN J 160 -27.75 -10.55 -70.69
CA GLN J 160 -27.32 -11.80 -71.30
C GLN J 160 -28.44 -12.83 -71.42
N LEU J 161 -29.33 -13.00 -70.42
CA LEU J 161 -30.52 -13.87 -70.57
C LEU J 161 -31.52 -13.36 -71.61
N ASN J 162 -31.51 -12.06 -71.89
CA ASN J 162 -32.41 -11.42 -72.84
C ASN J 162 -31.86 -11.40 -74.27
N GLU J 163 -30.56 -11.26 -74.45
CA GLU J 163 -29.89 -11.43 -75.74
C GLU J 163 -29.82 -12.89 -76.16
N ASP J 164 -29.75 -13.82 -75.21
CA ASP J 164 -29.74 -15.26 -75.49
C ASP J 164 -31.12 -15.77 -75.87
N GLU J 165 -31.42 -15.79 -77.17
CA GLU J 165 -32.74 -16.16 -77.69
C GLU J 165 -33.13 -17.62 -77.41
N ASN J 166 -32.15 -18.48 -77.13
CA ASN J 166 -32.31 -19.88 -76.77
C ASN J 166 -32.53 -20.08 -75.26
N SER J 167 -32.55 -19.00 -74.45
CA SER J 167 -32.65 -19.05 -72.99
C SER J 167 -33.84 -19.87 -72.47
N LEU J 168 -33.63 -20.55 -71.35
CA LEU J 168 -34.66 -21.28 -70.61
C LEU J 168 -35.64 -20.37 -69.86
N ILE J 169 -35.34 -19.08 -69.72
CA ILE J 169 -36.12 -18.08 -68.99
C ILE J 169 -36.35 -16.86 -69.87
N SER J 170 -37.58 -16.36 -69.92
CA SER J 170 -37.88 -15.06 -70.53
C SER J 170 -37.82 -13.98 -69.46
N LEU J 171 -37.25 -12.82 -69.74
CA LEU J 171 -37.06 -11.79 -68.73
C LEU J 171 -38.39 -11.32 -68.12
N THR J 172 -39.45 -11.33 -68.92
CA THR J 172 -40.80 -10.99 -68.48
C THR J 172 -41.45 -12.03 -67.55
N ASP J 173 -40.93 -13.25 -67.42
CA ASP J 173 -41.32 -14.18 -66.35
C ASP J 173 -40.78 -13.69 -65.00
N LEU J 174 -39.56 -13.17 -65.04
CA LEU J 174 -38.73 -12.91 -63.90
C LEU J 174 -39.00 -11.55 -63.25
N LEU J 175 -39.31 -10.52 -64.04
CA LEU J 175 -39.37 -9.12 -63.62
C LEU J 175 -40.78 -8.53 -63.69
N SER J 176 -41.14 -7.64 -62.77
CA SER J 176 -42.31 -6.77 -62.88
C SER J 176 -42.24 -5.85 -64.10
N LYS J 177 -43.34 -5.35 -64.65
CA LYS J 177 -43.36 -4.30 -65.68
C LYS J 177 -42.54 -3.08 -65.28
N ASP J 178 -42.60 -2.66 -64.02
CA ASP J 178 -41.80 -1.55 -63.49
C ASP J 178 -40.32 -1.90 -63.29
N GLU J 179 -40.00 -3.17 -63.13
CA GLU J 179 -38.62 -3.63 -63.12
C GLU J 179 -38.09 -3.76 -64.53
N ILE J 180 -38.89 -4.17 -65.52
CA ILE J 180 -38.46 -4.16 -66.91
C ILE J 180 -38.14 -2.73 -67.35
N LYS J 181 -38.95 -1.76 -66.94
CA LYS J 181 -38.72 -0.33 -67.13
C LYS J 181 -37.43 0.13 -66.46
N TYR J 182 -37.25 -0.18 -65.18
CA TYR J 182 -36.07 0.21 -64.43
C TYR J 182 -34.80 -0.37 -65.02
N HIS J 183 -34.81 -1.66 -65.32
CA HIS J 183 -33.70 -2.39 -65.91
C HIS J 183 -33.25 -1.80 -67.24
N ASP J 184 -34.16 -1.70 -68.22
CA ASP J 184 -33.79 -1.26 -69.55
C ASP J 184 -33.28 0.18 -69.56
N THR J 185 -33.82 1.08 -68.73
CA THR J 185 -33.38 2.47 -68.74
C THR J 185 -32.21 2.77 -67.83
N HIS J 186 -32.09 2.15 -66.66
CA HIS J 186 -30.90 2.26 -65.84
C HIS J 186 -29.66 1.73 -66.55
N SER J 187 -29.81 0.69 -67.35
CA SER J 187 -28.77 0.20 -68.22
C SER J 187 -28.30 1.24 -69.24
N LEU J 188 -29.18 1.98 -69.92
CA LEU J 188 -28.75 3.02 -70.85
C LEU J 188 -28.14 4.24 -70.16
N ILE J 189 -28.67 4.64 -69.01
CA ILE J 189 -28.16 5.76 -68.21
C ILE J 189 -26.73 5.49 -67.75
N TRP J 190 -26.46 4.32 -67.16
CA TRP J 190 -25.12 3.90 -66.77
C TRP J 190 -24.21 3.66 -67.96
N LEU J 191 -24.70 3.01 -69.01
CA LEU J 191 -23.91 2.76 -70.19
C LEU J 191 -23.48 4.07 -70.83
N LYS J 192 -24.35 5.07 -70.97
CA LYS J 192 -23.95 6.37 -71.51
C LYS J 192 -22.87 7.03 -70.66
N LEU J 193 -22.96 6.96 -69.34
CA LEU J 193 -21.98 7.53 -68.43
C LEU J 193 -20.60 6.95 -68.69
N VAL J 194 -20.42 5.64 -68.60
CA VAL J 194 -19.12 5.02 -68.82
C VAL J 194 -18.66 5.04 -70.26
N ASN J 195 -19.58 4.93 -71.21
CA ASN J 195 -19.29 4.87 -72.62
C ASN J 195 -18.67 6.16 -73.10
N ASP J 196 -19.27 7.28 -72.71
CA ASP J 196 -18.68 8.58 -72.95
C ASP J 196 -17.39 8.75 -72.18
N SER J 197 -17.47 8.62 -70.85
CA SER J 197 -16.45 9.08 -69.90
C SER J 197 -15.12 8.36 -69.97
N ILE J 198 -15.10 7.08 -70.36
CA ILE J 198 -13.88 6.26 -70.39
C ILE J 198 -13.84 5.32 -71.58
N LEU J 199 -14.95 4.72 -72.00
CA LEU J 199 -14.86 3.78 -73.12
C LEU J 199 -14.54 4.47 -74.44
N LYS J 200 -14.94 5.75 -74.62
CA LYS J 200 -14.69 6.51 -75.84
C LYS J 200 -13.22 6.42 -76.27
N TYR J 201 -12.30 6.35 -75.30
CA TYR J 201 -10.86 6.35 -75.54
C TYR J 201 -10.28 4.96 -75.80
N MET J 202 -10.99 3.86 -75.56
CA MET J 202 -10.46 2.50 -75.68
C MET J 202 -10.35 2.04 -77.14
N PRO J 203 -9.41 1.16 -77.49
CA PRO J 203 -9.40 0.50 -78.78
C PRO J 203 -10.63 -0.37 -78.95
N GLU J 204 -11.06 -0.55 -80.19
CA GLU J 204 -12.40 -1.02 -80.53
C GLU J 204 -12.76 -2.37 -79.90
N GLU J 205 -11.83 -3.32 -79.84
CA GLU J 205 -12.08 -4.64 -79.25
C GLU J 205 -12.17 -4.61 -77.72
N LEU J 206 -11.78 -3.51 -77.07
CA LEU J 206 -11.95 -3.29 -75.63
C LEU J 206 -13.15 -2.39 -75.27
N GLN J 207 -13.90 -1.84 -76.22
CA GLN J 207 -15.06 -0.98 -75.93
C GLN J 207 -16.29 -1.73 -75.42
N ALA J 208 -16.29 -3.05 -75.42
CA ALA J 208 -17.41 -3.84 -74.92
C ALA J 208 -17.49 -3.76 -73.38
N ILE J 209 -18.62 -3.33 -72.84
CA ILE J 209 -18.85 -3.31 -71.40
C ILE J 209 -19.11 -4.70 -70.81
N ASN J 210 -19.39 -5.70 -71.64
CA ASN J 210 -19.79 -7.03 -71.22
C ASN J 210 -18.96 -8.13 -71.88
N ASP J 211 -17.65 -7.93 -72.01
CA ASP J 211 -16.77 -8.93 -72.61
C ASP J 211 -16.52 -10.11 -71.66
N THR J 212 -17.04 -11.27 -72.02
CA THR J 212 -16.81 -12.55 -71.32
C THR J 212 -15.53 -13.26 -71.78
N GLU J 213 -14.88 -12.81 -72.85
CA GLU J 213 -13.74 -13.50 -73.45
C GLU J 213 -12.39 -13.07 -72.84
N GLY J 214 -12.34 -11.91 -72.19
CA GLY J 214 -11.12 -11.31 -71.66
C GLY J 214 -10.51 -12.05 -70.48
N SER J 215 -9.45 -11.48 -69.92
CA SER J 215 -8.74 -12.06 -68.77
C SER J 215 -9.57 -12.17 -67.50
N VAL J 216 -10.60 -11.34 -67.34
CA VAL J 216 -11.63 -11.44 -66.30
C VAL J 216 -13.00 -11.28 -66.97
N ASN J 217 -13.97 -12.09 -66.61
CA ASN J 217 -15.31 -12.00 -67.18
C ASN J 217 -16.02 -10.79 -66.58
N MET J 218 -16.48 -9.85 -67.41
CA MET J 218 -17.14 -8.62 -66.95
C MET J 218 -18.58 -8.79 -66.48
N ILE J 219 -19.22 -9.91 -66.83
CA ILE J 219 -20.61 -10.20 -66.45
C ILE J 219 -20.62 -10.88 -65.08
N ASP J 220 -20.97 -10.15 -64.02
CA ASP J 220 -21.11 -10.72 -62.68
C ASP J 220 -22.43 -11.49 -62.56
N GLU J 221 -22.34 -12.83 -62.55
CA GLU J 221 -23.42 -13.78 -62.29
C GLU J 221 -23.72 -13.88 -60.78
N PRO J 222 -24.89 -14.37 -60.36
CA PRO J 222 -25.17 -14.69 -58.96
C PRO J 222 -24.18 -15.71 -58.39
N ASP J 223 -23.87 -15.65 -57.10
CA ASP J 223 -23.02 -16.68 -56.47
C ASP J 223 -23.87 -17.92 -56.17
N TRP J 224 -24.04 -18.81 -57.16
CA TRP J 224 -24.96 -19.95 -57.05
C TRP J 224 -24.74 -20.82 -55.84
N ASN J 225 -23.53 -20.92 -55.36
CA ASN J 225 -23.18 -21.71 -54.20
C ASN J 225 -23.15 -20.95 -52.88
N LYS J 226 -23.69 -19.73 -52.79
CA LYS J 226 -23.77 -19.00 -51.52
C LYS J 226 -24.31 -19.91 -50.42
N PHE J 227 -23.71 -19.93 -49.24
CA PHE J 227 -24.35 -20.58 -48.10
C PHE J 227 -25.52 -19.76 -47.62
N VAL J 228 -26.68 -20.38 -47.46
CA VAL J 228 -27.90 -19.78 -46.92
C VAL J 228 -28.40 -20.62 -45.75
N PHE J 229 -29.05 -20.01 -44.78
CA PHE J 229 -29.76 -20.78 -43.76
C PHE J 229 -31.10 -21.20 -44.32
N ILE J 230 -31.49 -22.46 -44.15
CA ILE J 230 -32.82 -22.96 -44.52
C ILE J 230 -33.51 -23.60 -43.36
N HIS J 231 -34.82 -23.46 -43.30
CA HIS J 231 -35.71 -24.21 -42.42
C HIS J 231 -36.53 -25.18 -43.25
N VAL J 232 -36.44 -26.47 -42.94
CA VAL J 232 -37.04 -27.51 -43.77
C VAL J 232 -38.51 -27.72 -43.41
N ASN J 233 -39.41 -27.04 -44.11
CA ASN J 233 -40.85 -27.10 -43.88
C ASN J 233 -41.48 -28.50 -44.01
N GLY J 234 -40.99 -29.35 -44.89
CA GLY J 234 -41.83 -30.43 -45.42
C GLY J 234 -42.74 -29.92 -46.53
N PRO J 235 -43.61 -30.73 -47.13
CA PRO J 235 -44.47 -30.24 -48.19
C PRO J 235 -45.46 -29.18 -47.66
N PRO J 236 -45.89 -28.23 -48.50
CA PRO J 236 -46.76 -27.14 -48.07
C PRO J 236 -48.15 -27.63 -47.68
N ASP J 237 -48.67 -28.60 -48.42
CA ASP J 237 -49.76 -29.47 -47.94
C ASP J 237 -49.27 -30.28 -46.75
N GLY J 238 -50.07 -30.48 -45.71
CA GLY J 238 -49.73 -31.42 -44.63
C GLY J 238 -49.61 -32.89 -45.09
N LYS J 239 -50.06 -33.19 -46.31
CA LYS J 239 -50.23 -34.53 -46.89
C LYS J 239 -48.89 -35.09 -47.40
N TRP J 240 -48.03 -35.51 -46.46
CA TRP J 240 -46.68 -36.05 -46.72
C TRP J 240 -46.63 -37.19 -47.74
N ASN J 241 -47.66 -38.01 -47.80
CA ASN J 241 -47.73 -39.20 -48.65
C ASN J 241 -47.76 -38.89 -50.16
N GLU J 242 -48.07 -37.65 -50.55
CA GLU J 242 -47.99 -37.21 -51.94
C GLU J 242 -46.54 -37.20 -52.48
N ASP J 243 -45.55 -36.87 -51.65
CA ASP J 243 -44.25 -36.39 -52.12
C ASP J 243 -43.30 -37.53 -52.54
N PRO J 244 -42.72 -37.50 -53.75
CA PRO J 244 -41.81 -38.55 -54.22
C PRO J 244 -40.36 -38.42 -53.72
N LEU J 245 -39.91 -37.23 -53.33
CA LEU J 245 -38.56 -36.96 -52.87
C LEU J 245 -38.40 -37.31 -51.40
N LEU J 246 -39.42 -37.00 -50.61
CA LEU J 246 -39.49 -37.25 -49.19
C LEU J 246 -39.43 -38.73 -48.89
N GLN J 247 -38.73 -39.11 -47.84
CA GLN J 247 -38.64 -40.48 -47.35
C GLN J 247 -38.36 -40.51 -45.86
N GLU J 248 -38.65 -41.62 -45.21
CA GLU J 248 -38.35 -41.83 -43.79
C GLU J 248 -36.85 -41.96 -43.51
N ASN J 249 -36.50 -42.05 -42.23
CA ASN J 249 -35.22 -42.52 -41.73
C ASN J 249 -35.38 -43.54 -40.60
N GLU J 250 -34.21 -44.01 -40.18
CA GLU J 250 -33.98 -44.49 -38.81
C GLU J 250 -34.42 -43.36 -37.87
N PHE J 251 -34.72 -43.62 -36.62
CA PHE J 251 -35.36 -42.64 -35.71
C PHE J 251 -36.76 -42.23 -36.22
N GLY J 252 -37.24 -42.83 -37.31
CA GLY J 252 -38.53 -42.62 -37.97
C GLY J 252 -38.58 -41.41 -38.90
N LYS J 253 -38.08 -40.27 -38.42
CA LYS J 253 -38.35 -38.93 -38.96
C LYS J 253 -38.09 -38.78 -40.46
N PRO J 254 -38.98 -38.15 -41.23
CA PRO J 254 -38.85 -38.01 -42.67
C PRO J 254 -37.86 -36.93 -43.07
N CYS J 255 -37.41 -36.96 -44.32
CA CYS J 255 -36.43 -36.04 -44.84
C CYS J 255 -36.43 -36.01 -46.35
N TYR J 256 -35.78 -35.03 -46.94
CA TYR J 256 -35.36 -35.04 -48.34
C TYR J 256 -33.91 -35.41 -48.42
N THR J 257 -33.46 -36.09 -49.45
CA THR J 257 -32.04 -36.30 -49.70
C THR J 257 -31.59 -35.46 -50.87
N VAL J 258 -30.45 -34.79 -50.76
CA VAL J 258 -29.87 -33.99 -51.82
C VAL J 258 -28.39 -34.31 -51.94
N THR J 259 -27.83 -34.35 -53.14
CA THR J 259 -26.41 -34.62 -53.39
C THR J 259 -25.71 -33.33 -53.70
N ILE J 260 -24.59 -33.03 -53.05
CA ILE J 260 -23.79 -31.84 -53.35
C ILE J 260 -22.62 -32.30 -54.22
N PRO J 261 -22.55 -31.92 -55.50
CA PRO J 261 -21.80 -32.67 -56.51
C PRO J 261 -20.29 -32.48 -56.45
N ASP J 262 -19.81 -31.33 -56.01
CA ASP J 262 -18.37 -31.06 -55.82
C ASP J 262 -17.70 -32.01 -54.83
N LEU J 263 -18.45 -32.44 -53.82
CA LEU J 263 -17.93 -33.29 -52.75
C LEU J 263 -18.43 -34.74 -52.89
N LYS J 264 -19.33 -35.05 -53.83
CA LYS J 264 -19.94 -36.37 -53.98
C LYS J 264 -20.61 -36.85 -52.68
N GLU J 265 -21.24 -35.96 -51.95
CA GLU J 265 -21.83 -36.22 -50.63
C GLU J 265 -23.37 -36.14 -50.67
N GLU J 266 -24.08 -37.14 -50.19
CA GLU J 266 -25.53 -37.06 -49.92
C GLU J 266 -25.78 -36.48 -48.53
N VAL J 267 -26.82 -35.66 -48.39
CA VAL J 267 -27.25 -35.13 -47.09
C VAL J 267 -28.75 -35.24 -46.93
N GLU J 268 -29.23 -35.64 -45.76
CA GLU J 268 -30.65 -35.77 -45.46
C GLU J 268 -31.14 -34.56 -44.68
N LEU J 269 -32.08 -33.84 -45.25
CA LEU J 269 -32.63 -32.64 -44.69
C LEU J 269 -33.88 -33.01 -43.93
N THR J 270 -33.79 -33.37 -42.66
CA THR J 270 -34.95 -33.87 -41.90
C THR J 270 -35.95 -32.79 -41.59
N ILE J 271 -37.24 -33.07 -41.70
CA ILE J 271 -38.29 -32.05 -41.62
C ILE J 271 -38.25 -31.34 -40.28
N GLY J 272 -38.49 -30.04 -40.26
CA GLY J 272 -38.59 -29.23 -39.06
C GLY J 272 -37.27 -28.83 -38.42
N SER J 273 -36.17 -28.86 -39.15
CA SER J 273 -34.85 -28.49 -38.66
C SER J 273 -34.11 -27.59 -39.62
N ILE J 274 -33.07 -26.93 -39.11
CA ILE J 274 -32.40 -25.78 -39.72
C ILE J 274 -31.02 -26.18 -40.19
N TYR J 275 -30.66 -25.88 -41.43
CA TYR J 275 -29.36 -26.18 -42.00
C TYR J 275 -28.70 -24.94 -42.54
N VAL J 276 -27.37 -24.91 -42.51
CA VAL J 276 -26.59 -23.99 -43.34
C VAL J 276 -26.17 -24.78 -44.55
N MET J 277 -26.56 -24.33 -45.74
CA MET J 277 -26.56 -25.17 -46.93
C MET J 277 -26.33 -24.35 -48.19
N ARG J 278 -25.71 -24.91 -49.22
CA ARG J 278 -25.40 -24.21 -50.47
C ARG J 278 -26.66 -23.97 -51.29
N TYR J 279 -26.85 -22.77 -51.81
CA TYR J 279 -28.08 -22.44 -52.52
C TYR J 279 -28.35 -23.25 -53.79
N GLU J 280 -27.34 -23.62 -54.57
CA GLU J 280 -27.50 -24.40 -55.80
C GLU J 280 -28.14 -25.77 -55.56
N VAL J 281 -27.99 -26.31 -54.36
CA VAL J 281 -28.55 -27.59 -53.90
C VAL J 281 -30.00 -27.44 -53.46
N ILE J 282 -30.37 -26.26 -52.99
CA ILE J 282 -31.68 -25.90 -52.44
C ILE J 282 -32.67 -25.46 -53.51
N ARG J 283 -32.24 -24.83 -54.60
CA ARG J 283 -33.13 -24.19 -55.59
C ARG J 283 -34.39 -24.97 -55.91
N ASP J 284 -34.25 -26.23 -56.27
CA ASP J 284 -35.40 -27.05 -56.64
C ASP J 284 -36.36 -27.27 -55.47
N LEU J 285 -35.88 -27.42 -54.26
CA LEU J 285 -36.72 -27.52 -53.06
C LEU J 285 -37.34 -26.19 -52.67
N LEU J 286 -36.67 -25.06 -52.93
CA LEU J 286 -37.17 -23.73 -52.61
C LEU J 286 -38.26 -23.28 -53.59
N ARG J 287 -38.07 -23.49 -54.89
CA ARG J 287 -39.07 -23.21 -55.93
C ARG J 287 -40.34 -24.02 -55.73
N ASP J 288 -40.21 -25.24 -55.20
CA ASP J 288 -41.29 -26.15 -54.86
C ASP J 288 -41.79 -26.00 -53.42
N ASP J 289 -41.36 -24.96 -52.72
CA ASP J 289 -41.87 -24.53 -51.40
C ASP J 289 -41.64 -25.53 -50.24
N LYS J 290 -40.74 -26.50 -50.43
CA LYS J 290 -40.40 -27.56 -49.47
C LYS J 290 -39.56 -27.06 -48.31
N VAL J 291 -38.89 -25.93 -48.46
CA VAL J 291 -38.00 -25.27 -47.51
C VAL J 291 -38.21 -23.77 -47.62
N ALA J 292 -37.91 -23.02 -46.56
CA ALA J 292 -37.91 -21.56 -46.56
C ALA J 292 -36.57 -21.06 -46.06
N LEU J 293 -36.09 -19.93 -46.58
CA LEU J 293 -34.86 -19.32 -46.10
C LEU J 293 -35.15 -18.57 -44.81
N ILE J 294 -34.35 -18.86 -43.78
CA ILE J 294 -34.25 -18.08 -42.54
C ILE J 294 -33.42 -16.83 -42.79
N MET K 1 -67.66 28.03 -9.38
CA MET K 1 -67.81 28.93 -10.55
C MET K 1 -67.29 28.30 -11.81
N TYR K 2 -66.11 28.64 -12.37
CA TYR K 2 -65.99 28.43 -13.79
C TYR K 2 -65.90 26.96 -14.15
N TYR K 3 -64.92 26.25 -13.64
CA TYR K 3 -65.04 24.83 -13.45
C TYR K 3 -64.62 24.52 -12.03
N GLY K 4 -65.58 24.35 -11.14
CA GLY K 4 -65.29 23.92 -9.78
C GLY K 4 -64.69 22.53 -9.75
N ILE K 5 -64.12 22.18 -8.62
CA ILE K 5 -63.50 20.88 -8.35
C ILE K 5 -64.43 19.70 -8.65
N SER K 6 -65.75 19.86 -8.51
CA SER K 6 -66.73 18.82 -8.76
C SER K 6 -66.89 18.45 -10.23
N GLN K 7 -66.39 19.25 -11.16
CA GLN K 7 -66.80 19.21 -12.56
C GLN K 7 -65.63 19.35 -13.52
N PHE K 8 -64.45 18.95 -13.09
CA PHE K 8 -63.32 18.79 -13.99
C PHE K 8 -63.55 17.67 -14.99
N SER K 9 -64.32 16.62 -14.70
CA SER K 9 -64.61 15.64 -15.75
C SER K 9 -65.34 16.25 -16.96
N GLU K 10 -66.25 17.21 -16.77
CA GLU K 10 -66.95 17.86 -17.87
C GLU K 10 -66.02 18.68 -18.74
N ALA K 11 -65.07 19.40 -18.16
CA ALA K 11 -64.06 20.13 -18.92
C ALA K 11 -63.13 19.19 -19.68
N TYR K 12 -62.76 18.07 -19.11
CA TYR K 12 -61.96 17.07 -19.80
C TYR K 12 -62.72 16.38 -20.93
N ASN K 13 -63.94 15.92 -20.69
CA ASN K 13 -64.73 15.31 -21.74
C ASN K 13 -65.01 16.30 -22.88
N LYS K 14 -65.17 17.59 -22.59
CA LYS K 14 -65.29 18.65 -23.57
C LYS K 14 -64.03 18.77 -24.44
N ILE K 15 -62.84 18.57 -23.89
CA ILE K 15 -61.59 18.50 -24.67
C ILE K 15 -61.60 17.28 -25.58
N LEU K 16 -62.00 16.11 -25.09
CA LEU K 16 -62.03 14.91 -25.93
C LEU K 16 -63.00 15.07 -27.09
N ARG K 17 -64.20 15.56 -26.83
CA ARG K 17 -65.24 15.78 -27.85
C ARG K 17 -64.81 16.79 -28.90
N ASN K 18 -64.20 17.90 -28.48
CA ASN K 18 -63.80 18.97 -29.39
C ASN K 18 -62.51 18.65 -30.15
N SER K 19 -61.54 18.00 -29.52
CA SER K 19 -60.16 18.00 -30.00
C SER K 19 -59.56 16.62 -30.23
N SER K 20 -60.27 15.53 -29.94
CA SER K 20 -59.85 14.21 -30.40
C SER K 20 -60.27 13.97 -31.86
N SER K 21 -59.28 13.88 -32.74
CA SER K 21 -59.38 13.18 -34.02
C SER K 21 -58.03 12.61 -34.43
N HIS K 22 -58.05 11.53 -35.18
CA HIS K 22 -56.89 10.92 -35.83
C HIS K 22 -56.41 11.68 -37.07
N SER K 23 -57.19 12.65 -37.54
CA SER K 23 -56.93 13.47 -38.73
C SER K 23 -55.79 14.48 -38.54
N SER K 24 -55.72 15.14 -37.39
CA SER K 24 -54.95 16.37 -37.20
C SER K 24 -54.54 16.55 -35.75
N CYS K 25 -53.52 17.37 -35.52
CA CYS K 25 -53.31 18.01 -34.22
C CYS K 25 -54.30 19.17 -34.04
N GLN K 26 -54.95 19.21 -32.90
CA GLN K 26 -56.04 20.15 -32.60
C GLN K 26 -55.87 20.85 -31.24
N LEU K 27 -55.11 20.24 -30.33
CA LEU K 27 -54.87 20.68 -28.97
C LEU K 27 -53.50 21.34 -28.83
N VAL K 28 -53.44 22.53 -28.26
CA VAL K 28 -52.18 23.19 -27.89
C VAL K 28 -52.12 23.41 -26.38
N ILE K 29 -51.01 23.04 -25.77
CA ILE K 29 -50.74 23.37 -24.38
C ILE K 29 -49.66 24.44 -24.37
N PHE K 30 -49.97 25.62 -23.88
CA PHE K 30 -48.99 26.62 -23.55
C PHE K 30 -48.62 26.45 -22.10
N VAL K 31 -47.36 26.22 -21.79
CA VAL K 31 -46.88 26.02 -20.43
C VAL K 31 -45.91 27.12 -20.08
N SER K 32 -46.06 27.78 -18.94
CA SER K 32 -45.01 28.68 -18.49
C SER K 32 -43.79 27.86 -18.17
N CYS K 33 -42.70 28.05 -18.89
CA CYS K 33 -41.41 27.59 -18.41
C CYS K 33 -41.00 28.43 -17.19
N LEU K 34 -39.89 28.12 -16.53
CA LEU K 34 -39.53 28.73 -15.25
C LEU K 34 -40.63 28.56 -14.18
N ASN K 35 -41.28 27.39 -14.14
CA ASN K 35 -42.21 27.05 -13.07
C ASN K 35 -42.23 25.52 -12.97
N ILE K 36 -41.75 24.96 -11.87
CA ILE K 36 -41.71 23.49 -11.72
C ILE K 36 -43.09 22.88 -11.60
N ASP K 37 -44.02 23.60 -10.99
CA ASP K 37 -45.34 23.07 -10.80
C ASP K 37 -46.09 22.98 -12.13
N ALA K 38 -45.94 23.99 -12.99
CA ALA K 38 -46.45 23.97 -14.36
C ALA K 38 -45.80 22.89 -15.22
N LEU K 39 -44.52 22.64 -15.03
CA LEU K 39 -43.82 21.51 -15.62
C LEU K 39 -44.40 20.17 -15.17
N CYS K 40 -44.53 19.90 -13.88
CA CYS K 40 -45.08 18.62 -13.41
C CYS K 40 -46.56 18.46 -13.75
N ALA K 41 -47.35 19.52 -13.72
CA ALA K 41 -48.71 19.51 -14.23
C ALA K 41 -48.77 19.11 -15.70
N THR K 42 -47.96 19.74 -16.55
CA THR K 42 -47.96 19.47 -17.99
C THR K 42 -47.41 18.11 -18.32
N LYS K 43 -46.47 17.56 -17.56
CA LYS K 43 -46.01 16.18 -17.74
C LYS K 43 -47.16 15.22 -17.51
N MET K 44 -47.90 15.31 -16.41
CA MET K 44 -49.05 14.43 -16.15
C MET K 44 -50.08 14.51 -17.26
N LEU K 45 -50.37 15.73 -17.66
CA LEU K 45 -51.40 16.03 -18.63
C LEU K 45 -51.03 15.55 -20.04
N SER K 46 -49.74 15.53 -20.37
CA SER K 46 -49.26 14.85 -21.58
C SER K 46 -49.30 13.33 -21.49
N LEU K 47 -49.02 12.70 -20.36
CA LEU K 47 -49.14 11.24 -20.24
C LEU K 47 -50.60 10.79 -20.36
N LEU K 48 -51.53 11.59 -19.90
CA LEU K 48 -52.96 11.38 -20.10
C LEU K 48 -53.34 11.47 -21.57
N PHE K 49 -53.03 12.56 -22.25
CA PHE K 49 -53.36 12.71 -23.65
C PHE K 49 -52.60 11.75 -24.57
N LYS K 50 -51.43 11.25 -24.18
CA LYS K 50 -50.76 10.12 -24.85
C LYS K 50 -51.64 8.88 -24.82
N LYS K 51 -52.06 8.45 -23.64
CA LYS K 51 -52.93 7.28 -23.42
C LYS K 51 -54.28 7.39 -24.13
N GLN K 52 -54.86 8.57 -24.24
CA GLN K 52 -56.09 8.79 -25.02
C GLN K 52 -55.84 8.99 -26.52
N LEU K 53 -54.60 9.01 -26.98
CA LEU K 53 -54.19 9.20 -28.37
C LEU K 53 -54.61 10.56 -28.95
N VAL K 54 -54.69 11.60 -28.13
CA VAL K 54 -55.03 12.97 -28.54
C VAL K 54 -53.79 13.65 -29.12
N GLN K 55 -53.79 13.95 -30.41
CA GLN K 55 -52.65 14.62 -31.06
C GLN K 55 -52.54 16.08 -30.60
N SER K 56 -51.39 16.43 -30.04
CA SER K 56 -51.20 17.67 -29.28
C SER K 56 -49.84 18.28 -29.51
N GLN K 57 -49.73 19.58 -29.27
CA GLN K 57 -48.47 20.34 -29.29
C GLN K 57 -48.27 21.09 -27.99
N ILE K 58 -47.11 20.98 -27.38
CA ILE K 58 -46.73 21.69 -26.16
C ILE K 58 -45.76 22.81 -26.53
N VAL K 59 -46.05 24.03 -26.16
CA VAL K 59 -45.21 25.20 -26.43
C VAL K 59 -44.82 25.82 -25.09
N PRO K 60 -43.56 25.78 -24.66
CA PRO K 60 -43.13 26.50 -23.49
C PRO K 60 -43.08 28.00 -23.77
N ILE K 61 -43.54 28.83 -22.85
CA ILE K 61 -43.63 30.30 -23.02
C ILE K 61 -42.92 30.99 -21.85
N PHE K 62 -42.10 32.02 -22.09
CA PHE K 62 -41.41 32.73 -21.02
C PHE K 62 -42.27 33.77 -20.29
N GLY K 63 -43.09 34.53 -21.01
CA GLY K 63 -43.80 35.68 -20.48
C GLY K 63 -44.90 36.18 -21.40
N TYR K 64 -45.60 37.22 -21.00
CA TYR K 64 -46.79 37.70 -21.68
C TYR K 64 -46.54 38.16 -23.11
N SER K 65 -45.41 38.79 -23.39
CA SER K 65 -45.06 39.18 -24.75
C SER K 65 -44.97 37.99 -25.70
N GLU K 66 -44.40 36.87 -25.25
CA GLU K 66 -44.37 35.64 -26.05
C GLU K 66 -45.72 34.93 -26.11
N LEU K 67 -46.57 35.04 -25.09
CA LEU K 67 -47.94 34.56 -25.15
C LEU K 67 -48.69 35.27 -26.26
N ARG K 68 -48.61 36.59 -26.37
CA ARG K 68 -49.29 37.28 -27.47
C ARG K 68 -48.70 36.84 -28.81
N ARG K 69 -47.38 36.80 -28.97
CA ARG K 69 -46.76 36.35 -30.21
C ARG K 69 -47.23 34.95 -30.60
N HIS K 70 -47.18 33.96 -29.72
CA HIS K 70 -47.58 32.59 -30.07
C HIS K 70 -49.07 32.45 -30.28
N TYR K 71 -49.91 33.14 -29.51
CA TYR K 71 -51.35 33.11 -29.73
C TYR K 71 -51.73 33.72 -31.08
N SER K 72 -51.08 34.83 -31.42
CA SER K 72 -51.32 35.57 -32.66
C SER K 72 -51.12 34.68 -33.90
N GLN K 73 -50.23 33.70 -33.81
CA GLN K 73 -49.84 32.81 -34.91
C GLN K 73 -50.35 31.37 -34.80
N LEU K 74 -51.30 31.09 -33.91
CA LEU K 74 -51.95 29.77 -33.87
C LEU K 74 -52.69 29.47 -35.18
N ASP K 75 -52.48 28.28 -35.74
CA ASP K 75 -53.25 27.80 -36.89
C ASP K 75 -54.74 27.67 -36.52
N ASP K 76 -55.63 28.17 -37.36
CA ASP K 76 -57.08 28.29 -37.04
C ASP K 76 -57.81 26.97 -36.83
N ASN K 77 -57.18 25.86 -37.18
CA ASN K 77 -57.64 24.51 -36.89
C ASN K 77 -57.52 24.16 -35.39
N ILE K 78 -56.63 24.82 -34.64
CA ILE K 78 -56.42 24.58 -33.21
C ILE K 78 -57.60 25.12 -32.42
N ASN K 79 -58.37 24.23 -31.79
CA ASN K 79 -59.66 24.55 -31.17
C ASN K 79 -59.72 24.32 -29.65
N SER K 80 -58.65 23.86 -29.01
CA SER K 80 -58.51 23.90 -27.56
C SER K 80 -57.12 24.38 -27.18
N LEU K 81 -57.05 25.29 -26.21
CA LEU K 81 -55.82 25.78 -25.60
C LEU K 81 -55.82 25.47 -24.11
N LEU K 82 -54.73 24.95 -23.57
CA LEU K 82 -54.51 24.97 -22.13
C LEU K 82 -53.44 25.99 -21.82
N LEU K 83 -53.72 26.90 -20.91
CA LEU K 83 -52.77 27.85 -20.37
C LEU K 83 -52.39 27.34 -18.99
N VAL K 84 -51.27 26.63 -18.90
CA VAL K 84 -50.82 26.00 -17.67
C VAL K 84 -49.82 26.87 -16.94
N GLY K 85 -50.23 27.40 -15.80
CA GLY K 85 -49.41 28.15 -14.87
C GLY K 85 -49.40 29.66 -15.03
N PHE K 86 -50.28 30.22 -15.86
CA PHE K 86 -50.34 31.66 -16.09
C PHE K 86 -51.69 32.13 -16.60
N GLY K 87 -51.91 33.44 -16.57
CA GLY K 87 -53.02 34.10 -17.23
C GLY K 87 -54.29 34.26 -16.42
N GLY K 88 -54.41 33.71 -15.22
CA GLY K 88 -55.58 33.89 -14.37
C GLY K 88 -55.78 35.33 -13.87
N VAL K 89 -54.69 36.05 -13.66
CA VAL K 89 -54.65 37.39 -13.07
C VAL K 89 -54.64 38.54 -14.09
N ILE K 90 -54.47 38.26 -15.38
CA ILE K 90 -54.58 39.23 -16.46
C ILE K 90 -55.94 39.08 -17.14
N ASP K 91 -56.51 40.12 -17.74
CA ASP K 91 -57.72 39.95 -18.55
C ASP K 91 -57.33 39.33 -19.88
N LEU K 92 -57.48 38.01 -20.05
CA LEU K 92 -56.99 37.32 -21.23
C LEU K 92 -57.79 37.68 -22.48
N GLU K 93 -59.07 38.02 -22.32
CA GLU K 93 -59.93 38.38 -23.43
C GLU K 93 -59.47 39.72 -24.04
N ALA K 94 -59.12 40.70 -23.20
CA ALA K 94 -58.52 41.94 -23.60
C ALA K 94 -57.06 41.79 -24.04
N PHE K 95 -56.25 41.04 -23.30
CA PHE K 95 -54.81 40.94 -23.55
C PHE K 95 -54.48 40.25 -24.86
N LEU K 96 -55.12 39.11 -25.16
CA LEU K 96 -54.97 38.37 -26.41
C LEU K 96 -55.69 39.00 -27.60
N GLU K 97 -56.41 40.09 -27.36
CA GLU K 97 -57.27 40.79 -28.32
C GLU K 97 -58.35 39.89 -28.92
N ILE K 98 -59.04 39.14 -28.07
CA ILE K 98 -60.26 38.42 -28.43
C ILE K 98 -61.43 39.40 -28.55
N ASP K 99 -62.29 39.22 -29.55
CA ASP K 99 -63.69 39.62 -29.50
C ASP K 99 -64.53 38.35 -29.75
N PRO K 100 -65.33 37.85 -28.79
CA PRO K 100 -66.03 36.59 -28.94
C PRO K 100 -66.92 36.46 -30.19
N GLN K 101 -67.39 37.57 -30.74
CA GLN K 101 -68.15 37.58 -31.98
C GLN K 101 -67.37 37.03 -33.18
N GLU K 102 -66.04 37.11 -33.18
CA GLU K 102 -65.18 36.51 -34.21
C GLU K 102 -64.89 35.02 -33.96
N TYR K 103 -65.40 34.44 -32.86
CA TYR K 103 -65.16 33.07 -32.43
C TYR K 103 -66.44 32.24 -32.30
N VAL K 104 -67.60 32.88 -32.22
CA VAL K 104 -68.89 32.22 -32.02
C VAL K 104 -69.34 31.44 -33.26
N ILE K 105 -69.94 30.27 -33.04
CA ILE K 105 -70.57 29.40 -34.04
C ILE K 105 -71.85 28.78 -33.46
N ASP K 106 -72.79 28.36 -34.32
CA ASP K 106 -74.01 27.63 -33.93
C ASP K 106 -74.78 28.30 -32.78
N THR K 107 -75.16 29.56 -32.97
CA THR K 107 -75.78 30.41 -31.94
C THR K 107 -77.26 30.09 -31.65
N ASP K 108 -77.81 29.03 -32.18
CA ASP K 108 -79.14 28.48 -32.01
C ASP K 108 -79.14 26.95 -32.13
N SER K 111 -82.99 29.79 -29.39
CA SER K 111 -82.41 29.02 -28.30
C SER K 111 -81.47 29.87 -27.43
N GLY K 112 -81.53 29.71 -26.12
CA GLY K 112 -80.68 30.36 -25.13
C GLY K 112 -79.30 29.73 -25.08
N GLU K 113 -78.47 30.00 -26.09
CA GLU K 113 -77.35 29.16 -26.47
C GLU K 113 -76.20 29.96 -27.11
N GLN K 114 -74.97 29.47 -26.91
CA GLN K 114 -73.78 29.76 -27.71
C GLN K 114 -72.87 28.53 -27.81
N SER K 115 -72.01 28.52 -28.82
CA SER K 115 -70.80 27.69 -28.86
C SER K 115 -69.70 28.43 -29.61
N PHE K 116 -68.44 28.02 -29.47
CA PHE K 116 -67.31 28.75 -30.02
C PHE K 116 -66.31 27.82 -30.69
N ARG K 117 -65.59 28.35 -31.67
CA ARG K 117 -64.58 27.59 -32.43
C ARG K 117 -63.28 27.31 -31.67
N ARG K 118 -63.08 27.93 -30.50
CA ARG K 118 -61.94 27.69 -29.60
C ARG K 118 -62.32 27.81 -28.13
N ASP K 119 -61.81 26.92 -27.30
CA ASP K 119 -61.83 26.99 -25.84
C ASP K 119 -60.45 27.32 -25.28
N ILE K 120 -60.39 28.12 -24.21
CA ILE K 120 -59.13 28.53 -23.57
C ILE K 120 -59.23 28.17 -22.11
N TYR K 121 -58.66 27.05 -21.71
CA TYR K 121 -58.76 26.55 -20.35
C TYR K 121 -57.58 27.03 -19.53
N VAL K 122 -57.81 27.69 -18.41
CA VAL K 122 -56.74 28.32 -17.64
C VAL K 122 -56.50 27.50 -16.38
N LEU K 123 -55.35 26.85 -16.31
CA LEU K 123 -54.90 26.10 -15.14
C LEU K 123 -53.96 27.02 -14.39
N ASP K 124 -54.43 27.73 -13.38
CA ASP K 124 -53.62 28.69 -12.66
C ASP K 124 -53.92 28.69 -11.16
N ALA K 125 -52.88 28.76 -10.34
CA ALA K 125 -52.95 28.81 -8.89
C ALA K 125 -52.74 30.21 -8.29
N HIS K 126 -52.31 31.20 -9.07
CA HIS K 126 -52.19 32.57 -8.60
C HIS K 126 -53.55 33.23 -8.39
N ARG K 127 -53.60 34.20 -7.50
CA ARG K 127 -54.74 35.03 -7.14
C ARG K 127 -54.22 36.46 -6.96
N PRO K 128 -55.04 37.52 -6.94
CA PRO K 128 -56.47 37.56 -7.14
C PRO K 128 -56.85 37.42 -8.61
N TRP K 129 -57.77 36.47 -8.85
CA TRP K 129 -58.33 36.12 -10.15
C TRP K 129 -58.87 37.35 -10.81
N ASN K 130 -58.68 37.50 -12.09
CA ASN K 130 -59.29 38.58 -12.81
C ASN K 130 -60.77 38.27 -13.08
N LEU K 131 -61.68 39.15 -12.66
CA LEU K 131 -63.12 38.86 -12.68
C LEU K 131 -63.68 38.74 -14.10
N ASP K 132 -63.11 39.48 -15.04
CA ASP K 132 -63.47 39.37 -16.45
C ASP K 132 -63.02 38.06 -17.10
N ASN K 133 -62.21 37.23 -16.43
CA ASN K 133 -62.04 35.83 -16.81
C ASN K 133 -63.05 34.95 -16.10
N ILE K 134 -63.20 35.12 -14.79
CA ILE K 134 -63.96 34.18 -13.95
C ILE K 134 -65.46 34.33 -14.10
N PHE K 135 -65.96 35.52 -14.40
CA PHE K 135 -67.37 35.77 -14.67
C PHE K 135 -67.55 36.30 -16.08
N GLY K 136 -66.73 37.25 -16.46
CA GLY K 136 -67.00 38.15 -17.59
C GLY K 136 -66.67 37.65 -19.00
N SER K 137 -66.49 36.35 -19.20
CA SER K 137 -66.21 35.72 -20.49
C SER K 137 -66.81 34.33 -20.61
N GLN K 138 -67.23 33.91 -21.81
CA GLN K 138 -67.67 32.55 -22.11
C GLN K 138 -66.60 31.71 -22.84
N ILE K 139 -65.57 32.34 -23.39
CA ILE K 139 -64.47 31.63 -24.08
C ILE K 139 -63.41 31.16 -23.09
N ILE K 140 -62.99 32.00 -22.14
CA ILE K 140 -61.99 31.62 -21.13
C ILE K 140 -62.65 30.76 -20.06
N GLN K 141 -62.02 29.66 -19.69
CA GLN K 141 -62.60 28.62 -18.86
C GLN K 141 -61.66 28.21 -17.74
N CYS K 142 -61.65 28.95 -16.66
CA CYS K 142 -60.76 28.72 -15.55
C CYS K 142 -61.05 27.42 -14.81
N PHE K 143 -60.05 26.71 -14.32
CA PHE K 143 -60.23 25.65 -13.35
C PHE K 143 -60.07 26.22 -11.94
N ASP K 144 -60.81 25.72 -10.94
CA ASP K 144 -60.75 26.20 -9.55
C ASP K 144 -60.47 25.13 -8.50
N ASP K 145 -59.77 25.53 -7.45
CA ASP K 145 -59.60 24.74 -6.23
C ASP K 145 -60.80 24.81 -5.29
N GLY K 146 -61.65 25.80 -5.50
CA GLY K 146 -62.75 26.17 -4.62
C GLY K 146 -62.80 27.66 -4.28
N THR K 147 -61.79 28.43 -4.65
CA THR K 147 -61.69 29.85 -4.30
C THR K 147 -62.95 30.64 -4.62
N VAL K 148 -63.56 30.45 -5.79
CA VAL K 148 -64.62 31.37 -6.21
C VAL K 148 -65.87 31.26 -5.37
N ASP K 149 -66.39 30.06 -5.16
CA ASP K 149 -67.60 29.85 -4.36
C ASP K 149 -67.39 30.20 -2.89
N ASP K 150 -66.22 29.86 -2.36
CA ASP K 150 -65.86 30.09 -0.97
C ASP K 150 -65.57 31.56 -0.64
N THR K 151 -65.01 32.33 -1.60
CA THR K 151 -64.38 33.63 -1.32
C THR K 151 -65.02 34.77 -2.12
N LEU K 152 -65.51 34.52 -3.35
CA LEU K 152 -65.89 35.58 -4.28
C LEU K 152 -67.37 35.94 -4.33
N GLY K 153 -68.25 35.42 -3.47
CA GLY K 153 -69.69 35.67 -3.57
C GLY K 153 -70.07 37.16 -3.56
N GLU K 154 -69.44 37.99 -2.73
CA GLU K 154 -69.68 39.44 -2.78
C GLU K 154 -69.16 40.07 -4.07
N GLN K 155 -68.05 39.60 -4.61
CA GLN K 155 -67.54 40.09 -5.88
C GLN K 155 -68.41 39.66 -7.05
N LYS K 156 -68.99 38.47 -7.03
CA LYS K 156 -69.91 37.98 -8.06
C LYS K 156 -71.09 38.93 -8.17
N GLU K 157 -71.74 39.20 -7.05
CA GLU K 157 -72.87 40.10 -7.00
C GLU K 157 -72.48 41.51 -7.46
N ALA K 158 -71.37 42.05 -6.96
CA ALA K 158 -70.90 43.36 -7.36
C ALA K 158 -70.56 43.44 -8.84
N TYR K 159 -70.01 42.36 -9.41
CA TYR K 159 -69.65 42.29 -10.81
C TYR K 159 -70.89 42.38 -11.69
N TYR K 160 -71.90 41.56 -11.42
CA TYR K 160 -73.12 41.57 -12.19
C TYR K 160 -73.94 42.84 -12.01
N LYS K 161 -74.20 43.34 -10.80
CA LYS K 161 -74.99 44.59 -10.66
C LYS K 161 -74.32 45.77 -11.36
N LEU K 162 -72.99 45.80 -11.44
CA LEU K 162 -72.26 46.81 -12.19
C LEU K 162 -72.26 46.58 -13.71
N LEU K 163 -72.26 45.32 -14.17
CA LEU K 163 -72.37 44.93 -15.58
C LEU K 163 -73.77 45.20 -16.17
N GLU K 164 -74.81 45.04 -15.36
CA GLU K 164 -76.21 45.34 -15.68
C GLU K 164 -76.47 46.84 -15.82
N LEU K 165 -75.93 47.66 -14.91
CA LEU K 165 -76.12 49.12 -14.86
C LEU K 165 -75.25 49.87 -15.90
N ASP K 166 -75.47 49.59 -17.18
CA ASP K 166 -74.85 50.28 -18.32
C ASP K 166 -75.31 51.74 -18.47
N ARG K 223 -77.55 61.42 -9.61
CA ARG K 223 -78.79 60.71 -9.30
C ARG K 223 -78.61 59.83 -8.08
N LYS K 224 -79.38 60.08 -7.02
CA LYS K 224 -79.15 59.48 -5.70
C LYS K 224 -79.20 57.95 -5.71
N GLN K 225 -80.27 57.35 -6.23
CA GLN K 225 -80.43 55.89 -6.33
C GLN K 225 -79.29 55.16 -7.09
N ARG K 226 -78.66 55.83 -8.07
CA ARG K 226 -77.50 55.35 -8.82
C ARG K 226 -76.21 55.60 -8.05
N LYS K 227 -76.00 56.80 -7.53
CA LYS K 227 -74.78 57.17 -6.78
C LYS K 227 -74.58 56.29 -5.56
N LYS K 228 -75.67 56.06 -4.82
CA LYS K 228 -75.84 55.19 -3.66
C LYS K 228 -75.44 53.71 -3.90
N GLN K 229 -75.35 53.28 -5.15
CA GLN K 229 -75.16 51.87 -5.53
C GLN K 229 -73.96 51.65 -6.45
N ILE K 230 -73.77 52.46 -7.48
CA ILE K 230 -72.63 52.30 -8.39
C ILE K 230 -71.29 52.41 -7.64
N HIS K 231 -71.21 53.29 -6.63
CA HIS K 231 -70.03 53.41 -5.78
C HIS K 231 -69.97 52.41 -4.64
N GLU K 232 -71.05 51.72 -4.32
CA GLU K 232 -70.94 50.52 -3.50
C GLU K 232 -70.31 49.38 -4.32
N TYR K 233 -70.79 49.11 -5.53
CA TYR K 233 -70.28 47.97 -6.30
C TYR K 233 -68.89 48.22 -6.85
N GLU K 234 -68.58 49.41 -7.34
CA GLU K 234 -67.19 49.73 -7.67
C GLU K 234 -66.27 49.71 -6.46
N GLY K 235 -66.75 50.08 -5.27
CA GLY K 235 -66.05 49.95 -4.01
C GLY K 235 -65.71 48.52 -3.62
N VAL K 236 -66.58 47.54 -3.90
CA VAL K 236 -66.31 46.12 -3.72
C VAL K 236 -65.25 45.63 -4.70
N LEU K 237 -65.29 46.02 -5.97
CA LEU K 237 -64.24 45.61 -6.91
C LEU K 237 -62.89 46.28 -6.63
N GLU K 238 -62.92 47.55 -6.24
CA GLU K 238 -61.75 48.35 -5.90
C GLU K 238 -61.03 47.87 -4.63
N GLU K 239 -61.75 47.29 -3.66
CA GLU K 239 -61.19 46.46 -2.59
C GLU K 239 -60.74 45.06 -3.01
N TYR K 240 -61.36 44.44 -4.02
CA TYR K 240 -60.97 43.12 -4.49
C TYR K 240 -59.65 43.11 -5.26
N TYR K 241 -59.50 44.00 -6.24
CA TYR K 241 -58.19 44.48 -6.66
C TYR K 241 -57.66 45.39 -5.54
N SER K 242 -56.38 45.75 -5.51
CA SER K 242 -55.76 46.21 -4.25
C SER K 242 -55.77 45.11 -3.16
N GLN K 243 -55.53 43.87 -3.60
CA GLN K 243 -55.00 42.74 -2.84
C GLN K 243 -53.68 42.30 -3.52
N GLY K 244 -52.65 41.95 -2.77
CA GLY K 244 -51.41 41.45 -3.36
C GLY K 244 -51.56 40.04 -3.91
N THR K 245 -50.60 39.62 -4.73
CA THR K 245 -50.58 38.31 -5.37
C THR K 245 -50.26 37.20 -4.38
N THR K 246 -50.82 36.01 -4.53
CA THR K 246 -50.41 34.81 -3.81
C THR K 246 -50.71 33.57 -4.62
N VAL K 247 -50.00 32.47 -4.38
CA VAL K 247 -50.29 31.15 -4.92
C VAL K 247 -51.05 30.39 -3.88
N VAL K 248 -52.19 29.79 -4.20
CA VAL K 248 -53.07 29.17 -3.19
C VAL K 248 -53.26 27.66 -3.32
N ASN K 249 -52.69 27.04 -4.34
CA ASN K 249 -52.81 25.62 -4.64
C ASN K 249 -51.63 25.19 -5.49
N SER K 250 -51.38 23.90 -5.69
CA SER K 250 -50.49 23.48 -6.76
C SER K 250 -51.29 23.14 -7.99
N ILE K 251 -50.78 23.46 -9.16
CA ILE K 251 -51.44 23.19 -10.44
C ILE K 251 -51.42 21.68 -10.71
N SER K 252 -50.37 21.00 -10.26
CA SER K 252 -50.28 19.55 -10.29
C SER K 252 -51.32 18.88 -9.39
N ALA K 253 -51.63 19.35 -8.17
CA ALA K 253 -52.70 18.73 -7.39
C ALA K 253 -54.09 18.94 -7.99
N GLN K 254 -54.29 20.01 -8.75
CA GLN K 254 -55.50 20.18 -9.53
C GLN K 254 -55.60 19.12 -10.61
N ILE K 255 -54.60 18.94 -11.46
CA ILE K 255 -54.62 17.89 -12.47
C ILE K 255 -54.62 16.48 -11.86
N TYR K 256 -54.03 16.23 -10.70
CA TYR K 256 -54.20 14.92 -10.07
C TYR K 256 -55.63 14.69 -9.59
N SER K 257 -56.34 15.72 -9.15
CA SER K 257 -57.75 15.59 -8.82
C SER K 257 -58.64 15.42 -10.06
N LEU K 258 -58.22 15.89 -11.23
CA LEU K 258 -58.82 15.52 -12.50
C LEU K 258 -58.55 14.07 -12.85
N LEU K 259 -57.33 13.58 -12.72
CA LEU K 259 -57.02 12.16 -12.95
C LEU K 259 -57.78 11.26 -11.99
N SER K 260 -58.05 11.71 -10.78
CA SER K 260 -58.90 11.03 -9.82
C SER K 260 -60.37 10.99 -10.21
N ALA K 261 -60.87 11.99 -10.95
CA ALA K 261 -62.23 12.00 -11.46
C ALA K 261 -62.38 11.06 -12.66
N ILE K 262 -61.41 11.02 -13.57
CA ILE K 262 -61.40 10.13 -14.73
C ILE K 262 -61.11 8.68 -14.35
N GLY K 263 -60.41 8.43 -13.24
CA GLY K 263 -59.95 7.10 -12.84
C GLY K 263 -58.67 6.66 -13.51
N GLU K 264 -57.67 7.53 -13.53
CA GLU K 264 -56.37 7.37 -14.20
C GLU K 264 -55.17 7.37 -13.25
N THR K 265 -55.38 7.49 -11.95
CA THR K 265 -54.30 7.56 -10.97
C THR K 265 -53.44 6.30 -10.98
N ASN K 266 -52.14 6.47 -10.86
CA ASN K 266 -51.13 5.44 -10.66
C ASN K 266 -49.88 6.07 -10.00
N LEU K 267 -48.84 5.30 -9.72
CA LEU K 267 -47.68 5.86 -9.01
C LEU K 267 -46.90 6.87 -9.82
N SER K 268 -46.88 6.81 -11.14
CA SER K 268 -46.17 7.78 -11.95
C SER K 268 -46.83 9.14 -11.91
N ASN K 269 -48.15 9.21 -12.05
CA ASN K 269 -48.88 10.44 -11.85
C ASN K 269 -48.81 10.93 -10.41
N LEU K 270 -48.79 10.05 -9.42
CA LEU K 270 -48.62 10.45 -8.04
C LEU K 270 -47.23 11.03 -7.79
N TRP K 271 -46.18 10.51 -8.37
CA TRP K 271 -44.88 11.13 -8.18
C TRP K 271 -44.83 12.53 -8.76
N LEU K 272 -45.35 12.75 -9.94
CA LEU K 272 -45.44 14.09 -10.52
C LEU K 272 -46.30 15.03 -9.69
N ASN K 273 -47.32 14.54 -9.01
CA ASN K 273 -48.10 15.30 -8.07
C ASN K 273 -47.29 15.70 -6.83
N ILE K 274 -46.47 14.81 -6.32
CA ILE K 274 -45.62 15.06 -5.19
C ILE K 274 -44.52 16.04 -5.58
N LEU K 275 -43.91 15.92 -6.75
CA LEU K 275 -42.88 16.84 -7.21
C LEU K 275 -43.45 18.22 -7.41
N GLY K 276 -44.54 18.34 -8.14
CA GLY K 276 -45.12 19.64 -8.40
C GLY K 276 -45.49 20.34 -7.11
N THR K 277 -46.12 19.66 -6.17
CA THR K 277 -46.49 20.22 -4.87
C THR K 277 -45.33 20.52 -3.97
N THR K 278 -44.24 19.77 -4.01
CA THR K 278 -43.09 20.02 -3.15
C THR K 278 -42.39 21.30 -3.49
N SER K 279 -42.45 21.74 -4.74
CA SER K 279 -41.78 22.95 -5.15
C SER K 279 -42.32 24.20 -4.47
N LEU K 280 -43.54 24.15 -3.93
CA LEU K 280 -44.14 25.22 -3.16
C LEU K 280 -43.54 25.41 -1.79
N ASP K 281 -42.97 24.38 -1.18
CA ASP K 281 -42.61 24.37 0.23
C ASP K 281 -41.62 25.46 0.62
N ILE K 282 -40.81 25.93 -0.31
CA ILE K 282 -39.80 26.93 -0.01
C ILE K 282 -40.39 28.30 0.25
N ALA K 283 -41.47 28.66 -0.42
CA ALA K 283 -41.99 30.01 -0.47
C ALA K 283 -43.46 30.13 -0.05
N TYR K 284 -44.22 29.05 -0.13
CA TYR K 284 -45.63 28.97 0.20
C TYR K 284 -45.85 27.82 1.13
N ALA K 285 -45.11 27.76 2.21
CA ALA K 285 -45.17 26.70 3.17
C ALA K 285 -46.59 26.45 3.66
N GLN K 286 -47.37 27.50 3.86
CA GLN K 286 -48.76 27.44 4.28
C GLN K 286 -49.62 26.62 3.34
N VAL K 287 -49.29 26.55 2.05
CA VAL K 287 -50.02 25.79 1.04
C VAL K 287 -49.52 24.37 1.00
N TYR K 288 -48.22 24.13 1.12
CA TYR K 288 -47.71 22.78 1.19
C TYR K 288 -48.32 22.03 2.35
N ASN K 289 -48.47 22.67 3.50
CA ASN K 289 -49.07 22.01 4.64
C ASN K 289 -50.55 21.68 4.49
N ARG K 290 -51.34 22.37 3.65
CA ARG K 290 -52.72 21.95 3.37
C ARG K 290 -52.77 20.69 2.54
N LEU K 291 -51.90 20.61 1.54
CA LEU K 291 -51.91 19.56 0.53
C LEU K 291 -51.19 18.29 1.00
N TYR K 292 -50.20 18.42 1.90
CA TYR K 292 -49.42 17.30 2.37
C TYR K 292 -50.24 16.17 2.97
N PRO K 293 -51.21 16.38 3.86
CA PRO K 293 -52.12 15.34 4.32
C PRO K 293 -52.82 14.57 3.22
N LEU K 294 -53.14 15.19 2.09
CA LEU K 294 -53.87 14.53 1.01
C LEU K 294 -52.97 13.65 0.19
N LEU K 295 -51.68 13.97 0.09
CA LEU K 295 -50.68 13.17 -0.59
C LEU K 295 -50.32 11.91 0.19
N GLN K 296 -50.31 11.96 1.51
CA GLN K 296 -50.05 10.79 2.34
C GLN K 296 -51.09 9.67 2.13
N ASP K 297 -52.34 10.06 2.01
CA ASP K 297 -53.43 9.14 1.77
C ASP K 297 -53.32 8.41 0.43
N GLU K 298 -52.86 9.09 -0.61
CA GLU K 298 -52.71 8.53 -1.95
C GLU K 298 -51.54 7.58 -2.06
N VAL K 299 -50.45 7.86 -1.34
CA VAL K 299 -49.33 6.92 -1.27
C VAL K 299 -49.77 5.63 -0.61
N LYS K 300 -50.51 5.67 0.50
CA LYS K 300 -51.05 4.44 1.07
C LYS K 300 -51.99 3.75 0.12
N ARG K 301 -52.92 4.45 -0.50
CA ARG K 301 -53.91 3.83 -1.38
C ARG K 301 -53.30 3.04 -2.53
N LEU K 302 -52.23 3.52 -3.13
CA LEU K 302 -51.61 2.93 -4.33
C LEU K 302 -50.44 1.99 -4.05
N THR K 303 -49.86 1.98 -2.85
CA THR K 303 -48.73 1.10 -2.52
C THR K 303 -49.17 -0.36 -2.34
N PRO K 304 -48.52 -1.36 -2.95
CA PRO K 304 -48.98 -2.75 -2.91
C PRO K 304 -48.86 -3.42 -1.53
N SER K 305 -49.48 -4.60 -1.37
CA SER K 305 -49.69 -5.29 -0.08
C SER K 305 -48.41 -5.65 0.69
N SER K 306 -47.34 -5.95 -0.03
CA SER K 306 -46.15 -6.59 0.54
C SER K 306 -45.36 -5.64 1.45
N ARG K 307 -44.92 -6.18 2.60
CA ARG K 307 -43.99 -5.56 3.56
C ARG K 307 -42.97 -6.61 4.01
N ASN K 308 -41.82 -6.18 4.54
CA ASN K 308 -40.61 -6.99 4.63
C ASN K 308 -40.25 -7.59 3.26
N SER K 309 -40.37 -6.77 2.22
CA SER K 309 -40.17 -7.14 0.83
C SER K 309 -38.69 -7.18 0.48
N VAL K 310 -38.29 -8.14 -0.34
CA VAL K 310 -36.93 -8.19 -0.87
C VAL K 310 -36.78 -7.15 -1.98
N LYS K 311 -35.68 -6.40 -1.95
CA LYS K 311 -35.30 -5.44 -2.99
C LYS K 311 -34.98 -6.18 -4.28
N THR K 312 -35.50 -5.74 -5.41
CA THR K 312 -35.25 -6.33 -6.73
C THR K 312 -35.13 -5.24 -7.77
N PRO K 313 -34.50 -5.44 -8.93
CA PRO K 313 -34.31 -4.37 -9.89
C PRO K 313 -35.59 -3.72 -10.38
N ASP K 314 -36.71 -4.39 -10.23
CA ASP K 314 -38.01 -3.97 -10.70
C ASP K 314 -38.86 -3.25 -9.64
N THR K 315 -38.58 -3.37 -8.34
CA THR K 315 -39.39 -2.73 -7.31
C THR K 315 -39.15 -1.24 -7.29
N LEU K 316 -40.16 -0.46 -7.65
CA LEU K 316 -40.32 0.93 -7.25
C LEU K 316 -40.94 0.95 -5.87
N THR K 317 -40.36 1.66 -4.89
CA THR K 317 -41.04 1.92 -3.62
C THR K 317 -41.08 3.41 -3.36
N LEU K 318 -42.24 3.94 -2.99
CA LEU K 318 -42.47 5.36 -2.80
C LEU K 318 -42.85 5.64 -1.34
N ASN K 319 -41.94 5.46 -0.41
CA ASN K 319 -42.25 5.51 1.01
C ASN K 319 -42.54 6.91 1.54
N ILE K 320 -43.19 6.99 2.70
CA ILE K 320 -43.20 8.17 3.55
C ILE K 320 -42.30 7.84 4.71
N GLN K 321 -41.27 8.63 4.87
CA GLN K 321 -40.19 8.38 5.81
C GLN K 321 -39.43 9.67 6.10
N PRO K 322 -38.56 9.74 7.11
CA PRO K 322 -37.81 10.93 7.42
C PRO K 322 -37.04 11.51 6.23
N ASP K 323 -37.31 12.77 5.92
CA ASP K 323 -36.69 13.54 4.83
C ASP K 323 -36.23 14.88 5.40
N TYR K 324 -35.10 14.84 6.11
CA TYR K 324 -34.56 15.97 6.84
C TYR K 324 -34.44 17.23 5.97
N TYR K 325 -34.73 18.41 6.53
CA TYR K 325 -34.76 19.66 5.77
C TYR K 325 -33.35 20.23 5.52
N LEU K 326 -32.57 19.47 4.76
CA LEU K 326 -31.15 19.63 4.49
C LEU K 326 -30.90 19.64 2.99
N PHE K 327 -29.81 20.21 2.51
CA PHE K 327 -29.57 20.38 1.08
C PHE K 327 -28.90 19.17 0.40
N LEU K 328 -29.66 18.42 -0.39
CA LEU K 328 -29.19 17.31 -1.21
C LEU K 328 -28.44 16.23 -0.43
N LEU K 329 -28.96 15.87 0.73
CA LEU K 329 -28.35 14.91 1.65
C LEU K 329 -27.84 13.63 0.98
N ARG K 330 -28.67 12.91 0.23
CA ARG K 330 -28.33 11.60 -0.32
C ARG K 330 -27.34 11.67 -1.47
N HIS K 331 -27.02 12.88 -1.93
CA HIS K 331 -26.23 13.16 -3.11
C HIS K 331 -25.02 14.07 -2.84
N SER K 332 -24.75 14.34 -1.57
CA SER K 332 -23.69 15.23 -1.13
C SER K 332 -23.14 14.69 0.19
N SER K 333 -22.29 15.41 0.88
CA SER K 333 -21.85 14.99 2.21
C SER K 333 -22.89 15.34 3.27
N LEU K 334 -22.75 14.82 4.49
CA LEU K 334 -23.56 15.30 5.62
C LEU K 334 -23.14 16.71 6.04
N TYR K 335 -21.94 17.16 5.73
CA TYR K 335 -21.50 18.51 6.07
C TYR K 335 -22.07 19.56 5.14
N ASP K 336 -21.98 19.36 3.83
CA ASP K 336 -22.56 20.25 2.82
C ASP K 336 -24.07 20.34 2.93
N SER K 337 -24.73 19.28 3.39
CA SER K 337 -26.15 19.28 3.70
C SER K 337 -26.57 20.37 4.69
N PHE K 338 -25.76 20.63 5.70
CA PHE K 338 -26.01 21.66 6.68
C PHE K 338 -25.45 22.96 6.19
N TYR K 339 -24.26 22.98 5.65
CA TYR K 339 -23.62 24.22 5.27
C TYR K 339 -24.43 24.99 4.24
N TYR K 340 -24.98 24.32 3.23
CA TYR K 340 -25.76 24.96 2.16
C TYR K 340 -27.27 24.97 2.34
N SER K 341 -27.82 24.55 3.49
CA SER K 341 -29.25 24.63 3.77
C SER K 341 -29.70 26.04 4.13
N ASN K 342 -30.77 26.55 3.51
CA ASN K 342 -31.32 27.86 3.83
C ASN K 342 -31.69 27.93 5.30
N TYR K 343 -32.38 26.92 5.79
CA TYR K 343 -32.89 26.94 7.14
C TYR K 343 -31.77 26.89 8.14
N VAL K 344 -30.79 26.00 7.98
CA VAL K 344 -29.66 25.92 8.90
C VAL K 344 -28.91 27.22 8.95
N ASN K 345 -28.56 27.79 7.82
CA ASN K 345 -27.89 29.08 7.74
C ASN K 345 -28.63 30.16 8.53
N ALA K 346 -29.95 30.16 8.47
CA ALA K 346 -30.77 31.12 9.19
C ALA K 346 -30.76 30.94 10.71
N LYS K 347 -30.68 29.72 11.22
CA LYS K 347 -30.63 29.49 12.67
C LYS K 347 -29.25 29.70 13.27
N LEU K 348 -28.17 29.40 12.55
CA LEU K 348 -26.79 29.44 13.05
C LEU K 348 -26.01 30.70 12.67
N SER K 349 -26.54 31.55 11.80
CA SER K 349 -25.89 32.74 11.26
C SER K 349 -24.59 32.39 10.54
N LEU K 350 -24.69 31.37 9.69
CA LEU K 350 -23.58 30.58 9.14
C LEU K 350 -22.76 31.27 8.03
N TRP K 351 -23.06 32.50 7.66
CA TRP K 351 -22.20 33.26 6.76
C TRP K 351 -20.88 33.65 7.41
N ASN K 352 -20.91 34.15 8.64
CA ASN K 352 -19.73 34.61 9.37
C ASN K 352 -19.05 33.44 10.10
N GLU K 353 -17.77 33.55 10.40
CA GLU K 353 -16.99 32.39 10.83
C GLU K 353 -17.34 31.89 12.22
N ASN K 354 -17.92 32.69 13.11
CA ASN K 354 -18.53 32.16 14.33
C ASN K 354 -19.72 31.26 14.05
N GLY K 355 -20.50 31.49 13.00
CA GLY K 355 -21.51 30.54 12.57
C GLY K 355 -20.90 29.22 12.11
N LYS K 356 -19.78 29.25 11.39
CA LYS K 356 -19.08 28.03 11.00
C LYS K 356 -18.52 27.28 12.21
N LYS K 357 -18.00 27.97 13.23
CA LYS K 357 -17.66 27.35 14.51
C LYS K 357 -18.86 26.64 15.12
N ARG K 358 -20.03 27.28 15.23
CA ARG K 358 -21.24 26.63 15.73
C ARG K 358 -21.57 25.37 14.96
N LEU K 359 -21.28 25.29 13.67
CA LEU K 359 -21.51 24.07 12.90
C LEU K 359 -20.53 22.96 13.29
N HIS K 360 -19.22 23.23 13.34
CA HIS K 360 -18.26 22.22 13.79
C HIS K 360 -18.51 21.77 15.23
N LYS K 361 -18.75 22.72 16.13
CA LYS K 361 -19.08 22.46 17.52
C LYS K 361 -20.31 21.58 17.65
N MET K 362 -21.26 21.66 16.71
CA MET K 362 -22.40 20.74 16.65
C MET K 362 -22.00 19.36 16.18
N PHE K 363 -21.20 19.22 15.13
CA PHE K 363 -20.78 17.90 14.69
C PHE K 363 -19.95 17.21 15.76
N ALA K 364 -19.05 17.93 16.40
CA ALA K 364 -18.28 17.39 17.51
C ALA K 364 -19.18 16.92 18.63
N ARG K 365 -20.21 17.66 18.99
CA ARG K 365 -21.17 17.28 20.04
C ARG K 365 -22.10 16.14 19.64
N MET K 366 -22.54 16.07 18.40
CA MET K 366 -23.24 14.90 17.86
C MET K 366 -22.36 13.65 17.87
N GLY K 367 -21.05 13.81 17.82
CA GLY K 367 -20.12 12.69 17.84
C GLY K 367 -19.84 12.13 16.46
N ILE K 368 -19.86 12.97 15.44
CA ILE K 368 -19.50 12.61 14.06
C ILE K 368 -18.20 13.34 13.72
N PRO K 369 -17.10 12.65 13.39
CA PRO K 369 -15.87 13.33 13.00
C PRO K 369 -16.09 14.20 11.77
N LEU K 370 -15.44 15.35 11.64
CA LEU K 370 -15.53 16.16 10.42
C LEU K 370 -15.11 15.34 9.19
N SER K 371 -14.10 14.51 9.31
CA SER K 371 -13.64 13.62 8.26
C SER K 371 -14.68 12.58 7.83
N THR K 372 -15.66 12.27 8.67
CA THR K 372 -16.79 11.41 8.31
C THR K 372 -17.93 12.24 7.76
N ALA K 373 -18.25 13.36 8.40
CA ALA K 373 -19.33 14.24 7.97
C ALA K 373 -19.13 14.74 6.54
N GLN K 374 -17.89 14.93 6.12
CA GLN K 374 -17.52 15.30 4.78
C GLN K 374 -17.45 14.14 3.76
N GLU K 375 -17.62 12.87 4.14
CA GLU K 375 -17.72 11.79 3.15
C GLU K 375 -19.01 11.86 2.34
N THR K 376 -18.94 11.57 1.06
CA THR K 376 -20.10 11.46 0.17
C THR K 376 -21.10 10.46 0.72
N TRP K 377 -22.39 10.76 0.78
CA TRP K 377 -23.31 9.98 1.60
C TRP K 377 -23.39 8.48 1.31
N LEU K 378 -23.21 8.03 0.06
CA LEU K 378 -23.10 6.58 -0.23
C LEU K 378 -21.96 5.94 0.56
N TYR K 379 -20.77 6.51 0.50
CA TYR K 379 -19.58 5.93 1.09
C TYR K 379 -19.46 6.19 2.59
N MET K 380 -20.24 7.10 3.16
CA MET K 380 -20.32 7.31 4.59
C MET K 380 -20.86 6.06 5.27
N ASP K 381 -20.34 5.72 6.44
CA ASP K 381 -20.47 4.36 6.99
C ASP K 381 -21.85 3.95 7.52
N HIS K 382 -22.16 2.69 7.28
CA HIS K 382 -23.43 1.99 7.50
C HIS K 382 -24.03 2.18 8.89
N SER K 383 -23.20 2.31 9.92
CA SER K 383 -23.63 2.55 11.30
C SER K 383 -24.14 3.97 11.51
N ILE K 384 -23.45 4.99 11.01
CA ILE K 384 -23.89 6.38 11.12
C ILE K 384 -25.23 6.56 10.41
N LYS K 385 -25.38 6.04 9.19
CA LYS K 385 -26.59 6.27 8.40
C LYS K 385 -27.87 5.69 8.98
N ARG K 386 -27.81 4.64 9.81
CA ARG K 386 -28.97 4.12 10.55
C ARG K 386 -29.13 4.70 11.94
N GLU K 387 -28.03 5.08 12.59
CA GLU K 387 -28.05 5.78 13.87
C GLU K 387 -28.51 7.25 13.74
N LEU K 388 -28.43 7.86 12.54
CA LEU K 388 -28.64 9.29 12.32
C LEU K 388 -29.98 9.82 12.84
N GLY K 389 -31.06 9.06 12.73
CA GLY K 389 -32.35 9.46 13.29
C GLY K 389 -32.30 9.69 14.80
N ILE K 390 -31.55 8.86 15.52
CA ILE K 390 -31.35 8.96 16.97
C ILE K 390 -30.39 10.10 17.31
N ILE K 391 -29.32 10.28 16.55
CA ILE K 391 -28.39 11.40 16.76
C ILE K 391 -29.11 12.74 16.61
N PHE K 392 -29.89 12.92 15.56
CA PHE K 392 -30.63 14.16 15.42
C PHE K 392 -31.71 14.31 16.50
N ASP K 393 -32.49 13.29 16.80
CA ASP K 393 -33.51 13.39 17.86
C ASP K 393 -32.94 13.67 19.24
N LYS K 394 -31.69 13.29 19.50
CA LYS K 394 -30.98 13.71 20.70
C LYS K 394 -30.54 15.18 20.63
N ASN K 395 -29.81 15.57 19.58
CA ASN K 395 -28.99 16.76 19.58
C ASN K 395 -29.55 18.04 18.97
N LEU K 396 -30.42 17.99 17.97
CA LEU K 396 -30.71 19.22 17.20
C LEU K 396 -31.37 20.29 18.06
N ASP K 397 -32.16 19.89 19.04
CA ASP K 397 -32.87 20.76 19.95
C ASP K 397 -31.97 21.81 20.60
N ARG K 398 -30.71 21.51 20.89
CA ARG K 398 -29.77 22.45 21.50
C ARG K 398 -29.56 23.70 20.68
N TYR K 399 -29.61 23.56 19.36
CA TYR K 399 -29.37 24.65 18.43
C TYR K 399 -30.66 25.27 17.92
N GLY K 400 -31.80 24.74 18.33
CA GLY K 400 -33.09 25.14 17.79
C GLY K 400 -33.37 24.56 16.42
N LEU K 401 -32.48 23.74 15.89
CA LEU K 401 -32.66 23.10 14.61
C LEU K 401 -33.72 22.02 14.61
N GLN K 402 -34.48 21.82 15.67
CA GLN K 402 -35.48 20.77 15.81
C GLN K 402 -36.42 20.61 14.60
N ASP K 403 -36.76 21.70 13.92
CA ASP K 403 -37.63 21.70 12.75
C ASP K 403 -37.06 21.00 11.51
N ILE K 404 -35.78 20.70 11.48
CA ILE K 404 -35.16 19.93 10.41
C ILE K 404 -35.74 18.55 10.32
N ILE K 405 -36.20 17.97 11.42
CA ILE K 405 -36.87 16.69 11.39
C ILE K 405 -38.21 16.86 10.71
N ARG K 406 -38.44 16.12 9.64
CA ARG K 406 -39.59 16.21 8.77
C ARG K 406 -39.80 14.87 8.12
N ASP K 407 -41.03 14.49 7.87
CA ASP K 407 -41.32 13.31 7.04
C ASP K 407 -41.69 13.75 5.62
N GLY K 408 -41.13 13.10 4.62
CA GLY K 408 -41.35 13.40 3.22
C GLY K 408 -41.38 12.14 2.40
N PHE K 409 -41.45 12.32 1.10
CA PHE K 409 -41.65 11.22 0.17
C PHE K 409 -40.35 10.84 -0.44
N VAL K 410 -40.01 9.57 -0.41
CA VAL K 410 -38.74 9.07 -0.89
C VAL K 410 -38.98 7.97 -1.86
N ARG K 411 -38.48 8.11 -3.07
CA ARG K 411 -38.64 7.15 -4.12
C ARG K 411 -37.36 6.42 -4.31
N THR K 412 -37.40 5.12 -4.44
CA THR K 412 -36.26 4.35 -4.89
C THR K 412 -36.73 3.37 -5.92
N LEU K 413 -35.98 3.25 -6.99
CA LEU K 413 -36.26 2.38 -8.10
C LEU K 413 -35.17 1.33 -8.14
N GLY K 414 -35.51 0.06 -8.09
CA GLY K 414 -34.55 -1.02 -8.18
C GLY K 414 -33.39 -0.87 -7.22
N TYR K 415 -32.18 -1.05 -7.74
CA TYR K 415 -30.94 -0.91 -6.99
C TYR K 415 -30.26 0.44 -7.17
N ARG K 416 -30.91 1.46 -7.72
CA ARG K 416 -30.23 2.71 -8.06
C ARG K 416 -30.28 3.80 -7.00
N GLY K 417 -30.78 3.50 -5.82
CA GLY K 417 -30.64 4.35 -4.64
C GLY K 417 -31.58 5.53 -4.59
N SER K 418 -32.06 5.84 -3.41
CA SER K 418 -33.22 6.68 -3.17
C SER K 418 -32.99 8.14 -3.47
N ILE K 419 -34.04 8.83 -3.90
CA ILE K 419 -34.12 10.27 -4.13
C ILE K 419 -35.38 10.75 -3.44
N SER K 420 -35.34 11.83 -2.68
CA SER K 420 -36.56 12.38 -2.08
C SER K 420 -37.18 13.41 -2.98
N ALA K 421 -38.46 13.70 -2.81
CA ALA K 421 -39.12 14.71 -3.62
C ALA K 421 -38.45 16.06 -3.50
N SER K 422 -37.91 16.37 -2.34
CA SER K 422 -37.17 17.59 -2.09
C SER K 422 -35.90 17.68 -2.91
N GLU K 423 -35.14 16.59 -2.94
CA GLU K 423 -33.88 16.50 -3.67
C GLU K 423 -34.10 16.49 -5.17
N PHE K 424 -35.18 15.91 -5.64
CA PHE K 424 -35.53 15.86 -7.03
C PHE K 424 -35.94 17.21 -7.56
N VAL K 425 -36.73 18.03 -6.86
CA VAL K 425 -37.00 19.39 -7.32
C VAL K 425 -35.79 20.30 -7.27
N GLU K 426 -34.86 20.13 -6.34
CA GLU K 426 -33.59 20.85 -6.41
C GLU K 426 -32.83 20.53 -7.70
N ALA K 427 -32.84 19.29 -8.15
CA ALA K 427 -32.25 18.90 -9.42
C ALA K 427 -32.97 19.47 -10.64
N LEU K 428 -34.30 19.40 -10.68
CA LEU K 428 -35.10 19.92 -11.78
C LEU K 428 -35.03 21.43 -11.91
N THR K 429 -35.03 22.19 -10.82
CA THR K 429 -34.80 23.63 -10.89
C THR K 429 -33.42 23.95 -11.38
N ALA K 430 -32.37 23.26 -10.93
CA ALA K 430 -31.03 23.53 -11.42
C ALA K 430 -30.89 23.29 -12.92
N LEU K 431 -31.67 22.38 -13.51
CA LEU K 431 -31.73 22.24 -14.97
C LEU K 431 -32.39 23.44 -15.65
N LEU K 432 -33.48 24.00 -15.12
CA LEU K 432 -34.09 25.21 -15.69
C LEU K 432 -33.15 26.41 -15.66
N GLU K 433 -32.42 26.57 -14.56
CA GLU K 433 -31.55 27.71 -14.30
C GLU K 433 -30.29 27.76 -15.18
N VAL K 434 -29.57 26.65 -15.33
CA VAL K 434 -28.25 26.61 -15.99
C VAL K 434 -28.04 25.34 -16.83
N GLY K 435 -29.08 24.80 -17.43
CA GLY K 435 -28.99 23.55 -18.19
C GLY K 435 -28.10 23.62 -19.43
N ASN K 436 -28.05 24.78 -20.08
CA ASN K 436 -27.11 25.08 -21.17
C ASN K 436 -26.07 26.12 -20.73
N ASN K 461 -29.90 45.85 -30.79
CA ASN K 461 -29.21 44.71 -30.58
C ASN K 461 -29.56 44.17 -29.19
N SER K 462 -30.19 44.96 -28.31
CA SER K 462 -30.78 44.47 -27.06
C SER K 462 -31.98 43.55 -27.28
N ALA K 463 -32.76 43.70 -28.37
CA ALA K 463 -33.82 42.75 -28.69
C ALA K 463 -33.28 41.34 -29.02
N GLN K 464 -32.17 41.27 -29.76
CA GLN K 464 -31.44 40.00 -29.97
C GLN K 464 -30.77 39.51 -28.67
N LYS K 465 -30.23 40.42 -27.87
CA LYS K 465 -29.60 40.10 -26.59
C LYS K 465 -30.59 39.58 -25.54
N LEU K 466 -31.84 40.03 -25.53
CA LEU K 466 -32.92 39.38 -24.78
C LEU K 466 -33.35 38.07 -25.44
N THR K 467 -33.64 38.09 -26.73
CA THR K 467 -34.32 36.94 -27.34
C THR K 467 -33.42 35.71 -27.36
N ASN K 468 -32.14 35.83 -27.68
CA ASN K 468 -31.21 34.71 -27.63
C ASN K 468 -30.89 34.25 -26.20
N LEU K 469 -31.33 35.00 -25.18
CA LEU K 469 -31.37 34.58 -23.78
C LEU K 469 -32.70 33.91 -23.42
N ARG K 470 -33.86 34.48 -23.76
CA ARG K 470 -35.16 33.83 -23.53
C ARG K 470 -35.29 32.52 -24.29
N LYS K 471 -34.71 32.40 -25.49
CA LYS K 471 -34.55 31.11 -26.20
C LYS K 471 -33.82 30.07 -25.36
N ARG K 472 -32.81 30.47 -24.61
CA ARG K 472 -32.04 29.58 -23.73
C ARG K 472 -32.92 29.05 -22.60
N TRP K 473 -33.77 29.88 -22.01
CA TRP K 473 -34.67 29.47 -20.93
C TRP K 473 -35.85 28.63 -21.40
N VAL K 474 -36.27 28.79 -22.65
CA VAL K 474 -37.19 27.85 -23.31
C VAL K 474 -36.49 26.54 -23.62
N SER K 475 -35.23 26.56 -24.05
CA SER K 475 -34.43 25.37 -24.33
C SER K 475 -34.17 24.54 -23.08
N ASN K 476 -33.94 25.18 -21.94
CA ASN K 476 -33.74 24.49 -20.67
C ASN K 476 -34.99 23.75 -20.19
N PHE K 477 -36.20 24.19 -20.51
CA PHE K 477 -37.43 23.53 -20.09
C PHE K 477 -37.43 22.06 -20.50
N TRP K 478 -36.90 21.74 -21.68
CA TRP K 478 -36.84 20.37 -22.15
C TRP K 478 -35.77 19.51 -21.49
N LEU K 479 -34.79 20.10 -20.81
CA LEU K 479 -33.86 19.37 -19.96
C LEU K 479 -34.56 18.94 -18.67
N SER K 480 -35.27 19.85 -18.02
CA SER K 480 -36.07 19.51 -16.85
C SER K 480 -37.16 18.51 -17.20
N TRP K 481 -37.84 18.65 -18.34
CA TRP K 481 -38.85 17.70 -18.81
C TRP K 481 -38.32 16.29 -18.98
N ASP K 482 -37.23 16.11 -19.71
CA ASP K 482 -36.64 14.81 -19.97
C ASP K 482 -36.11 14.17 -18.69
N ALA K 483 -35.66 14.94 -17.71
CA ALA K 483 -35.23 14.43 -16.42
C ALA K 483 -36.34 13.87 -15.53
N LEU K 484 -37.61 14.11 -15.86
CA LEU K 484 -38.74 13.47 -15.18
C LEU K 484 -38.91 12.02 -15.61
N ASP K 485 -38.28 11.58 -16.67
CA ASP K 485 -38.34 10.20 -17.17
C ASP K 485 -37.34 9.32 -16.43
N ASP K 486 -37.75 8.14 -16.02
CA ASP K 486 -36.88 7.19 -15.34
C ASP K 486 -35.80 6.60 -16.24
N ARG K 487 -36.02 6.58 -17.56
CA ARG K 487 -35.02 6.14 -18.54
C ARG K 487 -33.82 7.08 -18.65
N LYS K 488 -33.87 8.27 -18.05
CA LYS K 488 -32.91 9.36 -18.26
C LYS K 488 -32.27 9.83 -16.96
N VAL K 489 -31.90 8.90 -16.09
CA VAL K 489 -31.25 9.24 -14.83
C VAL K 489 -29.93 9.97 -15.01
N GLU K 490 -29.20 9.80 -16.11
CA GLU K 490 -27.98 10.56 -16.31
C GLU K 490 -28.25 12.07 -16.40
N LEU K 491 -29.40 12.49 -16.91
CA LEU K 491 -29.79 13.89 -16.94
C LEU K 491 -30.27 14.39 -15.58
N LEU K 492 -30.88 13.55 -14.76
CA LEU K 492 -31.11 13.90 -13.36
C LEU K 492 -29.79 14.07 -12.62
N ASN K 493 -28.82 13.22 -12.87
CA ASN K 493 -27.50 13.32 -12.26
C ASN K 493 -26.71 14.53 -12.75
N ARG K 494 -26.90 15.01 -13.98
CA ARG K 494 -26.44 16.35 -14.35
C ARG K 494 -27.08 17.38 -13.44
N GLY K 495 -28.39 17.34 -13.29
CA GLY K 495 -29.13 18.28 -12.46
C GLY K 495 -28.64 18.31 -11.02
N ILE K 496 -28.44 17.17 -10.39
CA ILE K 496 -27.96 17.07 -9.02
C ILE K 496 -26.55 17.63 -8.84
N GLN K 497 -25.69 17.58 -9.85
CA GLN K 497 -24.40 18.27 -9.82
C GLN K 497 -24.57 19.78 -10.00
N LEU K 498 -25.39 20.23 -10.95
CA LEU K 498 -25.64 21.66 -11.18
C LEU K 498 -26.26 22.35 -9.98
N ALA K 499 -27.17 21.70 -9.26
CA ALA K 499 -27.76 22.24 -8.06
C ALA K 499 -26.73 22.56 -6.98
N GLN K 500 -25.71 21.72 -6.85
CA GLN K 500 -24.60 21.95 -5.92
C GLN K 500 -23.64 23.02 -6.41
N ASP K 501 -23.51 23.25 -7.70
CA ASP K 501 -22.77 24.39 -8.22
C ASP K 501 -23.51 25.70 -7.97
N LEU K 502 -24.83 25.72 -8.15
CA LEU K 502 -25.64 26.90 -7.92
C LEU K 502 -25.70 27.27 -6.45
N GLN K 503 -26.04 26.36 -5.55
CA GLN K 503 -26.24 26.71 -4.16
C GLN K 503 -24.95 27.26 -3.53
N ARG K 504 -23.79 26.83 -4.00
CA ARG K 504 -22.49 27.35 -3.62
C ARG K 504 -22.31 28.79 -4.10
N ALA K 505 -22.68 29.11 -5.33
CA ALA K 505 -22.66 30.47 -5.85
C ALA K 505 -23.65 31.41 -5.17
N ILE K 506 -24.86 30.94 -4.87
CA ILE K 506 -25.86 31.68 -4.09
C ILE K 506 -25.26 32.04 -2.75
N PHE K 507 -24.69 31.07 -2.05
CA PHE K 507 -24.11 31.25 -0.73
C PHE K 507 -22.93 32.23 -0.78
N ASN K 508 -21.96 32.04 -1.67
CA ASN K 508 -20.83 32.96 -1.83
C ASN K 508 -21.24 34.39 -2.22
N THR K 509 -22.45 34.60 -2.73
CA THR K 509 -23.02 35.92 -3.00
C THR K 509 -23.81 36.46 -1.82
N GLY K 510 -24.59 35.62 -1.18
CA GLY K 510 -25.37 35.93 -0.01
C GLY K 510 -24.49 36.35 1.15
N VAL K 511 -23.33 35.71 1.37
CA VAL K 511 -22.37 36.20 2.36
C VAL K 511 -21.83 37.56 1.98
N ALA K 512 -21.55 37.84 0.71
CA ALA K 512 -21.05 39.14 0.31
C ALA K 512 -22.03 40.26 0.68
N ILE K 513 -23.31 40.04 0.44
CA ILE K 513 -24.39 40.95 0.81
C ILE K 513 -24.43 41.21 2.32
N LEU K 514 -24.29 40.18 3.16
CA LEU K 514 -24.42 40.32 4.61
C LEU K 514 -23.14 40.84 5.28
N GLU K 515 -21.97 40.51 4.75
CA GLU K 515 -20.70 41.01 5.23
C GLU K 515 -20.54 42.48 4.86
N LYS K 516 -20.79 42.85 3.60
CA LYS K 516 -20.67 44.23 3.11
C LYS K 516 -21.87 45.13 3.46
N LYS K 517 -22.86 44.64 4.20
CA LYS K 517 -24.07 45.35 4.64
C LYS K 517 -24.93 45.92 3.51
N LEU K 518 -25.06 45.23 2.38
CA LEU K 518 -25.75 45.75 1.19
C LEU K 518 -27.27 45.84 1.30
N ILE K 519 -27.89 45.26 2.34
CA ILE K 519 -29.33 45.42 2.57
C ILE K 519 -29.60 46.73 3.30
N LYS K 520 -30.13 47.73 2.60
CA LYS K 520 -30.49 49.02 3.19
C LYS K 520 -31.94 49.03 3.65
N HIS K 521 -32.20 49.57 4.82
CA HIS K 521 -33.55 49.68 5.39
C HIS K 521 -34.19 50.99 4.96
N LEU K 522 -35.30 50.93 4.21
CA LEU K 522 -35.97 52.10 3.63
C LEU K 522 -37.37 52.28 4.22
N ARG K 523 -37.58 51.90 5.49
CA ARG K 523 -38.83 52.01 6.28
C ARG K 523 -40.01 51.19 5.76
N ILE K 524 -40.41 51.39 4.52
CA ILE K 524 -41.54 50.70 3.89
C ILE K 524 -41.12 49.30 3.42
N TYR K 525 -39.85 49.12 3.06
CA TYR K 525 -39.25 47.91 2.51
C TYR K 525 -37.74 47.89 2.75
N ARG K 526 -37.07 46.75 2.51
CA ARG K 526 -35.63 46.58 2.51
C ARG K 526 -35.09 46.48 1.10
N LEU K 527 -34.05 47.20 0.77
CA LEU K 527 -33.47 47.24 -0.56
C LEU K 527 -32.13 46.51 -0.60
N CYS K 528 -31.88 45.74 -1.65
CA CYS K 528 -30.59 45.15 -1.95
C CYS K 528 -30.26 45.26 -3.43
N VAL K 529 -29.06 45.71 -3.81
CA VAL K 529 -28.70 45.98 -5.21
C VAL K 529 -27.30 45.50 -5.53
N LEU K 530 -27.17 44.42 -6.29
CA LEU K 530 -25.88 43.87 -6.67
C LEU K 530 -25.28 44.65 -7.86
N GLN K 531 -24.34 45.56 -7.60
CA GLN K 531 -23.67 46.37 -8.61
C GLN K 531 -22.56 45.62 -9.35
N ASP K 532 -21.80 44.76 -8.65
CA ASP K 532 -20.65 44.01 -9.15
C ASP K 532 -20.42 42.75 -8.34
N GLY K 533 -19.69 41.78 -8.88
CA GLY K 533 -19.34 40.57 -8.16
C GLY K 533 -18.97 39.36 -9.01
N PRO K 534 -18.49 38.26 -8.40
CA PRO K 534 -18.08 37.05 -9.10
C PRO K 534 -19.27 36.26 -9.62
N ASP K 535 -19.23 35.84 -10.88
CA ASP K 535 -20.29 35.10 -11.59
C ASP K 535 -21.70 35.70 -11.39
N LEU K 536 -21.76 37.03 -11.37
CA LEU K 536 -22.98 37.84 -11.28
C LEU K 536 -23.93 37.59 -12.46
N ASP K 537 -23.41 37.11 -13.58
CA ASP K 537 -24.15 36.79 -14.79
C ASP K 537 -25.07 35.57 -14.66
N LEU K 538 -25.10 34.89 -13.52
CA LEU K 538 -26.14 33.92 -13.19
C LEU K 538 -27.48 34.59 -12.91
N TYR K 539 -27.48 35.67 -12.12
CA TYR K 539 -28.68 36.27 -11.53
C TYR K 539 -29.61 36.97 -12.51
N ARG K 540 -29.33 36.92 -13.81
CA ARG K 540 -30.26 37.40 -14.85
C ARG K 540 -31.35 36.42 -15.20
N ASN K 541 -31.26 35.15 -14.81
CA ASN K 541 -32.39 34.25 -14.84
C ASN K 541 -33.33 34.58 -13.68
N PRO K 542 -34.65 34.77 -13.86
CA PRO K 542 -35.56 35.04 -12.76
C PRO K 542 -35.54 34.03 -11.64
N LEU K 543 -35.33 32.75 -11.92
CA LEU K 543 -35.26 31.74 -10.86
C LEU K 543 -34.02 31.85 -9.99
N THR K 544 -32.85 32.15 -10.56
CA THR K 544 -31.64 32.25 -9.77
C THR K 544 -31.66 33.48 -8.88
N LEU K 545 -32.25 34.58 -9.33
CA LEU K 545 -32.49 35.71 -8.47
C LEU K 545 -33.41 35.30 -7.32
N LEU K 546 -34.45 34.52 -7.56
CA LEU K 546 -35.31 34.01 -6.49
C LEU K 546 -34.63 32.98 -5.59
N ARG K 547 -33.64 32.18 -6.00
CA ARG K 547 -32.86 31.40 -5.02
C ARG K 547 -32.21 32.33 -4.00
N LEU K 548 -31.49 33.36 -4.47
CA LEU K 548 -30.81 34.29 -3.57
C LEU K 548 -31.82 35.08 -2.73
N GLY K 549 -32.97 35.43 -3.30
CA GLY K 549 -34.07 36.00 -2.55
C GLY K 549 -34.52 35.08 -1.43
N ASN K 550 -34.86 33.83 -1.70
CA ASN K 550 -35.31 32.92 -0.66
C ASN K 550 -34.25 32.63 0.39
N TRP K 551 -32.98 32.75 0.07
CA TRP K 551 -31.91 32.58 1.04
C TRP K 551 -31.80 33.78 1.98
N LEU K 552 -31.84 35.00 1.45
CA LEU K 552 -31.85 36.24 2.25
C LEU K 552 -33.12 36.40 3.06
N ILE K 553 -34.26 35.89 2.61
CA ILE K 553 -35.53 35.92 3.33
C ILE K 553 -35.51 34.98 4.52
N GLU K 554 -35.10 33.72 4.35
CA GLU K 554 -34.99 32.77 5.46
C GLU K 554 -34.08 33.33 6.54
N CYS K 555 -32.93 33.87 6.12
CA CYS K 555 -31.96 34.49 6.98
C CYS K 555 -32.56 35.62 7.82
N CYS K 556 -33.36 36.52 7.24
CA CYS K 556 -34.01 37.59 7.99
C CYS K 556 -35.18 37.09 8.84
N ALA K 557 -36.03 36.22 8.30
CA ALA K 557 -37.28 35.75 8.89
C ALA K 557 -37.12 34.99 10.21
N GLU K 558 -35.95 34.42 10.47
CA GLU K 558 -35.64 33.77 11.74
C GLU K 558 -35.05 34.71 12.80
N SER K 559 -34.48 35.86 12.43
CA SER K 559 -33.94 36.82 13.40
C SER K 559 -35.07 37.49 14.18
N GLU K 560 -35.05 37.40 15.51
CA GLU K 560 -36.20 37.81 16.34
C GLU K 560 -36.37 39.32 16.52
N ASP K 561 -35.33 40.11 16.24
CA ASP K 561 -35.37 41.57 16.34
C ASP K 561 -35.92 42.29 15.10
N LYS K 562 -35.65 41.82 13.88
CA LYS K 562 -36.10 42.46 12.64
C LYS K 562 -37.63 42.46 12.55
N GLN K 563 -38.22 43.59 12.16
CA GLN K 563 -39.60 43.66 11.68
C GLN K 563 -39.71 42.98 10.32
N LEU K 564 -40.78 42.23 10.05
CA LEU K 564 -41.03 41.67 8.72
C LEU K 564 -41.41 42.77 7.75
N LEU K 565 -40.62 42.95 6.71
CA LEU K 565 -40.83 43.94 5.65
C LEU K 565 -40.64 43.33 4.27
N PRO K 566 -41.41 43.75 3.25
CA PRO K 566 -41.13 43.41 1.87
C PRO K 566 -39.71 43.75 1.51
N MET K 567 -39.08 42.95 0.65
CA MET K 567 -37.70 43.14 0.22
C MET K 567 -37.62 43.27 -1.29
N VAL K 568 -36.84 44.22 -1.77
CA VAL K 568 -36.56 44.43 -3.18
C VAL K 568 -35.15 44.01 -3.46
N LEU K 569 -34.96 43.03 -4.35
CA LEU K 569 -33.66 42.53 -4.73
C LEU K 569 -33.39 42.83 -6.19
N ALA K 570 -32.36 43.61 -6.48
CA ALA K 570 -31.99 44.02 -7.82
C ALA K 570 -30.62 43.50 -8.22
N SER K 571 -30.44 43.07 -9.46
CA SER K 571 -29.14 42.66 -9.99
C SER K 571 -28.91 43.15 -11.42
N ILE K 572 -27.74 43.71 -11.70
CA ILE K 572 -27.39 44.25 -13.02
C ILE K 572 -27.03 43.14 -14.02
N ASP K 573 -27.42 43.31 -15.28
CA ASP K 573 -26.77 42.68 -16.43
C ASP K 573 -25.91 43.72 -17.15
N GLU K 574 -24.60 43.54 -17.15
CA GLU K 574 -23.65 44.45 -17.76
C GLU K 574 -23.71 44.47 -19.29
N ASN K 575 -24.34 43.48 -19.92
CA ASN K 575 -24.44 43.39 -21.38
C ASN K 575 -25.71 44.07 -21.91
N THR K 576 -26.88 43.77 -21.35
CA THR K 576 -28.14 44.47 -21.68
C THR K 576 -28.19 45.89 -21.10
N ASP K 577 -27.45 46.14 -20.03
CA ASP K 577 -27.40 47.40 -19.27
C ASP K 577 -28.70 47.70 -18.46
N THR K 578 -29.47 46.66 -18.11
CA THR K 578 -30.63 46.71 -17.22
C THR K 578 -30.35 46.10 -15.84
N TYR K 579 -31.15 46.43 -14.85
CA TYR K 579 -31.29 45.65 -13.63
C TYR K 579 -32.53 44.76 -13.74
N LEU K 580 -32.38 43.48 -13.42
CA LEU K 580 -33.48 42.61 -13.07
C LEU K 580 -33.86 42.88 -11.61
N VAL K 581 -35.08 43.35 -11.38
CA VAL K 581 -35.60 43.72 -10.06
C VAL K 581 -36.69 42.75 -9.67
N ALA K 582 -36.60 42.16 -8.48
CA ALA K 582 -37.59 41.26 -7.91
C ALA K 582 -38.12 41.82 -6.61
N GLY K 583 -39.43 41.89 -6.46
CA GLY K 583 -40.11 42.18 -5.21
C GLY K 583 -40.47 40.91 -4.47
N LEU K 584 -40.08 40.78 -3.21
CA LEU K 584 -40.19 39.58 -2.41
C LEU K 584 -41.06 39.84 -1.18
N THR K 585 -42.03 38.98 -0.91
CA THR K 585 -42.71 38.97 0.38
C THR K 585 -41.80 38.41 1.46
N PRO K 586 -41.84 38.95 2.69
CA PRO K 586 -41.25 38.28 3.83
C PRO K 586 -42.08 37.05 4.16
N ARG K 587 -41.69 36.30 5.18
CA ARG K 587 -42.54 35.24 5.70
C ARG K 587 -42.27 34.98 7.15
N TYR K 588 -43.21 34.34 7.83
CA TYR K 588 -43.04 34.03 9.25
C TYR K 588 -41.98 32.94 9.43
N PRO K 589 -41.30 32.90 10.58
CA PRO K 589 -40.33 31.87 10.90
C PRO K 589 -40.91 30.47 10.73
N ARG K 590 -40.10 29.54 10.26
CA ARG K 590 -40.51 28.29 9.63
C ARG K 590 -41.32 27.35 10.53
N GLY K 591 -41.28 27.50 11.84
CA GLY K 591 -42.06 26.70 12.78
C GLY K 591 -43.30 27.37 13.39
N LEU K 592 -43.44 28.69 13.31
CA LEU K 592 -44.57 29.41 13.91
C LEU K 592 -45.87 29.13 13.14
N ASP K 593 -46.98 29.02 13.86
CA ASP K 593 -48.22 28.41 13.35
C ASP K 593 -49.49 28.93 14.06
N LYS K 598 -49.98 31.47 10.78
CA LYS K 598 -50.92 32.56 10.68
C LYS K 598 -51.57 32.64 9.30
N LYS K 599 -52.61 33.46 9.12
CA LYS K 599 -53.17 33.77 7.81
C LYS K 599 -52.12 34.42 6.89
N PRO K 600 -52.14 34.16 5.58
CA PRO K 600 -51.03 34.48 4.69
C PRO K 600 -50.82 35.98 4.47
N ILE K 601 -49.65 36.32 3.94
CA ILE K 601 -49.24 37.67 3.54
C ILE K 601 -48.87 37.69 2.06
N LEU K 602 -49.16 38.79 1.39
CA LEU K 602 -49.43 38.84 -0.05
C LEU K 602 -48.45 39.78 -0.75
N ASN K 603 -48.04 39.46 -1.98
CA ASN K 603 -47.04 40.22 -2.72
C ASN K 603 -47.65 41.41 -3.46
N ASN K 604 -47.67 42.58 -2.83
CA ASN K 604 -48.22 43.79 -3.41
C ASN K 604 -47.22 44.64 -4.22
N PHE K 605 -45.99 44.17 -4.42
CA PHE K 605 -45.11 44.77 -5.42
C PHE K 605 -45.71 44.68 -6.83
N SER K 606 -46.52 43.67 -7.11
CA SER K 606 -47.16 43.50 -8.40
C SER K 606 -48.07 44.67 -8.79
N MET K 607 -48.65 45.38 -7.81
CA MET K 607 -49.40 46.60 -8.06
C MET K 607 -48.48 47.81 -7.98
N ALA K 608 -47.64 47.89 -6.97
CA ALA K 608 -46.78 49.04 -6.78
C ALA K 608 -45.89 49.30 -8.01
N PHE K 609 -45.34 48.26 -8.64
CA PHE K 609 -44.55 48.43 -9.85
C PHE K 609 -45.37 48.89 -11.05
N GLN K 610 -46.56 48.36 -11.25
CA GLN K 610 -47.44 48.85 -12.31
C GLN K 610 -47.88 50.31 -12.11
N GLN K 611 -48.28 50.67 -10.89
CA GLN K 611 -48.81 51.99 -10.61
C GLN K 611 -47.72 53.06 -10.72
N ILE K 612 -46.52 52.79 -10.21
CA ILE K 612 -45.37 53.69 -10.42
C ILE K 612 -44.95 53.76 -11.88
N THR K 613 -44.96 52.65 -12.61
CA THR K 613 -44.68 52.59 -14.06
C THR K 613 -45.63 53.42 -14.91
N ALA K 614 -46.92 53.35 -14.63
CA ALA K 614 -47.94 54.12 -15.31
C ALA K 614 -47.80 55.62 -15.07
N GLU K 615 -47.38 56.01 -13.86
CA GLU K 615 -47.12 57.39 -13.45
C GLU K 615 -45.84 58.01 -14.07
N THR K 616 -44.78 57.22 -14.27
CA THR K 616 -43.48 57.69 -14.79
C THR K 616 -43.37 57.63 -16.33
N ASP K 617 -42.38 58.33 -16.90
CA ASP K 617 -41.93 58.16 -18.30
C ASP K 617 -40.73 57.20 -18.45
N ALA K 618 -40.33 56.46 -17.41
CA ALA K 618 -39.22 55.52 -17.43
C ALA K 618 -39.43 54.31 -18.37
N LYS K 619 -38.33 53.71 -18.86
CA LYS K 619 -38.35 52.47 -19.67
C LYS K 619 -38.19 51.24 -18.79
N VAL K 620 -39.18 50.35 -18.80
CA VAL K 620 -39.25 49.09 -18.03
C VAL K 620 -39.83 47.95 -18.86
N ARG K 621 -39.61 46.70 -18.45
CA ARG K 621 -40.41 45.54 -18.87
C ARG K 621 -41.21 44.99 -17.69
N ILE K 622 -42.53 44.87 -17.88
CA ILE K 622 -43.51 44.35 -16.92
C ILE K 622 -44.22 43.11 -17.52
N ASP K 623 -43.45 42.31 -18.25
CA ASP K 623 -43.93 41.21 -19.11
C ASP K 623 -43.81 39.80 -18.50
N ASN K 624 -43.16 39.63 -17.36
CA ASN K 624 -42.99 38.33 -16.73
C ASN K 624 -44.32 37.83 -16.14
N PHE K 625 -44.53 36.51 -16.12
CA PHE K 625 -45.72 35.91 -15.51
C PHE K 625 -45.78 36.07 -13.99
N GLU K 626 -44.66 35.94 -13.29
CA GLU K 626 -44.56 36.35 -11.88
C GLU K 626 -44.31 37.85 -11.87
N SER K 627 -45.38 38.64 -11.92
CA SER K 627 -45.37 40.08 -12.13
C SER K 627 -44.77 40.90 -10.99
N SER K 628 -44.24 40.25 -9.96
CA SER K 628 -43.32 40.82 -8.96
C SER K 628 -41.92 41.09 -9.52
N ILE K 629 -41.58 40.57 -10.70
CA ILE K 629 -40.28 40.70 -11.34
C ILE K 629 -40.41 41.59 -12.56
N ILE K 630 -39.53 42.58 -12.68
CA ILE K 630 -39.48 43.57 -13.76
C ILE K 630 -38.03 43.78 -14.20
N GLU K 631 -37.82 44.42 -15.35
CA GLU K 631 -36.51 44.93 -15.74
C GLU K 631 -36.55 46.43 -15.97
N ILE K 632 -35.46 47.12 -15.68
CA ILE K 632 -35.36 48.58 -15.79
C ILE K 632 -33.97 48.99 -16.25
N ARG K 633 -33.87 50.00 -17.15
CA ARG K 633 -32.57 50.50 -17.63
C ARG K 633 -31.77 51.12 -16.47
N ARG K 634 -30.44 51.00 -16.47
CA ARG K 634 -29.57 51.33 -15.33
C ARG K 634 -29.86 52.71 -14.70
N GLU K 635 -29.96 53.75 -15.51
CA GLU K 635 -30.12 55.13 -15.04
C GLU K 635 -31.52 55.46 -14.53
N ASP K 636 -32.53 54.67 -14.92
CA ASP K 636 -33.91 54.84 -14.49
C ASP K 636 -34.18 54.21 -13.12
N LEU K 637 -33.32 53.32 -12.62
CA LEU K 637 -33.58 52.59 -11.38
C LEU K 637 -33.72 53.51 -10.16
N SER K 638 -32.79 54.43 -9.94
CA SER K 638 -32.86 55.31 -8.76
C SER K 638 -34.10 56.21 -8.75
N PRO K 639 -34.52 56.87 -9.86
CA PRO K 639 -35.83 57.49 -9.97
C PRO K 639 -37.01 56.55 -9.66
N PHE K 640 -36.94 55.28 -10.05
CA PHE K 640 -38.00 54.31 -9.80
C PHE K 640 -38.13 53.95 -8.33
N LEU K 641 -37.03 53.62 -7.67
CA LEU K 641 -36.99 53.36 -6.24
C LEU K 641 -37.38 54.60 -5.42
N GLU K 642 -36.95 55.77 -5.86
CA GLU K 642 -37.31 57.05 -5.25
C GLU K 642 -38.83 57.25 -5.19
N LYS K 643 -39.59 56.79 -6.18
CA LYS K 643 -41.06 56.81 -6.15
C LYS K 643 -41.71 55.56 -5.55
N LEU K 644 -40.99 54.45 -5.45
CA LEU K 644 -41.45 53.27 -4.74
C LEU K 644 -41.58 53.54 -3.24
N THR K 645 -40.62 54.22 -2.61
CA THR K 645 -40.70 54.54 -1.17
C THR K 645 -41.89 55.45 -0.80
N LEU K 646 -42.33 56.30 -1.73
CA LEU K 646 -43.53 57.13 -1.57
C LEU K 646 -44.83 56.35 -1.71
N SER K 647 -44.80 55.17 -2.33
CA SER K 647 -46.01 54.45 -2.70
C SER K 647 -46.76 53.88 -1.49
N GLY K 648 -48.03 54.25 -1.32
CA GLY K 648 -48.90 53.71 -0.28
C GLY K 648 -49.42 52.29 -0.56
N LEU K 649 -48.99 51.64 -1.64
CA LEU K 649 -49.51 50.36 -2.11
C LEU K 649 -48.87 49.15 -1.44
N LEU K 650 -47.64 49.29 -0.93
CA LEU K 650 -46.93 48.27 -0.14
C LEU K 650 -47.52 48.11 1.27
N LYS L 473 -71.68 -21.74 20.12
CA LYS L 473 -72.53 -21.68 18.94
C LYS L 473 -72.01 -20.75 17.84
N PHE L 474 -72.55 -20.94 16.64
CA PHE L 474 -72.14 -20.31 15.39
C PHE L 474 -72.21 -18.77 15.40
N ARG L 475 -71.29 -18.11 14.68
CA ARG L 475 -71.11 -16.65 14.65
C ARG L 475 -71.28 -16.10 13.24
N TYR L 476 -72.28 -15.26 13.01
CA TYR L 476 -72.57 -14.67 11.70
C TYR L 476 -71.60 -13.54 11.36
N MET L 477 -71.02 -13.62 10.17
CA MET L 477 -70.03 -12.70 9.65
C MET L 477 -70.52 -12.07 8.35
N PRO L 478 -70.15 -10.83 8.03
CA PRO L 478 -70.53 -10.19 6.78
C PRO L 478 -69.87 -10.87 5.61
N PHE L 479 -70.63 -11.14 4.56
CA PHE L 479 -70.16 -11.80 3.34
C PHE L 479 -70.29 -10.88 2.16
N SER L 480 -69.34 -10.94 1.25
CA SER L 480 -69.45 -10.36 -0.09
C SER L 480 -68.74 -11.25 -1.10
N PRO L 481 -69.28 -11.51 -2.29
CA PRO L 481 -68.75 -12.49 -3.22
C PRO L 481 -67.26 -12.28 -3.52
N ALA L 482 -66.44 -13.31 -3.35
CA ALA L 482 -65.01 -13.32 -3.58
C ALA L 482 -64.17 -12.33 -2.77
N GLY L 483 -64.72 -11.64 -1.77
CA GLY L 483 -63.94 -10.77 -0.88
C GLY L 483 -62.95 -11.55 -0.03
N THR L 484 -61.94 -10.90 0.51
CA THR L 484 -60.81 -11.53 1.18
C THR L 484 -60.60 -10.93 2.56
N PRO L 485 -59.95 -11.60 3.51
CA PRO L 485 -59.61 -11.03 4.80
C PRO L 485 -58.47 -10.03 4.71
N PHE L 486 -58.26 -9.21 5.74
CA PHE L 486 -57.07 -8.36 5.86
C PHE L 486 -55.81 -9.17 6.10
N GLY L 487 -55.90 -10.28 6.84
CA GLY L 487 -54.72 -11.00 7.33
C GLY L 487 -53.81 -10.09 8.13
N PHE L 488 -52.51 -10.14 7.88
CA PHE L 488 -51.52 -9.27 8.49
C PHE L 488 -51.39 -7.89 7.82
N THR L 489 -52.02 -7.66 6.67
CA THR L 489 -51.87 -6.44 5.87
C THR L 489 -52.82 -5.31 6.28
N ASP L 490 -52.75 -4.17 5.64
CA ASP L 490 -53.68 -3.07 5.80
C ASP L 490 -54.69 -2.98 4.66
N ARG L 491 -54.84 -3.99 3.80
CA ARG L 491 -55.81 -3.93 2.70
C ARG L 491 -56.41 -5.27 2.34
N ARG L 492 -57.61 -5.24 1.79
CA ARG L 492 -58.34 -6.42 1.33
C ARG L 492 -59.29 -6.10 0.20
N TYR L 493 -59.75 -7.09 -0.53
CA TYR L 493 -60.86 -6.94 -1.45
C TYR L 493 -62.17 -7.05 -0.70
N LEU L 494 -63.05 -6.06 -0.85
CA LEU L 494 -64.41 -6.21 -0.42
C LEU L 494 -65.18 -7.18 -1.31
N THR L 495 -64.91 -7.23 -2.62
CA THR L 495 -65.58 -8.12 -3.56
C THR L 495 -64.85 -8.23 -4.89
N MET L 496 -65.14 -9.28 -5.67
CA MET L 496 -64.78 -9.43 -7.08
C MET L 496 -65.89 -10.17 -7.83
N ASN L 497 -66.11 -9.90 -9.11
CA ASN L 497 -66.97 -10.70 -10.00
C ASN L 497 -66.65 -10.37 -11.46
N GLU L 498 -67.51 -10.72 -12.42
CA GLU L 498 -67.33 -10.42 -13.83
C GLU L 498 -67.29 -8.93 -14.18
N VAL L 499 -67.77 -8.05 -13.32
CA VAL L 499 -67.79 -6.60 -13.61
C VAL L 499 -66.49 -5.93 -13.25
N GLY L 500 -65.87 -6.36 -12.15
CA GLY L 500 -64.77 -5.67 -11.54
C GLY L 500 -64.47 -6.16 -10.15
N TYR L 501 -63.70 -5.41 -9.39
CA TYR L 501 -63.29 -5.71 -8.03
C TYR L 501 -63.21 -4.45 -7.20
N VAL L 502 -63.31 -4.54 -5.89
CA VAL L 502 -63.28 -3.40 -4.98
C VAL L 502 -62.30 -3.67 -3.89
N SER L 503 -61.45 -2.74 -3.53
CA SER L 503 -60.53 -2.91 -2.42
C SER L 503 -60.61 -1.78 -1.45
N THR L 504 -60.32 -2.07 -0.19
CA THR L 504 -60.31 -1.11 0.89
C THR L 504 -58.96 -1.09 1.52
N VAL L 505 -58.46 0.08 1.86
CA VAL L 505 -57.17 0.30 2.47
C VAL L 505 -57.38 1.01 3.77
N LYS L 506 -56.85 0.46 4.85
CA LYS L 506 -56.87 1.04 6.18
C LYS L 506 -55.87 2.18 6.24
N ASN L 507 -56.29 3.36 6.64
CA ASN L 507 -55.59 4.60 6.35
C ASN L 507 -55.63 5.57 7.54
N SER L 508 -55.04 5.19 8.67
CA SER L 508 -55.09 5.96 9.92
C SER L 508 -56.52 6.22 10.43
N GLU L 509 -57.20 5.16 10.87
CA GLU L 509 -58.56 5.18 11.45
C GLU L 509 -59.71 5.67 10.54
N GLN L 510 -59.43 5.89 9.27
CA GLN L 510 -60.42 5.93 8.20
C GLN L 510 -59.92 5.09 7.04
N TYR L 511 -60.75 4.82 6.04
CA TYR L 511 -60.46 3.86 4.99
C TYR L 511 -60.54 4.52 3.64
N SER L 512 -59.83 4.02 2.64
CA SER L 512 -60.02 4.49 1.26
C SER L 512 -60.37 3.34 0.38
N ILE L 513 -61.44 3.46 -0.37
CA ILE L 513 -62.04 2.40 -1.16
C ILE L 513 -61.81 2.71 -2.63
N THR L 514 -61.24 1.79 -3.39
CA THR L 514 -61.06 1.93 -4.83
C THR L 514 -61.93 0.95 -5.55
N VAL L 515 -62.77 1.37 -6.48
CA VAL L 515 -63.63 0.48 -7.26
C VAL L 515 -63.10 0.38 -8.66
N SER L 516 -62.76 -0.80 -9.13
CA SER L 516 -62.11 -1.00 -10.41
C SER L 516 -62.91 -1.93 -11.27
N PHE L 517 -62.87 -1.71 -12.58
CA PHE L 517 -63.67 -2.44 -13.54
C PHE L 517 -62.79 -3.26 -14.47
N PHE L 518 -63.28 -4.42 -14.89
CA PHE L 518 -62.61 -5.23 -15.89
C PHE L 518 -62.91 -4.76 -17.30
N ASP L 519 -64.00 -4.05 -17.53
CA ASP L 519 -64.31 -3.37 -18.78
C ASP L 519 -64.05 -1.87 -18.61
N VAL L 520 -63.01 -1.38 -19.26
CA VAL L 520 -62.58 0.03 -19.20
C VAL L 520 -63.16 0.86 -20.33
N GLY L 521 -63.87 0.24 -21.27
CA GLY L 521 -64.65 0.94 -22.29
C GLY L 521 -65.91 1.53 -21.71
N ARG L 522 -66.64 0.75 -20.90
CA ARG L 522 -67.92 1.13 -20.30
C ARG L 522 -67.75 1.93 -19.02
N PHE L 523 -66.92 1.48 -18.10
CA PHE L 523 -66.87 2.03 -16.76
C PHE L 523 -65.53 2.69 -16.48
N ARG L 524 -65.54 3.83 -15.80
CA ARG L 524 -64.34 4.48 -15.31
C ARG L 524 -64.19 4.21 -13.83
N GLU L 525 -63.04 3.70 -13.45
CA GLU L 525 -62.67 3.49 -12.05
C GLU L 525 -62.87 4.74 -11.19
N TYR L 526 -63.07 4.59 -9.89
CA TYR L 526 -63.11 5.71 -8.97
C TYR L 526 -62.66 5.30 -7.59
N HIS L 527 -62.41 6.25 -6.72
CA HIS L 527 -62.14 5.99 -5.32
C HIS L 527 -62.74 7.08 -4.46
N PHE L 528 -62.96 6.79 -3.19
CA PHE L 528 -63.42 7.76 -2.22
C PHE L 528 -62.85 7.42 -0.86
N GLU L 529 -62.84 8.36 0.07
CA GLU L 529 -62.53 8.03 1.45
C GLU L 529 -63.77 7.84 2.26
N ASP L 530 -63.73 6.78 3.02
CA ASP L 530 -64.80 6.22 3.81
C ASP L 530 -64.50 6.46 5.28
N LEU L 531 -65.36 7.22 5.91
CA LEU L 531 -65.30 7.54 7.33
C LEU L 531 -65.93 6.45 8.19
N PHE L 532 -66.76 5.58 7.60
CA PHE L 532 -67.65 4.67 8.28
C PHE L 532 -67.12 3.25 8.37
N GLY L 533 -66.24 2.85 7.47
CA GLY L 533 -65.51 1.60 7.56
C GLY L 533 -66.26 0.41 7.00
N TYR L 534 -66.93 0.59 5.87
CA TYR L 534 -67.72 -0.41 5.18
C TYR L 534 -66.99 -1.72 4.99
N ASP L 535 -67.69 -2.85 5.11
CA ASP L 535 -67.14 -4.20 5.05
C ASP L 535 -68.00 -5.16 4.23
N LEU L 536 -69.09 -4.66 3.67
CA LEU L 536 -69.92 -5.33 2.70
C LEU L 536 -69.86 -4.55 1.41
N CYS L 537 -69.91 -5.24 0.28
CA CYS L 537 -70.05 -4.61 -1.00
C CYS L 537 -70.79 -5.52 -1.96
N PHE L 538 -71.51 -4.94 -2.91
CA PHE L 538 -71.97 -5.64 -4.09
C PHE L 538 -71.83 -4.73 -5.31
N LEU L 539 -71.20 -5.20 -6.37
CA LEU L 539 -70.90 -4.45 -7.57
C LEU L 539 -71.63 -5.08 -8.75
N ASN L 540 -72.46 -4.34 -9.49
CA ASN L 540 -73.07 -4.82 -10.73
C ASN L 540 -72.89 -3.81 -11.86
N GLU L 541 -73.53 -4.02 -13.00
CA GLU L 541 -73.36 -3.13 -14.15
C GLU L 541 -74.12 -1.79 -14.07
N LYS L 542 -74.85 -1.50 -12.99
CA LYS L 542 -75.61 -0.26 -12.81
C LYS L 542 -75.10 0.58 -11.66
N GLY L 543 -74.57 -0.03 -10.61
CA GLY L 543 -74.09 0.67 -9.44
C GLY L 543 -73.33 -0.22 -8.48
N THR L 544 -72.77 0.38 -7.45
CA THR L 544 -72.11 -0.29 -6.34
C THR L 544 -72.88 -0.03 -5.07
N LEU L 545 -73.13 -1.06 -4.28
CA LEU L 545 -73.79 -0.97 -3.00
C LEU L 545 -72.81 -1.28 -1.90
N PHE L 546 -72.70 -0.44 -0.87
CA PHE L 546 -71.82 -0.61 0.28
C PHE L 546 -72.64 -0.79 1.54
N GLY L 547 -72.17 -1.56 2.51
CA GLY L 547 -72.79 -1.66 3.82
C GLY L 547 -71.77 -1.73 4.93
N GLN L 548 -72.11 -1.22 6.09
CA GLN L 548 -71.35 -1.37 7.32
C GLN L 548 -72.10 -2.31 8.24
N SER L 549 -71.61 -3.54 8.36
CA SER L 549 -72.31 -4.63 9.02
C SER L 549 -72.72 -4.35 10.44
N LYS L 550 -71.96 -3.59 11.23
CA LYS L 550 -72.20 -3.38 12.66
C LYS L 550 -73.12 -2.23 13.00
N THR L 551 -73.35 -1.26 12.11
CA THR L 551 -74.15 -0.06 12.39
C THR L 551 -75.36 0.11 11.50
N GLY L 552 -75.47 -0.70 10.44
CA GLY L 552 -76.61 -0.69 9.54
C GLY L 552 -76.60 0.44 8.53
N GLN L 553 -75.54 1.22 8.44
CA GLN L 553 -75.26 2.15 7.35
C GLN L 553 -75.19 1.39 6.03
N ILE L 554 -75.95 1.79 5.03
CA ILE L 554 -75.81 1.36 3.63
C ILE L 554 -75.72 2.57 2.71
N GLN L 555 -75.02 2.44 1.60
CA GLN L 555 -74.94 3.47 0.58
C GLN L 555 -75.02 2.85 -0.79
N TYR L 556 -75.81 3.41 -1.69
CA TYR L 556 -75.79 3.03 -3.09
C TYR L 556 -75.20 4.14 -3.93
N ARG L 557 -74.24 3.79 -4.78
CA ARG L 557 -73.54 4.67 -5.70
C ARG L 557 -73.75 4.22 -7.15
N PRO L 558 -74.71 4.80 -7.89
CA PRO L 558 -74.87 4.52 -9.32
C PRO L 558 -73.61 4.82 -10.12
N HIS L 559 -73.40 4.13 -11.25
CA HIS L 559 -72.18 4.33 -12.03
C HIS L 559 -72.20 5.51 -12.98
N ASP L 560 -73.35 5.98 -13.45
CA ASP L 560 -73.38 7.11 -14.38
C ASP L 560 -73.18 8.47 -13.69
N SER L 561 -73.46 8.55 -12.39
CA SER L 561 -73.50 9.79 -11.61
C SER L 561 -74.36 10.91 -12.22
N ILE L 562 -75.31 10.56 -13.10
CA ILE L 562 -76.46 11.39 -13.48
C ILE L 562 -77.51 11.23 -12.39
N HIS L 563 -77.76 9.99 -11.97
CA HIS L 563 -78.41 9.69 -10.70
C HIS L 563 -77.51 10.00 -9.53
N SER L 564 -78.07 10.52 -8.44
CA SER L 564 -77.30 10.79 -7.22
C SER L 564 -77.00 9.50 -6.45
N ASN L 565 -75.92 9.50 -5.69
CA ASN L 565 -75.74 8.53 -4.61
C ASN L 565 -76.86 8.69 -3.59
N TRP L 566 -77.16 7.65 -2.82
CA TRP L 566 -78.00 7.77 -1.63
C TRP L 566 -77.48 6.92 -0.49
N THR L 567 -77.82 7.30 0.72
CA THR L 567 -77.38 6.69 1.97
C THR L 567 -78.58 6.47 2.85
N LYS L 568 -78.61 5.39 3.62
CA LYS L 568 -79.69 5.06 4.54
C LYS L 568 -79.14 4.27 5.70
N ILE L 569 -79.82 4.29 6.83
CA ILE L 569 -79.55 3.37 7.95
C ILE L 569 -80.74 2.42 8.13
N ILE L 570 -80.48 1.14 8.32
CA ILE L 570 -81.48 0.09 8.55
C ILE L 570 -81.46 -0.35 10.02
N PRO L 571 -82.61 -0.62 10.66
CA PRO L 571 -82.69 -0.84 12.10
C PRO L 571 -82.19 -2.21 12.56
N LEU L 572 -80.97 -2.25 13.04
CA LEU L 572 -80.36 -3.39 13.71
C LEU L 572 -80.72 -3.43 15.20
N GLN L 573 -81.12 -4.60 15.70
CA GLN L 573 -81.24 -4.92 17.14
C GLN L 573 -79.88 -5.25 17.76
N ALA L 574 -79.81 -5.33 19.09
CA ALA L 574 -78.57 -5.63 19.80
C ALA L 574 -77.99 -7.00 19.38
N GLY L 575 -76.77 -7.03 18.85
CA GLY L 575 -76.12 -8.23 18.33
C GLY L 575 -76.53 -8.65 16.92
N GLU L 576 -77.51 -7.99 16.31
CA GLU L 576 -77.82 -8.14 14.89
C GLU L 576 -76.77 -7.44 14.02
N ARG L 577 -76.48 -8.00 12.84
CA ARG L 577 -75.53 -7.48 11.85
C ARG L 577 -76.10 -7.63 10.45
N ILE L 578 -75.72 -6.78 9.51
CA ILE L 578 -75.99 -7.08 8.10
C ILE L 578 -75.05 -8.18 7.67
N THR L 579 -75.57 -9.28 7.18
CA THR L 579 -74.77 -10.41 6.71
C THR L 579 -74.48 -10.29 5.23
N SER L 580 -75.38 -9.77 4.41
CA SER L 580 -75.08 -9.47 3.02
C SER L 580 -76.03 -8.48 2.38
N VAL L 581 -75.63 -7.95 1.24
CA VAL L 581 -76.37 -6.97 0.44
C VAL L 581 -76.35 -7.37 -1.03
N ALA L 582 -77.33 -6.94 -1.80
CA ALA L 582 -77.39 -7.14 -3.24
C ALA L 582 -78.12 -5.99 -3.92
N ALA L 583 -77.96 -5.84 -5.22
CA ALA L 583 -78.70 -4.90 -6.02
C ALA L 583 -79.07 -5.49 -7.37
N THR L 584 -80.17 -5.01 -7.88
CA THR L 584 -80.90 -5.39 -9.09
C THR L 584 -81.24 -4.08 -9.80
N PRO L 585 -81.51 -4.01 -11.12
CA PRO L 585 -81.84 -2.74 -11.75
C PRO L 585 -82.93 -1.90 -11.08
N VAL L 586 -83.89 -2.52 -10.38
CA VAL L 586 -85.02 -1.87 -9.69
C VAL L 586 -85.04 -1.99 -8.16
N ARG L 587 -84.19 -2.82 -7.55
CA ARG L 587 -84.21 -3.06 -6.11
C ARG L 587 -82.81 -3.14 -5.52
N VAL L 588 -82.72 -2.72 -4.28
CA VAL L 588 -81.60 -2.90 -3.37
C VAL L 588 -82.10 -3.77 -2.24
N ILE L 589 -81.35 -4.79 -1.89
CA ILE L 589 -81.80 -5.89 -1.03
C ILE L 589 -80.80 -6.04 0.08
N VAL L 590 -81.25 -6.15 1.31
CA VAL L 590 -80.39 -6.31 2.49
C VAL L 590 -80.85 -7.46 3.35
N GLY L 591 -79.94 -8.31 3.81
CA GLY L 591 -80.21 -9.43 4.69
C GLY L 591 -79.37 -9.37 5.96
N THR L 592 -79.96 -9.75 7.08
CA THR L 592 -79.37 -9.58 8.41
C THR L 592 -79.30 -10.89 9.17
N SER L 593 -78.49 -10.94 10.21
CA SER L 593 -78.23 -12.16 10.97
C SER L 593 -79.44 -12.69 11.75
N LEU L 594 -80.48 -11.88 11.98
CA LEU L 594 -81.75 -12.35 12.52
C LEU L 594 -82.76 -12.74 11.44
N GLY L 595 -82.34 -12.69 10.18
CA GLY L 595 -83.14 -13.13 9.05
C GLY L 595 -84.21 -12.16 8.64
N TYR L 596 -84.12 -10.88 8.98
CA TYR L 596 -84.94 -9.88 8.32
C TYR L 596 -84.38 -9.65 6.94
N PHE L 597 -85.23 -9.33 5.99
CA PHE L 597 -84.83 -9.13 4.63
C PHE L 597 -85.53 -7.89 4.12
N ARG L 598 -84.78 -6.83 3.92
CA ARG L 598 -85.28 -5.49 3.67
C ARG L 598 -85.04 -5.14 2.23
N SER L 599 -86.08 -4.83 1.49
CA SER L 599 -85.97 -4.35 0.11
C SER L 599 -86.19 -2.87 0.08
N PHE L 600 -85.35 -2.13 -0.61
CA PHE L 600 -85.53 -0.73 -0.96
C PHE L 600 -85.55 -0.64 -2.47
N ASN L 601 -86.30 0.24 -3.10
CA ASN L 601 -86.17 0.41 -4.53
C ASN L 601 -84.82 1.05 -4.87
N GLN L 602 -84.49 1.11 -6.15
CA GLN L 602 -83.24 1.72 -6.62
C GLN L 602 -82.99 3.15 -6.14
N PHE L 603 -83.97 3.89 -5.63
CA PHE L 603 -83.84 5.26 -5.12
C PHE L 603 -83.93 5.37 -3.59
N GLY L 604 -84.02 4.25 -2.88
CA GLY L 604 -83.96 4.21 -1.44
C GLY L 604 -85.32 4.26 -0.74
N VAL L 605 -86.41 4.04 -1.46
CA VAL L 605 -87.76 3.95 -0.90
C VAL L 605 -87.97 2.56 -0.34
N PRO L 606 -88.27 2.33 0.94
CA PRO L 606 -88.58 1.00 1.45
C PRO L 606 -89.72 0.34 0.70
N PHE L 607 -89.54 -0.89 0.23
CA PHE L 607 -90.58 -1.68 -0.44
C PHE L 607 -91.09 -2.84 0.39
N ALA L 608 -90.31 -3.40 1.30
CA ALA L 608 -90.74 -4.55 2.09
C ALA L 608 -89.92 -4.72 3.36
N VAL L 609 -90.40 -5.59 4.24
CA VAL L 609 -89.60 -6.32 5.22
C VAL L 609 -90.15 -7.74 5.33
N GLU L 610 -89.45 -8.74 4.80
CA GLU L 610 -89.75 -10.15 5.05
C GLU L 610 -89.00 -10.66 6.29
N LYS L 611 -89.34 -11.86 6.79
CA LYS L 611 -88.45 -12.60 7.67
C LYS L 611 -88.21 -14.01 7.11
N THR L 612 -86.97 -14.47 7.10
CA THR L 612 -86.50 -15.71 6.49
C THR L 612 -85.51 -16.40 7.42
N SER L 613 -85.08 -17.63 7.14
CA SER L 613 -83.82 -18.11 7.74
C SER L 613 -82.70 -17.13 7.41
N PRO L 614 -81.79 -16.83 8.33
CA PRO L 614 -80.73 -15.84 8.14
C PRO L 614 -79.96 -16.02 6.85
N ILE L 615 -79.80 -14.94 6.10
CA ILE L 615 -79.22 -14.95 4.76
C ILE L 615 -77.73 -14.74 4.86
N VAL L 616 -76.94 -15.79 4.69
CA VAL L 616 -75.49 -15.71 4.79
C VAL L 616 -74.81 -15.29 3.49
N ALA L 617 -75.48 -15.36 2.35
CA ALA L 617 -74.99 -14.84 1.10
C ALA L 617 -76.11 -14.44 0.15
N LEU L 618 -75.87 -13.41 -0.65
CA LEU L 618 -76.73 -12.92 -1.71
C LEU L 618 -75.95 -12.73 -3.00
N THR L 619 -76.65 -12.83 -4.11
CA THR L 619 -76.20 -12.49 -5.44
C THR L 619 -77.36 -12.07 -6.29
N ALA L 620 -77.11 -11.24 -7.28
CA ALA L 620 -78.06 -10.96 -8.34
C ALA L 620 -77.36 -10.93 -9.70
N GLN L 621 -78.15 -11.09 -10.76
CA GLN L 621 -77.77 -10.81 -12.14
C GLN L 621 -79.03 -10.37 -12.85
N ASN L 622 -79.07 -9.12 -13.30
CA ASN L 622 -80.29 -8.50 -13.80
C ASN L 622 -81.40 -8.64 -12.73
N TYR L 623 -82.57 -9.09 -13.13
CA TYR L 623 -83.71 -9.27 -12.26
C TYR L 623 -83.70 -10.56 -11.44
N ARG L 624 -82.70 -11.44 -11.58
CA ARG L 624 -82.63 -12.69 -10.83
C ARG L 624 -81.84 -12.49 -9.56
N VAL L 625 -82.32 -13.04 -8.45
CA VAL L 625 -81.68 -12.98 -7.14
C VAL L 625 -81.55 -14.38 -6.61
N PHE L 626 -80.41 -14.69 -6.02
CA PHE L 626 -80.09 -15.99 -5.48
C PHE L 626 -79.51 -15.79 -4.10
N SER L 627 -80.10 -16.42 -3.09
CA SER L 627 -79.72 -16.24 -1.71
C SER L 627 -79.46 -17.57 -1.06
N VAL L 628 -78.48 -17.63 -0.18
CA VAL L 628 -78.16 -18.79 0.63
C VAL L 628 -78.43 -18.45 2.07
N HIS L 629 -79.13 -19.31 2.77
CA HIS L 629 -79.58 -19.14 4.13
C HIS L 629 -78.94 -20.18 5.02
N TYR L 630 -78.64 -19.85 6.27
CA TYR L 630 -78.18 -20.83 7.24
C TYR L 630 -78.58 -20.49 8.66
N SER L 631 -78.93 -21.49 9.45
CA SER L 631 -79.12 -21.40 10.89
C SER L 631 -78.94 -22.77 11.52
N GLN L 632 -78.51 -22.80 12.78
CA GLN L 632 -78.45 -24.02 13.58
C GLN L 632 -79.77 -24.79 13.51
N PHE L 633 -80.89 -24.05 13.53
CA PHE L 633 -82.24 -24.61 13.59
C PHE L 633 -82.89 -24.90 12.23
N HIS L 634 -82.24 -24.62 11.10
CA HIS L 634 -82.82 -24.83 9.77
C HIS L 634 -81.92 -25.58 8.80
N GLY L 635 -80.61 -25.59 9.03
CA GLY L 635 -79.63 -26.10 8.07
C GLY L 635 -79.40 -25.16 6.90
N LEU L 636 -78.56 -25.58 5.96
CA LEU L 636 -78.30 -24.85 4.73
C LEU L 636 -79.49 -24.89 3.79
N SER L 637 -79.82 -23.79 3.15
CA SER L 637 -80.85 -23.74 2.13
C SER L 637 -80.65 -22.56 1.20
N TYR L 638 -81.34 -22.51 0.08
CA TYR L 638 -81.26 -21.45 -0.88
C TYR L 638 -82.62 -21.06 -1.41
N SER L 639 -82.71 -19.83 -1.90
CA SER L 639 -83.86 -19.33 -2.60
C SER L 639 -83.43 -18.72 -3.91
N LEU L 640 -84.24 -18.78 -4.95
CA LEU L 640 -83.91 -18.18 -6.23
C LEU L 640 -85.13 -17.40 -6.69
N SER L 641 -84.95 -16.19 -7.17
CA SER L 641 -86.01 -15.21 -7.41
C SER L 641 -85.77 -14.51 -8.74
N GLU L 642 -86.81 -13.91 -9.29
CA GLU L 642 -86.72 -13.07 -10.49
C GLU L 642 -87.73 -11.95 -10.35
N LEU L 643 -87.29 -10.85 -9.73
CA LEU L 643 -88.18 -9.83 -9.16
C LEU L 643 -88.82 -8.93 -10.23
N GLY L 644 -88.07 -8.55 -11.26
CA GLY L 644 -88.58 -7.90 -12.48
C GLY L 644 -89.16 -6.50 -12.30
N THR L 645 -89.28 -5.73 -13.38
CA THR L 645 -90.12 -4.53 -13.37
C THR L 645 -91.64 -4.87 -13.36
N SER L 646 -91.98 -6.09 -13.78
CA SER L 646 -93.30 -6.71 -13.68
C SER L 646 -93.17 -8.24 -13.69
N SER L 647 -94.21 -8.97 -13.26
CA SER L 647 -94.23 -10.44 -13.24
C SER L 647 -93.18 -11.09 -12.33
N LYS L 648 -92.98 -10.49 -11.15
CA LYS L 648 -92.20 -11.03 -10.02
C LYS L 648 -92.48 -12.52 -9.78
N ARG L 649 -91.44 -13.34 -9.65
CA ARG L 649 -91.52 -14.76 -9.32
C ARG L 649 -90.44 -15.14 -8.31
N TYR L 650 -90.75 -16.09 -7.43
CA TYR L 650 -89.76 -16.77 -6.59
C TYR L 650 -89.70 -18.22 -7.06
N TYR L 651 -88.63 -18.63 -7.72
CA TYR L 651 -88.48 -19.96 -8.30
C TYR L 651 -88.38 -21.04 -7.23
N LYS L 652 -87.54 -20.80 -6.22
CA LYS L 652 -87.35 -21.68 -5.07
C LYS L 652 -87.26 -20.82 -3.82
N ARG L 653 -87.93 -21.22 -2.73
CA ARG L 653 -87.85 -20.57 -1.41
C ARG L 653 -87.40 -21.61 -0.40
N GLU L 654 -86.25 -21.33 0.17
CA GLU L 654 -85.58 -22.08 1.25
C GLU L 654 -85.46 -23.60 1.00
N CYS L 655 -85.16 -24.04 -0.22
CA CYS L 655 -84.85 -25.43 -0.52
C CYS L 655 -83.48 -25.82 0.00
N PRO L 656 -83.21 -27.05 0.42
CA PRO L 656 -81.91 -27.43 0.97
C PRO L 656 -80.80 -27.40 -0.09
N LEU L 657 -79.61 -26.93 0.28
CA LEU L 657 -78.50 -26.68 -0.65
C LEU L 657 -77.43 -27.76 -0.51
N PRO L 658 -77.11 -28.56 -1.54
CA PRO L 658 -76.24 -29.70 -1.38
C PRO L 658 -74.77 -29.31 -1.48
N MET L 659 -74.26 -28.55 -0.52
CA MET L 659 -72.91 -28.01 -0.53
C MET L 659 -72.24 -28.22 0.83
N SER L 660 -70.97 -28.63 0.84
CA SER L 660 -70.27 -29.02 2.07
C SER L 660 -69.76 -27.80 2.85
N LEU L 661 -70.08 -27.70 4.14
CA LEU L 661 -69.42 -26.77 5.05
C LEU L 661 -68.05 -27.32 5.48
N PRO L 662 -67.10 -26.48 5.91
CA PRO L 662 -65.74 -26.90 6.22
C PRO L 662 -65.63 -27.82 7.45
N ASN L 663 -64.56 -28.63 7.50
CA ASN L 663 -64.26 -29.59 8.57
C ASN L 663 -63.63 -28.89 9.80
N ILE L 664 -64.38 -27.96 10.39
CA ILE L 664 -64.02 -27.09 11.51
C ILE L 664 -63.33 -27.86 12.64
N LYS L 670 -51.63 -24.22 10.45
CA LYS L 670 -53.04 -24.32 10.70
C LYS L 670 -53.74 -23.01 10.34
N ASP L 671 -53.13 -21.87 10.70
CA ASP L 671 -53.72 -20.55 10.52
C ASP L 671 -53.93 -20.19 9.05
N ALA L 672 -53.26 -20.88 8.12
CA ALA L 672 -53.53 -20.77 6.69
C ALA L 672 -55.02 -20.96 6.32
N ASN L 673 -55.73 -21.86 7.00
CA ASN L 673 -57.17 -22.03 6.88
C ASN L 673 -57.93 -21.20 7.92
N LEU L 674 -57.50 -21.17 9.18
CA LEU L 674 -58.31 -20.55 10.23
C LEU L 674 -58.38 -19.03 10.09
N ASP L 675 -57.37 -18.36 9.56
CA ASP L 675 -57.46 -16.93 9.30
C ASP L 675 -58.49 -16.61 8.20
N TYR L 676 -58.83 -17.60 7.35
CA TYR L 676 -59.93 -17.51 6.41
C TYR L 676 -61.27 -17.91 7.03
N TYR L 677 -61.36 -19.01 7.76
CA TYR L 677 -62.62 -19.44 8.36
C TYR L 677 -63.08 -18.58 9.54
N ASN L 678 -62.21 -17.81 10.20
CA ASN L 678 -62.65 -16.74 11.10
C ASN L 678 -63.35 -15.61 10.35
N PHE L 679 -62.96 -15.36 9.10
CA PHE L 679 -63.50 -14.30 8.24
C PHE L 679 -64.75 -14.75 7.48
N ASN L 680 -64.83 -16.02 7.10
CA ASN L 680 -65.93 -16.58 6.33
C ASN L 680 -66.28 -18.00 6.79
N PRO L 681 -67.06 -18.17 7.87
CA PRO L 681 -67.30 -19.47 8.49
C PRO L 681 -67.94 -20.52 7.58
N MET L 682 -68.77 -20.09 6.63
CA MET L 682 -69.43 -20.95 5.64
C MET L 682 -68.49 -21.48 4.56
N GLY L 683 -67.37 -20.82 4.32
CA GLY L 683 -66.41 -21.19 3.29
C GLY L 683 -66.90 -21.02 1.85
N ILE L 684 -67.92 -20.22 1.60
CA ILE L 684 -68.37 -19.88 0.24
C ILE L 684 -67.31 -18.97 -0.36
N LYS L 685 -66.49 -19.43 -1.30
CA LYS L 685 -65.46 -18.56 -1.88
C LYS L 685 -66.08 -17.57 -2.84
N SER L 686 -67.04 -17.99 -3.65
CA SER L 686 -67.92 -17.09 -4.35
C SER L 686 -69.25 -17.70 -4.72
N LEU L 687 -70.21 -16.82 -4.96
CA LEU L 687 -71.57 -17.08 -5.33
C LEU L 687 -71.80 -16.23 -6.57
N PHE L 688 -72.24 -16.80 -7.68
CA PHE L 688 -72.41 -16.05 -8.92
C PHE L 688 -73.43 -16.69 -9.82
N PHE L 689 -73.99 -15.96 -10.78
CA PHE L 689 -74.66 -16.57 -11.92
C PHE L 689 -73.63 -16.77 -13.03
N SER L 690 -73.75 -17.85 -13.79
CA SER L 690 -73.03 -17.97 -15.04
C SER L 690 -73.43 -16.85 -15.98
N SER L 691 -72.69 -16.60 -17.04
CA SER L 691 -73.03 -15.56 -18.01
C SER L 691 -74.40 -15.78 -18.67
N TYR L 692 -74.91 -17.01 -18.69
CA TYR L 692 -76.24 -17.37 -19.20
C TYR L 692 -77.33 -17.45 -18.13
N GLY L 693 -77.04 -17.04 -16.91
CA GLY L 693 -77.97 -16.83 -15.82
C GLY L 693 -78.39 -18.06 -15.07
N ASP L 694 -77.61 -19.13 -15.12
CA ASP L 694 -77.78 -20.32 -14.29
C ASP L 694 -76.95 -20.19 -13.00
N PRO L 695 -77.53 -20.31 -11.80
CA PRO L 695 -76.81 -20.13 -10.54
C PRO L 695 -75.61 -21.04 -10.36
N CYS L 696 -74.54 -20.54 -9.76
CA CYS L 696 -73.34 -21.27 -9.41
C CYS L 696 -72.91 -20.97 -7.98
N ILE L 697 -72.29 -21.93 -7.32
CA ILE L 697 -71.71 -21.73 -6.01
C ILE L 697 -70.41 -22.50 -5.87
N PHE L 698 -69.39 -21.90 -5.26
CA PHE L 698 -68.08 -22.52 -5.07
C PHE L 698 -67.74 -22.56 -3.59
N GLY L 699 -67.83 -23.74 -3.01
CA GLY L 699 -67.80 -23.95 -1.57
C GLY L 699 -66.44 -24.28 -0.99
N SER L 700 -66.45 -24.67 0.28
CA SER L 700 -65.28 -25.04 1.04
C SER L 700 -64.55 -26.27 0.51
N ASP L 701 -65.30 -27.14 -0.19
CA ASP L 701 -64.87 -28.36 -0.87
C ASP L 701 -64.24 -28.11 -2.24
N ASN L 702 -64.01 -26.85 -2.62
CA ASN L 702 -63.44 -26.40 -3.89
C ASN L 702 -64.13 -26.95 -5.14
N THR L 703 -65.39 -27.34 -5.03
CA THR L 703 -66.17 -27.89 -6.13
C THR L 703 -67.14 -26.83 -6.62
N LEU L 704 -67.17 -26.58 -7.91
CA LEU L 704 -68.13 -25.65 -8.51
C LEU L 704 -69.42 -26.40 -8.80
N LEU L 705 -70.52 -26.00 -8.19
CA LEU L 705 -71.83 -26.59 -8.40
C LEU L 705 -72.67 -25.64 -9.22
N LEU L 706 -73.24 -26.08 -10.33
CA LEU L 706 -74.14 -25.29 -11.15
C LEU L 706 -75.54 -25.84 -11.07
N LEU L 707 -76.55 -25.00 -10.82
CA LEU L 707 -77.93 -25.45 -10.77
C LEU L 707 -78.50 -25.61 -12.16
N SER L 708 -78.90 -26.81 -12.54
CA SER L 708 -79.48 -27.13 -13.84
C SER L 708 -81.01 -27.08 -13.81
N LYS L 709 -81.63 -26.72 -14.92
CA LYS L 709 -83.08 -26.82 -15.18
C LYS L 709 -83.99 -26.10 -14.19
N TRP L 710 -83.46 -25.17 -13.39
CA TRP L 710 -84.15 -24.42 -12.35
C TRP L 710 -85.39 -23.66 -12.80
N ARG L 711 -85.49 -23.25 -14.06
CA ARG L 711 -86.67 -22.57 -14.61
C ARG L 711 -87.94 -23.42 -14.44
N SER L 712 -87.81 -24.73 -14.24
CA SER L 712 -88.87 -25.71 -13.98
C SER L 712 -88.54 -26.49 -12.69
N PRO L 713 -89.07 -26.13 -11.51
CA PRO L 713 -88.53 -26.58 -10.24
C PRO L 713 -88.59 -28.10 -10.00
N GLU L 714 -89.61 -28.80 -10.48
CA GLU L 714 -89.73 -30.25 -10.30
C GLU L 714 -88.66 -31.09 -11.06
N GLU L 715 -87.77 -30.46 -11.83
CA GLU L 715 -86.71 -31.13 -12.60
C GLU L 715 -85.30 -30.56 -12.33
N SER L 716 -85.13 -29.77 -11.26
CA SER L 716 -83.87 -29.10 -10.93
C SER L 716 -82.83 -30.09 -10.41
N LYS L 717 -81.54 -29.88 -10.68
CA LYS L 717 -80.45 -30.63 -10.02
C LYS L 717 -79.17 -29.83 -9.94
N TRP L 718 -78.34 -30.05 -8.93
CA TRP L 718 -77.03 -29.42 -8.86
C TRP L 718 -75.99 -30.31 -9.51
N LEU L 719 -75.22 -29.77 -10.43
CA LEU L 719 -74.21 -30.50 -11.15
C LEU L 719 -72.84 -30.07 -10.64
N PRO L 720 -71.97 -30.98 -10.22
CA PRO L 720 -70.59 -30.64 -9.89
C PRO L 720 -69.77 -30.60 -11.17
N ILE L 721 -69.50 -29.40 -11.68
CA ILE L 721 -68.89 -29.19 -13.00
C ILE L 721 -67.40 -28.88 -12.97
N LEU L 722 -66.82 -28.58 -11.81
CA LEU L 722 -65.39 -28.69 -11.56
C LEU L 722 -65.18 -29.28 -10.19
N ASP L 723 -64.39 -30.33 -10.11
CA ASP L 723 -63.64 -30.67 -8.90
C ASP L 723 -62.26 -30.05 -9.03
N SER L 724 -62.11 -28.81 -8.57
CA SER L 724 -60.89 -28.06 -8.90
C SER L 724 -59.66 -28.56 -8.17
N ASN L 725 -59.77 -29.33 -7.08
CA ASN L 725 -58.61 -29.99 -6.47
C ASN L 725 -58.03 -31.05 -7.41
N MET L 726 -58.89 -31.82 -8.06
CA MET L 726 -58.47 -32.83 -9.00
C MET L 726 -57.87 -32.21 -10.24
N GLU L 727 -58.49 -31.15 -10.73
CA GLU L 727 -58.02 -30.46 -11.93
C GLU L 727 -56.68 -29.76 -11.73
N ILE L 728 -56.36 -29.33 -10.51
CA ILE L 728 -55.02 -28.87 -10.15
C ILE L 728 -54.03 -30.03 -10.09
N TRP L 729 -54.33 -31.10 -9.36
CA TRP L 729 -53.43 -32.25 -9.26
C TRP L 729 -53.05 -32.79 -10.65
N LYS L 730 -54.01 -32.81 -11.56
CA LYS L 730 -53.84 -33.25 -12.92
C LYS L 730 -52.85 -32.40 -13.69
N MET L 731 -52.93 -31.07 -13.61
CA MET L 731 -52.03 -30.19 -14.37
C MET L 731 -50.64 -30.04 -13.74
N SER L 732 -50.50 -30.22 -12.42
CA SER L 732 -49.18 -30.27 -11.77
C SER L 732 -48.51 -31.65 -11.87
N GLY L 733 -48.99 -32.52 -12.76
CA GLY L 733 -48.38 -33.79 -13.10
C GLY L 733 -48.52 -34.87 -12.04
N GLY L 734 -49.55 -34.82 -11.19
CA GLY L 734 -49.85 -35.87 -10.22
C GLY L 734 -49.15 -35.76 -8.87
N LYS L 735 -48.49 -34.64 -8.61
CA LYS L 735 -48.06 -34.21 -7.27
C LYS L 735 -49.30 -33.78 -6.47
N GLU L 736 -49.45 -34.32 -5.26
CA GLU L 736 -50.39 -33.77 -4.27
C GLU L 736 -49.95 -32.36 -3.88
N THR L 737 -50.68 -31.38 -4.39
CA THR L 737 -50.18 -30.00 -4.48
C THR L 737 -50.89 -29.09 -3.49
N THR L 738 -50.14 -28.57 -2.52
CA THR L 738 -50.65 -27.73 -1.42
C THR L 738 -50.40 -26.22 -1.62
N ASP L 739 -49.39 -25.82 -2.39
CA ASP L 739 -49.03 -24.41 -2.56
C ASP L 739 -49.92 -23.64 -3.57
N ILE L 740 -50.91 -24.29 -4.18
CA ILE L 740 -51.80 -23.71 -5.20
C ILE L 740 -53.27 -23.79 -4.77
N HIS L 741 -54.01 -22.68 -4.93
CA HIS L 741 -55.44 -22.56 -4.61
C HIS L 741 -56.20 -21.82 -5.70
N VAL L 742 -57.40 -22.26 -6.06
CA VAL L 742 -58.28 -21.53 -7.00
C VAL L 742 -59.13 -20.51 -6.25
N TRP L 743 -59.37 -19.37 -6.87
CA TRP L 743 -60.24 -18.30 -6.39
C TRP L 743 -61.21 -17.87 -7.51
N PRO L 744 -62.49 -18.23 -7.47
CA PRO L 744 -63.41 -18.11 -8.59
C PRO L 744 -63.96 -16.70 -8.77
N LEU L 745 -64.11 -16.25 -10.01
CA LEU L 745 -64.67 -14.92 -10.36
C LEU L 745 -65.97 -15.02 -11.16
N ALA L 746 -65.98 -15.80 -12.22
CA ALA L 746 -67.17 -15.93 -13.02
C ALA L 746 -67.11 -17.20 -13.84
N LEU L 747 -68.26 -17.77 -14.17
CA LEU L 747 -68.37 -18.80 -15.18
C LEU L 747 -68.97 -18.16 -16.39
N ALA L 748 -68.14 -17.63 -17.28
CA ALA L 748 -68.55 -17.55 -18.67
C ALA L 748 -68.84 -18.97 -19.13
N TYR L 749 -69.71 -19.17 -20.11
CA TYR L 749 -70.00 -20.51 -20.63
C TYR L 749 -68.74 -21.36 -20.78
N ASP L 750 -68.78 -22.63 -20.35
CA ASP L 750 -67.71 -23.61 -20.51
C ASP L 750 -66.41 -23.35 -19.73
N THR L 751 -66.22 -22.25 -19.01
CA THR L 751 -64.89 -21.88 -18.48
C THR L 751 -64.93 -21.00 -17.26
N LEU L 752 -64.35 -21.45 -16.16
CA LEU L 752 -64.27 -20.69 -14.94
C LEU L 752 -63.14 -19.68 -15.04
N ASN L 753 -63.46 -18.39 -15.09
CA ASN L 753 -62.52 -17.34 -14.79
C ASN L 753 -62.22 -17.36 -13.31
N CYS L 754 -60.96 -17.39 -12.95
CA CYS L 754 -60.51 -17.45 -11.58
C CYS L 754 -59.09 -16.95 -11.43
N ILE L 755 -58.67 -16.51 -10.25
CA ILE L 755 -57.26 -16.37 -9.96
C ILE L 755 -56.75 -17.73 -9.46
N LEU L 756 -55.70 -18.29 -10.04
CA LEU L 756 -54.89 -19.30 -9.36
C LEU L 756 -53.93 -18.57 -8.42
N VAL L 757 -54.19 -18.65 -7.13
CA VAL L 757 -53.34 -18.09 -6.08
C VAL L 757 -52.21 -19.07 -5.80
N LYS L 758 -50.99 -18.57 -5.58
CA LYS L 758 -49.86 -19.38 -5.15
C LYS L 758 -49.27 -18.83 -3.85
N GLY L 759 -48.93 -19.73 -2.94
CA GLY L 759 -48.40 -19.44 -1.61
C GLY L 759 -49.26 -20.00 -0.48
N LYS L 760 -48.97 -19.62 0.75
CA LYS L 760 -49.56 -20.20 1.97
C LYS L 760 -50.87 -19.57 2.42
N HIS L 761 -51.27 -18.44 1.82
CA HIS L 761 -52.59 -17.84 1.98
C HIS L 761 -53.48 -18.18 0.78
N ILE L 762 -54.74 -18.50 1.04
CA ILE L 762 -55.68 -19.00 0.03
C ILE L 762 -56.15 -17.92 -0.96
N TRP L 763 -56.03 -16.64 -0.61
CA TRP L 763 -56.66 -15.49 -1.28
C TRP L 763 -55.65 -14.53 -1.92
N PRO L 764 -55.98 -13.83 -3.02
CA PRO L 764 -55.03 -12.99 -3.77
C PRO L 764 -54.69 -11.65 -3.10
N GLU L 765 -53.62 -11.00 -3.56
CA GLU L 765 -53.10 -9.71 -3.08
C GLU L 765 -53.30 -8.54 -4.04
N PHE L 766 -52.96 -7.32 -3.61
CA PHE L 766 -53.45 -6.09 -4.25
C PHE L 766 -53.18 -5.87 -5.75
N PRO L 767 -51.97 -6.10 -6.28
CA PRO L 767 -51.80 -6.07 -7.71
C PRO L 767 -52.47 -7.34 -8.25
N LEU L 768 -53.77 -7.27 -8.53
CA LEU L 768 -54.60 -8.45 -8.78
C LEU L 768 -54.04 -9.18 -10.01
N PRO L 769 -53.63 -10.44 -9.89
CA PRO L 769 -53.10 -11.17 -11.02
C PRO L 769 -54.17 -11.36 -12.10
N LEU L 770 -53.80 -11.61 -13.35
CA LEU L 770 -54.83 -11.86 -14.34
C LEU L 770 -55.68 -13.08 -13.96
N PRO L 771 -57.01 -13.00 -14.08
CA PRO L 771 -57.90 -14.14 -14.07
C PRO L 771 -57.40 -15.16 -15.08
N SER L 772 -56.97 -16.32 -14.59
CA SER L 772 -56.75 -17.52 -15.38
C SER L 772 -58.07 -18.11 -15.83
N GLU L 773 -58.03 -19.11 -16.68
CA GLU L 773 -59.21 -19.81 -17.16
C GLU L 773 -59.05 -21.30 -16.94
N MET L 774 -60.00 -21.93 -16.25
CA MET L 774 -60.07 -23.37 -16.10
C MET L 774 -61.26 -23.90 -16.86
N GLU L 775 -61.08 -24.82 -17.79
CA GLU L 775 -62.22 -25.39 -18.49
C GLU L 775 -62.93 -26.39 -17.58
N ILE L 776 -64.26 -26.37 -17.54
CA ILE L 776 -65.04 -27.22 -16.66
C ILE L 776 -64.87 -28.70 -17.03
N ARG L 777 -64.85 -29.59 -16.05
CA ARG L 777 -64.66 -31.04 -16.21
C ARG L 777 -65.56 -31.79 -15.25
N MET L 778 -66.40 -32.70 -15.74
CA MET L 778 -67.22 -33.56 -14.89
C MET L 778 -66.34 -34.48 -14.04
N PRO L 779 -66.66 -34.76 -12.78
CA PRO L 779 -65.79 -35.52 -11.89
C PRO L 779 -65.94 -37.02 -12.12
N VAL L 780 -65.35 -37.51 -13.20
CA VAL L 780 -65.28 -38.94 -13.55
C VAL L 780 -63.85 -39.45 -13.65
N PHE L 781 -62.89 -38.72 -13.09
CA PHE L 781 -61.48 -39.08 -13.09
C PHE L 781 -61.09 -39.87 -11.87
N VAL L 782 -60.99 -41.19 -12.01
CA VAL L 782 -60.54 -42.07 -10.93
C VAL L 782 -59.04 -41.90 -10.70
N LYS L 783 -58.63 -41.19 -9.66
CA LYS L 783 -57.23 -40.86 -9.39
C LYS L 783 -56.32 -42.09 -9.35
N SER L 784 -56.77 -43.19 -8.79
CA SER L 784 -56.00 -44.43 -8.75
C SER L 784 -55.68 -45.02 -10.13
N LYS L 785 -56.60 -44.98 -11.10
CA LYS L 785 -56.33 -45.39 -12.47
C LYS L 785 -55.34 -44.46 -13.15
N LEU L 786 -55.46 -43.16 -12.94
CA LEU L 786 -54.51 -42.20 -13.47
C LEU L 786 -53.11 -42.44 -12.89
N LEU L 787 -52.99 -42.71 -11.61
CA LEU L 787 -51.73 -43.08 -10.97
C LEU L 787 -51.10 -44.32 -11.64
N GLU L 788 -51.80 -45.44 -11.81
CA GLU L 788 -51.20 -46.64 -12.41
C GLU L 788 -50.78 -46.49 -13.88
N GLU L 789 -51.42 -45.64 -14.67
CA GLU L 789 -51.13 -45.43 -16.09
C GLU L 789 -50.12 -44.30 -16.36
N ASN L 790 -49.66 -43.62 -15.30
CA ASN L 790 -48.57 -42.64 -15.35
C ASN L 790 -47.38 -42.99 -14.43
N LYS L 791 -47.58 -43.72 -13.32
CA LYS L 791 -46.58 -44.19 -12.36
C LYS L 791 -45.61 -43.06 -11.95
N GLU L 814 -48.30 -33.20 -16.98
CA GLU L 814 -48.23 -33.83 -18.27
C GLU L 814 -49.29 -34.95 -18.43
N ILE L 815 -50.00 -35.30 -17.36
CA ILE L 815 -50.73 -36.58 -17.20
C ILE L 815 -51.53 -37.03 -18.42
N GLN L 816 -51.26 -38.26 -18.83
CA GLN L 816 -52.02 -38.98 -19.84
C GLN L 816 -53.29 -39.56 -19.20
N ILE L 817 -54.42 -39.38 -19.88
CA ILE L 817 -55.73 -39.83 -19.44
C ILE L 817 -56.17 -40.97 -20.35
N PRO L 818 -56.54 -42.14 -19.83
CA PRO L 818 -57.07 -43.24 -20.61
C PRO L 818 -58.19 -42.79 -21.54
N VAL L 819 -58.14 -43.16 -22.82
CA VAL L 819 -59.07 -42.61 -23.81
C VAL L 819 -60.52 -43.01 -23.58
N SER L 820 -60.78 -44.09 -22.84
CA SER L 820 -62.13 -44.38 -22.33
C SER L 820 -62.57 -43.33 -21.31
N MET L 821 -61.76 -43.01 -20.30
CA MET L 821 -62.10 -41.98 -19.32
C MET L 821 -62.29 -40.61 -19.95
N ALA L 822 -61.45 -40.26 -20.92
CA ALA L 822 -61.57 -38.99 -21.63
C ALA L 822 -62.85 -38.92 -22.46
N ALA L 823 -63.26 -40.02 -23.10
CA ALA L 823 -64.51 -40.04 -23.84
C ALA L 823 -65.71 -39.98 -22.90
N GLU L 824 -65.67 -40.65 -21.75
CA GLU L 824 -66.73 -40.58 -20.74
C GLU L 824 -66.92 -39.15 -20.23
N GLU L 825 -65.85 -38.42 -19.93
CA GLU L 825 -66.00 -37.02 -19.56
C GLU L 825 -66.56 -36.18 -20.70
N GLU L 826 -66.07 -36.28 -21.94
CA GLU L 826 -66.56 -35.39 -23.00
C GLU L 826 -68.03 -35.61 -23.36
N TYR L 827 -68.49 -36.84 -23.25
CA TYR L 827 -69.89 -37.19 -23.39
C TYR L 827 -70.75 -36.61 -22.28
N LEU L 828 -70.33 -36.72 -21.02
CA LEU L 828 -71.08 -36.13 -19.91
C LEU L 828 -71.05 -34.62 -19.97
N ARG L 829 -69.89 -34.00 -20.15
CA ARG L 829 -69.76 -32.53 -20.22
C ARG L 829 -70.58 -31.97 -21.36
N SER L 830 -70.58 -32.62 -22.50
CA SER L 830 -71.40 -32.19 -23.61
C SER L 830 -72.89 -32.39 -23.35
N LYS L 831 -73.30 -33.46 -22.68
CA LYS L 831 -74.71 -33.64 -22.37
C LYS L 831 -75.23 -32.58 -21.42
N VAL L 832 -74.48 -32.22 -20.38
CA VAL L 832 -74.93 -31.16 -19.48
C VAL L 832 -74.90 -29.80 -20.14
N LEU L 833 -73.87 -29.43 -20.88
CA LEU L 833 -73.83 -28.11 -21.51
C LEU L 833 -74.89 -27.94 -22.59
N SER L 834 -75.20 -28.96 -23.35
CA SER L 834 -76.24 -28.88 -24.37
C SER L 834 -77.61 -28.70 -23.76
N GLU L 835 -77.88 -29.23 -22.58
CA GLU L 835 -79.13 -28.98 -21.86
C GLU L 835 -79.24 -27.58 -21.29
N LEU L 836 -78.15 -26.97 -20.83
CA LEU L 836 -78.16 -25.60 -20.34
C LEU L 836 -78.38 -24.59 -21.47
N LEU L 837 -77.68 -24.73 -22.57
CA LEU L 837 -77.90 -23.94 -23.76
C LEU L 837 -79.31 -24.11 -24.28
N THR L 838 -79.79 -25.35 -24.42
CA THR L 838 -81.10 -25.62 -24.99
C THR L 838 -82.20 -24.93 -24.22
N ASP L 839 -82.16 -25.01 -22.89
CA ASP L 839 -83.13 -24.33 -22.04
C ASP L 839 -82.97 -22.81 -22.05
N THR L 840 -81.77 -22.28 -22.17
CA THR L 840 -81.57 -20.83 -22.34
C THR L 840 -82.19 -20.35 -23.64
N LEU L 841 -81.85 -20.99 -24.75
CA LEU L 841 -82.35 -20.65 -26.07
C LEU L 841 -83.87 -20.78 -26.18
N GLU L 842 -84.48 -21.71 -25.45
CA GLU L 842 -85.94 -21.87 -25.45
C GLU L 842 -86.66 -20.90 -24.52
N ASN L 843 -86.09 -20.53 -23.36
CA ASN L 843 -86.78 -19.69 -22.37
C ASN L 843 -86.41 -18.20 -22.44
N ASP L 844 -85.15 -17.86 -22.64
CA ASP L 844 -84.67 -16.48 -22.68
C ASP L 844 -84.51 -15.95 -24.11
N GLY L 845 -84.13 -16.82 -25.04
CA GLY L 845 -83.64 -16.45 -26.37
C GLY L 845 -82.14 -16.16 -26.37
N GLU L 846 -81.50 -16.22 -27.53
CA GLU L 846 -80.09 -15.89 -27.71
C GLU L 846 -79.80 -14.42 -27.36
N MET L 847 -78.56 -14.16 -26.92
CA MET L 847 -77.99 -12.82 -26.75
C MET L 847 -76.83 -12.57 -27.71
N TYR L 848 -76.17 -13.62 -28.22
CA TYR L 848 -75.29 -13.56 -29.38
C TYR L 848 -75.76 -14.61 -30.41
N GLY L 849 -75.78 -14.28 -31.70
CA GLY L 849 -76.30 -15.20 -32.73
C GLY L 849 -75.57 -16.55 -32.82
N ASN L 850 -74.33 -16.54 -32.35
CA ASN L 850 -73.45 -17.69 -32.20
C ASN L 850 -74.05 -18.86 -31.42
N GLU L 851 -74.94 -18.63 -30.47
CA GLU L 851 -75.39 -19.67 -29.55
C GLU L 851 -76.03 -20.89 -30.22
N ASN L 852 -76.75 -20.70 -31.33
CA ASN L 852 -77.30 -21.84 -32.08
C ASN L 852 -76.22 -22.63 -32.83
N GLU L 853 -75.14 -21.97 -33.24
CA GLU L 853 -74.00 -22.60 -33.90
C GLU L 853 -73.07 -23.28 -32.89
N VAL L 854 -72.95 -22.76 -31.66
CA VAL L 854 -72.36 -23.45 -30.52
C VAL L 854 -73.12 -24.73 -30.19
N LEU L 855 -74.44 -24.66 -30.08
CA LEU L 855 -75.23 -25.84 -29.78
C LEU L 855 -75.10 -26.91 -30.88
N ALA L 856 -75.14 -26.54 -32.16
CA ALA L 856 -74.87 -27.48 -33.25
C ALA L 856 -73.48 -28.13 -33.15
N ALA L 857 -72.44 -27.35 -32.83
CA ALA L 857 -71.09 -27.88 -32.64
C ALA L 857 -70.95 -28.76 -31.39
N LEU L 858 -71.73 -28.48 -30.36
CA LEU L 858 -71.71 -29.22 -29.12
C LEU L 858 -72.35 -30.61 -29.25
N ASN L 859 -73.48 -30.71 -29.96
CA ASN L 859 -74.03 -32.01 -30.33
C ASN L 859 -73.02 -32.85 -31.14
N GLY L 860 -72.23 -32.20 -31.98
CA GLY L 860 -71.20 -32.86 -32.77
C GLY L 860 -70.09 -33.50 -31.93
N ALA L 861 -69.75 -32.89 -30.79
CA ALA L 861 -68.78 -33.44 -29.86
C ALA L 861 -69.36 -34.54 -28.97
N TYR L 862 -70.66 -34.52 -28.70
CA TYR L 862 -71.37 -35.59 -28.02
C TYR L 862 -71.39 -36.88 -28.85
N ASP L 863 -71.87 -36.84 -30.10
CA ASP L 863 -71.90 -38.04 -30.93
C ASP L 863 -70.50 -38.59 -31.18
N LYS L 864 -69.47 -37.78 -31.37
CA LYS L 864 -68.09 -38.27 -31.53
C LYS L 864 -67.54 -38.90 -30.26
N ALA L 865 -68.00 -38.47 -29.09
CA ALA L 865 -67.61 -39.08 -27.82
C ALA L 865 -68.30 -40.43 -27.65
N LEU L 866 -69.59 -40.54 -27.98
CA LEU L 866 -70.30 -41.82 -27.91
C LEU L 866 -69.72 -42.85 -28.87
N LEU L 867 -69.40 -42.48 -30.11
CA LEU L 867 -68.76 -43.41 -31.05
C LEU L 867 -67.40 -43.90 -30.55
N ARG L 868 -66.65 -43.04 -29.87
CA ARG L 868 -65.40 -43.42 -29.22
C ARG L 868 -65.60 -44.36 -28.04
N LEU L 869 -66.78 -44.37 -27.41
CA LEU L 869 -67.14 -45.39 -26.40
C LEU L 869 -67.64 -46.67 -27.04
N PHE L 870 -68.42 -46.57 -28.11
CA PHE L 870 -68.90 -47.70 -28.90
C PHE L 870 -67.74 -48.54 -29.43
N ALA L 871 -66.62 -47.94 -29.84
CA ALA L 871 -65.42 -48.68 -30.20
C ALA L 871 -64.86 -49.54 -29.07
N SER L 872 -64.85 -49.05 -27.83
CA SER L 872 -64.41 -49.87 -26.69
C SER L 872 -65.37 -51.04 -26.45
N ALA L 873 -66.67 -50.81 -26.58
CA ALA L 873 -67.68 -51.85 -26.42
C ALA L 873 -67.57 -52.94 -27.48
N CYS L 874 -67.24 -52.57 -28.72
CA CYS L 874 -66.91 -53.50 -29.79
C CYS L 874 -65.58 -54.23 -29.55
N SER L 875 -64.53 -53.55 -29.08
CA SER L 875 -63.23 -54.17 -28.78
C SER L 875 -63.38 -55.27 -27.72
N ASP L 876 -64.21 -55.05 -26.71
CA ASP L 876 -64.55 -56.02 -25.66
C ASP L 876 -65.74 -56.92 -26.03
N GLN L 877 -66.19 -56.86 -27.29
CA GLN L 877 -67.27 -57.64 -27.90
C GLN L 877 -68.56 -57.71 -27.08
N ASN L 878 -68.84 -56.67 -26.29
CA ASN L 878 -70.09 -56.54 -25.54
C ASN L 878 -71.16 -55.92 -26.45
N VAL L 879 -71.73 -56.75 -27.32
CA VAL L 879 -72.75 -56.34 -28.30
C VAL L 879 -73.93 -55.61 -27.64
N GLU L 880 -74.27 -55.98 -26.41
CA GLU L 880 -75.38 -55.40 -25.66
C GLU L 880 -75.09 -53.96 -25.21
N LYS L 881 -73.90 -53.74 -24.60
CA LYS L 881 -73.40 -52.40 -24.24
C LYS L 881 -73.29 -51.52 -25.47
N ALA L 882 -72.78 -52.06 -26.57
CA ALA L 882 -72.68 -51.34 -27.82
C ALA L 882 -74.06 -50.88 -28.33
N LEU L 883 -75.07 -51.74 -28.33
CA LEU L 883 -76.40 -51.34 -28.78
C LEU L 883 -77.01 -50.23 -27.90
N SER L 884 -76.76 -50.24 -26.58
CA SER L 884 -77.20 -49.15 -25.71
C SER L 884 -76.53 -47.80 -26.06
N LEU L 885 -75.21 -47.79 -26.30
CA LEU L 885 -74.47 -46.61 -26.74
C LEU L 885 -74.97 -46.07 -28.09
N ALA L 886 -75.34 -46.95 -29.01
CA ALA L 886 -75.85 -46.54 -30.31
C ALA L 886 -77.26 -45.92 -30.25
N HIS L 887 -78.05 -46.27 -29.24
CA HIS L 887 -79.44 -45.84 -29.12
C HIS L 887 -79.59 -44.40 -28.61
N GLU L 888 -78.64 -43.95 -27.78
CA GLU L 888 -78.55 -42.60 -27.23
C GLU L 888 -77.99 -41.56 -28.21
N LEU L 889 -77.46 -42.03 -29.33
CA LEU L 889 -76.77 -41.26 -30.35
C LEU L 889 -77.77 -40.38 -31.12
N LYS L 890 -77.45 -39.11 -31.42
CA LYS L 890 -78.44 -38.13 -31.90
C LYS L 890 -78.58 -38.07 -33.42
N GLN L 891 -77.53 -37.69 -34.14
CA GLN L 891 -77.61 -37.45 -35.58
C GLN L 891 -77.79 -38.75 -36.38
N ASP L 892 -78.77 -38.82 -37.27
CA ASP L 892 -78.98 -39.98 -38.15
C ASP L 892 -77.73 -40.27 -38.99
N ARG L 893 -77.06 -39.20 -39.43
CA ARG L 893 -75.76 -39.23 -40.11
C ARG L 893 -74.62 -39.73 -39.22
N ALA L 894 -74.63 -39.52 -37.91
CA ALA L 894 -73.63 -40.13 -37.01
C ALA L 894 -73.89 -41.63 -36.75
N LEU L 895 -75.14 -42.07 -36.81
CA LEU L 895 -75.48 -43.47 -36.65
C LEU L 895 -74.95 -44.32 -37.82
N THR L 896 -74.67 -43.73 -38.99
CA THR L 896 -73.93 -44.41 -40.07
C THR L 896 -72.53 -44.85 -39.62
N ALA L 897 -71.86 -44.06 -38.80
CA ALA L 897 -70.57 -44.43 -38.26
C ALA L 897 -70.66 -45.61 -37.29
N ALA L 898 -71.75 -45.74 -36.53
CA ALA L 898 -71.94 -46.90 -35.67
C ALA L 898 -71.99 -48.21 -36.46
N VAL L 899 -72.76 -48.25 -37.55
CA VAL L 899 -72.78 -49.45 -38.39
C VAL L 899 -71.41 -49.71 -39.05
N LYS L 900 -70.73 -48.69 -39.56
CA LYS L 900 -69.35 -48.83 -40.05
C LYS L 900 -68.40 -49.41 -38.99
N ILE L 901 -68.45 -48.93 -37.74
CA ILE L 901 -67.60 -49.48 -36.68
C ILE L 901 -67.95 -50.95 -36.40
N SER L 902 -69.24 -51.31 -36.39
CA SER L 902 -69.66 -52.68 -36.09
C SER L 902 -69.26 -53.69 -37.17
N GLU L 903 -69.21 -53.28 -38.44
CA GLU L 903 -68.65 -54.08 -39.53
C GLU L 903 -67.11 -54.23 -39.41
N ARG L 904 -66.42 -53.15 -39.08
CA ARG L 904 -64.98 -53.15 -38.82
C ARG L 904 -64.60 -54.07 -37.66
N ALA L 905 -65.49 -54.14 -36.66
CA ALA L 905 -65.40 -55.04 -35.52
C ALA L 905 -65.92 -56.48 -35.78
N GLU L 906 -66.59 -56.71 -36.93
CA GLU L 906 -67.27 -57.93 -37.35
C GLU L 906 -68.30 -58.48 -36.34
N LEU L 907 -69.21 -57.59 -35.93
CA LEU L 907 -70.33 -57.86 -35.02
C LEU L 907 -71.69 -57.69 -35.77
N PRO L 908 -72.10 -58.64 -36.63
CA PRO L 908 -73.21 -58.44 -37.56
C PRO L 908 -74.60 -58.31 -36.90
N SER L 909 -74.74 -58.76 -35.65
CA SER L 909 -75.93 -58.52 -34.83
C SER L 909 -76.19 -57.03 -34.65
N LEU L 910 -75.13 -56.26 -34.35
CA LEU L 910 -75.24 -54.82 -34.17
C LEU L 910 -75.64 -54.15 -35.47
N VAL L 911 -75.13 -54.59 -36.63
CA VAL L 911 -75.50 -54.07 -37.95
C VAL L 911 -77.02 -54.10 -38.15
N LYS L 912 -77.66 -55.25 -37.93
CA LYS L 912 -79.10 -55.39 -38.14
C LYS L 912 -79.90 -54.55 -37.16
N LYS L 913 -79.53 -54.58 -35.87
CA LYS L 913 -80.20 -53.81 -34.82
C LYS L 913 -80.14 -52.30 -35.11
N ILE L 914 -78.98 -51.78 -35.53
CA ILE L 914 -78.81 -50.36 -35.89
C ILE L 914 -79.70 -49.98 -37.07
N ASN L 915 -79.84 -50.84 -38.08
CA ASN L 915 -80.75 -50.60 -39.20
C ASN L 915 -82.21 -50.42 -38.75
N ASN L 916 -82.64 -51.08 -37.66
CA ASN L 916 -83.96 -50.87 -37.08
C ASN L 916 -84.11 -49.47 -36.46
N ILE L 917 -83.04 -48.97 -35.83
CA ILE L 917 -83.03 -47.62 -35.24
C ILE L 917 -83.18 -46.55 -36.34
N ARG L 918 -82.53 -46.72 -37.50
CA ARG L 918 -82.59 -45.75 -38.60
C ARG L 918 -84.03 -45.48 -39.03
N GLU L 919 -84.77 -46.56 -39.26
CA GLU L 919 -86.16 -46.52 -39.72
C GLU L 919 -87.13 -46.01 -38.65
N ALA L 920 -86.93 -46.44 -37.41
CA ALA L 920 -87.76 -46.01 -36.29
C ALA L 920 -87.67 -44.50 -36.05
N ARG L 921 -86.47 -43.95 -36.05
CA ARG L 921 -86.21 -42.52 -35.89
C ARG L 921 -86.59 -41.69 -37.14
N TYR L 922 -86.46 -42.25 -38.34
CA TYR L 922 -87.01 -41.63 -39.56
C TYR L 922 -88.53 -41.46 -39.48
N GLU L 923 -89.25 -42.50 -39.06
CA GLU L 923 -90.66 -42.42 -38.73
C GLU L 923 -90.87 -41.63 -37.44
N PHE M 474 -69.55 -37.81 12.29
CA PHE M 474 -70.66 -38.76 12.05
C PHE M 474 -70.20 -39.89 11.13
N ARG M 475 -70.67 -41.13 11.37
CA ARG M 475 -69.99 -42.33 10.88
C ARG M 475 -70.26 -42.71 9.42
N TYR M 476 -71.40 -42.36 8.84
CA TYR M 476 -71.71 -42.66 7.42
C TYR M 476 -71.38 -44.09 6.98
N MET M 477 -71.88 -45.07 7.72
CA MET M 477 -71.69 -46.49 7.41
C MET M 477 -72.32 -46.91 6.08
N PRO M 478 -71.76 -47.88 5.36
CA PRO M 478 -72.35 -48.44 4.16
C PRO M 478 -73.65 -49.17 4.51
N PHE M 479 -74.69 -48.97 3.70
CA PHE M 479 -76.03 -49.50 3.93
C PHE M 479 -76.47 -50.40 2.77
N SER M 480 -77.17 -51.47 3.12
CA SER M 480 -77.94 -52.29 2.19
C SER M 480 -79.19 -52.87 2.87
N PRO M 481 -80.34 -52.99 2.19
CA PRO M 481 -81.61 -53.33 2.81
C PRO M 481 -81.59 -54.64 3.60
N ALA M 482 -81.96 -54.58 4.87
CA ALA M 482 -82.06 -55.73 5.75
C ALA M 482 -80.73 -56.49 5.97
N GLY M 483 -79.59 -55.89 5.67
CA GLY M 483 -78.29 -56.43 6.03
C GLY M 483 -78.02 -56.43 7.53
N THR M 484 -77.11 -57.28 7.98
CA THR M 484 -76.83 -57.53 9.39
C THR M 484 -75.34 -57.36 9.68
N PRO M 485 -74.94 -57.08 10.92
CA PRO M 485 -73.52 -57.00 11.30
C PRO M 485 -72.88 -58.38 11.35
N PHE M 486 -71.54 -58.42 11.39
CA PHE M 486 -70.80 -59.65 11.74
C PHE M 486 -71.03 -60.03 13.20
N GLY M 487 -70.74 -59.11 14.13
CA GLY M 487 -70.99 -59.30 15.56
C GLY M 487 -70.23 -60.49 16.14
N PHE M 488 -68.90 -60.40 16.20
CA PHE M 488 -67.98 -61.45 16.65
C PHE M 488 -68.21 -62.85 16.02
N THR M 489 -68.64 -62.87 14.76
CA THR M 489 -68.98 -64.08 13.98
C THR M 489 -68.47 -63.93 12.55
N ASP M 490 -68.09 -65.01 11.86
CA ASP M 490 -67.57 -64.93 10.48
C ASP M 490 -68.63 -64.79 9.37
N ARG M 491 -69.91 -64.95 9.69
CA ARG M 491 -71.05 -64.87 8.76
C ARG M 491 -71.89 -63.62 9.03
N ARG M 492 -72.32 -62.91 7.98
CA ARG M 492 -73.42 -61.93 8.04
C ARG M 492 -74.23 -61.89 6.76
N TYR M 493 -75.47 -61.41 6.79
CA TYR M 493 -76.18 -61.09 5.57
C TYR M 493 -75.79 -59.72 5.08
N LEU M 494 -75.61 -59.59 3.78
CA LEU M 494 -75.50 -58.30 3.11
C LEU M 494 -76.87 -57.72 2.79
N THR M 495 -77.89 -58.52 2.48
CA THR M 495 -79.15 -58.05 1.89
C THR M 495 -80.27 -59.07 2.00
N MET M 496 -81.54 -58.67 2.08
CA MET M 496 -82.72 -59.54 1.91
C MET M 496 -83.89 -58.83 1.22
N ASN M 497 -84.71 -59.53 0.45
CA ASN M 497 -85.86 -58.98 -0.32
C ASN M 497 -87.00 -60.00 -0.48
N GLU M 498 -88.02 -59.76 -1.30
CA GLU M 498 -88.94 -60.83 -1.75
C GLU M 498 -88.21 -61.92 -2.56
N VAL M 499 -87.22 -61.50 -3.37
CA VAL M 499 -86.43 -62.34 -4.27
C VAL M 499 -85.64 -63.40 -3.51
N GLY M 500 -84.92 -62.98 -2.47
CA GLY M 500 -83.89 -63.81 -1.88
C GLY M 500 -83.10 -63.09 -0.81
N TYR M 501 -81.89 -63.53 -0.59
CA TYR M 501 -80.98 -62.96 0.37
C TYR M 501 -79.55 -63.19 -0.07
N VAL M 502 -78.64 -62.39 0.45
CA VAL M 502 -77.22 -62.48 0.14
C VAL M 502 -76.45 -62.50 1.43
N SER M 503 -75.48 -63.39 1.57
CA SER M 503 -74.64 -63.48 2.76
C SER M 503 -73.18 -63.64 2.42
N THR M 504 -72.33 -63.22 3.33
CA THR M 504 -70.88 -63.27 3.21
C THR M 504 -70.29 -64.06 4.35
N VAL M 505 -69.28 -64.87 4.02
CA VAL M 505 -68.45 -65.60 4.97
C VAL M 505 -67.02 -65.10 4.85
N LYS M 506 -66.43 -64.75 5.98
CA LYS M 506 -65.06 -64.27 6.09
C LYS M 506 -64.06 -65.43 5.93
N ASN M 507 -63.86 -65.82 4.68
CA ASN M 507 -63.12 -66.98 4.22
C ASN M 507 -61.60 -66.79 4.41
N SER M 508 -61.12 -66.96 5.64
CA SER M 508 -59.74 -66.63 6.06
C SER M 508 -59.43 -65.15 5.84
N GLU M 509 -58.58 -64.79 4.88
CA GLU M 509 -58.26 -63.40 4.49
C GLU M 509 -58.91 -62.99 3.16
N GLN M 510 -59.78 -63.83 2.62
CA GLN M 510 -60.69 -63.57 1.50
C GLN M 510 -62.14 -63.50 2.04
N TYR M 511 -63.12 -63.27 1.17
CA TYR M 511 -64.55 -63.47 1.44
C TYR M 511 -65.19 -64.42 0.43
N SER M 512 -66.24 -65.12 0.84
CA SER M 512 -67.06 -65.97 -0.03
C SER M 512 -68.50 -65.52 0.09
N ILE M 513 -69.15 -65.26 -1.03
CA ILE M 513 -70.51 -64.72 -1.09
C ILE M 513 -71.46 -65.79 -1.62
N THR M 514 -72.59 -65.93 -0.97
CA THR M 514 -73.66 -66.87 -1.33
C THR M 514 -74.93 -66.12 -1.71
N VAL M 515 -75.46 -66.30 -2.92
CA VAL M 515 -76.63 -65.55 -3.41
C VAL M 515 -77.89 -66.42 -3.52
N SER M 516 -78.45 -66.76 -2.38
CA SER M 516 -79.62 -67.62 -2.22
C SER M 516 -80.92 -67.02 -2.78
N PHE M 517 -82.03 -67.77 -2.78
CA PHE M 517 -83.35 -67.27 -3.19
C PHE M 517 -84.47 -67.85 -2.31
N PHE M 518 -85.58 -67.13 -2.16
CA PHE M 518 -86.82 -67.66 -1.58
C PHE M 518 -87.70 -68.37 -2.62
N ASP M 519 -87.25 -68.38 -3.88
CA ASP M 519 -87.86 -69.07 -5.01
C ASP M 519 -86.76 -69.69 -5.88
N VAL M 520 -86.53 -70.99 -5.69
CA VAL M 520 -85.56 -71.77 -6.49
C VAL M 520 -86.18 -72.31 -7.80
N GLY M 521 -87.50 -72.19 -8.00
CA GLY M 521 -88.15 -72.49 -9.28
C GLY M 521 -87.75 -71.54 -10.40
N ARG M 522 -87.59 -70.24 -10.12
CA ARG M 522 -87.18 -69.22 -11.11
C ARG M 522 -85.67 -69.15 -11.34
N PHE M 523 -84.88 -69.07 -10.29
CA PHE M 523 -83.43 -68.85 -10.35
C PHE M 523 -82.72 -69.86 -9.47
N ARG M 524 -81.46 -70.16 -9.77
CA ARG M 524 -80.67 -71.14 -9.00
C ARG M 524 -79.51 -70.48 -8.27
N GLU M 525 -79.40 -70.81 -6.98
CA GLU M 525 -78.39 -70.29 -6.07
C GLU M 525 -76.99 -70.47 -6.62
N TYR M 526 -76.11 -69.53 -6.34
CA TYR M 526 -74.71 -69.74 -6.55
C TYR M 526 -73.88 -69.09 -5.47
N HIS M 527 -72.66 -69.55 -5.41
CA HIS M 527 -71.55 -69.07 -4.61
C HIS M 527 -70.54 -68.41 -5.53
N PHE M 528 -69.83 -67.41 -5.05
CA PHE M 528 -68.64 -66.90 -5.71
C PHE M 528 -67.66 -66.37 -4.68
N GLU M 529 -66.40 -66.31 -5.07
CA GLU M 529 -65.32 -65.82 -4.21
C GLU M 529 -65.07 -64.35 -4.46
N ASP M 530 -64.92 -63.60 -3.38
CA ASP M 530 -64.74 -62.16 -3.39
C ASP M 530 -63.34 -61.76 -2.92
N LEU M 531 -62.57 -61.23 -3.87
CA LEU M 531 -61.21 -60.73 -3.71
C LEU M 531 -61.15 -59.37 -3.01
N PHE M 532 -62.22 -58.58 -3.09
CA PHE M 532 -62.22 -57.14 -2.78
C PHE M 532 -62.77 -56.82 -1.39
N GLY M 533 -63.67 -57.66 -0.89
CA GLY M 533 -64.39 -57.42 0.34
C GLY M 533 -65.58 -56.49 0.14
N TYR M 534 -66.46 -56.83 -0.80
CA TYR M 534 -67.72 -56.14 -0.99
C TYR M 534 -68.53 -56.14 0.31
N ASP M 535 -68.91 -54.96 0.77
CA ASP M 535 -69.69 -54.71 1.98
C ASP M 535 -71.01 -53.99 1.67
N LEU M 536 -71.31 -53.80 0.40
CA LEU M 536 -72.58 -53.33 -0.10
C LEU M 536 -73.17 -54.36 -1.01
N CYS M 537 -74.49 -54.43 -1.03
CA CYS M 537 -75.20 -55.21 -2.02
C CYS M 537 -76.59 -54.65 -2.29
N PHE M 538 -77.15 -54.91 -3.47
CA PHE M 538 -78.57 -54.74 -3.75
C PHE M 538 -79.05 -55.85 -4.69
N LEU M 539 -80.14 -56.51 -4.36
CA LEU M 539 -80.68 -57.63 -5.12
C LEU M 539 -82.02 -57.25 -5.73
N ASN M 540 -82.18 -57.34 -7.04
CA ASN M 540 -83.48 -57.35 -7.70
C ASN M 540 -83.67 -58.68 -8.42
N GLU M 541 -84.79 -58.97 -9.09
CA GLU M 541 -84.97 -60.27 -9.73
C GLU M 541 -84.10 -60.46 -10.99
N LYS M 542 -83.65 -59.39 -11.65
CA LYS M 542 -82.76 -59.45 -12.81
C LYS M 542 -81.31 -59.77 -12.45
N GLY M 543 -80.78 -59.17 -11.39
CA GLY M 543 -79.37 -59.29 -11.05
C GLY M 543 -79.02 -58.76 -9.67
N THR M 544 -77.79 -59.03 -9.25
CA THR M 544 -77.22 -58.54 -7.99
C THR M 544 -76.13 -57.53 -8.25
N LEU M 545 -76.20 -56.37 -7.61
CA LEU M 545 -75.15 -55.36 -7.62
C LEU M 545 -74.37 -55.43 -6.32
N PHE M 546 -73.06 -55.33 -6.39
CA PHE M 546 -72.15 -55.31 -5.25
C PHE M 546 -71.30 -54.05 -5.27
N GLY M 547 -70.77 -53.64 -4.12
CA GLY M 547 -69.78 -52.58 -4.07
C GLY M 547 -68.84 -52.67 -2.88
N GLN M 548 -67.66 -52.08 -2.99
CA GLN M 548 -66.70 -51.95 -1.90
C GLN M 548 -66.73 -50.50 -1.44
N SER M 549 -67.17 -50.24 -0.22
CA SER M 549 -67.45 -48.88 0.24
C SER M 549 -66.22 -47.97 0.26
N LYS M 550 -65.03 -48.53 0.51
CA LYS M 550 -63.76 -47.80 0.67
C LYS M 550 -62.95 -47.69 -0.62
N THR M 551 -62.91 -48.73 -1.45
CA THR M 551 -62.17 -48.69 -2.73
C THR M 551 -62.97 -48.10 -3.87
N GLY M 552 -64.30 -48.04 -3.77
CA GLY M 552 -65.15 -47.48 -4.82
C GLY M 552 -65.40 -48.42 -6.00
N GLN M 553 -65.02 -49.68 -5.92
CA GLN M 553 -65.37 -50.66 -6.94
C GLN M 553 -66.82 -51.12 -6.78
N ILE M 554 -67.58 -51.15 -7.87
CA ILE M 554 -68.88 -51.81 -7.96
C ILE M 554 -68.87 -52.91 -9.01
N GLN M 555 -69.71 -53.92 -8.84
CA GLN M 555 -69.83 -55.01 -9.79
C GLN M 555 -71.27 -55.49 -9.93
N TYR M 556 -71.78 -55.55 -11.15
CA TYR M 556 -73.12 -56.06 -11.43
C TYR M 556 -73.08 -57.46 -12.03
N ARG M 557 -73.89 -58.35 -11.48
CA ARG M 557 -73.95 -59.75 -11.83
C ARG M 557 -75.40 -60.13 -12.16
N PRO M 558 -75.82 -60.10 -13.42
CA PRO M 558 -77.13 -60.61 -13.82
C PRO M 558 -77.30 -62.09 -13.43
N HIS M 559 -78.53 -62.49 -13.15
CA HIS M 559 -78.87 -63.88 -12.82
C HIS M 559 -78.86 -64.80 -14.03
N ASP M 560 -79.17 -64.31 -15.24
CA ASP M 560 -79.00 -65.09 -16.47
C ASP M 560 -77.66 -64.76 -17.10
N SER M 561 -76.73 -65.72 -17.10
CA SER M 561 -75.35 -65.55 -17.58
C SER M 561 -75.22 -65.32 -19.10
N ILE M 562 -76.32 -65.35 -19.85
CA ILE M 562 -76.40 -64.86 -21.24
C ILE M 562 -76.12 -63.35 -21.34
N HIS M 563 -76.34 -62.59 -20.27
CA HIS M 563 -75.80 -61.24 -20.08
C HIS M 563 -74.47 -61.30 -19.34
N SER M 564 -73.56 -60.40 -19.68
CA SER M 564 -72.26 -60.31 -19.03
C SER M 564 -72.35 -59.76 -17.61
N ASN M 565 -71.49 -60.22 -16.71
CA ASN M 565 -71.15 -59.42 -15.53
C ASN M 565 -70.43 -58.14 -15.99
N TRP M 566 -70.44 -57.07 -15.22
CA TRP M 566 -69.57 -55.93 -15.45
C TRP M 566 -69.10 -55.29 -14.17
N THR M 567 -67.99 -54.58 -14.24
CA THR M 567 -67.32 -53.97 -13.10
C THR M 567 -66.92 -52.56 -13.46
N LYS M 568 -67.01 -51.64 -12.51
CA LYS M 568 -66.65 -50.24 -12.66
C LYS M 568 -66.01 -49.80 -11.36
N ILE M 569 -65.06 -48.87 -11.41
CA ILE M 569 -64.55 -48.16 -10.23
C ILE M 569 -65.00 -46.71 -10.27
N ILE M 570 -65.47 -46.19 -9.15
CA ILE M 570 -66.12 -44.90 -9.04
C ILE M 570 -65.20 -43.96 -8.28
N PRO M 571 -65.01 -42.71 -8.73
CA PRO M 571 -64.12 -41.77 -8.05
C PRO M 571 -64.51 -41.55 -6.60
N LEU M 572 -63.53 -41.37 -5.72
CA LEU M 572 -63.74 -40.95 -4.34
C LEU M 572 -62.72 -39.89 -3.97
N GLN M 573 -63.13 -38.87 -3.25
CA GLN M 573 -62.22 -37.94 -2.58
C GLN M 573 -61.67 -38.56 -1.28
N ALA M 574 -60.63 -37.98 -0.69
CA ALA M 574 -60.05 -38.49 0.54
C ALA M 574 -61.08 -38.53 1.67
N GLY M 575 -61.35 -39.71 2.22
CA GLY M 575 -62.35 -39.92 3.26
C GLY M 575 -63.79 -40.16 2.79
N GLU M 576 -64.14 -39.88 1.55
CA GLU M 576 -65.45 -40.20 0.97
C GLU M 576 -65.66 -41.72 0.85
N ARG M 577 -66.88 -42.22 1.06
CA ARG M 577 -67.23 -43.64 0.95
C ARG M 577 -68.51 -43.80 0.16
N ILE M 578 -68.64 -44.87 -0.61
CA ILE M 578 -69.94 -45.25 -1.16
C ILE M 578 -70.78 -45.72 0.01
N THR M 579 -71.87 -45.01 0.30
CA THR M 579 -72.76 -45.36 1.40
C THR M 579 -73.86 -46.28 0.97
N SER M 580 -74.32 -46.30 -0.27
CA SER M 580 -75.23 -47.35 -0.74
C SER M 580 -75.28 -47.42 -2.25
N VAL M 581 -75.84 -48.50 -2.77
CA VAL M 581 -76.10 -48.72 -4.18
C VAL M 581 -77.50 -49.27 -4.36
N ALA M 582 -78.09 -49.09 -5.52
CA ALA M 582 -79.32 -49.74 -5.93
C ALA M 582 -79.25 -50.10 -7.41
N ALA M 583 -80.02 -51.10 -7.80
CA ALA M 583 -80.06 -51.52 -9.18
C ALA M 583 -81.50 -51.82 -9.56
N THR M 584 -81.85 -51.47 -10.78
CA THR M 584 -83.06 -51.91 -11.49
C THR M 584 -82.69 -52.44 -12.86
N PRO M 585 -83.57 -53.17 -13.57
CA PRO M 585 -83.31 -53.59 -14.94
C PRO M 585 -82.88 -52.48 -15.90
N VAL M 586 -83.31 -51.24 -15.65
CA VAL M 586 -83.21 -50.08 -16.53
C VAL M 586 -82.08 -49.12 -16.13
N ARG M 587 -81.67 -49.11 -14.86
CA ARG M 587 -80.82 -48.07 -14.25
C ARG M 587 -80.06 -48.58 -13.03
N VAL M 588 -78.84 -48.13 -12.81
CA VAL M 588 -78.00 -48.53 -11.68
C VAL M 588 -77.48 -47.28 -10.99
N ILE M 589 -77.65 -47.20 -9.67
CA ILE M 589 -77.47 -45.98 -8.89
C ILE M 589 -76.45 -46.21 -7.80
N VAL M 590 -75.59 -45.23 -7.57
CA VAL M 590 -74.59 -45.22 -6.50
C VAL M 590 -74.71 -43.94 -5.71
N GLY M 591 -74.85 -44.02 -4.39
CA GLY M 591 -74.77 -42.88 -3.48
C GLY M 591 -73.41 -42.74 -2.83
N THR M 592 -73.18 -41.71 -2.03
CA THR M 592 -71.87 -41.52 -1.38
C THR M 592 -71.96 -40.59 -0.18
N SER M 593 -70.97 -40.64 0.71
CA SER M 593 -70.96 -39.88 1.95
C SER M 593 -70.74 -38.38 1.75
N LEU M 594 -70.33 -37.94 0.56
CA LEU M 594 -70.31 -36.53 0.16
C LEU M 594 -71.47 -36.14 -0.74
N GLY M 595 -72.40 -37.03 -1.00
CA GLY M 595 -73.66 -36.72 -1.66
C GLY M 595 -73.66 -36.68 -3.19
N TYR M 596 -72.55 -36.94 -3.86
CA TYR M 596 -72.58 -37.19 -5.29
C TYR M 596 -73.44 -38.42 -5.56
N PHE M 597 -74.45 -38.28 -6.36
CA PHE M 597 -75.37 -39.32 -6.73
C PHE M 597 -75.04 -39.66 -8.17
N ARG M 598 -74.54 -40.86 -8.42
CA ARG M 598 -74.04 -41.28 -9.72
C ARG M 598 -74.99 -42.28 -10.31
N SER M 599 -75.20 -42.21 -11.61
CA SER M 599 -76.12 -43.09 -12.30
C SER M 599 -75.48 -43.70 -13.54
N PHE M 600 -75.84 -44.94 -13.85
CA PHE M 600 -75.41 -45.71 -15.02
C PHE M 600 -76.61 -46.40 -15.68
N ASN M 601 -76.54 -46.76 -16.95
CA ASN M 601 -77.47 -47.75 -17.50
C ASN M 601 -77.07 -49.17 -17.07
N GLN M 602 -77.82 -50.20 -17.41
CA GLN M 602 -77.60 -51.55 -16.88
C GLN M 602 -76.34 -52.26 -17.41
N PHE M 603 -75.52 -51.60 -18.25
CA PHE M 603 -74.25 -52.07 -18.80
C PHE M 603 -73.04 -51.28 -18.29
N GLY M 604 -73.24 -50.32 -17.40
CA GLY M 604 -72.17 -49.53 -16.82
C GLY M 604 -71.69 -48.38 -17.69
N VAL M 605 -72.50 -47.92 -18.64
CA VAL M 605 -72.33 -46.59 -19.26
C VAL M 605 -72.81 -45.54 -18.27
N PRO M 606 -72.07 -44.47 -17.92
CA PRO M 606 -72.58 -43.45 -17.01
C PRO M 606 -73.66 -42.63 -17.69
N PHE M 607 -74.72 -42.28 -16.97
CA PHE M 607 -75.73 -41.33 -17.44
C PHE M 607 -75.58 -39.95 -16.84
N ALA M 608 -75.28 -39.83 -15.56
CA ALA M 608 -75.30 -38.56 -14.90
C ALA M 608 -74.46 -38.59 -13.65
N VAL M 609 -73.95 -37.42 -13.27
CA VAL M 609 -73.53 -37.12 -11.91
C VAL M 609 -74.36 -35.94 -11.44
N GLU M 610 -74.85 -36.01 -10.23
CA GLU M 610 -75.61 -34.98 -9.55
C GLU M 610 -75.09 -34.86 -8.12
N LYS M 611 -75.22 -33.71 -7.47
CA LYS M 611 -74.93 -33.59 -6.05
C LYS M 611 -76.20 -33.36 -5.25
N THR M 612 -76.32 -34.02 -4.12
CA THR M 612 -77.43 -34.00 -3.16
C THR M 612 -76.88 -33.92 -1.74
N SER M 613 -77.72 -33.71 -0.73
CA SER M 613 -77.32 -33.95 0.66
C SER M 613 -76.86 -35.40 0.84
N PRO M 614 -75.83 -35.73 1.65
CA PRO M 614 -75.24 -37.06 1.74
C PRO M 614 -76.24 -38.20 1.87
N ILE M 615 -76.18 -39.15 0.95
CA ILE M 615 -77.06 -40.31 0.91
C ILE M 615 -76.72 -41.23 2.09
N VAL M 616 -77.73 -41.73 2.78
CA VAL M 616 -77.56 -42.79 3.79
C VAL M 616 -78.36 -44.04 3.49
N ALA M 617 -79.29 -44.01 2.53
CA ALA M 617 -79.94 -45.20 2.01
C ALA M 617 -80.53 -44.98 0.62
N LEU M 618 -80.62 -46.03 -0.18
CA LEU M 618 -81.24 -46.04 -1.51
C LEU M 618 -82.09 -47.26 -1.67
N THR M 619 -83.18 -47.13 -2.40
CA THR M 619 -83.91 -48.26 -2.96
C THR M 619 -84.56 -47.83 -4.26
N ALA M 620 -84.91 -48.77 -5.12
CA ALA M 620 -85.42 -48.48 -6.44
C ALA M 620 -86.33 -49.58 -6.95
N GLN M 621 -87.24 -49.27 -7.87
CA GLN M 621 -87.87 -50.28 -8.73
C GLN M 621 -88.42 -49.64 -10.00
N ASN M 622 -88.42 -50.37 -11.12
CA ASN M 622 -89.07 -50.00 -12.38
C ASN M 622 -88.85 -48.53 -12.76
N TYR M 623 -87.58 -48.12 -12.70
CA TYR M 623 -87.05 -46.78 -12.91
C TYR M 623 -87.66 -45.65 -12.06
N ARG M 624 -88.19 -45.96 -10.87
CA ARG M 624 -88.30 -45.05 -9.71
C ARG M 624 -87.13 -45.22 -8.76
N VAL M 625 -86.77 -44.18 -8.03
CA VAL M 625 -85.78 -44.24 -6.95
C VAL M 625 -86.30 -43.51 -5.71
N PHE M 626 -86.03 -44.05 -4.53
CA PHE M 626 -86.34 -43.46 -3.24
C PHE M 626 -85.07 -43.43 -2.41
N SER M 627 -84.67 -42.26 -1.93
CA SER M 627 -83.39 -42.08 -1.27
C SER M 627 -83.55 -41.32 0.02
N VAL M 628 -82.78 -41.67 1.03
CA VAL M 628 -82.77 -41.05 2.34
C VAL M 628 -81.43 -40.39 2.52
N HIS M 629 -81.42 -39.15 2.96
CA HIS M 629 -80.27 -38.29 3.06
C HIS M 629 -80.10 -37.83 4.48
N TYR M 630 -78.89 -37.62 4.96
CA TYR M 630 -78.68 -37.07 6.29
C TYR M 630 -77.40 -36.28 6.38
N SER M 631 -77.43 -35.13 7.03
CA SER M 631 -76.24 -34.42 7.46
C SER M 631 -76.54 -33.55 8.66
N GLN M 632 -75.54 -33.26 9.49
CA GLN M 632 -75.61 -32.24 10.53
C GLN M 632 -76.19 -30.92 10.01
N PHE M 633 -75.78 -30.51 8.81
CA PHE M 633 -76.14 -29.24 8.21
C PHE M 633 -77.49 -29.24 7.50
N HIS M 634 -78.23 -30.36 7.51
CA HIS M 634 -79.48 -30.53 6.76
C HIS M 634 -80.61 -31.23 7.50
N GLY M 635 -80.31 -32.12 8.44
CA GLY M 635 -81.30 -33.01 9.04
C GLY M 635 -81.74 -34.15 8.13
N LEU M 636 -82.54 -35.07 8.65
CA LEU M 636 -82.97 -36.28 7.96
C LEU M 636 -84.04 -35.97 6.91
N SER M 637 -83.85 -36.40 5.68
CA SER M 637 -84.75 -36.08 4.57
C SER M 637 -84.77 -37.17 3.53
N TYR M 638 -85.70 -37.13 2.59
CA TYR M 638 -85.83 -38.11 1.53
C TYR M 638 -86.16 -37.45 0.21
N SER M 639 -85.93 -38.18 -0.86
CA SER M 639 -86.25 -37.80 -2.22
C SER M 639 -86.94 -38.94 -2.94
N LEU M 640 -87.74 -38.65 -3.95
CA LEU M 640 -88.49 -39.66 -4.67
C LEU M 640 -88.54 -39.26 -6.14
N SER M 641 -87.80 -40.00 -6.97
CA SER M 641 -87.68 -39.76 -8.41
C SER M 641 -88.46 -40.74 -9.26
N GLU M 642 -88.90 -40.32 -10.44
CA GLU M 642 -89.21 -41.22 -11.56
C GLU M 642 -88.48 -40.76 -12.83
N LEU M 643 -87.83 -41.70 -13.52
CA LEU M 643 -87.16 -41.42 -14.80
C LEU M 643 -88.17 -41.47 -15.97
N GLY M 644 -88.85 -40.35 -16.23
CA GLY M 644 -89.66 -40.18 -17.43
C GLY M 644 -88.82 -40.26 -18.73
N THR M 645 -89.46 -40.52 -19.88
CA THR M 645 -88.77 -40.74 -21.16
C THR M 645 -87.96 -39.53 -21.63
N SER M 646 -88.44 -38.31 -21.39
CA SER M 646 -87.72 -37.06 -21.69
C SER M 646 -86.63 -36.73 -20.66
N SER M 647 -86.95 -36.85 -19.36
CA SER M 647 -86.12 -36.39 -18.22
C SER M 647 -86.50 -37.08 -16.90
N LYS M 648 -85.61 -37.05 -15.89
CA LYS M 648 -85.93 -37.51 -14.52
C LYS M 648 -86.66 -36.40 -13.73
N ARG M 649 -87.84 -36.75 -13.22
CA ARG M 649 -88.74 -35.84 -12.49
C ARG M 649 -88.68 -36.21 -11.01
N TYR M 650 -88.44 -35.21 -10.14
CA TYR M 650 -88.58 -35.36 -8.69
C TYR M 650 -90.06 -35.18 -8.31
N TYR M 651 -90.67 -36.20 -7.73
CA TYR M 651 -91.98 -36.08 -7.07
C TYR M 651 -91.81 -35.29 -5.78
N LYS M 652 -90.74 -35.60 -5.03
CA LYS M 652 -90.32 -34.85 -3.84
C LYS M 652 -88.80 -34.81 -3.78
N ARG M 653 -88.17 -33.68 -3.51
CA ARG M 653 -86.72 -33.54 -3.35
C ARG M 653 -86.39 -33.06 -1.96
N GLU M 654 -85.63 -33.85 -1.23
CA GLU M 654 -85.12 -33.57 0.11
C GLU M 654 -86.15 -32.97 1.07
N CYS M 655 -87.36 -33.52 1.05
CA CYS M 655 -88.39 -33.26 2.06
C CYS M 655 -88.01 -33.94 3.37
N PRO M 656 -88.27 -33.38 4.55
CA PRO M 656 -87.87 -34.02 5.79
C PRO M 656 -88.63 -35.31 6.03
N LEU M 657 -87.96 -36.33 6.56
CA LEU M 657 -88.49 -37.69 6.70
C LEU M 657 -88.93 -37.92 8.15
N PRO M 658 -90.19 -38.23 8.46
CA PRO M 658 -90.68 -38.32 9.83
C PRO M 658 -90.29 -39.60 10.58
N MET M 659 -89.31 -40.38 10.12
CA MET M 659 -88.80 -41.54 10.85
C MET M 659 -88.03 -41.11 12.11
N SER M 660 -88.12 -41.87 13.21
CA SER M 660 -87.32 -41.58 14.40
C SER M 660 -86.00 -42.35 14.44
N LEU M 661 -84.91 -41.63 14.70
CA LEU M 661 -83.55 -42.15 14.80
C LEU M 661 -83.33 -42.84 16.17
N PRO M 662 -82.40 -43.81 16.28
CA PRO M 662 -82.21 -44.55 17.51
C PRO M 662 -81.67 -43.69 18.64
N ASN M 663 -81.97 -44.04 19.89
CA ASN M 663 -81.42 -43.35 21.07
C ASN M 663 -79.94 -43.68 21.30
N LYS M 670 -77.61 -53.57 26.86
CA LYS M 670 -76.98 -52.64 25.95
C LYS M 670 -76.45 -53.36 24.72
N ASP M 671 -75.92 -54.58 24.87
CA ASP M 671 -75.06 -55.26 23.91
C ASP M 671 -75.68 -55.37 22.51
N ALA M 672 -76.95 -55.74 22.44
CA ALA M 672 -77.65 -55.95 21.18
C ALA M 672 -77.81 -54.66 20.39
N ASN M 673 -78.26 -53.61 21.07
CA ASN M 673 -78.40 -52.30 20.48
C ASN M 673 -77.04 -51.78 20.02
N LEU M 674 -76.04 -51.86 20.87
CA LEU M 674 -74.77 -51.22 20.59
C LEU M 674 -74.02 -51.88 19.43
N ASP M 675 -74.08 -53.21 19.31
CA ASP M 675 -73.56 -53.90 18.13
C ASP M 675 -74.27 -53.45 16.84
N TYR M 676 -75.59 -53.37 16.86
CA TYR M 676 -76.33 -53.00 15.68
C TYR M 676 -76.16 -51.53 15.29
N TYR M 677 -76.25 -50.61 16.24
CA TYR M 677 -76.11 -49.19 15.98
C TYR M 677 -74.66 -48.79 15.65
N ASN M 678 -73.64 -49.47 16.17
CA ASN M 678 -72.29 -49.28 15.63
C ASN M 678 -72.20 -49.73 14.17
N PHE M 679 -72.92 -50.77 13.75
CA PHE M 679 -73.00 -51.17 12.34
C PHE M 679 -73.82 -50.24 11.45
N ASN M 680 -74.89 -49.65 11.98
CA ASN M 680 -75.90 -48.92 11.23
C ASN M 680 -76.52 -47.80 12.08
N PRO M 681 -75.87 -46.62 12.19
CA PRO M 681 -76.23 -45.64 13.20
C PRO M 681 -77.52 -44.89 12.88
N MET M 682 -77.99 -44.92 11.63
CA MET M 682 -79.30 -44.38 11.26
C MET M 682 -80.46 -45.25 11.72
N GLY M 683 -80.22 -46.50 12.08
CA GLY M 683 -81.25 -47.41 12.55
C GLY M 683 -82.32 -47.79 11.54
N ILE M 684 -82.20 -47.44 10.25
CA ILE M 684 -83.10 -47.92 9.19
C ILE M 684 -82.85 -49.41 9.06
N LYS M 685 -83.83 -50.28 9.34
CA LYS M 685 -83.63 -51.72 9.20
C LYS M 685 -83.90 -52.18 7.79
N SER M 686 -84.85 -51.54 7.09
CA SER M 686 -85.03 -51.77 5.67
C SER M 686 -85.78 -50.63 5.00
N LEU M 687 -85.70 -50.59 3.68
CA LEU M 687 -86.16 -49.52 2.83
C LEU M 687 -86.61 -50.12 1.50
N PHE M 688 -87.87 -49.98 1.12
CA PHE M 688 -88.40 -50.70 -0.04
C PHE M 688 -89.64 -50.05 -0.64
N PHE M 689 -89.99 -50.41 -1.86
CA PHE M 689 -91.29 -50.07 -2.43
C PHE M 689 -92.32 -51.17 -2.17
N SER M 690 -93.57 -50.79 -1.95
CA SER M 690 -94.69 -51.74 -1.88
C SER M 690 -94.87 -52.50 -3.18
N SER M 691 -95.58 -53.62 -3.15
CA SER M 691 -95.93 -54.38 -4.35
C SER M 691 -96.67 -53.57 -5.41
N TYR M 692 -97.34 -52.47 -5.05
CA TYR M 692 -97.95 -51.50 -5.96
C TYR M 692 -97.16 -50.20 -6.15
N GLY M 693 -95.92 -50.15 -5.69
CA GLY M 693 -94.95 -49.09 -6.03
C GLY M 693 -95.00 -47.82 -5.20
N ASP M 694 -95.53 -47.88 -3.97
CA ASP M 694 -95.60 -46.78 -3.00
C ASP M 694 -94.50 -46.97 -1.94
N PRO M 695 -93.65 -45.97 -1.64
CA PRO M 695 -92.48 -46.15 -0.77
C PRO M 695 -92.83 -46.63 0.64
N CYS M 696 -91.93 -47.38 1.25
CA CYS M 696 -92.01 -47.83 2.63
C CYS M 696 -90.66 -47.71 3.31
N ILE M 697 -90.68 -47.55 4.62
CA ILE M 697 -89.47 -47.60 5.44
C ILE M 697 -89.77 -48.24 6.78
N PHE M 698 -88.81 -48.99 7.33
CA PHE M 698 -88.91 -49.57 8.66
C PHE M 698 -87.75 -49.08 9.51
N GLY M 699 -88.03 -48.39 10.60
CA GLY M 699 -87.04 -47.63 11.36
C GLY M 699 -86.58 -48.23 12.67
N SER M 700 -85.79 -47.47 13.43
CA SER M 700 -85.31 -47.89 14.75
C SER M 700 -86.43 -48.13 15.75
N ASP M 701 -87.53 -47.39 15.62
CA ASP M 701 -88.73 -47.43 16.46
C ASP M 701 -89.61 -48.66 16.19
N ASN M 702 -89.19 -49.55 15.30
CA ASN M 702 -89.95 -50.71 14.81
C ASN M 702 -91.30 -50.36 14.15
N THR M 703 -91.51 -49.12 13.72
CA THR M 703 -92.71 -48.76 12.97
C THR M 703 -92.48 -48.93 11.48
N LEU M 704 -93.52 -49.33 10.74
CA LEU M 704 -93.53 -49.33 9.29
C LEU M 704 -94.32 -48.13 8.82
N LEU M 705 -93.68 -47.25 8.05
CA LEU M 705 -94.32 -46.11 7.44
C LEU M 705 -94.52 -46.36 5.95
N LEU M 706 -95.61 -45.88 5.37
CA LEU M 706 -95.87 -45.95 3.94
C LEU M 706 -96.29 -44.57 3.41
N LEU M 707 -95.64 -44.07 2.38
CA LEU M 707 -95.94 -42.74 1.86
C LEU M 707 -97.18 -42.77 0.97
N SER M 708 -98.29 -42.21 1.41
CA SER M 708 -99.54 -42.12 0.66
C SER M 708 -99.63 -40.89 -0.22
N LYS M 709 -100.40 -40.92 -1.29
CA LYS M 709 -100.74 -39.80 -2.18
C LYS M 709 -99.58 -39.13 -2.92
N TRP M 710 -98.39 -39.69 -2.88
CA TRP M 710 -97.18 -39.04 -3.42
C TRP M 710 -97.20 -38.66 -4.90
N ARG M 711 -98.08 -39.26 -5.71
CA ARG M 711 -98.28 -38.90 -7.13
C ARG M 711 -98.85 -37.49 -7.33
N SER M 712 -99.26 -36.83 -6.26
CA SER M 712 -99.75 -35.44 -6.22
C SER M 712 -99.15 -34.74 -5.00
N PRO M 713 -97.97 -34.10 -5.10
CA PRO M 713 -97.10 -33.77 -3.97
C PRO M 713 -97.77 -33.06 -2.81
N GLU M 714 -98.68 -32.13 -3.13
CA GLU M 714 -99.43 -31.27 -2.21
C GLU M 714 -100.41 -32.01 -1.28
N GLU M 715 -100.62 -33.32 -1.46
CA GLU M 715 -101.51 -34.14 -0.64
C GLU M 715 -100.78 -35.30 0.07
N SER M 716 -99.46 -35.38 0.00
CA SER M 716 -98.68 -36.54 0.48
C SER M 716 -98.67 -36.71 2.00
N LYS M 717 -98.84 -37.93 2.51
CA LYS M 717 -98.83 -38.24 3.95
C LYS M 717 -98.02 -39.47 4.24
N TRP M 718 -97.15 -39.47 5.24
CA TRP M 718 -96.58 -40.70 5.76
C TRP M 718 -97.56 -41.36 6.72
N LEU M 719 -98.01 -42.56 6.39
CA LEU M 719 -98.94 -43.30 7.21
C LEU M 719 -98.17 -44.28 8.08
N PRO M 720 -98.33 -44.27 9.42
CA PRO M 720 -97.81 -45.34 10.25
C PRO M 720 -98.75 -46.53 10.15
N ILE M 721 -98.32 -47.62 9.53
CA ILE M 721 -99.15 -48.82 9.27
C ILE M 721 -98.74 -50.06 10.04
N LEU M 722 -97.67 -50.02 10.82
CA LEU M 722 -97.45 -50.93 11.93
C LEU M 722 -96.78 -50.19 13.08
N ASP M 723 -97.20 -50.46 14.31
CA ASP M 723 -96.31 -50.34 15.47
C ASP M 723 -95.94 -51.79 15.78
N SER M 724 -94.84 -52.30 15.25
CA SER M 724 -94.62 -53.76 15.22
C SER M 724 -94.50 -54.38 16.60
N ASN M 725 -93.94 -53.65 17.58
CA ASN M 725 -93.89 -54.09 18.97
C ASN M 725 -95.28 -54.43 19.51
N MET M 726 -96.33 -53.79 19.01
CA MET M 726 -97.70 -53.97 19.45
C MET M 726 -98.32 -55.26 18.92
N GLU M 727 -98.07 -55.65 17.67
CA GLU M 727 -98.42 -57.01 17.28
C GLU M 727 -97.66 -58.06 18.07
N ILE M 728 -96.37 -57.87 18.34
CA ILE M 728 -95.64 -58.85 19.16
C ILE M 728 -96.24 -58.94 20.57
N TRP M 729 -96.59 -57.82 21.21
CA TRP M 729 -97.19 -57.81 22.53
C TRP M 729 -98.56 -58.49 22.53
N LYS M 730 -99.37 -58.24 21.50
CA LYS M 730 -100.65 -58.92 21.23
C LYS M 730 -100.49 -60.42 21.00
N MET M 731 -99.61 -60.85 20.11
CA MET M 731 -99.36 -62.27 19.84
C MET M 731 -98.74 -63.00 21.03
N SER M 732 -98.01 -62.29 21.90
CA SER M 732 -97.52 -62.83 23.18
C SER M 732 -98.62 -63.05 24.23
N GLY M 733 -99.86 -62.63 23.96
CA GLY M 733 -100.97 -62.68 24.91
C GLY M 733 -100.94 -61.57 25.97
N GLY M 734 -100.43 -60.40 25.62
CA GLY M 734 -100.34 -59.26 26.53
C GLY M 734 -99.16 -59.35 27.47
N LYS M 735 -97.98 -59.62 26.89
CA LYS M 735 -96.69 -59.58 27.58
C LYS M 735 -95.65 -58.87 26.71
N GLU M 736 -94.76 -58.13 27.35
CA GLU M 736 -93.48 -57.73 26.76
C GLU M 736 -92.58 -58.94 26.45
N THR M 737 -91.60 -58.78 25.56
CA THR M 737 -90.56 -59.78 25.29
C THR M 737 -89.26 -59.15 24.80
N THR M 738 -88.13 -59.63 25.28
CA THR M 738 -86.79 -59.32 24.75
C THR M 738 -86.35 -60.33 23.69
N ASP M 739 -87.17 -61.35 23.42
CA ASP M 739 -86.79 -62.59 22.77
C ASP M 739 -87.69 -62.90 21.55
N ILE M 740 -88.43 -61.91 21.05
CA ILE M 740 -88.95 -61.87 19.68
C ILE M 740 -88.68 -60.49 19.09
N HIS M 741 -88.20 -60.45 17.87
CA HIS M 741 -87.92 -59.26 17.06
C HIS M 741 -88.28 -59.56 15.61
N VAL M 742 -88.65 -58.55 14.81
CA VAL M 742 -89.10 -58.75 13.43
C VAL M 742 -88.24 -57.95 12.46
N TRP M 743 -87.84 -58.65 11.40
CA TRP M 743 -86.99 -58.18 10.33
C TRP M 743 -87.81 -58.10 9.05
N PRO M 744 -87.96 -56.93 8.45
CA PRO M 744 -88.85 -56.76 7.32
C PRO M 744 -88.16 -57.19 6.02
N LEU M 745 -88.85 -57.94 5.17
CA LEU M 745 -88.37 -58.23 3.84
C LEU M 745 -89.09 -57.37 2.79
N ALA M 746 -90.41 -57.33 2.79
CA ALA M 746 -91.19 -56.47 1.88
C ALA M 746 -92.69 -56.36 2.22
N LEU M 747 -93.41 -55.41 1.64
CA LEU M 747 -94.86 -55.27 1.81
C LEU M 747 -95.62 -55.66 0.55
N ALA M 748 -96.44 -56.70 0.63
CA ALA M 748 -97.35 -57.13 -0.42
C ALA M 748 -98.78 -56.77 -0.03
N TYR M 749 -99.33 -55.71 -0.66
CA TYR M 749 -100.65 -55.15 -0.38
C TYR M 749 -100.90 -54.84 1.12
N ASP M 750 -101.58 -55.73 1.84
CA ASP M 750 -102.02 -55.61 3.22
C ASP M 750 -101.14 -56.41 4.19
N THR M 751 -100.03 -56.98 3.71
CA THR M 751 -99.23 -57.93 4.48
C THR M 751 -97.73 -57.69 4.35
N LEU M 752 -97.03 -57.61 5.47
CA LEU M 752 -95.59 -57.51 5.58
C LEU M 752 -94.98 -58.91 5.60
N ASN M 753 -94.31 -59.25 4.52
CA ASN M 753 -93.43 -60.40 4.38
C ASN M 753 -92.17 -60.14 5.17
N CYS M 754 -91.86 -61.01 6.11
CA CYS M 754 -90.90 -60.73 7.15
C CYS M 754 -90.36 -62.00 7.76
N ILE M 755 -89.37 -61.82 8.63
CA ILE M 755 -88.66 -62.86 9.33
C ILE M 755 -88.72 -62.48 10.79
N LEU M 756 -88.83 -63.49 11.65
CA LEU M 756 -89.06 -63.35 13.09
C LEU M 756 -87.98 -64.15 13.77
N VAL M 757 -87.31 -63.53 14.74
CA VAL M 757 -86.05 -64.00 15.33
C VAL M 757 -86.11 -63.95 16.85
N LYS M 758 -85.52 -64.96 17.52
CA LYS M 758 -85.48 -65.06 18.98
C LYS M 758 -84.01 -65.14 19.40
N GLY M 759 -83.58 -64.20 20.23
CA GLY M 759 -82.17 -63.81 20.34
C GLY M 759 -81.83 -63.04 21.60
N LYS M 760 -80.62 -63.20 22.14
CA LYS M 760 -80.03 -62.08 22.91
C LYS M 760 -79.83 -60.85 22.00
N HIS M 761 -79.69 -61.07 20.69
CA HIS M 761 -79.55 -60.06 19.61
C HIS M 761 -80.86 -59.83 18.82
N ILE M 762 -80.93 -58.71 18.09
CA ILE M 762 -82.14 -58.23 17.37
C ILE M 762 -82.21 -58.56 15.87
N TRP M 763 -81.14 -59.06 15.25
CA TRP M 763 -81.08 -59.35 13.80
C TRP M 763 -80.98 -60.87 13.52
N PRO M 764 -81.43 -61.38 12.36
CA PRO M 764 -81.44 -62.80 12.03
C PRO M 764 -80.11 -63.55 12.18
N GLU M 765 -80.18 -64.87 12.36
CA GLU M 765 -79.04 -65.79 12.47
C GLU M 765 -78.80 -66.58 11.15
N PHE M 766 -77.70 -67.32 11.00
CA PHE M 766 -77.38 -68.11 9.80
C PHE M 766 -78.46 -69.11 9.32
N PRO M 767 -79.02 -70.02 10.13
CA PRO M 767 -80.04 -70.95 9.67
C PRO M 767 -81.39 -70.23 9.53
N LEU M 768 -81.52 -69.44 8.47
CA LEU M 768 -82.51 -68.39 8.27
C LEU M 768 -83.96 -68.91 8.37
N PRO M 769 -84.84 -68.33 9.19
CA PRO M 769 -86.24 -68.74 9.27
C PRO M 769 -86.97 -68.69 7.93
N LEU M 770 -88.01 -69.50 7.77
CA LEU M 770 -88.89 -69.46 6.61
C LEU M 770 -89.70 -68.16 6.61
N PRO M 771 -89.70 -67.36 5.53
CA PRO M 771 -90.35 -66.06 5.53
C PRO M 771 -91.82 -66.13 5.90
N SER M 772 -92.14 -65.45 6.99
CA SER M 772 -93.44 -65.40 7.64
C SER M 772 -94.29 -64.25 7.13
N GLU M 773 -95.51 -64.06 7.64
CA GLU M 773 -96.35 -62.91 7.27
C GLU M 773 -96.99 -62.21 8.46
N MET M 774 -96.89 -60.88 8.49
CA MET M 774 -97.65 -60.00 9.38
C MET M 774 -98.69 -59.22 8.59
N GLU M 775 -99.95 -59.40 8.88
CA GLU M 775 -101.03 -58.55 8.38
C GLU M 775 -100.93 -57.15 9.00
N ILE M 776 -101.08 -56.11 8.18
CA ILE M 776 -100.98 -54.68 8.54
C ILE M 776 -102.01 -54.30 9.60
N ARG M 777 -101.58 -53.59 10.65
CA ARG M 777 -102.41 -53.13 11.78
C ARG M 777 -102.14 -51.65 12.06
N MET M 778 -103.12 -50.77 11.79
CA MET M 778 -103.03 -49.34 12.16
C MET M 778 -102.88 -49.19 13.68
N PRO M 779 -102.14 -48.19 14.20
CA PRO M 779 -101.86 -48.02 15.62
C PRO M 779 -103.00 -47.30 16.36
N VAL M 780 -104.14 -47.95 16.54
CA VAL M 780 -105.33 -47.42 17.25
C VAL M 780 -105.72 -48.27 18.47
N PHE M 781 -104.72 -48.88 19.12
CA PHE M 781 -104.88 -49.75 20.28
C PHE M 781 -104.16 -49.19 21.50
N VAL M 782 -104.83 -49.09 22.64
CA VAL M 782 -104.27 -48.54 23.87
C VAL M 782 -103.85 -49.68 24.81
N LYS M 783 -102.56 -49.80 25.13
CA LYS M 783 -102.01 -50.96 25.85
C LYS M 783 -102.67 -51.18 27.20
N SER M 784 -102.79 -50.12 27.99
CA SER M 784 -103.41 -50.15 29.33
C SER M 784 -104.89 -50.54 29.30
N LYS M 785 -105.62 -50.21 28.23
CA LYS M 785 -107.01 -50.60 28.06
C LYS M 785 -107.13 -52.08 27.71
N LEU M 786 -106.28 -52.60 26.83
CA LEU M 786 -106.36 -54.01 26.43
C LEU M 786 -106.08 -54.96 27.60
N LEU M 787 -105.07 -54.69 28.42
CA LEU M 787 -104.82 -55.52 29.60
C LEU M 787 -105.93 -55.39 30.65
N GLU M 788 -106.53 -54.21 30.79
CA GLU M 788 -107.64 -53.97 31.73
C GLU M 788 -108.94 -54.65 31.28
N GLU M 789 -109.23 -54.67 29.97
CA GLU M 789 -110.28 -55.48 29.33
C GLU M 789 -110.04 -56.98 29.58
N ASN M 790 -108.80 -57.43 29.47
CA ASN M 790 -108.40 -58.82 29.69
C ASN M 790 -108.00 -59.05 31.15
N GLU M 814 -103.08 -65.23 23.52
CA GLU M 814 -104.26 -64.54 23.00
C GLU M 814 -104.56 -63.24 23.74
N ILE M 815 -104.88 -62.15 23.02
CA ILE M 815 -105.65 -61.01 23.54
C ILE M 815 -107.01 -60.95 22.85
N GLN M 816 -108.07 -60.83 23.65
CA GLN M 816 -109.41 -60.52 23.17
C GLN M 816 -109.57 -58.99 23.09
N ILE M 817 -109.71 -58.46 21.88
CA ILE M 817 -109.88 -57.01 21.60
C ILE M 817 -111.33 -56.57 21.87
N PRO M 818 -111.59 -55.44 22.56
CA PRO M 818 -112.94 -54.91 22.70
C PRO M 818 -113.43 -54.43 21.35
N VAL M 819 -114.58 -54.94 20.90
CA VAL M 819 -114.88 -54.98 19.45
C VAL M 819 -115.08 -53.61 18.81
N SER M 820 -115.38 -52.56 19.57
CA SER M 820 -115.37 -51.20 19.02
C SER M 820 -113.96 -50.74 18.64
N MET M 821 -112.92 -51.15 19.38
CA MET M 821 -111.51 -50.88 19.07
C MET M 821 -110.98 -51.78 17.94
N ALA M 822 -111.63 -52.92 17.68
CA ALA M 822 -111.48 -53.66 16.43
C ALA M 822 -112.14 -52.95 15.24
N ALA M 823 -113.37 -52.46 15.39
CA ALA M 823 -114.07 -51.74 14.34
C ALA M 823 -113.39 -50.42 13.97
N GLU M 824 -112.85 -49.71 14.97
CA GLU M 824 -112.06 -48.49 14.81
C GLU M 824 -110.84 -48.69 13.93
N GLU M 825 -110.12 -49.80 14.08
CA GLU M 825 -109.08 -50.16 13.11
C GLU M 825 -109.67 -50.53 11.76
N GLU M 826 -110.68 -51.39 11.69
CA GLU M 826 -111.15 -51.97 10.43
C GLU M 826 -111.63 -50.89 9.45
N TYR M 827 -112.32 -49.89 9.97
CA TYR M 827 -112.69 -48.70 9.24
C TYR M 827 -111.47 -47.89 8.81
N LEU M 828 -110.54 -47.58 9.72
CA LEU M 828 -109.39 -46.76 9.40
C LEU M 828 -108.44 -47.43 8.40
N ARG M 829 -108.13 -48.71 8.59
CA ARG M 829 -107.25 -49.47 7.72
C ARG M 829 -107.84 -49.61 6.33
N SER M 830 -109.13 -49.87 6.23
CA SER M 830 -109.76 -49.98 4.93
C SER M 830 -109.76 -48.65 4.18
N LYS M 831 -109.92 -47.53 4.90
CA LYS M 831 -109.86 -46.17 4.34
C LYS M 831 -108.52 -45.89 3.67
N VAL M 832 -107.41 -46.23 4.32
CA VAL M 832 -106.08 -46.02 3.70
C VAL M 832 -105.84 -46.96 2.53
N LEU M 833 -106.12 -48.25 2.64
CA LEU M 833 -105.89 -49.18 1.53
C LEU M 833 -106.73 -48.81 0.31
N SER M 834 -107.94 -48.32 0.52
CA SER M 834 -108.85 -47.86 -0.53
C SER M 834 -108.21 -46.74 -1.33
N GLU M 835 -107.66 -45.73 -0.65
CA GLU M 835 -107.00 -44.60 -1.30
C GLU M 835 -105.65 -44.95 -1.93
N LEU M 836 -104.92 -45.92 -1.41
CA LEU M 836 -103.68 -46.41 -2.00
C LEU M 836 -103.94 -47.22 -3.28
N LEU M 837 -104.89 -48.16 -3.27
CA LEU M 837 -105.16 -48.95 -4.46
C LEU M 837 -105.77 -48.09 -5.57
N THR M 838 -106.78 -47.27 -5.25
CA THR M 838 -107.38 -46.36 -6.23
C THR M 838 -106.36 -45.44 -6.89
N ASP M 839 -105.41 -44.89 -6.13
CA ASP M 839 -104.34 -44.03 -6.65
C ASP M 839 -103.47 -44.74 -7.69
N THR M 840 -103.22 -46.04 -7.52
CA THR M 840 -102.46 -46.82 -8.50
C THR M 840 -103.31 -47.27 -9.68
N LEU M 841 -104.53 -47.73 -9.45
CA LEU M 841 -105.42 -48.23 -10.51
C LEU M 841 -105.74 -47.16 -11.54
N GLU M 842 -105.94 -45.90 -11.15
CA GLU M 842 -106.21 -44.81 -12.10
C GLU M 842 -104.95 -44.21 -12.74
N ASN M 843 -103.78 -44.79 -12.51
CA ASN M 843 -102.51 -44.22 -12.96
C ASN M 843 -101.60 -45.24 -13.67
N ASP M 844 -101.37 -46.39 -13.06
CA ASP M 844 -100.48 -47.45 -13.50
C ASP M 844 -101.28 -48.70 -13.92
N GLY M 845 -102.57 -48.56 -14.22
CA GLY M 845 -103.43 -49.65 -14.65
C GLY M 845 -103.50 -50.80 -13.65
N GLU M 846 -103.52 -52.03 -14.16
CA GLU M 846 -103.48 -53.26 -13.36
C GLU M 846 -102.14 -53.98 -13.48
N MET M 847 -101.50 -54.24 -12.34
CA MET M 847 -100.24 -54.97 -12.24
C MET M 847 -100.44 -56.48 -12.35
N TYR M 848 -101.48 -56.99 -11.69
CA TYR M 848 -101.67 -58.41 -11.39
C TYR M 848 -103.13 -58.87 -11.60
N GLY M 849 -104.05 -57.97 -11.91
CA GLY M 849 -105.40 -58.26 -12.39
C GLY M 849 -106.47 -58.53 -11.35
N ASN M 850 -106.11 -58.96 -10.13
CA ASN M 850 -107.06 -59.14 -9.03
C ASN M 850 -107.54 -57.79 -8.44
N GLU M 851 -106.83 -56.73 -8.73
CA GLU M 851 -106.82 -55.44 -8.04
C GLU M 851 -108.15 -54.68 -8.03
N ASN M 852 -108.86 -54.60 -9.15
CA ASN M 852 -110.17 -53.94 -9.17
C ASN M 852 -111.25 -54.73 -8.41
N GLU M 853 -111.09 -56.04 -8.29
CA GLU M 853 -111.97 -56.87 -7.47
C GLU M 853 -111.74 -56.62 -5.98
N VAL M 854 -110.47 -56.48 -5.58
CA VAL M 854 -110.05 -56.17 -4.22
C VAL M 854 -110.65 -54.85 -3.73
N LEU M 855 -110.70 -53.78 -4.56
CA LEU M 855 -111.36 -52.52 -4.20
C LEU M 855 -112.83 -52.69 -3.79
N ALA M 856 -113.59 -53.43 -4.58
CA ALA M 856 -115.01 -53.68 -4.33
C ALA M 856 -115.23 -54.48 -3.03
N ALA M 857 -114.35 -55.44 -2.73
CA ALA M 857 -114.36 -56.14 -1.45
C ALA M 857 -113.98 -55.23 -0.28
N LEU M 858 -113.14 -54.22 -0.53
CA LEU M 858 -112.59 -53.31 0.48
C LEU M 858 -113.57 -52.21 0.90
N ASN M 859 -114.34 -51.65 -0.03
CA ASN M 859 -115.51 -50.81 0.28
C ASN M 859 -116.51 -51.54 1.19
N GLY M 860 -116.71 -52.84 0.95
CA GLY M 860 -117.58 -53.66 1.80
C GLY M 860 -117.05 -53.86 3.21
N ALA M 861 -115.73 -54.00 3.41
CA ALA M 861 -115.15 -54.05 4.75
C ALA M 861 -115.27 -52.70 5.50
N TYR M 862 -115.00 -51.60 4.81
CA TYR M 862 -115.12 -50.24 5.34
C TYR M 862 -116.54 -49.94 5.82
N ASP M 863 -117.57 -50.25 5.02
CA ASP M 863 -118.96 -50.07 5.42
C ASP M 863 -119.35 -50.95 6.61
N LYS M 864 -118.87 -52.20 6.68
CA LYS M 864 -119.19 -53.12 7.77
C LYS M 864 -118.73 -52.57 9.12
N ALA M 865 -117.50 -52.04 9.16
CA ALA M 865 -116.98 -51.38 10.34
C ALA M 865 -117.76 -50.12 10.72
N LEU M 866 -118.14 -49.27 9.75
CA LEU M 866 -118.95 -48.09 10.06
C LEU M 866 -120.30 -48.45 10.66
N LEU M 867 -120.97 -49.49 10.16
CA LEU M 867 -122.25 -49.94 10.72
C LEU M 867 -122.06 -50.60 12.09
N ARG M 868 -120.89 -51.20 12.38
CA ARG M 868 -120.57 -51.67 13.74
C ARG M 868 -120.34 -50.53 14.73
N LEU M 869 -119.66 -49.46 14.33
CA LEU M 869 -119.57 -48.23 15.13
C LEU M 869 -120.94 -47.58 15.32
N PHE M 870 -121.77 -47.55 14.28
CA PHE M 870 -123.12 -46.97 14.31
C PHE M 870 -124.02 -47.66 15.33
N ALA M 871 -123.96 -48.99 15.43
CA ALA M 871 -124.65 -49.73 16.48
C ALA M 871 -124.15 -49.36 17.89
N SER M 872 -122.85 -49.20 18.07
CA SER M 872 -122.26 -48.74 19.33
C SER M 872 -122.71 -47.31 19.70
N ALA M 873 -122.79 -46.40 18.73
CA ALA M 873 -123.30 -45.04 18.89
C ALA M 873 -124.81 -44.99 19.19
N CYS M 874 -125.62 -45.83 18.54
CA CYS M 874 -127.02 -46.00 18.89
C CYS M 874 -127.18 -46.56 20.31
N SER M 875 -126.31 -47.47 20.72
CA SER M 875 -126.33 -48.01 22.09
C SER M 875 -126.00 -46.95 23.16
N ASP M 876 -125.31 -45.87 22.79
CA ASP M 876 -125.06 -44.69 23.63
C ASP M 876 -126.23 -43.70 23.66
N GLN M 877 -127.22 -43.88 22.77
CA GLN M 877 -128.28 -42.93 22.42
C GLN M 877 -127.72 -41.60 21.85
N ASN M 878 -126.47 -41.63 21.38
CA ASN M 878 -125.77 -40.49 20.83
C ASN M 878 -126.16 -40.28 19.36
N VAL M 879 -127.23 -39.51 19.12
CA VAL M 879 -127.76 -39.22 17.78
C VAL M 879 -126.71 -38.57 16.91
N GLU M 880 -126.06 -37.51 17.39
CA GLU M 880 -125.14 -36.70 16.61
C GLU M 880 -123.92 -37.52 16.12
N LYS M 881 -123.34 -38.36 16.98
CA LYS M 881 -122.25 -39.27 16.58
C LYS M 881 -122.69 -40.25 15.52
N ALA M 882 -123.83 -40.92 15.72
CA ALA M 882 -124.35 -41.88 14.77
C ALA M 882 -124.66 -41.24 13.41
N LEU M 883 -125.19 -40.02 13.39
CA LEU M 883 -125.45 -39.31 12.14
C LEU M 883 -124.16 -38.95 11.39
N SER M 884 -123.05 -38.65 12.07
CA SER M 884 -121.79 -38.44 11.36
C SER M 884 -121.29 -39.70 10.66
N LEU M 885 -121.34 -40.87 11.30
CA LEU M 885 -120.98 -42.14 10.66
C LEU M 885 -121.88 -42.42 9.46
N ALA M 886 -123.15 -42.05 9.54
CA ALA M 886 -124.09 -42.20 8.44
C ALA M 886 -123.74 -41.34 7.21
N HIS M 887 -123.11 -40.17 7.39
CA HIS M 887 -122.52 -39.45 6.26
C HIS M 887 -121.37 -40.22 5.62
N GLU M 888 -120.52 -40.89 6.39
CA GLU M 888 -119.25 -41.45 5.88
C GLU M 888 -119.32 -42.83 5.19
N LEU M 889 -120.50 -43.41 4.98
CA LEU M 889 -120.68 -44.67 4.24
C LEU M 889 -120.23 -44.53 2.77
N LYS M 890 -119.60 -45.56 2.16
CA LYS M 890 -119.20 -45.49 0.74
C LYS M 890 -120.40 -45.58 -0.21
N GLN M 891 -121.36 -46.46 0.07
CA GLN M 891 -122.35 -46.87 -0.94
C GLN M 891 -123.74 -47.24 -0.41
N ASP M 892 -124.71 -47.20 -1.33
CA ASP M 892 -126.16 -47.02 -1.12
C ASP M 892 -126.79 -48.07 -0.20
N ARG M 893 -126.47 -49.35 -0.40
CA ARG M 893 -127.07 -50.44 0.37
C ARG M 893 -126.82 -50.36 1.88
N ALA M 894 -125.69 -49.82 2.33
CA ALA M 894 -125.35 -49.71 3.75
C ALA M 894 -126.25 -48.71 4.52
N LEU M 895 -126.94 -47.81 3.82
CA LEU M 895 -127.97 -46.97 4.44
C LEU M 895 -129.18 -47.78 4.94
N THR M 896 -129.41 -48.99 4.45
CA THR M 896 -130.48 -49.87 4.95
C THR M 896 -130.21 -50.32 6.38
N ALA M 897 -128.99 -50.77 6.67
CA ALA M 897 -128.60 -51.14 8.02
C ALA M 897 -128.62 -49.93 8.97
N ALA M 898 -128.30 -48.74 8.47
CA ALA M 898 -128.39 -47.54 9.27
C ALA M 898 -129.83 -47.25 9.73
N VAL M 899 -130.83 -47.38 8.85
CA VAL M 899 -132.24 -47.32 9.29
C VAL M 899 -132.61 -48.49 10.20
N LYS M 900 -132.31 -49.75 9.83
CA LYS M 900 -132.67 -50.93 10.63
C LYS M 900 -132.15 -50.88 12.07
N ILE M 901 -130.90 -50.47 12.27
CA ILE M 901 -130.29 -50.37 13.61
C ILE M 901 -130.88 -49.20 14.40
N SER M 902 -131.14 -48.06 13.75
CA SER M 902 -131.77 -46.91 14.42
C SER M 902 -133.26 -47.11 14.71
N GLU M 903 -134.00 -47.87 13.89
CA GLU M 903 -135.34 -48.39 14.20
C GLU M 903 -135.30 -49.31 15.43
N ARG M 904 -134.40 -50.29 15.42
CA ARG M 904 -134.21 -51.30 16.48
C ARG M 904 -133.83 -50.67 17.82
N ALA M 905 -132.97 -49.67 17.78
CA ALA M 905 -132.60 -48.83 18.92
C ALA M 905 -133.63 -47.75 19.31
N GLU M 906 -134.85 -47.79 18.74
CA GLU M 906 -135.96 -46.87 19.02
C GLU M 906 -135.57 -45.39 18.87
N LEU M 907 -134.79 -45.06 17.83
CA LEU M 907 -134.18 -43.76 17.56
C LEU M 907 -134.49 -43.23 16.14
N PRO M 908 -135.77 -43.06 15.77
CA PRO M 908 -136.15 -42.63 14.41
C PRO M 908 -135.79 -41.18 14.09
N SER M 909 -135.35 -40.39 15.07
CA SER M 909 -134.72 -39.08 14.85
C SER M 909 -133.49 -39.18 13.92
N LEU M 910 -132.76 -40.30 13.94
CA LEU M 910 -131.76 -40.59 12.92
C LEU M 910 -132.40 -40.86 11.56
N VAL M 911 -133.42 -41.71 11.47
CA VAL M 911 -134.06 -42.11 10.21
C VAL M 911 -134.59 -40.92 9.42
N LYS M 912 -135.20 -39.96 10.12
CA LYS M 912 -135.71 -38.71 9.55
C LYS M 912 -134.64 -37.84 8.87
N LYS M 913 -133.38 -37.92 9.31
CA LYS M 913 -132.22 -37.30 8.65
C LYS M 913 -131.61 -38.24 7.61
N ILE M 914 -131.39 -39.51 7.93
CA ILE M 914 -130.71 -40.49 7.09
C ILE M 914 -131.44 -40.73 5.78
N ASN M 915 -132.77 -40.79 5.77
CA ASN M 915 -133.53 -40.85 4.53
C ASN M 915 -133.25 -39.63 3.62
N ASN M 916 -133.11 -38.43 4.17
CA ASN M 916 -132.74 -37.24 3.42
C ASN M 916 -131.35 -37.38 2.76
N ILE M 917 -130.37 -37.97 3.47
CA ILE M 917 -129.05 -38.28 2.90
C ILE M 917 -129.18 -39.23 1.72
N ARG M 918 -129.93 -40.33 1.90
CA ARG M 918 -130.13 -41.37 0.87
C ARG M 918 -130.79 -40.81 -0.38
N GLU M 919 -131.88 -40.06 -0.20
CA GLU M 919 -132.65 -39.47 -1.29
C GLU M 919 -131.84 -38.43 -2.09
N ALA M 920 -131.04 -37.60 -1.41
CA ALA M 920 -130.10 -36.72 -2.08
C ALA M 920 -129.03 -37.50 -2.85
N ARG M 921 -128.45 -38.54 -2.24
CA ARG M 921 -127.36 -39.36 -2.80
C ARG M 921 -127.75 -40.16 -4.04
N TYR M 922 -128.97 -40.71 -4.11
CA TYR M 922 -129.41 -41.49 -5.28
C TYR M 922 -130.01 -40.64 -6.41
N GLU M 923 -130.73 -39.55 -6.11
CA GLU M 923 -131.23 -38.64 -7.16
C GLU M 923 -130.11 -37.79 -7.78
N GLN M 924 -129.10 -37.42 -7.00
CA GLN M 924 -128.05 -36.48 -7.37
C GLN M 924 -126.68 -36.96 -6.90
N LYS N 473 -81.26 -34.83 23.46
CA LYS N 473 -81.52 -34.57 24.86
C LYS N 473 -82.64 -33.55 25.10
N PHE N 474 -83.33 -33.09 24.06
CA PHE N 474 -84.44 -32.12 24.18
C PHE N 474 -85.66 -32.76 24.86
N ARG N 475 -86.35 -32.01 25.74
CA ARG N 475 -87.59 -32.45 26.41
C ARG N 475 -88.82 -31.70 25.91
N TYR N 476 -89.77 -32.44 25.38
CA TYR N 476 -90.99 -31.93 24.74
C TYR N 476 -92.09 -31.59 25.75
N MET N 477 -91.99 -30.42 26.39
CA MET N 477 -93.03 -29.92 27.30
C MET N 477 -94.38 -29.72 26.59
N PRO N 478 -95.52 -29.92 27.27
CA PRO N 478 -96.83 -29.65 26.72
C PRO N 478 -97.06 -28.15 26.49
N PHE N 479 -97.68 -27.79 25.38
CA PHE N 479 -97.94 -26.42 24.95
C PHE N 479 -99.43 -26.15 24.78
N SER N 480 -99.88 -25.00 25.23
CA SER N 480 -101.19 -24.45 24.89
C SER N 480 -101.09 -22.94 24.67
N PRO N 481 -101.87 -22.36 23.74
CA PRO N 481 -101.69 -20.97 23.34
C PRO N 481 -101.92 -20.03 24.51
N ALA N 482 -100.94 -19.17 24.76
CA ALA N 482 -100.93 -18.16 25.82
C ALA N 482 -101.02 -18.71 27.25
N GLY N 483 -100.80 -20.00 27.47
CA GLY N 483 -100.70 -20.60 28.80
C GLY N 483 -99.47 -20.14 29.58
N THR N 484 -99.47 -20.31 30.90
CA THR N 484 -98.43 -19.79 31.80
C THR N 484 -97.87 -20.89 32.70
N PRO N 485 -96.67 -20.74 33.28
CA PRO N 485 -96.19 -21.63 34.32
C PRO N 485 -97.02 -21.52 35.60
N PHE N 486 -96.82 -22.45 36.54
CA PHE N 486 -97.12 -22.22 37.96
C PHE N 486 -96.04 -21.36 38.64
N GLY N 487 -94.76 -21.60 38.36
CA GLY N 487 -93.68 -21.11 39.23
C GLY N 487 -93.86 -21.63 40.66
N PHE N 488 -93.61 -20.80 41.66
CA PHE N 488 -93.90 -21.08 43.08
C PHE N 488 -95.35 -20.68 43.50
N THR N 489 -96.25 -20.40 42.55
CA THR N 489 -97.65 -19.99 42.77
C THR N 489 -98.62 -21.09 42.34
N ASP N 490 -99.60 -21.45 43.16
CA ASP N 490 -100.53 -22.56 42.86
C ASP N 490 -101.62 -22.28 41.82
N ARG N 491 -101.69 -21.07 41.27
CA ARG N 491 -102.59 -20.67 40.19
C ARG N 491 -101.84 -20.60 38.86
N ARG N 492 -102.46 -21.11 37.81
CA ARG N 492 -101.94 -21.15 36.43
C ARG N 492 -103.05 -20.94 35.41
N TYR N 493 -102.71 -20.41 34.24
CA TYR N 493 -103.57 -20.43 33.05
C TYR N 493 -103.13 -21.52 32.08
N LEU N 494 -104.07 -22.29 31.54
CA LEU N 494 -103.79 -23.27 30.50
C LEU N 494 -103.75 -22.60 29.13
N THR N 495 -104.73 -21.76 28.82
CA THR N 495 -104.80 -21.05 27.54
C THR N 495 -105.57 -19.75 27.73
N MET N 496 -105.30 -18.78 26.85
CA MET N 496 -106.09 -17.59 26.67
C MET N 496 -106.32 -17.34 25.18
N ASN N 497 -107.50 -16.90 24.86
CA ASN N 497 -107.95 -16.61 23.51
C ASN N 497 -108.84 -15.35 23.60
N GLU N 498 -109.15 -14.70 22.48
CA GLU N 498 -110.17 -13.65 22.43
C GLU N 498 -111.55 -14.11 22.92
N VAL N 499 -111.80 -15.43 22.98
CA VAL N 499 -113.03 -16.03 23.53
C VAL N 499 -113.06 -16.03 25.06
N GLY N 500 -111.93 -16.24 25.71
CA GLY N 500 -111.82 -16.33 27.16
C GLY N 500 -110.49 -16.88 27.60
N TYR N 501 -110.38 -17.26 28.86
CA TYR N 501 -109.21 -17.93 29.39
C TYR N 501 -109.60 -19.12 30.23
N VAL N 502 -108.69 -20.07 30.36
CA VAL N 502 -108.87 -21.27 31.16
C VAL N 502 -107.77 -21.32 32.20
N SER N 503 -108.11 -21.62 33.44
CA SER N 503 -107.17 -21.56 34.55
C SER N 503 -107.39 -22.69 35.53
N THR N 504 -106.37 -22.94 36.35
CA THR N 504 -106.32 -24.07 37.28
C THR N 504 -105.72 -23.66 38.62
N VAL N 505 -106.09 -24.40 39.66
CA VAL N 505 -105.45 -24.28 40.98
C VAL N 505 -105.35 -25.63 41.67
N LYS N 506 -104.22 -25.89 42.34
CA LYS N 506 -103.81 -27.19 42.90
C LYS N 506 -104.38 -27.49 44.29
N ASN N 507 -105.69 -27.67 44.43
CA ASN N 507 -106.29 -28.02 45.72
C ASN N 507 -106.01 -29.49 46.12
N SER N 508 -104.92 -29.68 46.88
CA SER N 508 -104.43 -30.97 47.37
C SER N 508 -104.14 -31.97 46.23
N GLU N 509 -104.90 -33.07 46.14
CA GLU N 509 -104.66 -34.18 45.21
C GLU N 509 -105.46 -34.09 43.90
N GLN N 510 -106.16 -32.98 43.68
CA GLN N 510 -106.84 -32.67 42.43
C GLN N 510 -106.60 -31.23 42.02
N TYR N 511 -107.14 -30.85 40.87
CA TYR N 511 -107.08 -29.50 40.33
C TYR N 511 -108.50 -28.97 40.14
N SER N 512 -108.74 -27.71 40.43
CA SER N 512 -109.99 -27.04 40.09
C SER N 512 -109.80 -26.27 38.79
N ILE N 513 -110.66 -26.47 37.80
CA ILE N 513 -110.58 -25.91 36.45
C ILE N 513 -111.66 -24.84 36.30
N THR N 514 -111.29 -23.67 35.77
CA THR N 514 -112.25 -22.58 35.53
C THR N 514 -112.17 -22.11 34.09
N VAL N 515 -113.30 -22.01 33.42
CA VAL N 515 -113.43 -21.44 32.08
C VAL N 515 -114.10 -20.08 32.20
N SER N 516 -113.43 -19.01 31.79
CA SER N 516 -113.86 -17.63 32.02
C SER N 516 -113.86 -16.84 30.71
N PHE N 517 -115.03 -16.52 30.19
CA PHE N 517 -115.21 -15.87 28.89
C PHE N 517 -114.90 -14.37 28.95
N PHE N 518 -114.50 -13.75 27.83
CA PHE N 518 -114.41 -12.30 27.73
C PHE N 518 -115.71 -11.68 27.19
N ASP N 519 -116.37 -12.30 26.23
CA ASP N 519 -117.68 -11.88 25.72
C ASP N 519 -118.84 -12.51 26.51
N VAL N 520 -118.89 -12.21 27.81
CA VAL N 520 -119.80 -12.81 28.80
C VAL N 520 -121.29 -12.63 28.45
N GLY N 521 -121.63 -11.66 27.60
CA GLY N 521 -122.97 -11.44 27.07
C GLY N 521 -123.54 -12.55 26.19
N ARG N 522 -122.76 -13.58 25.80
CA ARG N 522 -123.29 -14.79 25.12
C ARG N 522 -122.90 -16.13 25.76
N PHE N 523 -121.87 -16.21 26.60
CA PHE N 523 -121.51 -17.46 27.28
C PHE N 523 -121.19 -17.21 28.76
N ARG N 524 -121.78 -18.04 29.62
CA ARG N 524 -121.51 -18.06 31.06
C ARG N 524 -120.19 -18.74 31.40
N GLU N 525 -119.57 -18.30 32.49
CA GLU N 525 -118.40 -18.91 33.09
C GLU N 525 -118.78 -20.19 33.82
N TYR N 526 -117.92 -21.21 33.79
CA TYR N 526 -118.18 -22.49 34.45
C TYR N 526 -116.93 -23.11 35.06
N HIS N 527 -117.15 -24.06 35.95
CA HIS N 527 -116.15 -24.54 36.91
C HIS N 527 -116.35 -26.02 37.21
N PHE N 528 -115.27 -26.80 37.32
CA PHE N 528 -115.31 -28.23 37.69
C PHE N 528 -114.00 -28.71 38.34
N GLU N 529 -114.02 -29.84 39.04
CA GLU N 529 -112.82 -30.50 39.57
C GLU N 529 -112.32 -31.62 38.67
N ASP N 530 -111.00 -31.64 38.47
CA ASP N 530 -110.26 -32.56 37.62
C ASP N 530 -109.35 -33.48 38.45
N LEU N 531 -109.57 -34.80 38.33
CA LEU N 531 -108.76 -35.86 38.94
C LEU N 531 -107.56 -36.29 38.08
N PHE N 532 -107.63 -36.10 36.77
CA PHE N 532 -106.65 -36.58 35.80
C PHE N 532 -105.44 -35.64 35.69
N GLY N 533 -105.66 -34.34 35.81
CA GLY N 533 -104.62 -33.31 35.83
C GLY N 533 -104.32 -32.69 34.47
N TYR N 534 -105.36 -32.37 33.69
CA TYR N 534 -105.27 -31.80 32.36
C TYR N 534 -104.37 -30.55 32.32
N ASP N 535 -103.34 -30.60 31.50
CA ASP N 535 -102.29 -29.59 31.34
C ASP N 535 -102.18 -29.08 29.91
N LEU N 536 -102.94 -29.65 29.00
CA LEU N 536 -103.22 -29.14 27.67
C LEU N 536 -104.65 -28.66 27.64
N CYS N 537 -104.88 -27.52 27.03
CA CYS N 537 -106.21 -27.03 26.74
C CYS N 537 -106.25 -26.25 25.41
N PHE N 538 -107.40 -26.24 24.78
CA PHE N 538 -107.74 -25.37 23.67
C PHE N 538 -109.16 -24.85 23.85
N LEU N 539 -109.40 -23.57 23.56
CA LEU N 539 -110.67 -22.90 23.77
C LEU N 539 -111.16 -22.28 22.48
N ASN N 540 -112.39 -22.58 22.05
CA ASN N 540 -112.96 -22.08 20.80
C ASN N 540 -114.44 -21.69 20.95
N GLU N 541 -115.08 -21.14 19.92
CA GLU N 541 -116.46 -20.67 20.00
C GLU N 541 -117.52 -21.75 20.22
N LYS N 542 -117.26 -23.01 19.87
CA LYS N 542 -118.23 -24.12 19.98
C LYS N 542 -118.08 -24.93 21.28
N GLY N 543 -116.94 -24.86 21.94
CA GLY N 543 -116.55 -25.83 22.94
C GLY N 543 -115.12 -25.65 23.38
N THR N 544 -114.65 -26.52 24.24
CA THR N 544 -113.27 -26.54 24.70
C THR N 544 -112.76 -27.96 24.80
N LEU N 545 -111.46 -28.14 24.64
CA LEU N 545 -110.79 -29.43 24.61
C LEU N 545 -109.65 -29.41 25.61
N PHE N 546 -109.57 -30.44 26.43
CA PHE N 546 -108.53 -30.67 27.41
C PHE N 546 -107.73 -31.92 27.08
N GLY N 547 -106.51 -32.02 27.58
CA GLY N 547 -105.79 -33.27 27.62
C GLY N 547 -104.76 -33.39 28.73
N GLN N 548 -104.42 -34.62 29.09
CA GLN N 548 -103.38 -34.98 30.05
C GLN N 548 -102.17 -35.49 29.24
N SER N 549 -101.09 -34.74 29.24
CA SER N 549 -99.92 -34.99 28.39
C SER N 549 -99.30 -36.39 28.55
N LYS N 550 -99.29 -36.96 29.75
CA LYS N 550 -98.61 -38.23 30.04
C LYS N 550 -99.45 -39.48 29.76
N THR N 551 -100.72 -39.48 30.13
CA THR N 551 -101.59 -40.66 30.01
C THR N 551 -102.32 -40.73 28.68
N GLY N 552 -102.41 -39.63 27.94
CA GLY N 552 -103.05 -39.57 26.65
C GLY N 552 -104.56 -39.38 26.70
N GLN N 553 -105.14 -39.17 27.88
CA GLN N 553 -106.57 -38.88 28.00
C GLN N 553 -106.88 -37.47 27.49
N ILE N 554 -107.90 -37.36 26.64
CA ILE N 554 -108.45 -36.07 26.20
C ILE N 554 -109.95 -35.99 26.47
N GLN N 555 -110.47 -34.78 26.67
CA GLN N 555 -111.90 -34.54 26.90
C GLN N 555 -112.37 -33.27 26.22
N TYR N 556 -113.43 -33.39 25.43
CA TYR N 556 -114.11 -32.28 24.78
C TYR N 556 -115.39 -31.95 25.53
N ARG N 557 -115.67 -30.66 25.64
CA ARG N 557 -116.78 -30.11 26.40
C ARG N 557 -117.45 -28.98 25.61
N PRO N 558 -118.51 -29.27 24.83
CA PRO N 558 -119.29 -28.27 24.12
C PRO N 558 -119.85 -27.15 25.02
N HIS N 559 -120.12 -25.99 24.42
CA HIS N 559 -120.68 -24.80 25.08
C HIS N 559 -122.22 -24.70 25.01
N ASP N 560 -122.93 -25.78 24.71
CA ASP N 560 -124.39 -25.85 24.80
C ASP N 560 -124.83 -27.20 25.39
N SER N 561 -126.05 -27.25 25.91
CA SER N 561 -126.62 -28.47 26.51
C SER N 561 -127.29 -29.41 25.50
N ILE N 562 -127.39 -29.04 24.22
CA ILE N 562 -127.99 -29.87 23.17
C ILE N 562 -126.97 -30.91 22.68
N HIS N 563 -125.68 -30.55 22.68
CA HIS N 563 -124.54 -31.47 22.56
C HIS N 563 -124.00 -31.89 23.95
N SER N 564 -123.11 -32.88 24.02
CA SER N 564 -122.61 -33.42 25.29
C SER N 564 -121.12 -33.76 25.27
N ASN N 565 -120.48 -33.75 26.44
CA ASN N 565 -119.07 -34.01 26.62
C ASN N 565 -118.70 -35.43 26.16
N TRP N 566 -117.47 -35.61 25.68
CA TRP N 566 -116.92 -36.93 25.39
C TRP N 566 -115.45 -37.00 25.82
N THR N 567 -115.00 -38.20 26.16
CA THR N 567 -113.64 -38.45 26.64
C THR N 567 -113.07 -39.66 25.91
N LYS N 568 -111.78 -39.62 25.57
CA LYS N 568 -111.09 -40.67 24.82
C LYS N 568 -109.65 -40.83 25.31
N ILE N 569 -109.09 -42.03 25.24
CA ILE N 569 -107.67 -42.26 25.52
C ILE N 569 -106.96 -42.46 24.19
N ILE N 570 -105.81 -41.82 24.04
CA ILE N 570 -105.01 -41.84 22.83
C ILE N 570 -103.80 -42.77 23.04
N PRO N 571 -103.43 -43.63 22.07
CA PRO N 571 -102.30 -44.51 22.22
C PRO N 571 -101.00 -43.74 22.47
N LEU N 572 -100.14 -44.25 23.32
CA LEU N 572 -98.80 -43.72 23.58
C LEU N 572 -97.78 -44.84 23.60
N GLN N 573 -96.59 -44.60 23.07
CA GLN N 573 -95.41 -45.42 23.31
C GLN N 573 -94.69 -45.00 24.58
N ALA N 574 -93.62 -45.72 24.93
CA ALA N 574 -92.68 -45.32 25.98
C ALA N 574 -92.09 -43.95 25.66
N GLY N 575 -92.21 -42.97 26.56
CA GLY N 575 -91.70 -41.62 26.34
C GLY N 575 -92.45 -40.76 25.31
N GLU N 576 -93.52 -41.29 24.70
CA GLU N 576 -94.44 -40.45 23.94
C GLU N 576 -95.28 -39.62 24.90
N ARG N 577 -95.44 -38.35 24.59
CA ARG N 577 -96.26 -37.38 25.30
C ARG N 577 -97.17 -36.70 24.31
N ILE N 578 -98.41 -36.38 24.65
CA ILE N 578 -99.15 -35.40 23.86
C ILE N 578 -98.46 -34.06 24.10
N THR N 579 -98.07 -33.35 23.05
CA THR N 579 -97.47 -32.01 23.17
C THR N 579 -98.46 -30.90 22.94
N SER N 580 -99.51 -31.11 22.15
CA SER N 580 -100.61 -30.15 22.03
C SER N 580 -101.86 -30.74 21.40
N VAL N 581 -102.98 -30.04 21.57
CA VAL N 581 -104.29 -30.35 21.02
C VAL N 581 -104.89 -29.09 20.39
N ALA N 582 -105.81 -29.25 19.46
CA ALA N 582 -106.56 -28.16 18.88
C ALA N 582 -107.97 -28.63 18.53
N ALA N 583 -108.93 -27.70 18.45
CA ALA N 583 -110.31 -28.05 18.16
C ALA N 583 -110.96 -26.98 17.30
N THR N 584 -112.02 -27.35 16.59
CA THR N 584 -112.83 -26.45 15.76
C THR N 584 -114.29 -26.90 15.75
N PRO N 585 -115.22 -26.08 15.25
CA PRO N 585 -116.55 -26.53 14.88
C PRO N 585 -116.58 -27.55 13.73
N VAL N 586 -115.45 -28.00 13.19
CA VAL N 586 -115.40 -29.15 12.30
C VAL N 586 -114.59 -30.42 12.72
N ARG N 587 -113.49 -30.32 13.44
CA ARG N 587 -112.45 -31.35 13.58
C ARG N 587 -111.66 -31.15 14.87
N VAL N 588 -111.30 -32.25 15.48
CA VAL N 588 -110.34 -32.36 16.56
C VAL N 588 -108.93 -32.86 16.17
N ILE N 589 -107.89 -32.29 16.73
CA ILE N 589 -106.51 -32.58 16.34
C ILE N 589 -105.65 -32.75 17.57
N VAL N 590 -104.75 -33.71 17.56
CA VAL N 590 -103.82 -34.01 18.65
C VAL N 590 -102.43 -34.31 18.09
N GLY N 591 -101.37 -33.81 18.70
CA GLY N 591 -99.99 -34.01 18.26
C GLY N 591 -99.08 -34.49 19.37
N THR N 592 -98.05 -35.27 19.05
CA THR N 592 -97.19 -35.93 20.05
C THR N 592 -95.70 -35.69 19.87
N SER N 593 -94.95 -36.01 20.92
CA SER N 593 -93.50 -35.90 20.98
C SER N 593 -92.75 -36.91 20.12
N LEU N 594 -93.42 -37.94 19.58
CA LEU N 594 -92.88 -38.77 18.51
C LEU N 594 -93.32 -38.32 17.13
N GLY N 595 -94.19 -37.33 17.04
CA GLY N 595 -94.69 -36.82 15.79
C GLY N 595 -95.79 -37.64 15.17
N TYR N 596 -96.58 -38.35 15.96
CA TYR N 596 -97.88 -38.78 15.46
C TYR N 596 -98.81 -37.58 15.45
N PHE N 597 -99.66 -37.53 14.45
CA PHE N 597 -100.68 -36.50 14.29
C PHE N 597 -102.01 -37.23 14.15
N ARG N 598 -102.89 -37.08 15.14
CA ARG N 598 -104.12 -37.86 15.28
C ARG N 598 -105.32 -36.96 15.21
N SER N 599 -106.40 -37.42 14.59
CA SER N 599 -107.48 -36.54 14.21
C SER N 599 -108.81 -37.23 14.28
N PHE N 600 -109.83 -36.45 14.60
CA PHE N 600 -111.16 -36.93 14.91
C PHE N 600 -112.15 -35.93 14.35
N ASN N 601 -113.35 -36.36 14.03
CA ASN N 601 -114.44 -35.40 14.01
C ASN N 601 -114.77 -34.97 15.45
N GLN N 602 -115.52 -33.88 15.58
CA GLN N 602 -116.26 -33.60 16.80
C GLN N 602 -117.08 -34.83 17.22
N PHE N 603 -117.23 -35.10 18.52
CA PHE N 603 -117.73 -36.38 19.06
C PHE N 603 -116.98 -37.68 18.69
N GLY N 604 -115.71 -37.55 18.35
CA GLY N 604 -114.68 -38.59 18.51
C GLY N 604 -114.66 -39.83 17.64
N VAL N 605 -115.25 -39.82 16.45
CA VAL N 605 -114.89 -40.80 15.41
C VAL N 605 -113.55 -40.38 14.81
N PRO N 606 -112.52 -41.26 14.72
CA PRO N 606 -111.29 -40.92 14.02
C PRO N 606 -111.51 -40.49 12.58
N PHE N 607 -110.81 -39.44 12.21
CA PHE N 607 -110.69 -38.94 10.85
C PHE N 607 -109.46 -39.57 10.20
N ALA N 608 -108.29 -39.46 10.84
CA ALA N 608 -107.02 -39.95 10.30
C ALA N 608 -105.93 -40.12 11.36
N VAL N 609 -104.88 -40.86 11.01
CA VAL N 609 -103.60 -40.90 11.72
C VAL N 609 -102.49 -40.75 10.69
N GLU N 610 -101.49 -39.93 11.00
CA GLU N 610 -100.41 -39.50 10.12
C GLU N 610 -99.13 -39.36 10.95
N LYS N 611 -97.95 -39.41 10.33
CA LYS N 611 -96.69 -39.13 10.99
C LYS N 611 -95.98 -37.92 10.40
N THR N 612 -95.46 -37.05 11.25
CA THR N 612 -94.72 -35.84 10.94
C THR N 612 -93.44 -35.77 11.78
N SER N 613 -92.61 -34.75 11.64
CA SER N 613 -91.66 -34.41 12.68
C SER N 613 -92.39 -34.05 13.96
N PRO N 614 -91.80 -34.30 15.15
CA PRO N 614 -92.48 -34.13 16.41
C PRO N 614 -92.97 -32.72 16.62
N ILE N 615 -94.23 -32.64 17.02
CA ILE N 615 -95.01 -31.42 17.04
C ILE N 615 -94.70 -30.67 18.32
N VAL N 616 -94.50 -29.37 18.22
CA VAL N 616 -94.35 -28.44 19.34
C VAL N 616 -95.66 -27.77 19.69
N ALA N 617 -96.40 -27.32 18.69
CA ALA N 617 -97.57 -26.49 18.90
C ALA N 617 -98.59 -26.62 17.76
N LEU N 618 -99.86 -26.51 18.08
CA LEU N 618 -100.98 -26.56 17.14
C LEU N 618 -101.90 -25.38 17.34
N THR N 619 -102.54 -24.96 16.26
CA THR N 619 -103.72 -24.10 16.28
C THR N 619 -104.58 -24.38 15.05
N ALA N 620 -105.86 -24.04 15.09
CA ALA N 620 -106.79 -24.30 14.01
C ALA N 620 -107.90 -23.25 13.93
N GLN N 621 -108.48 -23.09 12.76
CA GLN N 621 -109.62 -22.22 12.51
C GLN N 621 -110.48 -22.78 11.40
N ASN N 622 -111.72 -23.13 11.73
CA ASN N 622 -112.67 -23.78 10.83
C ASN N 622 -112.08 -25.05 10.15
N TYR N 623 -111.87 -25.06 8.84
CA TYR N 623 -111.28 -26.20 8.12
C TYR N 623 -109.74 -26.28 8.18
N ARG N 624 -109.08 -25.32 8.82
CA ARG N 624 -107.68 -24.99 8.57
C ARG N 624 -106.83 -25.21 9.80
N VAL N 625 -105.64 -25.77 9.64
CA VAL N 625 -104.74 -26.13 10.75
C VAL N 625 -103.33 -25.62 10.47
N PHE N 626 -102.66 -25.08 11.47
CA PHE N 626 -101.28 -24.62 11.42
C PHE N 626 -100.54 -25.24 12.59
N SER N 627 -99.42 -25.88 12.31
CA SER N 627 -98.63 -26.68 13.25
C SER N 627 -97.16 -26.37 13.15
N VAL N 628 -96.47 -26.34 14.27
CA VAL N 628 -95.03 -26.08 14.38
C VAL N 628 -94.34 -27.34 14.86
N HIS N 629 -93.26 -27.74 14.21
CA HIS N 629 -92.54 -28.97 14.48
C HIS N 629 -91.10 -28.65 14.84
N TYR N 630 -90.48 -29.44 15.71
CA TYR N 630 -89.06 -29.29 16.01
C TYR N 630 -88.42 -30.61 16.38
N SER N 631 -87.24 -30.91 15.90
CA SER N 631 -86.42 -32.02 16.34
C SER N 631 -84.95 -31.71 16.13
N GLN N 632 -84.07 -32.27 16.94
CA GLN N 632 -82.63 -32.18 16.70
C GLN N 632 -82.24 -32.68 15.30
N PHE N 633 -83.02 -33.58 14.71
CA PHE N 633 -82.74 -34.18 13.39
C PHE N 633 -83.52 -33.54 12.24
N HIS N 634 -84.31 -32.50 12.48
CA HIS N 634 -85.12 -31.83 11.44
C HIS N 634 -85.06 -30.30 11.50
N GLY N 635 -84.77 -29.72 12.66
CA GLY N 635 -84.82 -28.28 12.88
C GLY N 635 -86.23 -27.74 13.11
N LEU N 636 -86.39 -26.42 13.26
CA LEU N 636 -87.70 -25.78 13.15
C LEU N 636 -88.31 -25.91 11.78
N SER N 637 -89.61 -26.13 11.78
CA SER N 637 -90.43 -26.13 10.59
C SER N 637 -91.89 -25.96 10.96
N TYR N 638 -92.74 -25.69 10.00
CA TYR N 638 -94.16 -25.58 10.17
C TYR N 638 -94.89 -26.24 9.02
N SER N 639 -96.14 -26.62 9.24
CA SER N 639 -97.04 -27.08 8.20
C SER N 639 -98.34 -26.28 8.28
N LEU N 640 -98.97 -26.05 7.14
CA LEU N 640 -100.25 -25.38 7.04
C LEU N 640 -101.10 -26.14 6.06
N SER N 641 -102.33 -26.43 6.44
CA SER N 641 -103.20 -27.32 5.68
C SER N 641 -104.67 -27.01 5.84
N GLU N 642 -105.49 -27.47 4.89
CA GLU N 642 -106.94 -27.26 4.86
C GLU N 642 -107.67 -28.51 4.37
N LEU N 643 -108.86 -28.80 4.90
CA LEU N 643 -109.77 -29.80 4.36
C LEU N 643 -110.46 -29.31 3.08
N GLY N 644 -110.20 -29.98 1.97
CA GLY N 644 -111.02 -29.92 0.75
C GLY N 644 -112.20 -30.90 0.80
N THR N 645 -113.06 -30.87 -0.22
CA THR N 645 -114.30 -31.67 -0.27
C THR N 645 -114.10 -33.19 -0.22
N SER N 646 -112.91 -33.69 -0.58
CA SER N 646 -112.60 -35.12 -0.67
C SER N 646 -111.22 -35.51 -0.10
N SER N 647 -110.35 -34.53 0.12
CA SER N 647 -108.97 -34.71 0.58
C SER N 647 -108.54 -33.54 1.46
N LYS N 648 -107.63 -33.80 2.41
CA LYS N 648 -106.82 -32.77 3.06
C LYS N 648 -105.68 -32.37 2.13
N ARG N 649 -105.31 -31.09 2.10
CA ARG N 649 -104.26 -30.55 1.23
C ARG N 649 -103.36 -29.62 2.01
N TYR N 650 -102.04 -29.72 1.80
CA TYR N 650 -101.04 -28.95 2.51
C TYR N 650 -100.55 -27.77 1.68
N TYR N 651 -100.78 -26.55 2.14
CA TYR N 651 -100.18 -25.38 1.51
C TYR N 651 -98.67 -25.34 1.73
N LYS N 652 -98.22 -25.67 2.93
CA LYS N 652 -96.81 -25.74 3.31
C LYS N 652 -96.61 -27.00 4.14
N ARG N 653 -95.53 -27.74 3.91
CA ARG N 653 -95.28 -29.04 4.52
C ARG N 653 -93.88 -29.04 5.05
N GLU N 654 -93.77 -28.89 6.35
CA GLU N 654 -92.52 -28.79 7.12
C GLU N 654 -91.51 -27.81 6.48
N CYS N 655 -91.99 -26.66 6.00
CA CYS N 655 -91.12 -25.57 5.57
C CYS N 655 -90.44 -24.95 6.79
N PRO N 656 -89.22 -24.43 6.73
CA PRO N 656 -88.59 -23.81 7.88
C PRO N 656 -89.32 -22.55 8.33
N LEU N 657 -89.42 -22.39 9.65
CA LEU N 657 -90.14 -21.33 10.35
C LEU N 657 -89.13 -20.29 10.82
N PRO N 658 -89.18 -19.03 10.36
CA PRO N 658 -88.15 -18.03 10.58
C PRO N 658 -88.26 -17.35 11.95
N MET N 659 -88.39 -18.13 13.02
CA MET N 659 -88.62 -17.62 14.37
C MET N 659 -87.38 -17.85 15.24
N SER N 660 -87.01 -16.85 16.03
CA SER N 660 -85.85 -16.93 16.94
C SER N 660 -86.18 -17.75 18.18
N LEU N 661 -85.45 -18.84 18.41
CA LEU N 661 -85.49 -19.57 19.68
C LEU N 661 -84.97 -18.71 20.83
N PRO N 662 -85.34 -19.00 22.08
CA PRO N 662 -84.93 -18.21 23.20
C PRO N 662 -83.44 -18.38 23.47
N ASN N 663 -82.68 -17.28 23.43
CA ASN N 663 -81.30 -17.28 23.86
C ASN N 663 -81.26 -17.47 25.38
N ILE N 664 -80.68 -18.58 25.82
CA ILE N 664 -80.59 -18.97 27.24
C ILE N 664 -79.70 -17.98 28.03
N ASN N 665 -78.77 -17.30 27.35
CA ASN N 665 -77.91 -16.28 27.94
C ASN N 665 -78.72 -15.16 28.62
N LYS N 670 -81.70 -14.32 35.90
CA LYS N 670 -82.63 -14.14 34.79
C LYS N 670 -83.93 -14.93 34.98
N ASP N 671 -84.34 -15.11 36.24
CA ASP N 671 -85.35 -16.07 36.70
C ASP N 671 -86.71 -15.99 35.98
N ALA N 672 -87.22 -14.79 35.71
CA ALA N 672 -88.45 -14.57 34.95
C ALA N 672 -88.39 -15.11 33.51
N ASN N 673 -87.23 -15.52 33.02
CA ASN N 673 -87.01 -16.24 31.78
C ASN N 673 -86.52 -17.69 32.01
N LEU N 674 -85.58 -17.93 32.94
CA LEU N 674 -85.09 -19.28 33.26
C LEU N 674 -86.20 -20.21 33.76
N ASP N 675 -87.18 -19.69 34.48
CA ASP N 675 -88.32 -20.45 34.98
C ASP N 675 -89.49 -20.51 33.98
N TYR N 676 -89.47 -19.71 32.92
CA TYR N 676 -90.43 -19.77 31.82
C TYR N 676 -89.98 -20.71 30.70
N TYR N 677 -88.74 -20.58 30.23
CA TYR N 677 -88.18 -21.52 29.25
C TYR N 677 -87.97 -22.91 29.84
N ASN N 678 -88.05 -23.05 31.15
CA ASN N 678 -88.18 -24.37 31.76
C ASN N 678 -89.55 -25.02 31.43
N PHE N 679 -90.61 -24.22 31.42
CA PHE N 679 -91.99 -24.64 31.16
C PHE N 679 -92.32 -24.72 29.67
N ASN N 680 -91.66 -23.91 28.85
CA ASN N 680 -91.90 -23.77 27.42
C ASN N 680 -90.56 -23.53 26.68
N PRO N 681 -89.79 -24.59 26.39
CA PRO N 681 -88.44 -24.49 25.86
C PRO N 681 -88.33 -23.81 24.49
N MET N 682 -89.39 -23.88 23.69
CA MET N 682 -89.44 -23.26 22.37
C MET N 682 -89.76 -21.77 22.42
N GLY N 683 -90.24 -21.26 23.54
CA GLY N 683 -90.46 -19.83 23.74
C GLY N 683 -91.55 -19.22 22.88
N ILE N 684 -92.38 -20.00 22.21
CA ILE N 684 -93.56 -19.50 21.52
C ILE N 684 -94.56 -19.12 22.60
N LYS N 685 -95.07 -17.89 22.60
CA LYS N 685 -96.07 -17.46 23.57
C LYS N 685 -97.48 -17.79 23.10
N SER N 686 -97.79 -17.59 21.82
CA SER N 686 -99.08 -17.98 21.25
C SER N 686 -99.01 -18.25 19.76
N LEU N 687 -99.94 -19.05 19.24
CA LEU N 687 -100.21 -19.18 17.81
C LEU N 687 -101.68 -18.93 17.62
N PHE N 688 -102.03 -18.25 16.55
CA PHE N 688 -103.42 -18.03 16.21
C PHE N 688 -103.56 -17.85 14.72
N PHE N 689 -104.68 -18.26 14.15
CA PHE N 689 -105.11 -17.60 12.94
C PHE N 689 -105.61 -16.21 13.31
N SER N 690 -105.24 -15.20 12.53
CA SER N 690 -105.87 -13.87 12.54
C SER N 690 -107.37 -13.98 12.25
N SER N 691 -108.17 -12.96 12.56
CA SER N 691 -109.62 -13.07 12.36
C SER N 691 -110.04 -13.13 10.89
N TYR N 692 -109.15 -12.78 9.97
CA TYR N 692 -109.32 -13.03 8.53
C TYR N 692 -108.73 -14.37 8.06
N GLY N 693 -108.09 -15.18 8.91
CA GLY N 693 -107.73 -16.54 8.57
C GLY N 693 -106.32 -16.74 8.01
N ASP N 694 -105.43 -15.77 8.18
CA ASP N 694 -103.99 -15.86 7.89
C ASP N 694 -103.21 -16.19 9.17
N PRO N 695 -102.30 -17.18 9.17
CA PRO N 695 -101.57 -17.60 10.36
C PRO N 695 -100.71 -16.52 10.99
N CYS N 696 -100.62 -16.49 12.31
CA CYS N 696 -99.73 -15.64 13.08
C CYS N 696 -99.02 -16.44 14.17
N ILE N 697 -97.85 -15.98 14.56
CA ILE N 697 -97.07 -16.55 15.66
C ILE N 697 -96.33 -15.46 16.43
N PHE N 698 -96.20 -15.62 17.74
CA PHE N 698 -95.53 -14.66 18.61
C PHE N 698 -94.51 -15.36 19.50
N GLY N 699 -93.23 -15.09 19.28
CA GLY N 699 -92.11 -15.80 19.90
C GLY N 699 -91.40 -15.04 20.99
N SER N 700 -90.23 -15.52 21.41
CA SER N 700 -89.37 -14.83 22.41
C SER N 700 -88.39 -13.83 21.82
N ASP N 701 -88.58 -13.49 20.54
CA ASP N 701 -88.14 -12.21 19.99
C ASP N 701 -89.18 -11.09 20.27
N ASN N 702 -90.33 -11.43 20.85
CA ASN N 702 -91.46 -10.54 21.10
C ASN N 702 -92.02 -9.85 19.85
N THR N 703 -91.75 -10.38 18.66
CA THR N 703 -92.34 -9.90 17.42
C THR N 703 -93.48 -10.80 16.99
N LEU N 704 -94.59 -10.18 16.65
CA LEU N 704 -95.66 -10.83 15.94
C LEU N 704 -95.22 -11.05 14.51
N LEU N 705 -95.14 -12.29 14.08
CA LEU N 705 -94.94 -12.62 12.67
C LEU N 705 -96.25 -13.09 12.07
N LEU N 706 -96.57 -12.69 10.85
CA LEU N 706 -97.75 -13.13 10.13
C LEU N 706 -97.37 -13.67 8.76
N LEU N 707 -97.95 -14.79 8.36
CA LEU N 707 -97.70 -15.39 7.06
C LEU N 707 -98.63 -14.81 6.01
N SER N 708 -98.11 -14.36 4.89
CA SER N 708 -98.85 -13.69 3.83
C SER N 708 -98.81 -14.45 2.53
N LYS N 709 -99.85 -14.35 1.71
CA LYS N 709 -99.98 -14.99 0.39
C LYS N 709 -99.84 -16.51 0.38
N TRP N 710 -99.92 -17.18 1.51
CA TRP N 710 -99.84 -18.64 1.67
C TRP N 710 -100.84 -19.45 0.83
N ARG N 711 -101.93 -18.85 0.36
CA ARG N 711 -102.86 -19.45 -0.62
C ARG N 711 -102.20 -19.74 -1.97
N SER N 712 -101.03 -19.18 -2.22
CA SER N 712 -100.19 -19.38 -3.39
C SER N 712 -98.76 -19.67 -2.94
N PRO N 713 -98.45 -20.90 -2.49
CA PRO N 713 -97.25 -21.24 -1.74
C PRO N 713 -95.93 -20.80 -2.35
N GLU N 714 -95.86 -20.68 -3.68
CA GLU N 714 -94.70 -20.22 -4.45
C GLU N 714 -94.13 -18.84 -4.05
N GLU N 715 -94.96 -17.90 -3.58
CA GLU N 715 -94.64 -16.46 -3.40
C GLU N 715 -95.07 -15.91 -2.02
N SER N 716 -95.20 -16.82 -1.06
CA SER N 716 -95.68 -16.64 0.31
C SER N 716 -94.56 -16.36 1.30
N LYS N 717 -94.75 -15.39 2.20
CA LYS N 717 -93.66 -14.85 3.05
C LYS N 717 -94.15 -14.39 4.42
N TRP N 718 -93.30 -14.55 5.44
CA TRP N 718 -93.55 -14.06 6.78
C TRP N 718 -93.25 -12.58 6.90
N LEU N 719 -94.15 -11.84 7.51
CA LEU N 719 -94.11 -10.41 7.73
C LEU N 719 -93.96 -10.10 9.22
N PRO N 720 -92.95 -9.35 9.66
CA PRO N 720 -92.78 -9.00 11.05
C PRO N 720 -93.58 -7.76 11.38
N ILE N 721 -94.86 -7.89 11.67
CA ILE N 721 -95.77 -6.75 11.66
C ILE N 721 -95.77 -5.91 12.95
N LEU N 722 -95.20 -6.39 14.05
CA LEU N 722 -95.23 -5.69 15.34
C LEU N 722 -94.10 -6.18 16.22
N ASP N 723 -93.06 -5.38 16.46
CA ASP N 723 -92.12 -5.63 17.53
C ASP N 723 -92.63 -4.98 18.81
N SER N 724 -93.03 -5.81 19.77
CA SER N 724 -93.59 -5.31 21.03
C SER N 724 -92.54 -4.67 21.91
N ASN N 725 -91.31 -5.14 21.84
CA ASN N 725 -90.19 -4.62 22.62
C ASN N 725 -89.79 -3.21 22.17
N MET N 726 -90.17 -2.82 20.95
CA MET N 726 -90.01 -1.47 20.42
C MET N 726 -91.14 -0.54 20.87
N GLU N 727 -92.40 -0.95 20.82
CA GLU N 727 -93.46 -0.03 21.23
C GLU N 727 -93.52 0.21 22.73
N ILE N 728 -93.22 -0.78 23.57
CA ILE N 728 -93.10 -0.53 25.00
C ILE N 728 -91.97 0.48 25.29
N TRP N 729 -90.90 0.48 24.50
CA TRP N 729 -89.85 1.50 24.59
C TRP N 729 -90.33 2.88 24.15
N LYS N 730 -91.17 2.99 23.10
CA LYS N 730 -91.79 4.28 22.73
C LYS N 730 -92.78 4.77 23.77
N MET N 731 -93.67 3.90 24.24
CA MET N 731 -94.74 4.24 25.18
C MET N 731 -94.16 4.71 26.51
N SER N 732 -93.09 4.08 26.97
CA SER N 732 -92.33 4.52 28.15
C SER N 732 -91.41 5.72 27.89
N GLY N 733 -91.50 6.37 26.72
CA GLY N 733 -90.83 7.65 26.45
C GLY N 733 -89.39 7.54 25.94
N GLY N 734 -89.06 6.50 25.19
CA GLY N 734 -87.71 6.25 24.69
C GLY N 734 -86.75 5.81 25.79
N LYS N 735 -87.22 4.94 26.67
CA LYS N 735 -86.66 4.66 27.99
C LYS N 735 -86.52 3.15 28.20
N GLU N 736 -85.55 2.72 28.98
CA GLU N 736 -85.36 1.31 29.34
C GLU N 736 -86.32 0.86 30.45
N THR N 737 -86.82 -0.37 30.37
CA THR N 737 -87.70 -0.98 31.38
C THR N 737 -87.51 -2.49 31.47
N THR N 738 -87.68 -3.06 32.65
CA THR N 738 -87.77 -4.53 32.86
C THR N 738 -89.18 -5.00 33.20
N ASP N 739 -90.11 -4.08 33.45
CA ASP N 739 -91.35 -4.36 34.18
C ASP N 739 -92.63 -4.06 33.39
N ILE N 740 -92.55 -4.02 32.06
CA ILE N 740 -93.73 -4.07 31.20
C ILE N 740 -93.46 -5.10 30.10
N HIS N 741 -94.41 -6.00 29.86
CA HIS N 741 -94.34 -7.06 28.85
C HIS N 741 -95.68 -7.25 28.18
N VAL N 742 -95.69 -7.81 26.97
CA VAL N 742 -96.90 -8.08 26.18
C VAL N 742 -97.22 -9.56 26.17
N TRP N 743 -98.46 -9.94 26.49
CA TRP N 743 -98.98 -11.29 26.32
C TRP N 743 -100.09 -11.26 25.27
N PRO N 744 -99.93 -11.93 24.13
CA PRO N 744 -100.86 -11.81 23.01
C PRO N 744 -102.14 -12.61 23.23
N LEU N 745 -103.22 -12.23 22.55
CA LEU N 745 -104.50 -12.94 22.57
C LEU N 745 -105.00 -13.25 21.16
N ALA N 746 -105.05 -12.29 20.25
CA ALA N 746 -105.28 -12.50 18.81
C ALA N 746 -104.91 -11.26 18.00
N LEU N 747 -104.61 -11.38 16.70
CA LEU N 747 -104.34 -10.21 15.86
C LEU N 747 -105.60 -9.45 15.44
N ALA N 748 -106.77 -10.08 15.43
CA ALA N 748 -107.94 -9.48 14.81
C ALA N 748 -107.62 -9.00 13.38
N TYR N 749 -107.84 -7.71 13.10
CA TYR N 749 -107.58 -7.11 11.79
C TYR N 749 -106.18 -6.48 11.74
N ASP N 750 -105.98 -5.32 12.37
CA ASP N 750 -104.73 -4.57 12.40
C ASP N 750 -104.34 -4.13 13.82
N THR N 751 -104.82 -4.84 14.83
CA THR N 751 -104.61 -4.52 16.23
C THR N 751 -104.40 -5.79 17.05
N LEU N 752 -103.20 -6.05 17.55
CA LEU N 752 -102.96 -7.13 18.48
C LEU N 752 -103.75 -6.90 19.78
N ASN N 753 -104.77 -7.71 20.04
CA ASN N 753 -105.34 -7.84 21.37
C ASN N 753 -104.30 -8.46 22.28
N CYS N 754 -104.09 -7.89 23.44
CA CYS N 754 -103.03 -8.33 24.34
C CYS N 754 -103.32 -7.91 25.77
N ILE N 755 -102.60 -8.53 26.68
CA ILE N 755 -102.48 -8.12 28.08
C ILE N 755 -101.13 -7.46 28.27
N LEU N 756 -101.08 -6.23 28.79
CA LEU N 756 -99.83 -5.59 29.20
C LEU N 756 -99.50 -5.94 30.66
N VAL N 757 -98.78 -7.04 30.81
CA VAL N 757 -98.26 -7.56 32.07
C VAL N 757 -97.28 -6.57 32.68
N LYS N 758 -97.64 -5.95 33.81
CA LYS N 758 -96.75 -5.07 34.58
C LYS N 758 -96.16 -5.81 35.78
N GLY N 759 -94.87 -5.65 36.00
CA GLY N 759 -94.11 -6.30 37.07
C GLY N 759 -93.04 -7.27 36.58
N LYS N 760 -92.49 -8.04 37.52
CA LYS N 760 -91.28 -8.84 37.34
C LYS N 760 -91.44 -10.05 36.42
N HIS N 761 -92.42 -10.90 36.68
CA HIS N 761 -92.66 -12.09 35.85
C HIS N 761 -93.26 -11.72 34.50
N ILE N 762 -92.78 -12.35 33.42
CA ILE N 762 -93.18 -12.00 32.05
C ILE N 762 -94.58 -12.50 31.66
N TRP N 763 -95.25 -13.29 32.50
CA TRP N 763 -96.59 -13.83 32.28
C TRP N 763 -97.60 -13.29 33.32
N PRO N 764 -98.91 -13.21 33.00
CA PRO N 764 -99.93 -12.73 33.95
C PRO N 764 -99.99 -13.46 35.30
N GLU N 765 -100.42 -12.78 36.35
CA GLU N 765 -100.74 -13.36 37.67
C GLU N 765 -102.27 -13.60 37.80
N PHE N 766 -102.77 -14.01 38.97
CA PHE N 766 -104.14 -14.51 39.18
C PHE N 766 -105.31 -13.63 38.68
N PRO N 767 -105.42 -12.33 39.03
CA PRO N 767 -106.39 -11.46 38.36
C PRO N 767 -105.84 -11.01 37.01
N LEU N 768 -106.53 -11.32 35.92
CA LEU N 768 -106.15 -10.79 34.61
C LEU N 768 -106.41 -9.28 34.54
N PRO N 769 -105.44 -8.46 34.10
CA PRO N 769 -105.72 -7.12 33.60
C PRO N 769 -106.74 -7.15 32.46
N LEU N 770 -107.35 -6.02 32.12
CA LEU N 770 -108.23 -5.96 30.96
C LEU N 770 -107.46 -6.22 29.65
N PRO N 771 -108.10 -6.87 28.65
CA PRO N 771 -107.52 -7.06 27.33
C PRO N 771 -107.40 -5.72 26.62
N SER N 772 -106.17 -5.23 26.54
CA SER N 772 -105.72 -4.04 25.81
C SER N 772 -105.66 -4.31 24.31
N GLU N 773 -105.37 -3.27 23.53
CA GLU N 773 -105.03 -3.39 22.10
C GLU N 773 -103.73 -2.67 21.79
N MET N 774 -102.97 -3.15 20.80
CA MET N 774 -101.84 -2.45 20.19
C MET N 774 -102.02 -2.44 18.68
N GLU N 775 -101.82 -1.32 18.00
CA GLU N 775 -101.81 -1.31 16.54
C GLU N 775 -100.53 -1.98 16.04
N ILE N 776 -100.62 -2.71 14.91
CA ILE N 776 -99.43 -3.21 14.20
C ILE N 776 -98.63 -2.05 13.62
N ARG N 777 -97.31 -2.10 13.66
CA ARG N 777 -96.45 -1.03 13.14
C ARG N 777 -95.15 -1.66 12.61
N MET N 778 -94.89 -1.54 11.32
CA MET N 778 -93.77 -2.22 10.65
C MET N 778 -92.40 -1.80 11.22
N PRO N 779 -91.41 -2.69 11.35
CA PRO N 779 -90.13 -2.40 11.98
C PRO N 779 -89.17 -1.59 11.11
N VAL N 780 -89.50 -0.34 10.80
CA VAL N 780 -88.64 0.57 10.01
C VAL N 780 -87.82 1.53 10.87
N PHE N 781 -87.96 1.48 12.18
CA PHE N 781 -87.55 2.55 13.07
C PHE N 781 -86.20 2.27 13.73
N VAL N 782 -85.20 3.12 13.49
CA VAL N 782 -83.93 3.03 14.20
C VAL N 782 -84.03 3.79 15.51
N LYS N 783 -83.44 3.29 16.60
CA LYS N 783 -83.42 4.00 17.88
C LYS N 783 -82.56 5.26 17.84
N SER N 784 -81.41 5.27 17.19
CA SER N 784 -80.51 6.42 17.21
C SER N 784 -81.14 7.67 16.59
N LYS N 785 -81.79 7.56 15.42
CA LYS N 785 -82.58 8.67 14.87
C LYS N 785 -83.79 9.02 15.73
N LEU N 786 -84.47 8.08 16.37
CA LEU N 786 -85.57 8.44 17.26
C LEU N 786 -85.11 9.21 18.52
N LEU N 787 -83.98 8.83 19.10
CA LEU N 787 -83.35 9.48 20.23
C LEU N 787 -82.88 10.89 19.89
N GLU N 788 -82.14 11.04 18.80
CA GLU N 788 -81.57 12.33 18.39
C GLU N 788 -82.65 13.27 17.86
N GLU N 789 -83.57 12.82 17.01
CA GLU N 789 -84.61 13.68 16.43
C GLU N 789 -85.76 14.08 17.37
N ASN N 790 -86.16 13.25 18.33
CA ASN N 790 -87.27 13.57 19.24
C ASN N 790 -87.04 14.85 20.05
N GLU N 814 -95.06 7.92 24.08
CA GLU N 814 -94.98 9.39 24.20
C GLU N 814 -93.86 10.03 23.36
N ILE N 815 -93.06 9.22 22.67
CA ILE N 815 -92.04 9.66 21.71
C ILE N 815 -92.68 10.33 20.49
N GLN N 816 -92.07 11.41 19.99
CA GLN N 816 -92.52 12.12 18.78
C GLN N 816 -91.67 11.69 17.59
N ILE N 817 -92.30 11.16 16.55
CA ILE N 817 -91.62 10.54 15.39
C ILE N 817 -91.50 11.58 14.26
N PRO N 818 -90.32 11.71 13.62
CA PRO N 818 -90.14 12.49 12.39
C PRO N 818 -91.15 12.11 11.31
N VAL N 819 -91.87 13.08 10.79
CA VAL N 819 -93.10 12.87 10.01
C VAL N 819 -92.87 12.07 8.71
N SER N 820 -91.71 12.20 8.07
CA SER N 820 -91.35 11.33 6.94
C SER N 820 -91.00 9.90 7.38
N MET N 821 -90.36 9.69 8.54
CA MET N 821 -90.15 8.34 9.06
C MET N 821 -91.48 7.68 9.49
N ALA N 822 -92.46 8.45 9.95
CA ALA N 822 -93.82 7.97 10.14
C ALA N 822 -94.57 7.72 8.82
N ALA N 823 -94.24 8.44 7.76
CA ALA N 823 -94.81 8.22 6.43
C ALA N 823 -94.35 6.90 5.81
N GLU N 824 -93.10 6.51 6.01
CA GLU N 824 -92.59 5.23 5.52
C GLU N 824 -93.35 4.06 6.13
N GLU N 825 -93.57 4.07 7.44
CA GLU N 825 -94.35 3.05 8.11
C GLU N 825 -95.82 3.04 7.69
N GLU N 826 -96.45 4.20 7.63
CA GLU N 826 -97.87 4.29 7.28
C GLU N 826 -98.14 3.88 5.83
N TYR N 827 -97.14 4.03 4.96
CA TYR N 827 -97.13 3.47 3.63
C TYR N 827 -97.03 1.94 3.68
N LEU N 828 -96.02 1.38 4.33
CA LEU N 828 -95.79 -0.07 4.33
C LEU N 828 -96.91 -0.86 4.98
N ARG N 829 -97.40 -0.42 6.13
CA ARG N 829 -98.52 -1.08 6.81
C ARG N 829 -99.76 -1.10 5.94
N SER N 830 -100.05 0.02 5.27
CA SER N 830 -101.21 0.11 4.40
C SER N 830 -101.04 -0.75 3.15
N LYS N 831 -99.81 -0.93 2.66
CA LYS N 831 -99.46 -1.88 1.60
C LYS N 831 -99.76 -3.31 2.03
N VAL N 832 -99.21 -3.79 3.15
CA VAL N 832 -99.36 -5.19 3.54
C VAL N 832 -100.80 -5.51 3.94
N LEU N 833 -101.53 -4.63 4.63
CA LEU N 833 -102.95 -4.85 4.88
C LEU N 833 -103.78 -4.81 3.60
N SER N 834 -103.42 -3.97 2.62
CA SER N 834 -104.11 -3.94 1.34
C SER N 834 -104.01 -5.28 0.63
N GLU N 835 -102.83 -5.90 0.59
CA GLU N 835 -102.64 -7.24 0.02
C GLU N 835 -103.35 -8.32 0.83
N LEU N 836 -103.26 -8.30 2.16
CA LEU N 836 -103.86 -9.31 3.01
C LEU N 836 -105.40 -9.32 2.94
N LEU N 837 -106.05 -8.17 2.88
CA LEU N 837 -107.48 -8.10 2.62
C LEU N 837 -107.83 -8.50 1.19
N THR N 838 -107.08 -7.99 0.21
CA THR N 838 -107.35 -8.27 -1.20
C THR N 838 -107.33 -9.76 -1.49
N ASP N 839 -106.37 -10.51 -0.96
CA ASP N 839 -106.29 -11.95 -1.16
C ASP N 839 -107.21 -12.76 -0.25
N THR N 840 -107.68 -12.21 0.86
CA THR N 840 -108.80 -12.84 1.56
C THR N 840 -110.05 -12.74 0.69
N LEU N 841 -110.43 -11.55 0.23
CA LEU N 841 -111.62 -11.35 -0.59
C LEU N 841 -111.61 -12.11 -1.92
N GLU N 842 -110.55 -12.00 -2.72
CA GLU N 842 -110.53 -12.53 -4.08
C GLU N 842 -110.34 -14.05 -4.16
N ASN N 843 -110.11 -14.74 -3.05
CA ASN N 843 -109.87 -16.18 -3.00
C ASN N 843 -110.71 -16.87 -1.90
N ASP N 844 -110.60 -16.45 -0.64
CA ASP N 844 -111.38 -17.00 0.48
C ASP N 844 -112.83 -16.50 0.47
N GLY N 845 -113.06 -15.31 -0.08
CA GLY N 845 -114.38 -14.69 -0.15
C GLY N 845 -114.75 -13.94 1.12
N GLU N 846 -115.71 -13.03 1.00
CA GLU N 846 -116.05 -12.02 2.02
C GLU N 846 -116.61 -12.62 3.31
N MET N 847 -116.15 -12.14 4.48
CA MET N 847 -116.37 -12.77 5.79
C MET N 847 -117.19 -11.93 6.77
N TYR N 848 -117.09 -10.60 6.71
CA TYR N 848 -117.73 -9.67 7.67
C TYR N 848 -118.56 -8.55 7.01
N GLY N 849 -118.66 -8.52 5.69
CA GLY N 849 -119.37 -7.54 4.87
C GLY N 849 -118.68 -6.17 4.74
N ASN N 850 -118.13 -5.67 5.84
CA ASN N 850 -117.40 -4.40 5.96
C ASN N 850 -116.16 -4.27 5.06
N GLU N 851 -115.51 -5.37 4.68
CA GLU N 851 -114.18 -5.38 4.09
C GLU N 851 -114.04 -4.49 2.85
N ASN N 852 -115.09 -4.33 2.04
CA ASN N 852 -115.03 -3.43 0.89
C ASN N 852 -114.76 -1.97 1.32
N GLU N 853 -115.44 -1.50 2.36
CA GLU N 853 -115.20 -0.19 2.96
C GLU N 853 -113.87 -0.11 3.70
N VAL N 854 -113.47 -1.16 4.42
CA VAL N 854 -112.16 -1.20 5.08
C VAL N 854 -111.01 -1.10 4.08
N LEU N 855 -111.13 -1.79 2.93
CA LEU N 855 -110.16 -1.77 1.85
C LEU N 855 -110.13 -0.41 1.13
N ALA N 856 -111.27 0.25 0.96
CA ALA N 856 -111.31 1.63 0.48
C ALA N 856 -110.61 2.60 1.43
N ALA N 857 -110.73 2.41 2.74
CA ALA N 857 -110.00 3.18 3.74
C ALA N 857 -108.50 2.88 3.77
N LEU N 858 -108.08 1.66 3.43
CA LEU N 858 -106.67 1.31 3.25
C LEU N 858 -106.06 1.99 2.04
N ASN N 859 -106.71 1.93 0.88
CA ASN N 859 -106.26 2.64 -0.32
C ASN N 859 -106.14 4.15 -0.06
N GLY N 860 -107.11 4.76 0.60
CA GLY N 860 -107.06 6.16 0.95
C GLY N 860 -105.85 6.51 1.81
N ALA N 861 -105.60 5.72 2.86
CA ALA N 861 -104.46 5.91 3.76
C ALA N 861 -103.10 5.62 3.11
N TYR N 862 -103.04 4.62 2.22
CA TYR N 862 -101.89 4.27 1.41
C TYR N 862 -101.47 5.42 0.51
N ASP N 863 -102.37 5.93 -0.33
CA ASP N 863 -102.07 7.06 -1.21
C ASP N 863 -101.78 8.34 -0.42
N LYS N 864 -102.43 8.59 0.72
CA LYS N 864 -102.11 9.72 1.58
C LYS N 864 -100.69 9.66 2.14
N ALA N 865 -100.22 8.48 2.52
CA ALA N 865 -98.84 8.26 2.98
C ALA N 865 -97.82 8.40 1.84
N LEU N 866 -98.14 7.94 0.63
CA LEU N 866 -97.28 8.15 -0.54
C LEU N 866 -97.18 9.62 -0.92
N LEU N 867 -98.24 10.43 -0.84
CA LEU N 867 -98.12 11.85 -1.16
C LEU N 867 -97.20 12.59 -0.20
N ARG N 868 -97.16 12.21 1.08
CA ARG N 868 -96.21 12.74 2.06
C ARG N 868 -94.77 12.41 1.69
N LEU N 869 -94.51 11.20 1.19
CA LEU N 869 -93.20 10.80 0.66
C LEU N 869 -92.86 11.55 -0.64
N PHE N 870 -93.81 11.68 -1.55
CA PHE N 870 -93.61 12.41 -2.81
C PHE N 870 -93.28 13.88 -2.58
N ALA N 871 -93.97 14.54 -1.65
CA ALA N 871 -93.63 15.89 -1.24
C ALA N 871 -92.20 15.97 -0.67
N SER N 872 -91.79 15.00 0.14
CA SER N 872 -90.45 14.95 0.71
C SER N 872 -89.36 14.71 -0.34
N ALA N 873 -89.63 13.92 -1.37
CA ALA N 873 -88.74 13.75 -2.51
C ALA N 873 -88.64 15.03 -3.35
N CYS N 874 -89.73 15.76 -3.55
CA CYS N 874 -89.70 17.04 -4.24
C CYS N 874 -88.99 18.13 -3.44
N SER N 875 -89.14 18.16 -2.12
CA SER N 875 -88.42 19.10 -1.25
C SER N 875 -86.91 18.93 -1.38
N ASP N 876 -86.42 17.69 -1.46
CA ASP N 876 -85.01 17.36 -1.71
C ASP N 876 -84.59 17.52 -3.18
N GLN N 877 -85.53 17.93 -4.03
CA GLN N 877 -85.41 18.10 -5.48
C GLN N 877 -84.91 16.83 -6.18
N ASN N 878 -85.33 15.68 -5.66
CA ASN N 878 -85.04 14.35 -6.18
C ASN N 878 -86.16 13.92 -7.13
N VAL N 879 -86.05 14.30 -8.39
CA VAL N 879 -87.03 13.98 -9.44
C VAL N 879 -87.22 12.48 -9.60
N GLU N 880 -86.13 11.72 -9.59
CA GLU N 880 -86.17 10.28 -9.86
C GLU N 880 -86.87 9.49 -8.75
N LYS N 881 -86.57 9.83 -7.49
CA LYS N 881 -87.25 9.27 -6.32
C LYS N 881 -88.73 9.63 -6.38
N ALA N 882 -89.06 10.89 -6.64
CA ALA N 882 -90.44 11.36 -6.74
C ALA N 882 -91.21 10.66 -7.86
N LEU N 883 -90.67 10.55 -9.07
CA LEU N 883 -91.35 9.86 -10.16
C LEU N 883 -91.58 8.37 -9.87
N SER N 884 -90.67 7.71 -9.14
CA SER N 884 -90.90 6.33 -8.73
C SER N 884 -92.06 6.21 -7.75
N LEU N 885 -92.17 7.13 -6.80
CA LEU N 885 -93.28 7.19 -5.87
C LEU N 885 -94.59 7.38 -6.62
N ALA N 886 -94.60 8.21 -7.66
CA ALA N 886 -95.78 8.36 -8.49
C ALA N 886 -96.17 7.10 -9.28
N HIS N 887 -95.29 6.13 -9.52
CA HIS N 887 -95.70 4.83 -10.04
C HIS N 887 -96.38 3.96 -8.98
N GLU N 888 -96.07 4.16 -7.70
CA GLU N 888 -96.64 3.38 -6.59
C GLU N 888 -98.05 3.80 -6.19
N LEU N 889 -98.46 5.05 -6.47
CA LEU N 889 -99.84 5.51 -6.26
C LEU N 889 -100.82 4.61 -7.03
N LYS N 890 -101.98 4.28 -6.45
CA LYS N 890 -102.92 3.31 -7.04
C LYS N 890 -104.26 3.89 -7.47
N GLN N 891 -104.60 5.10 -7.03
CA GLN N 891 -105.84 5.80 -7.38
C GLN N 891 -105.57 7.07 -8.19
N ASP N 892 -106.49 7.41 -9.09
CA ASP N 892 -106.27 8.48 -10.08
C ASP N 892 -106.31 9.88 -9.47
N ARG N 893 -107.10 10.07 -8.41
CA ARG N 893 -107.15 11.28 -7.58
C ARG N 893 -105.79 11.65 -7.01
N ALA N 894 -105.05 10.67 -6.53
CA ALA N 894 -103.75 10.87 -5.93
C ALA N 894 -102.71 11.30 -6.97
N LEU N 895 -102.76 10.77 -8.19
CA LEU N 895 -101.87 11.23 -9.25
C LEU N 895 -102.09 12.70 -9.62
N THR N 896 -103.31 13.22 -9.56
CA THR N 896 -103.52 14.66 -9.81
C THR N 896 -103.13 15.53 -8.63
N ALA N 897 -103.22 15.02 -7.39
CA ALA N 897 -102.70 15.72 -6.22
C ALA N 897 -101.18 15.87 -6.25
N ALA N 898 -100.48 14.87 -6.81
CA ALA N 898 -99.04 14.91 -7.04
C ALA N 898 -98.61 16.02 -8.03
N VAL N 899 -99.40 16.30 -9.07
CA VAL N 899 -99.12 17.42 -9.99
C VAL N 899 -99.03 18.73 -9.22
N LYS N 900 -100.00 19.02 -8.35
CA LYS N 900 -100.05 20.26 -7.57
C LYS N 900 -98.80 20.44 -6.72
N ILE N 901 -98.34 19.36 -6.07
CA ILE N 901 -97.12 19.33 -5.26
C ILE N 901 -95.91 19.63 -6.12
N SER N 902 -95.78 18.99 -7.30
CA SER N 902 -94.67 19.22 -8.23
C SER N 902 -94.63 20.67 -8.76
N GLU N 903 -95.78 21.28 -9.04
CA GLU N 903 -95.88 22.71 -9.37
C GLU N 903 -95.35 23.58 -8.22
N ARG N 904 -95.90 23.45 -7.01
CA ARG N 904 -95.57 24.33 -5.88
C ARG N 904 -94.16 24.09 -5.31
N ALA N 905 -93.59 22.91 -5.51
CA ALA N 905 -92.17 22.62 -5.28
C ALA N 905 -91.24 23.23 -6.35
N GLU N 906 -91.79 23.84 -7.40
CA GLU N 906 -91.08 24.45 -8.53
C GLU N 906 -90.21 23.47 -9.31
N LEU N 907 -90.74 22.26 -9.58
CA LEU N 907 -89.98 21.12 -10.08
C LEU N 907 -90.63 20.53 -11.35
N PRO N 908 -90.58 21.24 -12.49
CA PRO N 908 -91.58 21.14 -13.55
C PRO N 908 -91.55 19.89 -14.42
N SER N 909 -90.40 19.25 -14.64
CA SER N 909 -90.31 18.08 -15.54
C SER N 909 -91.19 16.92 -15.07
N LEU N 910 -91.37 16.75 -13.75
CA LEU N 910 -92.28 15.76 -13.16
C LEU N 910 -93.68 15.91 -13.70
N VAL N 911 -94.19 17.12 -13.89
CA VAL N 911 -95.55 17.33 -14.39
C VAL N 911 -95.77 16.70 -15.76
N LYS N 912 -94.77 16.72 -16.65
CA LYS N 912 -94.83 16.02 -17.95
C LYS N 912 -94.92 14.50 -17.76
N LYS N 913 -94.06 13.96 -16.90
CA LYS N 913 -94.01 12.51 -16.65
C LYS N 913 -95.31 12.01 -15.99
N ILE N 914 -95.82 12.73 -15.01
CA ILE N 914 -97.06 12.41 -14.29
C ILE N 914 -98.24 12.35 -15.26
N ASN N 915 -98.37 13.33 -16.14
CA ASN N 915 -99.48 13.35 -17.11
C ASN N 915 -99.42 12.17 -18.09
N ASN N 916 -98.22 11.70 -18.47
CA ASN N 916 -98.09 10.46 -19.23
C ASN N 916 -98.63 9.23 -18.49
N ILE N 917 -98.41 9.14 -17.18
CA ILE N 917 -99.02 8.06 -16.37
C ILE N 917 -100.54 8.22 -16.33
N ARG N 918 -101.08 9.43 -16.13
CA ARG N 918 -102.55 9.62 -16.07
C ARG N 918 -103.22 9.26 -17.39
N GLU N 919 -102.66 9.64 -18.53
CA GLU N 919 -103.18 9.22 -19.83
C GLU N 919 -103.12 7.71 -20.07
N ALA N 920 -102.03 7.06 -19.67
CA ALA N 920 -101.96 5.61 -19.76
C ALA N 920 -102.99 4.92 -18.86
N ARG N 921 -103.26 5.46 -17.67
CA ARG N 921 -104.22 4.92 -16.71
C ARG N 921 -105.66 5.10 -17.13
N TYR N 922 -106.06 6.30 -17.55
CA TYR N 922 -107.45 6.55 -17.96
C TYR N 922 -107.79 5.86 -19.29
N GLU N 923 -106.83 5.72 -20.22
CA GLU N 923 -106.98 4.84 -21.40
C GLU N 923 -107.07 3.35 -21.01
N GLN N 924 -106.28 2.88 -20.03
CA GLN N 924 -106.53 1.61 -19.37
C GLN N 924 -107.70 1.74 -18.39
N ALA Q 13 -6.42 -13.54 46.59
CA ALA Q 13 -5.12 -13.42 47.31
C ALA Q 13 -4.36 -12.14 46.99
N ASP Q 14 -4.00 -11.88 45.73
CA ASP Q 14 -3.31 -10.63 45.35
C ASP Q 14 -4.17 -9.38 45.53
N PHE Q 15 -5.48 -9.47 45.31
CA PHE Q 15 -6.37 -8.39 45.70
C PHE Q 15 -6.25 -8.07 47.20
N SER Q 16 -6.14 -9.09 48.05
CA SER Q 16 -5.98 -8.95 49.50
C SER Q 16 -4.67 -8.24 49.83
N LEU Q 17 -3.58 -8.60 49.13
CA LEU Q 17 -2.30 -7.91 49.28
C LEU Q 17 -2.40 -6.43 48.90
N THR Q 18 -2.99 -6.08 47.74
CA THR Q 18 -3.06 -4.67 47.32
C THR Q 18 -4.04 -3.85 48.16
N VAL Q 19 -5.10 -4.44 48.69
CA VAL Q 19 -5.99 -3.79 49.65
C VAL Q 19 -5.29 -3.54 50.97
N LEU Q 20 -4.49 -4.50 51.46
CA LEU Q 20 -3.66 -4.34 52.65
C LEU Q 20 -2.68 -3.17 52.49
N ARG Q 21 -1.98 -3.10 51.34
CA ARG Q 21 -1.05 -1.99 51.08
C ARG Q 21 -1.79 -0.65 51.04
N ALA Q 22 -2.96 -0.59 50.42
CA ALA Q 22 -3.78 0.62 50.35
C ALA Q 22 -4.32 1.07 51.72
N ARG Q 23 -4.77 0.14 52.57
CA ARG Q 23 -5.22 0.43 53.94
C ARG Q 23 -4.07 0.93 54.80
N ILE Q 24 -2.90 0.31 54.75
CA ILE Q 24 -1.76 0.76 55.55
C ILE Q 24 -1.20 2.08 55.02
N ALA Q 25 -1.14 2.32 53.72
CA ALA Q 25 -0.73 3.61 53.19
C ALA Q 25 -1.69 4.75 53.61
N LEU Q 26 -3.00 4.51 53.66
CA LEU Q 26 -3.97 5.49 54.14
C LEU Q 26 -3.86 5.75 55.66
N LEU Q 27 -3.52 4.74 56.46
CA LEU Q 27 -3.16 4.94 57.87
C LEU Q 27 -1.84 5.70 58.00
N ALA Q 28 -0.83 5.44 57.18
CA ALA Q 28 0.47 6.11 57.23
C ALA Q 28 0.40 7.61 56.95
N THR Q 29 -0.46 8.04 56.03
CA THR Q 29 -0.70 9.47 55.81
C THR Q 29 -1.59 10.10 56.88
N ALA Q 30 -2.35 9.32 57.65
CA ALA Q 30 -3.21 9.83 58.71
C ALA Q 30 -2.45 10.23 60.00
N ILE Q 31 -1.19 9.81 60.20
CA ILE Q 31 -0.43 10.06 61.45
C ILE Q 31 -0.11 11.54 61.67
N GLY Q 32 0.30 12.28 60.64
CA GLY Q 32 0.72 13.68 60.74
C GLY Q 32 1.54 14.15 59.55
N GLY Q 33 2.20 15.29 59.66
CA GLY Q 33 3.02 15.86 58.59
C GLY Q 33 3.82 17.10 59.02
N PRO Q 34 4.70 17.63 58.16
CA PRO Q 34 5.58 18.76 58.46
C PRO Q 34 4.91 20.08 58.84
N ASP Q 35 3.58 20.17 58.70
CA ASP Q 35 2.73 21.36 58.92
C ASP Q 35 2.95 22.55 57.97
N TYR Q 36 4.19 22.83 57.57
CA TYR Q 36 4.59 23.95 56.72
C TYR Q 36 4.07 25.31 57.24
N THR Q 37 4.45 25.66 58.47
CA THR Q 37 4.16 26.97 59.07
C THR Q 37 5.34 27.50 59.91
N PRO Q 43 10.62 21.80 58.43
CA PRO Q 43 9.50 22.43 59.12
C PRO Q 43 9.05 21.64 60.36
N PRO Q 44 8.39 22.29 61.33
CA PRO Q 44 8.00 21.68 62.59
C PRO Q 44 6.82 20.71 62.44
N TYR Q 45 7.12 19.41 62.48
CA TYR Q 45 6.16 18.32 62.37
C TYR Q 45 5.00 18.47 63.36
N LYS Q 46 3.77 18.39 62.88
CA LYS Q 46 2.56 18.46 63.67
C LYS Q 46 1.91 17.08 63.77
N LEU Q 47 1.51 16.69 64.97
CA LEU Q 47 0.66 15.52 65.20
C LEU Q 47 -0.67 15.64 64.46
N GLY Q 48 -1.06 14.59 63.74
CA GLY Q 48 -2.42 14.50 63.22
C GLY Q 48 -3.43 14.40 64.36
N ASP Q 49 -4.61 14.99 64.18
CA ASP Q 49 -5.71 14.66 65.09
C ASP Q 49 -5.98 13.14 65.03
N ASP Q 50 -6.34 12.52 66.12
CA ASP Q 50 -6.45 11.06 66.26
C ASP Q 50 -5.16 10.25 66.08
N CYS Q 51 -3.99 10.85 66.24
CA CYS Q 51 -2.72 10.14 66.14
C CYS Q 51 -2.64 8.92 67.09
N LEU Q 52 -3.06 9.02 68.35
CA LEU Q 52 -3.02 7.89 69.28
C LEU Q 52 -3.84 6.70 68.76
N ALA Q 53 -5.01 6.97 68.22
CA ALA Q 53 -5.85 5.92 67.64
C ALA Q 53 -5.23 5.30 66.38
N CYS Q 54 -4.51 6.06 65.58
CA CYS Q 54 -3.78 5.54 64.41
C CYS Q 54 -2.59 4.68 64.80
N LEU Q 55 -1.89 5.05 65.87
CA LEU Q 55 -0.77 4.29 66.42
C LEU Q 55 -1.25 2.97 67.02
N LYS Q 56 -2.33 3.00 67.82
CA LYS Q 56 -2.93 1.80 68.40
C LYS Q 56 -3.47 0.87 67.33
N ASP Q 57 -4.12 1.40 66.30
CA ASP Q 57 -4.61 0.63 65.15
C ASP Q 57 -3.44 -0.02 64.39
N LEU Q 58 -2.33 0.67 64.18
CA LEU Q 58 -1.15 0.07 63.56
C LEU Q 58 -0.52 -1.02 64.42
N LYS Q 59 -0.49 -0.88 65.75
CA LYS Q 59 -0.07 -1.99 66.62
C LYS Q 59 -1.03 -3.18 66.48
N ARG Q 60 -2.33 -2.95 66.46
CA ARG Q 60 -3.34 -3.98 66.22
C ARG Q 60 -3.10 -4.70 64.90
N TRP Q 61 -2.81 -3.97 63.82
CA TRP Q 61 -2.46 -4.56 62.53
C TRP Q 61 -1.25 -5.47 62.62
N PHE Q 62 -0.19 -5.09 63.32
CA PHE Q 62 0.99 -5.93 63.49
C PHE Q 62 0.62 -7.23 64.19
N LYS Q 63 -0.05 -7.13 65.34
CA LYS Q 63 -0.50 -8.31 66.09
C LYS Q 63 -1.46 -9.17 65.26
N LEU Q 64 -2.61 -8.63 64.90
CA LEU Q 64 -3.73 -9.38 64.37
C LEU Q 64 -3.49 -9.94 62.96
N VAL Q 65 -2.35 -9.63 62.33
CA VAL Q 65 -1.87 -10.26 61.10
C VAL Q 65 -0.64 -11.13 61.33
N ASP Q 66 0.44 -10.61 61.91
CA ASP Q 66 1.71 -11.34 61.97
C ASP Q 66 1.74 -12.43 63.03
N ASP Q 67 1.13 -12.20 64.20
CA ASP Q 67 0.92 -13.30 65.14
C ASP Q 67 -0.12 -14.29 64.58
N GLN Q 68 -1.27 -13.77 64.13
CA GLN Q 68 -2.42 -14.61 63.83
C GLN Q 68 -2.25 -15.47 62.58
N GLN Q 69 -1.46 -15.04 61.59
CA GLN Q 69 -1.37 -15.73 60.30
C GLN Q 69 0.08 -15.95 59.82
N LYS Q 70 1.09 -15.50 60.57
CA LYS Q 70 2.52 -15.72 60.26
C LYS Q 70 2.92 -15.22 58.87
N ARG Q 71 2.48 -14.02 58.51
CA ARG Q 71 2.58 -13.51 57.13
C ARG Q 71 3.78 -12.63 56.85
N TRP Q 72 4.13 -11.65 57.69
CA TRP Q 72 5.12 -10.59 57.41
C TRP Q 72 4.74 -9.55 56.35
N ASP Q 73 3.55 -9.60 55.77
CA ASP Q 73 3.14 -8.67 54.72
C ASP Q 73 2.92 -7.23 55.22
N VAL Q 74 2.29 -7.05 56.37
CA VAL Q 74 2.11 -5.73 57.00
C VAL Q 74 3.48 -5.18 57.37
N ALA Q 75 4.34 -5.98 57.99
CA ALA Q 75 5.68 -5.54 58.37
C ALA Q 75 6.55 -5.16 57.16
N MET Q 76 6.32 -5.78 56.01
CA MET Q 76 6.94 -5.41 54.75
C MET Q 76 6.41 -4.07 54.22
N ALA Q 77 5.09 -3.94 54.04
CA ALA Q 77 4.50 -2.76 53.45
C ALA Q 77 4.54 -1.51 54.34
N VAL Q 78 4.70 -1.60 55.66
CA VAL Q 78 4.97 -0.41 56.48
C VAL Q 78 6.34 0.21 56.21
N ALA Q 79 7.28 -0.53 55.64
CA ALA Q 79 8.54 0.03 55.17
C ALA Q 79 8.38 0.74 53.82
N GLU Q 80 7.55 0.22 52.92
CA GLU Q 80 7.27 0.84 51.60
C GLU Q 80 6.80 2.29 51.74
N TYR Q 81 5.90 2.55 52.69
CA TYR Q 81 5.36 3.88 53.00
C TYR Q 81 6.09 4.63 54.13
N ARG Q 82 7.32 4.21 54.43
CA ARG Q 82 8.31 4.94 55.25
C ARG Q 82 7.86 5.36 56.66
N ILE Q 83 6.85 4.71 57.25
CA ILE Q 83 6.23 5.12 58.53
C ILE Q 83 7.28 5.36 59.61
N LEU Q 84 8.28 4.49 59.70
CA LEU Q 84 9.34 4.65 60.69
C LEU Q 84 10.17 5.92 60.49
N THR Q 85 10.67 6.15 59.28
CA THR Q 85 11.64 7.19 59.00
C THR Q 85 11.02 8.57 58.81
N ASP Q 86 9.73 8.64 58.47
CA ASP Q 86 8.98 9.87 58.20
C ASP Q 86 7.93 10.23 59.26
N ASP Q 87 7.54 9.33 60.18
CA ASP Q 87 6.58 9.63 61.25
C ASP Q 87 7.09 9.26 62.65
N LEU Q 88 7.39 7.98 62.90
CA LEU Q 88 7.77 7.54 64.25
C LEU Q 88 9.03 8.25 64.75
N LEU Q 89 10.08 8.37 63.93
CA LEU Q 89 11.30 9.07 64.32
C LEU Q 89 11.07 10.56 64.59
N PRO Q 90 10.51 11.37 63.67
CA PRO Q 90 10.20 12.76 63.99
C PRO Q 90 9.32 12.95 65.22
N ILE Q 91 8.30 12.11 65.43
CA ILE Q 91 7.43 12.24 66.61
C ILE Q 91 8.23 12.04 67.90
N LEU Q 92 9.06 11.01 68.00
CA LEU Q 92 9.88 10.80 69.18
C LEU Q 92 10.92 11.90 69.39
N ILE Q 93 11.56 12.38 68.33
CA ILE Q 93 12.62 13.39 68.46
C ILE Q 93 12.05 14.75 68.86
N ASP Q 94 10.89 15.15 68.34
CA ASP Q 94 10.23 16.38 68.83
C ASP Q 94 9.80 16.24 70.29
N TRP Q 95 9.22 15.11 70.70
CA TRP Q 95 8.83 14.93 72.09
C TRP Q 95 10.02 14.95 73.04
N GLU Q 96 11.15 14.41 72.62
CA GLU Q 96 12.41 14.52 73.37
C GLU Q 96 12.80 15.98 73.58
N ASN Q 97 12.79 16.79 72.53
CA ASN Q 97 13.06 18.22 72.67
C ASN Q 97 12.04 18.91 73.59
N LYS Q 98 10.75 18.58 73.44
CA LYS Q 98 9.71 19.13 74.31
C LYS Q 98 9.90 18.74 75.77
N CYS Q 99 10.57 17.64 76.11
CA CYS Q 99 10.84 17.28 77.51
C CYS Q 99 12.20 17.77 78.00
N SER Q 100 13.21 17.82 77.14
CA SER Q 100 14.53 18.36 77.48
C SER Q 100 14.43 19.83 77.84
N LEU Q 101 13.75 20.64 77.03
CA LEU Q 101 13.55 22.05 77.33
C LEU Q 101 12.89 22.23 78.70
N ALA Q 102 11.82 21.50 78.98
CA ALA Q 102 11.13 21.58 80.27
C ALA Q 102 12.01 21.18 81.45
N ALA Q 103 12.85 20.16 81.29
CA ALA Q 103 13.80 19.75 82.32
C ALA Q 103 14.86 20.83 82.59
N LYS Q 104 15.32 21.54 81.55
CA LYS Q 104 16.21 22.70 81.71
C LYS Q 104 15.50 23.94 82.25
N LEU Q 105 14.18 24.05 82.11
CA LEU Q 105 13.40 25.04 82.83
C LEU Q 105 13.13 24.67 84.30
N ALA Q 106 13.20 23.41 84.72
CA ALA Q 106 12.89 22.98 86.08
C ALA Q 106 13.79 23.64 87.14
N ASN Q 117 -0.33 19.11 76.28
CA ASN Q 117 -0.73 18.11 77.25
C ASN Q 117 0.31 17.00 77.35
N LYS Q 118 1.20 17.10 78.33
CA LYS Q 118 2.44 16.31 78.33
C LYS Q 118 2.12 14.87 78.81
N ALA Q 119 1.08 14.73 79.64
CA ALA Q 119 0.46 13.46 80.00
C ALA Q 119 -0.18 12.72 78.82
N TYR Q 120 -0.70 13.45 77.83
CA TYR Q 120 -1.15 12.86 76.58
C TYR Q 120 0.02 12.46 75.70
N TYR Q 121 0.98 13.35 75.47
CA TYR Q 121 2.10 13.06 74.58
C TYR Q 121 2.96 11.88 75.05
N ASP Q 122 3.02 11.61 76.36
CA ASP Q 122 3.63 10.40 76.90
C ASP Q 122 3.08 9.14 76.22
N LYS Q 123 1.76 8.99 76.10
CA LYS Q 123 1.15 7.77 75.56
C LYS Q 123 1.56 7.51 74.11
N ILE Q 124 1.57 8.54 73.28
CA ILE Q 124 2.00 8.40 71.89
C ILE Q 124 3.52 8.26 71.76
N ALA Q 125 4.32 8.78 72.68
CA ALA Q 125 5.75 8.49 72.69
C ALA Q 125 6.01 7.02 73.00
N LEU Q 126 5.34 6.48 74.03
CA LEU Q 126 5.40 5.07 74.37
C LEU Q 126 4.99 4.21 73.17
N ASN Q 127 3.83 4.48 72.58
CA ASN Q 127 3.38 3.68 71.44
C ASN Q 127 4.30 3.82 70.22
N CYS Q 128 4.97 4.95 70.03
CA CYS Q 128 6.00 5.05 69.01
C CYS Q 128 7.18 4.13 69.33
N LEU Q 129 7.62 4.04 70.59
CA LEU Q 129 8.67 3.11 70.97
C LEU Q 129 8.21 1.66 70.80
N GLN Q 130 6.96 1.33 71.11
CA GLN Q 130 6.38 0.01 70.91
C GLN Q 130 6.48 -0.43 69.45
N LEU Q 131 6.04 0.42 68.51
CA LEU Q 131 6.17 0.12 67.09
C LEU Q 131 7.61 0.08 66.61
N LEU Q 132 8.52 0.91 67.15
CA LEU Q 132 9.93 0.78 66.83
C LEU Q 132 10.42 -0.61 67.22
N VAL Q 133 10.12 -1.10 68.40
CA VAL Q 133 10.56 -2.43 68.84
C VAL Q 133 9.97 -3.53 67.99
N LEU Q 134 8.69 -3.46 67.63
CA LEU Q 134 8.09 -4.44 66.73
C LEU Q 134 8.74 -4.44 65.34
N MET Q 135 8.95 -3.28 64.74
CA MET Q 135 9.57 -3.17 63.42
C MET Q 135 11.04 -3.58 63.41
N THR Q 136 11.75 -3.36 64.51
CA THR Q 136 13.17 -3.66 64.64
C THR Q 136 13.44 -5.06 65.19
N TRP Q 137 12.42 -5.84 65.53
CA TRP Q 137 12.57 -7.17 66.14
C TRP Q 137 13.41 -8.09 65.25
N PRO Q 138 14.34 -8.92 65.77
CA PRO Q 138 15.20 -9.74 64.93
C PRO Q 138 14.41 -10.76 64.12
N LEU Q 139 14.78 -10.95 62.86
CA LEU Q 139 14.14 -11.94 62.01
C LEU Q 139 14.92 -13.26 62.00
N ILE Q 140 14.17 -14.37 62.09
CA ILE Q 140 14.68 -15.73 62.00
C ILE Q 140 13.82 -16.58 61.06
N VAL Q 141 14.45 -17.53 60.40
CA VAL Q 141 13.80 -18.54 59.56
C VAL Q 141 14.20 -19.93 60.06
N THR Q 142 13.23 -20.83 60.05
CA THR Q 142 13.18 -22.13 60.71
C THR Q 142 12.34 -23.09 59.88
N GLU Q 143 12.40 -24.37 60.21
CA GLU Q 143 11.47 -25.38 59.69
C GLU Q 143 9.99 -24.98 59.88
N GLN Q 144 9.65 -24.40 61.03
CA GLN Q 144 8.29 -23.93 61.34
C GLN Q 144 7.92 -22.62 60.63
N SER Q 145 8.84 -22.02 59.87
CA SER Q 145 8.60 -20.76 59.17
C SER Q 145 7.58 -20.92 58.05
N SER Q 146 6.73 -19.92 57.87
CA SER Q 146 5.75 -19.90 56.79
C SER Q 146 6.41 -19.84 55.41
N SER Q 147 5.78 -20.43 54.40
CA SER Q 147 6.14 -20.26 52.98
C SER Q 147 6.14 -18.79 52.55
N ASN Q 148 5.32 -17.94 53.16
CA ASN Q 148 5.37 -16.51 52.89
C ASN Q 148 6.48 -15.79 53.67
N GLN Q 149 6.77 -16.19 54.90
CA GLN Q 149 7.88 -15.59 55.65
C GLN Q 149 9.23 -15.88 55.00
N ILE Q 150 9.48 -17.11 54.58
CA ILE Q 150 10.74 -17.44 53.89
C ILE Q 150 10.86 -16.72 52.55
N THR Q 151 9.74 -16.36 51.91
CA THR Q 151 9.73 -15.55 50.69
C THR Q 151 10.22 -14.13 50.98
N LEU Q 152 9.71 -13.47 52.03
CA LEU Q 152 10.03 -12.08 52.34
C LEU Q 152 11.29 -11.87 53.18
N TYR Q 153 11.82 -12.90 53.81
CA TYR Q 153 12.92 -12.76 54.77
C TYR Q 153 14.10 -11.95 54.28
N GLY Q 154 14.67 -12.34 53.14
CA GLY Q 154 15.84 -11.69 52.58
C GLY Q 154 15.61 -10.22 52.20
N GLU Q 155 14.37 -9.87 51.88
CA GLU Q 155 13.98 -8.50 51.55
C GLU Q 155 13.79 -7.63 52.80
N LEU Q 156 13.17 -8.17 53.84
CA LEU Q 156 12.80 -7.41 55.04
C LEU Q 156 14.05 -7.04 55.84
N LYS Q 157 15.13 -7.83 55.73
CA LYS Q 157 16.45 -7.48 56.24
C LYS Q 157 17.00 -6.18 55.65
N LYS Q 158 16.66 -5.82 54.41
CA LYS Q 158 17.09 -4.55 53.82
C LYS Q 158 16.38 -3.37 54.47
N HIS Q 159 15.09 -3.47 54.73
CA HIS Q 159 14.34 -2.41 55.39
C HIS Q 159 14.78 -2.24 56.83
N GLN Q 160 15.13 -3.32 57.52
CA GLN Q 160 15.72 -3.21 58.84
C GLN Q 160 17.09 -2.51 58.80
N LEU Q 161 17.93 -2.75 57.79
CA LEU Q 161 19.17 -1.97 57.60
C LEU Q 161 18.90 -0.47 57.44
N VAL Q 162 17.90 -0.08 56.66
CA VAL Q 162 17.51 1.33 56.52
C VAL Q 162 17.00 1.90 57.86
N TYR Q 163 16.26 1.13 58.63
CA TYR Q 163 15.81 1.55 59.96
C TYR Q 163 16.99 1.81 60.88
N LYS Q 164 18.00 0.94 60.92
CA LYS Q 164 19.19 1.15 61.77
C LYS Q 164 19.95 2.40 61.37
N LYS Q 165 20.25 2.59 60.09
CA LYS Q 165 20.91 3.82 59.61
C LYS Q 165 20.13 5.04 60.03
N THR Q 166 18.82 5.03 59.83
CA THR Q 166 17.99 6.18 60.13
C THR Q 166 17.91 6.42 61.65
N ILE Q 167 17.80 5.40 62.48
CA ILE Q 167 17.80 5.55 63.94
C ILE Q 167 19.12 6.12 64.46
N LEU Q 168 20.26 5.66 63.95
CA LEU Q 168 21.57 6.11 64.42
C LEU Q 168 21.93 7.52 63.93
N SER Q 169 21.48 7.93 62.74
CA SER Q 169 21.85 9.21 62.09
C SER Q 169 20.79 10.31 62.11
N MET Q 170 19.51 9.99 62.20
CA MET Q 170 18.43 10.97 62.26
C MET Q 170 18.61 11.85 63.49
N GLU Q 171 18.99 13.10 63.26
CA GLU Q 171 19.34 14.07 64.29
C GLU Q 171 20.35 13.49 65.30
N SER Q 172 21.26 12.66 64.78
CA SER Q 172 22.39 12.07 65.51
C SER Q 172 22.01 11.26 66.76
N GLY Q 173 21.01 10.37 66.69
CA GLY Q 173 20.64 9.50 67.80
C GLY Q 173 19.77 10.16 68.86
N LYS Q 174 19.22 11.34 68.61
CA LYS Q 174 18.21 11.95 69.48
C LYS Q 174 17.07 10.99 69.86
N VAL Q 175 16.71 10.03 69.00
CA VAL Q 175 15.77 8.96 69.36
C VAL Q 175 16.29 8.01 70.43
N LEU Q 176 17.59 7.70 70.47
CA LEU Q 176 18.16 6.94 71.57
C LEU Q 176 18.08 7.74 72.88
N ARG Q 177 18.20 9.07 72.81
CA ARG Q 177 17.96 9.96 73.94
C ARG Q 177 16.50 9.94 74.40
N ALA Q 178 15.56 9.90 73.46
CA ALA Q 178 14.15 9.73 73.79
C ALA Q 178 13.86 8.38 74.45
N ALA Q 179 14.53 7.31 74.02
CA ALA Q 179 14.37 6.01 74.63
C ALA Q 179 14.86 6.00 76.08
N ILE Q 180 16.06 6.52 76.36
CA ILE Q 180 16.51 6.60 77.75
C ILE Q 180 15.59 7.47 78.56
N ARG Q 181 15.00 8.54 78.02
CA ARG Q 181 14.04 9.35 78.78
C ARG Q 181 12.85 8.50 79.23
N LEU Q 182 12.26 7.71 78.35
CA LEU Q 182 11.16 6.83 78.73
C LEU Q 182 11.57 5.79 79.78
N ALA Q 183 12.84 5.41 79.87
CA ALA Q 183 13.36 4.61 80.96
C ALA Q 183 13.54 5.41 82.26
N LEU Q 184 14.04 6.64 82.20
CA LEU Q 184 14.16 7.52 83.36
C LEU Q 184 12.82 7.72 84.04
N ASP Q 185 11.74 7.86 83.27
CA ASP Q 185 10.39 7.97 83.78
C ASP Q 185 10.01 6.86 84.77
N VAL Q 186 10.64 5.69 84.71
CA VAL Q 186 10.39 4.61 85.64
C VAL Q 186 11.57 4.35 86.58
N ILE Q 187 12.82 4.59 86.20
CA ILE Q 187 13.92 4.68 87.16
C ILE Q 187 13.71 5.70 88.29
N LYS Q 188 12.98 6.78 88.07
CA LYS Q 188 12.70 7.80 89.09
C LYS Q 188 11.84 7.33 90.26
N ILE Q 189 11.01 6.34 90.06
CA ILE Q 189 10.23 5.68 91.10
C ILE Q 189 10.86 4.36 91.50
N ASP Q 190 10.72 4.03 92.76
CA ASP Q 190 11.59 3.15 93.56
C ASP Q 190 11.69 1.67 93.11
N ARG Q 191 12.81 0.99 93.39
CA ARG Q 191 12.96 -0.46 93.13
C ARG Q 191 11.83 -1.30 93.74
N LEU Q 192 11.36 -0.97 94.94
CA LEU Q 192 10.23 -1.65 95.57
C LEU Q 192 8.87 -1.09 95.10
N SER Q 193 8.68 0.23 95.07
CA SER Q 193 7.37 0.83 94.84
C SER Q 193 6.95 0.88 93.36
N ARG Q 194 7.75 0.36 92.44
CA ARG Q 194 7.40 0.18 91.03
C ARG Q 194 6.31 -0.87 90.77
N THR Q 195 5.65 -0.79 89.62
CA THR Q 195 4.61 -1.73 89.16
C THR Q 195 5.13 -2.60 88.02
N PRO Q 196 4.58 -3.80 87.76
CA PRO Q 196 5.09 -4.66 86.69
C PRO Q 196 4.94 -4.01 85.32
N ARG Q 197 3.85 -3.25 85.11
CA ARG Q 197 3.61 -2.50 83.87
C ARG Q 197 4.64 -1.41 83.59
N ASP Q 198 5.49 -1.09 84.56
CA ASP Q 198 6.68 -0.26 84.38
C ASP Q 198 7.98 -1.05 84.22
N ASN Q 199 8.14 -2.17 84.93
CA ASN Q 199 9.27 -3.06 84.65
C ASN Q 199 9.21 -3.58 83.21
N MET Q 200 8.01 -3.72 82.66
CA MET Q 200 7.80 -3.98 81.25
C MET Q 200 8.42 -2.90 80.37
N VAL Q 201 8.25 -1.62 80.70
CA VAL Q 201 8.84 -0.51 79.98
C VAL Q 201 10.36 -0.54 80.04
N LEU Q 202 10.94 -0.91 81.17
CA LEU Q 202 12.38 -1.16 81.24
C LEU Q 202 12.82 -2.23 80.26
N LYS Q 203 12.12 -3.35 80.23
CA LYS Q 203 12.43 -4.43 79.29
C LYS Q 203 12.25 -3.94 77.87
N LEU Q 204 11.23 -3.12 77.59
CA LEU Q 204 11.01 -2.54 76.26
C LEU Q 204 12.22 -1.74 75.81
N VAL Q 205 12.69 -0.81 76.64
CA VAL Q 205 13.85 0.01 76.29
C VAL Q 205 15.11 -0.84 76.12
N LEU Q 206 15.36 -1.83 76.96
CA LEU Q 206 16.50 -2.72 76.74
C LEU Q 206 16.38 -3.52 75.45
N ASN Q 207 15.19 -4.02 75.13
CA ASN Q 207 14.97 -4.73 73.88
C ASN Q 207 15.10 -3.79 72.68
N PHE Q 208 14.76 -2.51 72.80
CA PHE Q 208 14.99 -1.57 71.72
C PHE Q 208 16.48 -1.42 71.43
N PHE Q 209 17.32 -1.24 72.44
CA PHE Q 209 18.77 -1.15 72.21
C PHE Q 209 19.37 -2.41 71.64
N ARG Q 210 19.00 -3.60 72.16
CA ARG Q 210 19.54 -4.84 71.61
C ARG Q 210 19.16 -5.01 70.13
N ASN Q 211 17.97 -4.57 69.72
CA ASN Q 211 17.55 -4.62 68.33
C ASN Q 211 18.39 -3.66 67.46
N VAL Q 212 18.46 -2.37 67.82
CA VAL Q 212 19.25 -1.38 67.08
C VAL Q 212 20.71 -1.79 66.96
N ILE Q 213 21.24 -2.48 67.95
CA ILE Q 213 22.57 -3.08 67.84
C ILE Q 213 22.56 -4.21 66.82
N ALA Q 214 21.69 -5.20 67.00
CA ALA Q 214 21.72 -6.47 66.27
C ALA Q 214 20.99 -6.50 64.93
N ILE Q 215 20.50 -5.37 64.41
CA ILE Q 215 20.33 -5.27 62.96
C ILE Q 215 21.71 -5.40 62.34
N GLU Q 216 21.82 -6.40 61.48
CA GLU Q 216 23.04 -6.92 60.90
C GLU Q 216 22.71 -7.36 59.46
N PRO Q 217 23.58 -7.12 58.45
CA PRO Q 217 23.22 -7.42 57.08
C PRO Q 217 22.94 -8.91 56.86
N GLY Q 218 21.95 -9.21 56.02
CA GLY Q 218 21.45 -10.57 55.85
C GLY Q 218 22.41 -11.51 55.09
N GLU Q 219 22.17 -12.80 55.28
CA GLU Q 219 22.61 -13.87 54.39
C GLU Q 219 22.03 -13.66 52.98
N PHE Q 220 22.81 -13.91 51.93
CA PHE Q 220 22.25 -14.22 50.62
C PHE Q 220 21.70 -15.65 50.64
N THR Q 221 20.83 -16.04 49.72
CA THR Q 221 20.37 -17.44 49.59
C THR Q 221 20.02 -17.74 48.15
N ILE Q 222 20.42 -18.93 47.68
CA ILE Q 222 20.18 -19.43 46.34
C ILE Q 222 19.36 -20.72 46.37
N ASN Q 223 18.48 -20.93 45.40
CA ASN Q 223 17.80 -22.21 45.19
C ASN Q 223 18.78 -23.17 44.49
N THR Q 224 18.94 -24.39 45.00
CA THR Q 224 19.90 -25.38 44.46
C THR Q 224 19.26 -26.56 43.75
N LYS Q 225 17.93 -26.53 43.49
CA LYS Q 225 17.24 -27.55 42.67
C LYS Q 225 17.80 -27.60 41.24
N LYS Q 226 18.31 -26.48 40.75
CA LYS Q 226 18.97 -26.24 39.45
C LYS Q 226 20.46 -25.93 39.65
N SER Q 227 21.33 -26.66 38.96
CA SER Q 227 22.79 -26.57 39.11
C SER Q 227 23.40 -25.23 38.64
N MET Q 228 24.66 -24.98 39.00
CA MET Q 228 25.38 -23.74 38.70
C MET Q 228 25.60 -23.49 37.19
N PRO Q 229 25.43 -22.26 36.68
CA PRO Q 229 25.91 -21.85 35.36
C PRO Q 229 27.46 -21.76 35.31
N LYS Q 230 28.05 -21.38 34.16
CA LYS Q 230 29.51 -21.21 33.99
C LYS Q 230 30.17 -20.04 34.72
N LYS Q 231 29.41 -19.30 35.54
CA LYS Q 231 29.92 -18.43 36.61
C LYS Q 231 29.13 -18.67 37.90
N GLY Q 232 29.77 -18.43 39.03
CA GLY Q 232 29.16 -18.56 40.35
C GLY Q 232 28.24 -17.39 40.71
N ILE Q 233 28.04 -17.20 42.00
CA ILE Q 233 27.17 -16.13 42.52
C ILE Q 233 27.89 -14.78 42.40
N THR Q 234 27.60 -14.02 41.36
CA THR Q 234 28.41 -12.85 40.95
C THR Q 234 28.36 -11.63 41.88
N SER Q 235 27.50 -11.64 42.91
CA SER Q 235 27.47 -10.67 44.01
C SER Q 235 26.69 -11.21 45.23
N ILE Q 236 27.28 -11.09 46.42
CA ILE Q 236 26.69 -11.43 47.74
C ILE Q 236 25.98 -10.21 48.40
N ASP Q 237 26.09 -9.04 47.78
CA ASP Q 237 25.93 -7.71 48.38
C ASP Q 237 24.51 -7.41 48.88
N THR Q 238 24.16 -7.89 50.08
CA THR Q 238 22.80 -7.73 50.62
C THR Q 238 22.68 -6.40 51.38
N LEU Q 239 22.60 -5.30 50.63
CA LEU Q 239 22.42 -3.93 51.13
C LEU Q 239 21.43 -3.15 50.24
N PRO Q 240 20.58 -2.26 50.80
CA PRO Q 240 19.68 -1.39 50.05
C PRO Q 240 20.43 -0.28 49.26
N PRO Q 241 19.79 0.47 48.35
CA PRO Q 241 20.49 1.31 47.38
C PRO Q 241 21.26 2.50 47.96
N ASN Q 242 20.91 2.97 49.16
CA ASN Q 242 21.52 4.14 49.79
C ASN Q 242 22.14 3.85 51.16
N VAL Q 243 22.53 2.60 51.43
CA VAL Q 243 23.23 2.23 52.66
C VAL Q 243 24.64 1.76 52.33
N SER Q 244 25.66 2.38 52.93
CA SER Q 244 27.02 1.81 52.93
C SER Q 244 27.22 0.89 54.11
N MET Q 245 28.15 -0.06 53.96
CA MET Q 245 28.57 -0.96 55.03
C MET Q 245 29.03 -0.20 56.29
N ASP Q 246 29.54 1.03 56.16
CA ASP Q 246 30.02 1.80 57.30
C ASP Q 246 28.89 2.47 58.08
N ASP Q 247 27.75 2.82 57.44
CA ASP Q 247 26.59 3.44 58.13
C ASP Q 247 25.93 2.52 59.17
N ILE Q 248 26.26 1.24 59.14
CA ILE Q 248 25.64 0.17 59.94
C ILE Q 248 26.66 -0.37 60.98
N SER Q 249 27.94 -0.01 60.86
CA SER Q 249 29.04 -0.56 61.65
C SER Q 249 29.06 -0.10 63.11
N LEU Q 250 29.72 -0.86 63.99
CA LEU Q 250 29.89 -0.51 65.39
C LEU Q 250 30.53 0.85 65.59
N ASN Q 251 31.34 1.36 64.66
CA ASN Q 251 31.82 2.74 64.73
C ASN Q 251 30.69 3.75 64.88
N THR Q 252 29.64 3.66 64.07
CA THR Q 252 28.51 4.58 64.16
C THR Q 252 27.67 4.31 65.40
N VAL Q 253 27.58 3.05 65.81
CA VAL Q 253 26.87 2.64 67.02
C VAL Q 253 27.52 3.25 68.24
N ILE Q 254 28.84 3.10 68.38
CA ILE Q 254 29.61 3.66 69.50
C ILE Q 254 29.56 5.18 69.48
N SER Q 255 29.66 5.79 68.30
CA SER Q 255 29.58 7.24 68.16
C SER Q 255 28.24 7.77 68.67
N SER Q 256 27.13 7.24 68.16
CA SER Q 256 25.80 7.67 68.56
C SER Q 256 25.47 7.29 69.98
N PHE Q 257 26.03 6.22 70.54
CA PHE Q 257 25.81 5.91 71.95
C PHE Q 257 26.54 6.88 72.87
N HIS Q 258 27.79 7.25 72.55
CA HIS Q 258 28.53 8.17 73.40
C HIS Q 258 27.92 9.56 73.33
N LYS Q 259 27.57 10.05 72.13
CA LYS Q 259 26.94 11.38 71.97
C LYS Q 259 25.57 11.49 72.63
N ASN Q 260 24.85 10.39 72.83
CA ASN Q 260 23.53 10.40 73.45
C ASN Q 260 23.51 9.77 74.85
N LYS Q 261 24.68 9.68 75.47
CA LYS Q 261 24.88 9.30 76.87
C LYS Q 261 24.29 7.92 77.23
N VAL Q 262 24.16 7.06 76.24
CA VAL Q 262 23.59 5.72 76.39
C VAL Q 262 24.44 4.88 77.33
N PHE Q 263 25.75 4.90 77.16
CA PHE Q 263 26.66 4.17 78.03
C PHE Q 263 26.47 4.53 79.50
N GLY Q 264 26.33 5.82 79.84
CA GLY Q 264 26.09 6.23 81.21
C GLY Q 264 24.78 5.69 81.76
N PHE Q 265 23.76 5.54 80.92
CA PHE Q 265 22.53 4.87 81.31
C PHE Q 265 22.73 3.40 81.58
N LEU Q 266 23.35 2.66 80.65
CA LEU Q 266 23.58 1.24 80.83
C LEU Q 266 24.44 0.95 82.05
N LEU Q 267 25.47 1.76 82.29
CA LEU Q 267 26.33 1.62 83.46
C LEU Q 267 25.57 1.86 84.76
N THR Q 268 24.74 2.89 84.86
CA THR Q 268 23.98 3.06 86.11
C THR Q 268 23.01 1.92 86.31
N LEU Q 269 22.40 1.46 85.23
CA LEU Q 269 21.39 0.44 85.26
C LEU Q 269 21.93 -0.90 85.75
N THR Q 270 23.04 -1.36 85.17
CA THR Q 270 23.72 -2.60 85.56
C THR Q 270 24.34 -2.56 86.96
N SER Q 271 24.51 -1.39 87.56
CA SER Q 271 24.97 -1.29 88.94
C SER Q 271 23.79 -1.35 89.92
N SER Q 272 22.63 -0.83 89.53
CA SER Q 272 21.43 -0.72 90.38
C SER Q 272 20.68 -2.04 90.66
N LEU Q 273 21.29 -3.18 90.38
CA LEU Q 273 20.65 -4.52 90.42
C LEU Q 273 20.21 -4.98 91.82
N SER Q 274 20.74 -4.42 92.90
CA SER Q 274 20.37 -4.81 94.26
C SER Q 274 18.93 -4.47 94.63
N ASP Q 280 16.89 -8.99 87.84
CA ASP Q 280 15.97 -10.10 88.11
C ASP Q 280 14.90 -10.18 87.04
N PHE Q 281 14.28 -9.04 86.78
CA PHE Q 281 13.31 -8.86 85.73
C PHE Q 281 13.97 -8.62 84.36
N ILE Q 282 15.10 -7.89 84.38
CA ILE Q 282 15.79 -7.31 83.23
C ILE Q 282 17.18 -7.89 82.96
N ASN Q 283 17.72 -8.74 83.83
CA ASN Q 283 19.09 -9.22 83.74
C ASN Q 283 19.42 -9.85 82.38
N ILE Q 284 18.53 -10.67 81.85
CA ILE Q 284 18.66 -11.29 80.55
C ILE Q 284 18.58 -10.40 79.31
N PRO Q 285 17.72 -9.38 79.18
CA PRO Q 285 17.95 -8.34 78.19
C PRO Q 285 19.27 -7.59 78.34
N LEU Q 286 19.73 -7.34 79.56
CA LEU Q 286 20.96 -6.59 79.75
C LEU Q 286 22.19 -7.40 79.32
N LEU Q 287 22.26 -8.67 79.68
CA LEU Q 287 23.26 -9.59 79.12
C LEU Q 287 23.17 -9.70 77.61
N GLU Q 288 21.96 -9.75 77.04
CA GLU Q 288 21.80 -9.78 75.60
C GLU Q 288 22.46 -8.59 74.93
N ILE Q 289 22.29 -7.38 75.46
CA ILE Q 289 22.93 -6.17 74.91
C ILE Q 289 24.44 -6.30 74.97
N MET Q 290 24.99 -6.71 76.11
CA MET Q 290 26.44 -6.84 76.23
C MET Q 290 26.98 -7.90 75.29
N PHE Q 291 26.24 -8.95 74.99
CA PHE Q 291 26.64 -9.90 73.97
C PHE Q 291 26.58 -9.25 72.58
N TYR Q 292 25.46 -8.64 72.21
CA TYR Q 292 25.25 -8.12 70.87
C TYR Q 292 26.24 -7.04 70.44
N PHE Q 293 26.86 -6.28 71.34
CA PHE Q 293 27.96 -5.38 70.97
C PHE Q 293 29.30 -5.67 71.61
N THR Q 294 29.51 -6.89 72.10
CA THR Q 294 30.88 -7.41 72.23
C THR Q 294 31.20 -8.52 71.25
N LYS Q 295 30.23 -9.04 70.50
CA LYS Q 295 30.40 -10.30 69.78
C LYS Q 295 31.49 -10.40 68.74
N ASP Q 296 31.67 -9.38 67.91
CA ASP Q 296 32.54 -9.49 66.74
C ASP Q 296 33.85 -8.73 66.92
N VAL Q 297 33.98 -7.95 67.99
CA VAL Q 297 35.24 -7.36 68.42
C VAL Q 297 36.14 -8.42 69.05
N ASN Q 298 37.07 -8.93 68.24
CA ASN Q 298 38.30 -9.55 68.74
C ASN Q 298 39.03 -8.53 69.62
N GLN Q 299 39.33 -8.85 70.87
CA GLN Q 299 39.70 -7.84 71.86
C GLN Q 299 41.04 -7.19 71.57
N GLU Q 300 41.96 -7.91 70.93
CA GLU Q 300 43.36 -7.52 70.80
C GLU Q 300 43.59 -6.18 70.10
N LEU Q 301 42.61 -5.66 69.35
CA LEU Q 301 42.68 -4.34 68.71
C LEU Q 301 42.60 -3.21 69.75
N LEU Q 302 41.95 -3.48 70.89
CA LEU Q 302 41.81 -2.57 72.02
C LEU Q 302 43.15 -2.39 72.77
N PHE Q 303 44.17 -3.19 72.44
CA PHE Q 303 45.51 -3.12 73.00
C PHE Q 303 46.58 -3.17 71.89
N PRO Q 304 47.21 -2.05 71.53
CA PRO Q 304 48.27 -2.03 70.52
C PRO Q 304 49.45 -2.98 70.76
N ARG Q 305 49.73 -3.41 72.00
CA ARG Q 305 50.75 -4.41 72.37
C ARG Q 305 52.14 -4.12 71.77
N THR Q 329 52.11 9.31 62.75
CA THR Q 329 53.07 8.54 61.97
C THR Q 329 53.00 7.04 62.22
N SER Q 330 52.42 6.61 63.34
CA SER Q 330 52.32 5.19 63.71
C SER Q 330 51.51 4.39 62.68
N ALA Q 331 50.39 4.93 62.19
CA ALA Q 331 49.63 4.30 61.10
C ALA Q 331 50.40 4.25 59.77
N GLY Q 332 51.26 5.22 59.49
CA GLY Q 332 52.17 5.20 58.33
C GLY Q 332 53.29 4.16 58.46
N PHE Q 333 53.87 4.00 59.66
CA PHE Q 333 54.82 2.91 59.96
C PHE Q 333 54.15 1.53 59.84
N GLU Q 334 52.93 1.40 60.36
CA GLU Q 334 52.12 0.20 60.23
C GLU Q 334 51.80 -0.13 58.77
N LEU Q 335 51.42 0.87 57.96
CA LEU Q 335 51.24 0.75 56.51
C LEU Q 335 52.54 0.34 55.82
N SER Q 336 53.65 0.96 56.17
CA SER Q 336 54.96 0.66 55.60
C SER Q 336 55.36 -0.80 55.82
N LYS Q 337 55.31 -1.30 57.06
CA LYS Q 337 55.67 -2.70 57.38
C LYS Q 337 54.84 -3.69 56.56
N LEU Q 338 53.54 -3.47 56.46
CA LEU Q 338 52.65 -4.27 55.62
C LEU Q 338 52.99 -4.19 54.13
N LEU Q 339 53.35 -3.02 53.60
CA LEU Q 339 53.81 -2.91 52.21
C LEU Q 339 55.15 -3.63 52.00
N GLN Q 340 56.03 -3.68 52.99
CA GLN Q 340 57.25 -4.48 52.86
C GLN Q 340 56.95 -5.99 52.84
N LYS Q 341 55.94 -6.46 53.58
CA LYS Q 341 55.50 -7.86 53.50
C LYS Q 341 54.84 -8.17 52.16
N GLU Q 342 53.96 -7.32 51.66
CA GLU Q 342 53.43 -7.50 50.30
C GLU Q 342 54.52 -7.42 49.23
N HIS Q 343 55.52 -6.55 49.39
CA HIS Q 343 56.68 -6.50 48.50
C HIS Q 343 57.47 -7.80 48.51
N GLN Q 344 57.74 -8.38 49.68
CA GLN Q 344 58.41 -9.68 49.79
C GLN Q 344 57.59 -10.78 49.10
N MET Q 345 56.26 -10.79 49.23
CA MET Q 345 55.41 -11.74 48.52
C MET Q 345 55.48 -11.56 47.01
N ARG Q 346 55.30 -10.34 46.51
CA ARG Q 346 55.44 -10.06 45.08
C ARG Q 346 56.85 -10.38 44.59
N LYS Q 347 57.92 -10.19 45.37
CA LYS Q 347 59.29 -10.64 45.02
C LYS Q 347 59.35 -12.16 44.81
N ASN Q 348 58.66 -12.93 45.62
CA ASN Q 348 58.57 -14.38 45.43
C ASN Q 348 57.76 -14.76 44.19
N VAL Q 349 56.68 -14.03 43.88
CA VAL Q 349 55.91 -14.18 42.63
C VAL Q 349 56.73 -13.81 41.40
N ILE Q 350 57.53 -12.76 41.48
CA ILE Q 350 58.42 -12.32 40.41
C ILE Q 350 59.51 -13.37 40.16
N LYS Q 351 60.07 -13.97 41.20
CA LYS Q 351 61.00 -15.11 41.10
C LYS Q 351 60.38 -16.38 40.51
N HIS Q 352 59.05 -16.50 40.50
CA HIS Q 352 58.33 -17.59 39.84
C HIS Q 352 57.81 -17.24 38.43
N THR Q 353 57.93 -16.00 37.97
CA THR Q 353 57.36 -15.47 36.72
C THR Q 353 58.33 -15.48 35.54
N SER Q 354 57.80 -15.42 34.32
CA SER Q 354 58.55 -15.41 33.07
C SER Q 354 59.41 -14.15 32.88
N ALA Q 355 60.70 -14.35 32.62
CA ALA Q 355 61.64 -13.27 32.28
C ALA Q 355 61.48 -12.69 30.85
N ARG Q 356 60.72 -13.37 29.99
CA ARG Q 356 60.33 -12.96 28.64
C ARG Q 356 58.80 -13.11 28.49
N HIS Q 357 58.25 -12.81 27.32
CA HIS Q 357 56.80 -12.78 27.07
C HIS Q 357 56.10 -14.14 27.16
N SER Q 358 54.77 -14.12 27.15
CA SER Q 358 53.89 -15.29 27.29
C SER Q 358 54.03 -16.30 26.15
N ARG Q 359 54.29 -15.83 24.92
CA ARG Q 359 54.40 -16.63 23.68
C ARG Q 359 55.80 -17.15 23.37
N PHE Q 360 56.80 -16.87 24.20
CA PHE Q 360 58.18 -17.18 23.85
C PHE Q 360 58.45 -18.67 23.66
N GLY Q 361 57.67 -19.55 24.28
CA GLY Q 361 57.44 -20.91 23.78
C GLY Q 361 58.45 -22.01 24.08
N GLY Q 362 59.52 -21.78 24.83
CA GLY Q 362 60.48 -22.84 25.18
C GLY Q 362 59.84 -24.07 25.85
N LEU Q 363 60.27 -25.27 25.47
CA LEU Q 363 59.64 -26.55 25.81
C LEU Q 363 60.67 -27.57 26.36
N LEU Q 364 60.45 -28.05 27.59
CA LEU Q 364 61.33 -28.97 28.31
C LEU Q 364 60.81 -30.39 28.22
N SER Q 365 61.72 -31.34 28.08
CA SER Q 365 61.47 -32.76 28.30
C SER Q 365 62.23 -33.25 29.53
N ILE Q 366 61.55 -33.96 30.40
CA ILE Q 366 62.13 -34.51 31.63
C ILE Q 366 62.34 -35.98 31.39
N GLN Q 367 63.58 -36.46 31.38
CA GLN Q 367 63.85 -37.88 31.45
C GLN Q 367 63.56 -38.37 32.87
N THR Q 368 62.99 -39.55 33.00
CA THR Q 368 62.66 -40.19 34.27
C THR Q 368 63.12 -41.65 34.28
N PRO Q 369 63.23 -42.29 35.45
CA PRO Q 369 63.45 -43.73 35.55
C PRO Q 369 62.38 -44.54 34.80
N ASP Q 370 62.76 -45.76 34.39
CA ASP Q 370 62.23 -46.48 33.23
C ASP Q 370 62.52 -45.74 31.89
N LYS Q 371 63.51 -44.84 31.91
CA LYS Q 371 64.21 -44.24 30.77
C LYS Q 371 63.24 -43.69 29.73
N THR Q 372 62.30 -42.89 30.22
CA THR Q 372 61.11 -42.40 29.51
C THR Q 372 60.85 -40.93 29.83
N ARG Q 373 60.07 -40.24 28.99
CA ARG Q 373 59.98 -38.78 28.94
C ARG Q 373 58.63 -38.28 29.43
N LEU Q 374 58.62 -37.14 30.09
CA LEU Q 374 57.49 -36.20 30.14
C LEU Q 374 57.90 -34.88 29.47
N THR Q 375 56.94 -33.98 29.27
CA THR Q 375 57.17 -32.65 28.71
C THR Q 375 56.42 -31.55 29.44
N VAL Q 376 57.04 -30.40 29.64
CA VAL Q 376 56.44 -29.23 30.29
C VAL Q 376 56.84 -27.93 29.58
N SER Q 377 55.91 -26.99 29.44
CA SER Q 377 56.16 -25.70 28.79
C SER Q 377 56.65 -24.64 29.78
N GLY Q 378 57.33 -23.62 29.24
CA GLY Q 378 57.62 -22.36 29.91
C GLY Q 378 59.06 -22.24 30.37
N SER Q 379 59.67 -21.10 30.09
CA SER Q 379 61.09 -20.82 30.36
C SER Q 379 61.49 -21.04 31.81
N GLN Q 380 60.62 -20.73 32.77
CA GLN Q 380 60.86 -20.97 34.20
C GLN Q 380 61.08 -22.44 34.55
N ALA Q 381 60.47 -23.37 33.83
CA ALA Q 381 60.60 -24.79 34.11
C ALA Q 381 61.93 -25.37 33.64
N LEU Q 382 62.59 -24.76 32.66
CA LEU Q 382 63.84 -25.29 32.09
C LEU Q 382 64.93 -25.38 33.15
N VAL Q 383 65.01 -24.37 34.01
CA VAL Q 383 66.13 -24.23 34.94
C VAL Q 383 65.83 -24.81 36.31
N ASP Q 384 64.57 -24.85 36.73
CA ASP Q 384 64.17 -25.24 38.07
C ASP Q 384 63.35 -26.54 38.08
N GLU Q 385 64.04 -27.66 38.32
CA GLU Q 385 63.48 -29.01 38.46
C GLU Q 385 62.26 -29.09 39.39
N LYS Q 386 62.32 -28.37 40.51
CA LYS Q 386 61.22 -28.31 41.47
C LYS Q 386 60.01 -27.60 40.85
N ILE Q 387 60.20 -26.51 40.10
CA ILE Q 387 59.11 -25.84 39.39
C ILE Q 387 58.55 -26.75 38.30
N ALA Q 388 59.39 -27.48 37.58
CA ALA Q 388 58.94 -28.39 36.53
C ALA Q 388 57.96 -29.43 37.09
N LEU Q 389 58.32 -30.11 38.17
CA LEU Q 389 57.47 -31.09 38.82
C LEU Q 389 56.21 -30.46 39.43
N GLN Q 390 56.29 -29.24 39.98
CA GLN Q 390 55.12 -28.52 40.46
C GLN Q 390 54.16 -28.20 39.31
N LYS Q 391 54.66 -27.76 38.16
CA LYS Q 391 53.88 -27.48 36.96
C LYS Q 391 53.23 -28.75 36.38
N LEU Q 392 53.97 -29.85 36.36
CA LEU Q 392 53.46 -31.16 35.92
C LEU Q 392 52.30 -31.64 36.79
N ASP Q 393 52.32 -31.39 38.09
CA ASP Q 393 51.13 -31.63 38.93
C ASP Q 393 50.03 -30.58 38.77
N ASP Q 394 50.35 -29.30 38.64
CA ASP Q 394 49.37 -28.22 38.49
C ASP Q 394 48.43 -28.46 37.29
N SER Q 395 48.91 -29.03 36.19
CA SER Q 395 48.14 -29.12 34.95
C SER Q 395 47.07 -30.22 34.98
N LYS Q 396 47.11 -31.16 35.93
CA LYS Q 396 46.18 -32.29 36.02
C LYS Q 396 44.74 -31.83 36.18
N LYS Q 397 43.86 -32.36 35.34
CA LYS Q 397 42.49 -31.86 35.17
C LYS Q 397 41.47 -32.55 36.08
N TRP Q 398 41.89 -33.56 36.83
CA TRP Q 398 41.18 -34.14 37.95
C TRP Q 398 41.26 -33.29 39.21
N ASN Q 399 40.19 -33.24 39.99
CA ASN Q 399 40.18 -32.94 41.42
C ASN Q 399 39.33 -33.96 42.18
N LYS Q 400 39.86 -34.52 43.27
CA LYS Q 400 39.05 -35.27 44.25
C LYS Q 400 37.98 -34.35 44.83
N ARG Q 401 36.73 -34.82 44.84
CA ARG Q 401 35.61 -34.07 45.44
C ARG Q 401 35.80 -33.90 46.95
N ILE Q 402 35.77 -32.65 47.42
CA ILE Q 402 35.85 -32.30 48.85
C ILE Q 402 34.50 -32.58 49.54
N ILE Q 403 34.48 -32.63 50.88
CA ILE Q 403 33.26 -32.68 51.69
C ILE Q 403 33.32 -31.51 52.69
N LYS Q 404 32.23 -30.73 52.79
CA LYS Q 404 32.17 -29.50 53.61
C LYS Q 404 30.80 -29.35 54.29
N LYS Q 405 30.77 -28.66 55.43
CA LYS Q 405 29.62 -28.55 56.35
C LYS Q 405 28.40 -27.93 55.67
N GLU Q 412 20.53 -22.48 60.72
CA GLU Q 412 20.33 -22.27 62.14
C GLU Q 412 20.07 -20.79 62.49
N GLY Q 413 19.11 -20.54 63.38
CA GLY Q 413 18.68 -19.20 63.78
C GLY Q 413 19.57 -18.58 64.86
N LEU Q 414 20.63 -17.87 64.48
CA LEU Q 414 21.51 -17.12 65.38
C LEU Q 414 22.26 -16.00 64.64
N PRO Q 415 22.81 -14.99 65.34
CA PRO Q 415 23.56 -13.92 64.71
C PRO Q 415 24.99 -14.34 64.40
N ASN Q 416 25.61 -13.67 63.43
CA ASN Q 416 27.04 -13.87 63.14
C ASN Q 416 27.90 -13.39 64.32
N SER Q 417 28.83 -14.23 64.79
CA SER Q 417 29.58 -14.02 66.03
C SER Q 417 30.94 -14.69 65.92
N LEU Q 418 31.76 -14.65 66.97
CA LEU Q 418 33.02 -15.39 67.03
C LEU Q 418 32.89 -16.89 66.75
N LEU Q 419 31.70 -17.49 66.84
CA LEU Q 419 31.48 -18.87 66.41
C LEU Q 419 31.60 -19.03 64.89
N ASN Q 420 31.22 -18.01 64.13
CA ASN Q 420 30.92 -18.06 62.71
C ASN Q 420 31.82 -17.16 61.85
N SER Q 421 32.23 -15.98 62.33
CA SER Q 421 33.08 -15.06 61.57
C SER Q 421 34.51 -15.57 61.42
N GLN Q 422 35.15 -15.16 60.32
CA GLN Q 422 36.50 -15.57 59.93
C GLN Q 422 37.56 -15.29 61.01
N THR Q 423 38.51 -16.22 61.20
CA THR Q 423 39.64 -16.06 62.12
C THR Q 423 40.42 -14.74 61.93
N GLY Q 424 40.61 -14.30 60.69
CA GLY Q 424 41.27 -13.03 60.36
C GLY Q 424 40.43 -11.76 60.53
N LYS Q 425 39.11 -11.86 60.77
CA LYS Q 425 38.23 -10.70 60.80
C LYS Q 425 38.58 -9.75 61.95
N ALA Q 426 38.53 -8.44 61.69
CA ALA Q 426 38.78 -7.41 62.70
C ALA Q 426 37.90 -6.21 62.37
N ILE Q 427 37.33 -5.55 63.38
CA ILE Q 427 36.51 -4.35 63.14
C ILE Q 427 37.34 -3.11 63.45
N PHE Q 428 37.37 -2.17 62.51
CA PHE Q 428 38.33 -1.08 62.53
C PHE Q 428 37.76 0.15 63.26
N PHE Q 429 37.85 0.18 64.58
CA PHE Q 429 37.47 1.37 65.36
C PHE Q 429 38.28 2.60 64.95
N THR Q 430 37.66 3.78 64.87
CA THR Q 430 38.41 5.05 64.92
C THR Q 430 39.06 5.25 66.28
N GLU Q 431 40.01 6.17 66.41
CA GLU Q 431 40.75 6.34 67.66
C GLU Q 431 39.88 6.88 68.82
N SER Q 432 38.97 7.83 68.57
CA SER Q 432 38.02 8.26 69.60
C SER Q 432 37.02 7.16 69.95
N ASN Q 433 36.43 6.49 68.94
CA ASN Q 433 35.54 5.35 69.16
C ASN Q 433 36.22 4.24 69.97
N GLY Q 434 37.46 3.89 69.66
CA GLY Q 434 38.19 2.86 70.40
C GLY Q 434 38.41 3.22 71.87
N LYS Q 435 38.66 4.49 72.21
CA LYS Q 435 38.78 4.93 73.58
C LYS Q 435 37.41 5.01 74.28
N HIS Q 436 36.37 5.48 73.61
CA HIS Q 436 35.00 5.49 74.13
C HIS Q 436 34.45 4.10 74.41
N PHE Q 437 34.80 3.11 73.59
CA PHE Q 437 34.43 1.73 73.84
C PHE Q 437 35.20 1.16 75.03
N LYS Q 438 36.54 1.27 75.03
CA LYS Q 438 37.33 0.65 76.09
C LYS Q 438 37.03 1.28 77.44
N GLU Q 439 36.77 2.58 77.51
CA GLU Q 439 36.38 3.19 78.77
C GLU Q 439 35.01 2.73 79.24
N PHE Q 440 34.05 2.52 78.33
CA PHE Q 440 32.74 1.99 78.69
C PHE Q 440 32.85 0.60 79.28
N ILE Q 441 33.48 -0.35 78.59
CA ILE Q 441 33.60 -1.70 79.10
C ILE Q 441 34.46 -1.77 80.36
N ASN Q 442 35.51 -0.94 80.51
CA ASN Q 442 36.26 -0.92 81.76
C ASN Q 442 35.40 -0.47 82.93
N ASN Q 443 34.55 0.52 82.74
CA ASN Q 443 33.62 0.93 83.79
C ASN Q 443 32.62 -0.19 84.06
N PHE Q 444 32.09 -0.84 83.03
CA PHE Q 444 31.16 -1.95 83.18
C PHE Q 444 31.75 -3.14 83.94
N ILE Q 445 32.99 -3.53 83.64
CA ILE Q 445 33.68 -4.61 84.35
C ILE Q 445 33.90 -4.22 85.81
N ASP Q 446 34.39 -3.02 86.05
CA ASP Q 446 34.68 -2.55 87.41
C ASP Q 446 33.43 -2.33 88.26
N SER Q 447 32.27 -2.10 87.63
CA SER Q 447 31.01 -1.87 88.32
C SER Q 447 30.12 -3.11 88.39
N GLY Q 448 29.69 -3.63 87.25
CA GLY Q 448 28.48 -4.44 87.13
C GLY Q 448 28.66 -5.86 86.61
N PHE Q 449 29.76 -6.22 85.96
CA PHE Q 449 29.92 -7.58 85.44
C PHE Q 449 29.74 -8.65 86.51
N ASN Q 450 30.35 -8.47 87.66
CA ASN Q 450 30.37 -9.46 88.74
C ASN Q 450 28.97 -9.80 89.24
N ILE Q 451 28.18 -8.77 89.56
CA ILE Q 451 26.80 -8.94 89.99
C ILE Q 451 25.91 -9.40 88.84
N LEU Q 452 26.13 -8.94 87.61
CA LEU Q 452 25.32 -9.35 86.48
C LEU Q 452 25.50 -10.83 86.18
N LEU Q 453 26.73 -11.34 86.16
CA LEU Q 453 26.99 -12.75 85.96
C LEU Q 453 26.41 -13.57 87.09
N HIS Q 454 26.63 -13.15 88.34
CA HIS Q 454 26.05 -13.84 89.50
C HIS Q 454 24.53 -13.94 89.42
N SER Q 455 23.85 -12.93 88.88
CA SER Q 455 22.40 -12.93 88.75
C SER Q 455 21.92 -13.87 87.65
N VAL Q 456 22.43 -13.76 86.43
CA VAL Q 456 21.96 -14.62 85.33
C VAL Q 456 22.39 -16.08 85.50
N THR Q 457 23.53 -16.37 86.10
CA THR Q 457 23.93 -17.76 86.34
C THR Q 457 22.99 -18.45 87.33
N ASN Q 458 22.39 -17.71 88.26
CA ASN Q 458 21.33 -18.23 89.09
C ASN Q 458 20.07 -18.48 88.25
N TYR Q 459 19.60 -17.47 87.52
CA TYR Q 459 18.38 -17.59 86.72
C TYR Q 459 18.41 -18.75 85.70
N PHE Q 460 19.57 -19.07 85.13
CA PHE Q 460 19.73 -20.19 84.21
C PHE Q 460 20.22 -21.50 84.84
N THR Q 461 20.71 -21.54 86.08
CA THR Q 461 20.88 -22.83 86.77
C THR Q 461 19.56 -23.42 87.20
N THR Q 462 18.65 -22.60 87.73
CA THR Q 462 17.23 -22.91 87.60
C THR Q 462 16.91 -22.90 86.08
N GLU Q 463 15.93 -23.61 85.54
CA GLU Q 463 15.44 -23.36 84.17
C GLU Q 463 16.33 -23.78 82.96
N GLN Q 464 17.36 -24.63 83.14
CA GLN Q 464 18.27 -25.05 82.06
C GLN Q 464 17.55 -25.56 80.81
N ASP Q 465 16.62 -26.49 80.97
CA ASP Q 465 15.91 -27.15 79.87
C ASP Q 465 15.11 -26.21 78.96
N ARG Q 466 14.69 -25.04 79.45
CA ARG Q 466 13.97 -24.04 78.64
C ARG Q 466 14.88 -23.21 77.74
N MET Q 467 16.18 -23.19 77.96
CA MET Q 467 17.11 -22.43 77.13
C MET Q 467 17.21 -23.04 75.73
N VAL Q 468 16.44 -22.51 74.80
CA VAL Q 468 16.67 -22.73 73.36
C VAL Q 468 18.05 -22.16 73.04
N THR Q 469 18.71 -22.71 72.03
CA THR Q 469 20.14 -22.48 71.73
C THR Q 469 20.62 -21.04 71.71
N LEU Q 470 19.78 -20.06 71.35
CA LEU Q 470 20.19 -18.67 71.34
C LEU Q 470 20.54 -18.14 72.73
N GLU Q 471 19.79 -18.48 73.79
CA GLU Q 471 20.09 -18.03 75.15
C GLU Q 471 21.41 -18.64 75.61
N GLN Q 472 21.63 -19.89 75.19
CA GLN Q 472 22.73 -20.69 75.65
C GLN Q 472 24.03 -20.11 75.10
N VAL Q 473 24.05 -19.71 73.83
CA VAL Q 473 25.18 -19.02 73.24
C VAL Q 473 25.41 -17.65 73.84
N GLU Q 474 24.38 -16.80 73.95
CA GLU Q 474 24.60 -15.45 74.45
C GLU Q 474 24.93 -15.39 75.93
N TYR Q 475 24.72 -16.47 76.69
CA TYR Q 475 25.33 -16.61 78.00
C TYR Q 475 26.78 -17.06 77.94
N LEU Q 476 27.09 -18.16 77.24
CA LEU Q 476 28.44 -18.72 77.15
C LEU Q 476 29.44 -17.77 76.52
N LEU Q 477 29.11 -17.12 75.40
CA LEU Q 477 30.01 -16.19 74.75
C LEU Q 477 30.23 -14.92 75.55
N PHE Q 478 29.20 -14.39 76.21
CA PHE Q 478 29.35 -13.23 77.06
C PHE Q 478 30.31 -13.52 78.21
N PHE Q 479 30.13 -14.65 78.87
CA PHE Q 479 31.05 -15.09 79.90
C PHE Q 479 32.50 -15.18 79.39
N ALA Q 480 32.73 -15.79 78.23
CA ALA Q 480 34.07 -15.99 77.74
C ALA Q 480 34.73 -14.67 77.31
N TRP Q 481 34.00 -13.80 76.62
CA TRP Q 481 34.59 -12.60 76.07
C TRP Q 481 35.04 -11.61 77.14
N PHE Q 482 34.20 -11.41 78.14
CA PHE Q 482 34.54 -10.51 79.23
C PHE Q 482 35.70 -11.02 80.06
N VAL Q 483 35.73 -12.33 80.36
CA VAL Q 483 36.85 -12.89 81.12
C VAL Q 483 38.16 -12.83 80.35
N LYS Q 484 38.14 -13.06 79.04
CA LYS Q 484 39.32 -12.89 78.20
C LYS Q 484 39.78 -11.44 78.16
N TYR Q 485 38.88 -10.50 77.90
CA TYR Q 485 39.26 -9.10 77.88
C TYR Q 485 39.89 -8.70 79.22
N GLN Q 486 39.29 -9.08 80.34
CA GLN Q 486 39.77 -8.62 81.64
C GLN Q 486 41.03 -9.32 82.14
N LEU Q 487 41.29 -10.56 81.73
CA LEU Q 487 42.61 -11.16 81.81
C LEU Q 487 43.67 -10.39 81.04
N LEU Q 488 43.35 -9.94 79.84
CA LEU Q 488 44.32 -9.25 79.01
C LEU Q 488 44.57 -7.83 79.49
N ARG Q 489 43.55 -7.13 79.98
CA ARG Q 489 43.75 -5.82 80.61
C ARG Q 489 44.67 -5.96 81.80
N SER Q 490 44.40 -6.89 82.73
CA SER Q 490 45.28 -7.17 83.88
C SER Q 490 46.64 -7.76 83.53
N LYS Q 491 46.90 -8.12 82.28
CA LYS Q 491 48.24 -8.49 81.84
C LYS Q 491 49.10 -7.27 81.60
N ILE Q 492 48.53 -6.23 80.99
CA ILE Q 492 49.26 -5.07 80.52
C ILE Q 492 49.20 -3.94 81.55
N ASP Q 493 48.00 -3.55 81.94
CA ASP Q 493 47.75 -2.76 83.13
C ASP Q 493 47.93 -3.58 84.41
N ASN Q 494 48.62 -3.05 85.41
CA ASN Q 494 48.71 -3.68 86.72
C ASN Q 494 47.61 -3.22 87.70
N SER Q 495 47.01 -2.05 87.46
CA SER Q 495 45.91 -1.55 88.27
C SER Q 495 44.58 -2.22 87.98
N ALA Q 496 44.43 -2.86 86.83
CA ALA Q 496 43.37 -3.83 86.69
C ALA Q 496 43.57 -4.97 87.70
N ASP Q 497 42.60 -5.19 88.57
CA ASP Q 497 42.46 -6.45 89.29
C ASP Q 497 41.91 -7.53 88.34
N ILE Q 498 42.48 -8.73 88.46
CA ILE Q 498 41.88 -9.99 88.00
C ILE Q 498 40.64 -10.32 88.82
N LYS Q 499 40.76 -10.22 90.15
CA LYS Q 499 39.70 -10.61 91.09
C LYS Q 499 38.43 -9.77 90.95
N GLN Q 500 38.41 -8.74 90.11
CA GLN Q 500 37.20 -8.04 89.75
C GLN Q 500 36.19 -8.96 89.04
N VAL Q 501 36.68 -9.92 88.25
CA VAL Q 501 35.88 -11.01 87.66
C VAL Q 501 35.95 -12.31 88.46
N SER Q 502 36.27 -12.25 89.76
CA SER Q 502 36.36 -13.41 90.65
C SER Q 502 35.10 -14.28 90.64
N GLU Q 503 33.93 -13.73 90.31
CA GLU Q 503 32.70 -14.51 90.20
C GLU Q 503 32.78 -15.65 89.19
N ALA Q 504 33.55 -15.50 88.11
CA ALA Q 504 33.63 -16.52 87.06
C ALA Q 504 34.09 -17.88 87.55
N LEU Q 505 34.97 -17.95 88.55
CA LEU Q 505 35.46 -19.23 89.07
C LEU Q 505 34.60 -19.81 90.18
N LYS Q 506 33.53 -19.14 90.62
CA LYS Q 506 32.66 -19.65 91.68
C LYS Q 506 32.00 -20.95 91.26
N GLU Q 507 31.80 -21.85 92.23
CA GLU Q 507 31.36 -23.22 91.95
C GLU Q 507 30.04 -23.27 91.17
N VAL Q 508 29.08 -22.40 91.47
CA VAL Q 508 27.79 -22.41 90.77
C VAL Q 508 27.96 -22.13 89.28
N THR Q 509 28.86 -21.23 88.89
CA THR Q 509 29.09 -20.92 87.49
C THR Q 509 29.92 -21.98 86.79
N PHE Q 510 30.97 -22.51 87.43
CA PHE Q 510 31.70 -23.64 86.86
C PHE Q 510 30.77 -24.82 86.56
N ILE Q 511 29.87 -25.13 87.49
CA ILE Q 511 28.93 -26.21 87.32
C ILE Q 511 27.99 -25.94 86.16
N LEU Q 512 27.46 -24.72 86.01
CA LEU Q 512 26.59 -24.37 84.90
C LEU Q 512 27.28 -24.51 83.56
N VAL Q 513 28.42 -23.88 83.37
CA VAL Q 513 29.20 -23.99 82.13
C VAL Q 513 29.53 -25.44 81.78
N SER Q 514 29.93 -26.25 82.74
CA SER Q 514 30.31 -27.64 82.47
C SER Q 514 29.14 -28.54 82.16
N SER Q 515 28.04 -28.41 82.90
CA SER Q 515 26.78 -29.07 82.61
C SER Q 515 26.25 -28.74 81.22
N LEU Q 516 26.28 -27.47 80.85
CA LEU Q 516 25.74 -27.00 79.60
C LEU Q 516 26.52 -27.57 78.41
N LEU Q 517 27.85 -27.48 78.45
CA LEU Q 517 28.71 -28.13 77.45
C LEU Q 517 28.46 -29.63 77.39
N ARG Q 518 28.41 -30.33 78.53
CA ARG Q 518 28.15 -31.76 78.58
C ARG Q 518 26.82 -32.11 77.89
N SER Q 519 25.74 -31.40 78.21
CA SER Q 519 24.45 -31.70 77.59
C SER Q 519 24.44 -31.41 76.08
N ALA Q 520 25.15 -30.38 75.64
CA ALA Q 520 25.24 -30.05 74.23
C ALA Q 520 26.03 -31.08 73.46
N TYR Q 521 27.11 -31.59 74.04
CA TYR Q 521 27.89 -32.66 73.44
C TYR Q 521 27.05 -33.94 73.36
N ASP Q 522 26.39 -34.31 74.45
CA ASP Q 522 25.56 -35.51 74.52
C ASP Q 522 24.35 -35.47 73.57
N LEU Q 523 23.75 -34.30 73.37
CA LEU Q 523 22.64 -34.07 72.44
C LEU Q 523 23.11 -33.73 71.01
N LYS Q 524 24.43 -33.69 70.78
CA LYS Q 524 25.09 -33.39 69.50
C LYS Q 524 24.72 -32.01 68.91
N ASN Q 525 24.52 -31.01 69.76
CA ASN Q 525 24.27 -29.61 69.38
C ASN Q 525 25.57 -28.82 69.28
N TRP Q 526 26.21 -28.85 68.13
CA TRP Q 526 27.57 -28.36 68.04
C TRP Q 526 27.76 -26.89 68.22
N THR Q 527 26.82 -26.11 67.76
CA THR Q 527 26.93 -24.68 67.96
C THR Q 527 27.05 -24.33 69.44
N VAL Q 528 26.36 -25.08 70.28
CA VAL Q 528 26.46 -24.93 71.72
C VAL Q 528 27.70 -25.60 72.28
N THR Q 529 28.11 -26.77 71.80
CA THR Q 529 29.39 -27.36 72.19
C THR Q 529 30.59 -26.50 71.83
N HIS Q 530 30.56 -25.84 70.69
CA HIS Q 530 31.58 -24.91 70.26
C HIS Q 530 31.65 -23.72 71.22
N ALA Q 531 30.51 -23.13 71.55
CA ALA Q 531 30.43 -22.06 72.52
C ALA Q 531 30.88 -22.51 73.92
N GLY Q 532 30.56 -23.73 74.30
CA GLY Q 532 31.03 -24.35 75.54
C GLY Q 532 32.54 -24.49 75.57
N MET Q 533 33.13 -25.02 74.51
CA MET Q 533 34.57 -25.19 74.38
C MET Q 533 35.33 -23.87 74.47
N ILE Q 534 34.80 -22.81 73.86
CA ILE Q 534 35.31 -21.45 73.99
C ILE Q 534 35.28 -20.99 75.45
N ALA Q 535 34.14 -21.08 76.13
CA ALA Q 535 34.05 -20.59 77.51
C ALA Q 535 34.88 -21.42 78.47
N PHE Q 536 34.95 -22.72 78.28
CA PHE Q 536 35.77 -23.60 79.09
C PHE Q 536 37.25 -23.29 78.91
N ASN Q 537 37.70 -23.07 77.68
CA ASN Q 537 39.05 -22.60 77.42
C ASN Q 537 39.34 -21.29 78.16
N GLU Q 538 38.38 -20.37 78.24
CA GLU Q 538 38.63 -19.13 78.98
C GLU Q 538 38.65 -19.32 80.47
N LEU Q 539 37.75 -20.12 81.04
CA LEU Q 539 37.78 -20.44 82.46
C LEU Q 539 39.11 -21.10 82.83
N LEU Q 540 39.63 -22.00 82.00
CA LEU Q 540 40.95 -22.58 82.22
C LEU Q 540 42.07 -21.54 82.21
N ASN Q 541 42.02 -20.57 81.28
CA ASN Q 541 43.00 -19.50 81.30
C ASN Q 541 42.93 -18.75 82.62
N LEU Q 542 41.73 -18.42 83.09
CA LEU Q 542 41.54 -17.75 84.36
C LEU Q 542 42.11 -18.53 85.53
N VAL Q 543 41.81 -19.83 85.63
CA VAL Q 543 42.34 -20.69 86.69
C VAL Q 543 43.85 -20.66 86.68
N SER Q 544 44.48 -20.86 85.53
CA SER Q 544 45.94 -20.88 85.46
C SER Q 544 46.55 -19.56 85.94
N ARG Q 545 45.94 -18.44 85.57
CA ARG Q 545 46.41 -17.11 85.97
C ARG Q 545 46.31 -16.94 87.48
N THR Q 546 45.19 -17.28 88.09
CA THR Q 546 45.04 -17.08 89.54
C THR Q 546 45.92 -18.04 90.34
N LYS Q 547 46.17 -19.26 89.84
CA LYS Q 547 47.14 -20.17 90.45
C LYS Q 547 48.54 -19.57 90.42
N ALA Q 548 48.99 -19.06 89.28
CA ALA Q 548 50.26 -18.36 89.20
C ALA Q 548 50.33 -17.13 90.13
N ALA Q 549 49.24 -16.37 90.29
CA ALA Q 549 49.19 -15.21 91.18
C ALA Q 549 49.33 -15.58 92.67
N GLN Q 550 48.64 -16.61 93.14
CA GLN Q 550 48.72 -17.08 94.52
C GLN Q 550 49.98 -17.92 94.73
N ASP Q 556 42.18 -21.56 97.00
CA ASP Q 556 41.68 -22.93 97.16
C ASP Q 556 40.49 -23.27 96.23
N ILE Q 557 39.80 -22.27 95.72
CA ILE Q 557 38.76 -22.40 94.68
C ILE Q 557 39.32 -22.95 93.36
N GLU Q 558 40.59 -22.65 93.06
CA GLU Q 558 41.35 -23.27 91.99
C GLU Q 558 41.39 -24.79 92.18
N PHE Q 559 41.73 -25.23 93.38
CA PHE Q 559 41.83 -26.66 93.65
C PHE Q 559 40.47 -27.31 93.58
N ILE Q 560 39.42 -26.65 94.06
CA ILE Q 560 38.06 -27.19 94.02
C ILE Q 560 37.63 -27.47 92.57
N VAL Q 561 37.79 -26.50 91.67
CA VAL Q 561 37.45 -26.76 90.26
C VAL Q 561 38.40 -27.76 89.62
N SER Q 562 39.71 -27.66 89.88
CA SER Q 562 40.74 -28.53 89.30
C SER Q 562 40.59 -30.01 89.71
N ARG Q 563 40.12 -30.25 90.93
CA ARG Q 563 39.69 -31.57 91.44
C ARG Q 563 38.39 -32.04 90.82
N LEU Q 564 37.47 -31.12 90.54
CA LEU Q 564 36.13 -31.42 90.02
C LEU Q 564 36.11 -32.06 88.62
N PHE Q 565 37.08 -31.78 87.75
CA PHE Q 565 37.29 -32.59 86.54
C PHE Q 565 38.47 -33.55 86.70
N SER Q 566 38.16 -34.82 87.00
CA SER Q 566 39.18 -35.91 87.15
C SER Q 566 38.94 -37.18 86.31
N ASP Q 567 37.69 -37.54 86.01
CA ASP Q 567 37.35 -38.74 85.23
C ASP Q 567 36.61 -38.40 83.94
N GLU Q 568 35.41 -37.84 84.04
CA GLU Q 568 34.49 -37.76 82.89
C GLU Q 568 34.70 -36.56 81.98
N ARG Q 569 34.85 -35.36 82.53
CA ARG Q 569 35.19 -34.19 81.71
C ARG Q 569 36.52 -34.42 80.99
N ILE Q 570 37.44 -35.17 81.59
CA ILE Q 570 38.68 -35.55 80.93
C ILE Q 570 38.43 -36.33 79.65
N GLN Q 571 37.56 -37.34 79.71
CA GLN Q 571 37.18 -38.11 78.56
C GLN Q 571 36.45 -37.25 77.52
N LEU Q 572 35.59 -36.34 77.94
CA LEU Q 572 34.91 -35.41 77.04
C LEU Q 572 35.90 -34.54 76.27
N LEU Q 573 36.74 -33.82 77.00
CA LEU Q 573 37.72 -32.92 76.42
C LEU Q 573 38.78 -33.63 75.61
N SER Q 574 38.98 -34.92 75.83
CA SER Q 574 39.80 -35.75 74.97
C SER Q 574 39.05 -36.14 73.70
N ASN Q 575 37.74 -36.38 73.75
CA ASN Q 575 36.93 -36.68 72.58
C ASN Q 575 36.75 -35.48 71.66
N LEU Q 576 36.72 -34.26 72.19
CA LEU Q 576 36.48 -33.05 71.41
C LEU Q 576 37.37 -32.88 70.17
N PRO Q 577 38.70 -32.96 70.27
CA PRO Q 577 39.55 -32.85 69.09
C PRO Q 577 39.43 -34.07 68.18
N LYS Q 578 39.03 -35.25 68.66
CA LYS Q 578 38.88 -36.45 67.82
C LYS Q 578 37.76 -36.30 66.78
N ILE Q 579 36.70 -35.58 67.14
CA ILE Q 579 35.65 -35.17 66.20
C ILE Q 579 35.97 -33.88 65.45
N GLY Q 580 36.93 -33.08 65.91
CA GLY Q 580 37.19 -31.74 65.39
C GLY Q 580 37.42 -31.65 63.89
N SER Q 581 38.08 -32.64 63.30
CA SER Q 581 38.40 -32.69 61.87
C SER Q 581 37.19 -32.69 60.94
N LYS Q 582 35.98 -32.87 61.46
CA LYS Q 582 34.72 -32.88 60.71
C LYS Q 582 34.04 -31.51 60.64
N TYR Q 583 34.56 -30.49 61.33
CA TYR Q 583 33.89 -29.19 61.52
C TYR Q 583 34.78 -27.99 61.12
N SER Q 584 34.23 -26.77 61.20
CA SER Q 584 34.83 -25.54 60.69
C SER Q 584 36.17 -25.18 61.32
N LEU Q 585 36.92 -24.31 60.65
CA LEU Q 585 38.19 -23.82 61.18
C LEU Q 585 38.05 -23.24 62.58
N GLN Q 586 36.97 -22.50 62.85
CA GLN Q 586 36.75 -21.89 64.16
C GLN Q 586 36.55 -22.93 65.25
N PHE Q 587 35.92 -24.05 64.93
CA PHE Q 587 35.77 -25.17 65.85
C PHE Q 587 37.12 -25.80 66.16
N MET Q 588 37.90 -26.17 65.14
CA MET Q 588 39.23 -26.73 65.36
C MET Q 588 40.13 -25.79 66.16
N LYS Q 589 40.11 -24.49 65.83
CA LYS Q 589 40.86 -23.47 66.55
C LYS Q 589 40.52 -23.49 68.03
N SER Q 590 39.23 -23.52 68.35
CA SER Q 590 38.79 -23.54 69.74
C SER Q 590 39.25 -24.81 70.45
N CYS Q 591 39.19 -25.97 69.79
CA CYS Q 591 39.62 -27.22 70.41
C CYS Q 591 41.13 -27.23 70.71
N ILE Q 592 41.91 -26.63 69.82
CA ILE Q 592 43.36 -26.55 69.95
C ILE Q 592 43.73 -25.60 71.07
N GLU Q 593 43.11 -24.42 71.14
CA GLU Q 593 43.34 -23.48 72.24
C GLU Q 593 42.95 -24.06 73.59
N LEU Q 594 41.82 -24.78 73.65
CA LEU Q 594 41.41 -25.48 74.85
C LEU Q 594 42.44 -26.54 75.24
N THR Q 595 42.84 -27.40 74.31
CA THR Q 595 43.75 -28.51 74.60
C THR Q 595 45.10 -28.00 75.05
N HIS Q 596 45.64 -26.98 74.41
CA HIS Q 596 46.87 -26.35 74.86
C HIS Q 596 46.75 -25.89 76.30
N SER Q 597 45.65 -25.23 76.63
CA SER Q 597 45.42 -24.74 77.99
C SER Q 597 45.30 -25.88 78.98
N VAL Q 598 44.54 -26.93 78.68
CA VAL Q 598 44.40 -28.09 79.55
C VAL Q 598 45.74 -28.73 79.82
N LEU Q 599 46.51 -29.07 78.79
CA LEU Q 599 47.78 -29.75 78.98
C LEU Q 599 48.75 -28.91 79.81
N LYS Q 600 48.77 -27.59 79.58
CA LYS Q 600 49.58 -26.68 80.38
C LYS Q 600 49.15 -26.65 81.85
N VAL Q 601 47.87 -26.73 82.14
CA VAL Q 601 47.37 -26.86 83.51
C VAL Q 601 47.74 -28.20 84.14
N LEU Q 602 47.44 -29.31 83.49
CA LEU Q 602 47.72 -30.62 84.08
C LEU Q 602 49.23 -30.83 84.27
N GLU Q 603 50.06 -30.33 83.36
CA GLU Q 603 51.51 -30.36 83.50
C GLU Q 603 51.96 -29.62 84.76
N GLN Q 604 51.45 -28.40 84.94
CA GLN Q 604 51.76 -27.56 86.09
C GLN Q 604 51.37 -28.21 87.42
N TYR Q 605 50.27 -28.95 87.47
CA TYR Q 605 49.81 -29.63 88.68
C TYR Q 605 50.57 -30.92 89.00
N SER Q 606 51.46 -31.40 88.13
CA SER Q 606 52.20 -32.65 88.36
C SER Q 606 53.53 -32.65 87.61
N VAL Q 657 46.06 -36.09 87.81
CA VAL Q 657 46.12 -37.39 88.39
C VAL Q 657 47.41 -38.13 88.01
N ASN Q 658 47.65 -38.30 86.71
CA ASN Q 658 48.91 -38.77 86.16
C ASN Q 658 49.13 -38.19 84.78
N PHE Q 659 50.04 -37.23 84.66
CA PHE Q 659 50.31 -36.53 83.41
C PHE Q 659 50.59 -37.47 82.24
N GLN Q 660 51.40 -38.51 82.45
CA GLN Q 660 51.71 -39.47 81.40
C GLN Q 660 50.48 -40.21 80.91
N LYS Q 661 49.59 -40.65 81.79
CA LYS Q 661 48.36 -41.37 81.45
C LYS Q 661 47.34 -40.47 80.76
N VAL Q 662 47.11 -39.28 81.27
CA VAL Q 662 46.15 -38.37 80.66
C VAL Q 662 46.63 -37.85 79.30
N GLN Q 663 47.91 -37.55 79.11
CA GLN Q 663 48.39 -37.15 77.80
C GLN Q 663 48.36 -38.33 76.82
N ALA Q 664 48.63 -39.55 77.27
CA ALA Q 664 48.48 -40.71 76.42
C ALA Q 664 47.03 -40.90 75.94
N ASN Q 665 46.04 -40.35 76.65
CA ASN Q 665 44.67 -40.31 76.19
C ASN Q 665 44.49 -39.42 74.95
N TYR Q 666 45.32 -38.39 74.80
CA TYR Q 666 45.37 -37.50 73.65
C TYR Q 666 46.27 -37.98 72.51
N MET Q 667 47.29 -38.77 72.78
CA MET Q 667 48.24 -39.21 71.75
C MET Q 667 47.69 -40.35 70.90
N THR Q 668 46.76 -40.01 70.02
CA THR Q 668 46.04 -40.93 69.15
C THR Q 668 45.81 -40.32 67.78
N GLU Q 669 45.80 -41.16 66.75
CA GLU Q 669 45.79 -40.72 65.37
C GLU Q 669 44.69 -39.69 65.01
N PRO Q 670 43.43 -39.82 65.46
CA PRO Q 670 42.39 -38.84 65.18
C PRO Q 670 42.71 -37.41 65.64
N VAL Q 671 43.42 -37.23 66.73
CA VAL Q 671 43.83 -35.89 67.16
C VAL Q 671 44.88 -35.34 66.22
N ILE Q 672 45.86 -36.16 65.87
CA ILE Q 672 46.89 -35.75 64.93
C ILE Q 672 46.28 -35.36 63.59
N GLU Q 673 45.20 -36.01 63.20
CA GLU Q 673 44.48 -35.66 61.98
C GLU Q 673 43.91 -34.25 62.05
N THR Q 674 43.20 -33.88 63.11
CA THR Q 674 42.65 -32.53 63.20
C THR Q 674 43.72 -31.47 63.35
N TYR Q 675 44.86 -31.80 63.94
CA TYR Q 675 45.99 -30.88 63.99
C TYR Q 675 46.60 -30.64 62.62
N ILE Q 676 46.82 -31.67 61.82
CA ILE Q 676 47.24 -31.53 60.43
C ILE Q 676 46.22 -30.71 59.62
N ASN Q 677 44.92 -30.91 59.79
CA ASN Q 677 43.89 -30.17 59.06
C ASN Q 677 43.74 -28.71 59.46
N PHE Q 678 44.04 -28.38 60.71
CA PHE Q 678 44.13 -27.00 61.12
C PHE Q 678 45.37 -26.36 60.51
N LEU Q 679 46.49 -27.07 60.52
CA LEU Q 679 47.73 -26.59 59.95
C LEU Q 679 47.67 -26.45 58.42
N GLU Q 680 46.86 -27.22 57.68
CA GLU Q 680 46.61 -26.99 56.25
C GLU Q 680 46.08 -25.57 55.95
N ARG Q 681 45.29 -24.99 56.86
CA ARG Q 681 44.81 -23.59 56.74
C ARG Q 681 45.87 -22.54 57.11
N PHE Q 682 47.14 -22.88 57.33
CA PHE Q 682 48.13 -21.99 57.97
C PHE Q 682 48.31 -20.62 57.33
N ARG Q 683 48.08 -20.49 56.02
CA ARG Q 683 48.23 -19.22 55.31
C ARG Q 683 47.31 -18.12 55.84
N GLU Q 684 46.26 -18.52 56.56
CA GLU Q 684 45.30 -17.65 57.24
C GLU Q 684 45.32 -17.78 58.79
N LEU Q 685 46.19 -18.62 59.34
CA LEU Q 685 46.48 -18.65 60.78
C LEU Q 685 47.44 -17.52 61.20
N GLU Q 686 47.48 -17.26 62.50
CA GLU Q 686 48.42 -16.35 63.16
C GLU Q 686 49.50 -17.11 63.93
N ASP Q 687 50.66 -16.49 64.12
CA ASP Q 687 51.82 -17.09 64.77
C ASP Q 687 51.48 -17.70 66.13
N ASP Q 688 50.58 -17.07 66.90
CA ASP Q 688 50.12 -17.69 68.15
C ASP Q 688 49.56 -19.10 67.93
N SER Q 689 48.67 -19.29 66.98
CA SER Q 689 48.05 -20.59 66.74
C SER Q 689 49.02 -21.60 66.15
N ILE Q 690 49.98 -21.18 65.33
CA ILE Q 690 51.01 -22.07 64.83
C ILE Q 690 51.95 -22.48 65.97
N LYS Q 691 52.36 -21.56 66.85
CA LYS Q 691 53.16 -21.89 68.03
C LYS Q 691 52.46 -22.88 68.95
N LYS Q 692 51.14 -22.79 69.14
CA LYS Q 692 50.36 -23.79 69.89
C LYS Q 692 50.48 -25.17 69.26
N VAL Q 693 50.27 -25.28 67.95
CA VAL Q 693 50.41 -26.56 67.25
C VAL Q 693 51.79 -27.16 67.38
N PHE Q 694 52.85 -26.42 67.03
CA PHE Q 694 54.19 -26.98 67.10
C PHE Q 694 54.65 -27.24 68.52
N SER Q 695 54.12 -26.56 69.54
CA SER Q 695 54.39 -26.95 70.94
C SER Q 695 53.84 -28.35 71.23
N PHE Q 696 52.69 -28.69 70.64
CA PHE Q 696 52.09 -30.00 70.81
C PHE Q 696 52.85 -31.08 70.04
N PHE Q 697 53.31 -30.80 68.82
CA PHE Q 697 54.20 -31.72 68.13
C PHE Q 697 55.52 -31.91 68.86
N HIS Q 698 56.11 -30.87 69.46
CA HIS Q 698 57.31 -31.01 70.27
C HIS Q 698 57.03 -31.89 71.49
N ARG Q 699 55.87 -31.70 72.12
CA ARG Q 699 55.43 -32.52 73.23
C ARG Q 699 55.30 -33.98 72.84
N VAL Q 700 54.68 -34.29 71.70
CA VAL Q 700 54.58 -35.66 71.18
C VAL Q 700 55.93 -36.28 70.82
N PHE Q 701 56.78 -35.57 70.10
CA PHE Q 701 58.10 -36.07 69.75
C PHE Q 701 59.02 -36.25 70.96
N VAL Q 702 59.26 -35.23 71.77
CA VAL Q 702 60.29 -35.31 72.80
C VAL Q 702 59.76 -35.96 74.07
N GLN Q 703 58.60 -35.55 74.56
CA GLN Q 703 58.14 -35.98 75.87
C GLN Q 703 57.59 -37.42 75.81
N ALA Q 704 56.92 -37.80 74.71
CA ALA Q 704 56.37 -39.14 74.60
C ALA Q 704 57.26 -40.15 73.89
N LYS Q 705 58.16 -39.72 73.00
CA LYS Q 705 58.86 -40.55 71.99
C LYS Q 705 57.94 -41.45 71.15
N GLU Q 706 56.73 -40.96 70.93
CA GLU Q 706 55.64 -41.44 70.07
C GLU Q 706 55.85 -41.42 68.56
N GLN Q 707 56.97 -40.93 68.10
CA GLN Q 707 57.29 -40.26 66.85
C GLN Q 707 56.67 -40.92 65.60
N ALA Q 708 56.51 -42.24 65.58
CA ALA Q 708 55.78 -42.97 64.53
C ALA Q 708 54.34 -42.49 64.28
N LEU Q 709 53.68 -41.99 65.32
CA LEU Q 709 52.36 -41.39 65.27
C LEU Q 709 52.29 -40.17 64.33
N LEU Q 710 53.40 -39.47 64.11
CA LEU Q 710 53.48 -38.30 63.23
C LEU Q 710 54.12 -38.55 61.87
N PHE Q 711 54.83 -39.65 61.62
CA PHE Q 711 55.54 -39.90 60.36
C PHE Q 711 54.67 -39.98 59.11
N ARG Q 712 53.34 -39.91 59.18
CA ARG Q 712 52.50 -40.02 57.99
C ARG Q 712 52.72 -38.91 56.96
N PHE Q 713 52.52 -39.24 55.70
CA PHE Q 713 52.87 -38.38 54.56
C PHE Q 713 52.22 -37.01 54.57
N ASP Q 714 50.99 -36.85 55.07
CA ASP Q 714 50.31 -35.55 55.06
C ASP Q 714 51.11 -34.46 55.76
N LEU Q 715 51.84 -34.83 56.82
CA LEU Q 715 52.68 -33.88 57.53
C LEU Q 715 53.88 -33.50 56.70
N ILE Q 716 54.49 -34.43 55.96
CA ILE Q 716 55.70 -34.17 55.18
C ILE Q 716 55.40 -33.17 54.06
N ILE Q 717 54.30 -33.35 53.34
CA ILE Q 717 53.88 -32.37 52.32
C ILE Q 717 53.62 -31.02 52.98
N LEU Q 718 52.91 -31.00 54.09
CA LEU Q 718 52.53 -29.76 54.77
C LEU Q 718 53.71 -28.99 55.33
N LEU Q 719 54.75 -29.66 55.84
CA LEU Q 719 55.99 -28.99 56.22
C LEU Q 719 56.62 -28.34 55.00
N ARG Q 720 56.75 -29.03 53.88
CA ARG Q 720 57.34 -28.44 52.67
C ARG Q 720 56.55 -27.23 52.19
N GLU Q 721 55.23 -27.32 52.15
CA GLU Q 721 54.38 -26.23 51.65
C GLU Q 721 54.43 -24.96 52.50
N MET Q 722 54.83 -25.04 53.76
CA MET Q 722 54.96 -23.88 54.64
C MET Q 722 56.41 -23.45 54.88
N LEU Q 723 57.37 -24.35 54.80
CA LEU Q 723 58.80 -24.02 54.91
C LEU Q 723 59.35 -23.41 53.62
N SER Q 724 58.68 -23.63 52.49
CA SER Q 724 58.99 -23.03 51.18
C SER Q 724 59.08 -21.51 51.23
N PRO Q 725 59.92 -20.87 50.39
CA PRO Q 725 59.92 -19.42 50.18
C PRO Q 725 58.53 -18.85 49.85
N ASP Q 726 57.68 -19.64 49.19
CA ASP Q 726 56.29 -19.27 48.86
C ASP Q 726 55.33 -19.46 50.06
N GLY Q 727 55.79 -20.08 51.14
CA GLY Q 727 55.04 -20.48 52.32
C GLY Q 727 54.96 -19.41 53.39
N LEU Q 728 55.60 -19.66 54.53
CA LEU Q 728 55.80 -18.67 55.57
C LEU Q 728 56.82 -17.62 55.14
N ASP Q 729 56.66 -16.41 55.64
CA ASP Q 729 57.65 -15.34 55.57
C ASP Q 729 58.97 -15.73 56.26
N ARG Q 730 60.12 -15.49 55.61
CA ARG Q 730 61.44 -15.79 56.18
C ARG Q 730 61.76 -15.00 57.45
N MET Q 731 61.28 -13.77 57.57
CA MET Q 731 61.51 -12.94 58.76
C MET Q 731 60.55 -13.28 59.90
N SER Q 732 59.60 -14.18 59.71
CA SER Q 732 58.64 -14.56 60.75
C SER Q 732 59.29 -15.39 61.85
N ARG Q 733 59.04 -15.01 63.11
CA ARG Q 733 59.32 -15.84 64.29
C ARG Q 733 58.74 -17.24 64.15
N SER Q 734 57.63 -17.37 63.44
CA SER Q 734 56.96 -18.66 63.24
C SER Q 734 57.79 -19.65 62.45
N ARG Q 735 58.51 -19.19 61.42
CA ARG Q 735 59.31 -20.08 60.58
C ARG Q 735 60.49 -20.67 61.34
N LYS Q 736 61.02 -19.97 62.34
CA LYS Q 736 62.27 -20.37 63.00
C LYS Q 736 62.10 -21.71 63.72
N TYR Q 737 61.02 -21.89 64.47
CA TYR Q 737 60.78 -23.14 65.17
C TYR Q 737 60.24 -24.24 64.24
N VAL Q 738 59.58 -23.91 63.13
CA VAL Q 738 59.23 -24.92 62.11
C VAL Q 738 60.48 -25.50 61.47
N SER Q 739 61.46 -24.65 61.15
CA SER Q 739 62.75 -25.10 60.62
C SER Q 739 63.49 -25.99 61.61
N GLN Q 740 63.49 -25.62 62.89
CA GLN Q 740 64.10 -26.41 63.96
C GLN Q 740 63.41 -27.77 64.12
N PHE Q 741 62.07 -27.80 64.16
CA PHE Q 741 61.31 -29.04 64.26
C PHE Q 741 61.58 -29.96 63.08
N SER Q 742 61.58 -29.42 61.87
CA SER Q 742 61.84 -30.18 60.65
C SER Q 742 63.19 -30.87 60.68
N ASP Q 743 64.23 -30.21 61.22
CA ASP Q 743 65.56 -30.80 61.32
C ASP Q 743 65.56 -32.04 62.24
N TYR Q 744 64.85 -31.96 63.37
CA TYR Q 744 64.74 -33.10 64.29
C TYR Q 744 63.88 -34.22 63.68
N PHE Q 745 62.76 -33.86 63.07
CA PHE Q 745 61.87 -34.81 62.41
C PHE Q 745 62.59 -35.62 61.33
N LEU Q 746 63.35 -34.98 60.46
CA LEU Q 746 64.08 -35.65 59.40
C LEU Q 746 65.19 -36.53 59.92
N ALA Q 747 65.83 -36.16 61.03
CA ALA Q 747 66.84 -36.99 61.66
C ALA Q 747 66.26 -38.30 62.17
N ARG Q 748 65.16 -38.23 62.91
CA ARG Q 748 64.48 -39.43 63.40
C ARG Q 748 63.86 -40.24 62.27
N LEU Q 749 63.37 -39.60 61.22
CA LEU Q 749 62.88 -40.32 60.05
C LEU Q 749 64.00 -41.08 59.33
N LYS Q 750 65.17 -40.47 59.11
CA LYS Q 750 66.34 -41.12 58.50
C LYS Q 750 66.77 -42.33 59.32
N LYS Q 751 66.88 -42.18 60.64
CA LYS Q 751 67.22 -43.27 61.56
C LYS Q 751 66.24 -44.42 61.46
N ARG Q 752 64.93 -44.14 61.55
CA ARG Q 752 63.88 -45.15 61.43
C ARG Q 752 63.93 -45.89 60.10
N LEU Q 753 64.12 -45.18 59.00
CA LEU Q 753 64.18 -45.78 57.68
C LEU Q 753 65.42 -46.66 57.47
N LYS Q 754 66.60 -46.20 57.90
CA LYS Q 754 67.83 -46.98 57.82
C LYS Q 754 67.72 -48.30 58.58
N LYS Q 755 67.08 -48.26 59.76
CA LYS Q 755 66.83 -49.41 60.61
C LYS Q 755 65.72 -50.34 60.10
N SER Q 756 64.68 -49.80 59.46
CA SER Q 756 63.50 -50.56 59.01
C SER Q 756 62.94 -50.08 57.67
N PRO Q 757 63.44 -50.56 56.54
CA PRO Q 757 63.06 -50.11 55.21
C PRO Q 757 61.56 -50.16 54.88
N ALA Q 758 60.78 -51.02 55.53
CA ALA Q 758 59.34 -51.06 55.32
C ALA Q 758 58.63 -49.75 55.67
N TRP Q 759 59.25 -48.87 56.44
CA TRP Q 759 58.62 -47.62 56.81
C TRP Q 759 58.29 -46.73 55.62
N PHE Q 760 58.90 -46.90 54.45
CA PHE Q 760 58.48 -46.18 53.26
C PHE Q 760 57.06 -46.45 52.79
N VAL Q 761 56.52 -47.63 53.08
CA VAL Q 761 55.11 -47.90 52.85
C VAL Q 761 54.30 -47.55 54.08
N GLY Q 762 54.83 -47.82 55.27
CA GLY Q 762 54.15 -47.48 56.53
C GLY Q 762 53.89 -45.98 56.71
N LEU Q 763 54.75 -45.13 56.14
CA LEU Q 763 54.67 -43.66 56.04
C LEU Q 763 53.64 -43.22 55.02
N LEU Q 764 53.33 -44.06 54.05
CA LEU Q 764 52.37 -43.75 53.01
C LEU Q 764 50.92 -44.03 53.46
N PHE Q 765 50.74 -45.01 54.35
CA PHE Q 765 49.46 -45.49 54.86
C PHE Q 765 49.19 -45.18 56.35
N PRO Q 766 47.94 -45.29 56.84
CA PRO Q 766 47.62 -45.18 58.26
C PRO Q 766 48.12 -46.41 59.05
N PRO Q 767 48.32 -46.31 60.37
CA PRO Q 767 48.99 -47.35 61.15
C PRO Q 767 48.15 -48.61 61.34
N LEU Q 768 48.79 -49.70 61.75
CA LEU Q 768 48.14 -51.00 61.93
C LEU Q 768 47.76 -51.28 63.39
N HIS Q 769 46.84 -52.22 63.57
CA HIS Q 769 46.34 -52.64 64.89
C HIS Q 769 46.45 -54.15 65.15
N ASN Q 770 46.95 -54.94 64.20
CA ASN Q 770 47.36 -56.30 64.50
C ASN Q 770 48.54 -56.26 65.49
N SER Q 771 48.43 -56.92 66.64
CA SER Q 771 49.13 -56.53 67.87
C SER Q 771 50.65 -56.48 67.80
N GLU Q 772 51.28 -57.56 67.36
CA GLU Q 772 52.74 -57.66 67.41
C GLU Q 772 53.40 -56.75 66.38
N VAL Q 773 52.84 -56.72 65.16
CA VAL Q 773 53.34 -55.90 64.08
C VAL Q 773 53.06 -54.43 64.34
N GLY Q 774 51.93 -54.11 64.94
CA GLY Q 774 51.54 -52.76 65.29
C GLY Q 774 52.45 -52.16 66.35
N PHE Q 775 52.88 -52.95 67.34
CA PHE Q 775 53.88 -52.52 68.30
C PHE Q 775 55.25 -52.33 67.65
N TYR Q 776 55.68 -53.27 66.82
CA TYR Q 776 56.97 -53.19 66.16
C TYR Q 776 57.07 -51.99 65.22
N GLN Q 777 56.02 -51.75 64.45
CA GLN Q 777 55.90 -50.59 63.58
C GLN Q 777 56.08 -49.31 64.38
N ARG Q 778 55.39 -49.20 65.52
CA ARG Q 778 55.33 -47.98 66.29
C ARG Q 778 56.66 -47.65 66.96
N TYR Q 779 57.41 -48.65 67.44
CA TYR Q 779 58.57 -48.41 68.29
C TYR Q 779 59.91 -48.97 67.81
N GLY Q 780 59.97 -49.86 66.83
CA GLY Q 780 61.23 -50.50 66.42
C GLY Q 780 61.83 -51.37 67.52
N GLU Q 781 61.18 -52.51 67.78
CA GLU Q 781 61.40 -53.36 68.95
C GLU Q 781 61.41 -52.54 70.25
N ARG R 46 26.89 -49.04 24.99
CA ARG R 46 25.80 -49.14 25.98
C ARG R 46 26.06 -48.28 27.21
N LYS R 47 26.87 -48.73 28.18
CA LYS R 47 27.20 -47.99 29.39
C LYS R 47 28.08 -46.79 29.10
N ARG R 48 28.23 -45.90 30.07
CA ARG R 48 29.44 -45.06 30.12
C ARG R 48 30.64 -45.88 30.58
N ARG R 49 31.85 -45.52 30.19
CA ARG R 49 33.03 -46.25 30.64
C ARG R 49 33.20 -46.10 32.17
N PRO R 50 33.44 -47.19 32.92
CA PRO R 50 33.64 -47.11 34.36
C PRO R 50 34.89 -46.31 34.68
N GLN R 51 34.88 -45.60 35.80
CA GLN R 51 36.00 -44.77 36.18
C GLN R 51 37.18 -45.64 36.59
N VAL R 52 38.36 -45.28 36.10
CA VAL R 52 39.62 -45.80 36.60
C VAL R 52 39.83 -45.27 38.00
N LYS R 53 40.19 -46.14 38.95
CA LYS R 53 40.27 -45.81 40.38
C LYS R 53 41.30 -46.70 41.07
N LEU R 54 41.99 -46.16 42.08
CA LEU R 54 42.96 -46.94 42.83
C LEU R 54 42.29 -48.08 43.58
N THR R 55 42.98 -49.21 43.60
CA THR R 55 42.58 -50.47 44.24
C THR R 55 43.83 -51.32 44.38
N ALA R 56 43.84 -52.29 45.29
CA ALA R 56 45.00 -53.15 45.46
C ALA R 56 45.41 -53.83 44.14
N GLU R 57 44.48 -54.18 43.27
CA GLU R 57 44.83 -54.84 42.00
C GLU R 57 45.71 -53.98 41.08
N LYS R 58 45.76 -52.66 41.35
CA LYS R 58 46.72 -51.72 40.76
C LYS R 58 47.85 -51.37 41.73
N LEU R 59 47.54 -51.07 42.97
CA LEU R 59 48.48 -50.55 43.96
C LEU R 59 49.47 -51.59 44.49
N LEU R 60 49.06 -52.85 44.59
CA LEU R 60 49.91 -53.98 44.91
C LEU R 60 50.70 -54.52 43.72
N SER R 61 50.25 -54.23 42.49
CA SER R 61 50.85 -54.77 41.28
C SER R 61 52.30 -54.33 41.07
N ASP R 62 53.01 -54.97 40.16
CA ASP R 62 54.48 -54.99 40.18
C ASP R 62 55.18 -53.63 40.18
N LYS R 63 54.95 -52.72 39.22
CA LYS R 63 55.37 -51.32 39.45
C LYS R 63 54.28 -50.73 40.33
N GLY R 64 54.63 -50.42 41.57
CA GLY R 64 53.69 -50.36 42.67
C GLY R 64 54.42 -50.31 44.00
N LEU R 65 53.81 -50.77 45.09
CA LEU R 65 54.54 -50.86 46.34
C LEU R 65 55.85 -51.65 46.25
N PRO R 66 55.97 -52.78 45.54
CA PRO R 66 57.26 -53.44 45.39
C PRO R 66 58.32 -52.57 44.72
N TYR R 67 57.93 -51.72 43.76
CA TYR R 67 58.87 -50.78 43.13
C TYR R 67 59.40 -49.77 44.14
N VAL R 68 58.54 -49.30 45.04
CA VAL R 68 58.98 -48.43 46.13
C VAL R 68 59.99 -49.14 47.00
N LEU R 69 59.67 -50.34 47.49
CA LEU R 69 60.55 -51.10 48.36
C LEU R 69 61.90 -51.39 47.74
N LYS R 70 61.97 -51.52 46.42
CA LYS R 70 63.23 -51.74 45.70
C LYS R 70 64.03 -50.47 45.50
N ASN R 71 63.41 -49.42 44.99
CA ASN R 71 64.14 -48.25 44.47
C ASN R 71 64.32 -47.13 45.50
N ALA R 72 63.39 -46.96 46.43
CA ALA R 72 63.35 -45.76 47.25
C ALA R 72 64.56 -45.62 48.19
N HIS R 73 64.98 -46.71 48.83
CA HIS R 73 66.12 -46.68 49.72
C HIS R 73 67.40 -46.29 48.98
N LYS R 74 67.47 -46.52 47.67
CA LYS R 74 68.56 -46.06 46.83
C LYS R 74 68.40 -44.60 46.42
N ARG R 75 67.21 -44.18 45.99
CA ARG R 75 66.98 -42.84 45.39
C ARG R 75 66.68 -41.71 46.35
N ILE R 76 66.28 -41.99 47.59
CA ILE R 76 65.96 -40.96 48.58
C ILE R 76 67.09 -40.86 49.57
N ARG R 77 67.69 -39.67 49.67
CA ARG R 77 68.87 -39.38 50.49
C ARG R 77 68.60 -38.15 51.36
N ILE R 78 68.85 -38.29 52.66
CA ILE R 78 68.69 -37.23 53.65
C ILE R 78 70.06 -36.85 54.20
N SER R 79 70.36 -35.56 54.35
CA SER R 79 71.49 -35.12 55.15
C SER R 79 71.24 -33.77 55.84
N SER R 80 71.81 -33.60 57.04
CA SER R 80 71.90 -32.30 57.73
C SER R 80 72.79 -31.29 56.97
N LYS R 81 73.54 -31.77 55.97
CA LYS R 81 74.34 -30.96 55.05
C LYS R 81 73.47 -30.16 54.07
N LYS R 82 72.22 -30.55 53.85
CA LYS R 82 71.18 -29.76 53.17
C LYS R 82 70.24 -29.07 54.16
N ASN R 83 69.57 -28.03 53.72
CA ASN R 83 68.44 -27.44 54.44
C ASN R 83 67.26 -28.44 54.45
N SER R 84 66.41 -28.36 55.47
CA SER R 84 65.24 -29.23 55.59
C SER R 84 64.35 -29.18 54.36
N TYR R 85 64.13 -28.00 53.76
CA TYR R 85 63.29 -27.87 52.58
C TYR R 85 63.79 -28.64 51.35
N ASP R 86 65.11 -28.74 51.16
CA ASP R 86 65.64 -29.57 50.10
C ASP R 86 65.53 -31.06 50.44
N ASN R 87 65.73 -31.46 51.69
CA ASN R 87 65.55 -32.85 52.07
C ASN R 87 64.11 -33.33 51.82
N LEU R 88 63.13 -32.52 52.24
CA LEU R 88 61.71 -32.75 51.98
C LEU R 88 61.42 -32.86 50.50
N SER R 89 62.06 -32.05 49.68
CA SER R 89 61.91 -32.12 48.23
C SER R 89 62.52 -33.39 47.65
N ASN R 90 63.67 -33.85 48.14
CA ASN R 90 64.26 -35.10 47.69
C ASN R 90 63.36 -36.28 48.01
N ILE R 91 62.71 -36.32 49.18
CA ILE R 91 61.73 -37.37 49.50
C ILE R 91 60.56 -37.29 48.53
N ILE R 92 59.99 -36.10 48.39
CA ILE R 92 58.76 -35.91 47.66
C ILE R 92 58.94 -36.17 46.18
N GLN R 93 60.10 -35.89 45.58
CA GLN R 93 60.32 -36.20 44.16
C GLN R 93 60.05 -37.67 43.85
N PHE R 94 60.59 -38.57 44.65
CA PHE R 94 60.50 -39.99 44.34
C PHE R 94 59.07 -40.47 44.34
N TYR R 95 58.32 -40.09 45.37
CA TYR R 95 56.92 -40.43 45.50
C TYR R 95 56.05 -39.70 44.48
N GLN R 96 56.39 -38.49 44.06
CA GLN R 96 55.60 -37.79 43.06
C GLN R 96 55.73 -38.43 41.68
N LEU R 97 56.93 -38.81 41.28
CA LEU R 97 57.13 -39.50 40.02
C LEU R 97 56.53 -40.90 40.03
N TRP R 98 56.65 -41.66 41.12
CA TRP R 98 56.02 -42.96 41.22
C TRP R 98 54.49 -42.86 41.28
N ALA R 99 53.91 -41.90 41.99
CA ALA R 99 52.47 -41.70 41.96
C ALA R 99 51.98 -41.32 40.56
N HIS R 100 52.73 -40.51 39.82
CA HIS R 100 52.44 -40.19 38.42
C HIS R 100 52.49 -41.43 37.52
N GLU R 101 53.42 -42.34 37.75
CA GLU R 101 53.49 -43.61 37.01
C GLU R 101 52.31 -44.55 37.30
N LEU R 102 51.84 -44.63 38.55
CA LEU R 102 50.72 -45.52 38.91
C LEU R 102 49.34 -44.97 38.56
N PHE R 103 49.16 -43.67 38.75
CA PHE R 103 47.83 -43.05 38.69
C PHE R 103 47.93 -41.61 38.15
N PRO R 104 48.31 -41.42 36.90
CA PRO R 104 48.55 -40.08 36.41
C PRO R 104 47.32 -39.19 36.47
N LYS R 105 46.12 -39.75 36.57
CA LYS R 105 44.87 -39.01 36.71
C LYS R 105 44.96 -37.95 37.77
N ALA R 106 45.52 -38.24 38.95
CA ALA R 106 45.35 -37.44 40.16
C ALA R 106 46.61 -36.71 40.63
N LYS R 107 46.41 -35.57 41.29
CA LYS R 107 47.46 -34.78 41.95
C LYS R 107 48.04 -35.55 43.13
N PHE R 108 49.16 -35.09 43.64
CA PHE R 108 49.87 -35.78 44.70
C PHE R 108 49.12 -35.77 46.04
N LYS R 109 48.59 -34.63 46.50
CA LYS R 109 47.83 -34.60 47.76
C LYS R 109 46.59 -35.50 47.71
N ASP R 110 45.91 -35.48 46.58
CA ASP R 110 44.76 -36.31 46.25
C ASP R 110 45.11 -37.79 46.29
N PHE R 111 46.20 -38.17 45.66
CA PHE R 111 46.72 -39.53 45.71
C PHE R 111 46.99 -39.99 47.15
N MET R 112 47.51 -39.11 47.99
CA MET R 112 47.70 -39.43 49.41
C MET R 112 46.37 -39.65 50.13
N LYS R 113 45.37 -38.80 49.94
CA LYS R 113 44.03 -39.01 50.51
C LYS R 113 43.42 -40.32 50.02
N ILE R 114 43.60 -40.67 48.75
CA ILE R 114 43.10 -41.93 48.22
C ILE R 114 43.84 -43.11 48.86
N CYS R 115 45.17 -43.10 48.95
CA CYS R 115 45.92 -44.17 49.60
C CYS R 115 45.50 -44.38 51.06
N GLN R 116 45.24 -43.31 51.80
CA GLN R 116 44.74 -43.40 53.18
C GLN R 116 43.42 -44.14 53.24
N THR R 117 42.45 -43.82 52.38
CA THR R 117 41.17 -44.53 52.38
C THR R 117 41.29 -45.99 51.96
N VAL R 118 42.16 -46.32 51.01
CA VAL R 118 42.30 -47.70 50.54
C VAL R 118 43.03 -48.56 51.56
N GLY R 119 44.13 -48.09 52.15
CA GLY R 119 44.84 -48.82 53.20
C GLY R 119 44.03 -49.03 54.48
N LYS R 120 43.09 -48.12 54.77
CA LYS R 120 42.10 -48.25 55.85
C LYS R 120 41.04 -49.33 55.61
N THR R 121 40.70 -49.62 54.36
CA THR R 121 39.56 -50.46 54.02
C THR R 121 39.90 -51.85 53.48
N ASP R 122 40.92 -52.00 52.65
CA ASP R 122 41.17 -53.26 51.96
C ASP R 122 41.90 -54.30 52.84
N PRO R 123 41.31 -55.48 53.10
CA PRO R 123 41.96 -56.55 53.87
C PRO R 123 43.19 -57.14 53.16
N VAL R 124 43.25 -57.16 51.84
CA VAL R 124 44.43 -57.70 51.14
C VAL R 124 45.62 -56.77 51.29
N LEU R 125 45.38 -55.46 51.23
CA LEU R 125 46.41 -54.45 51.47
C LEU R 125 46.93 -54.52 52.90
N ARG R 126 46.04 -54.66 53.90
CA ARG R 126 46.47 -54.95 55.27
C ARG R 126 47.33 -56.19 55.31
N GLU R 127 46.90 -57.29 54.70
CA GLU R 127 47.68 -58.53 54.70
C GLU R 127 49.08 -58.35 54.09
N TYR R 128 49.20 -57.58 53.01
CA TYR R 128 50.49 -57.30 52.42
C TYR R 128 51.37 -56.49 53.36
N ARG R 129 50.85 -55.44 53.99
CA ARG R 129 51.64 -54.58 54.88
C ARG R 129 52.11 -55.33 56.11
N VAL R 130 51.24 -56.08 56.77
CA VAL R 130 51.65 -56.89 57.92
C VAL R 130 52.68 -57.93 57.51
N SER R 131 52.58 -58.45 56.30
CA SER R 131 53.55 -59.40 55.78
C SER R 131 54.95 -58.79 55.65
N LEU R 132 55.04 -57.51 55.24
CA LEU R 132 56.32 -56.80 55.19
C LEU R 132 56.93 -56.62 56.57
N PHE R 133 56.12 -56.21 57.53
CA PHE R 133 56.60 -56.05 58.90
C PHE R 133 56.98 -57.38 59.54
N ARG R 134 56.25 -58.44 59.25
CA ARG R 134 56.54 -59.79 59.77
C ARG R 134 57.86 -60.31 59.25
N ASP R 135 58.26 -59.96 58.04
CA ASP R 135 59.61 -60.29 57.55
C ASP R 135 60.71 -59.61 58.37
N GLU R 136 60.58 -58.31 58.64
CA GLU R 136 61.57 -57.58 59.43
C GLU R 136 61.63 -58.03 60.88
N MET R 137 60.51 -58.39 61.49
CA MET R 137 60.50 -59.01 62.82
C MET R 137 61.14 -60.39 62.81
N GLY R 138 60.94 -61.18 61.75
CA GLY R 138 61.51 -62.53 61.65
C GLY R 138 63.04 -62.52 61.63
N MET R 139 63.64 -61.57 60.91
CA MET R 139 65.09 -61.37 60.86
C MET R 139 65.69 -60.88 62.19
#